data_8YQ0
#
_entry.id   8YQ0
#
_cell.length_a   108.083
_cell.length_b   108.083
_cell.length_c   659.674
_cell.angle_alpha   90.00
_cell.angle_beta   90.00
_cell.angle_gamma   90.00
#
_symmetry.space_group_name_H-M   'P 43'
#
loop_
_entity.id
_entity.type
_entity.pdbx_description
1 polymer 'Ribose-phosphate pyrophosphokinase 1'
2 non-polymer 5-O-phosphono-alpha-D-ribofuranose
#
_entity_poly.entity_id   1
_entity_poly.type   'polypeptide(L)'
_entity_poly.pdbx_seq_one_letter_code
;SPNIKIFSGSSHQDLSQKIADRLGLELGKVVTKKFSNQETCVEIGESVRGEDVYIVQSGCGEINDNLMELLIMINACKIA
SASRVTAVIPCFPYARQDKKDKVGESRAPISAKLVANMLSVAGADHIITMDLHASQIQGFFDIPVDNLYAEPAVLKWIRE
NISEWRNCTIVSPDAGGAKRVTSIADRLNVDFALIHKERKKANEVDRMVLVGDVKDRVAILVDDMADTCGTICHAADKLL
SAGATRVYAILTHGIFSGPAISRINNACFEAVVVTNTIPQEDKMKHCSKIQVIDISMILAEAIRRTHNGESVSYLFSHVP
L
;
_entity_poly.pdbx_strand_id   A,B,C,D,E,F,G,H,I,J,K,L,M,N,O,P,Q,R
#
loop_
_chem_comp.id
_chem_comp.type
_chem_comp.name
_chem_comp.formula
HSX D-saccharide, alpha linking 5-O-phosphono-alpha-D-ribofuranose 'C5 H11 O8 P'
#
# COMPACT_ATOMS: atom_id res chain seq x y z
N PRO A 2 28.71 -10.35 8.32
CA PRO A 2 29.45 -11.32 7.55
C PRO A 2 28.53 -12.17 6.73
N ASN A 3 27.57 -11.50 6.15
CA ASN A 3 26.59 -12.17 5.41
C ASN A 3 26.36 -11.51 4.11
N ILE A 4 27.35 -11.46 3.26
CA ILE A 4 27.12 -10.69 2.02
C ILE A 4 27.43 -11.53 0.81
N LYS A 5 26.50 -11.53 -0.11
CA LYS A 5 26.54 -12.24 -1.34
C LYS A 5 26.36 -11.38 -2.49
N ILE A 6 27.16 -11.58 -3.51
CA ILE A 6 26.99 -10.82 -4.75
C ILE A 6 26.55 -11.82 -5.77
N PHE A 7 25.53 -11.51 -6.52
CA PHE A 7 25.04 -12.32 -7.54
C PHE A 7 25.08 -11.62 -8.86
N SER A 8 25.24 -12.33 -9.94
CA SER A 8 25.29 -11.65 -11.21
C SER A 8 24.11 -12.04 -12.09
N GLY A 9 23.66 -11.08 -12.88
CA GLY A 9 22.66 -11.28 -13.90
C GLY A 9 23.33 -11.80 -15.15
N SER A 10 22.62 -11.88 -16.22
CA SER A 10 23.27 -12.21 -17.45
C SER A 10 23.76 -11.05 -18.18
N SER A 11 23.44 -9.87 -17.77
CA SER A 11 23.79 -8.69 -18.45
C SER A 11 25.14 -8.26 -18.60
N HIS A 12 25.95 -8.31 -17.58
CA HIS A 12 27.29 -7.89 -17.71
C HIS A 12 27.97 -8.63 -16.67
N GLN A 13 28.72 -9.66 -17.00
CA GLN A 13 29.42 -10.39 -15.99
C GLN A 13 30.73 -9.99 -15.65
N ASP A 14 31.41 -9.32 -16.54
CA ASP A 14 32.78 -8.92 -16.21
C ASP A 14 32.69 -7.96 -15.06
N LEU A 15 31.88 -6.95 -15.15
CA LEU A 15 31.73 -6.04 -14.03
C LEU A 15 31.30 -6.79 -12.79
N SER A 16 30.33 -7.69 -12.91
CA SER A 16 29.96 -8.42 -11.71
C SER A 16 31.16 -9.12 -11.11
N GLN A 17 32.05 -9.67 -11.95
CA GLN A 17 33.27 -10.30 -11.47
C GLN A 17 34.24 -9.28 -10.88
N LYS A 18 34.46 -8.17 -11.57
CA LYS A 18 35.34 -7.12 -11.10
C LYS A 18 34.91 -6.60 -9.73
N ILE A 19 33.61 -6.36 -9.57
CA ILE A 19 33.06 -5.94 -8.29
C ILE A 19 33.30 -7.00 -7.23
N ALA A 20 32.97 -8.27 -7.55
CA ALA A 20 33.19 -9.34 -6.57
C ALA A 20 34.66 -9.50 -6.17
N ASP A 21 35.57 -9.32 -7.12
CA ASP A 21 37.01 -9.32 -6.86
C ASP A 21 37.41 -8.20 -5.90
N ARG A 22 36.94 -6.99 -6.16
CA ARG A 22 37.32 -5.86 -5.35
C ARG A 22 36.89 -6.01 -3.91
N LEU A 23 35.91 -6.87 -3.65
CA LEU A 23 35.40 -7.07 -2.31
C LEU A 23 35.93 -8.39 -1.73
N GLY A 24 36.76 -9.11 -2.49
CA GLY A 24 37.32 -10.35 -2.03
C GLY A 24 36.33 -11.48 -2.00
N LEU A 25 35.38 -11.49 -2.92
CA LEU A 25 34.28 -12.45 -2.89
C LEU A 25 34.22 -13.20 -4.21
N GLU A 26 33.66 -14.40 -4.18
CA GLU A 26 33.26 -15.12 -5.39
C GLU A 26 31.79 -14.82 -5.70
N LEU A 27 31.45 -14.78 -6.98
CA LEU A 27 30.04 -14.65 -7.30
C LEU A 27 29.21 -15.82 -6.80
N GLY A 28 28.05 -15.48 -6.21
CA GLY A 28 27.08 -16.48 -5.79
C GLY A 28 26.62 -17.34 -6.95
N LYS A 29 26.28 -18.59 -6.67
CA LYS A 29 25.81 -19.48 -7.75
C LYS A 29 24.36 -19.25 -8.15
N VAL A 30 24.15 -18.99 -9.44
CA VAL A 30 22.79 -18.76 -9.95
C VAL A 30 22.79 -19.21 -11.40
N VAL A 31 21.69 -19.86 -11.79
CA VAL A 31 21.39 -20.28 -13.16
C VAL A 31 20.41 -19.28 -13.75
N THR A 32 20.85 -18.53 -14.76
CA THR A 32 20.03 -17.53 -15.43
C THR A 32 19.85 -17.87 -16.91
N LYS A 33 18.70 -18.42 -17.29
CA LYS A 33 18.56 -18.78 -18.69
C LYS A 33 17.22 -18.33 -19.27
N LYS A 34 16.91 -18.74 -20.49
CA LYS A 34 15.58 -18.58 -21.05
C LYS A 34 15.09 -19.95 -21.46
N PHE A 35 13.82 -20.22 -21.15
CA PHE A 35 13.18 -21.43 -21.65
C PHE A 35 12.95 -21.35 -23.16
N SER A 36 12.54 -22.50 -23.70
CA SER A 36 12.27 -22.61 -25.13
C SER A 36 11.28 -21.55 -25.56
N ASN A 37 10.26 -21.33 -24.74
CA ASN A 37 9.20 -20.39 -25.02
C ASN A 37 9.48 -18.95 -24.64
N GLN A 38 10.71 -18.55 -24.34
CA GLN A 38 11.14 -17.16 -24.11
C GLN A 38 10.94 -16.67 -22.68
N GLU A 39 10.34 -17.47 -21.82
CA GLU A 39 10.16 -17.11 -20.42
C GLU A 39 11.50 -17.10 -19.68
N THR A 40 11.74 -16.07 -18.88
CA THR A 40 13.00 -15.99 -18.13
C THR A 40 13.02 -17.04 -17.03
N CYS A 41 14.05 -17.88 -17.00
CA CYS A 41 14.23 -18.87 -15.93
C CYS A 41 15.35 -18.43 -14.98
N VAL A 42 15.08 -18.39 -13.67
CA VAL A 42 16.14 -18.08 -12.70
C VAL A 42 16.04 -19.13 -11.60
N GLU A 43 17.17 -19.70 -11.19
CA GLU A 43 17.23 -20.63 -10.05
C GLU A 43 18.51 -20.35 -9.25
N ILE A 44 18.30 -19.91 -8.00
CA ILE A 44 19.34 -19.60 -7.02
C ILE A 44 20.01 -20.86 -6.47
N GLY A 45 21.29 -21.02 -6.75
CA GLY A 45 22.07 -22.21 -6.46
C GLY A 45 22.61 -22.34 -5.05
N GLU A 46 22.35 -21.37 -4.17
CA GLU A 46 22.82 -21.47 -2.80
C GLU A 46 21.86 -20.72 -1.88
N SER A 47 21.93 -21.02 -0.59
CA SER A 47 21.10 -20.34 0.40
C SER A 47 21.44 -18.86 0.54
N VAL A 48 20.41 -18.02 0.55
CA VAL A 48 20.56 -16.61 0.82
C VAL A 48 19.82 -16.21 2.07
N ARG A 49 19.31 -17.19 2.81
CA ARG A 49 18.53 -16.93 4.01
C ARG A 49 19.26 -16.08 5.04
N GLY A 50 18.69 -14.91 5.32
CA GLY A 50 19.29 -14.06 6.33
C GLY A 50 20.52 -13.33 5.86
N GLU A 51 20.80 -13.35 4.57
CA GLU A 51 22.01 -12.80 3.98
C GLU A 51 21.74 -11.45 3.35
N ASP A 52 22.77 -10.62 3.25
CA ASP A 52 22.70 -9.30 2.57
C ASP A 52 23.04 -9.48 1.10
N VAL A 53 22.01 -9.48 0.26
CA VAL A 53 22.14 -9.86 -1.15
C VAL A 53 22.22 -8.62 -2.03
N TYR A 54 23.18 -8.63 -2.95
CA TYR A 54 23.38 -7.60 -3.97
C TYR A 54 23.32 -8.29 -5.33
N ILE A 55 22.37 -7.89 -6.17
CA ILE A 55 22.26 -8.43 -7.52
C ILE A 55 22.73 -7.38 -8.51
N VAL A 56 23.78 -7.69 -9.27
CA VAL A 56 24.31 -6.77 -10.27
C VAL A 56 23.73 -7.12 -11.63
N GLN A 57 22.99 -6.19 -12.21
CA GLN A 57 22.42 -6.39 -13.52
C GLN A 57 22.40 -5.01 -14.12
N SER A 58 22.82 -4.90 -15.35
CA SER A 58 22.91 -3.62 -16.02
C SER A 58 21.66 -3.44 -16.86
N GLY A 59 21.52 -2.27 -17.46
CA GLY A 59 20.34 -2.10 -18.29
C GLY A 59 20.67 -1.86 -19.75
N CYS A 60 21.60 -2.73 -20.16
CA CYS A 60 22.23 -2.86 -21.45
C CYS A 60 21.59 -4.09 -22.11
N GLY A 61 22.08 -4.52 -23.30
CA GLY A 61 21.66 -5.87 -23.75
C GLY A 61 20.19 -5.85 -24.07
N GLU A 62 19.54 -7.04 -24.05
CA GLU A 62 18.10 -7.07 -24.30
C GLU A 62 17.49 -6.51 -23.01
N ILE A 63 17.13 -5.24 -23.04
CA ILE A 63 16.77 -4.55 -21.81
C ILE A 63 15.62 -5.21 -21.10
N ASN A 64 14.58 -5.59 -21.83
CA ASN A 64 13.43 -6.21 -21.16
C ASN A 64 13.73 -7.61 -20.63
N ASP A 65 14.49 -8.43 -21.35
CA ASP A 65 14.88 -9.71 -20.76
C ASP A 65 15.71 -9.53 -19.51
N ASN A 66 16.68 -8.62 -19.56
CA ASN A 66 17.52 -8.36 -18.40
C ASN A 66 16.72 -7.80 -17.23
N LEU A 67 15.80 -6.88 -17.52
CA LEU A 67 14.92 -6.34 -16.49
C LEU A 67 14.09 -7.45 -15.85
N MET A 68 13.45 -8.32 -16.66
CA MET A 68 12.72 -9.44 -16.05
C MET A 68 13.61 -10.35 -15.23
N GLU A 69 14.81 -10.67 -15.72
CA GLU A 69 15.74 -11.49 -14.96
C GLU A 69 16.08 -10.85 -13.61
N LEU A 70 16.38 -9.55 -13.63
CA LEU A 70 16.65 -8.84 -12.40
C LEU A 70 15.47 -8.92 -11.45
N LEU A 71 14.25 -8.69 -11.95
CA LEU A 71 13.07 -8.67 -11.09
C LEU A 71 12.78 -10.04 -10.50
N ILE A 72 12.95 -11.10 -11.28
CA ILE A 72 12.69 -12.43 -10.74
C ILE A 72 13.70 -12.81 -9.68
N MET A 73 14.98 -12.50 -9.87
CA MET A 73 15.99 -12.80 -8.80
C MET A 73 15.82 -11.93 -7.58
N ILE A 74 15.55 -10.67 -7.72
CA ILE A 74 15.22 -9.88 -6.52
C ILE A 74 14.05 -10.48 -5.74
N ASN A 75 12.93 -10.77 -6.42
CA ASN A 75 11.73 -11.32 -5.77
C ASN A 75 12.07 -12.69 -5.14
N ALA A 76 12.78 -13.53 -5.91
CA ALA A 76 13.18 -14.86 -5.45
C ALA A 76 13.99 -14.78 -4.18
N CYS A 77 14.91 -13.82 -4.09
CA CYS A 77 15.69 -13.63 -2.86
C CYS A 77 14.81 -13.22 -1.71
N LYS A 78 13.85 -12.33 -1.96
CA LYS A 78 12.98 -11.86 -0.89
C LYS A 78 12.13 -12.99 -0.34
N ILE A 79 11.60 -13.85 -1.21
CA ILE A 79 10.79 -14.96 -0.70
C ILE A 79 11.66 -16.07 -0.15
N ALA A 80 12.96 -16.01 -0.34
CA ALA A 80 13.86 -16.93 0.33
C ALA A 80 14.42 -16.35 1.62
N SER A 81 13.80 -15.28 2.14
CA SER A 81 14.07 -14.72 3.48
C SER A 81 15.47 -14.09 3.57
N ALA A 82 15.99 -13.54 2.48
CA ALA A 82 17.17 -12.71 2.57
C ALA A 82 16.91 -11.53 3.52
N SER A 83 17.94 -11.11 4.26
CA SER A 83 17.75 -9.97 5.16
C SER A 83 17.51 -8.68 4.38
N ARG A 84 18.21 -8.48 3.28
CA ARG A 84 18.10 -7.27 2.48
C ARG A 84 18.52 -7.63 1.07
N VAL A 85 17.83 -7.07 0.07
CA VAL A 85 18.16 -7.26 -1.34
C VAL A 85 18.37 -5.91 -2.01
N THR A 86 19.55 -5.70 -2.56
CA THR A 86 19.93 -4.48 -3.28
C THR A 86 20.11 -4.78 -4.76
N ALA A 87 19.51 -3.95 -5.59
CA ALA A 87 19.68 -4.02 -7.03
C ALA A 87 20.79 -3.07 -7.42
N VAL A 88 21.84 -3.59 -8.02
CA VAL A 88 22.96 -2.77 -8.49
C VAL A 88 22.77 -2.65 -10.00
N ILE A 89 22.36 -1.47 -10.45
CA ILE A 89 21.93 -1.26 -11.83
C ILE A 89 22.78 -0.14 -12.39
N PRO A 90 23.97 -0.49 -12.90
CA PRO A 90 24.91 0.53 -13.38
C PRO A 90 24.30 1.48 -14.38
N CYS A 91 23.62 0.97 -15.39
CA CYS A 91 22.91 1.84 -16.32
C CYS A 91 21.42 1.62 -16.16
N PHE A 92 20.74 2.62 -15.61
CA PHE A 92 19.31 2.50 -15.32
C PHE A 92 18.49 2.52 -16.60
N PRO A 93 17.75 1.45 -16.89
CA PRO A 93 16.94 1.42 -18.12
C PRO A 93 15.79 2.42 -18.12
N TYR A 94 15.46 2.90 -19.26
CA TYR A 94 14.33 3.73 -19.42
C TYR A 94 14.40 5.05 -18.81
N ALA A 95 15.58 5.55 -18.55
CA ALA A 95 15.67 6.82 -17.91
C ALA A 95 15.63 7.98 -18.80
N ARG A 96 15.46 7.81 -20.06
CA ARG A 96 15.45 8.95 -20.94
C ARG A 96 14.17 9.01 -21.62
N GLN A 97 13.56 10.15 -21.63
CA GLN A 97 12.24 10.30 -22.18
C GLN A 97 12.27 10.81 -23.51
N ASP A 98 11.58 10.14 -24.42
CA ASP A 98 11.48 10.63 -25.80
C ASP A 98 10.27 11.50 -26.05
N LYS A 99 10.22 12.56 -25.31
CA LYS A 99 9.17 13.50 -25.40
C LYS A 99 9.30 14.28 -26.63
N LYS A 100 8.17 14.89 -27.01
CA LYS A 100 8.07 15.87 -28.14
C LYS A 100 7.87 17.24 -27.50
N ASP A 101 8.07 17.17 -26.18
CA ASP A 101 8.02 18.16 -25.07
C ASP A 101 6.58 18.59 -24.91
N LYS A 102 5.99 18.80 -26.05
CA LYS A 102 4.70 19.34 -26.18
C LYS A 102 4.87 20.83 -26.00
N VAL A 103 3.76 21.48 -26.12
CA VAL A 103 3.71 22.85 -25.75
C VAL A 103 2.56 22.92 -24.80
N GLY A 104 2.79 23.70 -23.78
CA GLY A 104 1.82 23.95 -22.79
C GLY A 104 2.17 23.23 -21.59
N GLU A 105 2.55 22.00 -21.72
CA GLU A 105 2.92 21.16 -20.65
C GLU A 105 3.87 20.11 -21.07
N SER A 106 4.35 19.37 -20.08
CA SER A 106 5.30 18.31 -20.28
C SER A 106 4.79 16.94 -20.03
N ARG A 107 5.26 15.92 -20.72
CA ARG A 107 4.92 14.54 -20.45
C ARG A 107 5.57 14.04 -19.19
N ALA A 108 5.11 12.88 -18.75
CA ALA A 108 5.58 12.43 -17.47
C ALA A 108 6.56 11.28 -17.73
N PRO A 109 7.38 10.98 -16.76
CA PRO A 109 8.35 9.92 -16.83
C PRO A 109 7.74 8.57 -16.65
N ILE A 110 6.73 8.26 -17.42
CA ILE A 110 6.05 7.00 -17.32
C ILE A 110 6.89 5.76 -17.24
N SER A 111 7.84 5.62 -18.13
CA SER A 111 8.65 4.42 -18.17
C SER A 111 9.65 4.32 -17.09
N ALA A 112 10.28 5.41 -16.75
CA ALA A 112 11.23 5.35 -15.65
C ALA A 112 10.59 5.11 -14.28
N LYS A 113 9.40 5.66 -14.10
CA LYS A 113 8.64 5.42 -12.88
C LYS A 113 8.12 3.99 -12.86
N LEU A 114 7.63 3.49 -14.00
CA LEU A 114 7.26 2.08 -14.10
C LEU A 114 8.39 1.15 -13.69
N VAL A 115 9.58 1.36 -14.24
CA VAL A 115 10.71 0.52 -13.84
C VAL A 115 10.93 0.61 -12.34
N ALA A 116 10.92 1.82 -11.82
CA ALA A 116 11.03 2.00 -10.37
C ALA A 116 9.94 1.24 -9.59
N ASN A 117 8.69 1.31 -10.05
CA ASN A 117 7.61 0.62 -9.35
C ASN A 117 7.78 -0.89 -9.40
N MET A 118 8.27 -1.42 -10.53
CA MET A 118 8.50 -2.85 -10.62
C MET A 118 9.65 -3.29 -9.72
N LEU A 119 10.74 -2.53 -9.69
CA LEU A 119 11.82 -2.85 -8.77
C LEU A 119 11.33 -2.84 -7.33
N SER A 120 10.52 -1.84 -6.96
CA SER A 120 10.02 -1.74 -5.60
C SER A 120 9.12 -2.91 -5.25
N VAL A 121 8.16 -3.21 -6.12
CA VAL A 121 7.23 -4.32 -5.89
C VAL A 121 7.89 -5.70 -5.96
N ALA A 122 8.98 -5.86 -6.71
CA ALA A 122 9.71 -7.13 -6.67
C ALA A 122 10.29 -7.38 -5.29
N GLY A 123 10.62 -6.31 -4.56
CA GLY A 123 11.10 -6.47 -3.21
C GLY A 123 12.47 -5.90 -3.00
N ALA A 124 12.90 -5.04 -3.92
CA ALA A 124 14.16 -4.31 -3.75
C ALA A 124 14.11 -3.43 -2.53
N ASP A 125 15.16 -3.51 -1.70
CA ASP A 125 15.28 -2.71 -0.50
C ASP A 125 16.19 -1.52 -0.69
N HIS A 126 16.97 -1.49 -1.77
CA HIS A 126 17.98 -0.46 -1.92
C HIS A 126 18.41 -0.55 -3.38
N ILE A 127 18.68 0.60 -4.01
CA ILE A 127 19.19 0.70 -5.39
C ILE A 127 20.54 1.39 -5.37
N ILE A 128 21.53 0.80 -6.05
CA ILE A 128 22.81 1.45 -6.38
C ILE A 128 22.88 1.61 -7.89
N THR A 129 23.10 2.83 -8.38
CA THR A 129 23.15 3.07 -9.83
C THR A 129 24.24 4.09 -10.10
N MET A 130 24.57 4.34 -11.38
CA MET A 130 25.57 5.37 -11.72
C MET A 130 25.09 6.37 -12.77
N ASP A 131 25.31 7.67 -12.51
CA ASP A 131 24.93 8.78 -13.39
C ASP A 131 23.55 8.58 -14.01
N LEU A 132 22.54 8.55 -13.14
CA LEU A 132 21.16 8.59 -13.61
C LEU A 132 21.00 9.71 -14.61
N HIS A 133 20.31 9.42 -15.71
CA HIS A 133 20.10 10.46 -16.71
C HIS A 133 19.56 11.73 -16.06
N ALA A 134 18.59 11.60 -15.15
CA ALA A 134 18.14 12.72 -14.31
C ALA A 134 18.20 12.30 -12.85
N SER A 135 18.82 13.13 -12.02
CA SER A 135 18.98 12.82 -10.60
C SER A 135 17.67 12.61 -9.87
N GLN A 136 16.61 13.18 -10.38
CA GLN A 136 15.30 13.01 -9.80
C GLN A 136 14.77 11.59 -9.83
N ILE A 137 15.29 10.70 -10.67
CA ILE A 137 14.84 9.31 -10.65
C ILE A 137 15.04 8.73 -9.25
N GLN A 138 15.99 9.27 -8.52
CA GLN A 138 16.17 8.89 -7.13
C GLN A 138 14.86 8.95 -6.32
N GLY A 139 14.05 9.98 -6.53
CA GLY A 139 12.76 10.15 -5.89
C GLY A 139 11.60 9.36 -6.44
N PHE A 140 11.81 8.52 -7.44
CA PHE A 140 10.79 7.59 -7.93
C PHE A 140 10.64 6.36 -7.05
N PHE A 141 11.51 6.19 -6.08
CA PHE A 141 11.50 5.09 -5.12
C PHE A 141 11.15 5.58 -3.73
N ASP A 142 10.80 4.63 -2.86
CA ASP A 142 10.71 4.97 -1.44
C ASP A 142 11.85 4.40 -0.63
N ILE A 143 12.56 3.42 -1.17
CA ILE A 143 13.80 2.84 -0.65
C ILE A 143 14.98 3.75 -1.01
N PRO A 144 16.11 3.63 -0.38
CA PRO A 144 17.25 4.46 -0.70
C PRO A 144 17.82 4.25 -2.02
N VAL A 145 18.30 5.27 -2.69
CA VAL A 145 18.90 5.05 -4.03
C VAL A 145 20.21 5.80 -4.01
N ASP A 146 21.28 5.22 -4.51
CA ASP A 146 22.54 5.94 -4.62
C ASP A 146 22.85 6.28 -6.02
N ASN A 147 23.01 7.55 -6.37
CA ASN A 147 23.34 7.93 -7.72
C ASN A 147 24.72 8.31 -7.55
N LEU A 148 25.57 7.55 -8.15
CA LEU A 148 26.97 7.74 -8.06
C LEU A 148 27.51 8.20 -9.29
N TYR A 149 28.48 9.05 -9.19
CA TYR A 149 29.10 9.68 -10.27
C TYR A 149 30.40 9.16 -10.75
N ALA A 150 30.53 9.12 -12.05
CA ALA A 150 31.74 8.75 -12.76
C ALA A 150 32.68 9.93 -12.90
N GLU A 151 32.23 11.13 -12.56
CA GLU A 151 33.02 12.34 -12.73
C GLU A 151 34.43 12.18 -12.18
N PRO A 152 34.63 11.76 -10.94
CA PRO A 152 36.02 11.65 -10.47
C PRO A 152 36.87 10.73 -11.34
N ALA A 153 36.32 9.62 -11.82
CA ALA A 153 37.11 8.74 -12.68
C ALA A 153 37.36 9.36 -14.06
N VAL A 154 36.42 10.16 -14.53
CA VAL A 154 36.59 10.86 -15.80
C VAL A 154 37.66 11.93 -15.69
N LEU A 155 37.58 12.70 -14.61
CA LEU A 155 38.57 13.71 -14.25
C LEU A 155 39.98 13.09 -14.23
N LYS A 156 40.12 11.94 -13.65
CA LYS A 156 41.38 11.25 -13.63
C LYS A 156 41.78 10.91 -15.00
N TRP A 157 40.89 10.35 -15.79
CA TRP A 157 41.27 9.94 -17.14
C TRP A 157 41.74 11.10 -17.98
N ILE A 158 41.03 12.24 -17.92
CA ILE A 158 41.45 13.41 -18.69
C ILE A 158 42.86 13.82 -18.28
N ARG A 159 43.07 14.07 -16.98
CA ARG A 159 44.41 14.46 -16.54
C ARG A 159 45.48 13.44 -16.94
N GLU A 160 45.15 12.16 -16.92
CA GLU A 160 46.19 11.17 -17.19
C GLU A 160 46.42 10.93 -18.68
N ASN A 161 45.45 11.18 -19.57
CA ASN A 161 45.59 10.75 -20.97
C ASN A 161 45.59 11.86 -21.99
N ILE A 162 45.10 13.06 -21.65
CA ILE A 162 45.10 14.19 -22.58
C ILE A 162 46.09 15.22 -22.04
N SER A 163 47.25 15.37 -22.71
CA SER A 163 48.35 16.11 -22.09
C SER A 163 48.09 17.61 -22.07
N GLU A 164 47.51 18.16 -23.13
CA GLU A 164 47.23 19.59 -23.20
C GLU A 164 45.92 19.92 -22.46
N TRP A 165 45.56 19.06 -21.50
CA TRP A 165 44.29 19.17 -20.78
C TRP A 165 44.14 20.49 -20.03
N ARG A 166 45.23 21.15 -19.72
CA ARG A 166 45.17 22.36 -18.93
C ARG A 166 44.64 23.51 -19.77
N ASN A 167 44.74 23.42 -21.10
CA ASN A 167 44.24 24.43 -22.00
C ASN A 167 43.13 23.92 -22.92
N CYS A 168 42.38 22.94 -22.47
CA CYS A 168 41.33 22.36 -23.31
C CYS A 168 39.99 23.06 -23.11
N THR A 169 38.93 22.47 -23.63
CA THR A 169 37.57 22.98 -23.48
C THR A 169 36.64 21.81 -23.26
N ILE A 170 35.77 21.90 -22.28
CA ILE A 170 34.77 20.86 -22.07
C ILE A 170 33.50 21.30 -22.80
N VAL A 171 33.08 20.55 -23.82
CA VAL A 171 31.98 20.94 -24.68
C VAL A 171 30.76 20.05 -24.41
N SER A 172 29.57 20.69 -24.31
CA SER A 172 28.32 19.95 -24.21
C SER A 172 27.69 19.82 -25.58
N PRO A 173 27.34 18.60 -26.03
CA PRO A 173 26.74 18.46 -27.37
C PRO A 173 25.38 19.10 -27.52
N ASP A 174 24.60 19.29 -26.47
CA ASP A 174 23.31 19.93 -26.62
C ASP A 174 22.96 20.71 -25.37
N ALA A 175 21.82 21.40 -25.44
CA ALA A 175 21.34 22.11 -24.27
C ALA A 175 21.07 21.05 -23.20
N GLY A 176 21.11 21.45 -21.94
CA GLY A 176 20.92 20.49 -20.90
C GLY A 176 22.22 19.85 -20.44
N GLY A 177 23.17 19.64 -21.34
CA GLY A 177 24.33 19.01 -20.76
C GLY A 177 25.24 20.08 -20.17
N ALA A 178 24.71 21.29 -20.03
CA ALA A 178 25.45 22.44 -19.50
C ALA A 178 26.01 22.16 -18.11
N LYS A 179 25.17 21.66 -17.20
CA LYS A 179 25.65 21.54 -15.82
C LYS A 179 26.77 20.52 -15.71
N ARG A 180 26.69 19.44 -16.49
CA ARG A 180 27.77 18.44 -16.49
C ARG A 180 29.10 19.01 -16.99
N VAL A 181 29.07 19.82 -18.06
CA VAL A 181 30.35 20.30 -18.59
C VAL A 181 30.86 21.45 -17.75
N THR A 182 29.99 22.33 -17.24
CA THR A 182 30.51 23.36 -16.36
C THR A 182 31.06 22.78 -15.07
N SER A 183 30.45 21.71 -14.56
CA SER A 183 31.00 21.03 -13.39
C SER A 183 32.41 20.51 -13.66
N ILE A 184 32.61 19.87 -14.82
CA ILE A 184 33.95 19.33 -15.11
C ILE A 184 34.95 20.44 -15.43
N ALA A 185 34.53 21.46 -16.17
CA ALA A 185 35.43 22.57 -16.44
C ALA A 185 35.86 23.27 -15.15
N ASP A 186 34.96 23.40 -14.19
CA ASP A 186 35.33 24.01 -12.92
C ASP A 186 36.28 23.14 -12.14
N ARG A 187 36.10 21.82 -12.19
CA ARG A 187 37.02 20.94 -11.49
C ARG A 187 38.42 21.02 -12.09
N LEU A 188 38.53 21.15 -13.41
CA LEU A 188 39.83 21.25 -14.07
C LEU A 188 40.36 22.69 -14.16
N ASN A 189 39.58 23.69 -13.73
CA ASN A 189 39.94 25.09 -13.96
C ASN A 189 40.19 25.38 -15.44
N VAL A 190 39.25 24.95 -16.27
CA VAL A 190 39.36 25.12 -17.70
C VAL A 190 38.08 25.77 -18.22
N ASP A 191 38.05 26.08 -19.51
CA ASP A 191 36.95 26.73 -20.24
C ASP A 191 35.86 25.73 -20.65
N PHE A 192 34.65 26.24 -20.85
CA PHE A 192 33.57 25.46 -21.44
C PHE A 192 32.94 26.15 -22.64
N ALA A 193 32.27 25.35 -23.46
CA ALA A 193 31.50 25.77 -24.63
C ALA A 193 30.27 24.88 -24.78
N LEU A 194 29.29 25.31 -25.58
CA LEU A 194 28.02 24.60 -25.80
C LEU A 194 27.62 24.56 -27.27
N ILE A 195 27.09 23.42 -27.67
CA ILE A 195 26.56 23.16 -29.03
C ILE A 195 25.04 23.10 -28.93
N HIS A 196 24.33 23.61 -29.95
CA HIS A 196 22.86 23.58 -29.98
C HIS A 196 22.43 23.24 -31.41
N LYS A 197 21.41 22.37 -31.57
CA LYS A 197 20.88 22.04 -32.92
C LYS A 197 19.79 22.92 -33.50
N GLU A 198 19.02 23.68 -32.72
CA GLU A 198 17.85 24.39 -33.29
C GLU A 198 16.82 23.38 -33.84
N ARG A 207 21.12 22.98 -38.93
CA ARG A 207 22.10 24.00 -38.52
C ARG A 207 22.55 23.79 -37.07
N MET A 208 23.85 23.57 -36.83
CA MET A 208 24.42 23.55 -35.47
C MET A 208 25.22 24.82 -35.15
N VAL A 209 25.00 25.35 -33.95
CA VAL A 209 25.68 26.54 -33.42
C VAL A 209 26.52 26.24 -32.19
N LEU A 210 27.67 26.91 -32.10
CA LEU A 210 28.61 26.85 -30.97
C LEU A 210 28.74 28.19 -30.26
N VAL A 211 28.56 28.19 -28.93
CA VAL A 211 28.88 29.36 -28.13
C VAL A 211 30.04 28.97 -27.23
N GLY A 212 31.10 29.75 -27.28
CA GLY A 212 32.32 29.49 -26.54
C GLY A 212 33.48 29.24 -27.50
N ASP A 213 34.69 29.42 -27.01
CA ASP A 213 35.90 29.35 -27.81
C ASP A 213 36.57 27.98 -27.78
N VAL A 214 36.78 27.40 -28.95
CA VAL A 214 37.48 26.13 -29.08
C VAL A 214 38.69 26.22 -30.02
N LYS A 215 38.88 27.34 -30.71
CA LYS A 215 39.96 27.50 -31.67
C LYS A 215 41.32 27.21 -31.00
N ASP A 216 42.09 26.31 -31.62
CA ASP A 216 43.46 25.94 -31.24
C ASP A 216 43.58 25.23 -29.91
N ARG A 217 42.53 24.61 -29.40
CA ARG A 217 42.64 23.86 -28.15
C ARG A 217 41.88 22.55 -28.32
N VAL A 218 42.28 21.54 -27.56
CA VAL A 218 41.62 20.23 -27.57
C VAL A 218 40.23 20.35 -26.96
N ALA A 219 39.22 19.85 -27.68
CA ALA A 219 37.84 19.88 -27.23
C ALA A 219 37.40 18.50 -26.76
N ILE A 220 36.85 18.43 -25.56
CA ILE A 220 36.35 17.17 -25.00
C ILE A 220 34.82 17.26 -24.89
N LEU A 221 34.12 16.54 -25.74
CA LEU A 221 32.67 16.42 -25.61
C LEU A 221 32.33 15.48 -24.46
N VAL A 222 31.59 15.96 -23.45
CA VAL A 222 31.16 15.13 -22.32
C VAL A 222 29.63 15.13 -22.21
N ASP A 223 29.05 13.95 -22.03
CA ASP A 223 27.62 13.69 -21.90
C ASP A 223 27.42 12.43 -21.07
N ASP A 224 26.21 12.25 -20.56
CA ASP A 224 25.96 11.08 -19.73
C ASP A 224 25.89 9.76 -20.51
N MET A 225 25.51 9.77 -21.78
CA MET A 225 25.33 8.49 -22.48
C MET A 225 25.35 8.73 -23.97
N ALA A 226 25.72 7.68 -24.71
CA ALA A 226 25.62 7.75 -26.14
C ALA A 226 24.93 6.52 -26.69
N ASP A 227 23.79 6.75 -27.36
CA ASP A 227 22.95 5.71 -27.93
C ASP A 227 23.32 5.60 -29.39
N THR A 228 22.56 6.29 -30.26
CA THR A 228 22.87 6.28 -31.68
C THR A 228 24.04 7.19 -32.05
N CYS A 229 24.47 8.08 -31.16
CA CYS A 229 25.65 8.94 -31.38
C CYS A 229 25.50 9.94 -32.53
N GLY A 230 24.30 10.26 -33.00
CA GLY A 230 24.21 11.23 -34.08
C GLY A 230 24.60 12.64 -33.66
N THR A 231 24.11 13.07 -32.50
CA THR A 231 24.46 14.39 -31.95
C THR A 231 25.96 14.54 -31.70
N ILE A 232 26.59 13.59 -30.98
CA ILE A 232 28.02 13.75 -30.67
C ILE A 232 28.89 13.76 -31.93
N CYS A 233 28.50 13.03 -32.98
CA CYS A 233 29.32 13.03 -34.19
C CYS A 233 29.13 14.30 -35.00
N HIS A 234 27.92 14.83 -35.07
CA HIS A 234 27.74 16.10 -35.75
C HIS A 234 28.48 17.18 -34.96
N ALA A 235 28.37 17.11 -33.64
CA ALA A 235 29.10 18.02 -32.76
C ALA A 235 30.60 17.91 -32.98
N ALA A 236 31.12 16.70 -33.18
CA ALA A 236 32.55 16.55 -33.45
C ALA A 236 32.94 17.24 -34.76
N ASP A 237 32.10 17.11 -35.79
CA ASP A 237 32.39 17.85 -37.02
C ASP A 237 32.42 19.35 -36.75
N LYS A 238 31.40 19.86 -36.03
CA LYS A 238 31.32 21.30 -35.75
C LYS A 238 32.51 21.77 -34.92
N LEU A 239 32.96 20.97 -33.95
CA LEU A 239 34.15 21.33 -33.21
C LEU A 239 35.39 21.34 -34.10
N LEU A 240 35.47 20.44 -35.09
CA LEU A 240 36.59 20.50 -36.02
C LEU A 240 36.54 21.71 -36.96
N SER A 241 35.35 22.00 -37.51
CA SER A 241 35.17 23.15 -38.39
C SER A 241 35.42 24.46 -37.66
N ALA A 242 35.27 24.48 -36.34
CA ALA A 242 35.50 25.66 -35.54
C ALA A 242 36.96 25.74 -35.11
N GLY A 243 37.79 24.81 -35.59
CA GLY A 243 39.22 24.87 -35.38
C GLY A 243 39.80 24.30 -34.11
N ALA A 244 39.12 23.34 -33.50
CA ALA A 244 39.68 22.63 -32.36
C ALA A 244 40.81 21.70 -32.80
N THR A 245 41.90 21.68 -32.03
CA THR A 245 43.08 20.88 -32.36
C THR A 245 42.70 19.40 -32.51
N ARG A 246 42.17 18.79 -31.45
CA ARG A 246 41.70 17.41 -31.46
C ARG A 246 40.40 17.32 -30.66
N VAL A 247 39.50 16.42 -31.08
CA VAL A 247 38.21 16.25 -30.39
C VAL A 247 38.13 14.87 -29.73
N TYR A 248 37.75 14.85 -28.45
CA TYR A 248 37.47 13.65 -27.66
C TYR A 248 35.99 13.58 -27.30
N ALA A 249 35.51 12.37 -27.03
CA ALA A 249 34.16 12.19 -26.50
C ALA A 249 34.24 11.34 -25.24
N ILE A 250 33.72 11.83 -24.11
CA ILE A 250 33.71 11.07 -22.86
C ILE A 250 32.27 10.98 -22.38
N LEU A 251 31.75 9.77 -22.31
CA LEU A 251 30.37 9.43 -21.94
C LEU A 251 30.44 8.40 -20.83
N THR A 252 29.56 8.53 -19.82
CA THR A 252 29.52 7.51 -18.78
C THR A 252 28.95 6.17 -19.26
N HIS A 253 27.82 6.18 -19.97
CA HIS A 253 27.16 4.97 -20.50
C HIS A 253 27.35 4.77 -21.99
N GLY A 254 28.09 3.74 -22.39
CA GLY A 254 28.26 3.52 -23.82
C GLY A 254 27.33 2.44 -24.37
N ILE A 255 26.12 2.85 -24.74
CA ILE A 255 25.13 1.91 -25.27
C ILE A 255 25.51 1.48 -26.69
N PHE A 256 25.81 2.45 -27.56
CA PHE A 256 26.27 2.25 -28.96
C PHE A 256 25.41 1.30 -29.76
N SER A 257 24.14 1.64 -29.89
CA SER A 257 23.19 0.86 -30.67
C SER A 257 23.01 1.42 -32.07
N GLY A 258 22.52 0.56 -32.97
CA GLY A 258 22.24 0.96 -34.33
C GLY A 258 23.48 1.32 -35.10
N PRO A 259 23.48 2.51 -35.70
CA PRO A 259 24.61 2.94 -36.53
C PRO A 259 25.77 3.54 -35.75
N ALA A 260 25.69 3.49 -34.40
CA ALA A 260 26.66 4.19 -33.56
C ALA A 260 28.09 3.88 -33.95
N ILE A 261 28.41 2.60 -34.11
CA ILE A 261 29.78 2.22 -34.42
C ILE A 261 30.19 2.78 -35.77
N SER A 262 29.29 2.67 -36.75
CA SER A 262 29.62 3.22 -38.05
C SER A 262 29.80 4.72 -38.00
N ARG A 263 28.97 5.40 -37.22
CA ARG A 263 29.14 6.84 -37.13
C ARG A 263 30.49 7.20 -36.50
N ILE A 264 30.83 6.53 -35.39
CA ILE A 264 32.09 6.83 -34.68
C ILE A 264 33.32 6.54 -35.53
N ASN A 265 33.39 5.36 -36.15
CA ASN A 265 34.52 5.08 -37.02
C ASN A 265 34.68 6.11 -38.12
N ASN A 266 33.57 6.57 -38.71
CA ASN A 266 33.65 7.62 -39.73
C ASN A 266 33.94 9.03 -39.19
N ALA A 267 33.63 9.32 -37.93
CA ALA A 267 33.83 10.64 -37.32
C ALA A 267 35.30 10.88 -36.96
N CYS A 268 35.62 12.11 -36.56
CA CYS A 268 37.00 12.53 -36.35
C CYS A 268 37.52 12.35 -34.91
N PHE A 269 36.83 11.60 -34.07
CA PHE A 269 37.24 11.43 -32.68
C PHE A 269 38.64 10.84 -32.50
N GLU A 270 39.43 11.46 -31.62
CA GLU A 270 40.68 10.84 -31.20
C GLU A 270 40.42 9.61 -30.34
N ALA A 271 39.41 9.69 -29.48
CA ALA A 271 38.97 8.59 -28.65
C ALA A 271 37.57 8.88 -28.15
N VAL A 272 36.80 7.81 -27.98
CA VAL A 272 35.50 7.86 -27.29
C VAL A 272 35.69 7.00 -26.05
N VAL A 273 35.56 7.61 -24.87
CA VAL A 273 35.79 6.96 -23.60
C VAL A 273 34.48 6.74 -22.90
N VAL A 274 34.24 5.50 -22.46
CA VAL A 274 33.05 5.13 -21.73
C VAL A 274 33.47 4.38 -20.47
N THR A 275 32.53 4.23 -19.54
CA THR A 275 32.84 3.37 -18.41
C THR A 275 32.38 1.94 -18.70
N ASN A 276 32.65 1.02 -17.76
CA ASN A 276 32.29 -0.39 -17.89
C ASN A 276 30.84 -0.72 -17.45
N THR A 277 29.98 0.31 -17.30
CA THR A 277 28.63 0.06 -16.80
C THR A 277 27.89 -0.83 -17.77
N ILE A 278 28.30 -0.78 -19.04
CA ILE A 278 27.80 -1.65 -20.10
C ILE A 278 29.03 -2.34 -20.68
N PRO A 279 28.91 -3.61 -21.04
CA PRO A 279 30.02 -4.35 -21.68
C PRO A 279 30.46 -3.77 -23.02
N GLN A 280 31.77 -3.64 -23.21
CA GLN A 280 32.28 -3.00 -24.41
C GLN A 280 33.19 -3.91 -25.25
N GLU A 281 33.66 -5.04 -24.71
CA GLU A 281 34.63 -5.86 -25.43
C GLU A 281 34.20 -6.14 -26.87
N ASP A 282 32.96 -6.57 -27.06
CA ASP A 282 32.43 -6.82 -28.39
C ASP A 282 32.45 -5.55 -29.24
N LYS A 283 32.13 -4.41 -28.64
CA LYS A 283 32.03 -3.21 -29.46
C LYS A 283 33.42 -2.66 -29.74
N MET A 284 34.36 -2.88 -28.82
CA MET A 284 35.76 -2.50 -29.03
C MET A 284 36.40 -3.32 -30.14
N LYS A 285 35.89 -4.52 -30.39
CA LYS A 285 36.44 -5.33 -31.46
C LYS A 285 36.15 -4.70 -32.81
N HIS A 286 35.03 -4.01 -32.97
CA HIS A 286 34.71 -3.39 -34.23
C HIS A 286 34.91 -1.89 -34.23
N CYS A 287 35.36 -1.30 -33.13
CA CYS A 287 35.61 0.14 -33.06
C CYS A 287 36.86 0.39 -32.25
N SER A 288 37.87 0.98 -32.89
CA SER A 288 39.15 1.13 -32.22
C SER A 288 39.23 2.37 -31.35
N LYS A 289 38.34 3.34 -31.56
CA LYS A 289 38.48 4.57 -30.80
C LYS A 289 37.89 4.47 -29.41
N ILE A 290 37.20 3.38 -29.08
CA ILE A 290 36.66 3.18 -27.74
C ILE A 290 37.74 2.84 -26.72
N GLN A 291 37.75 3.58 -25.62
CA GLN A 291 38.56 3.34 -24.44
C GLN A 291 37.58 3.17 -23.29
N VAL A 292 37.87 2.31 -22.33
CA VAL A 292 36.95 2.14 -21.21
C VAL A 292 37.58 2.56 -19.89
N ILE A 293 36.82 3.28 -19.08
CA ILE A 293 37.19 3.50 -17.68
C ILE A 293 36.52 2.45 -16.80
N ASP A 294 37.33 1.70 -16.05
CA ASP A 294 36.78 0.75 -15.08
C ASP A 294 36.23 1.50 -13.87
N ILE A 295 34.96 1.29 -13.54
CA ILE A 295 34.28 1.92 -12.40
C ILE A 295 33.88 0.89 -11.34
N SER A 296 34.39 -0.34 -11.44
CA SER A 296 34.06 -1.39 -10.48
C SER A 296 34.42 -0.99 -9.06
N MET A 297 35.47 -0.20 -8.87
CA MET A 297 35.83 0.18 -7.51
C MET A 297 34.79 1.12 -6.91
N ILE A 298 34.25 2.06 -7.70
CA ILE A 298 33.17 2.92 -7.21
C ILE A 298 31.94 2.13 -6.80
N LEU A 299 31.52 1.17 -7.62
CA LEU A 299 30.29 0.43 -7.29
C LEU A 299 30.55 -0.49 -6.10
N ALA A 300 31.64 -1.24 -6.14
CA ALA A 300 32.02 -2.11 -5.03
C ALA A 300 32.14 -1.34 -3.74
N GLU A 301 32.70 -0.15 -3.80
CA GLU A 301 32.88 0.62 -2.58
C GLU A 301 31.52 1.08 -2.05
N ALA A 302 30.61 1.43 -2.97
CA ALA A 302 29.23 1.74 -2.57
C ALA A 302 28.53 0.51 -1.99
N ILE A 303 28.87 -0.70 -2.47
CA ILE A 303 28.24 -1.89 -1.92
C ILE A 303 28.79 -2.11 -0.52
N ARG A 304 30.08 -1.86 -0.35
CA ARG A 304 30.69 -1.95 0.96
C ARG A 304 30.05 -0.99 1.95
N ARG A 305 29.75 0.23 1.50
CA ARG A 305 29.23 1.21 2.45
C ARG A 305 27.78 0.93 2.82
N THR A 306 26.98 0.46 1.85
CA THR A 306 25.61 0.00 2.07
C THR A 306 25.55 -1.16 3.07
N HIS A 307 26.50 -2.08 2.97
CA HIS A 307 26.51 -3.25 3.83
C HIS A 307 26.75 -2.84 5.26
N ASN A 308 27.61 -1.84 5.49
CA ASN A 308 27.96 -1.37 6.82
C ASN A 308 28.73 -2.42 7.61
N GLY A 309 29.67 -3.11 6.97
CA GLY A 309 30.50 -4.05 7.71
C GLY A 309 31.49 -3.34 8.63
N GLU A 310 32.26 -2.39 8.08
CA GLU A 310 33.35 -1.72 8.77
C GLU A 310 32.90 -0.82 9.93
N SER A 311 32.28 0.32 9.64
CA SER A 311 32.04 1.27 10.71
C SER A 311 30.92 2.22 10.31
N VAL A 312 30.21 2.72 11.31
CA VAL A 312 29.16 3.70 11.06
C VAL A 312 29.75 5.00 10.53
N SER A 313 30.92 5.38 11.03
CA SER A 313 31.61 6.60 10.65
C SER A 313 32.21 6.56 9.24
N TYR A 314 32.10 5.42 8.54
CA TYR A 314 32.51 5.31 7.15
C TYR A 314 31.94 6.44 6.31
N LEU A 315 32.75 6.91 5.34
CA LEU A 315 32.25 7.79 4.29
C LEU A 315 33.15 7.69 3.05
N PHE A 316 32.57 7.27 1.92
CA PHE A 316 33.34 6.82 0.78
C PHE A 316 33.85 8.01 -0.05
N SER A 317 33.55 9.23 0.37
CA SER A 317 34.28 10.36 -0.16
C SER A 317 35.79 10.18 0.04
N HIS A 318 36.20 9.59 1.15
CA HIS A 318 37.60 9.44 1.48
C HIS A 318 38.40 8.33 0.81
N VAL A 319 37.77 7.43 0.09
CA VAL A 319 38.52 6.27 -0.50
C VAL A 319 39.25 6.64 -1.80
N PRO A 320 40.49 6.17 -2.01
CA PRO A 320 41.26 6.70 -3.12
C PRO A 320 40.85 6.55 -4.60
N LEU A 321 40.56 5.39 -5.12
CA LEU A 321 40.14 5.37 -6.51
C LEU A 321 41.37 5.10 -7.32
N PRO B 2 -21.12 17.96 -14.60
CA PRO B 2 -21.85 19.16 -14.17
C PRO B 2 -21.80 19.39 -12.68
N ASN B 3 -20.66 19.12 -12.07
CA ASN B 3 -20.57 19.21 -10.66
C ASN B 3 -19.20 19.60 -10.31
N ILE B 4 -18.85 20.82 -10.54
CA ILE B 4 -17.45 21.19 -10.28
C ILE B 4 -17.46 22.27 -9.22
N LYS B 5 -16.59 22.14 -8.25
CA LYS B 5 -16.48 23.10 -7.18
C LYS B 5 -15.11 23.60 -7.03
N ILE B 6 -14.86 24.88 -6.87
CA ILE B 6 -13.53 25.45 -6.73
C ILE B 6 -13.40 26.08 -5.41
N PHE B 7 -12.39 25.80 -4.64
CA PHE B 7 -12.15 26.40 -3.37
C PHE B 7 -10.87 27.12 -3.33
N SER B 8 -10.79 28.22 -2.62
CA SER B 8 -9.48 28.88 -2.62
C SER B 8 -8.85 28.72 -1.26
N GLY B 9 -7.54 28.67 -1.23
CA GLY B 9 -6.85 28.69 0.07
C GLY B 9 -6.45 30.11 0.40
N SER B 10 -5.66 30.31 1.45
CA SER B 10 -5.27 31.70 1.77
C SER B 10 -4.07 32.10 0.95
N SER B 11 -3.41 31.10 0.41
CA SER B 11 -2.22 31.19 -0.44
C SER B 11 -2.32 32.38 -1.38
N HIS B 12 -3.36 32.38 -2.19
CA HIS B 12 -3.53 33.26 -3.33
C HIS B 12 -5.00 33.24 -3.66
N GLN B 13 -5.68 34.36 -3.45
CA GLN B 13 -7.09 34.37 -3.75
C GLN B 13 -7.39 35.20 -4.97
N ASP B 14 -6.57 36.19 -5.28
CA ASP B 14 -6.87 36.96 -6.48
C ASP B 14 -6.86 35.98 -7.63
N LEU B 15 -5.85 35.09 -7.64
CA LEU B 15 -5.72 34.08 -8.69
C LEU B 15 -6.90 33.12 -8.68
N SER B 16 -7.33 32.69 -7.49
CA SER B 16 -8.41 31.72 -7.45
C SER B 16 -9.70 32.34 -7.92
N GLN B 17 -9.89 33.61 -7.63
CA GLN B 17 -11.01 34.38 -8.15
C GLN B 17 -10.90 34.55 -9.66
N LYS B 18 -9.69 34.80 -10.15
CA LYS B 18 -9.45 34.94 -11.57
C LYS B 18 -9.82 33.66 -12.32
N ILE B 19 -9.41 32.51 -11.79
CA ILE B 19 -9.77 31.21 -12.36
C ILE B 19 -11.29 31.04 -12.35
N ALA B 20 -11.90 31.29 -11.19
CA ALA B 20 -13.35 31.22 -11.04
C ALA B 20 -14.10 32.14 -12.02
N ASP B 21 -13.63 33.38 -12.24
CA ASP B 21 -14.23 34.26 -13.26
C ASP B 21 -14.24 33.53 -14.60
N ARG B 22 -13.15 32.93 -14.96
CA ARG B 22 -13.02 32.33 -16.25
C ARG B 22 -13.81 31.10 -16.46
N LEU B 23 -14.14 30.44 -15.40
CA LEU B 23 -14.92 29.22 -15.62
C LEU B 23 -16.37 29.57 -15.46
N GLY B 24 -16.68 30.67 -14.82
CA GLY B 24 -18.05 31.06 -14.69
C GLY B 24 -18.54 30.64 -13.36
N LEU B 25 -17.62 30.33 -12.46
CA LEU B 25 -18.06 29.82 -11.18
C LEU B 25 -17.69 30.83 -10.08
N GLU B 26 -18.48 30.81 -9.02
CA GLU B 26 -18.09 31.46 -7.78
C GLU B 26 -17.33 30.45 -6.92
N LEU B 27 -16.34 30.94 -6.18
CA LEU B 27 -15.63 30.07 -5.24
C LEU B 27 -16.53 29.54 -4.14
N GLY B 28 -16.36 28.25 -3.86
CA GLY B 28 -17.06 27.57 -2.78
C GLY B 28 -16.72 28.14 -1.42
N LYS B 29 -17.67 28.02 -0.49
CA LYS B 29 -17.49 28.58 0.84
C LYS B 29 -16.56 27.73 1.71
N VAL B 30 -15.44 28.30 2.14
CA VAL B 30 -14.54 27.64 3.08
C VAL B 30 -14.07 28.69 4.11
N VAL B 31 -14.14 28.36 5.39
CA VAL B 31 -13.46 29.08 6.48
C VAL B 31 -12.08 28.50 6.73
N THR B 32 -11.09 29.31 6.48
CA THR B 32 -9.69 28.93 6.48
C THR B 32 -8.90 29.93 7.31
N LYS B 33 -8.65 29.57 8.58
CA LYS B 33 -7.91 30.45 9.47
C LYS B 33 -6.97 29.64 10.36
N LYS B 34 -6.41 30.27 11.40
CA LYS B 34 -5.62 29.62 12.46
C LYS B 34 -6.18 29.83 13.86
N PHE B 35 -6.11 28.79 14.69
CA PHE B 35 -6.40 28.89 16.12
C PHE B 35 -5.30 29.63 16.86
N SER B 36 -5.55 29.90 18.15
CA SER B 36 -4.59 30.62 18.99
C SER B 36 -3.25 29.91 19.03
N ASN B 37 -3.26 28.58 19.13
CA ASN B 37 -2.03 27.80 19.20
C ASN B 37 -1.38 27.55 17.85
N GLN B 38 -1.79 28.28 16.84
CA GLN B 38 -1.23 28.26 15.49
C GLN B 38 -1.65 27.03 14.71
N GLU B 39 -2.45 26.13 15.28
CA GLU B 39 -3.00 25.01 14.54
C GLU B 39 -3.93 25.49 13.44
N THR B 40 -3.81 24.87 12.27
CA THR B 40 -4.64 25.24 11.13
C THR B 40 -6.08 24.76 11.29
N CYS B 41 -7.02 25.68 11.08
CA CYS B 41 -8.46 25.48 11.16
C CYS B 41 -9.05 25.58 9.76
N VAL B 42 -9.76 24.53 9.34
CA VAL B 42 -10.45 24.52 8.05
C VAL B 42 -11.86 24.04 8.35
N GLU B 43 -12.85 24.68 7.71
CA GLU B 43 -14.23 24.19 7.70
C GLU B 43 -14.81 24.45 6.33
N ILE B 44 -15.27 23.37 5.70
CA ILE B 44 -15.93 23.41 4.39
C ILE B 44 -17.34 23.96 4.58
N GLY B 45 -17.61 25.14 4.02
CA GLY B 45 -18.88 25.79 4.26
C GLY B 45 -20.06 25.28 3.44
N GLU B 46 -19.84 24.31 2.56
CA GLU B 46 -20.91 23.70 1.77
C GLU B 46 -20.58 22.23 1.46
N SER B 47 -21.63 21.50 1.08
CA SER B 47 -21.52 20.09 0.69
C SER B 47 -20.66 19.88 -0.57
N VAL B 48 -19.81 18.85 -0.51
CA VAL B 48 -18.99 18.40 -1.65
C VAL B 48 -19.32 16.95 -2.02
N ARG B 49 -20.39 16.37 -1.44
CA ARG B 49 -20.79 14.99 -1.71
C ARG B 49 -20.97 14.80 -3.20
N GLY B 50 -20.16 13.91 -3.77
CA GLY B 50 -20.22 13.61 -5.19
C GLY B 50 -19.65 14.66 -6.12
N GLU B 51 -18.97 15.66 -5.61
CA GLU B 51 -18.50 16.73 -6.46
C GLU B 51 -17.04 16.54 -6.90
N ASP B 52 -16.72 17.10 -8.06
CA ASP B 52 -15.36 17.20 -8.60
C ASP B 52 -14.74 18.49 -8.07
N VAL B 53 -13.89 18.37 -7.06
CA VAL B 53 -13.40 19.50 -6.27
C VAL B 53 -11.99 19.87 -6.74
N TYR B 54 -11.76 21.17 -6.91
CA TYR B 54 -10.46 21.73 -7.24
C TYR B 54 -10.13 22.72 -6.12
N ILE B 55 -8.98 22.53 -5.47
CA ILE B 55 -8.53 23.44 -4.43
C ILE B 55 -7.30 24.17 -4.93
N VAL B 56 -7.40 25.50 -5.03
CA VAL B 56 -6.28 26.32 -5.47
C VAL B 56 -5.50 26.82 -4.27
N GLN B 57 -4.22 26.46 -4.24
CA GLN B 57 -3.25 26.81 -3.21
C GLN B 57 -1.90 26.87 -3.88
N SER B 58 -1.20 27.95 -3.63
CA SER B 58 0.10 28.21 -4.21
C SER B 58 1.15 27.80 -3.18
N GLY B 59 2.38 27.71 -3.64
CA GLY B 59 3.47 27.26 -2.82
C GLY B 59 4.37 28.34 -2.29
N CYS B 60 3.76 29.52 -2.11
CA CYS B 60 4.31 30.80 -1.68
C CYS B 60 3.78 31.15 -0.27
N GLY B 61 4.03 32.39 0.18
CA GLY B 61 3.61 32.84 1.51
C GLY B 61 4.32 32.12 2.64
N GLU B 62 3.60 31.91 3.75
CA GLU B 62 4.10 31.09 4.86
C GLU B 62 3.85 29.66 4.40
N ILE B 63 4.90 29.06 3.82
CA ILE B 63 4.76 27.82 3.08
C ILE B 63 4.19 26.67 3.92
N ASN B 64 4.65 26.50 5.15
CA ASN B 64 4.13 25.37 5.88
C ASN B 64 2.68 25.53 6.32
N ASP B 65 2.28 26.74 6.72
CA ASP B 65 0.86 26.99 6.97
C ASP B 65 0.00 26.72 5.76
N ASN B 66 0.38 27.27 4.60
CA ASN B 66 -0.41 27.06 3.38
C ASN B 66 -0.44 25.59 2.97
N LEU B 67 0.68 24.90 3.09
CA LEU B 67 0.76 23.47 2.80
C LEU B 67 -0.14 22.64 3.72
N MET B 68 -0.05 22.88 5.04
CA MET B 68 -0.90 22.15 5.97
C MET B 68 -2.36 22.42 5.70
N GLU B 69 -2.69 23.68 5.47
CA GLU B 69 -4.06 24.07 5.12
C GLU B 69 -4.56 23.32 3.89
N LEU B 70 -3.72 23.21 2.86
CA LEU B 70 -4.09 22.51 1.64
C LEU B 70 -4.35 21.04 1.92
N LEU B 71 -3.45 20.42 2.69
CA LEU B 71 -3.59 19.00 2.99
C LEU B 71 -4.85 18.73 3.80
N ILE B 72 -5.15 19.57 4.78
CA ILE B 72 -6.37 19.36 5.56
C ILE B 72 -7.61 19.52 4.69
N MET B 73 -7.64 20.51 3.77
CA MET B 73 -8.79 20.63 2.87
C MET B 73 -8.94 19.44 1.92
N ILE B 74 -7.85 19.00 1.32
CA ILE B 74 -7.93 17.82 0.46
C ILE B 74 -8.48 16.62 1.22
N ASN B 75 -7.90 16.35 2.39
CA ASN B 75 -8.32 15.20 3.17
C ASN B 75 -9.80 15.35 3.55
N ALA B 76 -10.18 16.56 3.97
CA ALA B 76 -11.55 16.84 4.40
C ALA B 76 -12.56 16.61 3.27
N CYS B 77 -12.22 17.02 2.05
CA CYS B 77 -13.13 16.79 0.93
C CYS B 77 -13.23 15.31 0.61
N LYS B 78 -12.12 14.58 0.70
CA LYS B 78 -12.22 13.15 0.44
C LYS B 78 -13.13 12.46 1.46
N ILE B 79 -13.02 12.81 2.74
CA ILE B 79 -13.86 12.15 3.74
C ILE B 79 -15.27 12.69 3.73
N ALA B 80 -15.50 13.78 3.01
CA ALA B 80 -16.86 14.20 2.80
C ALA B 80 -17.43 13.63 1.51
N SER B 81 -16.78 12.59 0.98
CA SER B 81 -17.27 11.83 -0.15
C SER B 81 -17.28 12.63 -1.46
N ALA B 82 -16.38 13.61 -1.58
CA ALA B 82 -16.11 14.24 -2.87
C ALA B 82 -15.81 13.19 -3.93
N SER B 83 -16.27 13.44 -5.15
CA SER B 83 -15.98 12.52 -6.25
C SER B 83 -14.50 12.50 -6.61
N ARG B 84 -13.88 13.66 -6.69
CA ARG B 84 -12.48 13.78 -7.02
C ARG B 84 -11.98 15.06 -6.38
N VAL B 85 -10.74 15.03 -5.93
CA VAL B 85 -10.11 16.22 -5.39
C VAL B 85 -8.82 16.44 -6.17
N THR B 86 -8.71 17.60 -6.77
CA THR B 86 -7.54 17.96 -7.54
C THR B 86 -6.90 19.11 -6.77
N ALA B 87 -5.60 19.00 -6.54
CA ALA B 87 -4.84 20.07 -5.93
C ALA B 87 -4.26 20.94 -7.02
N VAL B 88 -4.68 22.20 -7.06
CA VAL B 88 -4.14 23.17 -8.01
C VAL B 88 -3.07 23.95 -7.26
N ILE B 89 -1.80 23.62 -7.51
CA ILE B 89 -0.67 24.19 -6.79
C ILE B 89 0.17 24.92 -7.84
N PRO B 90 -0.12 26.19 -8.13
CA PRO B 90 0.58 26.89 -9.22
C PRO B 90 2.08 26.85 -9.10
N CYS B 91 2.62 27.12 -7.92
CA CYS B 91 4.06 27.04 -7.64
C CYS B 91 4.30 25.94 -6.63
N PHE B 92 4.95 24.88 -7.06
CA PHE B 92 5.10 23.71 -6.22
C PHE B 92 6.13 23.98 -5.13
N PRO B 93 5.77 23.86 -3.86
CA PRO B 93 6.74 24.15 -2.79
C PRO B 93 7.83 23.11 -2.73
N TYR B 94 9.02 23.54 -2.40
CA TYR B 94 10.07 22.61 -2.18
C TYR B 94 10.71 21.98 -3.32
N ALA B 95 10.46 22.44 -4.51
CA ALA B 95 11.06 21.85 -5.65
C ALA B 95 12.53 22.00 -5.78
N ARG B 96 13.06 23.16 -5.51
CA ARG B 96 14.49 23.30 -5.66
C ARG B 96 15.17 22.73 -4.48
N GLN B 97 16.28 22.06 -4.70
CA GLN B 97 16.97 21.58 -3.49
C GLN B 97 18.40 22.08 -3.46
N ASP B 98 18.68 23.04 -2.60
CA ASP B 98 20.09 23.45 -2.45
C ASP B 98 20.73 22.29 -1.70
N LYS B 99 21.92 21.87 -2.11
CA LYS B 99 22.55 20.77 -1.37
C LYS B 99 24.03 21.07 -1.32
N LYS B 100 24.76 20.12 -1.86
CA LYS B 100 26.23 20.19 -2.18
C LYS B 100 26.64 18.75 -2.52
N ASP B 101 26.28 18.28 -3.72
CA ASP B 101 26.46 16.88 -4.20
C ASP B 101 27.75 16.23 -3.70
N LYS B 102 27.62 15.66 -2.50
CA LYS B 102 28.63 14.90 -1.70
C LYS B 102 29.68 14.32 -2.64
N VAL B 103 30.33 15.20 -3.37
CA VAL B 103 31.06 14.65 -4.47
C VAL B 103 31.06 13.19 -4.36
N GLY B 104 30.84 12.67 -5.54
CA GLY B 104 30.74 11.29 -5.77
C GLY B 104 29.35 10.85 -5.94
N GLU B 105 28.37 11.58 -5.53
CA GLU B 105 27.01 11.19 -5.68
C GLU B 105 26.10 12.32 -5.69
N SER B 106 24.83 12.05 -5.66
CA SER B 106 23.85 13.09 -5.65
C SER B 106 22.92 12.94 -4.56
N ARG B 107 22.49 14.06 -4.06
CA ARG B 107 21.55 14.03 -2.95
C ARG B 107 20.17 13.69 -3.48
N ALA B 108 19.31 13.30 -2.60
CA ALA B 108 18.11 12.82 -3.24
C ALA B 108 17.10 13.92 -3.03
N PRO B 109 16.07 14.00 -3.79
CA PRO B 109 15.04 14.99 -3.45
C PRO B 109 14.24 14.34 -2.35
N ILE B 110 14.31 14.92 -1.16
CA ILE B 110 13.38 14.55 -0.11
C ILE B 110 12.28 15.55 0.07
N SER B 111 12.58 16.82 0.29
CA SER B 111 11.41 17.60 0.61
C SER B 111 10.39 17.62 -0.55
N ALA B 112 10.84 17.60 -1.82
CA ALA B 112 9.83 17.56 -2.89
C ALA B 112 9.09 16.24 -2.98
N LYS B 113 9.77 15.15 -2.68
CA LYS B 113 9.14 13.84 -2.65
C LYS B 113 8.27 13.68 -1.41
N LEU B 114 8.73 14.17 -0.25
CA LEU B 114 7.89 14.15 0.93
C LEU B 114 6.61 14.94 0.69
N VAL B 115 6.73 16.15 0.11
CA VAL B 115 5.57 16.98 -0.23
C VAL B 115 4.60 16.23 -1.15
N ALA B 116 5.12 15.54 -2.16
CA ALA B 116 4.29 14.69 -3.01
C ALA B 116 3.58 13.61 -2.21
N ASN B 117 4.30 12.97 -1.29
CA ASN B 117 3.73 11.89 -0.49
C ASN B 117 2.64 12.41 0.42
N MET B 118 2.82 13.60 0.99
CA MET B 118 1.75 14.19 1.80
C MET B 118 0.53 14.48 0.95
N LEU B 119 0.72 15.07 -0.22
CA LEU B 119 -0.43 15.30 -1.09
C LEU B 119 -1.16 13.99 -1.37
N SER B 120 -0.41 12.93 -1.67
CA SER B 120 -0.99 11.61 -1.89
C SER B 120 -1.74 11.06 -0.68
N VAL B 121 -1.10 11.03 0.49
CA VAL B 121 -1.77 10.51 1.67
C VAL B 121 -2.96 11.35 2.15
N ALA B 122 -2.98 12.64 1.80
CA ALA B 122 -4.12 13.46 2.15
C ALA B 122 -5.35 13.06 1.35
N GLY B 123 -5.17 12.51 0.14
CA GLY B 123 -6.30 12.06 -0.66
C GLY B 123 -6.42 12.74 -2.01
N ALA B 124 -5.35 13.41 -2.44
CA ALA B 124 -5.34 14.05 -3.76
C ALA B 124 -5.38 13.04 -4.90
N ASP B 125 -6.21 13.35 -5.88
CA ASP B 125 -6.39 12.48 -7.03
C ASP B 125 -5.68 13.00 -8.28
N HIS B 126 -5.29 14.26 -8.30
CA HIS B 126 -4.79 14.85 -9.52
C HIS B 126 -4.06 16.13 -9.04
N ILE B 127 -2.93 16.46 -9.67
CA ILE B 127 -2.19 17.69 -9.39
C ILE B 127 -2.13 18.52 -10.67
N ILE B 128 -2.44 19.81 -10.54
CA ILE B 128 -2.19 20.78 -11.59
C ILE B 128 -1.17 21.78 -11.04
N THR B 129 -0.04 21.92 -11.73
CA THR B 129 1.01 22.81 -11.27
C THR B 129 1.58 23.53 -12.50
N MET B 130 2.36 24.58 -12.27
CA MET B 130 3.01 25.25 -13.39
C MET B 130 4.53 25.35 -13.24
N ASP B 131 5.25 24.91 -14.27
CA ASP B 131 6.71 25.00 -14.39
C ASP B 131 7.45 24.48 -13.16
N LEU B 132 7.20 23.21 -12.86
CA LEU B 132 7.99 22.49 -11.87
C LEU B 132 9.47 22.72 -12.10
N HIS B 133 10.24 22.95 -11.04
CA HIS B 133 11.67 23.23 -11.17
C HIS B 133 12.35 22.11 -11.96
N ALA B 134 11.92 20.86 -11.74
CA ALA B 134 12.31 19.75 -12.60
C ALA B 134 11.05 18.95 -12.92
N SER B 135 10.84 18.68 -14.22
CA SER B 135 9.67 17.95 -14.70
C SER B 135 9.50 16.56 -14.08
N GLN B 136 10.59 15.96 -13.63
CA GLN B 136 10.57 14.65 -13.00
C GLN B 136 9.77 14.64 -11.71
N ILE B 137 9.48 15.80 -11.13
CA ILE B 137 8.67 15.82 -9.94
C ILE B 137 7.31 15.21 -10.25
N GLN B 138 6.90 15.25 -11.52
CA GLN B 138 5.69 14.57 -11.97
C GLN B 138 5.69 13.10 -11.61
N GLY B 139 6.82 12.43 -11.75
CA GLY B 139 7.01 11.04 -11.35
C GLY B 139 7.11 10.75 -9.86
N PHE B 140 7.10 11.78 -9.03
CA PHE B 140 7.09 11.59 -7.59
C PHE B 140 5.70 11.21 -7.08
N PHE B 141 4.70 11.26 -7.95
CA PHE B 141 3.31 10.88 -7.68
C PHE B 141 2.95 9.59 -8.42
N ASP B 142 1.86 8.98 -7.98
CA ASP B 142 1.21 7.89 -8.73
C ASP B 142 -0.08 8.34 -9.42
N ILE B 143 -0.71 9.39 -8.93
CA ILE B 143 -1.82 10.09 -9.53
C ILE B 143 -1.32 10.92 -10.71
N PRO B 144 -2.14 11.25 -11.70
CA PRO B 144 -1.70 12.12 -12.80
C PRO B 144 -1.28 13.50 -12.31
N VAL B 145 -0.19 14.03 -12.87
CA VAL B 145 0.23 15.41 -12.60
C VAL B 145 0.22 16.14 -13.93
N ASP B 146 -0.36 17.35 -13.96
CA ASP B 146 -0.26 18.25 -15.10
C ASP B 146 0.73 19.37 -14.81
N ASN B 147 1.88 19.33 -15.48
CA ASN B 147 2.90 20.36 -15.34
C ASN B 147 2.76 21.30 -16.53
N LEU B 148 1.98 22.37 -16.37
CA LEU B 148 1.77 23.38 -17.41
C LEU B 148 2.97 24.31 -17.56
N TYR B 149 3.14 24.86 -18.77
CA TYR B 149 4.23 25.79 -19.07
C TYR B 149 3.72 27.22 -19.25
N ALA B 150 4.48 28.17 -18.70
CA ALA B 150 4.27 29.59 -18.93
C ALA B 150 4.83 30.09 -20.25
N GLU B 151 5.67 29.31 -20.92
CA GLU B 151 6.32 29.73 -22.16
C GLU B 151 5.39 30.43 -23.14
N PRO B 152 4.23 29.89 -23.54
CA PRO B 152 3.38 30.65 -24.47
C PRO B 152 3.06 32.06 -23.99
N ALA B 153 2.71 32.25 -22.72
CA ALA B 153 2.41 33.59 -22.26
C ALA B 153 3.65 34.47 -22.23
N VAL B 154 4.83 33.88 -22.04
CA VAL B 154 6.06 34.66 -22.07
C VAL B 154 6.39 35.08 -23.50
N LEU B 155 6.34 34.14 -24.45
CA LEU B 155 6.50 34.46 -25.87
C LEU B 155 5.53 35.55 -26.35
N LYS B 156 4.31 35.52 -25.94
CA LYS B 156 3.46 36.56 -26.36
C LYS B 156 4.01 37.79 -25.76
N TRP B 157 4.14 37.81 -24.47
CA TRP B 157 4.56 39.06 -23.81
C TRP B 157 5.80 39.67 -24.48
N ILE B 158 6.79 38.84 -24.82
CA ILE B 158 7.99 39.31 -25.50
C ILE B 158 7.62 39.95 -26.82
N ARG B 159 6.88 39.24 -27.66
CA ARG B 159 6.52 39.81 -28.96
C ARG B 159 5.74 41.11 -28.83
N GLU B 160 4.95 41.27 -27.78
CA GLU B 160 4.16 42.48 -27.67
C GLU B 160 4.68 43.57 -26.74
N ASN B 161 5.76 43.37 -26.03
CA ASN B 161 6.25 44.39 -25.11
C ASN B 161 7.67 44.86 -25.37
N ILE B 162 8.49 44.08 -26.06
CA ILE B 162 9.86 44.47 -26.37
C ILE B 162 9.96 44.69 -27.87
N SER B 163 10.32 45.92 -28.24
CA SER B 163 10.33 46.34 -29.64
C SER B 163 11.39 45.58 -30.44
N GLU B 164 12.65 45.66 -30.02
CA GLU B 164 13.77 44.99 -30.70
C GLU B 164 13.84 43.47 -30.51
N TRP B 165 12.73 42.85 -30.11
CA TRP B 165 12.71 41.44 -29.76
C TRP B 165 13.19 40.53 -30.89
N ARG B 166 13.04 40.96 -32.15
CA ARG B 166 13.49 40.12 -33.24
C ARG B 166 15.01 40.01 -33.36
N ASN B 167 15.76 40.86 -32.67
CA ASN B 167 17.22 40.75 -32.70
C ASN B 167 17.78 40.65 -31.30
N CYS B 168 16.98 40.13 -30.39
CA CYS B 168 17.42 40.03 -29.01
C CYS B 168 18.03 38.68 -28.75
N THR B 169 18.81 38.63 -27.68
CA THR B 169 19.44 37.42 -27.17
C THR B 169 18.66 36.97 -25.93
N ILE B 170 18.57 35.66 -25.74
CA ILE B 170 17.97 35.08 -24.54
C ILE B 170 19.07 34.43 -23.71
N VAL B 171 19.20 34.86 -22.47
CA VAL B 171 20.32 34.49 -21.63
C VAL B 171 19.86 33.68 -20.42
N SER B 172 20.54 32.55 -20.18
CA SER B 172 20.35 31.78 -18.97
C SER B 172 21.27 32.33 -17.87
N PRO B 173 20.73 32.61 -16.68
CA PRO B 173 21.60 33.03 -15.55
C PRO B 173 22.46 31.92 -14.96
N ASP B 174 22.20 30.66 -15.25
CA ASP B 174 23.02 29.60 -14.70
C ASP B 174 23.12 28.47 -15.71
N ALA B 175 23.90 27.45 -15.38
CA ALA B 175 24.07 26.33 -16.31
C ALA B 175 22.79 25.51 -16.47
N GLY B 176 22.06 25.28 -15.37
CA GLY B 176 20.86 24.47 -15.39
C GLY B 176 19.72 24.98 -16.25
N GLY B 177 19.70 26.26 -16.58
CA GLY B 177 18.58 26.77 -17.34
C GLY B 177 18.74 26.78 -18.84
N ALA B 178 19.80 26.14 -19.34
CA ALA B 178 20.11 26.21 -20.75
C ALA B 178 18.93 25.75 -21.60
N LYS B 179 18.40 24.54 -21.33
CA LYS B 179 17.28 24.04 -22.13
C LYS B 179 16.12 25.02 -22.20
N ARG B 180 15.66 25.51 -21.06
CA ARG B 180 14.56 26.48 -21.10
C ARG B 180 14.88 27.68 -22.00
N VAL B 181 16.07 28.27 -21.89
CA VAL B 181 16.32 29.44 -22.72
C VAL B 181 16.46 29.07 -24.20
N THR B 182 17.11 27.95 -24.53
CA THR B 182 17.24 27.60 -25.94
C THR B 182 15.88 27.36 -26.58
N SER B 183 14.95 26.79 -25.83
CA SER B 183 13.61 26.58 -26.35
C SER B 183 12.95 27.88 -26.74
N ILE B 184 13.08 28.91 -25.89
CA ILE B 184 12.50 30.19 -26.25
C ILE B 184 13.24 30.81 -27.43
N ALA B 185 14.57 30.69 -27.46
CA ALA B 185 15.27 31.24 -28.60
C ALA B 185 14.81 30.59 -29.90
N ASP B 186 14.58 29.28 -29.88
CA ASP B 186 14.14 28.64 -31.11
C ASP B 186 12.74 29.11 -31.49
N ARG B 187 11.84 29.20 -30.52
CA ARG B 187 10.50 29.70 -30.82
C ARG B 187 10.57 31.11 -31.39
N LEU B 188 11.39 31.98 -30.79
CA LEU B 188 11.50 33.34 -31.33
C LEU B 188 12.36 33.46 -32.57
N ASN B 189 13.15 32.44 -32.92
CA ASN B 189 14.09 32.56 -34.03
C ASN B 189 15.14 33.66 -33.74
N VAL B 190 15.73 33.55 -32.59
CA VAL B 190 16.75 34.44 -32.17
C VAL B 190 17.92 33.68 -31.57
N ASP B 191 18.90 34.36 -31.02
CA ASP B 191 20.05 33.73 -30.44
C ASP B 191 20.03 33.73 -28.98
N PHE B 192 20.79 32.86 -28.39
CA PHE B 192 20.87 32.79 -26.97
C PHE B 192 22.26 32.77 -26.49
N ALA B 193 22.39 33.04 -25.23
CA ALA B 193 23.64 32.99 -24.59
C ALA B 193 23.50 32.55 -23.18
N LEU B 194 24.56 32.06 -22.60
CA LEU B 194 24.52 31.55 -21.30
C LEU B 194 25.56 32.02 -20.43
N ILE B 195 25.22 32.40 -19.23
CA ILE B 195 26.11 32.81 -18.14
C ILE B 195 26.37 31.69 -17.13
N HIS B 196 27.63 31.57 -16.67
CA HIS B 196 28.00 30.63 -15.61
C HIS B 196 28.96 31.33 -14.63
N LYS B 197 28.66 31.25 -13.33
CA LYS B 197 29.50 31.75 -12.24
C LYS B 197 30.47 30.69 -11.75
N GLU B 198 31.71 31.11 -11.46
CA GLU B 198 32.61 30.43 -10.50
C GLU B 198 33.99 31.09 -10.37
N ARG B 207 32.96 35.60 -9.69
CA ARG B 207 33.56 35.55 -11.02
C ARG B 207 32.61 34.92 -12.07
N MET B 208 32.16 35.70 -13.06
CA MET B 208 31.18 35.25 -14.04
C MET B 208 31.76 35.21 -15.45
N VAL B 209 31.35 34.21 -16.23
CA VAL B 209 31.69 34.05 -17.62
C VAL B 209 30.46 33.96 -18.51
N LEU B 210 30.53 34.61 -19.66
CA LEU B 210 29.48 34.62 -20.65
C LEU B 210 29.94 33.93 -21.92
N VAL B 211 29.15 32.98 -22.43
CA VAL B 211 29.37 32.39 -23.74
C VAL B 211 28.21 32.81 -24.64
N GLY B 212 28.53 33.29 -25.84
CA GLY B 212 27.47 33.80 -26.68
C GLY B 212 27.59 35.31 -26.85
N ASP B 213 27.02 35.81 -27.93
CA ASP B 213 27.17 37.22 -28.28
C ASP B 213 26.00 38.03 -27.73
N VAL B 214 26.32 39.11 -27.00
CA VAL B 214 25.29 39.99 -26.48
C VAL B 214 25.49 41.45 -26.89
N LYS B 215 26.56 41.77 -27.63
CA LYS B 215 26.86 43.16 -27.97
C LYS B 215 25.75 43.85 -28.76
N ASP B 216 25.34 45.04 -28.28
CA ASP B 216 24.34 45.91 -28.91
C ASP B 216 22.98 45.26 -29.20
N ARG B 217 22.59 44.26 -28.42
CA ARG B 217 21.29 43.61 -28.56
C ARG B 217 20.60 43.64 -27.21
N VAL B 218 19.27 43.56 -27.25
CA VAL B 218 18.52 43.38 -26.02
C VAL B 218 18.74 41.96 -25.51
N ALA B 219 19.08 41.83 -24.23
CA ALA B 219 19.25 40.55 -23.55
C ALA B 219 18.05 40.29 -22.62
N ILE B 220 17.46 39.08 -22.72
CA ILE B 220 16.37 38.66 -21.82
C ILE B 220 16.85 37.46 -21.01
N LEU B 221 17.09 37.67 -19.72
CA LEU B 221 17.37 36.58 -18.79
C LEU B 221 16.10 35.82 -18.48
N VAL B 222 16.06 34.51 -18.72
CA VAL B 222 14.84 33.74 -18.43
C VAL B 222 15.17 32.57 -17.51
N ASP B 223 14.46 32.51 -16.38
CA ASP B 223 14.65 31.38 -15.49
C ASP B 223 13.29 31.01 -14.93
N ASP B 224 13.23 29.87 -14.26
CA ASP B 224 11.93 29.42 -13.73
C ASP B 224 11.52 30.16 -12.46
N MET B 225 12.48 30.70 -11.72
CA MET B 225 12.12 31.32 -10.46
C MET B 225 13.09 32.40 -10.08
N ALA B 226 12.61 33.33 -9.27
CA ALA B 226 13.46 34.31 -8.63
C ALA B 226 13.14 34.29 -7.14
N ASP B 227 14.15 33.97 -6.33
CA ASP B 227 14.04 33.94 -4.88
C ASP B 227 14.69 35.20 -4.38
N THR B 228 15.92 35.05 -3.85
CA THR B 228 16.73 36.15 -3.36
C THR B 228 17.25 37.06 -4.47
N CYS B 229 17.26 36.58 -5.72
CA CYS B 229 17.61 37.32 -6.92
C CYS B 229 19.09 37.71 -7.03
N GLY B 230 19.96 37.16 -6.19
CA GLY B 230 21.38 37.38 -6.39
C GLY B 230 21.88 37.03 -7.77
N THR B 231 21.46 35.89 -8.28
CA THR B 231 22.00 35.40 -9.55
C THR B 231 21.54 36.25 -10.72
N ILE B 232 20.23 36.57 -10.84
CA ILE B 232 19.82 37.36 -12.00
C ILE B 232 20.42 38.77 -11.97
N CYS B 233 20.64 39.35 -10.78
CA CYS B 233 21.25 40.68 -10.70
C CYS B 233 22.72 40.66 -11.11
N HIS B 234 23.46 39.63 -10.68
CA HIS B 234 24.84 39.57 -11.13
C HIS B 234 24.89 39.32 -12.62
N ALA B 235 23.98 38.49 -13.12
CA ALA B 235 23.90 38.29 -14.56
C ALA B 235 23.58 39.60 -15.29
N ALA B 236 22.72 40.43 -14.73
CA ALA B 236 22.43 41.73 -15.34
C ALA B 236 23.65 42.62 -15.42
N ASP B 237 24.46 42.66 -14.36
CA ASP B 237 25.71 43.43 -14.42
C ASP B 237 26.63 42.91 -15.52
N LYS B 238 26.82 41.59 -15.57
CA LYS B 238 27.69 41.00 -16.59
C LYS B 238 27.20 41.31 -18.00
N LEU B 239 25.87 41.30 -18.22
CA LEU B 239 25.32 41.55 -19.55
C LEU B 239 25.53 43.00 -19.97
N LEU B 240 25.31 43.95 -19.06
CA LEU B 240 25.72 45.32 -19.39
C LEU B 240 27.20 45.42 -19.72
N SER B 241 28.05 44.74 -18.94
CA SER B 241 29.50 44.70 -19.21
C SER B 241 29.85 44.18 -20.61
N ALA B 242 29.00 43.35 -21.22
CA ALA B 242 29.23 42.84 -22.57
C ALA B 242 28.56 43.69 -23.66
N GLY B 243 27.92 44.80 -23.31
CA GLY B 243 27.42 45.71 -24.32
C GLY B 243 25.95 45.59 -24.67
N ALA B 244 25.19 44.78 -23.95
CA ALA B 244 23.76 44.74 -24.16
C ALA B 244 23.13 46.13 -23.97
N THR B 245 22.15 46.44 -24.82
CA THR B 245 21.46 47.74 -24.80
C THR B 245 20.61 47.88 -23.54
N ARG B 246 19.76 46.90 -23.27
CA ARG B 246 19.00 46.84 -22.03
C ARG B 246 18.74 45.38 -21.71
N VAL B 247 18.52 45.11 -20.43
CA VAL B 247 18.36 43.76 -19.91
C VAL B 247 16.96 43.63 -19.31
N TYR B 248 16.25 42.56 -19.67
CA TYR B 248 14.99 42.18 -19.06
C TYR B 248 15.25 40.88 -18.31
N ALA B 249 14.47 40.63 -17.26
CA ALA B 249 14.45 39.33 -16.60
C ALA B 249 13.02 38.85 -16.54
N ILE B 250 12.78 37.63 -17.01
CA ILE B 250 11.47 37.00 -17.00
C ILE B 250 11.55 35.64 -16.29
N LEU B 251 10.88 35.54 -15.14
CA LEU B 251 10.80 34.32 -14.35
C LEU B 251 9.34 33.89 -14.29
N THR B 252 9.10 32.59 -14.13
CA THR B 252 7.72 32.16 -13.94
C THR B 252 7.22 32.43 -12.53
N HIS B 253 7.98 32.03 -11.52
CA HIS B 253 7.61 32.18 -10.12
C HIS B 253 8.32 33.37 -9.49
N GLY B 254 7.59 34.41 -9.14
CA GLY B 254 8.21 35.54 -8.47
C GLY B 254 8.13 35.43 -6.96
N ILE B 255 9.08 34.74 -6.32
CA ILE B 255 9.06 34.58 -4.86
C ILE B 255 9.53 35.84 -4.16
N PHE B 256 10.67 36.37 -4.59
CA PHE B 256 11.22 37.66 -4.14
C PHE B 256 11.31 37.80 -2.62
N SER B 257 11.92 36.81 -1.95
CA SER B 257 12.11 36.89 -0.51
C SER B 257 13.42 37.61 -0.16
N GLY B 258 13.62 37.85 1.13
CA GLY B 258 14.84 38.45 1.61
C GLY B 258 15.10 39.80 0.97
N PRO B 259 16.31 40.01 0.44
CA PRO B 259 16.63 41.31 -0.14
C PRO B 259 16.30 41.47 -1.61
N ALA B 260 15.41 40.64 -2.16
CA ALA B 260 15.12 40.63 -3.59
C ALA B 260 14.68 42.00 -4.12
N ILE B 261 13.71 42.64 -3.45
CA ILE B 261 13.18 43.90 -3.97
C ILE B 261 14.25 45.00 -3.97
N SER B 262 15.06 45.04 -2.92
CA SER B 262 16.18 45.98 -2.89
C SER B 262 17.19 45.69 -3.98
N ARG B 263 17.50 44.42 -4.21
CA ARG B 263 18.44 44.09 -5.27
C ARG B 263 17.92 44.51 -6.64
N ILE B 264 16.63 44.31 -6.92
CA ILE B 264 16.09 44.71 -8.23
C ILE B 264 16.00 46.23 -8.36
N ASN B 265 15.61 46.92 -7.29
CA ASN B 265 15.61 48.40 -7.33
C ASN B 265 17.00 49.01 -7.56
N ASN B 266 18.09 48.28 -7.25
CA ASN B 266 19.44 48.84 -7.46
C ASN B 266 20.14 48.26 -8.67
N ALA B 267 19.49 47.34 -9.37
CA ALA B 267 20.01 46.69 -10.55
C ALA B 267 19.55 47.45 -11.79
N CYS B 268 20.18 47.12 -12.92
CA CYS B 268 19.97 47.80 -14.19
C CYS B 268 18.87 47.18 -15.03
N PHE B 269 17.86 46.58 -14.41
CA PHE B 269 16.79 45.97 -15.19
C PHE B 269 15.87 47.01 -15.78
N GLU B 270 15.50 46.81 -17.05
CA GLU B 270 14.42 47.59 -17.63
C GLU B 270 13.09 47.18 -17.01
N ALA B 271 12.88 45.87 -16.82
CA ALA B 271 11.67 45.34 -16.21
C ALA B 271 11.93 43.93 -15.71
N VAL B 272 11.23 43.55 -14.65
CA VAL B 272 11.21 42.18 -14.17
C VAL B 272 9.79 41.63 -14.35
N VAL B 273 9.64 40.61 -15.19
CA VAL B 273 8.33 40.06 -15.54
C VAL B 273 8.19 38.69 -14.88
N VAL B 274 7.10 38.49 -14.14
CA VAL B 274 6.78 37.22 -13.48
C VAL B 274 5.34 36.83 -13.75
N THR B 275 5.00 35.59 -13.43
CA THR B 275 3.59 35.23 -13.47
C THR B 275 2.91 35.53 -12.15
N ASN B 276 1.57 35.40 -12.13
CA ASN B 276 0.85 35.49 -10.89
C ASN B 276 0.61 34.16 -10.24
N THR B 277 1.55 33.21 -10.41
CA THR B 277 1.46 31.97 -9.65
C THR B 277 1.59 32.31 -8.17
N ILE B 278 2.24 33.44 -7.90
CA ILE B 278 2.41 34.01 -6.57
C ILE B 278 1.90 35.45 -6.61
N PRO B 279 1.18 35.90 -5.59
CA PRO B 279 0.72 37.29 -5.50
C PRO B 279 1.82 38.34 -5.53
N GLN B 280 1.60 39.41 -6.31
CA GLN B 280 2.63 40.40 -6.62
C GLN B 280 2.20 41.81 -6.25
N GLU B 281 0.93 42.05 -5.91
CA GLU B 281 0.45 43.41 -5.66
C GLU B 281 1.32 44.11 -4.62
N ASP B 282 1.54 43.44 -3.47
CA ASP B 282 2.35 44.05 -2.42
C ASP B 282 3.80 44.28 -2.83
N LYS B 283 4.42 43.34 -3.53
CA LYS B 283 5.80 43.58 -3.95
C LYS B 283 5.87 44.65 -5.04
N MET B 284 4.85 44.73 -5.91
CA MET B 284 4.88 45.79 -6.93
C MET B 284 4.78 47.16 -6.29
N LYS B 285 4.14 47.30 -5.12
CA LYS B 285 4.09 48.62 -4.48
C LYS B 285 5.49 49.17 -4.16
N HIS B 286 6.44 48.28 -3.84
CA HIS B 286 7.80 48.70 -3.54
C HIS B 286 8.77 48.49 -4.68
N CYS B 287 8.31 48.13 -5.88
CA CYS B 287 9.24 47.85 -6.96
C CYS B 287 8.56 48.09 -8.31
N SER B 288 8.81 49.26 -8.89
CA SER B 288 8.08 49.66 -10.10
C SER B 288 8.42 48.77 -11.28
N LYS B 289 9.48 47.97 -11.17
CA LYS B 289 9.98 47.18 -12.28
C LYS B 289 9.26 45.87 -12.45
N ILE B 290 8.51 45.41 -11.45
CA ILE B 290 7.82 44.13 -11.55
C ILE B 290 6.54 44.29 -12.35
N GLN B 291 6.36 43.41 -13.25
CA GLN B 291 5.16 43.31 -13.99
C GLN B 291 4.73 41.94 -14.08
N VAL B 292 3.43 41.72 -14.06
CA VAL B 292 2.96 40.33 -14.08
C VAL B 292 2.19 39.99 -15.34
N ILE B 293 2.39 38.76 -15.79
CA ILE B 293 1.61 38.22 -16.92
C ILE B 293 0.63 37.26 -16.29
N ASP B 294 -0.60 37.26 -16.71
CA ASP B 294 -1.64 36.47 -16.08
C ASP B 294 -1.73 35.11 -16.59
N ILE B 295 -1.75 34.09 -15.75
CA ILE B 295 -1.86 32.73 -16.20
C ILE B 295 -3.11 32.02 -15.83
N SER B 296 -4.14 32.74 -15.49
CA SER B 296 -5.36 32.15 -15.07
C SER B 296 -5.96 31.35 -16.10
N MET B 297 -5.97 31.79 -17.32
CA MET B 297 -6.67 30.94 -18.30
C MET B 297 -5.94 29.62 -18.41
N ILE B 298 -4.65 29.64 -18.52
CA ILE B 298 -3.98 28.34 -18.67
C ILE B 298 -4.39 27.35 -17.58
N LEU B 299 -4.45 27.81 -16.33
CA LEU B 299 -4.90 26.92 -15.25
C LEU B 299 -6.36 26.53 -15.43
N ALA B 300 -7.22 27.52 -15.72
CA ALA B 300 -8.63 27.24 -15.92
C ALA B 300 -8.83 26.22 -17.01
N GLU B 301 -8.09 26.34 -18.10
CA GLU B 301 -8.22 25.38 -19.18
C GLU B 301 -7.79 23.98 -18.74
N ALA B 302 -6.69 23.87 -17.99
CA ALA B 302 -6.34 22.55 -17.45
C ALA B 302 -7.40 21.98 -16.51
N ILE B 303 -8.08 22.82 -15.72
CA ILE B 303 -9.13 22.28 -14.86
C ILE B 303 -10.31 21.81 -15.69
N ARG B 304 -10.72 22.60 -16.69
CA ARG B 304 -11.77 22.18 -17.62
C ARG B 304 -11.46 20.81 -18.21
N ARG B 305 -10.22 20.62 -18.66
CA ARG B 305 -9.88 19.34 -19.27
C ARG B 305 -9.94 18.21 -18.25
N THR B 306 -9.33 18.41 -17.07
CA THR B 306 -9.42 17.44 -15.99
C THR B 306 -10.86 17.06 -15.72
N HIS B 307 -11.76 18.04 -15.65
CA HIS B 307 -13.16 17.75 -15.36
C HIS B 307 -13.79 16.90 -16.45
N ASN B 308 -13.42 17.15 -17.72
CA ASN B 308 -14.00 16.43 -18.85
C ASN B 308 -15.48 16.73 -19.04
N GLY B 309 -15.86 17.99 -19.18
CA GLY B 309 -17.27 18.30 -19.45
C GLY B 309 -17.62 18.38 -20.92
N GLU B 310 -16.89 19.16 -21.63
CA GLU B 310 -17.22 19.30 -22.98
C GLU B 310 -16.97 18.23 -23.95
N SER B 311 -15.89 17.52 -23.88
CA SER B 311 -15.66 16.46 -24.80
C SER B 311 -14.42 15.71 -24.46
N VAL B 312 -14.32 14.53 -25.02
CA VAL B 312 -13.23 13.64 -24.78
C VAL B 312 -12.02 14.01 -25.54
N SER B 313 -12.23 14.71 -26.62
CA SER B 313 -11.16 15.06 -27.48
C SER B 313 -11.05 16.52 -27.42
N TYR B 314 -10.82 17.01 -26.22
CA TYR B 314 -10.64 18.38 -25.97
C TYR B 314 -9.19 18.43 -25.89
N LEU B 315 -8.64 19.25 -26.72
CA LEU B 315 -7.21 19.44 -26.86
C LEU B 315 -6.78 20.74 -26.18
N PHE B 316 -5.96 20.61 -25.14
CA PHE B 316 -5.49 21.78 -24.42
C PHE B 316 -4.70 22.74 -25.31
N SER B 317 -4.09 22.24 -26.38
CA SER B 317 -3.20 23.01 -27.24
C SER B 317 -3.91 23.83 -28.32
N HIS B 318 -5.24 23.76 -28.42
CA HIS B 318 -6.00 24.53 -29.43
C HIS B 318 -6.57 25.82 -28.90
N VAL B 319 -6.72 25.94 -27.59
CA VAL B 319 -7.47 27.07 -27.01
C VAL B 319 -6.65 28.34 -27.18
N PRO B 320 -7.25 29.45 -27.66
CA PRO B 320 -6.49 30.70 -27.82
C PRO B 320 -5.95 31.23 -26.49
N LEU B 321 -4.99 32.14 -26.60
CA LEU B 321 -4.38 32.76 -25.43
C LEU B 321 -4.42 34.29 -25.54
N PRO C 2 24.50 -0.56 20.74
CA PRO C 2 25.43 0.54 20.95
C PRO C 2 25.22 1.49 19.78
N ASN C 3 23.97 1.63 19.37
CA ASN C 3 23.68 2.47 18.19
C ASN C 3 22.60 3.49 18.49
N ILE C 4 22.48 3.98 19.70
CA ILE C 4 21.46 5.03 19.86
C ILE C 4 21.84 6.38 19.47
N LYS C 5 20.94 7.16 18.89
CA LYS C 5 21.23 8.57 18.58
C LYS C 5 20.00 9.41 18.91
N ILE C 6 20.15 10.52 19.61
CA ILE C 6 19.04 11.44 19.86
C ILE C 6 19.29 12.74 19.11
N PHE C 7 18.26 13.27 18.49
CA PHE C 7 18.36 14.52 17.76
C PHE C 7 17.26 15.46 18.24
N SER C 8 17.51 16.76 18.14
CA SER C 8 16.47 17.67 18.56
C SER C 8 15.95 18.50 17.42
N GLY C 9 14.67 18.82 17.51
CA GLY C 9 14.03 19.74 16.60
C GLY C 9 14.26 21.14 17.07
N SER C 10 13.60 22.09 16.51
CA SER C 10 13.74 23.40 17.02
C SER C 10 12.77 23.74 18.10
N SER C 11 11.77 22.94 18.27
CA SER C 11 10.70 23.17 19.18
C SER C 11 10.96 23.19 20.58
N HIS C 12 11.73 22.26 21.04
CA HIS C 12 12.09 22.25 22.39
C HIS C 12 13.38 21.62 22.41
N GLN C 13 14.36 22.33 22.87
CA GLN C 13 15.63 21.82 22.96
C GLN C 13 16.04 21.57 24.38
N ASP C 14 15.34 22.10 25.35
CA ASP C 14 15.74 21.90 26.74
C ASP C 14 15.52 20.45 27.12
N LEU C 15 14.30 19.99 26.87
CA LEU C 15 13.93 18.61 27.13
C LEU C 15 14.79 17.66 26.34
N SER C 16 15.03 17.95 25.06
CA SER C 16 15.89 17.06 24.30
C SER C 16 17.25 16.89 24.99
N GLN C 17 17.77 17.99 25.55
CA GLN C 17 19.01 17.91 26.31
C GLN C 17 18.80 17.11 27.59
N LYS C 18 17.70 17.36 28.32
CA LYS C 18 17.43 16.63 29.56
C LYS C 18 17.38 15.12 29.34
N ILE C 19 16.69 14.69 28.28
CA ILE C 19 16.58 13.29 27.88
C ILE C 19 17.95 12.73 27.56
N ALA C 20 18.71 13.46 26.75
CA ALA C 20 20.05 12.99 26.40
C ALA C 20 20.95 12.86 27.62
N ASP C 21 20.82 13.78 28.57
CA ASP C 21 21.53 13.70 29.85
C ASP C 21 21.17 12.43 30.58
N ARG C 22 19.88 12.13 30.70
CA ARG C 22 19.47 10.97 31.46
C ARG C 22 19.99 9.68 30.86
N LEU C 23 20.37 9.69 29.56
CA LEU C 23 20.87 8.51 28.86
C LEU C 23 22.38 8.55 28.65
N GLY C 24 23.06 9.56 29.15
CA GLY C 24 24.48 9.59 29.00
C GLY C 24 24.90 9.88 27.59
N LEU C 25 24.13 10.69 26.87
CA LEU C 25 24.39 10.91 25.46
C LEU C 25 24.48 12.40 25.16
N GLU C 26 25.22 12.72 24.12
CA GLU C 26 25.16 14.06 23.53
C GLU C 26 24.14 14.07 22.41
N LEU C 27 23.48 15.21 22.26
CA LEU C 27 22.59 15.36 21.12
C LEU C 27 23.35 15.23 19.80
N GLY C 28 22.74 14.51 18.86
CA GLY C 28 23.27 14.42 17.52
C GLY C 28 23.36 15.79 16.85
N LYS C 29 24.38 15.95 15.98
CA LYS C 29 24.57 17.21 15.27
C LYS C 29 23.63 17.34 14.07
N VAL C 30 22.84 18.43 14.04
CA VAL C 30 21.86 18.71 12.98
C VAL C 30 21.69 20.23 12.89
N VAL C 31 21.59 20.75 11.66
CA VAL C 31 21.29 22.15 11.37
C VAL C 31 19.81 22.27 11.03
N THR C 32 19.05 22.94 11.87
CA THR C 32 17.61 23.12 11.64
C THR C 32 17.18 24.59 11.49
N LYS C 33 16.97 25.05 10.26
CA LYS C 33 16.64 26.46 10.06
C LYS C 33 15.47 26.61 9.08
N LYS C 34 15.18 27.85 8.70
CA LYS C 34 14.27 28.17 7.61
C LYS C 34 15.02 29.03 6.61
N PHE C 35 14.84 28.76 5.32
CA PHE C 35 15.35 29.63 4.25
C PHE C 35 14.61 30.98 4.24
N SER C 36 15.14 31.90 3.43
CA SER C 36 14.58 33.25 3.28
C SER C 36 13.11 33.19 2.92
N ASN C 37 12.76 32.26 2.03
CA ASN C 37 11.43 32.09 1.51
C ASN C 37 10.50 31.22 2.37
N GLN C 38 10.87 30.91 3.63
CA GLN C 38 10.06 30.21 4.65
C GLN C 38 10.13 28.69 4.56
N GLU C 39 10.80 28.10 3.56
CA GLU C 39 10.93 26.65 3.52
C GLU C 39 11.86 26.08 4.60
N THR C 40 11.42 25.01 5.28
CA THR C 40 12.26 24.43 6.32
C THR C 40 13.48 23.72 5.72
N CYS C 41 14.66 24.09 6.21
CA CYS C 41 15.94 23.49 5.87
C CYS C 41 16.36 22.56 7.01
N VAL C 42 16.71 21.31 6.67
CA VAL C 42 17.23 20.35 7.64
C VAL C 42 18.48 19.75 7.03
N GLU C 43 19.55 19.63 7.85
CA GLU C 43 20.79 18.97 7.43
C GLU C 43 21.29 18.10 8.57
N ILE C 44 21.29 16.79 8.35
CA ILE C 44 21.81 15.88 9.37
C ILE C 44 23.34 16.00 9.32
N GLY C 45 23.93 16.53 10.36
CA GLY C 45 25.34 16.88 10.48
C GLY C 45 26.27 15.73 10.82
N GLU C 46 25.71 14.53 10.97
CA GLU C 46 26.45 13.35 11.35
C GLU C 46 25.83 12.11 10.71
N SER C 47 26.61 11.03 10.63
CA SER C 47 26.10 9.77 10.10
C SER C 47 25.03 9.14 10.97
N VAL C 48 23.92 8.70 10.34
CA VAL C 48 22.90 7.95 11.06
C VAL C 48 22.76 6.55 10.48
N ARG C 49 23.62 6.18 9.54
CA ARG C 49 23.56 4.88 8.88
C ARG C 49 23.59 3.70 9.86
N GLY C 50 22.51 2.91 9.87
CA GLY C 50 22.41 1.73 10.71
C GLY C 50 22.08 1.98 12.16
N GLU C 51 21.70 3.19 12.51
CA GLU C 51 21.43 3.57 13.89
C GLU C 51 19.96 3.66 14.26
N ASP C 52 19.74 3.53 15.56
CA ASP C 52 18.44 3.68 16.20
C ASP C 52 18.28 5.14 16.58
N VAL C 53 17.52 5.86 15.75
CA VAL C 53 17.43 7.31 15.80
C VAL C 53 16.16 7.70 16.54
N TYR C 54 16.30 8.66 17.42
CA TYR C 54 15.18 9.22 18.14
C TYR C 54 15.19 10.71 17.88
N ILE C 55 14.14 11.22 17.29
CA ILE C 55 14.01 12.65 17.05
C ILE C 55 13.01 13.18 18.05
N VAL C 56 13.43 14.10 18.89
CA VAL C 56 12.54 14.71 19.86
C VAL C 56 11.98 16.02 19.32
N GLN C 57 10.66 16.10 19.13
CA GLN C 57 10.05 17.32 18.64
C GLN C 57 8.65 17.37 19.22
N SER C 58 8.27 18.53 19.72
CA SER C 58 6.98 18.66 20.36
C SER C 58 6.11 19.47 19.41
N GLY C 59 4.83 19.60 19.69
CA GLY C 59 4.11 20.43 18.75
C GLY C 59 3.46 21.62 19.43
N CYS C 60 4.32 22.58 19.43
CA CYS C 60 4.18 23.88 19.96
C CYS C 60 4.90 24.87 19.12
N GLY C 61 4.81 26.12 19.51
CA GLY C 61 5.39 27.18 18.74
C GLY C 61 4.68 27.24 17.46
N GLU C 62 5.37 27.36 16.34
CA GLU C 62 4.67 27.44 15.08
C GLU C 62 4.59 26.01 14.82
N ILE C 63 3.41 25.43 14.99
CA ILE C 63 3.28 23.95 14.91
C ILE C 63 3.64 23.48 13.55
N ASN C 64 3.17 24.19 12.55
CA ASN C 64 3.42 23.77 11.21
C ASN C 64 4.87 23.80 10.78
N ASP C 65 5.66 24.78 11.12
CA ASP C 65 7.10 24.72 10.83
C ASP C 65 7.79 23.58 11.56
N ASN C 66 7.48 23.40 12.84
CA ASN C 66 8.06 22.31 13.62
C ASN C 66 7.66 20.92 13.11
N LEU C 67 6.39 20.74 12.76
CA LEU C 67 5.91 19.50 12.18
C LEU C 67 6.59 19.19 10.86
N MET C 68 6.65 20.16 9.94
CA MET C 68 7.34 19.95 8.67
C MET C 68 8.82 19.61 8.90
N GLU C 69 9.45 20.31 9.83
CA GLU C 69 10.83 20.03 10.20
C GLU C 69 11.01 18.59 10.67
N LEU C 70 10.10 18.14 11.54
CA LEU C 70 10.10 16.77 12.04
C LEU C 70 9.97 15.77 10.92
N LEU C 71 9.05 16.02 9.99
CA LEU C 71 8.79 15.09 8.91
C LEU C 71 10.01 14.97 8.00
N ILE C 72 10.67 16.11 7.75
CA ILE C 72 11.86 16.07 6.89
C ILE C 72 12.99 15.32 7.60
N MET C 73 13.14 15.54 8.91
CA MET C 73 14.15 14.80 9.65
C MET C 73 13.93 13.30 9.64
N ILE C 74 12.71 12.86 9.97
CA ILE C 74 12.39 11.43 9.89
C ILE C 74 12.69 10.84 8.52
N ASN C 75 12.18 11.48 7.45
CA ASN C 75 12.37 10.94 6.11
C ASN C 75 13.85 10.89 5.74
N ALA C 76 14.57 12.00 5.99
CA ALA C 76 16.00 12.07 5.71
C ALA C 76 16.78 10.97 6.43
N CYS C 77 16.46 10.71 7.70
CA CYS C 77 17.12 9.61 8.42
C CYS C 77 16.78 8.27 7.81
N LYS C 78 15.53 8.07 7.43
CA LYS C 78 15.13 6.79 6.85
C LYS C 78 15.85 6.54 5.53
N ILE C 79 15.99 7.59 4.70
CA ILE C 79 16.69 7.48 3.42
C ILE C 79 18.18 7.49 3.61
N ALA C 80 18.65 7.82 4.82
CA ALA C 80 20.06 7.67 5.14
C ALA C 80 20.34 6.34 5.80
N SER C 81 19.39 5.42 5.65
CA SER C 81 19.55 4.03 5.97
C SER C 81 19.70 3.80 7.47
N ALA C 82 19.09 4.66 8.29
CA ALA C 82 18.95 4.39 9.71
C ALA C 82 18.22 3.08 9.95
N SER C 83 18.61 2.34 10.98
CA SER C 83 17.95 1.07 11.30
C SER C 83 16.51 1.33 11.77
N ARG C 84 16.28 2.39 12.55
CA ARG C 84 14.97 2.71 13.10
C ARG C 84 14.87 4.21 13.34
N VAL C 85 13.70 4.78 13.05
CA VAL C 85 13.47 6.18 13.33
C VAL C 85 12.24 6.24 14.20
N THR C 86 12.39 6.79 15.39
CA THR C 86 11.30 6.95 16.34
C THR C 86 11.02 8.44 16.45
N ALA C 87 9.76 8.81 16.36
CA ALA C 87 9.35 10.18 16.59
C ALA C 87 8.93 10.31 18.04
N VAL C 88 9.61 11.16 18.78
CA VAL C 88 9.31 11.42 20.17
C VAL C 88 8.59 12.75 20.21
N ILE C 89 7.29 12.69 20.46
CA ILE C 89 6.44 13.87 20.32
C ILE C 89 5.72 14.09 21.64
N PRO C 90 6.34 14.82 22.58
CA PRO C 90 5.73 15.00 23.91
C PRO C 90 4.30 15.48 23.86
N CYS C 91 4.05 16.54 23.10
CA CYS C 91 2.70 17.05 22.88
C CYS C 91 2.27 16.86 21.43
N PHE C 92 1.36 15.93 21.21
CA PHE C 92 0.93 15.61 19.88
C PHE C 92 0.09 16.73 19.25
N PRO C 93 0.53 17.32 18.15
CA PRO C 93 -0.24 18.38 17.50
C PRO C 93 -1.56 17.88 16.89
N TYR C 94 -2.58 18.69 16.97
CA TYR C 94 -3.82 18.45 16.30
C TYR C 94 -4.78 17.50 16.87
N ALA C 95 -4.50 17.01 18.05
CA ALA C 95 -5.38 16.09 18.71
C ALA C 95 -6.76 16.53 19.14
N ARG C 96 -6.93 17.76 19.62
CA ARG C 96 -8.24 18.21 20.05
C ARG C 96 -9.09 18.42 18.86
N GLN C 97 -10.34 18.07 19.00
CA GLN C 97 -11.27 18.16 17.91
C GLN C 97 -12.15 19.33 18.13
N ASP C 98 -12.32 20.17 17.18
CA ASP C 98 -13.09 21.27 17.63
C ASP C 98 -14.17 21.33 16.69
N LYS C 99 -14.97 20.32 16.81
CA LYS C 99 -16.04 20.20 15.93
C LYS C 99 -17.14 20.99 16.46
N LYS C 100 -17.70 21.88 15.64
CA LYS C 100 -19.04 22.35 16.07
C LYS C 100 -19.77 20.99 16.01
N ASP C 101 -20.56 20.63 17.02
CA ASP C 101 -21.02 19.22 17.24
C ASP C 101 -21.86 18.53 16.15
N LYS C 102 -22.78 19.18 15.46
CA LYS C 102 -23.57 18.40 14.49
C LYS C 102 -24.18 17.20 15.05
N VAL C 103 -25.22 17.32 15.84
CA VAL C 103 -25.78 16.20 16.56
C VAL C 103 -26.16 14.91 15.86
N GLY C 104 -26.67 14.89 14.68
CA GLY C 104 -26.92 13.58 14.16
C GLY C 104 -25.84 12.56 14.25
N GLU C 105 -24.64 13.01 14.07
CA GLU C 105 -23.50 12.17 13.96
C GLU C 105 -22.26 12.89 14.32
N SER C 106 -21.13 12.24 14.24
CA SER C 106 -19.92 12.89 14.67
C SER C 106 -18.93 13.09 13.61
N ARG C 107 -18.21 14.25 13.73
CA ARG C 107 -17.12 14.53 12.79
C ARG C 107 -15.93 13.60 13.00
N ALA C 108 -15.06 13.57 11.99
CA ALA C 108 -14.03 12.58 12.12
C ALA C 108 -12.76 13.35 12.45
N PRO C 109 -11.78 12.70 13.08
CA PRO C 109 -10.48 13.35 13.36
C PRO C 109 -9.65 13.44 12.10
N ILE C 110 -10.13 14.25 11.17
CA ILE C 110 -9.32 14.66 10.03
C ILE C 110 -7.92 15.13 10.42
N SER C 111 -7.77 16.27 11.09
CA SER C 111 -6.38 16.73 11.27
C SER C 111 -5.53 15.78 12.11
N ALA C 112 -6.14 15.08 13.08
CA ALA C 112 -5.31 14.16 13.86
C ALA C 112 -4.89 12.93 13.08
N LYS C 113 -5.77 12.44 12.19
CA LYS C 113 -5.43 11.31 11.33
C LYS C 113 -4.44 11.75 10.26
N LEU C 114 -4.63 12.93 9.68
CA LEU C 114 -3.63 13.47 8.76
C LEU C 114 -2.24 13.52 9.37
N VAL C 115 -2.10 14.08 10.58
CA VAL C 115 -0.77 14.13 11.19
C VAL C 115 -0.18 12.75 11.31
N ALA C 116 -0.98 11.80 11.81
CA ALA C 116 -0.52 10.40 11.87
C ALA C 116 -0.08 9.88 10.51
N ASN C 117 -0.88 10.14 9.48
CA ASN C 117 -0.53 9.68 8.14
C ASN C 117 0.74 10.32 7.61
N MET C 118 0.96 11.59 7.91
CA MET C 118 2.17 12.22 7.45
C MET C 118 3.38 11.64 8.16
N LEU C 119 3.26 11.43 9.48
CA LEU C 119 4.37 10.82 10.20
C LEU C 119 4.70 9.43 9.64
N SER C 120 3.68 8.63 9.35
CA SER C 120 3.90 7.29 8.80
C SER C 120 4.55 7.32 7.43
N VAL C 121 4.00 8.13 6.52
CA VAL C 121 4.54 8.23 5.16
C VAL C 121 5.91 8.86 5.14
N ALA C 122 6.20 9.74 6.09
CA ALA C 122 7.55 10.28 6.21
C ALA C 122 8.52 9.17 6.54
N GLY C 123 8.06 8.12 7.25
CA GLY C 123 8.88 6.97 7.52
C GLY C 123 9.13 6.66 8.97
N ALA C 124 8.33 7.23 9.86
CA ALA C 124 8.39 6.90 11.28
C ALA C 124 8.07 5.43 11.54
N ASP C 125 8.89 4.80 12.36
CA ASP C 125 8.71 3.41 12.71
C ASP C 125 8.05 3.25 14.05
N HIS C 126 7.99 4.32 14.83
CA HIS C 126 7.55 4.18 16.20
C HIS C 126 7.28 5.61 16.70
N ILE C 127 6.26 5.79 17.55
CA ILE C 127 5.95 7.09 18.15
C ILE C 127 6.05 6.97 19.67
N ILE C 128 6.76 7.90 20.31
CA ILE C 128 6.66 8.08 21.76
C ILE C 128 6.03 9.43 22.06
N THR C 129 4.94 9.43 22.82
CA THR C 129 4.22 10.66 23.11
C THR C 129 3.72 10.59 24.56
N MET C 130 3.21 11.70 25.08
CA MET C 130 2.67 11.71 26.43
C MET C 130 1.26 12.30 26.49
N ASP C 131 0.36 11.59 27.18
CA ASP C 131 -1.05 11.93 27.42
C ASP C 131 -1.73 12.50 26.17
N LEU C 132 -1.83 11.65 25.14
CA LEU C 132 -2.64 11.95 23.95
C LEU C 132 -4.01 12.45 24.37
N HIS C 133 -4.50 13.51 23.71
CA HIS C 133 -5.82 14.04 24.06
C HIS C 133 -6.88 12.93 24.10
N ALA C 134 -6.87 12.02 23.12
CA ALA C 134 -7.66 10.79 23.21
C ALA C 134 -6.70 9.65 22.92
N SER C 135 -6.67 8.66 23.81
CA SER C 135 -5.78 7.51 23.66
C SER C 135 -6.03 6.71 22.37
N GLN C 136 -7.22 6.80 21.80
CA GLN C 136 -7.51 6.10 20.54
C GLN C 136 -6.64 6.60 19.39
N ILE C 137 -6.07 7.81 19.51
CA ILE C 137 -5.16 8.30 18.48
C ILE C 137 -4.01 7.33 18.30
N GLN C 138 -3.68 6.57 19.35
CA GLN C 138 -2.68 5.51 19.24
C GLN C 138 -2.96 4.58 18.06
N GLY C 139 -4.23 4.24 17.83
CA GLY C 139 -4.70 3.40 16.73
C GLY C 139 -4.83 4.04 15.37
N PHE C 140 -4.47 5.30 15.23
CA PHE C 140 -4.40 5.96 13.93
C PHE C 140 -3.14 5.56 13.16
N PHE C 141 -2.26 4.82 13.79
CA PHE C 141 -1.02 4.32 13.20
C PHE C 141 -1.09 2.82 13.03
N ASP C 142 -0.16 2.28 12.23
CA ASP C 142 0.04 0.84 12.22
C ASP C 142 1.35 0.44 12.91
N ILE C 143 2.25 1.39 13.10
CA ILE C 143 3.47 1.28 13.89
C ILE C 143 3.11 1.40 15.36
N PRO C 144 3.92 0.87 16.26
CA PRO C 144 3.65 1.05 17.69
C PRO C 144 3.70 2.52 18.09
N VAL C 145 2.75 2.93 18.95
CA VAL C 145 2.72 4.23 19.61
C VAL C 145 2.71 3.96 21.09
N ASP C 146 3.60 4.63 21.84
CA ASP C 146 3.56 4.63 23.30
C ASP C 146 2.95 5.93 23.79
N ASN C 147 1.79 5.84 24.43
CA ASN C 147 1.12 7.03 24.97
C ASN C 147 1.43 6.95 26.47
N LEU C 148 2.48 7.67 26.88
CA LEU C 148 2.93 7.70 28.28
C LEU C 148 2.07 8.64 29.13
N TYR C 149 2.01 8.36 30.43
CA TYR C 149 1.22 9.20 31.32
C TYR C 149 2.10 9.96 32.29
N ALA C 150 1.71 11.21 32.48
CA ALA C 150 2.28 12.11 33.46
C ALA C 150 1.68 11.86 34.83
N GLU C 151 0.63 11.05 34.88
CA GLU C 151 -0.08 10.77 36.13
C GLU C 151 0.90 10.40 37.25
N PRO C 152 1.83 9.44 37.08
CA PRO C 152 2.72 9.13 38.22
C PRO C 152 3.51 10.33 38.74
N ALA C 153 3.98 11.20 37.83
CA ALA C 153 4.70 12.38 38.27
C ALA C 153 3.76 13.39 38.93
N VAL C 154 2.50 13.45 38.48
CA VAL C 154 1.50 14.32 39.09
C VAL C 154 1.14 13.82 40.48
N LEU C 155 0.90 12.51 40.62
CA LEU C 155 0.70 11.92 41.95
C LEU C 155 1.84 12.27 42.89
N LYS C 156 3.07 12.05 42.46
CA LYS C 156 4.19 12.40 43.33
C LYS C 156 4.15 13.88 43.68
N TRP C 157 4.02 14.75 42.69
CA TRP C 157 3.98 16.18 42.97
C TRP C 157 2.89 16.54 43.97
N ILE C 158 1.70 15.96 43.81
CA ILE C 158 0.61 16.22 44.75
C ILE C 158 1.02 15.85 46.17
N ARG C 159 1.44 14.59 46.36
CA ARG C 159 1.84 14.19 47.71
C ARG C 159 2.95 15.07 48.30
N GLU C 160 3.92 15.55 47.49
CA GLU C 160 5.05 16.27 48.08
C GLU C 160 4.77 17.75 48.32
N ASN C 161 3.85 18.38 47.59
CA ASN C 161 3.69 19.83 47.62
C ASN C 161 2.34 20.35 48.13
N ILE C 162 1.30 19.52 48.19
CA ILE C 162 0.00 19.96 48.68
C ILE C 162 -0.18 19.26 50.02
N SER C 163 0.07 20.01 51.09
CA SER C 163 0.11 19.44 52.44
C SER C 163 -1.14 18.63 52.78
N GLU C 164 -2.30 19.17 52.42
CA GLU C 164 -3.62 18.61 52.73
C GLU C 164 -4.09 17.58 51.71
N TRP C 165 -3.14 17.04 50.97
CA TRP C 165 -3.53 16.20 49.84
C TRP C 165 -4.34 15.04 50.34
N ARG C 166 -4.15 14.63 51.59
CA ARG C 166 -4.88 13.46 52.13
C ARG C 166 -6.37 13.71 52.10
N ASN C 167 -6.82 14.94 52.33
CA ASN C 167 -8.24 15.30 52.24
C ASN C 167 -8.41 15.86 50.85
N CYS C 168 -8.70 17.12 50.68
CA CYS C 168 -8.72 17.55 49.27
C CYS C 168 -9.85 16.93 48.42
N THR C 169 -9.82 17.21 47.11
CA THR C 169 -10.84 16.86 46.13
C THR C 169 -10.43 17.27 44.71
N ILE C 170 -10.61 16.34 43.76
CA ILE C 170 -10.09 16.44 42.40
C ILE C 170 -11.23 16.84 41.47
N VAL C 171 -11.14 18.01 40.85
CA VAL C 171 -12.21 18.59 40.06
C VAL C 171 -11.86 18.53 38.56
N SER C 172 -12.88 18.14 37.71
CA SER C 172 -12.74 18.16 36.25
C SER C 172 -13.32 19.44 35.68
N PRO C 173 -12.56 20.15 34.84
CA PRO C 173 -13.07 21.42 34.27
C PRO C 173 -14.26 21.28 33.36
N ASP C 174 -14.49 20.13 32.77
CA ASP C 174 -15.63 19.93 31.89
C ASP C 174 -16.06 18.48 32.03
N ALA C 175 -17.16 18.14 31.34
CA ALA C 175 -17.65 16.77 31.37
C ALA C 175 -16.63 15.77 30.82
N GLY C 176 -15.94 16.13 29.74
CA GLY C 176 -15.02 15.18 29.11
C GLY C 176 -13.91 14.71 30.02
N GLY C 177 -13.41 15.56 30.91
CA GLY C 177 -12.29 15.09 31.70
C GLY C 177 -12.65 14.28 32.93
N ALA C 178 -13.91 13.82 33.01
CA ALA C 178 -14.35 13.05 34.18
C ALA C 178 -13.45 11.86 34.44
N LYS C 179 -13.20 11.06 33.41
CA LYS C 179 -12.47 9.83 33.66
C LYS C 179 -11.05 10.12 34.11
N ARG C 180 -10.44 11.19 33.58
CA ARG C 180 -9.10 11.55 34.04
C ARG C 180 -9.05 11.94 35.53
N VAL C 181 -10.02 12.72 36.03
CA VAL C 181 -9.91 13.16 37.42
C VAL C 181 -10.32 12.03 38.34
N THR C 182 -11.26 11.23 37.89
CA THR C 182 -11.67 10.08 38.66
C THR C 182 -10.50 9.12 38.81
N SER C 183 -9.64 9.04 37.79
CA SER C 183 -8.42 8.23 37.91
C SER C 183 -7.48 8.71 39.01
N ILE C 184 -7.23 10.01 39.09
CA ILE C 184 -6.27 10.49 40.09
C ILE C 184 -6.82 10.40 41.49
N ALA C 185 -8.09 10.72 41.64
CA ALA C 185 -8.70 10.60 42.96
C ALA C 185 -8.67 9.17 43.46
N ASP C 186 -8.85 8.19 42.56
CA ASP C 186 -8.79 6.82 43.05
C ASP C 186 -7.38 6.46 43.47
N ARG C 187 -6.38 6.94 42.74
CA ARG C 187 -5.00 6.68 43.10
C ARG C 187 -4.65 7.34 44.44
N LEU C 188 -5.20 8.54 44.70
CA LEU C 188 -4.95 9.26 45.94
C LEU C 188 -5.88 8.93 47.10
N ASN C 189 -6.90 8.09 46.91
CA ASN C 189 -7.94 7.89 47.92
C ASN C 189 -8.65 9.18 48.37
N VAL C 190 -9.11 9.97 47.40
CA VAL C 190 -9.76 11.24 47.69
C VAL C 190 -11.11 11.30 46.95
N ASP C 191 -11.87 12.38 47.19
CA ASP C 191 -13.16 12.65 46.59
C ASP C 191 -12.94 13.28 45.22
N PHE C 192 -13.93 13.18 44.35
CA PHE C 192 -13.89 13.92 43.09
C PHE C 192 -15.18 14.70 42.90
N ALA C 193 -15.09 15.73 42.06
CA ALA C 193 -16.23 16.51 41.62
C ALA C 193 -15.94 16.95 40.21
N LEU C 194 -16.97 17.42 39.56
CA LEU C 194 -16.71 17.91 38.21
C LEU C 194 -17.63 19.06 37.90
N ILE C 195 -17.13 19.99 37.11
CA ILE C 195 -17.78 21.23 36.74
C ILE C 195 -18.23 21.11 35.29
N HIS C 196 -19.39 21.69 34.97
CA HIS C 196 -19.94 21.68 33.62
C HIS C 196 -20.61 23.00 33.24
N LYS C 197 -20.38 23.43 31.99
CA LYS C 197 -21.05 24.61 31.38
C LYS C 197 -20.41 25.95 31.70
N MET C 208 -22.28 28.17 34.68
CA MET C 208 -21.54 27.01 35.21
C MET C 208 -22.19 26.36 36.42
N VAL C 209 -22.19 25.03 36.38
CA VAL C 209 -22.74 24.15 37.40
C VAL C 209 -21.63 23.30 38.00
N LEU C 210 -21.71 22.96 39.27
CA LEU C 210 -20.74 22.10 39.90
C LEU C 210 -21.41 20.95 40.48
N VAL C 211 -20.84 19.79 40.34
CA VAL C 211 -21.45 18.63 40.85
C VAL C 211 -20.41 18.00 41.66
N GLY C 212 -20.62 17.91 42.94
CA GLY C 212 -19.64 17.37 43.85
C GLY C 212 -19.50 18.19 45.10
N ASP C 213 -18.48 17.94 45.88
CA ASP C 213 -18.33 18.66 47.13
C ASP C 213 -17.02 19.35 47.43
N VAL C 214 -16.82 20.54 46.92
CA VAL C 214 -15.62 21.25 47.23
C VAL C 214 -15.43 21.70 48.64
N LYS C 215 -16.47 22.09 49.37
CA LYS C 215 -16.35 22.34 50.81
C LYS C 215 -15.30 23.32 51.25
N ASP C 216 -14.52 22.95 52.24
CA ASP C 216 -13.47 23.71 52.82
C ASP C 216 -12.37 22.70 52.86
N ARG C 217 -11.92 22.43 51.67
CA ARG C 217 -10.93 21.49 51.25
C ARG C 217 -10.22 22.07 50.01
N VAL C 218 -9.02 21.61 49.73
CA VAL C 218 -8.26 22.02 48.55
C VAL C 218 -8.83 21.38 47.29
N ALA C 219 -9.12 22.20 46.28
CA ALA C 219 -9.65 21.72 45.01
C ALA C 219 -8.53 21.76 43.97
N ILE C 220 -8.30 20.61 43.32
CA ILE C 220 -7.29 20.49 42.27
C ILE C 220 -7.99 20.25 40.93
N LEU C 221 -7.97 21.28 40.09
CA LEU C 221 -8.43 21.17 38.71
C LEU C 221 -7.40 20.38 37.91
N VAL C 222 -7.81 19.25 37.33
CA VAL C 222 -6.95 18.43 36.50
C VAL C 222 -7.55 18.29 35.11
N ASP C 223 -6.71 18.48 34.09
CA ASP C 223 -7.09 18.34 32.68
C ASP C 223 -5.81 18.00 31.92
N ASP C 224 -5.99 17.51 30.70
CA ASP C 224 -4.82 17.14 29.91
C ASP C 224 -4.04 18.35 29.35
N MET C 225 -4.69 19.49 29.14
CA MET C 225 -3.97 20.59 28.51
C MET C 225 -4.69 21.90 28.77
N ALA C 226 -3.93 23.00 28.74
CA ALA C 226 -4.55 24.32 28.81
C ALA C 226 -4.03 25.24 27.73
N ASP C 227 -4.94 25.69 26.88
CA ASP C 227 -4.61 26.56 25.76
C ASP C 227 -4.90 27.99 26.17
N THR C 228 -6.08 28.49 25.84
CA THR C 228 -6.48 29.84 26.20
C THR C 228 -6.86 29.97 27.65
N CYS C 229 -7.06 28.87 28.35
CA CYS C 229 -7.36 28.86 29.78
C CYS C 229 -8.69 29.49 30.17
N GLY C 230 -9.64 29.67 29.26
CA GLY C 230 -10.92 30.24 29.68
C GLY C 230 -11.69 29.29 30.58
N THR C 231 -11.75 28.02 30.19
CA THR C 231 -12.41 27.01 31.00
C THR C 231 -11.78 26.83 32.38
N ILE C 232 -10.46 26.63 32.46
CA ILE C 232 -9.86 26.38 33.80
C ILE C 232 -10.03 27.57 34.72
N CYS C 233 -10.02 28.79 34.19
CA CYS C 233 -10.17 29.97 35.04
C CYS C 233 -11.61 30.16 35.50
N HIS C 234 -12.60 29.88 34.64
CA HIS C 234 -13.97 29.96 35.12
C HIS C 234 -14.25 28.86 36.14
N ALA C 235 -13.75 27.64 35.91
CA ALA C 235 -13.89 26.58 36.90
C ALA C 235 -13.26 26.96 38.24
N ALA C 236 -12.09 27.61 38.21
CA ALA C 236 -11.47 28.05 39.45
C ALA C 236 -12.33 29.07 40.19
N ASP C 237 -12.95 30.01 39.44
CA ASP C 237 -13.87 30.95 40.08
C ASP C 237 -15.02 30.23 40.75
N LYS C 238 -15.64 29.26 40.05
CA LYS C 238 -16.77 28.55 40.63
C LYS C 238 -16.32 27.78 41.87
N LEU C 239 -15.10 27.23 41.83
CA LEU C 239 -14.54 26.57 43.00
C LEU C 239 -14.34 27.54 44.17
N LEU C 240 -14.02 28.81 43.88
CA LEU C 240 -13.95 29.78 44.97
C LEU C 240 -15.31 30.08 45.58
N SER C 241 -16.35 30.25 44.73
CA SER C 241 -17.70 30.48 45.25
C SER C 241 -18.23 29.31 46.07
N ALA C 242 -17.75 28.10 45.85
CA ALA C 242 -18.21 26.95 46.61
C ALA C 242 -17.42 26.76 47.88
N GLY C 243 -16.50 27.66 48.17
CA GLY C 243 -15.81 27.63 49.43
C GLY C 243 -14.61 26.73 49.51
N ALA C 244 -13.97 26.46 48.39
CA ALA C 244 -12.72 25.70 48.43
C ALA C 244 -11.60 26.54 49.05
N THR C 245 -10.83 25.92 49.95
CA THR C 245 -9.76 26.62 50.64
C THR C 245 -8.81 27.24 49.61
N ARG C 246 -8.18 26.42 48.77
CA ARG C 246 -7.33 26.93 47.70
C ARG C 246 -7.55 26.08 46.46
N VAL C 247 -7.43 26.70 45.28
CA VAL C 247 -7.63 26.00 44.00
C VAL C 247 -6.30 25.89 43.24
N TYR C 248 -5.99 24.69 42.80
CA TYR C 248 -4.85 24.38 41.94
C TYR C 248 -5.33 23.93 40.56
N ALA C 249 -4.48 24.09 39.55
CA ALA C 249 -4.68 23.58 38.20
C ALA C 249 -3.45 22.78 37.81
N ILE C 250 -3.62 21.51 37.43
CA ILE C 250 -2.52 20.66 37.00
C ILE C 250 -2.82 20.13 35.60
N LEU C 251 -1.99 20.48 34.62
CA LEU C 251 -2.15 20.12 33.20
C LEU C 251 -0.85 19.52 32.64
N THR C 252 -0.97 18.47 31.83
CA THR C 252 0.23 17.94 31.18
C THR C 252 0.78 18.88 30.10
N HIS C 253 -0.06 19.37 29.24
CA HIS C 253 0.40 20.26 28.18
C HIS C 253 0.03 21.70 28.44
N GLY C 254 1.06 22.51 28.70
CA GLY C 254 0.81 23.90 28.93
C GLY C 254 1.08 24.72 27.68
N ILE C 255 0.07 24.80 26.80
CA ILE C 255 0.23 25.57 25.58
C ILE C 255 0.23 27.07 25.88
N PHE C 256 -0.78 27.51 26.66
CA PHE C 256 -0.95 28.89 27.14
C PHE C 256 -0.85 29.92 26.03
N SER C 257 -1.73 29.81 25.04
CA SER C 257 -1.75 30.77 23.95
C SER C 257 -2.80 31.85 24.20
N GLY C 258 -2.63 32.98 23.52
CA GLY C 258 -3.54 34.10 23.58
C GLY C 258 -3.54 34.75 24.95
N PRO C 259 -4.73 34.92 25.53
CA PRO C 259 -4.80 35.63 26.82
C PRO C 259 -4.51 34.75 28.02
N ALA C 260 -4.14 33.49 27.79
CA ALA C 260 -3.99 32.53 28.88
C ALA C 260 -3.14 33.07 30.02
N ILE C 261 -1.96 33.61 29.68
CA ILE C 261 -1.08 34.08 30.73
C ILE C 261 -1.74 35.21 31.49
N SER C 262 -2.34 36.13 30.74
CA SER C 262 -3.04 37.24 31.36
C SER C 262 -4.24 36.78 32.17
N ARG C 263 -4.97 35.78 31.66
CA ARG C 263 -6.11 35.23 32.40
C ARG C 263 -5.68 34.57 33.72
N ILE C 264 -4.60 33.77 33.67
CA ILE C 264 -4.13 33.10 34.89
C ILE C 264 -3.73 34.09 35.98
N ASN C 265 -2.96 35.12 35.62
CA ASN C 265 -2.62 36.14 36.61
C ASN C 265 -3.85 36.76 37.25
N ASN C 266 -4.91 37.01 36.48
CA ASN C 266 -6.13 37.54 37.10
C ASN C 266 -6.90 36.51 37.92
N ALA C 267 -6.72 35.23 37.63
CA ALA C 267 -7.45 34.17 38.31
C ALA C 267 -6.89 33.88 39.70
N CYS C 268 -7.64 33.07 40.42
CA CYS C 268 -7.39 32.79 41.82
C CYS C 268 -6.52 31.55 42.09
N PHE C 269 -5.86 31.00 41.08
CA PHE C 269 -5.05 29.79 41.26
C PHE C 269 -3.93 30.00 42.28
N GLU C 270 -3.77 29.06 43.20
CA GLU C 270 -2.60 29.10 44.08
C GLU C 270 -1.34 28.78 43.27
N ALA C 271 -1.48 27.85 42.33
CA ALA C 271 -0.42 27.47 41.42
C ALA C 271 -1.03 26.76 40.22
N VAL C 272 -0.40 26.94 39.08
CA VAL C 272 -0.70 26.19 37.87
C VAL C 272 0.50 25.34 37.56
N VAL C 273 0.33 24.03 37.58
CA VAL C 273 1.41 23.09 37.40
C VAL C 273 1.26 22.43 36.03
N VAL C 274 2.34 22.46 35.24
CA VAL C 274 2.37 21.81 33.93
C VAL C 274 3.64 20.98 33.87
N THR C 275 3.69 20.06 32.93
CA THR C 275 4.96 19.38 32.72
C THR C 275 5.79 20.11 31.66
N ASN C 276 7.01 19.60 31.39
CA ASN C 276 7.96 20.17 30.43
C ASN C 276 7.71 19.71 28.97
N THR C 277 6.54 19.13 28.65
CA THR C 277 6.34 18.59 27.30
C THR C 277 6.38 19.73 26.30
N ILE C 278 6.07 20.94 26.74
CA ILE C 278 6.16 22.17 25.95
C ILE C 278 7.07 23.11 26.74
N PRO C 279 7.92 23.91 26.08
CA PRO C 279 8.77 24.89 26.77
C PRO C 279 8.00 25.95 27.56
N GLN C 280 8.44 26.21 28.80
CA GLN C 280 7.75 27.14 29.69
C GLN C 280 8.57 28.36 30.13
N GLU C 281 9.89 28.36 29.94
CA GLU C 281 10.76 29.41 30.45
C GLU C 281 10.28 30.84 30.16
N ASP C 282 9.93 31.13 28.90
CA ASP C 282 9.42 32.46 28.56
C ASP C 282 8.15 32.78 29.32
N LYS C 283 7.27 31.81 29.48
CA LYS C 283 6.00 32.10 30.11
C LYS C 283 6.12 32.13 31.62
N MET C 284 7.05 31.39 32.21
CA MET C 284 7.25 31.51 33.65
C MET C 284 7.79 32.90 33.99
N LYS C 285 8.47 33.58 33.06
CA LYS C 285 8.93 34.95 33.35
C LYS C 285 7.76 35.92 33.48
N HIS C 286 6.65 35.68 32.77
CA HIS C 286 5.47 36.54 32.82
C HIS C 286 4.35 35.97 33.68
N CYS C 287 4.54 34.80 34.28
CA CYS C 287 3.54 34.21 35.18
C CYS C 287 4.26 33.53 36.33
N SER C 288 3.94 33.93 37.55
CA SER C 288 4.64 33.40 38.72
C SER C 288 4.05 32.10 39.23
N LYS C 289 2.80 31.84 38.90
CA LYS C 289 2.13 30.66 39.39
C LYS C 289 2.50 29.38 38.72
N ILE C 290 3.10 29.47 37.56
CA ILE C 290 3.51 28.28 36.82
C ILE C 290 4.69 27.61 37.49
N GLN C 291 4.55 26.31 37.74
CA GLN C 291 5.60 25.40 38.17
C GLN C 291 5.65 24.28 37.13
N VAL C 292 6.82 23.72 36.84
CA VAL C 292 6.90 22.65 35.84
C VAL C 292 7.34 21.35 36.51
N ILE C 293 6.68 20.25 36.13
CA ILE C 293 7.17 18.91 36.47
C ILE C 293 8.04 18.40 35.34
N ASP C 294 9.28 18.06 35.65
CA ASP C 294 10.19 17.45 34.68
C ASP C 294 9.80 15.98 34.43
N ILE C 295 9.55 15.61 33.17
CA ILE C 295 9.15 14.27 32.75
C ILE C 295 10.24 13.61 31.89
N SER C 296 11.45 14.17 31.87
CA SER C 296 12.52 13.59 31.07
C SER C 296 12.79 12.13 31.42
N MET C 297 12.59 11.74 32.67
CA MET C 297 12.83 10.36 33.04
C MET C 297 11.80 9.43 32.42
N ILE C 298 10.52 9.83 32.35
CA ILE C 298 9.54 9.02 31.64
C ILE C 298 9.91 8.85 30.17
N LEU C 299 10.29 9.96 29.50
CA LEU C 299 10.59 9.85 28.08
C LEU C 299 11.89 9.08 27.86
N ALA C 300 12.92 9.43 28.60
CA ALA C 300 14.17 8.69 28.50
C ALA C 300 13.94 7.21 28.77
N GLU C 301 13.08 6.87 29.73
CA GLU C 301 12.86 5.45 30.00
C GLU C 301 12.09 4.76 28.87
N ALA C 302 11.14 5.46 28.23
CA ALA C 302 10.52 4.86 27.05
C ALA C 302 11.52 4.69 25.90
N ILE C 303 12.49 5.60 25.77
CA ILE C 303 13.48 5.46 24.71
C ILE C 303 14.45 4.32 25.02
N ARG C 304 14.95 4.29 26.26
CA ARG C 304 15.74 3.16 26.73
C ARG C 304 15.04 1.84 26.45
N ARG C 305 13.71 1.81 26.61
CA ARG C 305 12.95 0.56 26.48
C ARG C 305 12.69 0.19 25.03
N THR C 306 12.44 1.20 24.20
CA THR C 306 12.33 1.01 22.76
C THR C 306 13.62 0.49 22.18
N HIS C 307 14.76 0.99 22.66
CA HIS C 307 16.02 0.54 22.09
C HIS C 307 16.23 -0.91 22.45
N ASN C 308 15.85 -1.30 23.67
CA ASN C 308 16.01 -2.68 24.14
C ASN C 308 17.47 -3.08 24.22
N GLY C 309 18.27 -2.28 24.92
CA GLY C 309 19.68 -2.59 25.02
C GLY C 309 19.99 -3.43 26.24
N GLU C 310 19.14 -3.28 27.26
CA GLU C 310 19.31 -3.97 28.53
C GLU C 310 18.90 -5.42 28.38
N SER C 311 17.60 -5.64 28.31
CA SER C 311 17.07 -7.02 28.22
C SER C 311 15.61 -7.02 27.79
N VAL C 312 15.10 -8.21 27.51
CA VAL C 312 13.76 -8.47 26.96
C VAL C 312 12.70 -8.12 27.98
N SER C 313 13.09 -8.20 29.22
CA SER C 313 12.19 -8.05 30.31
C SER C 313 12.33 -6.80 31.11
N TYR C 314 12.96 -5.81 30.57
CA TYR C 314 13.08 -4.57 31.25
C TYR C 314 11.70 -4.12 31.35
N LEU C 315 11.20 -3.92 32.55
CA LEU C 315 9.81 -3.46 32.71
C LEU C 315 9.90 -1.99 32.99
N PHE C 316 9.21 -1.14 32.27
CA PHE C 316 9.39 0.32 32.48
C PHE C 316 8.79 0.81 33.78
N SER C 317 8.03 -0.03 34.44
CA SER C 317 7.29 0.39 35.57
C SER C 317 8.11 -0.01 36.75
N HIS C 318 9.23 -0.65 36.56
CA HIS C 318 9.98 -0.96 37.77
C HIS C 318 10.94 0.14 38.17
N VAL C 319 11.25 1.09 37.29
CA VAL C 319 12.22 2.16 37.55
C VAL C 319 11.57 3.32 38.29
N PRO C 320 12.26 3.97 39.25
CA PRO C 320 11.74 5.14 39.96
C PRO C 320 12.39 6.46 39.49
N PRO D 2 -30.00 4.68 -9.97
CA PRO D 2 -31.02 3.60 -10.02
C PRO D 2 -30.42 2.22 -9.66
N ASN D 3 -29.21 2.28 -9.10
CA ASN D 3 -28.39 1.11 -8.81
C ASN D 3 -28.21 0.83 -7.31
N ILE D 4 -29.23 0.90 -6.50
CA ILE D 4 -29.07 0.61 -5.07
C ILE D 4 -29.52 -0.83 -4.79
N LYS D 5 -28.75 -1.53 -3.97
CA LYS D 5 -29.05 -2.90 -3.54
C LYS D 5 -28.77 -3.03 -2.07
N ILE D 6 -29.65 -3.65 -1.30
CA ILE D 6 -29.42 -3.85 0.13
C ILE D 6 -29.38 -5.34 0.43
N PHE D 7 -28.41 -5.77 1.24
CA PHE D 7 -28.30 -7.17 1.59
C PHE D 7 -28.21 -7.33 3.09
N SER D 8 -28.69 -8.46 3.59
CA SER D 8 -28.60 -8.71 5.01
C SER D 8 -27.73 -9.92 5.29
N GLY D 9 -27.08 -9.85 6.37
CA GLY D 9 -26.41 -11.01 6.83
C GLY D 9 -27.30 -11.75 7.76
N SER D 10 -26.76 -12.69 8.45
CA SER D 10 -27.52 -13.46 9.39
C SER D 10 -27.69 -12.86 10.71
N SER D 11 -26.96 -11.82 10.99
CA SER D 11 -27.00 -11.19 12.25
C SER D 11 -28.25 -10.57 12.63
N HIS D 12 -28.81 -9.84 11.73
CA HIS D 12 -30.01 -9.15 12.03
C HIS D 12 -30.82 -8.89 10.85
N GLN D 13 -31.66 -9.82 10.53
CA GLN D 13 -32.56 -9.66 9.48
C GLN D 13 -33.67 -8.69 9.67
N ASP D 14 -34.20 -8.51 10.85
CA ASP D 14 -35.36 -7.63 11.05
C ASP D 14 -35.21 -6.22 10.75
N LEU D 15 -34.13 -5.63 11.14
CA LEU D 15 -33.66 -4.30 10.75
C LEU D 15 -33.35 -4.25 9.28
N SER D 16 -32.67 -5.26 8.76
CA SER D 16 -32.40 -5.21 7.34
C SER D 16 -33.69 -5.06 6.53
N GLN D 17 -34.75 -5.75 6.96
CA GLN D 17 -36.04 -5.60 6.32
C GLN D 17 -36.62 -4.22 6.56
N LYS D 18 -36.56 -3.75 7.81
CA LYS D 18 -37.09 -2.43 8.16
C LYS D 18 -36.45 -1.32 7.33
N ILE D 19 -35.12 -1.38 7.17
CA ILE D 19 -34.39 -0.43 6.35
C ILE D 19 -34.84 -0.50 4.90
N ALA D 20 -34.90 -1.72 4.35
CA ALA D 20 -35.33 -1.86 2.96
C ALA D 20 -36.75 -1.35 2.73
N ASP D 21 -37.65 -1.58 3.70
CA ASP D 21 -39.00 -1.03 3.64
C ASP D 21 -38.96 0.48 3.56
N ARG D 22 -38.15 1.10 4.42
CA ARG D 22 -38.12 2.57 4.44
C ARG D 22 -37.64 3.12 3.11
N LEU D 23 -36.94 2.31 2.32
CA LEU D 23 -36.42 2.73 1.03
C LEU D 23 -37.21 2.17 -0.12
N GLY D 24 -38.27 1.41 0.14
CA GLY D 24 -39.07 0.89 -0.94
C GLY D 24 -38.36 -0.22 -1.67
N LEU D 25 -37.55 -1.00 -1.00
CA LEU D 25 -36.74 -2.00 -1.65
C LEU D 25 -36.94 -3.37 -1.02
N GLU D 26 -36.74 -4.41 -1.80
CA GLU D 26 -36.58 -5.74 -1.26
C GLU D 26 -35.12 -6.06 -1.04
N LEU D 27 -34.85 -6.84 0.00
CA LEU D 27 -33.50 -7.33 0.21
C LEU D 27 -32.99 -8.18 -0.96
N GLY D 28 -31.75 -7.93 -1.34
CA GLY D 28 -31.09 -8.75 -2.34
C GLY D 28 -31.02 -10.21 -1.94
N LYS D 29 -31.06 -11.10 -2.93
CA LYS D 29 -31.00 -12.53 -2.64
C LYS D 29 -29.59 -13.01 -2.36
N VAL D 30 -29.39 -13.65 -1.20
CA VAL D 30 -28.09 -14.18 -0.78
C VAL D 30 -28.35 -15.40 0.09
N VAL D 31 -27.55 -16.43 -0.09
CA VAL D 31 -27.55 -17.63 0.74
C VAL D 31 -26.41 -17.48 1.71
N THR D 32 -26.72 -17.31 2.98
CA THR D 32 -25.73 -17.13 4.03
C THR D 32 -25.79 -18.22 5.12
N LYS D 33 -24.89 -19.20 5.07
CA LYS D 33 -24.91 -20.33 6.01
C LYS D 33 -23.51 -20.66 6.54
N LYS D 34 -23.39 -21.78 7.28
CA LYS D 34 -22.11 -22.39 7.65
C LYS D 34 -22.13 -23.82 7.16
N PHE D 35 -21.00 -24.25 6.58
CA PHE D 35 -20.76 -25.64 6.21
C PHE D 35 -20.60 -26.53 7.45
N SER D 36 -20.56 -27.83 7.16
CA SER D 36 -20.43 -28.84 8.21
C SER D 36 -19.23 -28.57 9.10
N ASN D 37 -18.13 -28.17 8.49
CA ASN D 37 -16.87 -27.93 9.16
C ASN D 37 -16.72 -26.55 9.76
N GLN D 38 -17.79 -25.76 9.87
CA GLN D 38 -17.89 -24.46 10.54
C GLN D 38 -17.47 -23.28 9.67
N GLU D 39 -16.98 -23.53 8.45
CA GLU D 39 -16.62 -22.43 7.56
C GLU D 39 -17.84 -21.65 7.04
N THR D 40 -17.79 -20.32 7.08
CA THR D 40 -18.91 -19.51 6.61
C THR D 40 -19.03 -19.60 5.10
N CYS D 41 -20.22 -19.96 4.62
CA CYS D 41 -20.57 -20.02 3.21
C CYS D 41 -21.42 -18.80 2.83
N VAL D 42 -21.02 -18.08 1.78
CA VAL D 42 -21.80 -16.96 1.26
C VAL D 42 -21.93 -17.11 -0.24
N GLU D 43 -23.15 -16.90 -0.75
CA GLU D 43 -23.37 -16.89 -2.20
C GLU D 43 -24.34 -15.77 -2.54
N ILE D 44 -23.85 -14.79 -3.29
CA ILE D 44 -24.70 -13.69 -3.74
C ILE D 44 -25.58 -14.22 -4.86
N GLY D 45 -26.87 -14.30 -4.63
CA GLY D 45 -27.90 -14.90 -5.46
C GLY D 45 -28.40 -14.03 -6.60
N GLU D 46 -27.82 -12.84 -6.74
CA GLU D 46 -28.22 -11.89 -7.75
C GLU D 46 -27.03 -11.06 -8.20
N SER D 47 -27.16 -10.45 -9.38
CA SER D 47 -26.10 -9.58 -9.89
C SER D 47 -25.89 -8.28 -9.12
N VAL D 48 -24.62 -7.97 -8.81
CA VAL D 48 -24.32 -6.67 -8.21
C VAL D 48 -23.40 -5.84 -9.09
N ARG D 49 -23.10 -6.28 -10.31
CA ARG D 49 -22.20 -5.54 -11.18
C ARG D 49 -22.68 -4.12 -11.41
N GLY D 50 -21.88 -3.13 -11.00
CA GLY D 50 -22.25 -1.74 -11.22
C GLY D 50 -23.27 -1.22 -10.24
N GLU D 51 -23.55 -1.95 -9.17
CA GLU D 51 -24.59 -1.56 -8.25
C GLU D 51 -23.96 -0.93 -7.00
N ASP D 52 -24.73 -0.07 -6.33
CA ASP D 52 -24.34 0.52 -5.05
C ASP D 52 -24.84 -0.40 -3.95
N VAL D 53 -23.92 -1.19 -3.40
CA VAL D 53 -24.30 -2.27 -2.50
C VAL D 53 -24.12 -1.81 -1.08
N TYR D 54 -25.12 -2.10 -0.26
CA TYR D 54 -25.11 -1.85 1.16
C TYR D 54 -25.37 -3.18 1.83
N ILE D 55 -24.45 -3.63 2.67
CA ILE D 55 -24.61 -4.87 3.41
C ILE D 55 -24.91 -4.52 4.85
N VAL D 56 -26.05 -4.95 5.36
CA VAL D 56 -26.40 -4.67 6.75
C VAL D 56 -26.01 -5.85 7.65
N GLN D 57 -25.09 -5.62 8.57
CA GLN D 57 -24.64 -6.64 9.49
C GLN D 57 -24.25 -5.96 10.78
N SER D 58 -24.71 -6.53 11.87
CA SER D 58 -24.51 -5.97 13.19
C SER D 58 -23.41 -6.80 13.84
N GLY D 59 -22.98 -6.39 15.02
CA GLY D 59 -21.94 -7.18 15.63
C GLY D 59 -22.24 -7.83 16.96
N CYS D 60 -23.42 -8.42 16.98
CA CYS D 60 -24.06 -9.11 18.08
C CYS D 60 -23.95 -10.60 17.76
N GLY D 61 -24.63 -11.47 18.53
CA GLY D 61 -24.78 -12.84 18.03
C GLY D 61 -23.40 -13.48 18.08
N GLU D 62 -23.22 -14.57 17.33
CA GLU D 62 -21.87 -15.14 17.39
C GLU D 62 -21.07 -14.13 16.54
N ILE D 63 -20.38 -13.21 17.21
CA ILE D 63 -19.78 -12.08 16.51
C ILE D 63 -18.79 -12.50 15.45
N ASN D 64 -17.93 -13.48 15.74
CA ASN D 64 -16.93 -13.88 14.76
C ASN D 64 -17.53 -14.54 13.52
N ASP D 65 -18.54 -15.39 13.67
CA ASP D 65 -19.20 -15.89 12.47
C ASP D 65 -19.83 -14.77 11.66
N ASN D 66 -20.53 -13.87 12.34
CA ASN D 66 -21.14 -12.74 11.64
C ASN D 66 -20.13 -11.81 10.98
N LEU D 67 -19.05 -11.49 11.69
CA LEU D 67 -17.98 -10.67 11.14
C LEU D 67 -17.33 -11.31 9.92
N MET D 68 -16.95 -12.58 10.02
CA MET D 68 -16.35 -13.27 8.88
C MET D 68 -17.30 -13.30 7.68
N GLU D 69 -18.57 -13.57 7.93
CA GLU D 69 -19.59 -13.55 6.88
C GLU D 69 -19.67 -12.19 6.19
N LEU D 70 -19.66 -11.12 6.98
CA LEU D 70 -19.66 -9.76 6.47
C LEU D 70 -18.46 -9.52 5.57
N LEU D 71 -17.27 -9.96 6.00
CA LEU D 71 -16.08 -9.70 5.22
C LEU D 71 -16.13 -10.44 3.89
N ILE D 72 -16.65 -11.68 3.91
CA ILE D 72 -16.72 -12.44 2.67
C ILE D 72 -17.73 -11.79 1.74
N MET D 73 -18.86 -11.31 2.29
CA MET D 73 -19.83 -10.60 1.44
C MET D 73 -19.26 -9.32 0.83
N ILE D 74 -18.64 -8.47 1.64
CA ILE D 74 -17.99 -7.27 1.10
C ILE D 74 -17.00 -7.59 -0.02
N ASN D 75 -16.06 -8.49 0.24
CA ASN D 75 -15.03 -8.84 -0.75
C ASN D 75 -15.68 -9.44 -2.01
N ALA D 76 -16.60 -10.39 -1.81
CA ALA D 76 -17.30 -11.03 -2.93
C ALA D 76 -18.00 -9.99 -3.80
N CYS D 77 -18.64 -9.01 -3.17
CA CYS D 77 -19.27 -7.93 -3.90
C CYS D 77 -18.24 -7.08 -4.63
N LYS D 78 -17.09 -6.82 -3.98
CA LYS D 78 -16.07 -5.97 -4.61
C LYS D 78 -15.47 -6.62 -5.86
N ILE D 79 -15.18 -7.92 -5.81
CA ILE D 79 -14.66 -8.59 -7.02
C ILE D 79 -15.75 -8.93 -8.00
N ALA D 80 -17.01 -8.77 -7.63
CA ALA D 80 -18.06 -8.93 -8.61
C ALA D 80 -18.40 -7.60 -9.24
N SER D 81 -17.48 -6.65 -9.10
CA SER D 81 -17.46 -5.39 -9.80
C SER D 81 -18.63 -4.50 -9.41
N ALA D 82 -19.07 -4.61 -8.16
CA ALA D 82 -20.01 -3.64 -7.61
C ALA D 82 -19.38 -2.25 -7.69
N SER D 83 -20.21 -1.24 -7.95
CA SER D 83 -19.70 0.13 -8.04
C SER D 83 -19.16 0.60 -6.69
N ARG D 84 -19.82 0.27 -5.60
CA ARG D 84 -19.45 0.68 -4.25
C ARG D 84 -19.99 -0.35 -3.28
N VAL D 85 -19.21 -0.67 -2.25
CA VAL D 85 -19.64 -1.60 -1.21
C VAL D 85 -19.55 -0.87 0.11
N THR D 86 -20.67 -0.75 0.79
CA THR D 86 -20.79 -0.09 2.08
C THR D 86 -21.10 -1.12 3.16
N ALA D 87 -20.38 -1.07 4.27
CA ALA D 87 -20.71 -1.93 5.40
C ALA D 87 -21.59 -1.14 6.36
N VAL D 88 -22.79 -1.65 6.61
CA VAL D 88 -23.71 -1.01 7.53
C VAL D 88 -23.64 -1.83 8.80
N ILE D 89 -22.99 -1.29 9.81
CA ILE D 89 -22.70 -2.06 11.01
C ILE D 89 -23.26 -1.30 12.21
N PRO D 90 -24.55 -1.53 12.53
CA PRO D 90 -25.21 -0.76 13.60
C PRO D 90 -24.43 -0.78 14.89
N CYS D 91 -24.01 -1.97 15.37
CA CYS D 91 -23.18 -2.09 16.56
C CYS D 91 -21.80 -2.60 16.19
N PHE D 92 -20.81 -1.72 16.25
CA PHE D 92 -19.48 -2.09 15.84
C PHE D 92 -18.82 -3.06 16.82
N PRO D 93 -18.47 -4.25 16.37
CA PRO D 93 -17.83 -5.23 17.25
C PRO D 93 -16.43 -4.83 17.70
N TYR D 94 -16.05 -5.25 18.89
CA TYR D 94 -14.71 -5.13 19.40
C TYR D 94 -14.24 -3.81 19.81
N ALA D 95 -15.15 -2.86 19.80
CA ALA D 95 -14.88 -1.48 20.15
C ALA D 95 -14.50 -1.14 21.54
N ARG D 96 -14.86 -1.95 22.51
CA ARG D 96 -14.55 -1.63 23.87
C ARG D 96 -13.31 -2.34 24.34
N GLN D 97 -12.32 -1.55 24.73
CA GLN D 97 -11.06 -2.03 25.26
C GLN D 97 -11.29 -2.56 26.60
N ASP D 98 -10.55 -3.59 26.95
CA ASP D 98 -10.70 -4.16 28.27
C ASP D 98 -9.64 -3.45 29.05
N LYS D 99 -8.56 -4.14 29.34
CA LYS D 99 -7.36 -3.68 30.02
C LYS D 99 -7.49 -3.57 31.52
N LYS D 100 -6.36 -3.56 32.22
CA LYS D 100 -6.40 -3.34 33.67
C LYS D 100 -6.01 -1.91 33.99
N ASP D 101 -6.13 -1.01 33.00
CA ASP D 101 -5.77 0.38 33.05
C ASP D 101 -4.35 0.44 33.40
N LYS D 102 -3.52 0.03 32.47
CA LYS D 102 -2.08 -0.03 32.65
C LYS D 102 -1.66 1.34 33.01
N VAL D 103 -0.88 1.43 34.05
CA VAL D 103 -0.43 2.70 34.53
C VAL D 103 0.91 3.04 33.93
N GLY D 104 1.03 4.29 33.60
CA GLY D 104 2.21 4.83 33.01
C GLY D 104 2.00 4.93 31.56
N GLU D 105 1.11 4.16 31.02
CA GLU D 105 0.86 4.26 29.62
C GLU D 105 -0.41 3.56 29.24
N SER D 106 -0.92 3.84 28.08
CA SER D 106 -2.13 3.21 27.62
C SER D 106 -1.97 2.04 26.71
N ARG D 107 -2.94 1.07 26.71
CA ARG D 107 -3.03 0.00 25.73
C ARG D 107 -3.59 0.50 24.41
N ALA D 108 -3.40 -0.28 23.36
CA ALA D 108 -3.82 0.29 22.11
C ALA D 108 -5.07 -0.44 21.73
N PRO D 109 -5.94 0.16 20.91
CA PRO D 109 -7.14 -0.54 20.40
C PRO D 109 -6.76 -1.50 19.28
N ILE D 110 -5.99 -2.52 19.66
CA ILE D 110 -5.78 -3.66 18.80
C ILE D 110 -7.05 -4.25 18.19
N SER D 111 -7.95 -4.86 18.96
CA SER D 111 -9.05 -5.51 18.24
C SER D 111 -9.92 -4.54 17.45
N ALA D 112 -10.10 -3.30 17.90
CA ALA D 112 -10.93 -2.40 17.11
C ALA D 112 -10.27 -1.96 15.82
N LYS D 113 -8.95 -1.80 15.87
CA LYS D 113 -8.21 -1.46 14.68
C LYS D 113 -8.15 -2.67 13.74
N LEU D 114 -7.93 -3.87 14.27
CA LEU D 114 -8.01 -5.08 13.46
C LEU D 114 -9.33 -5.20 12.73
N VAL D 115 -10.45 -5.02 13.41
CA VAL D 115 -11.73 -5.10 12.70
C VAL D 115 -11.74 -4.10 11.56
N ALA D 116 -11.32 -2.86 11.84
CA ALA D 116 -11.21 -1.85 10.78
C ALA D 116 -10.32 -2.29 9.63
N ASN D 117 -9.15 -2.86 9.95
CA ASN D 117 -8.23 -3.29 8.91
C ASN D 117 -8.80 -4.43 8.06
N MET D 118 -9.53 -5.33 8.69
CA MET D 118 -10.15 -6.44 7.98
C MET D 118 -11.25 -5.93 7.09
N LEU D 119 -12.07 -5.01 7.59
CA LEU D 119 -13.10 -4.42 6.75
C LEU D 119 -12.49 -3.74 5.54
N SER D 120 -11.40 -3.00 5.73
CA SER D 120 -10.77 -2.31 4.60
C SER D 120 -10.21 -3.27 3.56
N VAL D 121 -9.41 -4.25 3.97
CA VAL D 121 -8.86 -5.18 2.98
C VAL D 121 -9.92 -6.06 2.33
N ALA D 122 -11.03 -6.32 3.03
CA ALA D 122 -12.11 -7.02 2.38
C ALA D 122 -12.64 -6.17 1.23
N GLY D 123 -12.55 -4.84 1.36
CA GLY D 123 -12.93 -3.98 0.26
C GLY D 123 -14.07 -3.04 0.57
N ALA D 124 -14.36 -2.85 1.84
CA ALA D 124 -15.35 -1.86 2.22
C ALA D 124 -14.89 -0.48 1.77
N ASP D 125 -15.81 0.25 1.14
CA ASP D 125 -15.53 1.58 0.67
C ASP D 125 -16.07 2.64 1.61
N HIS D 126 -16.92 2.24 2.55
CA HIS D 126 -17.62 3.22 3.35
C HIS D 126 -18.25 2.41 4.49
N ILE D 127 -18.30 2.96 5.71
CA ILE D 127 -18.97 2.35 6.85
C ILE D 127 -20.07 3.26 7.36
N ILE D 128 -21.27 2.70 7.57
CA ILE D 128 -22.32 3.38 8.32
C ILE D 128 -22.54 2.59 9.61
N THR D 129 -22.44 3.28 10.74
CA THR D 129 -22.57 2.66 12.06
C THR D 129 -23.31 3.62 12.99
N MET D 130 -23.68 3.14 14.19
CA MET D 130 -24.35 3.96 15.19
C MET D 130 -23.69 3.91 16.57
N ASP D 131 -23.50 5.10 17.16
CA ASP D 131 -22.90 5.34 18.50
C ASP D 131 -21.71 4.44 18.79
N LEU D 132 -20.65 4.64 17.99
CA LEU D 132 -19.35 4.02 18.26
C LEU D 132 -18.94 4.21 19.72
N HIS D 133 -18.42 3.15 20.34
CA HIS D 133 -18.00 3.27 21.73
C HIS D 133 -17.09 4.48 21.92
N ALA D 134 -16.15 4.69 21.02
CA ALA D 134 -15.37 5.92 20.97
C ALA D 134 -15.46 6.43 19.54
N SER D 135 -15.85 7.71 19.39
CA SER D 135 -16.00 8.30 18.06
C SER D 135 -14.71 8.31 17.24
N GLN D 136 -13.55 8.24 17.87
CA GLN D 136 -12.28 8.18 17.17
C GLN D 136 -12.13 6.92 16.33
N ILE D 137 -12.90 5.88 16.60
CA ILE D 137 -12.83 4.69 15.75
C ILE D 137 -13.11 5.08 14.30
N GLN D 138 -13.85 6.17 14.09
CA GLN D 138 -14.04 6.71 12.75
C GLN D 138 -12.72 6.90 12.03
N GLY D 139 -11.69 7.37 12.73
CA GLY D 139 -10.34 7.57 12.24
C GLY D 139 -9.44 6.37 12.14
N PHE D 140 -9.92 5.18 12.47
CA PHE D 140 -9.15 3.97 12.23
C PHE D 140 -9.22 3.52 10.75
N PHE D 141 -10.03 4.17 9.93
CA PHE D 141 -10.18 3.92 8.51
C PHE D 141 -9.64 5.08 7.68
N ASP D 142 -9.43 4.86 6.38
CA ASP D 142 -9.23 5.95 5.43
C ASP D 142 -10.44 6.15 4.53
N ILE D 143 -11.35 5.17 4.48
CA ILE D 143 -12.63 5.35 3.81
C ILE D 143 -13.51 6.14 4.76
N PRO D 144 -14.52 6.84 4.27
CA PRO D 144 -15.45 7.55 5.15
C PRO D 144 -16.24 6.61 6.07
N VAL D 145 -16.40 7.04 7.33
CA VAL D 145 -17.27 6.38 8.31
C VAL D 145 -18.30 7.41 8.77
N ASP D 146 -19.58 7.02 8.78
CA ASP D 146 -20.63 7.81 9.40
C ASP D 146 -20.96 7.21 10.77
N ASN D 147 -20.68 7.94 11.84
CA ASN D 147 -20.99 7.44 13.18
C ASN D 147 -22.27 8.17 13.55
N LEU D 148 -23.40 7.51 13.33
CA LEU D 148 -24.70 8.08 13.62
C LEU D 148 -25.04 7.99 15.10
N TYR D 149 -25.87 8.91 15.57
CA TYR D 149 -26.29 8.97 16.96
C TYR D 149 -27.76 8.64 17.12
N ALA D 150 -28.04 7.88 18.18
CA ALA D 150 -29.38 7.59 18.59
C ALA D 150 -29.98 8.70 19.43
N GLU D 151 -29.17 9.68 19.85
CA GLU D 151 -29.63 10.74 20.74
C GLU D 151 -30.95 11.37 20.28
N PRO D 152 -31.11 11.82 19.03
CA PRO D 152 -32.42 12.42 18.69
C PRO D 152 -33.61 11.49 18.94
N ALA D 153 -33.47 10.18 18.65
CA ALA D 153 -34.56 9.25 18.92
C ALA D 153 -34.75 9.00 20.42
N VAL D 154 -33.66 9.06 21.19
CA VAL D 154 -33.73 8.92 22.65
C VAL D 154 -34.41 10.13 23.27
N LEU D 155 -33.99 11.31 22.81
CA LEU D 155 -34.62 12.57 23.18
C LEU D 155 -36.14 12.52 22.93
N LYS D 156 -36.53 12.16 21.72
CA LYS D 156 -37.97 12.08 21.43
C LYS D 156 -38.65 11.06 22.34
N TRP D 157 -38.02 9.89 22.52
CA TRP D 157 -38.62 8.90 23.41
C TRP D 157 -38.82 9.42 24.82
N ILE D 158 -37.82 10.10 25.38
CA ILE D 158 -37.96 10.67 26.72
C ILE D 158 -39.15 11.62 26.78
N ARG D 159 -39.19 12.60 25.88
CA ARG D 159 -40.32 13.52 25.90
C ARG D 159 -41.67 12.80 25.78
N GLU D 160 -41.75 11.71 25.02
CA GLU D 160 -43.05 11.07 24.76
C GLU D 160 -43.52 10.10 25.86
N ASN D 161 -42.60 9.53 26.63
CA ASN D 161 -42.89 8.43 27.54
C ASN D 161 -42.65 8.70 29.00
N ILE D 162 -41.92 9.74 29.37
CA ILE D 162 -41.64 10.05 30.77
C ILE D 162 -42.44 11.32 31.08
N SER D 163 -43.58 11.18 31.77
CA SER D 163 -44.42 12.35 32.06
C SER D 163 -43.60 13.47 32.70
N GLU D 164 -42.76 13.10 33.67
CA GLU D 164 -42.01 14.09 34.44
C GLU D 164 -40.65 14.41 33.82
N TRP D 165 -40.50 14.23 32.51
CA TRP D 165 -39.21 14.42 31.87
C TRP D 165 -38.67 15.83 31.98
N ARG D 166 -39.54 16.81 32.18
CA ARG D 166 -39.11 18.18 32.18
C ARG D 166 -38.37 18.53 33.45
N ASN D 167 -38.61 17.79 34.53
CA ASN D 167 -37.97 17.97 35.81
C ASN D 167 -37.14 16.77 36.26
N CYS D 168 -36.58 15.99 35.33
CA CYS D 168 -35.85 14.80 35.72
C CYS D 168 -34.35 15.03 35.95
N THR D 169 -33.51 14.01 35.69
CA THR D 169 -32.06 14.10 35.87
C THR D 169 -31.25 12.96 35.25
N ILE D 170 -30.39 13.31 34.30
CA ILE D 170 -29.62 12.34 33.52
C ILE D 170 -28.37 11.87 34.28
N VAL D 171 -28.31 10.57 34.58
CA VAL D 171 -27.25 9.99 35.42
C VAL D 171 -26.31 9.18 34.54
N SER D 172 -24.99 9.35 34.75
CA SER D 172 -24.01 8.52 34.08
C SER D 172 -23.59 7.37 34.97
N PRO D 173 -23.65 6.14 34.45
CA PRO D 173 -23.28 4.95 35.25
C PRO D 173 -21.84 4.89 35.66
N ASP D 174 -20.94 5.56 34.97
CA ASP D 174 -19.52 5.55 35.31
C ASP D 174 -18.94 6.90 34.96
N ALA D 175 -17.66 7.07 35.28
CA ALA D 175 -16.99 8.32 34.98
C ALA D 175 -16.96 8.60 33.48
N GLY D 176 -16.72 7.56 32.67
CA GLY D 176 -16.57 7.74 31.22
C GLY D 176 -17.78 8.27 30.45
N GLY D 177 -19.00 7.95 30.86
CA GLY D 177 -20.15 8.38 30.07
C GLY D 177 -20.65 9.78 30.33
N ALA D 178 -19.79 10.54 31.00
CA ALA D 178 -20.09 11.91 31.39
C ALA D 178 -20.50 12.75 30.18
N LYS D 179 -19.72 12.72 29.11
CA LYS D 179 -20.04 13.65 28.03
C LYS D 179 -21.37 13.30 27.40
N ARG D 180 -21.70 12.00 27.28
CA ARG D 180 -23.01 11.66 26.73
C ARG D 180 -24.15 12.14 27.61
N VAL D 181 -24.04 12.00 28.93
CA VAL D 181 -25.20 12.36 29.74
C VAL D 181 -25.29 13.87 29.87
N THR D 182 -24.17 14.53 29.96
CA THR D 182 -24.20 15.97 30.00
C THR D 182 -24.76 16.53 28.71
N SER D 183 -24.47 15.87 27.59
CA SER D 183 -25.05 16.26 26.31
C SER D 183 -26.57 16.16 26.30
N ILE D 184 -27.12 15.06 26.82
CA ILE D 184 -28.58 14.88 26.78
C ILE D 184 -29.29 15.80 27.76
N ALA D 185 -28.74 15.96 28.96
CA ALA D 185 -29.36 16.86 29.91
C ALA D 185 -29.40 18.29 29.40
N ASP D 186 -28.34 18.72 28.71
CA ASP D 186 -28.33 20.07 28.15
C ASP D 186 -29.36 20.19 27.03
N ARG D 187 -29.53 19.11 26.26
CA ARG D 187 -30.53 19.13 25.20
C ARG D 187 -31.94 19.25 25.80
N LEU D 188 -32.19 18.59 26.93
CA LEU D 188 -33.48 18.65 27.60
C LEU D 188 -33.62 19.81 28.59
N ASN D 189 -32.57 20.60 28.82
CA ASN D 189 -32.55 21.63 29.88
C ASN D 189 -32.88 21.09 31.26
N VAL D 190 -32.16 20.01 31.66
CA VAL D 190 -32.35 19.31 32.93
C VAL D 190 -30.98 19.17 33.63
N ASP D 191 -30.98 18.60 34.84
CA ASP D 191 -29.81 18.36 35.70
C ASP D 191 -29.08 17.08 35.29
N PHE D 192 -27.81 16.99 35.63
CA PHE D 192 -27.07 15.74 35.47
C PHE D 192 -26.41 15.34 36.77
N ALA D 193 -26.10 14.05 36.88
CA ALA D 193 -25.32 13.52 37.99
C ALA D 193 -24.49 12.39 37.42
N LEU D 194 -23.47 11.97 38.16
CA LEU D 194 -22.58 10.92 37.72
C LEU D 194 -22.29 9.96 38.87
N ILE D 195 -22.26 8.66 38.58
CA ILE D 195 -21.91 7.64 39.57
C ILE D 195 -20.54 7.05 39.27
N HIS D 196 -19.77 6.76 40.32
CA HIS D 196 -18.45 6.13 40.20
C HIS D 196 -18.21 5.13 41.33
N LYS D 197 -17.65 3.94 41.02
CA LYS D 197 -17.26 3.01 42.09
C LYS D 197 -15.80 3.24 42.53
N MET D 208 -19.57 2.12 46.16
CA MET D 208 -19.95 2.96 45.02
C MET D 208 -20.54 4.32 45.55
N VAL D 209 -20.10 5.40 44.90
CA VAL D 209 -20.45 6.79 45.19
C VAL D 209 -21.22 7.48 44.07
N LEU D 210 -22.16 8.33 44.47
CA LEU D 210 -22.99 9.13 43.58
C LEU D 210 -22.63 10.59 43.81
N VAL D 211 -22.35 11.31 42.74
CA VAL D 211 -22.16 12.75 42.76
C VAL D 211 -23.26 13.42 41.94
N GLY D 212 -23.94 14.37 42.57
CA GLY D 212 -25.08 15.11 42.03
C GLY D 212 -26.34 14.81 42.82
N ASP D 213 -27.34 15.67 42.77
CA ASP D 213 -28.55 15.49 43.58
C ASP D 213 -29.59 14.78 42.72
N VAL D 214 -30.10 13.64 43.21
CA VAL D 214 -31.13 12.92 42.46
C VAL D 214 -32.41 12.63 43.25
N LYS D 215 -32.44 12.89 44.56
CA LYS D 215 -33.60 12.60 45.44
C LYS D 215 -34.91 13.28 44.97
N ASP D 216 -35.99 12.48 44.89
CA ASP D 216 -37.37 12.92 44.59
C ASP D 216 -37.60 13.41 43.16
N ARG D 217 -36.76 13.00 42.23
CA ARG D 217 -36.90 13.35 40.82
C ARG D 217 -36.65 12.09 40.01
N VAL D 218 -37.21 12.05 38.80
CA VAL D 218 -37.00 10.88 37.94
C VAL D 218 -35.56 10.82 37.48
N ALA D 219 -34.89 9.68 37.66
CA ALA D 219 -33.51 9.50 37.23
C ALA D 219 -33.40 8.60 35.99
N ILE D 220 -32.73 9.10 34.94
CA ILE D 220 -32.52 8.34 33.71
C ILE D 220 -31.02 8.03 33.54
N LEU D 221 -30.65 6.75 33.72
CA LEU D 221 -29.31 6.27 33.43
C LEU D 221 -29.07 6.14 31.92
N VAL D 222 -28.07 6.84 31.39
CA VAL D 222 -27.71 6.78 29.98
C VAL D 222 -26.26 6.32 29.81
N ASP D 223 -26.05 5.38 28.88
CA ASP D 223 -24.75 4.83 28.54
C ASP D 223 -24.89 4.35 27.10
N ASP D 224 -23.74 4.12 26.46
CA ASP D 224 -23.77 3.69 25.06
C ASP D 224 -24.19 2.23 24.87
N MET D 225 -23.97 1.36 25.84
CA MET D 225 -24.28 -0.04 25.60
C MET D 225 -24.39 -0.74 26.94
N ALA D 226 -25.18 -1.82 26.98
CA ALA D 226 -25.21 -2.61 28.20
C ALA D 226 -25.01 -4.08 27.89
N ASP D 227 -23.93 -4.65 28.45
CA ASP D 227 -23.51 -6.02 28.24
C ASP D 227 -23.99 -6.93 29.36
N THR D 228 -23.13 -7.17 30.35
CA THR D 228 -23.48 -8.00 31.49
C THR D 228 -24.36 -7.26 32.49
N CYS D 229 -24.48 -5.94 32.35
CA CYS D 229 -25.34 -5.08 33.16
C CYS D 229 -24.97 -5.00 34.63
N GLY D 230 -23.76 -5.36 35.05
CA GLY D 230 -23.45 -5.21 36.47
C GLY D 230 -23.34 -3.76 36.90
N THR D 231 -22.63 -2.94 36.12
CA THR D 231 -22.52 -1.52 36.42
C THR D 231 -23.87 -0.81 36.43
N ILE D 232 -24.69 -0.94 35.36
CA ILE D 232 -25.95 -0.19 35.34
C ILE D 232 -26.89 -0.62 36.46
N CYS D 233 -26.87 -1.89 36.87
CA CYS D 233 -27.76 -2.33 37.93
C CYS D 233 -27.28 -1.87 39.30
N HIS D 234 -25.97 -1.88 39.55
CA HIS D 234 -25.54 -1.33 40.84
C HIS D 234 -25.81 0.17 40.88
N ALA D 235 -25.57 0.88 39.78
CA ALA D 235 -25.91 2.31 39.71
C ALA D 235 -27.40 2.56 39.95
N ALA D 236 -28.25 1.71 39.38
CA ALA D 236 -29.69 1.85 39.58
C ALA D 236 -30.06 1.64 41.05
N ASP D 237 -29.41 0.67 41.71
CA ASP D 237 -29.63 0.46 43.14
C ASP D 237 -29.26 1.72 43.91
N LYS D 238 -28.09 2.30 43.63
CA LYS D 238 -27.66 3.49 44.34
C LYS D 238 -28.64 4.64 44.10
N LEU D 239 -29.15 4.75 42.87
CA LEU D 239 -30.16 5.76 42.60
C LEU D 239 -31.45 5.50 43.37
N LEU D 240 -31.82 4.23 43.60
CA LEU D 240 -33.00 3.98 44.42
C LEU D 240 -32.77 4.35 45.88
N SER D 241 -31.63 3.96 46.45
CA SER D 241 -31.28 4.31 47.83
C SER D 241 -31.11 5.81 48.03
N ALA D 242 -30.80 6.56 46.98
CA ALA D 242 -30.62 8.01 47.08
C ALA D 242 -31.93 8.76 46.91
N GLY D 243 -33.05 8.05 46.81
CA GLY D 243 -34.35 8.66 46.77
C GLY D 243 -34.86 9.10 45.43
N ALA D 244 -34.40 8.48 44.35
CA ALA D 244 -34.95 8.72 43.03
C ALA D 244 -36.37 8.14 42.90
N THR D 245 -37.27 8.93 42.30
CA THR D 245 -38.67 8.52 42.14
C THR D 245 -38.75 7.21 41.40
N ARG D 246 -38.29 7.20 40.16
CA ARG D 246 -38.20 6.00 39.36
C ARG D 246 -36.90 6.08 38.58
N VAL D 247 -36.28 4.94 38.34
CA VAL D 247 -35.03 4.86 37.61
C VAL D 247 -35.24 4.16 36.27
N TYR D 248 -34.74 4.78 35.21
CA TYR D 248 -34.71 4.26 33.86
C TYR D 248 -33.28 3.98 33.41
N ALA D 249 -33.13 3.09 32.44
CA ALA D 249 -31.84 2.83 31.80
C ALA D 249 -32.03 2.98 30.30
N ILE D 250 -31.26 3.84 29.65
CA ILE D 250 -31.39 4.01 28.21
C ILE D 250 -30.02 3.75 27.57
N LEU D 251 -29.93 2.72 26.75
CA LEU D 251 -28.68 2.33 26.09
C LEU D 251 -28.98 2.21 24.62
N THR D 252 -28.09 2.69 23.73
CA THR D 252 -28.35 2.47 22.30
C THR D 252 -28.16 0.99 21.91
N HIS D 253 -27.09 0.35 22.39
CA HIS D 253 -26.79 -1.05 22.08
C HIS D 253 -27.10 -1.97 23.23
N GLY D 254 -28.10 -2.82 23.03
CA GLY D 254 -28.47 -3.78 24.05
C GLY D 254 -27.92 -5.17 23.79
N ILE D 255 -26.69 -5.42 24.25
CA ILE D 255 -26.07 -6.73 24.04
C ILE D 255 -26.71 -7.78 24.95
N PHE D 256 -26.81 -7.48 26.25
CA PHE D 256 -27.45 -8.32 27.29
C PHE D 256 -26.96 -9.77 27.32
N SER D 257 -25.66 -9.97 27.53
CA SER D 257 -25.09 -11.31 27.61
C SER D 257 -24.93 -11.77 29.06
N GLY D 258 -24.83 -13.08 29.22
CA GLY D 258 -24.62 -13.69 30.52
C GLY D 258 -25.83 -13.50 31.40
N PRO D 259 -25.61 -12.97 32.61
CA PRO D 259 -26.69 -12.81 33.57
C PRO D 259 -27.53 -11.55 33.42
N ALA D 260 -27.31 -10.76 32.35
CA ALA D 260 -27.96 -9.46 32.19
C ALA D 260 -29.47 -9.53 32.37
N ILE D 261 -30.13 -10.47 31.70
CA ILE D 261 -31.59 -10.56 31.78
C ILE D 261 -32.01 -10.85 33.22
N SER D 262 -31.31 -11.76 33.88
CA SER D 262 -31.60 -12.08 35.28
C SER D 262 -31.35 -10.92 36.21
N ARG D 263 -30.26 -10.18 35.97
CA ARG D 263 -29.93 -9.00 36.78
C ARG D 263 -30.98 -7.89 36.63
N ILE D 264 -31.41 -7.61 35.38
CA ILE D 264 -32.43 -6.59 35.14
C ILE D 264 -33.76 -6.95 35.76
N ASN D 265 -34.24 -8.18 35.55
CA ASN D 265 -35.50 -8.57 36.20
C ASN D 265 -35.43 -8.43 37.71
N ASN D 266 -34.30 -8.80 38.33
CA ASN D 266 -34.18 -8.59 39.77
C ASN D 266 -33.99 -7.11 40.18
N ALA D 267 -33.49 -6.25 39.30
CA ALA D 267 -33.23 -4.84 39.58
C ALA D 267 -34.51 -3.99 39.54
N CYS D 268 -34.37 -2.74 39.98
CA CYS D 268 -35.50 -1.83 40.18
C CYS D 268 -35.86 -0.93 38.98
N PHE D 269 -35.34 -1.18 37.79
CA PHE D 269 -35.62 -0.32 36.65
C PHE D 269 -37.11 -0.23 36.35
N GLU D 270 -37.61 0.99 36.14
CA GLU D 270 -38.97 1.14 35.62
C GLU D 270 -39.02 0.66 34.17
N ALA D 271 -37.97 0.95 33.42
CA ALA D 271 -37.84 0.47 32.06
C ALA D 271 -36.39 0.53 31.63
N VAL D 272 -36.02 -0.42 30.79
CA VAL D 272 -34.75 -0.42 30.10
C VAL D 272 -35.05 -0.28 28.62
N VAL D 273 -34.58 0.81 28.03
CA VAL D 273 -34.85 1.16 26.64
C VAL D 273 -33.57 0.98 25.83
N VAL D 274 -33.66 0.23 24.73
CA VAL D 274 -32.53 0.03 23.83
C VAL D 274 -33.02 0.30 22.42
N THR D 275 -32.09 0.50 21.50
CA THR D 275 -32.57 0.57 20.13
C THR D 275 -32.50 -0.82 19.50
N ASN D 276 -32.92 -0.90 18.23
CA ASN D 276 -32.98 -2.13 17.43
C ASN D 276 -31.63 -2.48 16.75
N THR D 277 -30.51 -1.88 17.17
CA THR D 277 -29.24 -2.10 16.48
C THR D 277 -28.83 -3.56 16.62
N ILE D 278 -29.30 -4.22 17.68
CA ILE D 278 -29.14 -5.64 17.95
C ILE D 278 -30.56 -6.20 18.12
N PRO D 279 -30.83 -7.42 17.65
CA PRO D 279 -32.16 -8.04 17.84
C PRO D 279 -32.56 -8.23 19.30
N GLN D 280 -33.81 -7.85 19.62
CA GLN D 280 -34.30 -7.91 21.00
C GLN D 280 -35.53 -8.79 21.23
N GLU D 281 -36.25 -9.20 20.18
CA GLU D 281 -37.49 -9.96 20.38
C GLU D 281 -37.33 -11.12 21.37
N ASP D 282 -36.30 -11.92 21.18
CA ASP D 282 -36.04 -13.03 22.09
C ASP D 282 -35.79 -12.55 23.51
N LYS D 283 -35.10 -11.44 23.67
CA LYS D 283 -34.77 -11.07 25.03
C LYS D 283 -35.97 -10.43 25.70
N MET D 284 -36.83 -9.76 24.92
CA MET D 284 -38.05 -9.19 25.48
C MET D 284 -39.02 -10.26 25.96
N LYS D 285 -38.99 -11.48 25.39
CA LYS D 285 -39.91 -12.49 25.92
C LYS D 285 -39.50 -12.89 27.35
N HIS D 286 -38.22 -12.80 27.67
CA HIS D 286 -37.70 -13.17 28.99
C HIS D 286 -37.47 -11.96 29.88
N CYS D 287 -37.79 -10.76 29.41
CA CYS D 287 -37.66 -9.54 30.21
C CYS D 287 -38.85 -8.63 29.94
N SER D 288 -39.68 -8.39 30.95
CA SER D 288 -40.84 -7.53 30.74
C SER D 288 -40.47 -6.06 30.57
N LYS D 289 -39.26 -5.66 30.99
CA LYS D 289 -38.96 -4.24 31.09
C LYS D 289 -38.21 -3.68 29.89
N ILE D 290 -37.75 -4.53 28.98
CA ILE D 290 -37.10 -4.06 27.76
C ILE D 290 -38.12 -3.52 26.78
N GLN D 291 -37.88 -2.31 26.30
CA GLN D 291 -38.56 -1.63 25.21
C GLN D 291 -37.51 -1.26 24.19
N VAL D 292 -37.84 -1.28 22.90
CA VAL D 292 -36.85 -0.94 21.87
C VAL D 292 -37.25 0.35 21.16
N ILE D 293 -36.27 1.22 20.90
CA ILE D 293 -36.48 2.35 20.00
C ILE D 293 -36.06 1.92 18.60
N ASP D 294 -36.98 1.99 17.65
CA ASP D 294 -36.64 1.68 16.27
C ASP D 294 -35.80 2.81 15.68
N ILE D 295 -34.60 2.48 15.18
CA ILE D 295 -33.68 3.44 14.57
C ILE D 295 -33.44 3.14 13.09
N SER D 296 -34.25 2.25 12.50
CA SER D 296 -34.10 1.92 11.08
C SER D 296 -34.22 3.16 10.18
N MET D 297 -34.86 4.21 10.60
CA MET D 297 -34.95 5.30 9.68
C MET D 297 -33.69 6.05 9.71
N ILE D 298 -33.11 6.24 10.85
CA ILE D 298 -31.80 6.89 10.82
C ILE D 298 -30.85 6.19 9.86
N LEU D 299 -30.82 4.85 9.90
CA LEU D 299 -29.89 4.12 9.04
C LEU D 299 -30.31 4.26 7.59
N ALA D 300 -31.60 4.07 7.32
CA ALA D 300 -32.11 4.26 5.97
C ALA D 300 -31.80 5.66 5.44
N GLU D 301 -31.92 6.68 6.27
CA GLU D 301 -31.65 8.04 5.80
C GLU D 301 -30.16 8.25 5.51
N ALA D 302 -29.27 7.66 6.33
CA ALA D 302 -27.84 7.71 6.02
C ALA D 302 -27.49 6.95 4.74
N ILE D 303 -28.22 5.86 4.44
CA ILE D 303 -27.93 5.11 3.22
C ILE D 303 -28.39 5.92 2.03
N ARG D 304 -29.63 6.41 2.07
CA ARG D 304 -30.09 7.42 1.15
C ARG D 304 -29.01 8.45 0.87
N ARG D 305 -28.42 9.00 1.93
CA ARG D 305 -27.55 10.16 1.76
C ARG D 305 -26.23 9.79 1.12
N THR D 306 -25.68 8.62 1.50
CA THR D 306 -24.48 8.09 0.84
C THR D 306 -24.72 7.83 -0.63
N HIS D 307 -25.90 7.31 -0.98
CA HIS D 307 -26.14 7.00 -2.39
C HIS D 307 -26.16 8.29 -3.19
N ASN D 308 -26.71 9.36 -2.63
CA ASN D 308 -26.78 10.64 -3.33
C ASN D 308 -27.65 10.58 -4.59
N GLY D 309 -28.88 10.11 -4.43
CA GLY D 309 -29.74 9.95 -5.59
C GLY D 309 -30.64 11.15 -5.90
N GLU D 310 -30.84 11.99 -4.89
CA GLU D 310 -31.77 13.12 -5.01
C GLU D 310 -31.03 14.42 -5.29
N SER D 311 -30.15 14.85 -4.38
CA SER D 311 -29.51 16.13 -4.60
C SER D 311 -28.22 16.19 -3.78
N VAL D 312 -27.31 17.04 -4.27
CA VAL D 312 -26.01 17.22 -3.64
C VAL D 312 -26.17 17.76 -2.23
N SER D 313 -27.27 18.43 -2.09
CA SER D 313 -27.58 19.17 -0.91
C SER D 313 -28.62 18.67 0.00
N TYR D 314 -28.93 17.43 -0.13
CA TYR D 314 -29.77 16.80 0.80
C TYR D 314 -29.01 16.86 2.08
N LEU D 315 -29.68 17.09 3.16
CA LEU D 315 -29.03 17.16 4.43
C LEU D 315 -29.70 16.20 5.27
N PHE D 316 -28.98 15.34 5.93
CA PHE D 316 -29.52 14.31 6.79
C PHE D 316 -30.35 14.82 7.91
N SER D 317 -29.98 15.95 8.46
CA SER D 317 -30.66 16.54 9.55
C SER D 317 -31.91 17.25 9.22
N HIS D 318 -32.22 17.48 7.96
CA HIS D 318 -33.43 18.17 7.64
C HIS D 318 -34.59 17.27 7.62
N VAL D 319 -34.29 16.00 7.61
CA VAL D 319 -35.44 15.10 7.59
C VAL D 319 -35.99 15.02 8.99
N PRO D 320 -37.29 15.23 9.17
CA PRO D 320 -37.90 15.06 10.44
C PRO D 320 -38.04 13.61 10.73
N LEU D 321 -37.81 13.31 11.98
CA LEU D 321 -37.93 11.95 12.44
C LEU D 321 -39.36 11.47 12.31
N SER E 1 19.90 -15.54 16.90
CA SER E 1 20.16 -15.22 18.32
C SER E 1 19.25 -16.04 19.20
N PRO E 2 19.43 -15.92 20.51
CA PRO E 2 18.59 -16.59 21.53
C PRO E 2 17.32 -15.84 21.93
N ASN E 3 16.32 -15.84 21.06
CA ASN E 3 15.12 -15.03 21.26
C ASN E 3 13.89 -15.64 20.59
N ILE E 4 13.69 -16.92 20.75
CA ILE E 4 12.55 -17.59 20.10
C ILE E 4 11.46 -17.76 21.13
N LYS E 5 10.24 -17.53 20.76
CA LYS E 5 9.07 -17.85 21.60
C LYS E 5 7.94 -18.44 20.79
N ILE E 6 7.37 -19.52 21.31
CA ILE E 6 6.21 -20.23 20.74
C ILE E 6 4.98 -19.96 21.60
N PHE E 7 3.86 -19.65 20.95
CA PHE E 7 2.58 -19.48 21.62
C PHE E 7 1.57 -20.43 21.02
N SER E 8 0.58 -20.83 21.82
CA SER E 8 -0.43 -21.72 21.29
C SER E 8 -1.77 -21.03 21.28
N GLY E 9 -2.57 -21.39 20.28
CA GLY E 9 -3.94 -20.95 20.24
C GLY E 9 -4.78 -21.87 21.07
N SER E 10 -6.04 -21.72 20.96
CA SER E 10 -6.80 -22.75 21.52
C SER E 10 -7.04 -23.79 20.50
N SER E 11 -6.57 -23.68 19.29
CA SER E 11 -6.85 -24.57 18.23
C SER E 11 -6.45 -25.94 18.50
N HIS E 12 -5.23 -26.17 18.85
CA HIS E 12 -4.74 -27.48 19.08
C HIS E 12 -3.59 -27.26 19.91
N GLN E 13 -3.61 -27.74 21.12
CA GLN E 13 -2.55 -27.50 22.01
C GLN E 13 -1.66 -28.60 22.20
N ASP E 14 -2.05 -29.80 21.85
CA ASP E 14 -1.18 -30.91 22.06
C ASP E 14 -0.04 -30.80 21.19
N LEU E 15 -0.26 -30.52 19.93
CA LEU E 15 0.78 -30.25 18.94
C LEU E 15 1.63 -29.05 19.32
N SER E 16 1.00 -27.95 19.76
CA SER E 16 1.83 -26.81 20.13
C SER E 16 2.86 -27.23 21.17
N GLN E 17 2.46 -28.08 22.10
CA GLN E 17 3.38 -28.62 23.09
C GLN E 17 4.40 -29.55 22.43
N LYS E 18 3.95 -30.46 21.56
CA LYS E 18 4.89 -31.36 20.90
C LYS E 18 5.99 -30.63 20.16
N ILE E 19 5.65 -29.57 19.42
CA ILE E 19 6.64 -28.75 18.72
C ILE E 19 7.60 -28.12 19.71
N ALA E 20 7.06 -27.50 20.76
CA ALA E 20 7.95 -26.90 21.76
C ALA E 20 8.87 -27.93 22.40
N ASP E 21 8.38 -29.14 22.65
CA ASP E 21 9.21 -30.23 23.15
C ASP E 21 10.34 -30.51 22.18
N ARG E 22 10.01 -30.65 20.90
CA ARG E 22 11.05 -30.97 19.94
C ARG E 22 12.08 -29.85 19.83
N LEU E 23 11.74 -28.64 20.25
CA LEU E 23 12.69 -27.55 20.14
C LEU E 23 13.33 -27.19 21.48
N GLY E 24 12.96 -27.92 22.54
CA GLY E 24 13.48 -27.74 23.89
C GLY E 24 12.98 -26.50 24.60
N LEU E 25 11.75 -26.07 24.31
CA LEU E 25 11.23 -24.82 24.85
C LEU E 25 9.89 -25.07 25.52
N GLU E 26 9.54 -24.22 26.47
CA GLU E 26 8.18 -24.15 26.98
C GLU E 26 7.37 -23.09 26.24
N LEU E 27 6.08 -23.37 26.10
CA LEU E 27 5.13 -22.43 25.52
C LEU E 27 5.02 -21.12 26.28
N GLY E 28 4.97 -20.04 25.49
CA GLY E 28 4.76 -18.71 26.02
C GLY E 28 3.46 -18.59 26.78
N LYS E 29 3.46 -17.74 27.79
CA LYS E 29 2.26 -17.56 28.59
C LYS E 29 1.26 -16.66 27.89
N VAL E 30 0.03 -17.15 27.70
CA VAL E 30 -1.00 -16.38 27.01
C VAL E 30 -2.36 -16.80 27.57
N VAL E 31 -3.23 -15.81 27.77
CA VAL E 31 -4.63 -15.98 28.18
C VAL E 31 -5.51 -15.86 26.95
N THR E 32 -6.14 -16.91 26.55
CA THR E 32 -7.02 -16.78 25.37
C THR E 32 -8.39 -17.26 25.81
N LYS E 33 -9.36 -16.37 25.90
CA LYS E 33 -10.71 -16.65 26.37
C LYS E 33 -11.72 -16.06 25.40
N LYS E 34 -13.01 -16.13 25.75
CA LYS E 34 -14.09 -15.40 25.09
C LYS E 34 -14.82 -14.61 26.15
N PHE E 35 -15.13 -13.35 25.88
CA PHE E 35 -16.00 -12.60 26.78
C PHE E 35 -17.44 -13.17 26.72
N SER E 36 -18.27 -12.70 27.64
CA SER E 36 -19.67 -13.13 27.66
C SER E 36 -20.34 -12.89 26.31
N ASN E 37 -20.05 -11.73 25.71
CA ASN E 37 -20.68 -11.31 24.47
C ASN E 37 -20.05 -11.88 23.21
N GLN E 38 -19.20 -12.89 23.31
CA GLN E 38 -18.64 -13.61 22.19
C GLN E 38 -17.36 -12.97 21.63
N GLU E 39 -16.95 -11.82 22.14
CA GLU E 39 -15.70 -11.22 21.68
C GLU E 39 -14.48 -12.02 22.14
N THR E 40 -13.55 -12.23 21.21
CA THR E 40 -12.32 -12.95 21.52
C THR E 40 -11.41 -12.11 22.42
N CYS E 41 -11.00 -12.65 23.56
CA CYS E 41 -10.06 -12.02 24.49
C CYS E 41 -8.69 -12.67 24.37
N VAL E 42 -7.65 -11.86 24.19
CA VAL E 42 -6.29 -12.36 24.15
C VAL E 42 -5.46 -11.49 25.07
N GLU E 43 -4.62 -12.11 25.90
CA GLU E 43 -3.66 -11.37 26.73
C GLU E 43 -2.33 -12.12 26.73
N ILE E 44 -1.33 -11.47 26.16
CA ILE E 44 0.03 -12.00 26.12
C ILE E 44 0.69 -11.88 27.49
N GLY E 45 1.00 -13.00 28.10
CA GLY E 45 1.49 -13.05 29.47
C GLY E 45 2.96 -12.74 29.66
N GLU E 46 3.69 -12.43 28.58
CA GLU E 46 5.12 -12.12 28.68
C GLU E 46 5.51 -11.13 27.60
N SER E 47 6.65 -10.48 27.84
CA SER E 47 7.22 -9.57 26.86
C SER E 47 7.68 -10.34 25.64
N VAL E 48 7.33 -9.84 24.45
CA VAL E 48 7.80 -10.41 23.19
C VAL E 48 8.67 -9.41 22.44
N ARG E 49 9.00 -8.28 23.07
CA ARG E 49 9.80 -7.23 22.45
C ARG E 49 11.12 -7.80 21.97
N GLY E 50 11.35 -7.71 20.66
CA GLY E 50 12.59 -8.21 20.08
C GLY E 50 12.65 -9.71 19.92
N GLU E 51 11.54 -10.41 20.08
CA GLU E 51 11.58 -11.85 20.03
C GLU E 51 11.09 -12.33 18.67
N ASP E 52 11.54 -13.52 18.29
CA ASP E 52 11.11 -14.21 17.09
C ASP E 52 9.92 -15.08 17.51
N VAL E 53 8.69 -14.63 17.21
CA VAL E 53 7.47 -15.26 17.74
C VAL E 53 6.86 -16.19 16.69
N TYR E 54 6.46 -17.39 17.13
CA TYR E 54 5.75 -18.37 16.31
C TYR E 54 4.45 -18.68 17.03
N ILE E 55 3.31 -18.43 16.40
CA ILE E 55 2.02 -18.72 16.99
C ILE E 55 1.44 -19.95 16.29
N VAL E 56 1.19 -21.02 17.05
CA VAL E 56 0.62 -22.24 16.48
C VAL E 56 -0.89 -22.19 16.64
N GLN E 57 -1.59 -22.18 15.51
CA GLN E 57 -3.04 -22.13 15.51
C GLN E 57 -3.59 -22.84 14.27
N SER E 58 -4.09 -24.05 14.49
CA SER E 58 -4.64 -24.86 13.40
C SER E 58 -5.89 -24.14 12.89
N GLY E 59 -6.44 -24.62 11.81
CA GLY E 59 -7.65 -23.95 11.36
C GLY E 59 -8.87 -24.83 11.32
N CYS E 60 -8.98 -25.60 12.39
CA CYS E 60 -9.98 -26.60 12.71
C CYS E 60 -10.93 -26.01 13.78
N GLY E 61 -11.84 -26.86 14.36
CA GLY E 61 -12.52 -26.40 15.58
C GLY E 61 -13.43 -25.29 15.12
N GLU E 62 -13.86 -24.42 16.04
CA GLU E 62 -14.72 -23.32 15.58
C GLU E 62 -13.79 -22.37 14.83
N ILE E 63 -13.79 -22.50 13.50
CA ILE E 63 -12.79 -21.85 12.66
C ILE E 63 -12.78 -20.33 12.78
N ASN E 64 -13.92 -19.68 12.78
CA ASN E 64 -13.90 -18.22 12.87
C ASN E 64 -13.41 -17.71 14.22
N ASP E 65 -13.80 -18.34 15.31
CA ASP E 65 -13.22 -17.92 16.59
C ASP E 65 -11.72 -18.12 16.63
N ASN E 66 -11.24 -19.28 16.16
CA ASN E 66 -9.81 -19.56 16.11
C ASN E 66 -9.05 -18.61 15.18
N LEU E 67 -9.61 -18.32 14.00
CA LEU E 67 -9.01 -17.35 13.09
C LEU E 67 -8.93 -15.97 13.74
N MET E 68 -10.03 -15.50 14.34
CA MET E 68 -10.00 -14.22 15.02
C MET E 68 -8.97 -14.20 16.15
N GLU E 69 -8.87 -15.29 16.92
CA GLU E 69 -7.87 -15.40 17.98
C GLU E 69 -6.45 -15.26 17.42
N LEU E 70 -6.18 -15.97 16.30
CA LEU E 70 -4.89 -15.89 15.63
C LEU E 70 -4.57 -14.47 15.18
N LEU E 71 -5.54 -13.80 14.58
CA LEU E 71 -5.27 -12.45 14.07
C LEU E 71 -5.01 -11.48 15.21
N ILE E 72 -5.75 -11.60 16.32
CA ILE E 72 -5.49 -10.69 17.42
C ILE E 72 -4.13 -10.96 18.03
N MET E 73 -3.77 -12.23 18.17
CA MET E 73 -2.46 -12.57 18.71
C MET E 73 -1.31 -12.06 17.83
N ILE E 74 -1.36 -12.34 16.53
CA ILE E 74 -0.36 -11.80 15.60
C ILE E 74 -0.23 -10.27 15.70
N ASN E 75 -1.36 -9.59 15.59
CA ASN E 75 -1.35 -8.12 15.61
C ASN E 75 -0.79 -7.60 16.95
N ALA E 76 -1.25 -8.18 18.09
CA ALA E 76 -0.76 -7.79 19.42
C ALA E 76 0.75 -7.93 19.57
N CYS E 77 1.31 -9.03 19.05
CA CYS E 77 2.76 -9.22 19.08
C CYS E 77 3.46 -8.18 18.23
N LYS E 78 2.89 -7.86 17.07
CA LYS E 78 3.52 -6.88 16.20
C LYS E 78 3.58 -5.49 16.86
N ILE E 79 2.48 -5.07 17.52
CA ILE E 79 2.49 -3.76 18.20
C ILE E 79 3.19 -3.77 19.55
N ALA E 80 3.54 -4.94 20.07
CA ALA E 80 4.37 -5.03 21.25
C ALA E 80 5.84 -5.16 20.86
N SER E 81 6.14 -4.81 19.61
CA SER E 81 7.49 -4.64 19.10
C SER E 81 8.25 -5.96 19.03
N ALA E 82 7.53 -7.05 18.78
CA ALA E 82 8.15 -8.32 18.42
C ALA E 82 9.02 -8.17 17.18
N SER E 83 10.13 -8.90 17.14
CA SER E 83 11.03 -8.84 15.99
C SER E 83 10.39 -9.41 14.72
N ARG E 84 9.70 -10.53 14.85
CA ARG E 84 9.06 -11.25 13.75
C ARG E 84 7.93 -12.09 14.32
N VAL E 85 6.83 -12.15 13.58
CA VAL E 85 5.69 -12.96 13.95
C VAL E 85 5.40 -13.91 12.79
N THR E 86 5.46 -15.21 13.07
CA THR E 86 5.19 -16.27 12.11
C THR E 86 3.92 -16.99 12.55
N ALA E 87 3.00 -17.19 11.63
CA ALA E 87 1.81 -17.96 11.91
C ALA E 87 2.06 -19.39 11.48
N VAL E 88 1.96 -20.31 12.43
CA VAL E 88 2.15 -21.71 12.13
C VAL E 88 0.73 -22.25 12.09
N ILE E 89 0.23 -22.54 10.90
CA ILE E 89 -1.17 -22.89 10.69
C ILE E 89 -1.16 -24.23 9.99
N PRO E 90 -1.08 -25.33 10.75
CA PRO E 90 -0.95 -26.65 10.13
C PRO E 90 -1.97 -26.92 9.04
N CYS E 91 -3.26 -26.68 9.32
CA CYS E 91 -4.33 -26.83 8.32
C CYS E 91 -4.91 -25.45 8.00
N PHE E 92 -4.64 -24.95 6.81
CA PHE E 92 -5.07 -23.63 6.41
C PHE E 92 -6.59 -23.55 6.20
N PRO E 93 -7.32 -22.72 6.95
CA PRO E 93 -8.78 -22.61 6.80
C PRO E 93 -9.22 -22.01 5.47
N TYR E 94 -10.32 -22.49 4.94
CA TYR E 94 -10.94 -21.96 3.76
C TYR E 94 -10.28 -22.24 2.47
N ALA E 95 -9.39 -23.19 2.47
CA ALA E 95 -8.69 -23.57 1.30
C ALA E 95 -9.56 -24.10 0.22
N ARG E 96 -10.60 -24.81 0.58
CA ARG E 96 -11.50 -25.44 -0.37
C ARG E 96 -12.64 -24.62 -0.94
N GLN E 97 -12.90 -24.74 -2.21
CA GLN E 97 -13.92 -23.95 -2.78
C GLN E 97 -14.87 -24.78 -3.53
N ASP E 98 -15.89 -25.32 -2.90
CA ASP E 98 -16.92 -26.08 -3.63
C ASP E 98 -17.53 -25.08 -4.51
N LYS E 99 -17.85 -25.44 -5.75
CA LYS E 99 -18.38 -24.33 -6.56
C LYS E 99 -19.79 -24.61 -7.11
N LYS E 100 -19.83 -24.59 -8.43
CA LYS E 100 -20.90 -24.72 -9.45
C LYS E 100 -20.13 -24.07 -10.59
N ASP E 101 -19.09 -24.72 -11.11
CA ASP E 101 -18.16 -23.94 -11.96
C ASP E 101 -18.97 -23.15 -12.99
N LYS E 102 -18.81 -21.84 -12.98
CA LYS E 102 -19.56 -21.09 -13.97
C LYS E 102 -18.78 -21.51 -15.21
N VAL E 103 -19.41 -22.53 -15.75
CA VAL E 103 -19.02 -23.42 -16.87
C VAL E 103 -18.37 -22.63 -17.98
N GLY E 104 -18.33 -21.32 -17.88
CA GLY E 104 -17.77 -20.59 -18.97
C GLY E 104 -16.50 -20.06 -18.42
N GLU E 105 -16.45 -20.02 -17.13
CA GLU E 105 -15.35 -19.49 -16.40
C GLU E 105 -15.24 -20.12 -15.05
N SER E 106 -14.28 -19.65 -14.29
CA SER E 106 -14.08 -20.18 -12.99
C SER E 106 -14.23 -19.15 -11.94
N ARG E 107 -14.63 -19.59 -10.78
CA ARG E 107 -14.74 -18.74 -9.61
C ARG E 107 -13.37 -18.45 -9.01
N ALA E 108 -13.31 -17.40 -8.17
CA ALA E 108 -12.00 -17.03 -7.70
C ALA E 108 -11.94 -17.50 -6.26
N PRO E 109 -10.80 -17.72 -5.72
CA PRO E 109 -10.67 -18.06 -4.29
C PRO E 109 -10.83 -16.79 -3.47
N ILE E 110 -12.07 -16.27 -3.40
CA ILE E 110 -12.37 -15.23 -2.41
C ILE E 110 -11.97 -15.62 -1.00
N SER E 111 -12.60 -16.64 -0.40
CA SER E 111 -12.29 -16.85 1.02
C SER E 111 -10.82 -17.22 1.32
N ALA E 112 -10.12 -17.94 0.44
CA ALA E 112 -8.73 -18.22 0.79
C ALA E 112 -7.83 -16.99 0.71
N LYS E 113 -8.11 -16.11 -0.24
CA LYS E 113 -7.38 -14.85 -0.35
C LYS E 113 -7.77 -13.91 0.79
N LEU E 114 -9.06 -13.85 1.16
CA LEU E 114 -9.46 -13.08 2.34
C LEU E 114 -8.69 -13.50 3.57
N VAL E 115 -8.63 -14.81 3.83
CA VAL E 115 -7.88 -15.29 4.99
C VAL E 115 -6.43 -14.83 4.90
N ALA E 116 -5.82 -14.98 3.71
CA ALA E 116 -4.46 -14.51 3.47
C ALA E 116 -4.28 -13.02 3.72
N ASN E 117 -5.22 -12.20 3.23
CA ASN E 117 -5.16 -10.75 3.41
C ASN E 117 -5.29 -10.37 4.86
N MET E 118 -6.12 -11.07 5.60
CA MET E 118 -6.26 -10.77 7.01
C MET E 118 -4.98 -11.13 7.76
N LEU E 119 -4.38 -12.28 7.43
CA LEU E 119 -3.11 -12.58 8.07
C LEU E 119 -2.10 -11.48 7.78
N SER E 120 -2.06 -10.99 6.54
CA SER E 120 -1.12 -9.94 6.17
C SER E 120 -1.38 -8.62 6.91
N VAL E 121 -2.61 -8.14 6.94
CA VAL E 121 -2.87 -6.88 7.66
C VAL E 121 -2.73 -7.01 9.16
N ALA E 122 -2.96 -8.21 9.70
CA ALA E 122 -2.70 -8.42 11.12
C ALA E 122 -1.23 -8.24 11.44
N GLY E 123 -0.34 -8.55 10.49
CA GLY E 123 1.08 -8.32 10.67
C GLY E 123 1.94 -9.56 10.60
N ALA E 124 1.42 -10.66 10.08
CA ALA E 124 2.23 -11.86 9.88
C ALA E 124 3.39 -11.62 8.91
N ASP E 125 4.56 -12.09 9.30
CA ASP E 125 5.73 -11.94 8.47
C ASP E 125 6.08 -13.21 7.71
N HIS E 126 5.48 -14.33 8.08
CA HIS E 126 5.94 -15.58 7.50
C HIS E 126 4.83 -16.57 7.88
N ILE E 127 4.52 -17.52 7.00
CA ILE E 127 3.53 -18.57 7.27
C ILE E 127 4.19 -19.95 7.19
N ILE E 128 3.96 -20.79 8.19
CA ILE E 128 4.29 -22.21 8.08
C ILE E 128 2.97 -22.99 8.10
N THR E 129 2.75 -23.83 7.07
CA THR E 129 1.52 -24.61 6.92
C THR E 129 1.83 -26.01 6.36
N MET E 130 0.81 -26.88 6.32
CA MET E 130 0.97 -28.22 5.75
C MET E 130 -0.07 -28.58 4.70
N ASP E 131 0.40 -29.11 3.57
CA ASP E 131 -0.42 -29.56 2.44
C ASP E 131 -1.60 -28.66 2.15
N LEU E 132 -1.28 -27.42 1.77
CA LEU E 132 -2.31 -26.51 1.26
C LEU E 132 -3.13 -27.26 0.22
N HIS E 133 -4.45 -27.10 0.28
CA HIS E 133 -5.32 -27.77 -0.68
C HIS E 133 -4.83 -27.45 -2.09
N ALA E 134 -4.49 -26.17 -2.35
CA ALA E 134 -3.80 -25.82 -3.58
C ALA E 134 -2.55 -25.05 -3.18
N SER E 135 -1.40 -25.50 -3.69
CA SER E 135 -0.09 -24.90 -3.41
C SER E 135 0.00 -23.44 -3.83
N GLN E 136 -0.81 -23.04 -4.79
CA GLN E 136 -0.87 -21.67 -5.25
C GLN E 136 -1.32 -20.73 -4.14
N ILE E 137 -1.96 -21.25 -3.09
CA ILE E 137 -2.32 -20.37 -2.00
C ILE E 137 -1.08 -19.67 -1.48
N GLN E 138 0.09 -20.29 -1.64
CA GLN E 138 1.38 -19.67 -1.30
C GLN E 138 1.54 -18.28 -1.91
N GLY E 139 1.10 -18.09 -3.15
CA GLY E 139 1.12 -16.81 -3.84
C GLY E 139 0.03 -15.80 -3.50
N PHE E 140 -0.86 -16.11 -2.58
CA PHE E 140 -1.84 -15.17 -2.07
C PHE E 140 -1.26 -14.19 -1.07
N PHE E 141 -0.01 -14.42 -0.67
CA PHE E 141 0.77 -13.59 0.25
C PHE E 141 1.92 -12.91 -0.49
N ASP E 142 2.50 -11.89 0.13
CA ASP E 142 3.80 -11.35 -0.30
C ASP E 142 4.92 -11.74 0.64
N ILE E 143 4.58 -12.18 1.84
CA ILE E 143 5.51 -12.75 2.80
C ILE E 143 5.82 -14.18 2.40
N PRO E 144 6.95 -14.74 2.81
CA PRO E 144 7.24 -16.15 2.53
C PRO E 144 6.22 -17.08 3.18
N VAL E 145 5.80 -18.11 2.45
CA VAL E 145 4.97 -19.19 2.99
C VAL E 145 5.74 -20.49 2.78
N ASP E 146 5.85 -21.31 3.83
CA ASP E 146 6.36 -22.67 3.70
C ASP E 146 5.18 -23.64 3.67
N ASN E 147 4.99 -24.30 2.55
CA ASN E 147 3.91 -25.27 2.46
C ASN E 147 4.62 -26.61 2.59
N LEU E 148 4.64 -27.16 3.79
CA LEU E 148 5.31 -28.43 4.07
C LEU E 148 4.44 -29.60 3.62
N TYR E 149 5.09 -30.73 3.30
CA TYR E 149 4.40 -31.93 2.85
C TYR E 149 4.50 -33.07 3.86
N ALA E 150 3.36 -33.76 4.03
CA ALA E 150 3.25 -34.97 4.83
C ALA E 150 3.67 -36.23 4.11
N GLU E 151 3.89 -36.15 2.80
CA GLU E 151 4.21 -37.35 2.04
C GLU E 151 5.31 -38.19 2.69
N PRO E 152 6.47 -37.65 3.06
CA PRO E 152 7.48 -38.54 3.67
C PRO E 152 6.98 -39.29 4.89
N ALA E 153 6.19 -38.68 5.78
CA ALA E 153 5.70 -39.43 6.94
C ALA E 153 4.66 -40.47 6.54
N VAL E 154 3.89 -40.18 5.50
CA VAL E 154 2.93 -41.14 4.99
C VAL E 154 3.63 -42.30 4.34
N LEU E 155 4.59 -41.96 3.52
CA LEU E 155 5.35 -42.95 2.85
C LEU E 155 5.98 -43.83 3.86
N LYS E 156 6.40 -43.29 4.95
CA LYS E 156 7.03 -44.08 5.95
C LYS E 156 6.06 -45.05 6.49
N TRP E 157 4.98 -44.55 7.07
CA TRP E 157 3.94 -45.35 7.68
C TRP E 157 3.53 -46.43 6.79
N ILE E 158 3.43 -46.13 5.53
CA ILE E 158 3.05 -47.19 4.60
C ILE E 158 4.06 -48.33 4.64
N ARG E 159 5.35 -48.05 4.41
CA ARG E 159 6.31 -49.16 4.46
C ARG E 159 6.30 -49.91 5.79
N GLU E 160 6.13 -49.21 6.90
CA GLU E 160 6.22 -49.86 8.21
C GLU E 160 4.93 -50.55 8.68
N ASN E 161 3.75 -50.15 8.19
CA ASN E 161 2.47 -50.61 8.78
C ASN E 161 1.60 -51.44 7.84
N ILE E 162 1.82 -51.39 6.53
CA ILE E 162 1.05 -52.19 5.58
C ILE E 162 2.03 -53.23 5.03
N SER E 163 1.82 -54.52 5.34
CA SER E 163 2.78 -55.55 4.96
C SER E 163 2.97 -55.63 3.45
N GLU E 164 1.89 -55.83 2.70
CA GLU E 164 1.97 -56.04 1.26
C GLU E 164 2.11 -54.76 0.44
N TRP E 165 2.70 -53.71 1.05
CA TRP E 165 2.81 -52.38 0.43
C TRP E 165 3.62 -52.46 -0.86
N ARG E 166 4.43 -53.49 -1.00
CA ARG E 166 5.29 -53.65 -2.14
C ARG E 166 4.46 -54.04 -3.35
N ASN E 167 3.33 -54.57 -3.09
CA ASN E 167 2.46 -55.05 -4.10
C ASN E 167 1.18 -54.30 -4.21
N CYS E 168 1.07 -53.18 -3.55
CA CYS E 168 -0.15 -52.44 -3.56
C CYS E 168 -0.29 -51.40 -4.55
N THR E 169 -1.40 -50.71 -4.48
CA THR E 169 -1.73 -49.67 -5.42
C THR E 169 -2.35 -48.50 -4.72
N ILE E 170 -2.18 -47.31 -5.25
CA ILE E 170 -2.68 -46.13 -4.61
C ILE E 170 -3.69 -45.55 -5.46
N VAL E 171 -4.80 -45.23 -4.85
CA VAL E 171 -5.96 -44.76 -5.51
C VAL E 171 -6.34 -43.42 -5.05
N SER E 172 -6.87 -42.63 -5.96
CA SER E 172 -7.30 -41.32 -5.77
C SER E 172 -8.77 -41.32 -5.85
N PRO E 173 -9.39 -40.71 -4.92
CA PRO E 173 -10.82 -40.63 -4.80
C PRO E 173 -11.49 -39.80 -5.78
N ASP E 174 -10.80 -38.84 -6.27
CA ASP E 174 -11.32 -37.96 -7.23
C ASP E 174 -10.38 -37.58 -8.29
N ALA E 175 -10.88 -36.85 -9.22
CA ALA E 175 -10.13 -36.40 -10.34
C ALA E 175 -8.92 -35.57 -10.04
N GLY E 176 -9.03 -34.66 -9.13
CA GLY E 176 -7.96 -33.77 -8.78
C GLY E 176 -6.83 -34.26 -7.98
N GLY E 177 -6.99 -35.43 -7.45
CA GLY E 177 -6.02 -36.01 -6.60
C GLY E 177 -5.07 -36.91 -7.24
N ALA E 178 -4.98 -36.87 -8.53
CA ALA E 178 -4.12 -37.67 -9.24
C ALA E 178 -2.74 -37.39 -9.00
N LYS E 179 -2.30 -36.16 -8.97
CA LYS E 179 -0.88 -35.91 -8.84
C LYS E 179 -0.34 -36.42 -7.58
N ARG E 180 -1.05 -36.23 -6.49
CA ARG E 180 -0.62 -36.70 -5.23
C ARG E 180 -0.47 -38.13 -5.22
N VAL E 181 -1.42 -38.84 -5.75
CA VAL E 181 -1.33 -40.24 -5.81
C VAL E 181 -0.21 -40.67 -6.70
N THR E 182 -0.10 -40.11 -7.87
CA THR E 182 1.00 -40.58 -8.70
C THR E 182 2.36 -40.35 -8.05
N SER E 183 2.49 -39.25 -7.32
CA SER E 183 3.72 -38.99 -6.59
C SER E 183 4.03 -40.09 -5.61
N ILE E 184 3.02 -40.52 -4.85
CA ILE E 184 3.31 -41.54 -3.85
C ILE E 184 3.57 -42.88 -4.52
N ALA E 185 2.80 -43.21 -5.54
CA ALA E 185 3.07 -44.47 -6.22
C ALA E 185 4.44 -44.47 -6.86
N ASP E 186 4.89 -43.33 -7.40
CA ASP E 186 6.23 -43.34 -7.98
C ASP E 186 7.29 -43.48 -6.91
N ARG E 187 7.09 -42.84 -5.78
CA ARG E 187 8.09 -42.98 -4.73
C ARG E 187 8.13 -44.42 -4.22
N LEU E 188 6.97 -45.09 -4.15
CA LEU E 188 6.96 -46.48 -3.66
C LEU E 188 7.23 -47.54 -4.72
N ASN E 189 7.35 -47.18 -5.99
CA ASN E 189 7.42 -48.16 -7.06
C ASN E 189 6.24 -49.14 -7.08
N VAL E 190 5.04 -48.60 -7.02
CA VAL E 190 3.85 -49.42 -7.01
C VAL E 190 2.93 -48.87 -8.09
N ASP E 191 1.79 -49.52 -8.28
CA ASP E 191 0.79 -49.17 -9.29
C ASP E 191 -0.09 -48.03 -8.78
N PHE E 192 -0.70 -47.28 -9.68
CA PHE E 192 -1.72 -46.34 -9.23
C PHE E 192 -3.01 -46.55 -10.01
N ALA E 193 -4.11 -46.10 -9.41
CA ALA E 193 -5.40 -46.10 -10.09
C ALA E 193 -6.19 -44.89 -9.60
N LEU E 194 -7.23 -44.50 -10.33
CA LEU E 194 -8.02 -43.34 -9.94
C LEU E 194 -9.51 -43.61 -10.10
N ILE E 195 -10.31 -43.08 -9.17
CA ILE E 195 -11.77 -43.17 -9.18
C ILE E 195 -12.37 -41.80 -9.54
N HIS E 196 -13.47 -41.82 -10.32
CA HIS E 196 -14.23 -40.64 -10.74
C HIS E 196 -15.74 -40.88 -10.79
N LYS E 197 -16.54 -39.91 -10.31
CA LYS E 197 -18.00 -40.05 -10.50
C LYS E 197 -18.41 -39.38 -11.83
N ARG E 207 -23.44 -42.53 -10.29
CA ARG E 207 -22.58 -43.69 -10.56
C ARG E 207 -21.06 -43.35 -10.60
N MET E 208 -20.23 -44.29 -10.11
CA MET E 208 -18.80 -44.07 -9.94
C MET E 208 -18.02 -45.16 -10.68
N VAL E 209 -16.99 -44.73 -11.41
CA VAL E 209 -16.10 -45.53 -12.26
C VAL E 209 -14.64 -45.54 -11.77
N LEU E 210 -14.01 -46.70 -11.99
CA LEU E 210 -12.61 -46.99 -11.65
C LEU E 210 -11.78 -47.17 -12.90
N VAL E 211 -10.67 -46.45 -12.95
CA VAL E 211 -9.66 -46.62 -13.98
C VAL E 211 -8.38 -47.11 -13.32
N GLY E 212 -7.85 -48.24 -13.81
CA GLY E 212 -6.66 -48.86 -13.23
C GLY E 212 -6.88 -50.23 -12.62
N ASP E 213 -5.82 -51.00 -12.44
CA ASP E 213 -5.97 -52.37 -11.95
C ASP E 213 -5.79 -52.33 -10.42
N VAL E 214 -6.81 -52.80 -9.70
CA VAL E 214 -6.83 -52.90 -8.25
C VAL E 214 -7.14 -54.31 -7.76
N LYS E 215 -7.52 -55.19 -8.70
CA LYS E 215 -7.95 -56.55 -8.34
C LYS E 215 -6.92 -57.35 -7.54
N ASP E 216 -7.34 -57.88 -6.39
CA ASP E 216 -6.57 -58.81 -5.53
C ASP E 216 -5.29 -58.25 -4.91
N ARG E 217 -5.18 -56.92 -4.79
CA ARG E 217 -4.04 -56.23 -4.21
C ARG E 217 -4.56 -55.12 -3.29
N VAL E 218 -3.73 -54.72 -2.33
CA VAL E 218 -4.09 -53.67 -1.39
C VAL E 218 -4.21 -52.30 -2.04
N ALA E 219 -5.35 -51.64 -1.82
CA ALA E 219 -5.62 -50.30 -2.33
C ALA E 219 -5.55 -49.25 -1.22
N ILE E 220 -4.75 -48.20 -1.42
CA ILE E 220 -4.62 -47.10 -0.46
C ILE E 220 -5.22 -45.83 -1.08
N LEU E 221 -6.36 -45.39 -0.59
CA LEU E 221 -6.93 -44.12 -1.00
C LEU E 221 -6.13 -42.98 -0.38
N VAL E 222 -5.56 -42.09 -1.19
CA VAL E 222 -4.80 -40.96 -0.65
C VAL E 222 -5.41 -39.64 -1.12
N ASP E 223 -5.61 -38.73 -0.17
CA ASP E 223 -6.17 -37.43 -0.48
C ASP E 223 -5.67 -36.46 0.58
N ASP E 224 -5.88 -35.20 0.34
CA ASP E 224 -5.48 -34.19 1.26
C ASP E 224 -6.24 -34.03 2.50
N MET E 225 -7.53 -34.22 2.47
CA MET E 225 -8.34 -34.02 3.63
C MET E 225 -9.58 -34.80 3.66
N ALA E 226 -10.20 -34.90 4.79
CA ALA E 226 -11.45 -35.59 4.83
C ALA E 226 -12.29 -34.79 5.68
N ASP E 227 -13.43 -34.37 5.20
CA ASP E 227 -14.30 -33.59 5.98
C ASP E 227 -15.41 -34.50 6.22
N THR E 228 -16.41 -34.42 5.41
CA THR E 228 -17.59 -35.16 5.46
C THR E 228 -17.47 -36.58 5.18
N CYS E 229 -16.47 -37.00 4.44
CA CYS E 229 -16.09 -38.39 4.13
C CYS E 229 -16.96 -39.14 3.22
N GLY E 230 -17.80 -38.41 2.53
CA GLY E 230 -18.71 -39.07 1.68
C GLY E 230 -17.99 -39.74 0.60
N THR E 231 -17.10 -39.02 -0.02
CA THR E 231 -16.41 -39.52 -1.13
C THR E 231 -15.49 -40.65 -0.92
N ILE E 232 -14.70 -40.66 0.14
CA ILE E 232 -13.77 -41.79 0.37
C ILE E 232 -14.55 -43.06 0.70
N CYS E 233 -15.70 -42.96 1.32
CA CYS E 233 -16.47 -44.09 1.65
C CYS E 233 -16.95 -44.77 0.45
N HIS E 234 -17.47 -44.08 -0.55
CA HIS E 234 -17.90 -44.77 -1.73
C HIS E 234 -16.70 -45.28 -2.35
N ALA E 235 -15.73 -44.46 -2.50
CA ALA E 235 -14.52 -44.99 -3.12
C ALA E 235 -14.11 -46.33 -2.50
N ALA E 236 -14.23 -46.46 -1.18
CA ALA E 236 -13.90 -47.74 -0.55
C ALA E 236 -14.83 -48.86 -1.02
N ASP E 237 -16.13 -48.55 -1.15
CA ASP E 237 -17.06 -49.54 -1.69
C ASP E 237 -16.67 -49.98 -3.10
N LYS E 238 -16.38 -49.01 -3.99
CA LYS E 238 -16.02 -49.35 -5.37
C LYS E 238 -14.74 -50.16 -5.43
N LEU E 239 -13.75 -49.84 -4.58
CA LEU E 239 -12.53 -50.64 -4.52
C LEU E 239 -12.79 -52.06 -4.03
N LEU E 240 -13.76 -52.23 -3.14
CA LEU E 240 -14.13 -53.59 -2.73
C LEU E 240 -14.80 -54.33 -3.87
N SER E 241 -15.70 -53.65 -4.60
CA SER E 241 -16.39 -54.24 -5.74
C SER E 241 -15.42 -54.65 -6.85
N ALA E 242 -14.26 -54.01 -6.94
CA ALA E 242 -13.26 -54.32 -7.95
C ALA E 242 -12.30 -55.39 -7.47
N GLY E 243 -12.53 -55.96 -6.29
CA GLY E 243 -11.76 -57.09 -5.80
C GLY E 243 -10.47 -56.77 -5.11
N ALA E 244 -10.35 -55.57 -4.54
CA ALA E 244 -9.19 -55.24 -3.72
C ALA E 244 -9.24 -55.99 -2.38
N THR E 245 -8.10 -56.54 -1.98
CA THR E 245 -8.02 -57.32 -0.74
C THR E 245 -8.51 -56.51 0.46
N ARG E 246 -7.81 -55.41 0.79
CA ARG E 246 -8.22 -54.51 1.86
C ARG E 246 -7.95 -53.09 1.41
N VAL E 247 -8.79 -52.17 1.87
CA VAL E 247 -8.71 -50.76 1.51
C VAL E 247 -8.32 -49.92 2.72
N TYR E 248 -7.30 -49.05 2.53
CA TYR E 248 -6.87 -48.05 3.52
C TYR E 248 -7.23 -46.66 3.02
N ALA E 249 -7.37 -45.71 3.94
CA ALA E 249 -7.55 -44.30 3.60
C ALA E 249 -6.52 -43.48 4.37
N ILE E 250 -5.71 -42.70 3.65
CA ILE E 250 -4.70 -41.83 4.22
C ILE E 250 -4.92 -40.40 3.74
N LEU E 251 -5.20 -39.51 4.70
CA LEU E 251 -5.49 -38.11 4.47
C LEU E 251 -4.57 -37.31 5.39
N THR E 252 -4.03 -36.21 4.89
CA THR E 252 -3.21 -35.34 5.74
C THR E 252 -4.02 -34.60 6.79
N HIS E 253 -5.15 -34.02 6.40
CA HIS E 253 -6.03 -33.26 7.30
C HIS E 253 -7.31 -34.03 7.64
N GLY E 254 -7.46 -34.44 8.88
CA GLY E 254 -8.67 -35.16 9.20
C GLY E 254 -9.71 -34.27 9.85
N ILE E 255 -10.52 -33.58 9.04
CA ILE E 255 -11.55 -32.68 9.58
C ILE E 255 -12.69 -33.47 10.20
N PHE E 256 -13.24 -34.46 9.49
CA PHE E 256 -14.29 -35.37 9.99
C PHE E 256 -15.51 -34.68 10.59
N SER E 257 -16.22 -33.86 9.81
CA SER E 257 -17.41 -33.18 10.31
C SER E 257 -18.70 -33.91 9.97
N GLY E 258 -19.73 -33.63 10.74
CA GLY E 258 -21.03 -34.21 10.46
C GLY E 258 -21.07 -35.70 10.64
N PRO E 259 -21.52 -36.39 9.59
CA PRO E 259 -21.69 -37.84 9.67
C PRO E 259 -20.41 -38.64 9.42
N ALA E 260 -19.28 -37.93 9.29
CA ALA E 260 -18.01 -38.54 8.90
C ALA E 260 -17.66 -39.75 9.77
N ILE E 261 -17.72 -39.57 11.10
CA ILE E 261 -17.36 -40.67 12.00
C ILE E 261 -18.29 -41.85 11.81
N SER E 262 -19.58 -41.56 11.69
CA SER E 262 -20.53 -42.62 11.46
C SER E 262 -20.26 -43.32 10.15
N ARG E 263 -19.91 -42.57 9.12
CA ARG E 263 -19.61 -43.17 7.83
C ARG E 263 -18.38 -44.10 7.87
N ILE E 264 -17.30 -43.66 8.51
CA ILE E 264 -16.09 -44.49 8.55
C ILE E 264 -16.34 -45.80 9.30
N ASN E 265 -16.95 -45.74 10.48
CA ASN E 265 -17.27 -47.00 11.17
C ASN E 265 -18.14 -47.93 10.31
N ASN E 266 -19.11 -47.36 9.57
CA ASN E 266 -19.93 -48.18 8.67
C ASN E 266 -19.19 -48.65 7.43
N ALA E 267 -18.13 -47.96 7.02
CA ALA E 267 -17.37 -48.30 5.83
C ALA E 267 -16.44 -49.47 6.10
N CYS E 268 -15.83 -49.98 5.03
CA CYS E 268 -15.04 -51.19 5.04
C CYS E 268 -13.55 -50.95 5.25
N PHE E 269 -13.15 -49.75 5.66
CA PHE E 269 -11.75 -49.40 5.83
C PHE E 269 -11.04 -50.31 6.83
N GLU E 270 -9.86 -50.79 6.45
CA GLU E 270 -9.00 -51.49 7.40
C GLU E 270 -8.46 -50.51 8.44
N ALA E 271 -8.12 -49.29 8.01
CA ALA E 271 -7.68 -48.22 8.91
C ALA E 271 -7.83 -46.89 8.18
N VAL E 272 -8.12 -45.82 8.93
CA VAL E 272 -8.08 -44.45 8.39
C VAL E 272 -6.96 -43.68 9.10
N VAL E 273 -5.96 -43.24 8.34
CA VAL E 273 -4.76 -42.58 8.85
C VAL E 273 -4.78 -41.09 8.52
N VAL E 274 -4.59 -40.25 9.53
CA VAL E 274 -4.51 -38.81 9.35
C VAL E 274 -3.28 -38.31 10.09
N THR E 275 -2.84 -37.09 9.79
CA THR E 275 -1.79 -36.58 10.64
C THR E 275 -2.39 -35.81 11.80
N ASN E 276 -1.53 -35.30 12.69
CA ASN E 276 -1.95 -34.56 13.89
C ASN E 276 -2.20 -33.09 13.64
N THR E 277 -2.33 -32.64 12.38
CA THR E 277 -2.48 -31.20 12.13
C THR E 277 -3.77 -30.71 12.76
N ILE E 278 -4.74 -31.60 12.93
CA ILE E 278 -5.99 -31.32 13.63
C ILE E 278 -6.09 -32.32 14.77
N PRO E 279 -6.62 -31.91 15.93
CA PRO E 279 -6.80 -32.83 17.05
C PRO E 279 -7.72 -33.99 16.74
N GLN E 280 -7.28 -35.18 17.14
CA GLN E 280 -7.99 -36.43 16.87
C GLN E 280 -8.39 -37.14 18.15
N GLU E 281 -7.82 -36.77 19.30
CA GLU E 281 -8.08 -37.49 20.54
C GLU E 281 -9.56 -37.75 20.78
N ASP E 282 -10.37 -36.70 20.64
CA ASP E 282 -11.83 -36.83 20.77
C ASP E 282 -12.45 -37.76 19.76
N LYS E 283 -11.98 -37.74 18.51
CA LYS E 283 -12.64 -38.50 17.46
C LYS E 283 -12.25 -39.97 17.48
N MET E 284 -11.04 -40.28 17.95
CA MET E 284 -10.59 -41.65 18.11
C MET E 284 -11.36 -42.40 19.19
N LYS E 285 -11.94 -41.68 20.15
CA LYS E 285 -12.70 -42.31 21.23
C LYS E 285 -13.94 -42.96 20.67
N HIS E 286 -14.51 -42.37 19.63
CA HIS E 286 -15.69 -42.88 18.97
C HIS E 286 -15.39 -43.54 17.65
N CYS E 287 -14.13 -43.61 17.22
CA CYS E 287 -13.81 -44.27 15.96
C CYS E 287 -12.52 -45.07 16.05
N SER E 288 -12.64 -46.38 15.94
CA SER E 288 -11.52 -47.27 16.22
C SER E 288 -10.52 -47.33 15.09
N LYS E 289 -10.92 -46.94 13.89
CA LYS E 289 -10.07 -47.16 12.73
C LYS E 289 -9.17 -45.97 12.46
N ILE E 290 -9.35 -44.87 13.18
CA ILE E 290 -8.46 -43.73 13.06
C ILE E 290 -7.12 -43.96 13.76
N GLN E 291 -6.03 -43.76 13.02
CA GLN E 291 -4.65 -43.71 13.48
C GLN E 291 -4.06 -42.37 13.07
N VAL E 292 -3.16 -41.82 13.91
CA VAL E 292 -2.53 -40.53 13.62
C VAL E 292 -1.05 -40.67 13.37
N ILE E 293 -0.55 -39.97 12.33
CA ILE E 293 0.88 -39.75 12.14
C ILE E 293 1.28 -38.44 12.79
N ASP E 294 2.26 -38.49 13.69
CA ASP E 294 2.77 -37.25 14.29
C ASP E 294 3.63 -36.47 13.30
N ILE E 295 3.30 -35.20 13.05
CA ILE E 295 4.04 -34.34 12.12
C ILE E 295 4.70 -33.19 12.88
N SER E 296 4.76 -33.26 14.22
CA SER E 296 5.40 -32.22 15.01
C SER E 296 6.83 -32.02 14.60
N MET E 297 7.52 -33.02 14.11
CA MET E 297 8.88 -32.71 13.75
C MET E 297 8.93 -31.97 12.44
N ILE E 298 8.11 -32.32 11.50
CA ILE E 298 8.14 -31.51 10.26
C ILE E 298 7.98 -30.02 10.57
N LEU E 299 7.02 -29.67 11.43
CA LEU E 299 6.75 -28.27 11.74
C LEU E 299 7.88 -27.67 12.57
N ALA E 300 8.32 -28.39 13.59
CA ALA E 300 9.43 -27.95 14.40
C ALA E 300 10.63 -27.65 13.54
N GLU E 301 10.89 -28.49 12.54
CA GLU E 301 12.05 -28.27 11.69
C GLU E 301 11.89 -27.03 10.81
N ALA E 302 10.67 -26.77 10.32
CA ALA E 302 10.47 -25.51 9.59
C ALA E 302 10.60 -24.28 10.46
N ILE E 303 10.22 -24.35 11.74
CA ILE E 303 10.36 -23.17 12.58
C ILE E 303 11.83 -22.95 12.88
N ARG E 304 12.54 -24.04 13.14
CA ARG E 304 13.96 -23.97 13.38
C ARG E 304 14.69 -23.37 12.19
N ARG E 305 14.24 -23.67 10.96
CA ARG E 305 14.95 -23.13 9.80
C ARG E 305 14.60 -21.67 9.50
N THR E 306 13.33 -21.29 9.68
CA THR E 306 12.92 -19.88 9.57
C THR E 306 13.66 -19.04 10.59
N HIS E 307 13.89 -19.54 11.75
CA HIS E 307 14.60 -18.81 12.73
C HIS E 307 16.00 -18.53 12.33
N ASN E 308 16.61 -19.42 11.61
CA ASN E 308 17.95 -19.24 11.19
C ASN E 308 18.92 -18.98 12.28
N GLY E 309 18.94 -19.84 13.26
CA GLY E 309 19.85 -19.68 14.36
C GLY E 309 21.04 -20.53 14.31
N GLU E 310 21.02 -21.52 13.43
CA GLU E 310 22.18 -22.43 13.39
C GLU E 310 23.11 -22.21 12.21
N SER E 311 22.71 -22.29 10.95
CA SER E 311 23.83 -22.31 9.98
C SER E 311 23.57 -21.77 8.60
N VAL E 312 22.55 -21.01 8.35
CA VAL E 312 22.49 -20.48 6.94
C VAL E 312 22.34 -21.45 5.79
N SER E 313 23.16 -22.47 5.81
CA SER E 313 23.18 -23.53 4.88
C SER E 313 22.48 -24.72 5.49
N TYR E 314 21.55 -24.52 6.39
CA TYR E 314 20.77 -25.57 6.92
C TYR E 314 19.92 -26.03 5.77
N LEU E 315 19.84 -27.33 5.56
CA LEU E 315 18.98 -27.84 4.55
C LEU E 315 18.02 -28.65 5.30
N PHE E 316 16.76 -28.37 5.08
CA PHE E 316 15.62 -29.01 5.68
C PHE E 316 15.52 -30.45 5.37
N SER E 317 15.85 -30.76 4.15
CA SER E 317 15.80 -32.08 3.60
C SER E 317 16.75 -33.08 4.20
N HIS E 318 17.71 -32.61 4.97
CA HIS E 318 18.72 -33.52 5.51
C HIS E 318 18.34 -34.13 6.85
N VAL E 319 17.50 -33.45 7.64
CA VAL E 319 17.16 -33.97 8.97
C VAL E 319 16.34 -35.25 8.81
N PRO E 320 16.68 -36.32 9.54
CA PRO E 320 15.88 -37.54 9.46
C PRO E 320 14.45 -37.33 9.93
N LEU E 321 13.62 -38.36 9.80
CA LEU E 321 12.26 -38.25 10.30
C LEU E 321 12.08 -39.17 11.49
N PRO F 2 -20.68 4.64 -23.10
CA PRO F 2 -20.36 4.89 -24.53
C PRO F 2 -18.86 5.27 -24.71
N ASN F 3 -18.07 4.62 -23.85
CA ASN F 3 -16.65 4.86 -23.63
C ASN F 3 -15.79 3.65 -23.98
N ILE F 4 -16.03 2.91 -25.04
CA ILE F 4 -15.12 1.76 -25.18
C ILE F 4 -14.04 2.03 -26.21
N LYS F 5 -12.82 1.67 -25.86
CA LYS F 5 -11.65 1.76 -26.71
C LYS F 5 -10.88 0.44 -26.54
N ILE F 6 -10.75 -0.28 -27.61
CA ILE F 6 -10.00 -1.47 -27.62
C ILE F 6 -8.72 -1.10 -28.27
N PHE F 7 -7.63 -1.38 -27.62
CA PHE F 7 -6.33 -1.11 -28.15
C PHE F 7 -5.59 -2.38 -28.30
N SER F 8 -4.76 -2.47 -29.31
CA SER F 8 -4.02 -3.69 -29.50
C SER F 8 -2.58 -3.57 -29.23
N GLY F 9 -2.01 -4.63 -28.74
CA GLY F 9 -0.59 -4.70 -28.58
C GLY F 9 0.03 -5.27 -29.84
N SER F 10 1.30 -5.56 -29.79
CA SER F 10 1.99 -6.07 -30.95
C SER F 10 2.01 -7.54 -30.90
N SER F 11 1.63 -8.10 -29.80
CA SER F 11 1.85 -9.52 -29.63
C SER F 11 1.02 -10.40 -30.51
N HIS F 12 -0.21 -10.00 -30.77
CA HIS F 12 -1.13 -10.72 -31.68
C HIS F 12 -2.20 -9.76 -32.12
N GLN F 13 -2.22 -9.27 -33.37
CA GLN F 13 -3.29 -8.34 -33.68
C GLN F 13 -4.41 -8.99 -34.39
N ASP F 14 -4.28 -10.27 -34.73
CA ASP F 14 -5.36 -10.91 -35.42
C ASP F 14 -6.56 -10.90 -34.49
N LEU F 15 -6.34 -11.41 -33.27
CA LEU F 15 -7.35 -11.40 -32.24
C LEU F 15 -7.80 -10.01 -31.93
N SER F 16 -6.87 -9.08 -31.78
CA SER F 16 -7.32 -7.74 -31.47
C SER F 16 -8.31 -7.22 -32.50
N GLN F 17 -8.07 -7.51 -33.79
CA GLN F 17 -9.03 -7.11 -34.81
C GLN F 17 -10.33 -7.90 -34.72
N LYS F 18 -10.24 -9.22 -34.57
CA LYS F 18 -11.43 -10.06 -34.46
C LYS F 18 -12.31 -9.65 -33.29
N ILE F 19 -11.70 -9.40 -32.12
CA ILE F 19 -12.45 -8.93 -30.96
C ILE F 19 -13.09 -7.57 -31.24
N ALA F 20 -12.32 -6.61 -31.77
CA ALA F 20 -12.89 -5.31 -32.07
C ALA F 20 -14.02 -5.39 -33.11
N ASP F 21 -13.88 -6.25 -34.09
CA ASP F 21 -14.94 -6.50 -35.08
C ASP F 21 -16.21 -7.00 -34.40
N ARG F 22 -16.09 -8.00 -33.53
CA ARG F 22 -17.27 -8.56 -32.91
C ARG F 22 -18.01 -7.52 -32.09
N LEU F 23 -17.34 -6.44 -31.71
CA LEU F 23 -17.96 -5.40 -30.90
C LEU F 23 -18.30 -4.20 -31.75
N GLY F 24 -18.04 -4.28 -33.05
CA GLY F 24 -18.36 -3.20 -33.96
C GLY F 24 -17.46 -2.01 -33.81
N LEU F 25 -16.20 -2.22 -33.46
CA LEU F 25 -15.28 -1.14 -33.15
C LEU F 25 -14.03 -1.27 -34.01
N GLU F 26 -13.37 -0.14 -34.25
CA GLU F 26 -12.02 -0.17 -34.79
C GLU F 26 -10.99 -0.10 -33.66
N LEU F 27 -9.85 -0.76 -33.88
CA LEU F 27 -8.78 -0.63 -32.90
C LEU F 27 -8.32 0.81 -32.75
N GLY F 28 -8.14 1.22 -31.49
CA GLY F 28 -7.59 2.53 -31.15
C GLY F 28 -6.21 2.74 -31.76
N LYS F 29 -5.90 3.99 -32.10
CA LYS F 29 -4.60 4.29 -32.71
C LYS F 29 -3.51 4.32 -31.65
N VAL F 30 -2.47 3.51 -31.85
CA VAL F 30 -1.35 3.39 -30.91
C VAL F 30 -0.11 3.01 -31.71
N VAL F 31 1.03 3.62 -31.35
CA VAL F 31 2.34 3.28 -31.90
C VAL F 31 3.11 2.42 -30.91
N THR F 32 3.34 1.15 -31.24
CA THR F 32 4.08 0.23 -30.38
C THR F 32 5.34 -0.31 -31.04
N LYS F 33 6.52 0.22 -30.69
CA LYS F 33 7.76 -0.26 -31.34
C LYS F 33 8.88 -0.50 -30.33
N LYS F 34 10.10 -0.80 -30.80
CA LYS F 34 11.26 -0.79 -29.92
C LYS F 34 12.28 0.16 -30.52
N PHE F 35 12.88 0.97 -29.66
CA PHE F 35 13.98 1.82 -30.08
C PHE F 35 15.23 1.02 -30.44
N SER F 36 16.19 1.74 -31.00
CA SER F 36 17.45 1.15 -31.42
C SER F 36 18.10 0.41 -30.26
N ASN F 37 18.05 1.00 -29.10
CA ASN F 37 18.69 0.45 -27.92
C ASN F 37 17.89 -0.57 -27.15
N GLN F 38 16.79 -1.10 -27.69
CA GLN F 38 15.96 -2.19 -27.15
C GLN F 38 14.87 -1.75 -26.18
N GLU F 39 14.81 -0.46 -25.84
CA GLU F 39 13.77 0.07 -24.98
C GLU F 39 12.39 0.08 -25.67
N THR F 40 11.34 -0.35 -24.95
CA THR F 40 9.97 -0.40 -25.47
C THR F 40 9.42 1.02 -25.68
N CYS F 41 8.98 1.34 -26.88
CA CYS F 41 8.35 2.62 -27.15
C CYS F 41 6.84 2.46 -27.28
N VAL F 42 6.06 3.25 -26.54
CA VAL F 42 4.60 3.26 -26.69
C VAL F 42 4.15 4.70 -26.79
N GLU F 43 3.26 5.00 -27.74
CA GLU F 43 2.65 6.34 -27.86
C GLU F 43 1.17 6.16 -28.19
N ILE F 44 0.31 6.60 -27.28
CA ILE F 44 -1.14 6.57 -27.45
C ILE F 44 -1.58 7.66 -28.45
N GLY F 45 -2.10 7.25 -29.59
CA GLY F 45 -2.44 8.10 -30.72
C GLY F 45 -3.77 8.81 -30.66
N GLU F 46 -4.54 8.60 -29.60
CA GLU F 46 -5.83 9.26 -29.43
C GLU F 46 -6.11 9.41 -27.94
N SER F 47 -7.05 10.30 -27.61
CA SER F 47 -7.48 10.52 -26.24
C SER F 47 -8.20 9.33 -25.61
N VAL F 48 -7.81 8.99 -24.38
CA VAL F 48 -8.52 7.97 -23.60
C VAL F 48 -9.13 8.56 -22.33
N ARG F 49 -9.10 9.87 -22.17
CA ARG F 49 -9.63 10.50 -20.97
C ARG F 49 -11.08 10.12 -20.69
N GLY F 50 -11.29 9.48 -19.55
CA GLY F 50 -12.63 9.11 -19.16
C GLY F 50 -13.18 7.92 -19.87
N GLU F 51 -12.36 7.20 -20.62
CA GLU F 51 -12.80 6.09 -21.44
C GLU F 51 -12.51 4.75 -20.77
N ASP F 52 -13.29 3.74 -21.15
CA ASP F 52 -13.11 2.35 -20.69
C ASP F 52 -12.18 1.61 -21.65
N VAL F 53 -10.91 1.45 -21.25
CA VAL F 53 -9.88 0.96 -22.15
C VAL F 53 -9.59 -0.53 -21.93
N TYR F 54 -9.49 -1.28 -23.03
CA TYR F 54 -9.14 -2.69 -23.03
C TYR F 54 -7.90 -2.83 -23.90
N ILE F 55 -6.82 -3.30 -23.31
CA ILE F 55 -5.59 -3.53 -24.05
C ILE F 55 -5.43 -5.04 -24.22
N VAL F 56 -5.40 -5.51 -25.47
CA VAL F 56 -5.24 -6.91 -25.80
C VAL F 56 -3.77 -7.27 -26.10
N GLN F 57 -3.17 -8.14 -25.29
CA GLN F 57 -1.79 -8.58 -25.49
C GLN F 57 -1.70 -9.99 -24.98
N SER F 58 -1.03 -10.87 -25.70
CA SER F 58 -1.03 -12.21 -25.15
C SER F 58 0.39 -12.47 -24.66
N GLY F 59 0.56 -13.57 -23.91
CA GLY F 59 1.88 -13.93 -23.46
C GLY F 59 2.63 -14.78 -24.47
N CYS F 60 2.55 -14.44 -25.75
CA CYS F 60 3.17 -15.23 -26.79
C CYS F 60 4.41 -14.49 -27.26
N GLY F 61 5.15 -15.06 -28.25
CA GLY F 61 6.16 -14.23 -28.91
C GLY F 61 7.27 -13.93 -27.92
N GLU F 62 8.00 -12.82 -28.13
CA GLU F 62 9.05 -12.50 -27.14
C GLU F 62 8.25 -12.00 -25.93
N ILE F 63 8.08 -12.90 -24.95
CA ILE F 63 7.18 -12.64 -23.85
C ILE F 63 7.56 -11.41 -23.04
N ASN F 64 8.85 -11.23 -22.73
CA ASN F 64 9.26 -10.07 -21.93
C ASN F 64 9.09 -8.74 -22.66
N ASP F 65 9.39 -8.67 -23.95
CA ASP F 65 9.07 -7.43 -24.66
C ASP F 65 7.57 -7.16 -24.65
N ASN F 66 6.76 -8.17 -24.93
CA ASN F 66 5.31 -7.99 -24.93
C ASN F 66 4.77 -7.59 -23.57
N LEU F 67 5.24 -8.25 -22.52
CA LEU F 67 4.85 -7.89 -21.16
C LEU F 67 5.24 -6.45 -20.85
N MET F 68 6.47 -6.07 -21.16
CA MET F 68 6.86 -4.68 -20.91
C MET F 68 5.96 -3.70 -21.69
N GLU F 69 5.64 -4.01 -22.95
CA GLU F 69 4.74 -3.18 -23.76
C GLU F 69 3.34 -3.05 -23.14
N LEU F 70 2.78 -4.17 -22.68
CA LEU F 70 1.48 -4.17 -22.01
C LEU F 70 1.52 -3.28 -20.77
N LEU F 71 2.57 -3.42 -19.96
CA LEU F 71 2.65 -2.66 -18.71
C LEU F 71 2.81 -1.17 -18.98
N ILE F 72 3.59 -0.81 -20.02
CA ILE F 72 3.74 0.60 -20.32
C ILE F 72 2.42 1.17 -20.86
N MET F 73 1.70 0.42 -21.70
CA MET F 73 0.40 0.92 -22.19
C MET F 73 -0.61 1.10 -21.05
N ILE F 74 -0.74 0.10 -20.19
CA ILE F 74 -1.62 0.23 -19.03
C ILE F 74 -1.28 1.51 -18.24
N ASN F 75 0.00 1.72 -17.92
CA ASN F 75 0.41 2.89 -17.15
C ASN F 75 0.08 4.18 -17.92
N ALA F 76 0.42 4.22 -19.20
CA ALA F 76 0.15 5.39 -20.03
C ALA F 76 -1.34 5.76 -20.04
N CYS F 77 -2.21 4.76 -20.16
CA CYS F 77 -3.65 5.00 -20.12
C CYS F 77 -4.08 5.50 -18.76
N LYS F 78 -3.55 4.91 -17.70
CA LYS F 78 -3.90 5.28 -16.33
C LYS F 78 -3.48 6.71 -16.01
N ILE F 79 -2.29 7.12 -16.43
CA ILE F 79 -1.88 8.50 -16.15
C ILE F 79 -2.53 9.46 -17.13
N ALA F 80 -3.20 8.97 -18.14
CA ALA F 80 -3.99 9.84 -19.00
C ALA F 80 -5.43 9.92 -18.55
N SER F 81 -5.70 9.51 -17.31
CA SER F 81 -7.00 9.73 -16.69
C SER F 81 -8.07 8.90 -17.39
N ALA F 82 -7.69 7.74 -17.91
CA ALA F 82 -8.66 6.75 -18.38
C ALA F 82 -9.62 6.40 -17.26
N SER F 83 -10.89 6.16 -17.59
CA SER F 83 -11.83 5.80 -16.54
C SER F 83 -11.48 4.44 -15.92
N ARG F 84 -11.11 3.47 -16.74
CA ARG F 84 -10.80 2.13 -16.28
C ARG F 84 -9.89 1.52 -17.33
N VAL F 85 -8.89 0.74 -16.90
CA VAL F 85 -7.99 0.04 -17.81
C VAL F 85 -8.02 -1.45 -17.51
N THR F 86 -8.36 -2.24 -18.51
CA THR F 86 -8.44 -3.69 -18.42
C THR F 86 -7.36 -4.36 -19.27
N ALA F 87 -6.66 -5.31 -18.69
CA ALA F 87 -5.70 -6.08 -19.46
C ALA F 87 -6.39 -7.34 -19.92
N VAL F 88 -6.46 -7.52 -21.23
CA VAL F 88 -7.05 -8.70 -21.83
C VAL F 88 -5.84 -9.53 -22.26
N ILE F 89 -5.55 -10.61 -21.53
CA ILE F 89 -4.32 -11.36 -21.70
C ILE F 89 -4.70 -12.80 -21.97
N PRO F 90 -4.96 -13.14 -23.25
CA PRO F 90 -5.44 -14.48 -23.59
C PRO F 90 -4.63 -15.62 -23.04
N CYS F 91 -3.32 -15.59 -23.23
CA CYS F 91 -2.43 -16.60 -22.65
C CYS F 91 -1.54 -15.92 -21.59
N PHE F 92 -1.80 -16.21 -20.30
CA PHE F 92 -1.09 -15.56 -19.19
C PHE F 92 0.37 -16.00 -19.07
N PRO F 93 1.34 -15.10 -19.22
CA PRO F 93 2.75 -15.48 -19.13
C PRO F 93 3.19 -15.95 -17.75
N TYR F 94 4.16 -16.77 -17.72
CA TYR F 94 4.78 -17.23 -16.57
C TYR F 94 3.94 -18.00 -15.67
N ALA F 95 2.91 -18.56 -16.17
CA ALA F 95 2.04 -19.29 -15.36
C ALA F 95 2.33 -20.68 -15.10
N ARG F 96 3.37 -21.25 -15.64
CA ARG F 96 3.65 -22.66 -15.45
C ARG F 96 4.83 -22.81 -14.64
N GLN F 97 4.77 -23.70 -13.69
CA GLN F 97 5.84 -23.93 -12.74
C GLN F 97 6.74 -25.03 -13.06
N ASP F 98 8.02 -24.78 -12.95
CA ASP F 98 9.05 -25.72 -13.30
C ASP F 98 9.87 -26.18 -12.11
N LYS F 99 9.23 -26.28 -10.98
CA LYS F 99 9.88 -26.58 -9.74
C LYS F 99 10.60 -27.85 -9.54
N LYS F 100 10.17 -28.92 -10.18
CA LYS F 100 10.81 -30.23 -9.87
C LYS F 100 10.77 -30.40 -8.34
N ASP F 101 9.56 -30.29 -7.79
CA ASP F 101 9.19 -30.23 -6.35
C ASP F 101 10.17 -30.84 -5.36
N LYS F 102 10.63 -30.02 -4.42
CA LYS F 102 11.48 -30.42 -3.28
C LYS F 102 10.69 -31.53 -2.56
N VAL F 103 11.29 -32.39 -1.77
CA VAL F 103 10.42 -33.51 -1.28
C VAL F 103 9.68 -33.19 0.01
N GLY F 104 9.83 -32.03 0.63
CA GLY F 104 9.19 -31.84 1.88
C GLY F 104 8.31 -30.66 1.90
N GLU F 105 8.37 -29.88 0.86
CA GLU F 105 7.67 -28.71 0.66
C GLU F 105 7.64 -28.27 -0.75
N SER F 106 6.75 -27.36 -1.08
CA SER F 106 6.62 -26.87 -2.41
C SER F 106 7.23 -25.52 -2.69
N ARG F 107 7.51 -25.22 -3.91
CA ARG F 107 8.00 -23.96 -4.33
C ARG F 107 6.96 -22.98 -4.58
N ALA F 108 7.19 -21.76 -4.24
CA ALA F 108 6.25 -20.72 -4.50
C ALA F 108 6.22 -20.31 -5.92
N PRO F 109 5.14 -19.72 -6.29
CA PRO F 109 4.93 -19.26 -7.63
C PRO F 109 5.43 -17.86 -7.87
N ILE F 110 6.71 -17.62 -7.74
CA ILE F 110 7.30 -16.26 -7.76
C ILE F 110 6.98 -15.54 -9.05
N SER F 111 7.16 -16.20 -10.15
CA SER F 111 7.00 -15.55 -11.38
C SER F 111 5.69 -15.16 -11.75
N ALA F 112 4.71 -15.95 -11.46
CA ALA F 112 3.38 -15.60 -11.79
C ALA F 112 2.86 -14.53 -11.02
N LYS F 113 3.11 -14.53 -9.74
CA LYS F 113 2.73 -13.46 -8.93
C LYS F 113 3.51 -12.30 -9.29
N LEU F 114 4.76 -12.40 -9.51
CA LEU F 114 5.43 -11.21 -10.01
C LEU F 114 4.70 -10.55 -11.17
N VAL F 115 4.32 -11.33 -12.18
CA VAL F 115 3.59 -10.74 -13.30
C VAL F 115 2.33 -10.08 -12.80
N ALA F 116 1.60 -10.76 -11.92
CA ALA F 116 0.41 -10.18 -11.31
C ALA F 116 0.70 -8.87 -10.60
N ASN F 117 1.79 -8.82 -9.82
CA ASN F 117 2.17 -7.61 -9.11
C ASN F 117 2.53 -6.48 -10.06
N MET F 118 3.18 -6.78 -11.17
CA MET F 118 3.51 -5.74 -12.12
C MET F 118 2.27 -5.21 -12.81
N LEU F 119 1.36 -6.09 -13.20
CA LEU F 119 0.11 -5.63 -13.78
C LEU F 119 -0.63 -4.73 -12.79
N SER F 120 -0.65 -5.12 -11.52
CA SER F 120 -1.33 -4.33 -10.51
C SER F 120 -0.69 -2.97 -10.29
N VAL F 121 0.63 -2.94 -10.11
CA VAL F 121 1.35 -1.67 -9.90
C VAL F 121 1.36 -0.78 -11.15
N ALA F 122 1.31 -1.35 -12.36
CA ALA F 122 1.17 -0.52 -13.56
C ALA F 122 -0.16 0.23 -13.55
N GLY F 123 -1.20 -0.35 -12.92
CA GLY F 123 -2.47 0.35 -12.77
C GLY F 123 -3.65 -0.35 -13.41
N ALA F 124 -3.50 -1.64 -13.72
CA ALA F 124 -4.60 -2.45 -14.24
C ALA F 124 -5.73 -2.54 -13.24
N ASP F 125 -6.96 -2.31 -13.73
CA ASP F 125 -8.16 -2.38 -12.91
C ASP F 125 -8.90 -3.68 -13.03
N HIS F 126 -8.60 -4.51 -14.03
CA HIS F 126 -9.41 -5.69 -14.29
C HIS F 126 -8.56 -6.54 -15.25
N ILE F 127 -8.60 -7.87 -15.08
CA ILE F 127 -7.91 -8.81 -15.96
C ILE F 127 -8.93 -9.74 -16.60
N ILE F 128 -8.86 -9.91 -17.92
CA ILE F 128 -9.56 -10.95 -18.65
C ILE F 128 -8.53 -11.90 -19.26
N THR F 129 -8.65 -13.19 -19.00
CA THR F 129 -7.70 -14.17 -19.50
C THR F 129 -8.47 -15.43 -19.88
N MET F 130 -7.79 -16.40 -20.52
CA MET F 130 -8.45 -17.66 -20.86
C MET F 130 -7.64 -18.87 -20.40
N ASP F 131 -8.32 -19.80 -19.74
CA ASP F 131 -7.79 -21.06 -19.20
C ASP F 131 -6.40 -20.89 -18.57
N LEU F 132 -6.38 -20.11 -17.50
CA LEU F 132 -5.19 -20.01 -16.66
C LEU F 132 -4.64 -21.39 -16.34
N HIS F 133 -3.31 -21.53 -16.45
CA HIS F 133 -2.73 -22.84 -16.14
C HIS F 133 -3.23 -23.34 -14.79
N ALA F 134 -3.26 -22.47 -13.78
CA ALA F 134 -3.93 -22.82 -12.53
C ALA F 134 -4.91 -21.72 -12.23
N SER F 135 -6.17 -22.09 -11.99
CA SER F 135 -7.22 -21.13 -11.72
C SER F 135 -6.96 -20.26 -10.48
N GLN F 136 -6.12 -20.73 -9.57
CA GLN F 136 -5.77 -19.94 -8.41
C GLN F 136 -5.01 -18.66 -8.75
N ILE F 137 -4.42 -18.54 -9.94
CA ILE F 137 -3.76 -17.29 -10.31
C ILE F 137 -4.75 -16.14 -10.22
N GLN F 138 -6.04 -16.43 -10.37
CA GLN F 138 -7.07 -15.42 -10.16
C GLN F 138 -6.91 -14.70 -8.85
N GLY F 139 -6.55 -15.41 -7.79
CA GLY F 139 -6.33 -14.86 -6.47
C GLY F 139 -5.00 -14.19 -6.21
N PHE F 140 -4.15 -14.09 -7.22
CA PHE F 140 -2.92 -13.32 -7.11
C PHE F 140 -3.13 -11.81 -7.26
N PHE F 141 -4.33 -11.41 -7.60
CA PHE F 141 -4.73 -10.02 -7.76
C PHE F 141 -5.72 -9.56 -6.69
N ASP F 142 -5.88 -8.22 -6.60
CA ASP F 142 -7.00 -7.65 -5.84
C ASP F 142 -8.05 -7.07 -6.76
N ILE F 143 -7.71 -6.82 -8.01
CA ILE F 143 -8.67 -6.44 -9.02
C ILE F 143 -9.38 -7.71 -9.50
N PRO F 144 -10.60 -7.61 -10.03
CA PRO F 144 -11.25 -8.80 -10.57
C PRO F 144 -10.47 -9.38 -11.74
N VAL F 145 -10.37 -10.71 -11.76
CA VAL F 145 -9.81 -11.44 -12.89
C VAL F 145 -10.91 -12.37 -13.37
N ASP F 146 -11.16 -12.37 -14.68
CA ASP F 146 -12.02 -13.35 -15.31
C ASP F 146 -11.22 -14.44 -16.01
N ASN F 147 -11.32 -15.68 -15.52
CA ASN F 147 -10.61 -16.78 -16.13
C ASN F 147 -11.66 -17.54 -16.95
N LEU F 148 -11.72 -17.22 -18.24
CA LEU F 148 -12.66 -17.79 -19.21
C LEU F 148 -12.20 -19.18 -19.69
N TYR F 149 -13.15 -20.00 -20.10
CA TYR F 149 -12.84 -21.34 -20.60
C TYR F 149 -13.13 -21.48 -22.08
N ALA F 150 -12.21 -22.18 -22.75
CA ALA F 150 -12.36 -22.59 -24.13
C ALA F 150 -13.18 -23.87 -24.24
N GLU F 151 -13.45 -24.53 -23.11
CA GLU F 151 -14.15 -25.82 -23.12
C GLU F 151 -15.40 -25.78 -23.96
N PRO F 152 -16.33 -24.83 -23.80
CA PRO F 152 -17.53 -24.86 -24.66
C PRO F 152 -17.18 -24.83 -26.14
N ALA F 153 -16.18 -24.06 -26.52
CA ALA F 153 -15.76 -24.00 -27.92
C ALA F 153 -15.09 -25.30 -28.35
N VAL F 154 -14.39 -25.97 -27.44
CA VAL F 154 -13.79 -27.24 -27.77
C VAL F 154 -14.85 -28.31 -27.94
N LEU F 155 -15.81 -28.34 -27.03
CA LEU F 155 -16.97 -29.21 -27.08
C LEU F 155 -17.71 -29.07 -28.43
N LYS F 156 -18.00 -27.83 -28.84
CA LYS F 156 -18.51 -27.58 -30.18
C LYS F 156 -17.64 -28.26 -31.23
N TRP F 157 -16.35 -27.93 -31.25
CA TRP F 157 -15.47 -28.50 -32.28
C TRP F 157 -15.48 -30.03 -32.30
N ILE F 158 -15.44 -30.67 -31.13
CA ILE F 158 -15.48 -32.14 -31.09
C ILE F 158 -16.75 -32.66 -31.75
N ARG F 159 -17.92 -32.23 -31.27
CA ARG F 159 -19.15 -32.70 -31.89
C ARG F 159 -19.21 -32.44 -33.38
N GLU F 160 -18.64 -31.32 -33.83
CA GLU F 160 -18.76 -30.93 -35.24
C GLU F 160 -17.72 -31.60 -36.17
N ASN F 161 -16.56 -32.01 -35.66
CA ASN F 161 -15.45 -32.45 -36.52
C ASN F 161 -15.00 -33.88 -36.31
N ILE F 162 -15.34 -34.51 -35.20
CA ILE F 162 -14.96 -35.88 -34.91
C ILE F 162 -16.23 -36.71 -34.99
N SER F 163 -16.40 -37.52 -36.04
CA SER F 163 -17.73 -38.10 -36.27
C SER F 163 -18.04 -39.19 -35.25
N GLU F 164 -17.09 -40.09 -34.98
CA GLU F 164 -17.32 -41.13 -33.97
C GLU F 164 -17.15 -40.61 -32.54
N TRP F 165 -17.35 -39.30 -32.35
CA TRP F 165 -17.12 -38.65 -31.06
C TRP F 165 -17.97 -39.22 -29.95
N ARG F 166 -19.07 -39.87 -30.29
CA ARG F 166 -19.96 -40.36 -29.27
C ARG F 166 -19.36 -41.55 -28.56
N ASN F 167 -18.42 -42.25 -29.20
CA ASN F 167 -17.74 -43.38 -28.58
C ASN F 167 -16.23 -43.18 -28.43
N CYS F 168 -15.80 -41.93 -28.29
CA CYS F 168 -14.38 -41.68 -28.16
C CYS F 168 -13.97 -41.67 -26.69
N THR F 169 -12.68 -41.44 -26.44
CA THR F 169 -12.13 -41.31 -25.09
C THR F 169 -11.36 -39.98 -25.02
N ILE F 170 -11.47 -39.29 -23.88
CA ILE F 170 -10.72 -38.07 -23.65
C ILE F 170 -9.54 -38.44 -22.76
N VAL F 171 -8.31 -38.31 -23.29
CA VAL F 171 -7.13 -38.79 -22.60
C VAL F 171 -6.30 -37.61 -22.09
N SER F 172 -5.82 -37.72 -20.81
CA SER F 172 -4.90 -36.74 -20.26
C SER F 172 -3.46 -37.21 -20.41
N PRO F 173 -2.60 -36.35 -20.98
CA PRO F 173 -1.18 -36.71 -21.16
C PRO F 173 -0.41 -36.90 -19.88
N ASP F 174 -0.86 -36.33 -18.76
CA ASP F 174 -0.17 -36.49 -17.48
C ASP F 174 -1.19 -36.50 -16.35
N ALA F 175 -0.67 -36.69 -15.14
CA ALA F 175 -1.49 -36.72 -13.93
C ALA F 175 -2.24 -35.40 -13.73
N GLY F 176 -1.61 -34.26 -13.99
CA GLY F 176 -2.27 -33.00 -13.73
C GLY F 176 -3.55 -32.73 -14.51
N GLY F 177 -3.63 -33.20 -15.75
CA GLY F 177 -4.85 -32.83 -16.44
C GLY F 177 -6.07 -33.72 -16.22
N ALA F 178 -6.06 -34.57 -15.20
CA ALA F 178 -7.20 -35.47 -14.97
C ALA F 178 -8.50 -34.70 -14.85
N LYS F 179 -8.53 -33.67 -14.01
CA LYS F 179 -9.80 -33.02 -13.79
C LYS F 179 -10.28 -32.33 -15.06
N ARG F 180 -9.35 -31.81 -15.85
CA ARG F 180 -9.71 -31.20 -17.13
C ARG F 180 -10.35 -32.19 -18.10
N VAL F 181 -9.84 -33.42 -18.18
CA VAL F 181 -10.42 -34.33 -19.18
C VAL F 181 -11.71 -34.96 -18.70
N THR F 182 -11.83 -35.28 -17.40
CA THR F 182 -13.10 -35.84 -16.94
C THR F 182 -14.25 -34.87 -17.07
N SER F 183 -13.99 -33.57 -16.89
CA SER F 183 -15.03 -32.57 -17.12
C SER F 183 -15.52 -32.66 -18.57
N ILE F 184 -14.61 -32.80 -19.52
CA ILE F 184 -15.05 -32.88 -20.91
C ILE F 184 -15.73 -34.22 -21.18
N ALA F 185 -15.19 -35.32 -20.64
CA ALA F 185 -15.85 -36.60 -20.85
C ALA F 185 -17.25 -36.64 -20.26
N ASP F 186 -17.44 -36.00 -19.12
CA ASP F 186 -18.77 -35.96 -18.52
C ASP F 186 -19.71 -35.14 -19.38
N ARG F 187 -19.20 -34.06 -19.96
CA ARG F 187 -20.04 -33.25 -20.84
C ARG F 187 -20.44 -34.04 -22.09
N LEU F 188 -19.53 -34.85 -22.64
CA LEU F 188 -19.84 -35.64 -23.82
C LEU F 188 -20.47 -36.99 -23.52
N ASN F 189 -20.58 -37.35 -22.25
CA ASN F 189 -20.99 -38.69 -21.83
C ASN F 189 -20.12 -39.78 -22.47
N VAL F 190 -18.80 -39.61 -22.36
CA VAL F 190 -17.85 -40.54 -22.93
C VAL F 190 -16.86 -40.95 -21.84
N ASP F 191 -15.97 -41.87 -22.22
CA ASP F 191 -14.95 -42.43 -21.36
C ASP F 191 -13.73 -41.52 -21.27
N PHE F 192 -12.96 -41.68 -20.21
CA PHE F 192 -11.68 -41.02 -20.05
C PHE F 192 -10.55 -42.01 -19.76
N ALA F 193 -9.32 -41.58 -20.02
CA ALA F 193 -8.12 -42.35 -19.70
C ALA F 193 -7.00 -41.39 -19.31
N LEU F 194 -5.94 -41.93 -18.67
CA LEU F 194 -4.81 -41.10 -18.19
C LEU F 194 -3.47 -41.73 -18.55
N ILE F 195 -2.52 -40.92 -18.96
CA ILE F 195 -1.16 -41.33 -19.31
C ILE F 195 -0.26 -40.85 -18.17
N HIS F 196 0.73 -41.66 -17.79
CA HIS F 196 1.64 -41.20 -16.74
C HIS F 196 3.07 -41.69 -17.02
N LYS F 197 4.10 -40.85 -16.83
CA LYS F 197 5.49 -41.30 -16.95
C LYS F 197 6.00 -41.85 -15.62
N GLU F 198 7.32 -42.02 -15.48
CA GLU F 198 7.88 -42.47 -14.19
C GLU F 198 9.27 -41.86 -13.97
N ARG F 207 9.64 -44.98 -19.37
CA ARG F 207 8.49 -45.88 -19.43
C ARG F 207 7.22 -45.10 -19.15
N MET F 208 6.16 -45.39 -19.93
CA MET F 208 4.92 -44.63 -19.91
C MET F 208 3.77 -45.64 -19.74
N VAL F 209 2.83 -45.31 -18.87
CA VAL F 209 1.66 -46.11 -18.53
C VAL F 209 0.31 -45.48 -18.89
N LEU F 210 -0.68 -46.23 -19.28
CA LEU F 210 -1.97 -45.65 -19.56
C LEU F 210 -2.96 -46.39 -18.77
N VAL F 211 -3.79 -45.70 -18.03
CA VAL F 211 -4.75 -46.31 -17.21
C VAL F 211 -6.08 -45.97 -17.80
N GLY F 212 -6.94 -46.94 -17.94
CA GLY F 212 -8.20 -46.73 -18.62
C GLY F 212 -8.17 -47.40 -19.98
N ASP F 213 -9.22 -47.32 -20.80
CA ASP F 213 -9.15 -48.02 -22.07
C ASP F 213 -9.48 -47.30 -23.27
N VAL F 214 -8.60 -47.34 -24.25
CA VAL F 214 -8.83 -46.66 -25.49
C VAL F 214 -8.90 -47.46 -26.74
N LYS F 215 -8.84 -48.75 -26.63
CA LYS F 215 -8.79 -49.60 -27.79
C LYS F 215 -9.95 -49.51 -28.65
N ASP F 216 -9.71 -49.46 -29.93
CA ASP F 216 -10.71 -49.39 -30.96
C ASP F 216 -11.69 -48.28 -30.78
N ARG F 217 -11.21 -47.15 -30.34
CA ARG F 217 -11.99 -45.93 -30.19
C ARG F 217 -11.07 -44.74 -30.46
N VAL F 218 -11.66 -43.62 -30.89
CA VAL F 218 -10.90 -42.39 -31.15
C VAL F 218 -10.39 -41.82 -29.84
N ALA F 219 -9.11 -41.52 -29.76
CA ALA F 219 -8.54 -40.95 -28.55
C ALA F 219 -8.26 -39.46 -28.73
N ILE F 220 -8.78 -38.64 -27.83
CA ILE F 220 -8.56 -37.20 -27.87
C ILE F 220 -7.69 -36.78 -26.66
N LEU F 221 -6.44 -36.44 -26.93
CA LEU F 221 -5.59 -35.87 -25.91
C LEU F 221 -6.02 -34.42 -25.65
N VAL F 222 -6.38 -34.11 -24.41
CA VAL F 222 -6.77 -32.76 -24.02
C VAL F 222 -5.85 -32.24 -22.91
N ASP F 223 -5.37 -31.01 -23.09
CA ASP F 223 -4.48 -30.32 -22.15
C ASP F 223 -4.67 -28.81 -22.27
N ASP F 224 -4.19 -28.08 -21.24
CA ASP F 224 -4.33 -26.64 -21.25
C ASP F 224 -3.38 -25.91 -22.23
N MET F 225 -2.21 -26.48 -22.54
CA MET F 225 -1.26 -25.76 -23.38
C MET F 225 -0.26 -26.74 -23.95
N ALA F 226 0.32 -26.39 -25.09
CA ALA F 226 1.41 -27.19 -25.59
C ALA F 226 2.59 -26.31 -25.97
N ASP F 227 3.71 -26.55 -25.29
CA ASP F 227 4.93 -25.77 -25.48
C ASP F 227 5.81 -26.57 -26.41
N THR F 228 6.73 -27.33 -25.84
CA THR F 228 7.64 -28.17 -26.61
C THR F 228 7.01 -29.46 -27.15
N CYS F 229 5.84 -29.85 -26.68
CA CYS F 229 5.09 -31.02 -27.19
C CYS F 229 5.75 -32.38 -26.98
N GLY F 230 6.72 -32.54 -26.09
CA GLY F 230 7.29 -33.87 -25.91
C GLY F 230 6.34 -34.87 -25.29
N THR F 231 5.64 -34.46 -24.22
CA THR F 231 4.64 -35.33 -23.57
C THR F 231 3.49 -35.75 -24.49
N ILE F 232 2.80 -34.79 -25.15
CA ILE F 232 1.66 -35.20 -25.98
C ILE F 232 2.08 -36.10 -27.12
N CYS F 233 3.29 -35.94 -27.66
CA CYS F 233 3.71 -36.81 -28.76
C CYS F 233 4.08 -38.20 -28.27
N HIS F 234 4.75 -38.32 -27.11
CA HIS F 234 4.99 -39.66 -26.59
C HIS F 234 3.66 -40.31 -26.22
N ALA F 235 2.77 -39.52 -25.62
CA ALA F 235 1.44 -40.02 -25.32
C ALA F 235 0.71 -40.50 -26.55
N ALA F 236 0.83 -39.78 -27.67
CA ALA F 236 0.16 -40.21 -28.91
C ALA F 236 0.72 -41.54 -29.40
N ASP F 237 2.04 -41.70 -29.31
CA ASP F 237 2.64 -42.99 -29.66
C ASP F 237 2.06 -44.09 -28.78
N LYS F 238 2.00 -43.84 -27.46
CA LYS F 238 1.47 -44.83 -26.51
C LYS F 238 0.02 -45.17 -26.80
N LEU F 239 -0.77 -44.17 -27.18
CA LEU F 239 -2.16 -44.39 -27.57
C LEU F 239 -2.22 -45.25 -28.83
N LEU F 240 -1.26 -45.10 -29.73
CA LEU F 240 -1.23 -45.98 -30.89
C LEU F 240 -0.91 -47.41 -30.49
N SER F 241 0.06 -47.59 -29.57
CA SER F 241 0.36 -48.95 -29.11
C SER F 241 -0.84 -49.59 -28.41
N ALA F 242 -1.74 -48.79 -27.86
CA ALA F 242 -2.91 -49.32 -27.18
C ALA F 242 -4.08 -49.54 -28.12
N GLY F 243 -3.92 -49.33 -29.42
CA GLY F 243 -4.98 -49.66 -30.35
C GLY F 243 -6.04 -48.60 -30.54
N ALA F 244 -5.70 -47.35 -30.33
CA ALA F 244 -6.61 -46.26 -30.63
C ALA F 244 -6.79 -46.08 -32.15
N THR F 245 -8.04 -45.88 -32.55
CA THR F 245 -8.40 -45.73 -33.97
C THR F 245 -7.59 -44.62 -34.63
N ARG F 246 -7.79 -43.39 -34.16
CA ARG F 246 -7.09 -42.16 -34.56
C ARG F 246 -6.87 -41.32 -33.31
N VAL F 247 -5.77 -40.57 -33.26
CA VAL F 247 -5.44 -39.72 -32.11
C VAL F 247 -5.51 -38.26 -32.46
N TYR F 248 -6.24 -37.49 -31.64
CA TYR F 248 -6.32 -36.04 -31.71
C TYR F 248 -5.68 -35.38 -30.48
N ALA F 249 -5.26 -34.13 -30.64
CA ALA F 249 -4.80 -33.30 -29.52
C ALA F 249 -5.53 -31.96 -29.53
N ILE F 250 -6.19 -31.63 -28.44
CA ILE F 250 -6.84 -30.30 -28.43
C ILE F 250 -6.31 -29.59 -27.22
N LEU F 251 -5.52 -28.55 -27.39
CA LEU F 251 -5.00 -27.76 -26.27
C LEU F 251 -5.46 -26.33 -26.44
N THR F 252 -5.60 -25.58 -25.37
CA THR F 252 -6.16 -24.24 -25.53
C THR F 252 -5.19 -23.28 -26.21
N HIS F 253 -3.94 -23.36 -25.79
CA HIS F 253 -2.78 -22.48 -25.98
C HIS F 253 -1.75 -23.12 -26.89
N GLY F 254 -1.57 -22.60 -28.10
CA GLY F 254 -0.55 -23.21 -28.92
C GLY F 254 0.76 -22.46 -28.94
N ILE F 255 1.64 -22.69 -27.96
CA ILE F 255 2.91 -21.97 -27.94
C ILE F 255 3.83 -22.52 -29.03
N PHE F 256 4.00 -23.86 -29.08
CA PHE F 256 4.76 -24.62 -30.08
C PHE F 256 6.15 -24.06 -30.32
N SER F 257 6.94 -24.01 -29.26
CA SER F 257 8.31 -23.54 -29.34
C SER F 257 9.29 -24.70 -29.45
N GLY F 258 10.49 -24.40 -29.95
CA GLY F 258 11.54 -25.40 -30.07
C GLY F 258 11.25 -26.47 -31.09
N PRO F 259 11.35 -27.74 -30.68
CA PRO F 259 11.16 -28.84 -31.63
C PRO F 259 9.70 -29.20 -31.86
N ALA F 260 8.78 -28.43 -31.28
CA ALA F 260 7.36 -28.79 -31.30
C ALA F 260 6.85 -29.12 -32.69
N ILE F 261 7.12 -28.22 -33.65
CA ILE F 261 6.62 -28.44 -35.00
C ILE F 261 7.24 -29.69 -35.60
N SER F 262 8.55 -29.83 -35.41
CA SER F 262 9.18 -31.03 -35.94
C SER F 262 8.65 -32.27 -35.25
N ARG F 263 8.43 -32.19 -33.94
CA ARG F 263 7.87 -33.32 -33.24
C ARG F 263 6.45 -33.65 -33.71
N ILE F 264 5.60 -32.61 -33.84
CA ILE F 264 4.21 -32.82 -34.27
C ILE F 264 4.12 -33.41 -35.67
N ASN F 265 4.84 -32.82 -36.62
CA ASN F 265 4.83 -33.38 -37.97
C ASN F 265 5.26 -34.84 -37.97
N ASN F 266 6.26 -35.20 -37.15
CA ASN F 266 6.68 -36.59 -37.04
C ASN F 266 5.70 -37.47 -36.29
N ALA F 267 4.83 -36.90 -35.44
CA ALA F 267 3.88 -37.69 -34.65
C ALA F 267 2.69 -38.13 -35.49
N CYS F 268 1.87 -39.01 -34.91
CA CYS F 268 0.79 -39.65 -35.64
C CYS F 268 -0.57 -38.94 -35.53
N PHE F 269 -0.61 -37.71 -35.03
CA PHE F 269 -1.86 -36.99 -34.84
C PHE F 269 -2.67 -36.80 -36.12
N GLU F 270 -3.98 -37.08 -36.03
CA GLU F 270 -4.89 -36.70 -37.13
C GLU F 270 -5.03 -35.19 -37.20
N ALA F 271 -5.08 -34.53 -36.05
CA ALA F 271 -5.12 -33.09 -35.94
C ALA F 271 -4.71 -32.66 -34.54
N VAL F 272 -4.06 -31.50 -34.47
CA VAL F 272 -3.77 -30.79 -33.23
C VAL F 272 -4.55 -29.48 -33.30
N VAL F 273 -5.49 -29.29 -32.38
CA VAL F 273 -6.40 -28.15 -32.36
C VAL F 273 -6.05 -27.21 -31.22
N VAL F 274 -5.90 -25.92 -31.55
CA VAL F 274 -5.59 -24.90 -30.56
C VAL F 274 -6.57 -23.75 -30.76
N THR F 275 -6.65 -22.88 -29.75
CA THR F 275 -7.43 -21.68 -29.99
C THR F 275 -6.52 -20.58 -30.53
N ASN F 276 -7.12 -19.42 -30.82
CA ASN F 276 -6.41 -18.28 -31.37
C ASN F 276 -5.74 -17.39 -30.27
N THR F 277 -5.56 -17.88 -29.02
CA THR F 277 -5.02 -17.02 -27.98
C THR F 277 -3.60 -16.62 -28.37
N ILE F 278 -2.93 -17.46 -29.16
CA ILE F 278 -1.62 -17.16 -29.71
C ILE F 278 -1.77 -17.26 -31.21
N PRO F 279 -1.11 -16.40 -31.98
CA PRO F 279 -1.16 -16.46 -33.45
C PRO F 279 -0.64 -17.76 -34.01
N GLN F 280 -1.38 -18.31 -34.96
CA GLN F 280 -0.99 -19.61 -35.48
C GLN F 280 -0.68 -19.60 -36.96
N GLU F 281 -1.06 -18.56 -37.71
CA GLU F 281 -0.85 -18.58 -39.16
C GLU F 281 0.56 -18.99 -39.56
N ASP F 282 1.56 -18.36 -38.92
CA ASP F 282 2.95 -18.74 -39.19
C ASP F 282 3.26 -20.20 -38.88
N LYS F 283 2.71 -20.72 -37.79
CA LYS F 283 3.09 -22.07 -37.40
C LYS F 283 2.31 -23.06 -38.26
N MET F 284 1.12 -22.67 -38.69
CA MET F 284 0.33 -23.47 -39.62
C MET F 284 0.98 -23.59 -40.99
N LYS F 285 1.80 -22.61 -41.36
CA LYS F 285 2.46 -22.70 -42.67
C LYS F 285 3.46 -23.84 -42.68
N HIS F 286 4.05 -24.13 -41.54
CA HIS F 286 5.04 -25.19 -41.49
C HIS F 286 4.49 -26.45 -40.86
N CYS F 287 3.21 -26.46 -40.45
CA CYS F 287 2.60 -27.66 -39.85
C CYS F 287 1.16 -27.85 -40.30
N SER F 288 0.91 -28.91 -41.05
CA SER F 288 -0.42 -29.08 -41.64
C SER F 288 -1.46 -29.63 -40.65
N LYS F 289 -1.04 -30.15 -39.51
CA LYS F 289 -2.01 -30.73 -38.60
C LYS F 289 -2.61 -29.71 -37.64
N ILE F 290 -2.10 -28.48 -37.62
CA ILE F 290 -2.70 -27.44 -36.78
C ILE F 290 -3.99 -26.91 -37.39
N GLN F 291 -5.05 -26.93 -36.58
CA GLN F 291 -6.33 -26.30 -36.82
C GLN F 291 -6.60 -25.35 -35.68
N VAL F 292 -7.25 -24.23 -35.94
CA VAL F 292 -7.53 -23.26 -34.89
C VAL F 292 -9.02 -23.11 -34.63
N ILE F 293 -9.38 -23.07 -33.35
CA ILE F 293 -10.70 -22.64 -32.94
C ILE F 293 -10.68 -21.14 -32.65
N ASP F 294 -11.52 -20.38 -33.34
CA ASP F 294 -11.62 -18.95 -33.02
C ASP F 294 -12.39 -18.80 -31.69
N ILE F 295 -11.78 -18.15 -30.70
CA ILE F 295 -12.36 -17.90 -29.37
C ILE F 295 -12.58 -16.40 -29.17
N SER F 296 -12.48 -15.64 -30.26
CA SER F 296 -12.66 -14.21 -30.26
C SER F 296 -14.02 -13.80 -29.70
N MET F 297 -15.07 -14.60 -29.90
CA MET F 297 -16.40 -14.24 -29.38
C MET F 297 -16.45 -14.33 -27.86
N ILE F 298 -15.79 -15.32 -27.26
CA ILE F 298 -15.71 -15.40 -25.79
C ILE F 298 -15.05 -14.17 -25.18
N LEU F 299 -13.94 -13.72 -25.75
CA LEU F 299 -13.24 -12.57 -25.18
C LEU F 299 -14.05 -11.30 -25.40
N ALA F 300 -14.56 -11.10 -26.62
CA ALA F 300 -15.41 -9.94 -26.89
C ALA F 300 -16.62 -9.90 -25.96
N GLU F 301 -17.25 -11.05 -25.70
CA GLU F 301 -18.42 -11.04 -24.83
C GLU F 301 -18.04 -10.75 -23.39
N ALA F 302 -16.88 -11.23 -22.96
CA ALA F 302 -16.39 -10.85 -21.63
C ALA F 302 -16.07 -9.36 -21.54
N ILE F 303 -15.61 -8.74 -22.64
CA ILE F 303 -15.33 -7.31 -22.61
C ILE F 303 -16.64 -6.55 -22.54
N ARG F 304 -17.62 -6.98 -23.34
CA ARG F 304 -18.99 -6.46 -23.30
C ARG F 304 -19.55 -6.51 -21.89
N ARG F 305 -19.33 -7.61 -21.17
CA ARG F 305 -19.94 -7.75 -19.86
C ARG F 305 -19.24 -6.90 -18.82
N THR F 306 -17.91 -6.80 -18.92
CA THR F 306 -17.12 -5.90 -18.05
C THR F 306 -17.55 -4.45 -18.23
N HIS F 307 -17.81 -4.03 -19.47
CA HIS F 307 -18.15 -2.64 -19.72
C HIS F 307 -19.50 -2.31 -19.08
N ASN F 308 -20.37 -3.25 -18.99
CA ASN F 308 -21.66 -3.03 -18.41
C ASN F 308 -22.45 -1.96 -19.07
N GLY F 309 -22.50 -1.99 -20.38
CA GLY F 309 -23.27 -1.03 -21.11
C GLY F 309 -24.65 -1.45 -21.45
N GLU F 310 -24.94 -2.70 -21.26
CA GLU F 310 -26.20 -3.21 -21.61
C GLU F 310 -27.15 -3.47 -20.55
N SER F 311 -26.76 -4.07 -19.45
CA SER F 311 -27.68 -4.27 -18.36
C SER F 311 -26.98 -4.84 -17.19
N VAL F 312 -27.66 -5.00 -16.09
CA VAL F 312 -27.02 -5.55 -14.92
C VAL F 312 -27.06 -7.04 -14.88
N SER F 313 -27.82 -7.62 -15.77
CA SER F 313 -28.08 -9.01 -15.80
C SER F 313 -27.39 -9.72 -16.92
N TYR F 314 -26.58 -9.06 -17.67
CA TYR F 314 -25.97 -9.76 -18.75
C TYR F 314 -25.49 -10.99 -18.16
N LEU F 315 -25.82 -12.13 -18.75
CA LEU F 315 -25.31 -13.35 -18.23
C LEU F 315 -24.40 -13.94 -19.19
N PHE F 316 -23.14 -13.99 -18.85
CA PHE F 316 -22.27 -14.61 -19.85
C PHE F 316 -22.77 -15.99 -20.30
N SER F 317 -23.51 -16.70 -19.41
CA SER F 317 -23.92 -18.08 -19.65
C SER F 317 -24.76 -18.22 -20.92
N HIS F 318 -25.61 -17.22 -21.18
CA HIS F 318 -26.74 -17.34 -22.10
C HIS F 318 -26.37 -17.07 -23.56
N VAL F 319 -25.31 -16.32 -23.84
CA VAL F 319 -24.96 -15.93 -25.21
C VAL F 319 -24.37 -17.15 -25.93
N PRO F 320 -24.84 -17.49 -27.13
CA PRO F 320 -24.36 -18.71 -27.79
C PRO F 320 -23.10 -18.45 -28.61
N LEU F 321 -22.25 -19.46 -28.69
CA LEU F 321 -21.00 -19.29 -29.43
C LEU F 321 -21.04 -19.95 -30.80
N PRO G 2 -23.10 11.89 -22.73
CA PRO G 2 -23.02 13.32 -22.95
C PRO G 2 -22.18 13.53 -24.22
N ASN G 3 -21.16 14.38 -24.15
CA ASN G 3 -20.12 14.68 -25.17
C ASN G 3 -20.61 15.51 -26.36
N ILE G 4 -19.71 16.16 -27.10
CA ILE G 4 -20.26 17.21 -27.99
C ILE G 4 -19.60 17.34 -29.35
N LYS G 5 -20.38 17.70 -30.37
CA LYS G 5 -19.84 17.95 -31.67
C LYS G 5 -20.20 19.28 -32.27
N ILE G 6 -19.26 19.96 -32.88
CA ILE G 6 -19.54 21.27 -33.52
C ILE G 6 -19.42 21.08 -35.01
N PHE G 7 -20.40 21.48 -35.79
CA PHE G 7 -20.39 21.40 -37.26
C PHE G 7 -20.60 22.76 -37.92
N SER G 8 -20.03 22.91 -39.12
CA SER G 8 -20.20 24.15 -39.84
C SER G 8 -20.98 23.94 -41.12
N GLY G 9 -21.71 24.88 -41.52
CA GLY G 9 -22.25 24.75 -42.81
C GLY G 9 -21.40 25.56 -43.73
N SER G 10 -21.90 25.70 -44.93
CA SER G 10 -21.15 26.44 -45.95
C SER G 10 -21.19 27.93 -45.65
N SER G 11 -22.00 28.32 -44.72
CA SER G 11 -22.26 29.74 -44.45
C SER G 11 -21.06 30.56 -44.03
N HIS G 12 -20.31 30.13 -43.05
CA HIS G 12 -19.29 30.91 -42.47
C HIS G 12 -18.40 30.09 -41.70
N GLN G 13 -17.37 29.63 -42.34
CA GLN G 13 -16.42 28.81 -41.69
C GLN G 13 -15.49 29.34 -40.66
N ASP G 14 -15.03 30.56 -40.79
CA ASP G 14 -14.11 31.12 -39.86
C ASP G 14 -14.67 31.26 -38.50
N LEU G 15 -15.81 31.82 -38.33
CA LEU G 15 -16.48 31.76 -37.04
C LEU G 15 -16.66 30.32 -36.60
N SER G 16 -17.10 29.45 -37.51
CA SER G 16 -17.24 28.07 -37.09
C SER G 16 -15.93 27.52 -36.54
N GLN G 17 -14.81 27.88 -37.16
CA GLN G 17 -13.49 27.46 -36.66
C GLN G 17 -13.16 28.13 -35.33
N LYS G 18 -13.39 29.44 -35.23
CA LYS G 18 -13.11 30.18 -33.99
C LYS G 18 -13.88 29.60 -32.82
N ILE G 19 -15.16 29.29 -33.01
CA ILE G 19 -15.97 28.68 -31.96
C ILE G 19 -15.38 27.33 -31.57
N ALA G 20 -15.10 26.47 -32.56
CA ALA G 20 -14.52 25.18 -32.22
C ALA G 20 -13.17 25.29 -31.51
N ASP G 21 -12.32 26.25 -31.95
CA ASP G 21 -11.05 26.52 -31.29
C ASP G 21 -11.22 26.95 -29.86
N ARG G 22 -12.10 27.92 -29.60
CA ARG G 22 -12.26 28.41 -28.25
C ARG G 22 -12.77 27.30 -27.35
N LEU G 23 -13.34 26.24 -27.92
CA LEU G 23 -13.86 25.18 -27.09
C LEU G 23 -12.92 23.97 -27.08
N GLY G 24 -11.79 24.07 -27.77
CA GLY G 24 -10.77 23.04 -27.84
C GLY G 24 -11.14 21.84 -28.69
N LEU G 25 -11.93 22.04 -29.72
CA LEU G 25 -12.48 20.98 -30.55
C LEU G 25 -12.18 21.27 -32.01
N GLU G 26 -12.61 20.34 -32.80
CA GLU G 26 -12.56 20.51 -34.20
C GLU G 26 -13.85 20.28 -34.83
N LEU G 27 -14.07 20.91 -35.94
CA LEU G 27 -15.30 20.81 -36.61
C LEU G 27 -15.48 19.42 -37.07
N GLY G 28 -16.65 18.89 -36.91
CA GLY G 28 -16.96 17.55 -37.33
C GLY G 28 -17.07 17.46 -38.79
N LYS G 29 -16.86 16.28 -39.31
CA LYS G 29 -16.84 16.08 -40.70
C LYS G 29 -18.16 16.11 -41.31
N VAL G 30 -18.30 16.93 -42.32
CA VAL G 30 -19.53 17.02 -43.04
C VAL G 30 -19.30 17.51 -44.41
N VAL G 31 -19.98 16.97 -45.38
CA VAL G 31 -19.86 17.41 -46.73
C VAL G 31 -21.10 18.11 -47.03
N THR G 32 -20.95 19.26 -47.55
CA THR G 32 -22.07 20.13 -47.87
C THR G 32 -21.93 20.70 -49.28
N LYS G 33 -22.70 20.16 -50.23
CA LYS G 33 -22.52 20.66 -51.59
C LYS G 33 -23.88 20.95 -52.19
N LYS G 34 -23.90 21.29 -53.48
CA LYS G 34 -25.11 21.35 -54.26
C LYS G 34 -24.85 20.44 -55.44
N PHE G 35 -25.83 19.62 -55.78
CA PHE G 35 -25.75 18.84 -56.99
C PHE G 35 -25.78 19.73 -58.22
N SER G 36 -25.53 19.08 -59.36
CA SER G 36 -25.52 19.79 -60.63
C SER G 36 -26.85 20.52 -60.80
N ASN G 37 -27.94 19.85 -60.41
CA ASN G 37 -29.30 20.35 -60.54
C ASN G 37 -29.77 21.26 -59.42
N GLN G 38 -28.89 21.72 -58.54
CA GLN G 38 -29.12 22.73 -57.49
C GLN G 38 -29.70 22.21 -56.18
N GLU G 39 -30.04 20.93 -56.06
CA GLU G 39 -30.53 20.37 -54.81
C GLU G 39 -29.42 20.31 -53.75
N THR G 40 -29.71 20.72 -52.52
CA THR G 40 -28.71 20.67 -51.46
C THR G 40 -28.38 19.25 -51.01
N CYS G 41 -27.08 18.92 -51.04
CA CYS G 41 -26.53 17.66 -50.57
C CYS G 41 -25.84 17.86 -49.22
N VAL G 42 -26.19 17.03 -48.24
CA VAL G 42 -25.54 17.03 -46.93
C VAL G 42 -25.17 15.59 -46.60
N GLU G 43 -23.96 15.37 -46.11
CA GLU G 43 -23.52 14.07 -45.63
C GLU G 43 -22.70 14.22 -44.35
N ILE G 44 -23.21 13.72 -43.25
CA ILE G 44 -22.49 13.71 -41.99
C ILE G 44 -21.39 12.65 -41.94
N GLY G 45 -20.15 13.08 -41.82
CA GLY G 45 -18.99 12.22 -41.92
C GLY G 45 -18.63 11.44 -40.66
N GLU G 46 -19.40 11.58 -39.59
CA GLU G 46 -19.13 10.88 -38.34
C GLU G 46 -20.40 10.55 -37.60
N SER G 47 -20.27 9.63 -36.67
CA SER G 47 -21.40 9.28 -35.82
C SER G 47 -21.78 10.46 -34.93
N VAL G 48 -23.08 10.75 -34.87
CA VAL G 48 -23.59 11.75 -33.95
C VAL G 48 -24.54 11.10 -32.95
N ARG G 49 -24.63 9.78 -32.97
CA ARG G 49 -25.53 9.03 -32.10
C ARG G 49 -25.26 9.33 -30.64
N GLY G 50 -26.27 9.89 -29.96
CA GLY G 50 -26.12 10.19 -28.56
C GLY G 50 -25.30 11.43 -28.27
N GLU G 51 -24.98 12.23 -29.28
CA GLU G 51 -24.09 13.37 -29.07
C GLU G 51 -24.86 14.69 -28.97
N ASP G 52 -24.26 15.68 -28.28
CA ASP G 52 -24.80 17.04 -28.18
C ASP G 52 -24.25 17.83 -29.35
N VAL G 53 -25.08 17.99 -30.39
CA VAL G 53 -24.63 18.52 -31.67
C VAL G 53 -25.01 19.98 -31.78
N TYR G 54 -24.07 20.79 -32.25
CA TYR G 54 -24.27 22.22 -32.51
C TYR G 54 -23.94 22.48 -33.98
N ILE G 55 -24.90 22.98 -34.74
CA ILE G 55 -24.66 23.31 -36.13
C ILE G 55 -24.61 24.81 -36.23
N VAL G 56 -23.47 25.33 -36.67
CA VAL G 56 -23.27 26.76 -36.83
C VAL G 56 -23.59 27.15 -38.26
N GLN G 57 -24.61 27.99 -38.42
CA GLN G 57 -24.96 28.43 -39.77
C GLN G 57 -25.48 29.84 -39.68
N SER G 58 -25.02 30.66 -40.57
CA SER G 58 -25.39 32.05 -40.55
C SER G 58 -26.50 32.28 -41.56
N GLY G 59 -27.01 33.48 -41.57
CA GLY G 59 -28.03 33.79 -42.53
C GLY G 59 -27.63 34.90 -43.44
N CYS G 60 -26.39 34.75 -43.87
CA CYS G 60 -25.66 35.65 -44.75
C CYS G 60 -25.64 34.96 -46.12
N GLY G 61 -25.03 35.63 -47.14
CA GLY G 61 -24.74 34.83 -48.35
C GLY G 61 -26.07 34.46 -49.03
N GLU G 62 -26.06 33.41 -49.85
CA GLU G 62 -27.32 33.03 -50.49
C GLU G 62 -28.15 32.38 -49.37
N ILE G 63 -29.06 33.18 -48.79
CA ILE G 63 -29.77 32.81 -47.56
C ILE G 63 -30.58 31.52 -47.69
N ASN G 64 -31.28 31.34 -48.80
CA ASN G 64 -32.10 30.14 -48.95
C ASN G 64 -31.29 28.85 -49.09
N ASP G 65 -30.16 28.85 -49.83
CA ASP G 65 -29.33 27.65 -49.84
C ASP G 65 -28.80 27.32 -48.45
N ASN G 66 -28.29 28.34 -47.76
CA ASN G 66 -27.77 28.17 -46.41
C ASN G 66 -28.86 27.71 -45.43
N LEU G 67 -30.03 28.31 -45.52
CA LEU G 67 -31.15 27.88 -44.69
C LEU G 67 -31.51 26.42 -44.99
N MET G 68 -31.63 26.07 -46.26
CA MET G 68 -31.93 24.67 -46.58
C MET G 68 -30.87 23.67 -46.10
N GLU G 69 -29.58 23.96 -46.29
CA GLU G 69 -28.54 23.06 -45.75
C GLU G 69 -28.65 22.96 -44.23
N LEU G 70 -28.89 24.09 -43.55
CA LEU G 70 -29.07 24.04 -42.10
C LEU G 70 -30.21 23.10 -41.73
N LEU G 71 -31.36 23.22 -42.43
CA LEU G 71 -32.50 22.39 -42.08
C LEU G 71 -32.23 20.93 -42.37
N ILE G 72 -31.56 20.63 -43.48
CA ILE G 72 -31.29 19.23 -43.78
C ILE G 72 -30.30 18.65 -42.78
N MET G 73 -29.29 19.44 -42.41
CA MET G 73 -28.31 19.01 -41.42
C MET G 73 -28.93 18.73 -40.06
N ILE G 74 -29.74 19.67 -39.56
CA ILE G 74 -30.48 19.45 -38.32
C ILE G 74 -31.31 18.18 -38.38
N ASN G 75 -32.11 18.04 -39.43
CA ASN G 75 -33.01 16.89 -39.54
C ASN G 75 -32.20 15.59 -39.58
N ALA G 76 -31.14 15.57 -40.40
CA ALA G 76 -30.26 14.39 -40.52
C ALA G 76 -29.67 13.97 -39.19
N CYS G 77 -29.20 14.93 -38.37
CA CYS G 77 -28.70 14.65 -37.01
C CYS G 77 -29.78 14.14 -36.08
N LYS G 78 -30.98 14.72 -36.19
CA LYS G 78 -32.06 14.30 -35.31
C LYS G 78 -32.44 12.87 -35.60
N ILE G 79 -32.48 12.50 -36.89
CA ILE G 79 -32.83 11.13 -37.29
C ILE G 79 -31.69 10.15 -37.12
N ALA G 80 -30.48 10.64 -36.86
CA ALA G 80 -29.38 9.77 -36.51
C ALA G 80 -29.27 9.62 -35.01
N SER G 81 -30.35 9.97 -34.32
CA SER G 81 -30.58 9.70 -32.91
C SER G 81 -29.59 10.48 -32.03
N ALA G 82 -29.18 11.67 -32.50
CA ALA G 82 -28.43 12.61 -31.68
C ALA G 82 -29.21 12.96 -30.41
N SER G 83 -28.47 13.17 -29.32
CA SER G 83 -29.11 13.50 -28.05
C SER G 83 -29.81 14.84 -28.09
N ARG G 84 -29.19 15.84 -28.71
CA ARG G 84 -29.74 17.19 -28.79
C ARG G 84 -29.15 17.84 -30.01
N VAL G 85 -29.93 18.63 -30.73
CA VAL G 85 -29.43 19.38 -31.88
C VAL G 85 -29.73 20.84 -31.66
N THR G 86 -28.68 21.67 -31.61
CA THR G 86 -28.83 23.10 -31.42
C THR G 86 -28.41 23.83 -32.69
N ALA G 87 -29.22 24.75 -33.14
CA ALA G 87 -28.86 25.57 -34.28
C ALA G 87 -28.25 26.85 -33.76
N VAL G 88 -27.01 27.11 -34.15
CA VAL G 88 -26.31 28.33 -33.75
C VAL G 88 -26.38 29.23 -34.99
N ILE G 89 -27.19 30.26 -34.92
CA ILE G 89 -27.50 31.06 -36.10
C ILE G 89 -27.16 32.51 -35.75
N PRO G 90 -25.90 32.90 -35.94
CA PRO G 90 -25.47 34.23 -35.53
C PRO G 90 -26.35 35.35 -36.05
N CYS G 91 -26.65 35.35 -37.34
CA CYS G 91 -27.58 36.31 -37.93
C CYS G 91 -28.83 35.59 -38.41
N PHE G 92 -29.95 35.82 -37.71
CA PHE G 92 -31.20 35.13 -38.01
C PHE G 92 -31.79 35.63 -39.34
N PRO G 93 -31.95 34.76 -40.33
CA PRO G 93 -32.52 35.20 -41.62
C PRO G 93 -33.97 35.59 -41.50
N TYR G 94 -34.37 36.53 -42.32
CA TYR G 94 -35.73 36.92 -42.46
C TYR G 94 -36.35 37.66 -41.37
N ALA G 95 -35.59 38.19 -40.44
CA ALA G 95 -36.20 38.84 -39.32
C ALA G 95 -36.53 40.27 -39.45
N ARG G 96 -36.32 40.88 -40.56
CA ARG G 96 -36.58 42.28 -40.69
C ARG G 96 -37.72 42.44 -41.58
N GLN G 97 -38.73 43.16 -41.14
CA GLN G 97 -39.89 43.39 -42.02
C GLN G 97 -39.66 44.63 -42.85
N ASP G 98 -40.01 44.50 -44.11
CA ASP G 98 -39.90 45.47 -45.22
C ASP G 98 -41.19 46.29 -45.24
N LYS G 99 -42.11 45.86 -44.40
CA LYS G 99 -43.51 46.28 -44.19
C LYS G 99 -43.85 47.55 -44.92
N LYS G 100 -44.79 47.42 -45.84
CA LYS G 100 -45.38 48.60 -46.43
C LYS G 100 -46.57 48.55 -45.44
N ASP G 101 -46.47 49.40 -44.41
CA ASP G 101 -47.22 49.27 -43.12
C ASP G 101 -48.76 49.24 -43.13
N LYS G 102 -49.43 50.06 -43.93
CA LYS G 102 -50.92 50.29 -44.02
C LYS G 102 -51.31 51.35 -42.98
N VAL G 103 -52.51 51.88 -43.09
CA VAL G 103 -52.78 52.94 -42.09
C VAL G 103 -53.48 52.36 -40.87
N GLY G 104 -54.00 51.15 -40.97
CA GLY G 104 -54.86 50.74 -39.86
C GLY G 104 -54.47 49.52 -39.11
N GLU G 105 -53.51 48.76 -39.60
CA GLU G 105 -53.12 47.56 -38.85
C GLU G 105 -51.70 47.20 -39.21
N SER G 106 -51.15 46.22 -38.54
CA SER G 106 -49.81 45.80 -38.81
C SER G 106 -49.76 44.50 -39.45
N ARG G 107 -48.77 44.35 -40.29
CA ARG G 107 -48.45 43.07 -40.92
C ARG G 107 -47.84 42.08 -39.97
N ALA G 108 -47.84 40.82 -40.37
CA ALA G 108 -47.40 39.84 -39.43
C ALA G 108 -46.04 39.35 -39.88
N PRO G 109 -45.23 38.82 -38.97
CA PRO G 109 -43.94 38.20 -39.34
C PRO G 109 -44.21 36.82 -39.92
N ILE G 110 -44.88 36.79 -41.08
CA ILE G 110 -44.91 35.55 -41.87
C ILE G 110 -43.52 34.96 -42.07
N SER G 111 -42.63 35.66 -42.78
CA SER G 111 -41.39 34.96 -43.09
C SER G 111 -40.54 34.60 -41.87
N ALA G 112 -40.54 35.42 -40.81
CA ALA G 112 -39.74 35.07 -39.63
C ALA G 112 -40.32 33.93 -38.84
N LYS G 113 -41.64 33.87 -38.80
CA LYS G 113 -42.33 32.77 -38.14
C LYS G 113 -42.17 31.50 -38.97
N LEU G 114 -42.26 31.61 -40.29
CA LEU G 114 -41.96 30.47 -41.16
C LEU G 114 -40.58 29.89 -40.90
N VAL G 115 -39.55 30.74 -40.86
CA VAL G 115 -38.21 30.24 -40.59
C VAL G 115 -38.22 29.53 -39.25
N ALA G 116 -38.83 30.13 -38.24
CA ALA G 116 -38.97 29.48 -36.93
C ALA G 116 -39.69 28.14 -37.04
N ASN G 117 -40.77 28.09 -37.81
CA ASN G 117 -41.51 26.84 -37.97
C ASN G 117 -40.71 25.76 -38.68
N MET G 118 -39.92 26.12 -39.69
CA MET G 118 -39.11 25.13 -40.40
C MET G 118 -37.98 24.61 -39.52
N LEU G 119 -37.34 25.50 -38.75
CA LEU G 119 -36.34 25.04 -37.80
C LEU G 119 -36.96 24.07 -36.81
N SER G 120 -38.18 24.37 -36.35
CA SER G 120 -38.85 23.50 -35.40
C SER G 120 -39.15 22.12 -35.96
N VAL G 121 -39.75 22.03 -37.16
CA VAL G 121 -40.07 20.73 -37.77
C VAL G 121 -38.82 19.97 -38.17
N ALA G 122 -37.73 20.67 -38.49
CA ALA G 122 -36.49 19.93 -38.76
C ALA G 122 -36.04 19.16 -37.52
N GLY G 123 -36.33 19.67 -36.34
CA GLY G 123 -36.01 18.92 -35.15
C GLY G 123 -35.04 19.70 -34.31
N ALA G 124 -34.93 21.01 -34.56
CA ALA G 124 -34.10 21.84 -33.71
C ALA G 124 -34.60 21.82 -32.28
N ASP G 125 -33.69 21.62 -31.36
CA ASP G 125 -34.02 21.58 -29.95
C ASP G 125 -33.70 22.88 -29.25
N HIS G 126 -32.91 23.76 -29.86
CA HIS G 126 -32.48 24.90 -29.09
C HIS G 126 -31.89 25.87 -30.13
N ILE G 127 -32.09 27.17 -29.97
CA ILE G 127 -31.53 28.18 -30.86
C ILE G 127 -30.61 29.13 -30.10
N ILE G 128 -29.41 29.35 -30.63
CA ILE G 128 -28.51 30.41 -30.21
C ILE G 128 -28.34 31.41 -31.35
N THR G 129 -28.59 32.69 -31.07
CA THR G 129 -28.50 33.73 -32.09
C THR G 129 -27.90 34.95 -31.43
N MET G 130 -27.57 35.97 -32.24
CA MET G 130 -27.07 37.21 -31.70
C MET G 130 -27.84 38.40 -32.27
N ASP G 131 -28.25 39.30 -31.38
CA ASP G 131 -28.99 40.51 -31.67
C ASP G 131 -30.07 40.31 -32.72
N LEU G 132 -31.05 39.47 -32.36
CA LEU G 132 -32.27 39.34 -33.13
C LEU G 132 -32.83 40.72 -33.44
N HIS G 133 -33.26 40.95 -34.68
CA HIS G 133 -33.82 42.27 -35.03
C HIS G 133 -34.93 42.65 -34.05
N ALA G 134 -35.82 41.70 -33.71
CA ALA G 134 -36.74 41.94 -32.61
C ALA G 134 -36.63 40.78 -31.63
N SER G 135 -36.41 41.11 -30.35
CA SER G 135 -36.26 40.08 -29.32
C SER G 135 -37.47 39.17 -29.17
N GLN G 136 -38.65 39.63 -29.56
CA GLN G 136 -39.85 38.80 -29.51
C GLN G 136 -39.75 37.59 -30.42
N ILE G 137 -38.85 37.61 -31.41
CA ILE G 137 -38.66 36.44 -32.27
C ILE G 137 -38.31 35.24 -31.40
N GLN G 138 -37.74 35.49 -30.22
CA GLN G 138 -37.51 34.43 -29.26
C GLN G 138 -38.77 33.61 -29.03
N GLY G 139 -39.93 34.24 -28.97
CA GLY G 139 -41.22 33.59 -28.82
C GLY G 139 -41.89 32.96 -30.05
N PHE G 140 -41.25 32.97 -31.21
CA PHE G 140 -41.76 32.25 -32.37
C PHE G 140 -41.49 30.76 -32.30
N PHE G 141 -40.73 30.31 -31.31
CA PHE G 141 -40.37 28.92 -31.05
C PHE G 141 -41.04 28.43 -29.78
N ASP G 142 -41.02 27.10 -29.63
CA ASP G 142 -41.35 26.49 -28.34
C ASP G 142 -40.11 25.95 -27.64
N ILE G 143 -39.02 25.76 -28.36
CA ILE G 143 -37.71 25.41 -27.83
C ILE G 143 -37.02 26.65 -27.28
N PRO G 144 -36.07 26.52 -26.37
CA PRO G 144 -35.33 27.70 -25.88
C PRO G 144 -34.52 28.40 -26.98
N VAL G 145 -34.55 29.73 -26.96
CA VAL G 145 -33.72 30.59 -27.80
C VAL G 145 -32.87 31.47 -26.92
N ASP G 146 -31.58 31.51 -27.20
CA ASP G 146 -30.69 32.49 -26.60
C ASP G 146 -30.42 33.61 -27.60
N ASN G 147 -30.86 34.81 -27.25
CA ASN G 147 -30.64 35.96 -28.11
C ASN G 147 -29.49 36.69 -27.42
N LEU G 148 -28.25 36.45 -27.79
CA LEU G 148 -27.07 37.04 -27.14
C LEU G 148 -26.85 38.43 -27.68
N TYR G 149 -26.23 39.28 -26.91
CA TYR G 149 -25.99 40.67 -27.25
C TYR G 149 -24.51 40.91 -27.47
N ALA G 150 -24.26 41.71 -28.50
CA ALA G 150 -22.96 42.22 -28.86
C ALA G 150 -22.62 43.46 -28.05
N GLU G 151 -23.58 44.00 -27.29
CA GLU G 151 -23.32 45.24 -26.57
C GLU G 151 -21.99 45.19 -25.82
N PRO G 152 -21.69 44.19 -24.98
CA PRO G 152 -20.38 44.25 -24.29
C PRO G 152 -19.16 44.34 -25.20
N ALA G 153 -19.13 43.64 -26.34
CA ALA G 153 -17.99 43.75 -27.23
C ALA G 153 -17.93 45.11 -27.94
N VAL G 154 -19.08 45.71 -28.23
CA VAL G 154 -19.13 47.04 -28.84
C VAL G 154 -18.67 48.10 -27.85
N LEU G 155 -19.18 48.00 -26.63
CA LEU G 155 -18.77 48.84 -25.51
C LEU G 155 -17.25 48.82 -25.34
N LYS G 156 -16.65 47.67 -25.23
CA LYS G 156 -15.22 47.64 -25.10
C LYS G 156 -14.56 48.18 -26.34
N TRP G 157 -14.93 47.72 -27.50
CA TRP G 157 -14.31 48.30 -28.68
C TRP G 157 -14.32 49.81 -28.65
N ILE G 158 -15.45 50.41 -28.26
CA ILE G 158 -15.50 51.86 -28.17
C ILE G 158 -14.43 52.37 -27.21
N ARG G 159 -14.43 51.87 -25.96
CA ARG G 159 -13.43 52.37 -25.02
C ARG G 159 -12.00 52.18 -25.56
N GLU G 160 -11.71 51.10 -26.28
CA GLU G 160 -10.32 50.87 -26.68
C GLU G 160 -9.90 51.61 -27.95
N ASN G 161 -10.84 51.99 -28.83
CA ASN G 161 -10.53 52.51 -30.16
C ASN G 161 -10.98 53.96 -30.44
N ILE G 162 -11.87 54.54 -29.63
CA ILE G 162 -12.31 55.92 -29.83
C ILE G 162 -11.70 56.70 -28.67
N SER G 163 -10.71 57.54 -28.99
CA SER G 163 -9.83 58.12 -27.96
C SER G 163 -10.55 59.14 -27.07
N GLU G 164 -11.67 59.66 -27.53
CA GLU G 164 -12.45 60.74 -26.92
C GLU G 164 -13.85 60.24 -26.58
N TRP G 165 -13.95 58.94 -26.33
CA TRP G 165 -15.23 58.26 -26.10
C TRP G 165 -16.02 58.80 -24.93
N ARG G 166 -15.39 59.46 -23.97
CA ARG G 166 -16.09 59.94 -22.78
C ARG G 166 -16.97 61.16 -23.08
N ASN G 167 -16.70 61.89 -24.18
CA ASN G 167 -17.46 63.05 -24.66
C ASN G 167 -18.13 62.86 -26.01
N CYS G 168 -18.48 61.67 -26.29
CA CYS G 168 -19.16 61.57 -27.50
C CYS G 168 -20.61 61.65 -27.29
N THR G 169 -21.30 61.27 -28.33
CA THR G 169 -22.73 61.22 -28.40
C THR G 169 -23.08 59.99 -29.22
N ILE G 170 -24.09 59.22 -28.86
CA ILE G 170 -24.41 58.03 -29.58
C ILE G 170 -25.69 58.22 -30.28
N VAL G 171 -25.74 57.96 -31.56
CA VAL G 171 -26.87 58.33 -32.34
C VAL G 171 -27.65 57.26 -32.98
N SER G 172 -28.95 57.33 -33.00
CA SER G 172 -29.74 56.27 -33.64
C SER G 172 -30.13 56.69 -35.06
N PRO G 173 -29.88 55.86 -36.09
CA PRO G 173 -30.22 56.26 -37.46
C PRO G 173 -31.70 56.43 -37.72
N ASP G 174 -32.55 55.80 -36.92
CA ASP G 174 -33.99 55.91 -37.11
C ASP G 174 -34.68 55.83 -35.75
N ALA G 175 -36.01 55.96 -35.79
CA ALA G 175 -36.80 55.86 -34.57
C ALA G 175 -36.62 54.50 -33.89
N GLY G 176 -36.58 53.42 -34.68
CA GLY G 176 -36.49 52.09 -34.09
C GLY G 176 -35.26 51.79 -33.24
N GLY G 177 -34.11 52.36 -33.58
CA GLY G 177 -32.93 51.98 -32.83
C GLY G 177 -32.71 52.75 -31.55
N ALA G 178 -33.76 53.42 -31.07
CA ALA G 178 -33.66 54.24 -29.86
C ALA G 178 -33.18 53.46 -28.64
N LYS G 179 -33.80 52.33 -28.31
CA LYS G 179 -33.40 51.71 -27.02
C LYS G 179 -31.97 51.21 -27.06
N ARG G 180 -31.54 50.69 -28.20
CA ARG G 180 -30.16 50.24 -28.34
C ARG G 180 -29.21 51.38 -28.13
N VAL G 181 -29.55 52.54 -28.67
CA VAL G 181 -28.61 53.64 -28.55
C VAL G 181 -28.68 54.22 -27.16
N THR G 182 -29.87 54.30 -26.57
CA THR G 182 -29.91 54.75 -25.18
C THR G 182 -29.24 53.77 -24.23
N SER G 183 -29.33 52.46 -24.52
CA SER G 183 -28.64 51.47 -23.67
C SER G 183 -27.13 51.63 -23.61
N ILE G 184 -26.48 51.78 -24.76
CA ILE G 184 -25.02 51.89 -24.75
C ILE G 184 -24.60 53.24 -24.21
N ALA G 185 -25.33 54.30 -24.57
CA ALA G 185 -25.02 55.61 -24.02
C ALA G 185 -25.10 55.61 -22.51
N ASP G 186 -26.06 54.87 -21.93
CA ASP G 186 -26.11 54.80 -20.48
C ASP G 186 -24.91 54.04 -19.89
N ARG G 187 -24.46 52.96 -20.57
CA ARG G 187 -23.31 52.19 -20.11
C ARG G 187 -22.03 53.02 -20.12
N LEU G 188 -21.88 53.89 -21.12
CA LEU G 188 -20.70 54.76 -21.24
C LEU G 188 -20.82 56.08 -20.47
N ASN G 189 -21.96 56.37 -19.84
CA ASN G 189 -22.26 57.66 -19.22
C ASN G 189 -22.11 58.84 -20.15
N VAL G 190 -22.75 58.73 -21.30
CA VAL G 190 -22.64 59.76 -22.35
C VAL G 190 -24.03 60.12 -22.86
N ASP G 191 -24.15 61.19 -23.62
CA ASP G 191 -25.43 61.62 -24.19
C ASP G 191 -25.75 60.81 -25.43
N PHE G 192 -26.98 60.93 -25.86
CA PHE G 192 -27.47 60.25 -27.06
C PHE G 192 -28.26 61.25 -27.87
N ALA G 193 -28.42 60.92 -29.11
CA ALA G 193 -29.22 61.70 -30.04
C ALA G 193 -29.83 60.75 -31.06
N LEU G 194 -30.85 61.18 -31.74
CA LEU G 194 -31.34 60.27 -32.78
C LEU G 194 -31.80 61.04 -34.01
N ILE G 195 -31.69 60.43 -35.16
CA ILE G 195 -32.01 60.94 -36.49
C ILE G 195 -33.29 60.27 -36.95
N HIS G 196 -34.14 61.02 -37.68
CA HIS G 196 -35.39 60.53 -38.24
C HIS G 196 -35.67 61.08 -39.63
N LYS G 197 -36.17 60.23 -40.53
CA LYS G 197 -36.62 60.63 -41.88
C LYS G 197 -38.12 61.04 -41.90
N ARG G 207 -36.15 64.52 -46.57
CA ARG G 207 -35.67 65.39 -45.49
C ARG G 207 -35.37 64.64 -44.18
N MET G 208 -34.30 65.03 -43.51
CA MET G 208 -33.81 64.31 -42.34
C MET G 208 -33.68 65.28 -41.17
N VAL G 209 -34.15 64.85 -40.00
CA VAL G 209 -34.12 65.63 -38.76
C VAL G 209 -33.27 65.00 -37.69
N LEU G 210 -32.58 65.85 -36.95
CA LEU G 210 -31.74 65.50 -35.81
C LEU G 210 -32.32 66.08 -34.53
N VAL G 211 -32.46 65.23 -33.53
CA VAL G 211 -32.79 65.69 -32.18
C VAL G 211 -31.63 65.35 -31.25
N GLY G 212 -31.12 66.34 -30.53
CA GLY G 212 -29.99 66.14 -29.65
C GLY G 212 -28.77 66.93 -30.07
N ASP G 213 -27.83 67.12 -29.14
CA ASP G 213 -26.66 67.96 -29.39
C ASP G 213 -25.55 67.05 -29.88
N VAL G 214 -25.01 67.35 -31.06
CA VAL G 214 -23.89 66.56 -31.57
C VAL G 214 -22.71 67.44 -31.93
N LYS G 215 -22.91 68.76 -31.91
CA LYS G 215 -21.89 69.73 -32.31
C LYS G 215 -20.56 69.59 -31.54
N ASP G 216 -19.45 69.48 -32.30
CA ASP G 216 -18.08 69.47 -31.75
C ASP G 216 -17.73 68.23 -30.92
N ARG G 217 -18.42 67.13 -31.14
CA ARG G 217 -18.17 65.88 -30.43
C ARG G 217 -18.19 64.72 -31.42
N VAL G 218 -17.50 63.64 -31.06
CA VAL G 218 -17.48 62.42 -31.87
C VAL G 218 -18.86 61.76 -31.85
N ALA G 219 -19.40 61.47 -33.02
CA ALA G 219 -20.70 60.84 -33.12
C ALA G 219 -20.59 59.36 -33.51
N ILE G 220 -21.21 58.47 -32.72
CA ILE G 220 -21.22 57.04 -33.01
C ILE G 220 -22.63 56.60 -33.37
N LEU G 221 -22.85 56.31 -34.63
CA LEU G 221 -24.09 55.72 -35.10
C LEU G 221 -24.12 54.25 -34.71
N VAL G 222 -25.12 53.82 -33.95
CA VAL G 222 -25.24 52.43 -33.56
C VAL G 222 -26.55 51.91 -34.08
N ASP G 223 -26.52 50.72 -34.70
CA ASP G 223 -27.74 50.09 -35.23
C ASP G 223 -27.55 48.59 -35.25
N ASP G 224 -28.65 47.84 -35.38
CA ASP G 224 -28.51 46.38 -35.37
C ASP G 224 -27.92 45.78 -36.65
N MET G 225 -28.06 46.42 -37.82
CA MET G 225 -27.56 45.78 -39.04
C MET G 225 -27.40 46.87 -40.10
N ALA G 226 -26.46 46.63 -40.99
CA ALA G 226 -26.21 47.44 -42.17
C ALA G 226 -27.12 47.27 -43.39
N ASP G 227 -26.78 46.26 -44.20
CA ASP G 227 -27.36 45.86 -45.47
C ASP G 227 -27.30 46.86 -46.62
N THR G 228 -28.35 47.61 -46.96
CA THR G 228 -28.09 48.52 -48.08
C THR G 228 -27.36 49.78 -47.66
N CYS G 229 -27.33 50.09 -46.37
CA CYS G 229 -26.61 51.22 -45.78
C CYS G 229 -27.10 52.59 -46.27
N GLY G 230 -28.27 52.69 -46.87
CA GLY G 230 -28.74 54.00 -47.30
C GLY G 230 -29.07 54.90 -46.12
N THR G 231 -29.79 54.34 -45.17
CA THR G 231 -30.13 55.04 -43.95
C THR G 231 -28.90 55.49 -43.14
N ILE G 232 -27.96 54.57 -42.81
CA ILE G 232 -26.82 54.97 -41.99
C ILE G 232 -25.95 56.02 -42.67
N CYS G 233 -25.87 55.98 -43.99
CA CYS G 233 -25.02 56.93 -44.72
C CYS G 233 -25.64 58.31 -44.80
N HIS G 234 -26.95 58.39 -44.99
CA HIS G 234 -27.57 59.71 -44.95
C HIS G 234 -27.44 60.29 -43.54
N ALA G 235 -27.65 59.44 -42.52
CA ALA G 235 -27.45 59.89 -41.14
C ALA G 235 -26.03 60.41 -40.92
N ALA G 236 -25.03 59.75 -41.52
CA ALA G 236 -23.64 60.20 -41.41
C ALA G 236 -23.47 61.57 -42.03
N ASP G 237 -24.15 61.79 -43.16
CA ASP G 237 -24.12 63.11 -43.79
C ASP G 237 -24.67 64.17 -42.82
N LYS G 238 -25.83 63.89 -42.21
CA LYS G 238 -26.46 64.83 -41.29
C LYS G 238 -25.59 65.09 -40.06
N LEU G 239 -24.92 64.06 -39.56
CA LEU G 239 -24.01 64.29 -38.45
C LEU G 239 -22.88 65.20 -38.86
N LEU G 240 -22.45 65.13 -40.13
CA LEU G 240 -21.43 66.10 -40.54
C LEU G 240 -21.98 67.51 -40.60
N SER G 241 -23.19 67.70 -41.15
CA SER G 241 -23.77 69.04 -41.20
C SER G 241 -24.01 69.62 -39.81
N ALA G 242 -24.19 68.79 -38.80
CA ALA G 242 -24.45 69.29 -37.48
C ALA G 242 -23.18 69.55 -36.70
N GLY G 243 -22.03 69.39 -37.35
CA GLY G 243 -20.77 69.75 -36.73
C GLY G 243 -20.14 68.71 -35.85
N ALA G 244 -20.43 67.44 -36.07
CA ALA G 244 -19.75 66.36 -35.37
C ALA G 244 -18.32 66.22 -35.88
N THR G 245 -17.37 66.08 -34.94
CA THR G 245 -15.97 65.97 -35.33
C THR G 245 -15.75 64.81 -36.29
N ARG G 246 -16.04 63.62 -35.81
CA ARG G 246 -15.91 62.41 -36.64
C ARG G 246 -17.14 61.54 -36.45
N VAL G 247 -17.55 60.80 -37.46
CA VAL G 247 -18.68 59.89 -37.34
C VAL G 247 -18.18 58.47 -37.49
N TYR G 248 -18.56 57.62 -36.56
CA TYR G 248 -18.29 56.21 -36.64
C TYR G 248 -19.62 55.48 -36.81
N ALA G 249 -19.59 54.28 -37.38
CA ALA G 249 -20.77 53.44 -37.43
C ALA G 249 -20.47 52.05 -36.86
N ILE G 250 -21.26 51.63 -35.87
CA ILE G 250 -21.15 50.34 -35.23
C ILE G 250 -22.50 49.63 -35.35
N LEU G 251 -22.49 48.50 -36.05
CA LEU G 251 -23.62 47.62 -36.35
C LEU G 251 -23.20 46.22 -35.97
N THR G 252 -24.08 45.45 -35.38
CA THR G 252 -23.75 44.06 -35.07
C THR G 252 -23.63 43.16 -36.29
N HIS G 253 -24.59 43.22 -37.21
CA HIS G 253 -24.63 42.40 -38.44
C HIS G 253 -24.27 43.16 -39.70
N GLY G 254 -23.15 42.82 -40.31
CA GLY G 254 -22.79 43.52 -41.53
C GLY G 254 -23.14 42.78 -42.83
N ILE G 255 -24.38 42.95 -43.31
CA ILE G 255 -24.82 42.28 -44.54
C ILE G 255 -24.18 42.93 -45.77
N PHE G 256 -24.25 44.27 -45.85
CA PHE G 256 -23.63 45.05 -46.93
C PHE G 256 -23.99 44.55 -48.35
N SER G 257 -25.28 44.57 -48.67
CA SER G 257 -25.71 44.16 -50.00
C SER G 257 -25.91 45.36 -50.92
N GLY G 258 -25.85 45.08 -52.21
CA GLY G 258 -26.07 46.09 -53.21
C GLY G 258 -25.01 47.16 -53.23
N PRO G 259 -25.44 48.41 -53.15
CA PRO G 259 -24.51 49.54 -53.25
C PRO G 259 -23.83 49.90 -51.93
N ALA G 260 -24.07 49.11 -50.89
CA ALA G 260 -23.61 49.46 -49.55
C ALA G 260 -22.13 49.83 -49.50
N ILE G 261 -21.28 48.98 -50.08
CA ILE G 261 -19.84 49.22 -50.02
C ILE G 261 -19.53 50.51 -50.74
N SER G 262 -20.15 50.73 -51.88
CA SER G 262 -19.93 51.96 -52.61
C SER G 262 -20.42 53.17 -51.80
N ARG G 263 -21.56 53.05 -51.12
CA ARG G 263 -22.06 54.17 -50.32
C ARG G 263 -21.14 54.56 -49.15
N ILE G 264 -20.67 53.59 -48.37
CA ILE G 264 -19.80 53.87 -47.21
C ILE G 264 -18.49 54.52 -47.64
N ASN G 265 -17.82 53.96 -48.66
CA ASN G 265 -16.60 54.58 -49.17
C ASN G 265 -16.82 56.04 -49.58
N ASN G 266 -17.97 56.36 -50.19
CA ASN G 266 -18.24 57.77 -50.50
C ASN G 266 -18.60 58.60 -49.27
N ALA G 267 -19.08 57.99 -48.19
CA ALA G 267 -19.47 58.66 -46.94
C ALA G 267 -18.25 59.01 -46.08
N CYS G 268 -18.49 59.80 -45.02
CA CYS G 268 -17.42 60.36 -44.19
C CYS G 268 -17.05 59.49 -42.98
N PHE G 269 -17.49 58.24 -42.92
CA PHE G 269 -17.22 57.42 -41.75
C PHE G 269 -15.72 57.35 -41.48
N GLU G 270 -15.35 57.57 -40.22
CA GLU G 270 -13.97 57.31 -39.83
C GLU G 270 -13.73 55.81 -39.87
N ALA G 271 -14.73 55.03 -39.46
CA ALA G 271 -14.69 53.58 -39.51
C ALA G 271 -16.12 53.04 -39.41
N VAL G 272 -16.36 51.91 -40.06
CA VAL G 272 -17.60 51.16 -39.92
C VAL G 272 -17.24 49.82 -39.29
N VAL G 273 -17.76 49.58 -38.08
CA VAL G 273 -17.45 48.40 -37.29
C VAL G 273 -18.64 47.45 -37.28
N VAL G 274 -18.39 46.17 -37.61
CA VAL G 274 -19.41 45.14 -37.59
C VAL G 274 -18.81 43.98 -36.82
N THR G 275 -19.65 43.06 -36.37
CA THR G 275 -19.05 41.85 -35.80
C THR G 275 -18.87 40.79 -36.88
N ASN G 276 -18.29 39.64 -36.49
CA ASN G 276 -18.00 38.51 -37.38
C ASN G 276 -19.19 37.57 -37.60
N THR G 277 -20.40 38.03 -37.28
CA THR G 277 -21.57 37.15 -37.39
C THR G 277 -21.76 36.79 -38.86
N ILE G 278 -21.27 37.64 -39.76
CA ILE G 278 -21.24 37.43 -41.20
C ILE G 278 -19.79 37.56 -41.67
N PRO G 279 -19.36 36.77 -42.66
CA PRO G 279 -18.00 36.93 -43.20
C PRO G 279 -17.77 38.31 -43.75
N GLN G 280 -16.62 38.88 -43.42
CA GLN G 280 -16.30 40.22 -43.83
C GLN G 280 -15.04 40.27 -44.70
N GLU G 281 -14.25 39.20 -44.73
CA GLU G 281 -12.99 39.21 -45.45
C GLU G 281 -13.15 39.78 -46.85
N ASP G 282 -14.13 39.27 -47.58
CA ASP G 282 -14.43 39.78 -48.92
C ASP G 282 -14.83 41.24 -48.90
N LYS G 283 -15.61 41.66 -47.91
CA LYS G 283 -16.11 43.02 -47.97
C LYS G 283 -15.04 43.98 -47.49
N MET G 284 -14.15 43.54 -46.59
CA MET G 284 -13.01 44.35 -46.17
C MET G 284 -12.01 44.55 -47.30
N LYS G 285 -11.97 43.62 -48.25
CA LYS G 285 -11.05 43.76 -49.37
C LYS G 285 -11.43 44.95 -50.22
N HIS G 286 -12.71 45.25 -50.30
CA HIS G 286 -13.19 46.38 -51.11
C HIS G 286 -13.52 47.61 -50.25
N CYS G 287 -13.34 47.53 -48.94
CA CYS G 287 -13.60 48.67 -48.07
C CYS G 287 -12.56 48.77 -46.97
N SER G 288 -11.79 49.85 -46.97
CA SER G 288 -10.76 50.04 -45.97
C SER G 288 -11.35 50.39 -44.61
N LYS G 289 -12.56 50.94 -44.59
CA LYS G 289 -13.11 51.45 -43.35
C LYS G 289 -13.83 50.40 -42.52
N ILE G 290 -14.04 49.21 -43.04
CA ILE G 290 -14.64 48.13 -42.27
C ILE G 290 -13.63 47.53 -41.30
N GLN G 291 -14.04 47.45 -40.04
CA GLN G 291 -13.32 46.75 -38.99
C GLN G 291 -14.27 45.70 -38.39
N VAL G 292 -13.73 44.55 -37.95
CA VAL G 292 -14.58 43.52 -37.37
C VAL G 292 -14.26 43.32 -35.89
N ILE G 293 -15.32 43.21 -35.06
CA ILE G 293 -15.22 42.74 -33.67
C ILE G 293 -15.49 41.24 -33.65
N ASP G 294 -14.55 40.46 -33.12
CA ASP G 294 -14.79 39.02 -32.98
C ASP G 294 -15.78 38.75 -31.84
N ILE G 295 -16.88 38.05 -32.13
CA ILE G 295 -17.89 37.73 -31.12
C ILE G 295 -17.96 36.23 -30.86
N SER G 296 -16.99 35.45 -31.37
CA SER G 296 -16.96 34.01 -31.17
C SER G 296 -16.92 33.62 -29.70
N MET G 297 -16.39 34.47 -28.86
CA MET G 297 -16.26 34.23 -27.45
C MET G 297 -17.60 34.19 -26.77
N ILE G 298 -18.50 35.08 -27.13
CA ILE G 298 -19.87 35.06 -26.65
C ILE G 298 -20.59 33.77 -27.07
N LEU G 299 -20.43 33.35 -28.32
CA LEU G 299 -21.14 32.18 -28.80
C LEU G 299 -20.59 30.91 -28.17
N ALA G 300 -19.26 30.78 -28.15
CA ALA G 300 -18.65 29.63 -27.51
C ALA G 300 -19.10 29.53 -26.06
N GLU G 301 -19.21 30.65 -25.35
CA GLU G 301 -19.65 30.53 -23.96
C GLU G 301 -21.11 30.11 -23.92
N ALA G 302 -21.93 30.60 -24.85
CA ALA G 302 -23.30 30.11 -24.91
C ALA G 302 -23.40 28.64 -25.24
N ILE G 303 -22.51 28.11 -26.07
CA ILE G 303 -22.56 26.68 -26.38
C ILE G 303 -22.11 25.90 -25.17
N ARG G 304 -21.09 26.41 -24.49
CA ARG G 304 -20.63 25.77 -23.27
C ARG G 304 -21.78 25.71 -22.26
N ARG G 305 -22.52 26.81 -22.13
CA ARG G 305 -23.55 26.90 -21.09
C ARG G 305 -24.75 26.01 -21.40
N THR G 306 -25.11 25.94 -22.68
CA THR G 306 -26.14 25.02 -23.16
C THR G 306 -25.78 23.58 -22.87
N HIS G 307 -24.51 23.22 -23.07
CA HIS G 307 -24.12 21.84 -22.88
C HIS G 307 -24.25 21.46 -21.42
N ASN G 308 -23.91 22.36 -20.50
CA ASN G 308 -23.97 22.08 -19.06
C ASN G 308 -23.01 21.01 -18.59
N GLY G 309 -21.77 21.15 -18.86
CA GLY G 309 -20.94 20.09 -18.38
C GLY G 309 -20.14 20.43 -17.21
N GLU G 310 -19.91 21.71 -17.01
CA GLU G 310 -19.13 22.13 -15.94
C GLU G 310 -19.87 22.40 -14.70
N SER G 311 -21.00 23.05 -14.76
CA SER G 311 -21.79 23.20 -13.58
C SER G 311 -23.11 23.74 -13.92
N VAL G 312 -24.06 23.56 -13.04
CA VAL G 312 -25.37 24.06 -13.30
C VAL G 312 -25.50 25.49 -12.90
N SER G 313 -24.60 25.93 -12.06
CA SER G 313 -24.64 27.22 -11.54
C SER G 313 -23.67 28.07 -12.22
N TYR G 314 -23.60 27.96 -13.53
CA TYR G 314 -22.69 28.68 -14.32
C TYR G 314 -23.40 29.88 -14.76
N LEU G 315 -22.79 31.02 -14.62
CA LEU G 315 -23.41 32.22 -15.07
C LEU G 315 -22.55 32.74 -16.11
N PHE G 316 -23.12 33.03 -17.24
CA PHE G 316 -22.35 33.48 -18.36
C PHE G 316 -22.03 34.91 -18.35
N SER G 317 -22.57 35.63 -17.40
CA SER G 317 -22.26 37.06 -17.29
C SER G 317 -20.94 37.31 -16.59
N HIS G 318 -20.47 36.30 -15.87
CA HIS G 318 -19.25 36.30 -15.13
C HIS G 318 -18.05 36.12 -15.97
N VAL G 319 -18.14 35.34 -17.01
CA VAL G 319 -16.99 35.10 -17.85
C VAL G 319 -16.65 36.39 -18.54
N PRO G 320 -15.47 36.90 -18.28
CA PRO G 320 -15.05 38.16 -18.83
C PRO G 320 -14.64 38.03 -20.24
N LEU G 321 -14.84 39.05 -21.05
CA LEU G 321 -14.43 38.99 -22.42
C LEU G 321 -13.54 40.17 -22.77
N SER H 1 -71.70 34.36 -45.29
CA SER H 1 -71.15 33.24 -44.50
C SER H 1 -72.04 32.92 -43.31
N PRO H 2 -71.76 32.03 -42.35
CA PRO H 2 -72.88 31.77 -41.46
C PRO H 2 -73.26 33.03 -40.71
N ASN H 3 -74.28 32.95 -39.88
CA ASN H 3 -74.69 34.13 -39.15
C ASN H 3 -73.71 34.48 -38.10
N ILE H 4 -73.59 35.75 -37.78
CA ILE H 4 -72.68 36.19 -36.78
C ILE H 4 -73.30 36.13 -35.45
N LYS H 5 -72.52 35.81 -34.45
CA LYS H 5 -73.00 35.72 -33.08
C LYS H 5 -71.94 36.37 -32.21
N ILE H 6 -72.34 37.23 -31.37
CA ILE H 6 -71.45 37.89 -30.58
C ILE H 6 -71.78 37.68 -29.18
N PHE H 7 -70.83 37.25 -28.40
CA PHE H 7 -70.97 37.06 -27.01
C PHE H 7 -70.06 37.99 -26.24
N SER H 8 -70.30 38.16 -24.97
CA SER H 8 -69.49 38.98 -24.20
C SER H 8 -69.14 38.39 -22.95
N GLY H 9 -67.98 38.72 -22.53
CA GLY H 9 -67.47 38.31 -21.26
C GLY H 9 -67.85 39.31 -20.21
N SER H 10 -67.37 39.05 -19.03
CA SER H 10 -67.58 39.88 -17.88
C SER H 10 -66.70 41.08 -17.85
N SER H 11 -65.69 41.12 -18.66
CA SER H 11 -64.70 42.14 -18.72
C SER H 11 -65.09 43.49 -19.04
N HIS H 12 -65.84 43.73 -20.09
CA HIS H 12 -66.17 45.04 -20.47
C HIS H 12 -67.33 44.83 -21.32
N GLN H 13 -68.50 45.20 -20.94
CA GLN H 13 -69.56 44.96 -21.87
C GLN H 13 -70.08 46.20 -22.47
N ASP H 14 -69.59 47.34 -22.04
CA ASP H 14 -70.10 48.56 -22.62
C ASP H 14 -69.74 48.47 -24.10
N LEU H 15 -68.45 48.21 -24.37
CA LEU H 15 -67.92 48.01 -25.71
C LEU H 15 -68.58 46.82 -26.42
N SER H 16 -68.72 45.68 -25.74
CA SER H 16 -69.38 44.54 -26.40
C SER H 16 -70.76 44.94 -26.93
N GLN H 17 -71.47 45.76 -26.16
CA GLN H 17 -72.74 46.28 -26.62
C GLN H 17 -72.51 47.23 -27.79
N LYS H 18 -71.52 48.11 -27.67
CA LYS H 18 -71.25 49.04 -28.75
C LYS H 18 -70.97 48.33 -30.07
N ILE H 19 -70.15 47.28 -30.04
CA ILE H 19 -69.85 46.49 -31.23
C ILE H 19 -71.11 45.87 -31.79
N ALA H 20 -71.88 45.22 -30.92
CA ALA H 20 -73.10 44.60 -31.43
C ALA H 20 -74.06 45.65 -32.02
N ASP H 21 -74.17 46.84 -31.41
CA ASP H 21 -74.96 47.94 -31.96
C ASP H 21 -74.46 48.34 -33.33
N ARG H 22 -73.15 48.56 -33.46
CA ARG H 22 -72.58 48.99 -34.74
C ARG H 22 -72.78 47.93 -35.82
N LEU H 23 -73.03 46.66 -35.43
CA LEU H 23 -73.22 45.58 -36.39
C LEU H 23 -74.67 45.15 -36.53
N GLY H 24 -75.59 45.80 -35.82
CA GLY H 24 -77.00 45.49 -35.94
C GLY H 24 -77.41 44.19 -35.31
N LEU H 25 -76.73 43.76 -34.22
CA LEU H 25 -76.92 42.46 -33.58
C LEU H 25 -77.21 42.66 -32.09
N GLU H 26 -77.67 41.64 -31.48
CA GLU H 26 -77.72 41.73 -30.11
C GLU H 26 -76.89 40.62 -29.51
N LEU H 27 -76.31 40.84 -28.36
CA LEU H 27 -75.41 39.91 -27.74
C LEU H 27 -76.07 38.71 -27.34
N GLY H 28 -75.41 37.60 -27.49
CA GLY H 28 -75.98 36.35 -27.17
C GLY H 28 -76.10 36.09 -25.74
N LYS H 29 -76.91 35.15 -25.38
CA LYS H 29 -77.17 34.84 -24.03
C LYS H 29 -76.10 34.00 -23.52
N VAL H 30 -75.49 34.35 -22.43
CA VAL H 30 -74.45 33.59 -21.83
C VAL H 30 -74.35 33.96 -20.41
N VAL H 31 -74.10 33.02 -19.54
CA VAL H 31 -74.00 33.27 -18.15
C VAL H 31 -72.62 33.03 -17.76
N THR H 32 -72.00 34.01 -17.20
CA THR H 32 -70.67 33.93 -16.73
C THR H 32 -70.73 34.37 -15.32
N LYS H 33 -70.25 33.56 -14.43
CA LYS H 33 -70.21 33.89 -13.00
C LYS H 33 -69.02 33.17 -12.38
N LYS H 34 -68.89 33.25 -11.04
CA LYS H 34 -67.97 32.42 -10.27
C LYS H 34 -68.75 31.68 -9.19
N PHE H 35 -68.42 30.42 -9.01
CA PHE H 35 -68.93 29.61 -7.91
C PHE H 35 -68.35 30.09 -6.57
N SER H 36 -68.90 29.52 -5.50
CA SER H 36 -68.45 29.87 -4.16
C SER H 36 -66.95 29.68 -4.02
N ASN H 37 -66.42 28.59 -4.57
CA ASN H 37 -65.00 28.27 -4.45
C ASN H 37 -64.09 28.93 -5.48
N GLN H 38 -64.58 29.92 -6.22
CA GLN H 38 -63.81 30.74 -7.16
C GLN H 38 -63.67 30.15 -8.55
N GLU H 39 -64.16 28.95 -8.81
CA GLU H 39 -64.07 28.41 -10.16
C GLU H 39 -64.99 29.16 -11.14
N THR H 40 -64.47 29.49 -12.31
CA THR H 40 -65.25 30.21 -13.33
C THR H 40 -66.37 29.34 -13.92
N CYS H 41 -67.61 29.82 -13.86
CA CYS H 41 -68.74 29.13 -14.48
C CYS H 41 -69.14 29.86 -15.75
N VAL H 42 -69.24 29.13 -16.87
CA VAL H 42 -69.73 29.69 -18.13
C VAL H 42 -70.77 28.75 -18.70
N GLU H 43 -71.88 29.33 -19.18
CA GLU H 43 -72.91 28.55 -19.86
C GLU H 43 -73.45 29.34 -21.04
N ILE H 44 -73.20 28.82 -22.24
CA ILE H 44 -73.72 29.45 -23.44
C ILE H 44 -75.22 29.20 -23.52
N GLY H 45 -76.00 30.26 -23.43
CA GLY H 45 -77.44 30.21 -23.32
C GLY H 45 -78.17 29.99 -24.64
N GLU H 46 -77.47 29.88 -25.76
CA GLU H 46 -78.11 29.66 -27.05
C GLU H 46 -77.21 28.83 -27.95
N SER H 47 -77.79 28.25 -29.00
CA SER H 47 -77.06 27.48 -29.98
C SER H 47 -76.08 28.30 -30.79
N VAL H 48 -74.84 27.76 -30.93
CA VAL H 48 -73.80 28.31 -31.78
C VAL H 48 -73.41 27.36 -32.89
N ARG H 49 -74.14 26.25 -33.04
CA ARG H 49 -73.82 25.26 -34.07
C ARG H 49 -73.77 25.87 -35.45
N GLY H 50 -72.61 25.82 -36.07
CA GLY H 50 -72.53 26.33 -37.42
C GLY H 50 -72.48 27.82 -37.50
N GLU H 51 -72.32 28.52 -36.40
CA GLU H 51 -72.37 29.97 -36.42
C GLU H 51 -70.96 30.56 -36.35
N ASP H 52 -70.82 31.78 -36.85
CA ASP H 52 -69.56 32.53 -36.80
C ASP H 52 -69.57 33.31 -35.48
N VAL H 53 -68.85 32.80 -34.48
CA VAL H 53 -68.90 33.27 -33.10
C VAL H 53 -67.75 34.20 -32.83
N TYR H 54 -68.04 35.34 -32.19
CA TYR H 54 -67.05 36.33 -31.76
C TYR H 54 -67.19 36.55 -30.26
N ILE H 55 -66.13 36.28 -29.50
CA ILE H 55 -66.16 36.53 -28.07
C ILE H 55 -65.30 37.73 -27.74
N VAL H 56 -65.92 38.76 -27.16
CA VAL H 56 -65.22 39.97 -26.76
C VAL H 56 -64.81 39.95 -25.28
N GLN H 57 -63.49 40.01 -25.01
CA GLN H 57 -63.00 40.04 -23.64
C GLN H 57 -61.77 40.89 -23.64
N SER H 58 -61.69 41.73 -22.65
CA SER H 58 -60.59 42.66 -22.55
C SER H 58 -59.61 42.05 -21.60
N GLY H 59 -58.46 42.69 -21.45
CA GLY H 59 -57.55 42.09 -20.52
C GLY H 59 -57.23 42.98 -19.35
N CYS H 60 -58.34 43.56 -18.88
CA CYS H 60 -58.49 44.50 -17.79
C CYS H 60 -59.08 43.70 -16.62
N GLY H 61 -59.42 44.37 -15.50
CA GLY H 61 -60.24 43.67 -14.53
C GLY H 61 -59.36 42.57 -13.93
N GLU H 62 -59.98 41.58 -13.29
CA GLU H 62 -59.13 40.52 -12.75
C GLU H 62 -58.70 39.73 -13.96
N ILE H 63 -57.48 39.99 -14.43
CA ILE H 63 -57.03 39.47 -15.71
C ILE H 63 -57.07 37.95 -15.75
N ASN H 64 -56.63 37.29 -14.68
CA ASN H 64 -56.61 35.84 -14.72
C ASN H 64 -58.02 35.24 -14.73
N ASP H 65 -58.96 35.82 -13.96
CA ASP H 65 -60.35 35.39 -14.02
C ASP H 65 -60.97 35.64 -15.40
N ASN H 66 -60.73 36.81 -15.97
CA ASN H 66 -61.23 37.13 -17.31
C ASN H 66 -60.63 36.24 -18.38
N LEU H 67 -59.33 36.01 -18.31
CA LEU H 67 -58.65 35.11 -19.23
C LEU H 67 -59.23 33.70 -19.16
N MET H 68 -59.38 33.14 -17.96
CA MET H 68 -59.97 31.81 -17.83
C MET H 68 -61.38 31.77 -18.41
N GLU H 69 -62.17 32.81 -18.14
CA GLU H 69 -63.52 32.91 -18.71
C GLU H 69 -63.47 32.89 -20.22
N LEU H 70 -62.57 33.67 -20.81
CA LEU H 70 -62.39 33.67 -22.25
C LEU H 70 -62.03 32.28 -22.80
N LEU H 71 -61.09 31.58 -22.16
CA LEU H 71 -60.66 30.30 -22.70
C LEU H 71 -61.79 29.27 -22.62
N ILE H 72 -62.55 29.27 -21.54
CA ILE H 72 -63.66 28.33 -21.42
C ILE H 72 -64.75 28.65 -22.43
N MET H 73 -65.03 29.93 -22.63
CA MET H 73 -66.02 30.33 -23.61
C MET H 73 -65.61 29.90 -25.02
N ILE H 74 -64.37 30.21 -25.41
CA ILE H 74 -63.84 29.73 -26.71
C ILE H 74 -63.98 28.23 -26.87
N ASN H 75 -63.50 27.48 -25.87
CA ASN H 75 -63.54 26.02 -25.96
C ASN H 75 -64.99 25.52 -26.05
N ALA H 76 -65.86 26.02 -25.20
CA ALA H 76 -67.26 25.61 -25.22
C ALA H 76 -67.90 25.86 -26.58
N CYS H 77 -67.65 27.01 -27.18
CA CYS H 77 -68.18 27.25 -28.52
C CYS H 77 -67.60 26.29 -29.53
N LYS H 78 -66.30 26.02 -29.45
CA LYS H 78 -65.67 25.12 -30.41
C LYS H 78 -66.20 23.68 -30.32
N ILE H 79 -66.47 23.22 -29.13
CA ILE H 79 -66.97 21.84 -28.96
C ILE H 79 -68.46 21.77 -29.19
N ALA H 80 -69.12 22.89 -29.29
CA ALA H 80 -70.54 22.93 -29.63
C ALA H 80 -70.73 23.15 -31.10
N SER H 81 -69.69 22.90 -31.88
CA SER H 81 -69.67 22.83 -33.34
C SER H 81 -69.92 24.17 -33.99
N ALA H 82 -69.49 25.24 -33.33
CA ALA H 82 -69.45 26.56 -33.94
C ALA H 82 -68.59 26.49 -35.17
N SER H 83 -68.95 27.25 -36.19
CA SER H 83 -68.17 27.24 -37.42
C SER H 83 -66.78 27.82 -37.20
N ARG H 84 -66.67 28.92 -36.46
CA ARG H 84 -65.43 29.61 -36.24
C ARG H 84 -65.54 30.39 -34.94
N VAL H 85 -64.45 30.45 -34.19
CA VAL H 85 -64.41 31.22 -32.96
C VAL H 85 -63.30 32.23 -33.04
N THR H 86 -63.66 33.49 -32.92
CA THR H 86 -62.71 34.59 -32.95
C THR H 86 -62.67 35.19 -31.56
N ALA H 87 -61.48 35.37 -31.03
CA ALA H 87 -61.33 36.04 -29.76
C ALA H 87 -61.07 37.50 -30.07
N VAL H 88 -61.96 38.36 -29.59
CA VAL H 88 -61.85 39.79 -29.76
C VAL H 88 -61.34 40.27 -28.43
N ILE H 89 -60.06 40.62 -28.38
CA ILE H 89 -59.34 40.92 -27.15
C ILE H 89 -58.77 42.31 -27.30
N PRO H 90 -59.57 43.34 -26.95
CA PRO H 90 -59.13 44.73 -27.13
C PRO H 90 -57.77 45.06 -26.54
N CYS H 91 -57.52 44.73 -25.26
CA CYS H 91 -56.21 44.91 -24.62
C CYS H 91 -55.65 43.51 -24.32
N PHE H 92 -54.62 43.10 -25.07
CA PHE H 92 -54.07 41.77 -24.95
C PHE H 92 -53.33 41.59 -23.63
N PRO H 93 -53.76 40.67 -22.76
CA PRO H 93 -53.09 40.47 -21.45
C PRO H 93 -51.67 39.94 -21.57
N TYR H 94 -50.84 40.42 -20.69
CA TYR H 94 -49.51 39.94 -20.55
C TYR H 94 -48.55 40.32 -21.60
N ALA H 95 -48.85 41.31 -22.36
CA ALA H 95 -47.97 41.78 -23.40
C ALA H 95 -46.68 42.36 -22.95
N ARG H 96 -46.70 43.11 -21.86
CA ARG H 96 -45.52 43.78 -21.33
C ARG H 96 -44.55 42.89 -20.73
N GLN H 97 -43.29 43.18 -20.94
CA GLN H 97 -42.25 42.37 -20.40
C GLN H 97 -41.56 43.00 -19.25
N ASP H 98 -41.72 42.49 -18.07
CA ASP H 98 -41.10 43.16 -16.93
C ASP H 98 -39.74 42.66 -17.01
N LYS H 99 -39.01 43.21 -17.97
CA LYS H 99 -37.78 42.52 -18.40
C LYS H 99 -36.68 42.31 -17.37
N LYS H 100 -36.28 43.30 -16.56
CA LYS H 100 -35.06 43.11 -15.70
C LYS H 100 -34.00 42.59 -16.67
N ASP H 101 -33.64 43.48 -17.58
CA ASP H 101 -33.16 43.12 -18.93
C ASP H 101 -32.09 42.05 -19.08
N LYS H 102 -31.12 41.94 -18.19
CA LYS H 102 -30.04 40.92 -18.32
C LYS H 102 -28.95 41.50 -19.22
N VAL H 103 -27.67 41.13 -19.06
CA VAL H 103 -26.70 41.54 -20.03
C VAL H 103 -26.21 40.35 -20.66
N GLY H 104 -26.14 40.57 -21.93
CA GLY H 104 -25.72 39.60 -22.84
C GLY H 104 -26.82 38.95 -23.50
N GLU H 105 -28.00 38.96 -22.96
CA GLU H 105 -29.09 38.36 -23.57
C GLU H 105 -30.37 38.91 -23.18
N SER H 106 -31.37 38.53 -23.89
CA SER H 106 -32.69 39.02 -23.63
C SER H 106 -33.58 37.98 -23.10
N ARG H 107 -34.47 38.39 -22.24
CA ARG H 107 -35.50 37.54 -21.67
C ARG H 107 -36.53 37.15 -22.72
N ALA H 108 -37.27 36.10 -22.46
CA ALA H 108 -38.13 35.73 -23.57
C ALA H 108 -39.53 36.13 -23.14
N PRO H 109 -40.43 36.38 -24.08
CA PRO H 109 -41.83 36.68 -23.73
C PRO H 109 -42.55 35.40 -23.35
N ILE H 110 -42.13 34.81 -22.23
CA ILE H 110 -42.89 33.76 -21.60
C ILE H 110 -44.38 34.05 -21.48
N SER H 111 -44.79 35.02 -20.67
CA SER H 111 -46.23 35.13 -20.45
C SER H 111 -47.04 35.48 -21.70
N ALA H 112 -46.50 36.25 -22.63
CA ALA H 112 -47.30 36.55 -23.82
C ALA H 112 -47.48 35.36 -24.75
N LYS H 113 -46.45 34.52 -24.85
CA LYS H 113 -46.52 33.27 -25.62
C LYS H 113 -47.40 32.26 -24.91
N LEU H 114 -47.29 32.14 -23.58
CA LEU H 114 -48.22 31.31 -22.83
C LEU H 114 -49.67 31.67 -23.09
N VAL H 115 -50.01 32.96 -23.00
CA VAL H 115 -51.37 33.37 -23.28
C VAL H 115 -51.78 32.96 -24.68
N ALA H 116 -50.91 33.21 -25.66
CA ALA H 116 -51.16 32.76 -27.04
C ALA H 116 -51.39 31.25 -27.17
N ASN H 117 -50.56 30.46 -26.52
CA ASN H 117 -50.69 29.01 -26.57
C ASN H 117 -51.98 28.55 -25.92
N MET H 118 -52.39 29.22 -24.85
CA MET H 118 -53.65 28.88 -24.22
C MET H 118 -54.83 29.24 -25.11
N LEU H 119 -54.81 30.40 -25.75
CA LEU H 119 -55.88 30.72 -26.69
C LEU H 119 -55.95 29.71 -27.80
N SER H 120 -54.79 29.31 -28.36
CA SER H 120 -54.77 28.34 -29.45
C SER H 120 -55.29 26.98 -29.04
N VAL H 121 -54.80 26.44 -27.93
CA VAL H 121 -55.27 25.13 -27.48
C VAL H 121 -56.73 25.19 -27.03
N ALA H 122 -57.20 26.34 -26.55
CA ALA H 122 -58.62 26.50 -26.22
C ALA H 122 -59.48 26.37 -27.47
N GLY H 123 -58.95 26.77 -28.63
CA GLY H 123 -59.60 26.61 -29.90
C GLY H 123 -59.89 27.89 -30.66
N ALA H 124 -59.24 28.98 -30.28
CA ALA H 124 -59.40 30.20 -31.04
C ALA H 124 -58.93 30.01 -32.45
N ASP H 125 -59.75 30.45 -33.39
CA ASP H 125 -59.44 30.35 -34.79
C ASP H 125 -58.91 31.64 -35.36
N HIS H 126 -59.06 32.75 -34.63
CA HIS H 126 -58.72 34.04 -35.20
C HIS H 126 -58.67 35.01 -34.00
N ILE H 127 -57.75 35.96 -34.00
CA ILE H 127 -57.65 37.00 -32.97
C ILE H 127 -57.83 38.38 -33.60
N ILE H 128 -58.70 39.18 -33.01
CA ILE H 128 -58.77 40.61 -33.30
C ILE H 128 -58.36 41.33 -32.03
N THR H 129 -57.36 42.20 -32.13
CA THR H 129 -56.87 42.93 -30.96
C THR H 129 -56.51 44.35 -31.36
N MET H 130 -56.22 45.20 -30.38
CA MET H 130 -55.80 46.56 -30.70
C MET H 130 -54.50 46.98 -30.00
N ASP H 131 -53.59 47.55 -30.80
CA ASP H 131 -52.28 48.06 -30.41
C ASP H 131 -51.53 47.19 -29.42
N LEU H 132 -51.19 45.99 -29.88
CA LEU H 132 -50.30 45.08 -29.16
C LEU H 132 -49.06 45.81 -28.66
N HIS H 133 -48.66 45.55 -27.41
CA HIS H 133 -47.47 46.21 -26.88
C HIS H 133 -46.31 46.05 -27.84
N ALA H 134 -46.11 44.85 -28.39
CA ALA H 134 -45.18 44.66 -29.49
C ALA H 134 -45.96 43.94 -30.59
N SER H 135 -45.91 44.49 -31.81
CA SER H 135 -46.64 43.91 -32.93
C SER H 135 -46.20 42.49 -33.27
N GLN H 136 -44.97 42.10 -32.90
CA GLN H 136 -44.48 40.74 -33.11
C GLN H 136 -45.28 39.69 -32.36
N ILE H 137 -46.03 40.09 -31.33
CA ILE H 137 -46.89 39.15 -30.63
C ILE H 137 -47.83 38.51 -31.64
N GLN H 138 -48.11 39.21 -32.74
CA GLN H 138 -48.88 38.61 -33.82
C GLN H 138 -48.33 37.25 -34.25
N GLY H 139 -47.03 37.12 -34.33
CA GLY H 139 -46.45 35.85 -34.69
C GLY H 139 -46.39 34.80 -33.61
N PHE H 140 -46.91 35.06 -32.43
CA PHE H 140 -46.99 34.01 -31.42
C PHE H 140 -48.12 33.04 -31.69
N PHE H 141 -48.95 33.31 -32.69
CA PHE H 141 -50.05 32.42 -33.06
C PHE H 141 -49.77 31.78 -34.42
N ASP H 142 -50.53 30.72 -34.71
CA ASP H 142 -50.59 30.16 -36.06
C ASP H 142 -51.92 30.45 -36.74
N ILE H 143 -52.93 30.83 -35.96
CA ILE H 143 -54.21 31.32 -36.48
C ILE H 143 -53.93 32.77 -36.87
N PRO H 144 -54.70 33.34 -37.78
CA PRO H 144 -54.53 34.76 -38.13
C PRO H 144 -54.78 35.68 -36.95
N VAL H 145 -53.95 36.70 -36.80
CA VAL H 145 -54.17 37.74 -35.81
C VAL H 145 -54.28 39.07 -36.52
N ASP H 146 -55.32 39.83 -36.19
CA ASP H 146 -55.41 41.22 -36.62
C ASP H 146 -55.05 42.17 -35.49
N ASN H 147 -53.94 42.91 -35.67
CA ASN H 147 -53.49 43.88 -34.68
C ASN H 147 -53.90 45.24 -35.25
N LEU H 148 -55.05 45.74 -34.80
CA LEU H 148 -55.61 47.02 -35.23
C LEU H 148 -54.96 48.23 -34.56
N TYR H 149 -54.97 49.37 -35.23
CA TYR H 149 -54.37 50.57 -34.64
C TYR H 149 -55.41 51.63 -34.32
N ALA H 150 -55.22 52.23 -33.16
CA ALA H 150 -55.99 53.38 -32.70
C ALA H 150 -55.45 54.67 -33.29
N GLU H 151 -54.30 54.61 -33.97
CA GLU H 151 -53.67 55.82 -34.50
C GLU H 151 -54.62 56.71 -35.27
N PRO H 152 -55.40 56.21 -36.23
CA PRO H 152 -56.31 57.11 -36.95
C PRO H 152 -57.26 57.86 -36.05
N ALA H 153 -57.79 57.21 -35.02
CA ALA H 153 -58.71 57.87 -34.10
C ALA H 153 -57.99 58.90 -33.23
N VAL H 154 -56.72 58.66 -32.91
CA VAL H 154 -55.91 59.60 -32.15
C VAL H 154 -55.57 60.81 -33.01
N LEU H 155 -55.18 60.54 -34.24
CA LEU H 155 -54.96 61.60 -35.21
C LEU H 155 -56.19 62.51 -35.31
N LYS H 156 -57.35 61.95 -35.36
CA LYS H 156 -58.55 62.74 -35.38
C LYS H 156 -58.69 63.49 -34.09
N TRP H 157 -58.72 62.81 -32.97
CA TRP H 157 -58.87 63.52 -31.71
C TRP H 157 -57.93 64.72 -31.57
N ILE H 158 -56.66 64.55 -31.95
CA ILE H 158 -55.72 65.67 -31.89
C ILE H 158 -56.21 66.82 -32.76
N ARG H 159 -56.47 66.55 -34.04
CA ARG H 159 -56.95 67.66 -34.87
C ARG H 159 -58.21 68.33 -34.30
N GLU H 160 -59.11 67.58 -33.67
CA GLU H 160 -60.39 68.14 -33.25
C GLU H 160 -60.30 68.89 -31.92
N ASN H 161 -59.34 68.58 -31.06
CA ASN H 161 -59.37 69.13 -29.71
C ASN H 161 -58.21 70.04 -29.33
N ILE H 162 -57.10 70.03 -30.04
CA ILE H 162 -55.98 70.91 -29.70
C ILE H 162 -55.86 71.96 -30.80
N SER H 163 -56.44 73.14 -30.52
CA SER H 163 -56.50 74.20 -31.52
C SER H 163 -55.15 74.42 -32.18
N GLU H 164 -54.08 74.31 -31.40
CA GLU H 164 -52.75 74.63 -31.87
C GLU H 164 -51.98 73.40 -32.36
N TRP H 165 -52.69 72.35 -32.77
CA TRP H 165 -52.03 71.10 -33.18
C TRP H 165 -51.11 71.27 -34.36
N ARG H 166 -51.31 72.31 -35.16
CA ARG H 166 -50.54 72.45 -36.38
C ARG H 166 -49.11 72.84 -36.06
N ASN H 167 -48.89 73.44 -34.89
CA ASN H 167 -47.60 73.83 -34.38
C ASN H 167 -47.24 73.12 -33.06
N CYS H 168 -47.76 71.91 -32.83
CA CYS H 168 -47.48 71.24 -31.56
C CYS H 168 -46.23 70.36 -31.71
N THR H 169 -46.05 69.42 -30.79
CA THR H 169 -44.85 68.56 -30.81
C THR H 169 -45.17 67.27 -30.06
N ILE H 170 -44.96 66.12 -30.72
CA ILE H 170 -45.34 64.80 -30.19
C ILE H 170 -44.15 64.17 -29.46
N VAL H 171 -44.29 63.96 -28.17
CA VAL H 171 -43.22 63.53 -27.30
C VAL H 171 -43.40 62.08 -26.88
N SER H 172 -42.30 61.30 -26.92
CA SER H 172 -42.28 59.94 -26.43
C SER H 172 -41.74 59.90 -25.01
N PRO H 173 -42.49 59.26 -24.10
CA PRO H 173 -42.07 59.16 -22.67
C PRO H 173 -40.81 58.34 -22.44
N ASP H 174 -40.43 57.44 -23.35
CA ASP H 174 -39.22 56.65 -23.17
C ASP H 174 -38.63 56.39 -24.55
N ALA H 175 -37.47 55.74 -24.56
CA ALA H 175 -36.83 55.41 -25.83
C ALA H 175 -37.72 54.50 -26.68
N GLY H 176 -38.37 53.52 -26.06
CA GLY H 176 -39.16 52.56 -26.82
C GLY H 176 -40.30 53.16 -27.63
N GLY H 177 -40.92 54.24 -27.14
CA GLY H 177 -42.07 54.73 -27.88
C GLY H 177 -41.67 55.64 -29.04
N ALA H 178 -40.39 55.61 -29.40
CA ALA H 178 -39.91 56.46 -30.48
C ALA H 178 -40.71 56.24 -31.76
N LYS H 179 -40.85 54.98 -32.18
CA LYS H 179 -41.51 54.76 -33.47
C LYS H 179 -42.96 55.18 -33.43
N ARG H 180 -43.62 54.99 -32.29
CA ARG H 180 -45.01 55.43 -32.20
C ARG H 180 -45.16 56.94 -32.40
N VAL H 181 -44.28 57.74 -31.81
CA VAL H 181 -44.52 59.18 -31.93
C VAL H 181 -44.07 59.73 -33.26
N THR H 182 -42.98 59.22 -33.84
CA THR H 182 -42.62 59.76 -35.14
C THR H 182 -43.66 59.49 -36.22
N SER H 183 -44.30 58.32 -36.15
CA SER H 183 -45.39 58.05 -37.09
C SER H 183 -46.50 59.09 -36.94
N ILE H 184 -46.88 59.40 -35.69
CA ILE H 184 -47.96 60.37 -35.50
C ILE H 184 -47.47 61.77 -35.83
N ALA H 185 -46.24 62.09 -35.44
CA ALA H 185 -45.69 63.38 -35.78
C ALA H 185 -45.58 63.58 -37.27
N ASP H 186 -45.26 62.52 -38.01
CA ASP H 186 -45.20 62.70 -39.46
C ASP H 186 -46.59 62.90 -40.06
N ARG H 187 -47.60 62.20 -39.53
CA ARG H 187 -48.96 62.36 -40.02
C ARG H 187 -49.50 63.76 -39.75
N LEU H 188 -49.16 64.36 -38.61
CA LEU H 188 -49.64 65.70 -38.30
C LEU H 188 -48.75 66.80 -38.88
N ASN H 189 -47.64 66.44 -39.51
CA ASN H 189 -46.64 67.40 -39.98
C ASN H 189 -46.11 68.32 -38.88
N VAL H 190 -45.72 67.72 -37.76
CA VAL H 190 -45.23 68.48 -36.63
C VAL H 190 -43.89 67.91 -36.20
N ASP H 191 -43.31 68.56 -35.19
CA ASP H 191 -42.03 68.21 -34.60
C ASP H 191 -42.25 67.07 -33.61
N PHE H 192 -41.19 66.32 -33.33
CA PHE H 192 -41.20 65.33 -32.27
C PHE H 192 -40.04 65.54 -31.30
N ALA H 193 -40.21 64.98 -30.10
CA ALA H 193 -39.17 64.96 -29.07
C ALA H 193 -39.25 63.65 -28.31
N LEU H 194 -38.18 63.34 -27.58
CA LEU H 194 -38.15 62.09 -26.86
C LEU H 194 -37.60 62.31 -25.46
N ILE H 195 -38.19 61.64 -24.48
CA ILE H 195 -37.75 61.69 -23.08
C ILE H 195 -37.08 60.37 -22.73
N HIS H 196 -36.00 60.41 -21.96
CA HIS H 196 -35.41 59.16 -21.53
C HIS H 196 -34.93 59.31 -20.10
N LYS H 197 -35.22 58.33 -19.26
CA LYS H 197 -34.72 58.25 -17.89
C LYS H 197 -33.42 57.44 -17.91
N GLU H 198 -32.44 57.84 -17.09
CA GLU H 198 -31.17 57.13 -17.03
C GLU H 198 -31.03 56.12 -15.86
N ARG H 207 -31.94 60.99 -12.80
CA ARG H 207 -31.82 61.98 -13.87
C ARG H 207 -32.73 61.67 -15.10
N MET H 208 -33.45 62.67 -15.62
CA MET H 208 -34.28 62.49 -16.80
C MET H 208 -33.82 63.50 -17.83
N VAL H 209 -33.69 63.03 -19.07
CA VAL H 209 -33.22 63.80 -20.22
C VAL H 209 -34.24 63.97 -21.34
N LEU H 210 -34.22 65.16 -21.95
CA LEU H 210 -35.04 65.56 -23.08
C LEU H 210 -34.16 65.75 -24.28
N VAL H 211 -34.56 65.12 -25.37
CA VAL H 211 -33.97 65.29 -26.67
C VAL H 211 -35.02 65.91 -27.55
N GLY H 212 -34.69 67.01 -28.19
CA GLY H 212 -35.71 67.67 -28.98
C GLY H 212 -36.04 69.04 -28.44
N ASP H 213 -37.17 69.57 -28.88
CA ASP H 213 -37.56 70.93 -28.54
C ASP H 213 -39.06 70.97 -28.30
N VAL H 214 -39.45 71.43 -27.10
CA VAL H 214 -40.85 71.57 -26.72
C VAL H 214 -41.21 72.97 -26.23
N LYS H 215 -40.22 73.84 -26.06
CA LYS H 215 -40.42 75.18 -25.51
C LYS H 215 -41.47 75.99 -26.28
N ASP H 216 -42.45 76.51 -25.54
CA ASP H 216 -43.50 77.42 -26.00
C ASP H 216 -44.50 76.81 -26.98
N ARG H 217 -44.62 75.48 -27.02
CA ARG H 217 -45.59 74.84 -27.90
C ARG H 217 -46.26 73.72 -27.12
N VAL H 218 -47.47 73.37 -27.57
CA VAL H 218 -48.21 72.30 -26.92
C VAL H 218 -47.51 70.98 -27.18
N ALA H 219 -47.26 70.24 -26.10
CA ALA H 219 -46.60 68.93 -26.15
C ALA H 219 -47.60 67.82 -25.88
N ILE H 220 -47.66 66.83 -26.77
CA ILE H 220 -48.55 65.68 -26.60
C ILE H 220 -47.70 64.43 -26.34
N LEU H 221 -47.75 63.91 -25.10
CA LEU H 221 -47.12 62.63 -24.76
C LEU H 221 -47.95 61.48 -25.34
N VAL H 222 -47.35 60.56 -26.04
CA VAL H 222 -48.01 59.43 -26.65
C VAL H 222 -47.35 58.13 -26.34
N ASP H 223 -48.08 57.13 -25.94
CA ASP H 223 -47.60 55.81 -25.60
C ASP H 223 -48.68 54.78 -25.72
N ASP H 224 -48.36 53.51 -25.65
CA ASP H 224 -49.36 52.50 -25.70
C ASP H 224 -50.22 52.34 -24.59
N MET H 225 -49.70 52.33 -23.41
CA MET H 225 -50.66 52.07 -22.35
C MET H 225 -50.18 52.66 -21.07
N ALA H 226 -51.12 52.91 -20.19
CA ALA H 226 -50.78 53.57 -18.94
C ALA H 226 -51.09 52.63 -17.83
N ASP H 227 -50.10 52.13 -17.16
CA ASP H 227 -50.45 51.34 -15.98
C ASP H 227 -50.55 52.24 -14.75
N THR H 228 -49.43 52.27 -14.02
CA THR H 228 -49.20 53.06 -12.82
C THR H 228 -48.93 54.52 -13.13
N CYS H 229 -48.68 54.85 -14.39
CA CYS H 229 -48.50 56.22 -14.86
C CYS H 229 -47.28 56.92 -14.31
N GLY H 230 -46.29 56.21 -13.79
CA GLY H 230 -45.11 56.90 -13.29
C GLY H 230 -44.29 57.54 -14.39
N THR H 231 -44.06 56.80 -15.49
CA THR H 231 -43.32 57.35 -16.62
C THR H 231 -44.01 58.58 -17.22
N ILE H 232 -45.30 58.48 -17.55
CA ILE H 232 -45.96 59.64 -18.18
C ILE H 232 -45.99 60.84 -17.24
N CYS H 233 -46.07 60.62 -15.93
CA CYS H 233 -46.11 61.79 -15.04
C CYS H 233 -44.75 62.46 -14.89
N HIS H 234 -43.67 61.67 -14.81
CA HIS H 234 -42.35 62.29 -14.80
C HIS H 234 -42.04 62.96 -16.14
N ALA H 235 -42.40 62.32 -17.24
CA ALA H 235 -42.22 62.97 -18.53
C ALA H 235 -42.99 64.28 -18.58
N ALA H 236 -44.21 64.31 -18.04
CA ALA H 236 -44.95 65.57 -18.04
C ALA H 236 -44.29 66.65 -17.20
N ASP H 237 -43.78 66.33 -16.01
CA ASP H 237 -43.05 67.37 -15.27
C ASP H 237 -41.85 67.88 -16.06
N LYS H 238 -41.07 66.96 -16.64
CA LYS H 238 -39.90 67.42 -17.38
C LYS H 238 -40.32 68.31 -18.54
N LEU H 239 -41.43 67.98 -19.21
CA LEU H 239 -41.93 68.85 -20.27
C LEU H 239 -42.37 70.23 -19.76
N LEU H 240 -42.93 70.32 -18.55
CA LEU H 240 -43.24 71.66 -18.05
C LEU H 240 -42.00 72.46 -17.75
N SER H 241 -41.01 71.82 -17.12
CA SER H 241 -39.75 72.51 -16.83
C SER H 241 -39.05 72.96 -18.08
N ALA H 242 -39.29 72.31 -19.21
CA ALA H 242 -38.67 72.66 -20.47
C ALA H 242 -39.46 73.73 -21.21
N GLY H 243 -40.53 74.23 -20.59
CA GLY H 243 -41.29 75.35 -21.12
C GLY H 243 -42.36 75.03 -22.13
N ALA H 244 -42.90 73.83 -22.10
CA ALA H 244 -44.04 73.51 -22.94
C ALA H 244 -45.30 74.22 -22.43
N THR H 245 -46.06 74.81 -23.35
CA THR H 245 -47.28 75.54 -22.98
C THR H 245 -48.26 74.63 -22.21
N ARG H 246 -48.72 73.55 -22.82
CA ARG H 246 -49.59 72.61 -22.15
C ARG H 246 -49.20 71.20 -22.55
N VAL H 247 -49.38 70.24 -21.64
CA VAL H 247 -49.03 68.84 -21.89
C VAL H 247 -50.28 67.96 -21.94
N TYR H 248 -50.40 67.16 -22.99
CA TYR H 248 -51.43 66.14 -23.16
C TYR H 248 -50.80 64.76 -23.11
N ALA H 249 -51.62 63.77 -22.76
CA ALA H 249 -51.26 62.35 -22.81
C ALA H 249 -52.31 61.55 -23.56
N ILE H 250 -51.88 60.88 -24.61
CA ILE H 250 -52.79 60.01 -25.36
C ILE H 250 -52.21 58.63 -25.30
N LEU H 251 -52.95 57.66 -24.81
CA LEU H 251 -52.53 56.25 -24.73
C LEU H 251 -53.62 55.39 -25.35
N THR H 252 -53.28 54.26 -25.90
CA THR H 252 -54.34 53.43 -26.46
C THR H 252 -55.15 52.80 -25.35
N HIS H 253 -54.44 52.26 -24.39
CA HIS H 253 -54.96 51.43 -23.36
C HIS H 253 -54.77 52.10 -22.09
N GLY H 254 -55.84 52.31 -21.35
CA GLY H 254 -55.73 52.91 -20.09
C GLY H 254 -56.05 51.97 -19.04
N ILE H 255 -55.09 51.43 -18.40
CA ILE H 255 -55.24 50.51 -17.27
C ILE H 255 -55.47 51.27 -15.96
N PHE H 256 -54.61 52.27 -15.68
CA PHE H 256 -54.70 53.16 -14.50
C PHE H 256 -54.87 52.37 -13.21
N SER H 257 -53.88 51.52 -12.90
CA SER H 257 -53.94 50.76 -11.68
C SER H 257 -53.15 51.41 -10.56
N GLY H 258 -53.47 51.04 -9.30
CA GLY H 258 -52.76 51.54 -8.14
C GLY H 258 -52.96 53.02 -7.93
N PRO H 259 -51.85 53.73 -7.80
CA PRO H 259 -51.91 55.17 -7.53
C PRO H 259 -52.11 56.03 -8.78
N ALA H 260 -52.33 55.41 -9.95
CA ALA H 260 -52.36 56.12 -11.23
C ALA H 260 -53.26 57.34 -11.21
N ILE H 261 -54.51 57.19 -10.73
CA ILE H 261 -55.44 58.32 -10.77
C ILE H 261 -54.97 59.50 -9.92
N SER H 262 -54.48 59.24 -8.71
CA SER H 262 -53.99 60.34 -7.90
C SER H 262 -52.79 61.01 -8.57
N ARG H 263 -51.91 60.22 -9.18
CA ARG H 263 -50.76 60.78 -9.87
C ARG H 263 -51.19 61.71 -11.01
N ILE H 264 -52.17 61.25 -11.82
CA ILE H 264 -52.66 62.07 -12.92
C ILE H 264 -53.29 63.36 -12.42
N ASN H 265 -54.16 63.28 -11.42
CA ASN H 265 -54.72 64.52 -10.87
C ASN H 265 -53.64 65.49 -10.37
N ASN H 266 -52.58 64.97 -9.74
CA ASN H 266 -51.50 65.85 -9.30
C ASN H 266 -50.60 66.38 -10.41
N ALA H 267 -50.52 65.71 -11.54
CA ALA H 267 -49.66 66.10 -12.66
C ALA H 267 -50.27 67.26 -13.45
N CYS H 268 -49.49 67.79 -14.39
CA CYS H 268 -49.88 68.99 -15.11
C CYS H 268 -50.65 68.73 -16.40
N PHE H 269 -51.13 67.50 -16.61
CA PHE H 269 -51.83 67.17 -17.84
C PHE H 269 -53.06 68.06 -18.06
N GLU H 270 -53.20 68.60 -19.27
CA GLU H 270 -54.43 69.27 -19.65
C GLU H 270 -55.55 68.25 -19.77
N ALA H 271 -55.23 67.08 -20.33
CA ALA H 271 -56.11 65.93 -20.46
C ALA H 271 -55.26 64.68 -20.70
N VAL H 272 -55.74 63.55 -20.19
CA VAL H 272 -55.16 62.25 -20.48
C VAL H 272 -56.23 61.49 -21.24
N VAL H 273 -55.92 61.15 -22.49
CA VAL H 273 -56.86 60.53 -23.41
C VAL H 273 -56.50 59.06 -23.63
N VAL H 274 -57.49 58.18 -23.46
CA VAL H 274 -57.37 56.75 -23.66
C VAL H 274 -58.54 56.31 -24.54
N THR H 275 -58.44 55.11 -25.13
CA THR H 275 -59.60 54.58 -25.85
C THR H 275 -60.46 53.70 -24.92
N ASN H 276 -61.59 53.16 -25.46
CA ASN H 276 -62.53 52.32 -24.69
C ASN H 276 -62.12 50.84 -24.63
N THR H 277 -60.88 50.49 -24.94
CA THR H 277 -60.49 49.08 -24.97
C THR H 277 -60.61 48.47 -23.57
N ILE H 278 -60.51 49.31 -22.54
CA ILE H 278 -60.70 49.00 -21.13
C ILE H 278 -61.78 49.91 -20.58
N PRO H 279 -62.64 49.45 -19.65
CA PRO H 279 -63.65 50.32 -19.05
C PRO H 279 -63.04 51.52 -18.33
N GLN H 280 -63.62 52.69 -18.59
CA GLN H 280 -63.11 53.92 -18.01
C GLN H 280 -64.12 54.64 -17.16
N GLU H 281 -65.42 54.31 -17.27
CA GLU H 281 -66.46 55.04 -16.55
C GLU H 281 -66.17 55.22 -15.05
N ASP H 282 -65.83 54.12 -14.37
CA ASP H 282 -65.52 54.22 -12.94
C ASP H 282 -64.35 55.15 -12.67
N LYS H 283 -63.32 55.10 -13.50
CA LYS H 283 -62.14 55.92 -13.22
C LYS H 283 -62.37 57.35 -13.64
N MET H 284 -63.24 57.55 -14.62
CA MET H 284 -63.60 58.90 -15.01
C MET H 284 -64.33 59.59 -13.87
N LYS H 285 -64.94 58.81 -12.97
CA LYS H 285 -65.61 59.46 -11.85
C LYS H 285 -64.62 60.15 -10.91
N HIS H 286 -63.40 59.64 -10.76
CA HIS H 286 -62.38 60.22 -9.88
C HIS H 286 -61.30 61.01 -10.60
N CYS H 287 -61.36 61.13 -11.94
CA CYS H 287 -60.37 61.89 -12.70
C CYS H 287 -61.02 62.67 -13.83
N SER H 288 -61.21 63.97 -13.64
CA SER H 288 -61.87 64.70 -14.71
C SER H 288 -60.97 64.90 -15.92
N LYS H 289 -59.68 64.57 -15.85
CA LYS H 289 -58.84 64.72 -17.04
C LYS H 289 -58.88 63.51 -17.97
N ILE H 290 -59.48 62.40 -17.58
CA ILE H 290 -59.61 61.29 -18.51
C ILE H 290 -60.73 61.63 -19.49
N GLN H 291 -60.42 61.53 -20.77
CA GLN H 291 -61.37 61.60 -21.87
C GLN H 291 -61.23 60.28 -22.63
N VAL H 292 -62.31 59.71 -23.19
CA VAL H 292 -62.21 58.44 -23.91
C VAL H 292 -62.50 58.62 -25.39
N ILE H 293 -61.68 57.98 -26.25
CA ILE H 293 -61.98 57.81 -27.67
C ILE H 293 -62.66 56.47 -27.90
N ASP H 294 -63.86 56.50 -28.49
CA ASP H 294 -64.54 55.26 -28.84
C ASP H 294 -63.87 54.62 -30.07
N ILE H 295 -63.43 53.38 -29.94
CA ILE H 295 -62.79 52.62 -31.02
C ILE H 295 -63.65 51.45 -31.43
N SER H 296 -64.90 51.43 -30.96
CA SER H 296 -65.85 50.39 -31.29
C SER H 296 -66.07 50.24 -32.78
N MET H 297 -65.97 51.33 -33.54
CA MET H 297 -66.20 51.24 -34.97
C MET H 297 -65.04 50.49 -35.66
N ILE H 298 -63.79 50.72 -35.21
CA ILE H 298 -62.64 49.96 -35.75
C ILE H 298 -62.82 48.46 -35.51
N LEU H 299 -63.25 48.09 -34.31
CA LEU H 299 -63.40 46.68 -33.99
C LEU H 299 -64.57 46.09 -34.79
N ALA H 300 -65.71 46.79 -34.80
CA ALA H 300 -66.84 46.32 -35.58
C ALA H 300 -66.47 46.12 -37.06
N GLU H 301 -65.69 47.03 -37.63
CA GLU H 301 -65.32 46.86 -39.03
C GLU H 301 -64.38 45.69 -39.23
N ALA H 302 -63.45 45.44 -38.30
CA ALA H 302 -62.66 44.21 -38.44
C ALA H 302 -63.50 42.94 -38.31
N ILE H 303 -64.54 42.94 -37.49
CA ILE H 303 -65.34 41.73 -37.38
C ILE H 303 -66.15 41.51 -38.63
N ARG H 304 -66.76 42.57 -39.15
CA ARG H 304 -67.46 42.49 -40.41
C ARG H 304 -66.54 41.97 -41.50
N ARG H 305 -65.42 42.60 -41.63
CA ARG H 305 -64.49 42.27 -42.63
C ARG H 305 -64.12 40.88 -42.55
N THR H 306 -64.06 40.31 -41.37
CA THR H 306 -63.73 38.91 -41.19
C THR H 306 -64.76 37.98 -41.66
N HIS H 307 -65.98 38.33 -41.47
CA HIS H 307 -67.09 37.53 -41.84
C HIS H 307 -67.34 37.33 -43.28
N ASN H 308 -67.04 38.29 -44.09
CA ASN H 308 -67.27 38.23 -45.48
C ASN H 308 -68.64 37.91 -45.96
N GLY H 309 -69.61 38.77 -45.76
CA GLY H 309 -70.96 38.53 -46.21
C GLY H 309 -71.42 39.16 -47.51
N PRO I 2 -29.34 13.60 -8.89
CA PRO I 2 -28.83 14.57 -7.94
C PRO I 2 -29.16 15.99 -8.39
N ASN I 3 -30.30 16.10 -9.05
CA ASN I 3 -30.73 17.34 -9.61
C ASN I 3 -32.15 17.64 -9.25
N ILE I 4 -32.56 17.34 -8.05
CA ILE I 4 -33.92 17.57 -7.65
C ILE I 4 -34.14 18.98 -7.14
N LYS I 5 -35.20 19.62 -7.59
CA LYS I 5 -35.51 20.93 -7.04
C LYS I 5 -37.00 21.06 -6.84
N ILE I 6 -37.50 21.37 -5.65
CA ILE I 6 -38.93 21.60 -5.53
C ILE I 6 -39.20 23.06 -5.19
N PHE I 7 -40.18 23.64 -5.88
CA PHE I 7 -40.57 25.04 -5.79
C PHE I 7 -42.03 25.13 -5.33
N SER I 8 -42.38 26.24 -4.66
CA SER I 8 -43.76 26.41 -4.22
C SER I 8 -44.48 27.56 -4.88
N GLY I 9 -45.79 27.36 -5.02
CA GLY I 9 -46.71 28.37 -5.47
C GLY I 9 -47.12 29.25 -4.30
N SER I 10 -47.81 30.27 -4.60
CA SER I 10 -48.41 31.03 -3.55
C SER I 10 -49.48 30.19 -2.88
N SER I 11 -49.89 29.10 -3.52
CA SER I 11 -50.98 28.28 -3.26
C SER I 11 -51.02 27.67 -1.94
N HIS I 12 -49.98 26.99 -1.50
CA HIS I 12 -50.03 26.34 -0.18
C HIS I 12 -48.61 26.12 0.35
N GLN I 13 -48.07 27.03 1.13
CA GLN I 13 -46.69 26.94 1.62
C GLN I 13 -46.35 25.90 2.68
N ASP I 14 -47.21 25.57 3.64
CA ASP I 14 -46.86 24.61 4.64
C ASP I 14 -46.70 23.38 3.96
N LEU I 15 -47.51 23.09 3.00
CA LEU I 15 -47.37 21.77 2.39
C LEU I 15 -46.07 21.62 1.61
N SER I 16 -45.75 22.57 0.75
CA SER I 16 -44.49 22.45 0.02
C SER I 16 -43.29 22.36 0.97
N GLN I 17 -43.31 23.10 2.08
CA GLN I 17 -42.23 23.01 3.07
C GLN I 17 -42.20 21.63 3.72
N LYS I 18 -43.36 21.11 4.11
CA LYS I 18 -43.42 19.78 4.69
C LYS I 18 -42.85 18.74 3.72
N ILE I 19 -43.21 18.82 2.44
CA ILE I 19 -42.66 17.91 1.44
C ILE I 19 -41.15 18.04 1.32
N ALA I 20 -40.66 19.27 1.19
CA ALA I 20 -39.22 19.46 1.08
C ALA I 20 -38.51 18.94 2.33
N ASP I 21 -39.11 19.14 3.50
CA ASP I 21 -38.56 18.57 4.73
C ASP I 21 -38.47 17.05 4.63
N ARG I 22 -39.56 16.39 4.22
CA ARG I 22 -39.50 14.92 4.17
C ARG I 22 -38.47 14.45 3.16
N LEU I 23 -38.08 15.31 2.22
CA LEU I 23 -37.10 14.93 1.22
C LEU I 23 -35.75 15.53 1.52
N GLY I 24 -35.61 16.25 2.65
CA GLY I 24 -34.32 16.80 2.99
C GLY I 24 -33.91 17.96 2.14
N LEU I 25 -34.82 18.77 1.68
CA LEU I 25 -34.49 19.80 0.71
C LEU I 25 -34.92 21.17 1.19
N GLU I 26 -34.26 22.19 0.66
CA GLU I 26 -34.75 23.53 0.82
C GLU I 26 -35.64 23.85 -0.37
N LEU I 27 -36.70 24.61 -0.13
CA LEU I 27 -37.49 25.10 -1.26
C LEU I 27 -36.62 25.97 -2.16
N GLY I 28 -36.76 25.77 -3.47
CA GLY I 28 -36.08 26.61 -4.43
C GLY I 28 -36.48 28.07 -4.30
N LYS I 29 -35.54 28.96 -4.61
CA LYS I 29 -35.87 30.38 -4.51
C LYS I 29 -36.65 30.90 -5.70
N VAL I 30 -37.83 31.47 -5.44
CA VAL I 30 -38.71 31.99 -6.48
C VAL I 30 -39.52 33.13 -5.86
N VAL I 31 -39.71 34.21 -6.63
CA VAL I 31 -40.58 35.33 -6.30
C VAL I 31 -41.89 35.20 -7.07
N THR I 32 -43.01 34.93 -6.38
CA THR I 32 -44.33 34.79 -7.00
C THR I 32 -45.31 35.82 -6.44
N LYS I 33 -45.58 36.90 -7.19
CA LYS I 33 -46.46 37.96 -6.70
C LYS I 33 -47.44 38.35 -7.80
N LYS I 34 -48.22 39.43 -7.58
CA LYS I 34 -49.02 40.04 -8.65
C LYS I 34 -48.62 41.49 -8.77
N PHE I 35 -48.50 41.92 -10.01
CA PHE I 35 -48.28 43.31 -10.32
C PHE I 35 -49.52 44.12 -9.95
N SER I 36 -49.36 45.44 -10.02
CA SER I 36 -50.43 46.37 -9.69
C SER I 36 -51.69 46.08 -10.49
N ASN I 37 -51.51 45.82 -11.76
CA ASN I 37 -52.59 45.61 -12.69
C ASN I 37 -53.14 44.19 -12.73
N GLN I 38 -52.79 43.33 -11.77
CA GLN I 38 -53.35 41.99 -11.58
C GLN I 38 -52.66 40.94 -12.40
N GLU I 39 -51.72 41.30 -13.26
CA GLU I 39 -50.98 40.31 -14.02
C GLU I 39 -50.06 39.53 -13.07
N THR I 40 -50.06 38.21 -13.22
CA THR I 40 -49.23 37.33 -12.39
C THR I 40 -47.74 37.48 -12.72
N CYS I 41 -46.95 37.76 -11.69
CA CYS I 41 -45.51 37.86 -11.79
C CYS I 41 -44.80 36.64 -11.22
N VAL I 42 -43.90 36.03 -12.01
CA VAL I 42 -43.08 34.93 -11.51
C VAL I 42 -41.63 35.19 -11.91
N GLU I 43 -40.72 34.99 -10.96
CA GLU I 43 -39.27 35.05 -11.15
C GLU I 43 -38.57 33.95 -10.39
N ILE I 44 -37.95 33.06 -11.16
CA ILE I 44 -37.16 31.95 -10.67
C ILE I 44 -35.81 32.50 -10.18
N GLY I 45 -35.55 32.41 -8.89
CA GLY I 45 -34.37 33.03 -8.34
C GLY I 45 -33.08 32.25 -8.51
N GLU I 46 -33.13 31.07 -9.12
CA GLU I 46 -31.93 30.27 -9.33
C GLU I 46 -32.02 29.42 -10.59
N SER I 47 -30.86 28.97 -11.07
CA SER I 47 -30.80 28.11 -12.25
C SER I 47 -31.42 26.75 -11.99
N VAL I 48 -32.24 26.32 -12.95
CA VAL I 48 -32.85 25.00 -12.97
C VAL I 48 -32.35 24.19 -14.17
N ARG I 49 -31.36 24.71 -14.88
CA ARG I 49 -30.84 24.04 -16.07
C ARG I 49 -30.38 22.61 -15.76
N GLY I 50 -31.02 21.66 -16.44
CA GLY I 50 -30.66 20.25 -16.27
C GLY I 50 -31.20 19.60 -15.02
N GLU I 51 -32.12 20.26 -14.32
CA GLU I 51 -32.61 19.78 -13.05
C GLU I 51 -33.97 19.09 -13.22
N ASP I 52 -34.28 18.18 -12.30
CA ASP I 52 -35.59 17.51 -12.23
C ASP I 52 -36.43 18.38 -11.30
N VAL I 53 -37.32 19.20 -11.89
CA VAL I 53 -38.03 20.25 -11.16
C VAL I 53 -39.45 19.80 -10.82
N TYR I 54 -39.85 20.07 -9.57
CA TYR I 54 -41.19 19.81 -9.04
C TYR I 54 -41.78 21.13 -8.54
N ILE I 55 -42.92 21.52 -9.11
CA ILE I 55 -43.62 22.74 -8.66
C ILE I 55 -44.84 22.30 -7.88
N VAL I 56 -44.91 22.69 -6.61
CA VAL I 56 -46.05 22.34 -5.79
C VAL I 56 -47.06 23.47 -5.81
N GLN I 57 -48.23 23.19 -6.31
CA GLN I 57 -49.25 24.23 -6.35
C GLN I 57 -50.59 23.52 -6.27
N SER I 58 -51.46 24.06 -5.44
CA SER I 58 -52.76 23.51 -5.16
C SER I 58 -53.79 24.27 -5.97
N GLY I 59 -55.02 23.80 -5.92
CA GLY I 59 -56.06 24.52 -6.63
C GLY I 59 -57.15 25.00 -5.73
N CYS I 60 -56.70 25.55 -4.60
CA CYS I 60 -57.43 26.10 -3.48
C CYS I 60 -57.30 27.60 -3.71
N GLY I 61 -57.83 28.46 -2.80
CA GLY I 61 -57.43 29.89 -2.86
C GLY I 61 -58.04 30.48 -4.14
N GLU I 62 -57.49 31.63 -4.57
CA GLU I 62 -58.00 32.24 -5.80
C GLU I 62 -57.46 31.36 -6.93
N ILE I 63 -58.33 30.47 -7.44
CA ILE I 63 -57.94 29.40 -8.35
C ILE I 63 -57.28 29.87 -9.63
N ASN I 64 -57.83 30.89 -10.26
CA ASN I 64 -57.27 31.35 -11.52
C ASN I 64 -55.91 31.99 -11.34
N ASP I 65 -55.73 32.76 -10.26
CA ASP I 65 -54.41 33.31 -10.00
C ASP I 65 -53.37 32.22 -9.76
N ASN I 66 -53.71 31.23 -8.93
CA ASN I 66 -52.81 30.10 -8.66
C ASN I 66 -52.53 29.27 -9.88
N LEU I 67 -53.55 29.02 -10.70
CA LEU I 67 -53.38 28.30 -11.95
C LEU I 67 -52.42 29.04 -12.89
N MET I 68 -52.62 30.36 -13.12
CA MET I 68 -51.66 31.10 -13.96
C MET I 68 -50.25 31.06 -13.38
N GLU I 69 -50.12 31.21 -12.08
CA GLU I 69 -48.81 31.11 -11.46
C GLU I 69 -48.17 29.76 -11.74
N LEU I 70 -48.95 28.68 -11.58
CA LEU I 70 -48.42 27.35 -11.91
C LEU I 70 -47.99 27.26 -13.37
N LEU I 71 -48.82 27.72 -14.30
CA LEU I 71 -48.48 27.58 -15.70
C LEU I 71 -47.26 28.43 -16.06
N ILE I 72 -47.15 29.63 -15.48
CA ILE I 72 -46.00 30.48 -15.78
C ILE I 72 -44.71 29.88 -15.22
N MET I 73 -44.75 29.33 -14.00
CA MET I 73 -43.57 28.66 -13.46
C MET I 73 -43.17 27.45 -14.28
N ILE I 74 -44.13 26.57 -14.59
CA ILE I 74 -43.83 25.42 -15.45
C ILE I 74 -43.17 25.82 -16.76
N ASN I 75 -43.78 26.76 -17.46
CA ASN I 75 -43.28 27.18 -18.76
C ASN I 75 -41.88 27.80 -18.59
N ALA I 76 -41.73 28.70 -17.60
CA ALA I 76 -40.44 29.35 -17.34
C ALA I 76 -39.35 28.34 -17.08
N CYS I 77 -39.63 27.30 -16.30
CA CYS I 77 -38.65 26.25 -16.03
C CYS I 77 -38.30 25.51 -17.30
N LYS I 78 -39.30 25.23 -18.15
CA LYS I 78 -39.05 24.51 -19.38
C LYS I 78 -38.14 25.31 -20.30
N ILE I 79 -38.37 26.63 -20.41
CA ILE I 79 -37.50 27.44 -21.26
C ILE I 79 -36.17 27.77 -20.60
N ALA I 80 -36.03 27.49 -19.31
CA ALA I 80 -34.72 27.63 -18.68
C ALA I 80 -34.00 26.31 -18.72
N SER I 81 -34.48 25.43 -19.58
CA SER I 81 -33.82 24.21 -19.95
C SER I 81 -33.78 23.22 -18.79
N ALA I 82 -34.79 23.26 -17.94
CA ALA I 82 -34.97 22.20 -16.95
C ALA I 82 -35.07 20.86 -17.66
N SER I 83 -34.51 19.82 -17.04
CA SER I 83 -34.56 18.48 -17.61
C SER I 83 -35.99 17.96 -17.64
N ARG I 84 -36.76 18.21 -16.58
CA ARG I 84 -38.12 17.72 -16.43
C ARG I 84 -38.85 18.69 -15.51
N VAL I 85 -40.11 18.95 -15.81
CA VAL I 85 -40.91 19.80 -14.95
C VAL I 85 -42.14 19.01 -14.56
N THR I 86 -42.32 18.81 -13.28
CA THR I 86 -43.47 18.07 -12.76
C THR I 86 -44.38 19.03 -12.00
N ALA I 87 -45.66 18.98 -12.29
CA ALA I 87 -46.64 19.75 -11.55
C ALA I 87 -47.21 18.87 -10.45
N VAL I 88 -47.03 19.31 -9.21
CA VAL I 88 -47.57 18.63 -8.04
C VAL I 88 -48.79 19.42 -7.61
N ILE I 89 -49.99 18.90 -7.86
CA ILE I 89 -51.21 19.67 -7.67
C ILE I 89 -52.10 18.86 -6.72
N PRO I 90 -51.94 19.03 -5.42
CA PRO I 90 -52.71 18.20 -4.48
C PRO I 90 -54.21 18.18 -4.74
N CYS I 91 -54.84 19.34 -4.91
CA CYS I 91 -56.26 19.37 -5.25
C CYS I 91 -56.44 19.91 -6.67
N PHE I 92 -56.82 19.02 -7.59
CA PHE I 92 -56.95 19.40 -8.98
C PHE I 92 -58.15 20.33 -9.19
N PRO I 93 -57.93 21.54 -9.65
CA PRO I 93 -59.00 22.49 -9.90
C PRO I 93 -59.91 22.06 -11.04
N TYR I 94 -61.16 22.46 -10.97
CA TYR I 94 -62.12 22.24 -12.01
C TYR I 94 -62.50 20.82 -12.28
N ALA I 95 -62.16 19.92 -11.40
CA ALA I 95 -62.48 18.53 -11.61
C ALA I 95 -63.92 18.25 -11.61
N ARG I 96 -64.62 18.90 -10.72
CA ARG I 96 -66.01 18.67 -10.54
C ARG I 96 -66.75 19.42 -11.51
N GLN I 97 -67.65 18.78 -12.24
CA GLN I 97 -68.44 19.54 -13.17
C GLN I 97 -69.81 19.45 -12.70
N ASP I 98 -70.30 20.56 -12.19
CA ASP I 98 -71.70 20.56 -11.70
C ASP I 98 -72.43 21.30 -12.79
N LYS I 99 -73.38 20.61 -13.39
CA LYS I 99 -74.17 21.18 -14.44
C LYS I 99 -75.51 20.48 -14.55
N LYS I 100 -76.40 21.05 -15.34
CA LYS I 100 -77.67 20.41 -15.54
C LYS I 100 -77.24 19.19 -16.25
N ASP I 101 -77.61 18.06 -15.68
CA ASP I 101 -77.20 16.74 -16.17
C ASP I 101 -77.64 16.41 -17.57
N LYS I 102 -78.83 16.89 -17.90
CA LYS I 102 -79.55 16.82 -19.16
C LYS I 102 -80.20 15.49 -19.37
N VAL I 103 -80.94 15.39 -20.45
CA VAL I 103 -81.54 14.12 -20.77
C VAL I 103 -81.13 13.80 -22.16
N GLY I 104 -80.71 12.58 -22.31
CA GLY I 104 -80.35 12.06 -23.58
C GLY I 104 -78.92 12.13 -23.89
N GLU I 105 -78.19 12.99 -23.22
CA GLU I 105 -76.77 13.12 -23.40
C GLU I 105 -76.13 13.84 -22.29
N SER I 106 -74.83 13.67 -22.16
CA SER I 106 -74.10 14.29 -21.11
C SER I 106 -73.21 15.35 -21.62
N ARG I 107 -73.03 16.36 -20.79
CA ARG I 107 -72.15 17.48 -21.04
C ARG I 107 -70.70 17.04 -20.95
N ALA I 108 -69.80 17.85 -21.49
CA ALA I 108 -68.45 17.33 -21.54
C ALA I 108 -67.63 18.06 -20.50
N PRO I 109 -66.52 17.48 -20.04
CA PRO I 109 -65.64 18.20 -19.12
C PRO I 109 -64.81 19.24 -19.86
N ILE I 110 -65.46 20.30 -20.33
CA ILE I 110 -64.71 21.47 -20.77
C ILE I 110 -63.64 21.94 -19.80
N SER I 111 -64.04 22.43 -18.61
CA SER I 111 -63.01 23.04 -17.77
C SER I 111 -61.91 22.07 -17.29
N ALA I 112 -62.22 20.81 -17.05
CA ALA I 112 -61.16 19.90 -16.63
C ALA I 112 -60.18 19.52 -17.73
N LYS I 113 -60.67 19.38 -18.97
CA LYS I 113 -59.79 19.12 -20.09
C LYS I 113 -58.99 20.36 -20.44
N LEU I 114 -59.64 21.53 -20.42
CA LEU I 114 -58.90 22.78 -20.62
C LEU I 114 -57.75 22.90 -19.63
N VAL I 115 -57.99 22.66 -18.35
CA VAL I 115 -56.87 22.73 -17.41
C VAL I 115 -55.76 21.76 -17.80
N ALA I 116 -56.11 20.53 -18.13
CA ALA I 116 -55.10 19.59 -18.61
C ALA I 116 -54.35 20.12 -19.82
N ASN I 117 -55.06 20.68 -20.78
CA ASN I 117 -54.45 21.22 -22.00
C ASN I 117 -53.54 22.40 -21.71
N MET I 118 -53.92 23.24 -20.75
CA MET I 118 -53.07 24.36 -20.39
C MET I 118 -51.81 23.88 -19.69
N LEU I 119 -51.95 22.90 -18.80
CA LEU I 119 -50.76 22.33 -18.19
C LEU I 119 -49.85 21.74 -19.24
N SER I 120 -50.45 21.04 -20.21
CA SER I 120 -49.70 20.39 -21.29
C SER I 120 -48.99 21.41 -22.17
N VAL I 121 -49.70 22.42 -22.62
CA VAL I 121 -49.08 23.43 -23.47
C VAL I 121 -48.04 24.27 -22.70
N ALA I 122 -48.21 24.42 -21.38
CA ALA I 122 -47.20 25.07 -20.56
C ALA I 122 -45.90 24.26 -20.54
N GLY I 123 -45.98 22.95 -20.65
CA GLY I 123 -44.77 22.16 -20.75
C GLY I 123 -44.61 21.20 -19.60
N ALA I 124 -45.70 20.96 -18.87
CA ALA I 124 -45.67 19.97 -17.82
C ALA I 124 -45.40 18.60 -18.38
N ASP I 125 -44.47 17.90 -17.76
CA ASP I 125 -44.11 16.57 -18.18
C ASP I 125 -44.75 15.51 -17.32
N HIS I 126 -45.32 15.87 -16.18
CA HIS I 126 -45.76 14.81 -15.31
C HIS I 126 -46.65 15.55 -14.32
N ILE I 127 -47.74 14.92 -13.91
CA ILE I 127 -48.67 15.46 -12.93
C ILE I 127 -48.73 14.52 -11.74
N ILE I 128 -48.61 15.08 -10.53
CA ILE I 128 -48.94 14.38 -9.28
C ILE I 128 -50.12 15.06 -8.59
N THR I 129 -51.18 14.30 -8.29
CA THR I 129 -52.39 14.83 -7.65
C THR I 129 -52.85 13.80 -6.65
N MET I 130 -53.84 14.18 -5.84
CA MET I 130 -54.43 13.28 -4.88
C MET I 130 -55.96 13.29 -5.04
N ASP I 131 -56.53 12.09 -5.07
CA ASP I 131 -57.97 11.83 -5.21
C ASP I 131 -58.65 12.77 -6.20
N LEU I 132 -58.25 12.64 -7.45
CA LEU I 132 -58.95 13.26 -8.56
C LEU I 132 -60.43 12.95 -8.41
N HIS I 133 -61.29 13.97 -8.61
CA HIS I 133 -62.73 13.76 -8.49
C HIS I 133 -63.20 12.59 -9.36
N ALA I 134 -62.71 12.48 -10.60
CA ALA I 134 -62.90 11.30 -11.43
C ALA I 134 -61.55 10.83 -11.93
N SER I 135 -61.26 9.54 -11.73
CA SER I 135 -59.98 8.96 -12.12
C SER I 135 -59.67 9.08 -13.60
N GLN I 136 -60.69 9.20 -14.43
CA GLN I 136 -60.50 9.38 -15.86
C GLN I 136 -59.78 10.67 -16.23
N ILE I 137 -59.74 11.66 -15.33
CA ILE I 137 -58.99 12.89 -15.62
C ILE I 137 -57.55 12.55 -15.94
N GLN I 138 -57.06 11.43 -15.40
CA GLN I 138 -55.74 10.93 -15.75
C GLN I 138 -55.54 10.86 -17.25
N GLY I 139 -56.56 10.42 -17.97
CA GLY I 139 -56.52 10.36 -19.42
C GLY I 139 -56.75 11.63 -20.20
N PHE I 140 -56.89 12.77 -19.52
CA PHE I 140 -56.95 14.05 -20.21
C PHE I 140 -55.58 14.54 -20.64
N PHE I 141 -54.52 13.85 -20.22
CA PHE I 141 -53.13 14.12 -20.54
C PHE I 141 -52.50 13.05 -21.42
N ASP I 142 -51.35 13.39 -22.03
CA ASP I 142 -50.47 12.42 -22.68
C ASP I 142 -49.21 12.16 -21.88
N ILE I 143 -48.91 13.05 -20.95
CA ILE I 143 -47.85 12.87 -19.98
C ILE I 143 -48.38 11.97 -18.87
N PRO I 144 -47.53 11.28 -18.12
CA PRO I 144 -47.99 10.49 -16.97
C PRO I 144 -48.67 11.38 -15.93
N VAL I 145 -49.65 10.84 -15.28
CA VAL I 145 -50.36 11.47 -14.23
C VAL I 145 -50.51 10.51 -13.15
N ASP I 146 -50.16 10.83 -11.92
CA ASP I 146 -50.29 9.91 -10.83
C ASP I 146 -51.40 10.34 -9.96
N ASN I 147 -52.41 9.54 -9.72
CA ASN I 147 -53.52 9.95 -8.90
C ASN I 147 -53.28 9.20 -7.69
N LEU I 148 -53.01 9.86 -6.61
CA LEU I 148 -52.73 9.24 -5.38
C LEU I 148 -53.90 9.32 -4.49
N TYR I 149 -54.01 8.35 -3.66
CA TYR I 149 -55.12 8.19 -2.83
C TYR I 149 -54.80 8.36 -1.45
N ALA I 150 -55.66 9.04 -0.75
CA ALA I 150 -55.61 9.31 0.68
C ALA I 150 -56.15 8.18 1.52
N GLU I 151 -56.76 7.17 0.90
CA GLU I 151 -57.38 6.08 1.64
C GLU I 151 -56.46 5.49 2.70
N PRO I 152 -55.20 5.12 2.43
CA PRO I 152 -54.38 4.55 3.51
C PRO I 152 -54.29 5.45 4.73
N ALA I 153 -54.18 6.77 4.53
CA ALA I 153 -54.12 7.70 5.66
C ALA I 153 -55.48 7.81 6.37
N VAL I 154 -56.58 7.68 5.63
CA VAL I 154 -57.88 7.71 6.27
C VAL I 154 -58.10 6.45 7.09
N LEU I 155 -57.76 5.29 6.54
CA LEU I 155 -57.80 4.04 7.32
C LEU I 155 -57.00 4.16 8.62
N LYS I 156 -55.77 4.68 8.54
CA LYS I 156 -54.98 4.89 9.75
C LYS I 156 -55.69 5.80 10.72
N TRP I 157 -56.31 6.88 10.23
CA TRP I 157 -56.97 7.81 11.14
C TRP I 157 -58.22 7.21 11.78
N ILE I 158 -59.06 6.51 11.01
CA ILE I 158 -60.22 5.87 11.60
C ILE I 158 -59.80 4.89 12.68
N ARG I 159 -58.92 3.95 12.34
CA ARG I 159 -58.46 2.99 13.35
C ARG I 159 -57.86 3.66 14.58
N GLU I 160 -57.16 4.79 14.39
CA GLU I 160 -56.44 5.40 15.50
C GLU I 160 -57.32 6.28 16.38
N ASN I 161 -58.43 6.84 15.86
CA ASN I 161 -59.19 7.84 16.60
C ASN I 161 -60.64 7.50 16.95
N ILE I 162 -61.29 6.54 16.31
CA ILE I 162 -62.67 6.20 16.68
C ILE I 162 -62.67 4.83 17.32
N SER I 163 -62.85 4.80 18.64
CA SER I 163 -62.72 3.56 19.38
C SER I 163 -63.76 2.53 18.94
N GLU I 164 -64.88 2.97 18.38
CA GLU I 164 -65.93 2.06 17.97
C GLU I 164 -65.82 1.71 16.49
N TRP I 165 -64.63 1.80 15.90
CA TRP I 165 -64.54 1.57 14.46
C TRP I 165 -64.95 0.17 14.01
N ARG I 166 -64.88 -0.86 14.85
CA ARG I 166 -65.25 -2.19 14.35
C ARG I 166 -66.74 -2.36 14.19
N ASN I 167 -67.55 -1.56 14.88
CA ASN I 167 -69.00 -1.61 14.80
C ASN I 167 -69.58 -0.34 14.22
N CYS I 168 -68.81 0.34 13.38
CA CYS I 168 -69.22 1.59 12.76
C CYS I 168 -69.90 1.25 11.43
N THR I 169 -70.27 2.27 10.64
CA THR I 169 -70.68 2.06 9.26
C THR I 169 -70.19 3.25 8.44
N ILE I 170 -69.89 3.00 7.16
CA ILE I 170 -69.35 4.02 6.26
C ILE I 170 -70.46 4.48 5.33
N VAL I 171 -70.83 5.74 5.43
CA VAL I 171 -71.96 6.27 4.69
C VAL I 171 -71.44 7.16 3.59
N SER I 172 -72.03 7.02 2.42
CA SER I 172 -71.74 7.90 1.29
C SER I 172 -72.78 9.02 1.22
N PRO I 173 -72.35 10.28 1.15
CA PRO I 173 -73.33 11.40 1.08
C PRO I 173 -74.19 11.45 -0.17
N ASP I 174 -73.79 10.83 -1.28
CA ASP I 174 -74.60 10.83 -2.50
C ASP I 174 -74.35 9.51 -3.23
N ALA I 175 -75.06 9.32 -4.34
CA ALA I 175 -74.88 8.11 -5.12
C ALA I 175 -73.45 7.97 -5.62
N GLY I 176 -72.84 9.07 -6.07
CA GLY I 176 -71.51 9.00 -6.67
C GLY I 176 -70.42 8.48 -5.76
N GLY I 177 -70.49 8.75 -4.48
CA GLY I 177 -69.38 8.30 -3.65
C GLY I 177 -69.57 6.86 -3.21
N ALA I 178 -70.49 6.14 -3.85
CA ALA I 178 -70.76 4.76 -3.46
C ALA I 178 -69.51 3.89 -3.46
N LYS I 179 -68.75 3.90 -4.55
CA LYS I 179 -67.60 3.01 -4.63
C LYS I 179 -66.56 3.36 -3.59
N ARG I 180 -66.43 4.66 -3.32
CA ARG I 180 -65.47 5.11 -2.32
C ARG I 180 -65.75 4.54 -0.94
N VAL I 181 -67.02 4.52 -0.56
CA VAL I 181 -67.28 4.05 0.80
C VAL I 181 -67.24 2.54 0.84
N THR I 182 -67.68 1.86 -0.21
CA THR I 182 -67.56 0.41 -0.16
C THR I 182 -66.10 -0.02 -0.13
N SER I 183 -65.22 0.71 -0.83
CA SER I 183 -63.81 0.38 -0.72
C SER I 183 -63.32 0.48 0.71
N ILE I 184 -63.70 1.55 1.42
CA ILE I 184 -63.21 1.69 2.78
C ILE I 184 -63.90 0.70 3.71
N ALA I 185 -65.21 0.50 3.55
CA ALA I 185 -65.86 -0.48 4.41
C ALA I 185 -65.30 -1.88 4.22
N ASP I 186 -64.98 -2.24 2.98
CA ASP I 186 -64.40 -3.55 2.73
C ASP I 186 -63.01 -3.62 3.33
N ARG I 187 -62.30 -2.50 3.27
CA ARG I 187 -60.93 -2.47 3.83
C ARG I 187 -61.03 -2.57 5.35
N LEU I 188 -62.06 -1.98 5.94
CA LEU I 188 -62.24 -2.05 7.39
C LEU I 188 -63.05 -3.27 7.85
N ASN I 189 -63.57 -4.07 6.93
CA ASN I 189 -64.49 -5.17 7.22
C ASN I 189 -65.72 -4.71 8.03
N VAL I 190 -66.36 -3.64 7.56
CA VAL I 190 -67.51 -3.02 8.21
C VAL I 190 -68.67 -2.86 7.21
N ASP I 191 -69.79 -2.34 7.72
CA ASP I 191 -71.03 -2.11 6.96
C ASP I 191 -70.94 -0.77 6.21
N PHE I 192 -71.73 -0.65 5.17
CA PHE I 192 -71.89 0.61 4.46
C PHE I 192 -73.35 1.02 4.31
N ALA I 193 -73.56 2.32 4.09
CA ALA I 193 -74.87 2.88 3.81
C ALA I 193 -74.72 4.03 2.81
N LEU I 194 -75.84 4.40 2.19
CA LEU I 194 -75.85 5.44 1.18
C LEU I 194 -77.02 6.40 1.39
N ILE I 195 -76.73 7.67 1.17
CA ILE I 195 -77.70 8.75 1.22
C ILE I 195 -77.96 9.22 -0.20
N HIS I 196 -79.20 9.60 -0.49
CA HIS I 196 -79.60 10.11 -1.79
C HIS I 196 -80.51 11.30 -1.49
N LYS I 197 -80.35 12.38 -2.25
CA LYS I 197 -81.20 13.56 -2.07
C LYS I 197 -82.52 13.62 -2.84
N GLU I 198 -82.71 12.89 -3.92
CA GLU I 198 -84.01 12.95 -4.62
C GLU I 198 -84.30 14.38 -5.12
N ASP I 206 -88.24 16.78 -1.39
CA ASP I 206 -87.08 17.53 -0.92
C ASP I 206 -86.32 16.73 0.14
N ARG I 207 -86.28 15.43 -0.04
CA ARG I 207 -85.78 14.58 1.00
C ARG I 207 -84.75 13.57 0.68
N MET I 208 -84.07 13.19 1.75
CA MET I 208 -83.00 12.29 1.71
C MET I 208 -83.41 11.02 2.28
N VAL I 209 -83.03 9.95 1.63
CA VAL I 209 -83.33 8.65 2.07
C VAL I 209 -82.06 7.93 2.32
N LEU I 210 -82.08 7.06 3.28
CA LEU I 210 -80.96 6.28 3.64
C LEU I 210 -81.25 4.87 3.36
N VAL I 211 -80.31 4.16 2.80
CA VAL I 211 -80.48 2.77 2.58
C VAL I 211 -79.42 2.14 3.37
N GLY I 212 -79.78 1.27 4.28
CA GLY I 212 -78.90 0.59 5.22
C GLY I 212 -79.12 0.95 6.68
N ASP I 213 -78.66 0.09 7.60
CA ASP I 213 -78.92 0.28 9.02
C ASP I 213 -77.74 1.00 9.66
N VAL I 214 -78.03 2.11 10.34
CA VAL I 214 -77.00 2.86 11.05
C VAL I 214 -77.35 3.02 12.52
N LYS I 215 -78.55 2.60 12.91
CA LYS I 215 -79.07 2.75 14.26
C LYS I 215 -78.13 2.12 15.30
N ASP I 216 -77.78 2.92 16.32
CA ASP I 216 -77.00 2.55 17.51
C ASP I 216 -75.53 2.20 17.25
N ARG I 217 -74.99 2.67 16.13
CA ARG I 217 -73.59 2.51 15.75
C ARG I 217 -73.06 3.84 15.20
N VAL I 218 -71.75 4.00 15.30
CA VAL I 218 -71.05 5.20 14.82
C VAL I 218 -71.10 5.26 13.29
N ALA I 219 -71.56 6.39 12.73
CA ALA I 219 -71.64 6.58 11.28
C ALA I 219 -70.56 7.54 10.79
N ILE I 220 -69.78 7.11 9.78
CA ILE I 220 -68.74 7.92 9.18
C ILE I 220 -69.08 8.27 7.72
N LEU I 221 -69.43 9.53 7.45
CA LEU I 221 -69.62 10.05 6.08
C LEU I 221 -68.28 10.26 5.41
N VAL I 222 -68.04 9.61 4.26
CA VAL I 222 -66.81 9.78 3.52
C VAL I 222 -67.08 10.29 2.10
N ASP I 223 -66.32 11.31 1.68
CA ASP I 223 -66.44 11.89 0.33
C ASP I 223 -65.10 12.49 -0.06
N ASP I 224 -64.91 12.75 -1.37
CA ASP I 224 -63.63 13.30 -1.81
C ASP I 224 -63.39 14.77 -1.46
N MET I 225 -64.44 15.58 -1.30
CA MET I 225 -64.19 17.00 -1.07
C MET I 225 -65.42 17.63 -0.45
N ALA I 226 -65.21 18.70 0.29
CA ALA I 226 -66.34 19.45 0.79
C ALA I 226 -66.18 20.92 0.50
N ASP I 227 -67.12 21.45 -0.29
CA ASP I 227 -67.14 22.82 -0.74
C ASP I 227 -68.04 23.62 0.17
N THR I 228 -69.30 23.79 -0.25
CA THR I 228 -70.24 24.52 0.58
C THR I 228 -70.74 23.67 1.75
N CYS I 229 -70.51 22.36 1.73
CA CYS I 229 -70.86 21.44 2.82
C CYS I 229 -72.35 21.34 3.08
N GLY I 230 -73.24 21.73 2.16
CA GLY I 230 -74.66 21.58 2.44
C GLY I 230 -75.11 20.12 2.50
N THR I 231 -74.66 19.33 1.53
CA THR I 231 -74.99 17.90 1.50
C THR I 231 -74.51 17.15 2.74
N ILE I 232 -73.23 17.29 3.11
CA ILE I 232 -72.73 16.53 4.26
C ILE I 232 -73.44 16.92 5.56
N CYS I 233 -73.84 18.18 5.70
CA CYS I 233 -74.50 18.55 6.95
C CYS I 233 -75.93 18.03 6.99
N HIS I 234 -76.64 18.06 5.87
CA HIS I 234 -77.96 17.44 5.91
C HIS I 234 -77.84 15.95 6.14
N ALA I 235 -76.87 15.30 5.48
CA ALA I 235 -76.63 13.87 5.69
C ALA I 235 -76.35 13.55 7.15
N ALA I 236 -75.60 14.40 7.85
CA ALA I 236 -75.35 14.16 9.27
C ALA I 236 -76.64 14.25 10.08
N ASP I 237 -77.50 15.20 9.75
CA ASP I 237 -78.80 15.30 10.42
C ASP I 237 -79.60 14.03 10.20
N LYS I 238 -79.66 13.56 8.96
CA LYS I 238 -80.41 12.35 8.64
C LYS I 238 -79.85 11.15 9.36
N LEU I 239 -78.53 11.06 9.46
CA LEU I 239 -77.94 9.96 10.22
C LEU I 239 -78.26 10.03 11.72
N LEU I 240 -78.36 11.24 12.29
CA LEU I 240 -78.76 11.33 13.70
C LEU I 240 -80.22 10.96 13.91
N SER I 241 -81.12 11.43 13.02
CA SER I 241 -82.53 11.07 13.13
C SER I 241 -82.76 9.57 12.92
N ALA I 242 -81.86 8.88 12.22
CA ALA I 242 -81.96 7.45 11.96
C ALA I 242 -81.33 6.64 13.08
N GLY I 243 -80.90 7.33 14.13
CA GLY I 243 -80.39 6.70 15.34
C GLY I 243 -78.92 6.33 15.34
N ALA I 244 -78.11 7.00 14.55
CA ALA I 244 -76.66 6.84 14.63
C ALA I 244 -76.13 7.49 15.90
N THR I 245 -75.24 6.80 16.61
CA THR I 245 -74.70 7.34 17.86
C THR I 245 -74.04 8.71 17.63
N ARG I 246 -72.98 8.75 16.82
CA ARG I 246 -72.28 9.97 16.44
C ARG I 246 -71.91 9.91 14.97
N VAL I 247 -71.89 11.08 14.33
CA VAL I 247 -71.55 11.19 12.91
C VAL I 247 -70.23 11.91 12.74
N TYR I 248 -69.34 11.30 11.97
CA TYR I 248 -68.07 11.88 11.56
C TYR I 248 -68.12 12.16 10.07
N ALA I 249 -67.30 13.11 9.61
CA ALA I 249 -67.11 13.39 8.20
C ALA I 249 -65.63 13.39 7.84
N ILE I 250 -65.25 12.56 6.86
CA ILE I 250 -63.88 12.48 6.34
C ILE I 250 -63.90 12.74 4.84
N LEU I 251 -63.22 13.81 4.43
CA LEU I 251 -63.12 14.32 3.06
C LEU I 251 -61.63 14.46 2.75
N THR I 252 -61.21 14.11 1.54
CA THR I 252 -59.82 14.34 1.19
C THR I 252 -59.49 15.81 1.03
N HIS I 253 -60.32 16.55 0.31
CA HIS I 253 -60.14 17.99 0.05
C HIS I 253 -61.07 18.89 0.86
N GLY I 254 -60.50 19.66 1.78
CA GLY I 254 -61.37 20.55 2.53
C GLY I 254 -61.36 21.99 2.02
N ILE I 255 -62.21 22.26 1.02
CA ILE I 255 -62.30 23.60 0.43
C ILE I 255 -62.99 24.58 1.37
N PHE I 256 -64.16 24.20 1.89
CA PHE I 256 -64.93 24.98 2.87
C PHE I 256 -65.14 26.44 2.44
N SER I 257 -65.75 26.63 1.29
CA SER I 257 -66.02 27.98 0.81
C SER I 257 -67.44 28.43 1.13
N GLY I 258 -67.62 29.74 1.13
CA GLY I 258 -68.93 30.33 1.35
C GLY I 258 -69.39 30.07 2.76
N PRO I 259 -70.60 29.52 2.91
CA PRO I 259 -71.16 29.30 4.25
C PRO I 259 -70.71 28.01 4.93
N ALA I 260 -69.78 27.27 4.33
CA ALA I 260 -69.41 25.95 4.84
C ALA I 260 -69.08 25.96 6.33
N ILE I 261 -68.23 26.89 6.76
CA ILE I 261 -67.82 26.95 8.16
C ILE I 261 -69.01 27.23 9.05
N SER I 262 -69.86 28.17 8.64
CA SER I 262 -71.05 28.46 9.44
C SER I 262 -71.98 27.25 9.49
N ARG I 263 -72.12 26.52 8.37
CA ARG I 263 -72.96 25.33 8.36
C ARG I 263 -72.43 24.22 9.29
N ILE I 264 -71.11 23.96 9.23
CA ILE I 264 -70.48 22.93 10.06
C ILE I 264 -70.57 23.24 11.56
N ASN I 265 -70.23 24.46 11.96
CA ASN I 265 -70.34 24.77 13.39
C ASN I 265 -71.74 24.51 13.94
N ASN I 266 -72.76 24.85 13.17
CA ASN I 266 -74.14 24.59 13.55
C ASN I 266 -74.56 23.12 13.42
N ALA I 267 -73.89 22.32 12.59
CA ALA I 267 -74.26 20.91 12.41
C ALA I 267 -73.74 20.06 13.57
N CYS I 268 -74.19 18.79 13.61
CA CYS I 268 -73.95 17.88 14.73
C CYS I 268 -72.70 16.99 14.62
N PHE I 269 -71.78 17.29 13.71
CA PHE I 269 -70.60 16.45 13.52
C PHE I 269 -69.80 16.31 14.79
N GLU I 270 -69.40 15.07 15.10
CA GLU I 270 -68.46 14.89 16.20
C GLU I 270 -67.10 15.47 15.81
N ALA I 271 -66.70 15.28 14.55
CA ALA I 271 -65.47 15.85 13.99
C ALA I 271 -65.59 15.84 12.47
N VAL I 272 -64.97 16.83 11.82
CA VAL I 272 -64.81 16.86 10.36
C VAL I 272 -63.31 16.77 10.06
N VAL I 273 -62.89 15.71 9.39
CA VAL I 273 -61.48 15.43 9.09
C VAL I 273 -61.20 15.65 7.61
N VAL I 274 -60.17 16.44 7.30
CA VAL I 274 -59.73 16.69 5.93
C VAL I 274 -58.23 16.47 5.91
N THR I 275 -57.66 16.30 4.72
CA THR I 275 -56.20 16.28 4.65
C THR I 275 -55.68 17.69 4.41
N ASN I 276 -54.34 17.82 4.35
CA ASN I 276 -53.68 19.11 4.15
C ASN I 276 -53.57 19.52 2.67
N THR I 277 -54.35 18.91 1.78
CA THR I 277 -54.20 19.23 0.37
C THR I 277 -54.53 20.69 0.12
N ILE I 278 -55.36 21.29 0.97
CA ILE I 278 -55.66 22.72 0.96
C ILE I 278 -55.33 23.25 2.36
N PRO I 279 -54.79 24.48 2.50
CA PRO I 279 -54.52 25.03 3.82
C PRO I 279 -55.75 25.18 4.69
N GLN I 280 -55.62 24.76 5.94
CA GLN I 280 -56.78 24.77 6.82
C GLN I 280 -56.63 25.65 8.06
N GLU I 281 -55.42 26.08 8.43
CA GLU I 281 -55.19 26.81 9.68
C GLU I 281 -56.21 27.93 9.90
N ASP I 282 -56.44 28.75 8.87
CA ASP I 282 -57.46 29.79 8.98
C ASP I 282 -58.85 29.21 9.23
N LYS I 283 -59.18 28.08 8.61
CA LYS I 283 -60.55 27.61 8.75
C LYS I 283 -60.72 26.89 10.07
N MET I 284 -59.64 26.27 10.58
CA MET I 284 -59.62 25.63 11.90
C MET I 284 -59.74 26.63 13.04
N LYS I 285 -59.33 27.89 12.82
CA LYS I 285 -59.47 28.88 13.88
C LYS I 285 -60.95 29.19 14.15
N HIS I 286 -61.79 29.11 13.13
CA HIS I 286 -63.21 29.39 13.30
C HIS I 286 -64.08 28.14 13.36
N CYS I 287 -63.50 26.95 13.26
CA CYS I 287 -64.27 25.70 13.35
C CYS I 287 -63.44 24.69 14.14
N SER I 288 -63.78 24.47 15.41
CA SER I 288 -62.92 23.60 16.20
C SER I 288 -63.08 22.14 15.85
N LYS I 289 -64.13 21.78 15.09
CA LYS I 289 -64.29 20.37 14.75
C LYS I 289 -63.46 19.94 13.56
N ILE I 290 -62.80 20.86 12.85
CA ILE I 290 -61.93 20.48 11.76
C ILE I 290 -60.63 19.91 12.31
N GLN I 291 -60.26 18.73 11.82
CA GLN I 291 -58.99 18.07 12.04
C GLN I 291 -58.29 17.81 10.71
N VAL I 292 -56.95 17.89 10.70
CA VAL I 292 -56.20 17.66 9.47
C VAL I 292 -55.33 16.40 9.55
N ILE I 293 -55.37 15.61 8.48
CA ILE I 293 -54.41 14.53 8.23
C ILE I 293 -53.29 15.07 7.34
N ASP I 294 -52.05 14.97 7.82
CA ASP I 294 -50.92 15.35 6.98
C ASP I 294 -50.71 14.28 5.92
N ILE I 295 -50.72 14.68 4.64
CA ILE I 295 -50.51 13.74 3.54
C ILE I 295 -49.21 14.03 2.80
N SER I 296 -48.35 14.88 3.37
CA SER I 296 -47.07 15.21 2.72
C SER I 296 -46.20 13.98 2.45
N MET I 297 -46.26 12.94 3.27
CA MET I 297 -45.41 11.79 3.01
C MET I 297 -45.85 11.05 1.76
N ILE I 298 -47.17 10.96 1.51
CA ILE I 298 -47.63 10.36 0.25
C ILE I 298 -47.12 11.14 -0.95
N LEU I 299 -47.20 12.47 -0.92
CA LEU I 299 -46.78 13.23 -2.08
C LEU I 299 -45.27 13.22 -2.25
N ALA I 300 -44.54 13.47 -1.17
CA ALA I 300 -43.07 13.41 -1.21
C ALA I 300 -42.58 12.05 -1.68
N GLU I 301 -43.24 10.99 -1.24
CA GLU I 301 -42.79 9.66 -1.62
C GLU I 301 -43.06 9.43 -3.11
N ALA I 302 -44.19 9.97 -3.62
CA ALA I 302 -44.46 9.95 -5.07
C ALA I 302 -43.47 10.80 -5.86
N ILE I 303 -42.97 11.90 -5.27
CA ILE I 303 -41.99 12.73 -5.98
C ILE I 303 -40.69 11.96 -6.05
N ARG I 304 -40.32 11.35 -4.92
CA ARG I 304 -39.15 10.48 -4.86
C ARG I 304 -39.20 9.44 -5.98
N ARG I 305 -40.36 8.80 -6.14
CA ARG I 305 -40.47 7.71 -7.10
C ARG I 305 -40.40 8.21 -8.54
N THR I 306 -40.98 9.38 -8.78
CA THR I 306 -40.86 10.05 -10.07
C THR I 306 -39.41 10.37 -10.42
N HIS I 307 -38.62 10.83 -9.44
CA HIS I 307 -37.25 11.22 -9.75
C HIS I 307 -36.42 10.01 -10.15
N ASN I 308 -36.64 8.87 -9.51
CA ASN I 308 -35.89 7.65 -9.80
C ASN I 308 -34.42 7.74 -9.37
N GLY I 309 -34.20 8.24 -8.17
CA GLY I 309 -32.85 8.40 -7.66
C GLY I 309 -32.30 7.17 -6.97
N GLU I 310 -33.17 6.30 -6.43
CA GLU I 310 -32.71 5.10 -5.75
C GLU I 310 -32.64 3.90 -6.69
N SER I 311 -33.78 3.30 -7.05
CA SER I 311 -33.76 2.07 -7.84
C SER I 311 -35.00 1.98 -8.71
N VAL I 312 -34.82 1.36 -9.88
CA VAL I 312 -35.94 1.04 -10.77
C VAL I 312 -36.90 0.08 -10.07
N SER I 313 -36.37 -0.84 -9.26
CA SER I 313 -37.18 -1.78 -8.50
C SER I 313 -37.80 -1.15 -7.24
N TYR I 314 -37.82 0.18 -7.19
CA TYR I 314 -38.47 0.90 -6.10
C TYR I 314 -39.98 0.75 -6.18
N LEU I 315 -40.61 0.38 -5.06
CA LEU I 315 -42.07 0.23 -4.99
C LEU I 315 -42.68 1.27 -4.05
N PHE I 316 -43.52 2.15 -4.62
CA PHE I 316 -44.28 3.15 -3.87
C PHE I 316 -45.12 2.53 -2.77
N SER I 317 -45.49 1.26 -2.90
CA SER I 317 -46.38 0.58 -1.98
C SER I 317 -45.67 0.05 -0.73
N HIS I 318 -44.40 -0.26 -0.80
CA HIS I 318 -43.71 -0.84 0.33
C HIS I 318 -43.36 0.07 1.45
N VAL I 319 -43.31 1.36 1.21
CA VAL I 319 -42.94 2.28 2.26
C VAL I 319 -44.03 2.50 3.27
N PRO I 320 -43.68 2.24 4.51
CA PRO I 320 -44.58 2.38 5.62
C PRO I 320 -45.05 3.78 5.72
N LEU I 321 -46.30 3.91 6.11
CA LEU I 321 -46.88 5.21 6.25
C LEU I 321 -46.68 5.72 7.66
N SER J 1 -73.44 23.64 -49.47
CA SER J 1 -74.22 22.62 -48.76
C SER J 1 -73.76 21.20 -49.11
N PRO J 2 -72.94 20.60 -48.25
CA PRO J 2 -72.63 19.18 -48.39
C PRO J 2 -73.89 18.33 -48.25
N ASN J 3 -73.84 17.14 -48.83
CA ASN J 3 -74.88 16.14 -48.63
C ASN J 3 -74.34 15.15 -47.60
N ILE J 4 -75.23 14.35 -47.06
CA ILE J 4 -74.90 13.35 -46.07
C ILE J 4 -74.73 11.98 -46.71
N LYS J 5 -73.68 11.26 -46.30
CA LYS J 5 -73.40 9.91 -46.77
C LYS J 5 -73.00 9.07 -45.57
N ILE J 6 -73.72 7.95 -45.39
CA ILE J 6 -73.51 6.98 -44.32
C ILE J 6 -72.86 5.76 -44.90
N PHE J 7 -71.90 5.18 -44.18
CA PHE J 7 -71.28 3.92 -44.59
C PHE J 7 -71.36 2.98 -43.39
N SER J 8 -71.32 1.69 -43.66
CA SER J 8 -71.36 0.72 -42.58
C SER J 8 -70.08 -0.10 -42.49
N GLY J 9 -69.74 -0.46 -41.26
CA GLY J 9 -68.66 -1.38 -40.99
C GLY J 9 -69.18 -2.79 -41.09
N SER J 10 -68.32 -3.74 -40.80
CA SER J 10 -68.78 -5.11 -40.73
C SER J 10 -69.47 -5.45 -39.40
N SER J 11 -69.32 -4.60 -38.38
CA SER J 11 -69.68 -4.99 -37.02
C SER J 11 -71.17 -4.96 -36.69
N HIS J 12 -71.92 -4.03 -37.28
CA HIS J 12 -73.38 -4.03 -37.13
C HIS J 12 -73.97 -3.43 -38.39
N GLN J 13 -74.71 -4.20 -39.15
CA GLN J 13 -75.22 -3.53 -40.33
C GLN J 13 -76.72 -3.63 -40.42
N ASP J 14 -77.34 -4.35 -39.49
CA ASP J 14 -78.74 -4.09 -39.18
C ASP J 14 -78.93 -2.67 -38.66
N LEU J 15 -78.18 -2.29 -37.63
CA LEU J 15 -78.25 -0.93 -37.11
C LEU J 15 -77.88 0.09 -38.19
N SER J 16 -76.80 -0.17 -38.92
CA SER J 16 -76.44 0.76 -39.98
C SER J 16 -77.57 0.91 -40.99
N GLN J 17 -78.28 -0.20 -41.30
CA GLN J 17 -79.42 -0.12 -42.22
C GLN J 17 -80.56 0.66 -41.62
N LYS J 18 -80.89 0.38 -40.36
CA LYS J 18 -81.97 1.08 -39.68
C LYS J 18 -81.72 2.60 -39.66
N ILE J 19 -80.48 3.00 -39.34
CA ILE J 19 -80.13 4.42 -39.32
C ILE J 19 -80.28 5.05 -40.71
N ALA J 20 -79.67 4.46 -41.73
CA ALA J 20 -79.80 5.04 -43.08
C ALA J 20 -81.25 5.07 -43.54
N ASP J 21 -82.04 4.04 -43.19
CA ASP J 21 -83.47 4.04 -43.49
C ASP J 21 -84.19 5.22 -42.85
N ARG J 22 -83.98 5.46 -41.55
CA ARG J 22 -84.69 6.54 -40.87
C ARG J 22 -84.35 7.93 -41.44
N LEU J 23 -83.25 8.06 -42.18
CA LEU J 23 -82.83 9.34 -42.74
C LEU J 23 -83.14 9.44 -44.22
N GLY J 24 -83.75 8.41 -44.80
CA GLY J 24 -84.09 8.45 -46.21
C GLY J 24 -82.91 8.29 -47.15
N LEU J 25 -81.90 7.53 -46.75
CA LEU J 25 -80.64 7.38 -47.47
C LEU J 25 -80.38 5.89 -47.69
N GLU J 26 -79.64 5.57 -48.76
CA GLU J 26 -79.05 4.24 -48.92
C GLU J 26 -77.63 4.22 -48.38
N LEU J 27 -77.23 3.09 -47.81
CA LEU J 27 -75.85 2.97 -47.38
C LEU J 27 -74.89 3.14 -48.55
N GLY J 28 -73.86 3.94 -48.31
CA GLY J 28 -72.81 4.09 -49.29
C GLY J 28 -72.14 2.77 -49.60
N LYS J 29 -71.73 2.63 -50.86
CA LYS J 29 -71.06 1.41 -51.26
C LYS J 29 -69.61 1.41 -50.83
N VAL J 30 -69.25 0.37 -50.09
CA VAL J 30 -67.92 0.17 -49.55
C VAL J 30 -67.71 -1.34 -49.48
N VAL J 31 -66.51 -1.77 -49.84
CA VAL J 31 -66.07 -3.15 -49.72
C VAL J 31 -65.20 -3.27 -48.48
N THR J 32 -65.68 -4.02 -47.49
CA THR J 32 -64.95 -4.24 -46.24
C THR J 32 -64.66 -5.75 -46.02
N LYS J 33 -63.42 -6.20 -46.31
CA LYS J 33 -63.10 -7.62 -46.17
C LYS J 33 -61.75 -7.90 -45.47
N LYS J 34 -61.30 -9.16 -45.42
CA LYS J 34 -59.93 -9.46 -44.99
C LYS J 34 -59.25 -10.30 -46.05
N PHE J 35 -58.00 -9.97 -46.34
CA PHE J 35 -57.15 -10.79 -47.18
C PHE J 35 -56.79 -12.11 -46.48
N SER J 36 -56.17 -13.03 -47.23
CA SER J 36 -55.76 -14.34 -46.70
C SER J 36 -54.90 -14.17 -45.46
N ASN J 37 -54.03 -13.20 -45.52
CA ASN J 37 -53.04 -12.88 -44.53
C ASN J 37 -53.49 -12.02 -43.36
N GLN J 38 -54.79 -11.80 -43.18
CA GLN J 38 -55.44 -11.15 -42.04
C GLN J 38 -55.48 -9.62 -42.11
N GLU J 39 -54.86 -9.00 -43.11
CA GLU J 39 -54.91 -7.56 -43.26
C GLU J 39 -56.30 -7.08 -43.65
N THR J 40 -56.80 -6.02 -42.99
CA THR J 40 -58.12 -5.45 -43.29
C THR J 40 -58.10 -4.72 -44.64
N CYS J 41 -59.02 -5.08 -45.55
CA CYS J 41 -59.18 -4.43 -46.85
C CYS J 41 -60.40 -3.51 -46.87
N VAL J 42 -60.21 -2.25 -47.29
CA VAL J 42 -61.32 -1.32 -47.45
C VAL J 42 -61.22 -0.64 -48.82
N GLU J 43 -62.36 -0.56 -49.53
CA GLU J 43 -62.46 0.16 -50.79
C GLU J 43 -63.78 0.92 -50.80
N ILE J 44 -63.68 2.23 -50.77
CA ILE J 44 -64.86 3.08 -50.85
C ILE J 44 -65.34 3.07 -52.29
N GLY J 45 -66.55 2.55 -52.49
CA GLY J 45 -67.15 2.29 -53.79
C GLY J 45 -67.78 3.50 -54.50
N GLU J 46 -67.75 4.69 -53.90
CA GLU J 46 -68.29 5.89 -54.51
C GLU J 46 -67.49 7.08 -54.00
N SER J 47 -67.62 8.19 -54.72
CA SER J 47 -66.98 9.44 -54.33
C SER J 47 -67.56 9.98 -53.02
N VAL J 48 -66.69 10.42 -52.12
CA VAL J 48 -67.08 11.06 -50.87
C VAL J 48 -66.60 12.50 -50.83
N ARG J 49 -66.08 13.00 -51.95
CA ARG J 49 -65.56 14.36 -52.05
C ARG J 49 -66.55 15.44 -51.64
N GLY J 50 -66.21 16.21 -50.61
CA GLY J 50 -67.07 17.29 -50.20
C GLY J 50 -68.29 16.85 -49.43
N GLU J 51 -68.35 15.60 -49.02
CA GLU J 51 -69.53 15.10 -48.37
C GLU J 51 -69.33 15.03 -46.85
N ASP J 52 -70.43 15.10 -46.13
CA ASP J 52 -70.45 14.95 -44.68
C ASP J 52 -70.62 13.46 -44.44
N VAL J 53 -69.54 12.76 -44.10
CA VAL J 53 -69.53 11.30 -44.08
C VAL J 53 -69.71 10.80 -42.66
N TYR J 54 -70.58 9.81 -42.49
CA TYR J 54 -70.82 9.14 -41.22
C TYR J 54 -70.54 7.65 -41.44
N ILE J 55 -69.59 7.12 -40.69
CA ILE J 55 -69.25 5.70 -40.72
C ILE J 55 -69.80 5.11 -39.46
N VAL J 56 -70.69 4.15 -39.59
CA VAL J 56 -71.27 3.49 -38.45
C VAL J 56 -70.51 2.22 -38.11
N GLN J 57 -69.93 2.17 -36.93
CA GLN J 57 -69.24 0.95 -36.56
C GLN J 57 -69.35 0.88 -35.04
N SER J 58 -69.68 -0.29 -34.55
CA SER J 58 -69.92 -0.57 -33.15
C SER J 58 -68.65 -1.19 -32.61
N GLY J 59 -68.64 -1.42 -31.31
CA GLY J 59 -67.43 -2.02 -30.81
C GLY J 59 -67.57 -3.37 -30.21
N CYS J 60 -68.34 -4.15 -30.95
CA CYS J 60 -68.76 -5.52 -30.71
C CYS J 60 -67.91 -6.41 -31.65
N GLY J 61 -68.23 -7.72 -31.72
CA GLY J 61 -67.66 -8.57 -32.79
C GLY J 61 -66.17 -8.75 -32.50
N GLU J 62 -65.42 -9.13 -33.54
CA GLU J 62 -63.98 -9.30 -33.31
C GLU J 62 -63.52 -7.83 -33.23
N ILE J 63 -63.32 -7.33 -32.01
CA ILE J 63 -63.14 -5.88 -31.79
C ILE J 63 -61.96 -5.28 -32.56
N ASN J 64 -60.82 -5.94 -32.56
CA ASN J 64 -59.68 -5.34 -33.24
C ASN J 64 -59.82 -5.29 -34.76
N ASP J 65 -60.40 -6.30 -35.40
CA ASP J 65 -60.67 -6.20 -36.83
C ASP J 65 -61.63 -5.07 -37.17
N ASN J 66 -62.72 -4.96 -36.41
CA ASN J 66 -63.68 -3.88 -36.62
C ASN J 66 -63.10 -2.51 -36.39
N LEU J 67 -62.31 -2.37 -35.33
CA LEU J 67 -61.65 -1.12 -35.06
C LEU J 67 -60.72 -0.72 -36.21
N MET J 68 -59.88 -1.64 -36.67
CA MET J 68 -59.00 -1.35 -37.80
C MET J 68 -59.80 -0.98 -39.05
N GLU J 69 -60.89 -1.69 -39.31
CA GLU J 69 -61.76 -1.36 -40.44
C GLU J 69 -62.27 0.08 -40.32
N LEU J 70 -62.75 0.44 -39.12
CA LEU J 70 -63.21 1.80 -38.86
C LEU J 70 -62.12 2.85 -39.06
N LEU J 71 -60.93 2.62 -38.52
CA LEU J 71 -59.88 3.62 -38.62
C LEU J 71 -59.43 3.81 -40.07
N ILE J 72 -59.36 2.70 -40.82
CA ILE J 72 -58.95 2.78 -42.21
C ILE J 72 -60.01 3.50 -43.03
N MET J 73 -61.29 3.21 -42.76
CA MET J 73 -62.39 3.89 -43.45
C MET J 73 -62.38 5.40 -43.17
N ILE J 74 -62.28 5.78 -41.89
CA ILE J 74 -62.19 7.20 -41.55
C ILE J 74 -61.06 7.89 -42.29
N ASN J 75 -59.85 7.32 -42.20
CA ASN J 75 -58.67 7.93 -42.82
C ASN J 75 -58.85 8.01 -44.35
N ALA J 76 -59.31 6.90 -44.95
CA ALA J 76 -59.56 6.86 -46.38
C ALA J 76 -60.53 7.95 -46.83
N CYS J 77 -61.61 8.17 -46.06
CA CYS J 77 -62.54 9.25 -46.40
C CYS J 77 -61.89 10.60 -46.27
N LYS J 78 -61.08 10.80 -45.25
CA LYS J 78 -60.46 12.09 -45.07
C LYS J 78 -59.52 12.40 -46.24
N ILE J 79 -58.77 11.40 -46.72
CA ILE J 79 -57.87 11.65 -47.84
C ILE J 79 -58.58 11.70 -49.19
N ALA J 80 -59.84 11.32 -49.23
CA ALA J 80 -60.64 11.50 -50.42
C ALA J 80 -61.39 12.81 -50.35
N SER J 81 -60.93 13.68 -49.47
CA SER J 81 -61.35 15.05 -49.41
C SER J 81 -62.79 15.19 -48.94
N ALA J 82 -63.28 14.28 -48.08
CA ALA J 82 -64.56 14.51 -47.42
C ALA J 82 -64.50 15.81 -46.62
N SER J 83 -65.61 16.55 -46.60
CA SER J 83 -65.63 17.78 -45.81
C SER J 83 -65.54 17.43 -44.32
N ARG J 84 -66.23 16.37 -43.90
CA ARG J 84 -66.23 16.02 -42.49
C ARG J 84 -66.50 14.53 -42.39
N VAL J 85 -65.83 13.86 -41.47
CA VAL J 85 -65.99 12.44 -41.22
C VAL J 85 -66.33 12.27 -39.75
N THR J 86 -67.47 11.64 -39.47
CA THR J 86 -67.93 11.36 -38.12
C THR J 86 -67.89 9.87 -37.88
N ALA J 87 -67.34 9.46 -36.75
CA ALA J 87 -67.37 8.07 -36.34
C ALA J 87 -68.58 7.88 -35.43
N VAL J 88 -69.48 6.98 -35.82
CA VAL J 88 -70.68 6.66 -35.07
C VAL J 88 -70.39 5.33 -34.37
N ILE J 89 -70.18 5.36 -33.07
CA ILE J 89 -69.69 4.17 -32.36
C ILE J 89 -70.70 3.86 -31.24
N PRO J 90 -71.77 3.11 -31.56
CA PRO J 90 -72.82 2.86 -30.55
C PRO J 90 -72.29 2.37 -29.24
N CYS J 91 -71.46 1.35 -29.25
CA CYS J 91 -70.78 0.83 -28.07
C CYS J 91 -69.29 1.07 -28.21
N PHE J 92 -68.75 2.03 -27.42
CA PHE J 92 -67.33 2.41 -27.50
C PHE J 92 -66.41 1.33 -26.95
N PRO J 93 -65.53 0.78 -27.77
CA PRO J 93 -64.61 -0.27 -27.31
C PRO J 93 -63.58 0.21 -26.29
N TYR J 94 -63.14 -0.70 -25.45
CA TYR J 94 -62.08 -0.50 -24.50
C TYR J 94 -62.37 0.44 -23.41
N ALA J 95 -63.61 0.76 -23.20
CA ALA J 95 -64.03 1.64 -22.14
C ALA J 95 -63.89 1.18 -20.74
N ARG J 96 -64.12 -0.07 -20.50
CA ARG J 96 -64.02 -0.66 -19.19
C ARG J 96 -62.61 -0.83 -18.73
N GLN J 97 -62.41 -0.79 -17.42
CA GLN J 97 -61.09 -0.92 -16.86
C GLN J 97 -60.92 -2.15 -15.99
N ASP J 98 -59.85 -2.89 -16.19
CA ASP J 98 -59.54 -4.05 -15.35
C ASP J 98 -58.46 -3.69 -14.31
N LYS J 99 -58.36 -2.41 -14.02
CA LYS J 99 -57.45 -1.86 -13.08
C LYS J 99 -57.74 -2.41 -11.72
N LYS J 100 -59.02 -2.48 -11.40
CA LYS J 100 -59.53 -3.06 -10.18
C LYS J 100 -59.16 -2.36 -8.87
N ASP J 101 -57.88 -2.33 -8.50
CA ASP J 101 -57.53 -1.67 -7.27
C ASP J 101 -56.42 -0.64 -7.29
N LYS J 102 -55.20 -1.16 -7.13
CA LYS J 102 -53.88 -0.53 -7.07
C LYS J 102 -53.50 -0.03 -5.69
N VAL J 103 -54.46 -0.01 -4.78
CA VAL J 103 -54.33 0.37 -3.38
C VAL J 103 -54.02 1.79 -3.03
N GLY J 104 -52.91 2.30 -3.52
CA GLY J 104 -52.56 3.65 -3.22
C GLY J 104 -52.70 4.66 -4.30
N GLU J 105 -53.11 4.24 -5.47
CA GLU J 105 -53.32 5.09 -6.62
C GLU J 105 -54.19 4.47 -7.65
N SER J 106 -54.45 5.15 -8.74
CA SER J 106 -55.31 4.62 -9.78
C SER J 106 -54.69 4.48 -11.11
N ARG J 107 -54.79 3.32 -11.73
CA ARG J 107 -54.30 3.12 -13.08
C ARG J 107 -55.00 4.07 -14.04
N ALA J 108 -54.44 4.22 -15.20
CA ALA J 108 -55.02 5.25 -16.05
C ALA J 108 -55.80 4.59 -17.18
N PRO J 109 -56.74 5.27 -17.78
CA PRO J 109 -57.41 4.68 -18.95
C PRO J 109 -56.51 4.76 -20.18
N ILE J 110 -55.41 4.00 -20.13
CA ILE J 110 -54.61 3.71 -21.33
C ILE J 110 -55.43 3.20 -22.51
N SER J 111 -56.04 2.00 -22.42
CA SER J 111 -56.65 1.51 -23.65
C SER J 111 -57.79 2.39 -24.18
N ALA J 112 -58.58 3.03 -23.32
CA ALA J 112 -59.64 3.88 -23.85
C ALA J 112 -59.13 5.17 -24.48
N LYS J 113 -58.06 5.72 -23.92
CA LYS J 113 -57.41 6.89 -24.48
C LYS J 113 -56.69 6.51 -25.77
N LEU J 114 -56.04 5.36 -25.80
CA LEU J 114 -55.46 4.85 -27.05
C LEU J 114 -56.50 4.79 -28.17
N VAL J 115 -57.67 4.19 -27.90
CA VAL J 115 -58.72 4.13 -28.91
C VAL J 115 -59.07 5.54 -29.36
N ALA J 116 -59.23 6.44 -28.40
CA ALA J 116 -59.46 7.85 -28.68
C ALA J 116 -58.37 8.48 -29.55
N ASN J 117 -57.09 8.24 -29.22
CA ASN J 117 -55.98 8.79 -30.00
C ASN J 117 -55.94 8.23 -31.42
N MET J 118 -56.25 6.94 -31.58
CA MET J 118 -56.26 6.38 -32.93
C MET J 118 -57.40 6.95 -33.75
N LEU J 119 -58.58 7.10 -33.14
CA LEU J 119 -59.68 7.75 -33.87
C LEU J 119 -59.28 9.16 -34.28
N SER J 120 -58.61 9.89 -33.39
CA SER J 120 -58.18 11.25 -33.68
C SER J 120 -57.17 11.30 -34.81
N VAL J 121 -56.13 10.48 -34.74
CA VAL J 121 -55.09 10.45 -35.75
C VAL J 121 -55.58 9.92 -37.11
N ALA J 122 -56.57 9.04 -37.12
CA ALA J 122 -57.15 8.61 -38.39
C ALA J 122 -57.80 9.78 -39.13
N GLY J 123 -58.32 10.76 -38.42
CA GLY J 123 -58.85 11.95 -39.08
C GLY J 123 -60.31 12.17 -38.80
N ALA J 124 -60.83 11.51 -37.76
CA ALA J 124 -62.17 11.74 -37.29
C ALA J 124 -62.38 13.16 -36.79
N ASP J 125 -63.47 13.76 -37.24
CA ASP J 125 -63.80 15.11 -36.85
C ASP J 125 -64.84 15.10 -35.75
N HIS J 126 -65.49 13.97 -35.51
CA HIS J 126 -66.61 14.05 -34.59
C HIS J 126 -66.93 12.60 -34.22
N ILE J 127 -67.30 12.34 -32.98
CA ILE J 127 -67.70 11.02 -32.49
C ILE J 127 -69.13 11.08 -31.98
N ILE J 128 -69.99 10.13 -32.41
CA ILE J 128 -71.30 9.88 -31.79
C ILE J 128 -71.33 8.51 -31.13
N THR J 129 -71.68 8.45 -29.85
CA THR J 129 -71.70 7.19 -29.12
C THR J 129 -72.88 7.14 -28.15
N MET J 130 -73.12 5.96 -27.55
CA MET J 130 -74.18 5.85 -26.57
C MET J 130 -73.72 5.19 -25.27
N ASP J 131 -74.08 5.83 -24.16
CA ASP J 131 -73.77 5.41 -22.78
C ASP J 131 -72.36 4.88 -22.61
N LEU J 132 -71.40 5.78 -22.82
CA LEU J 132 -70.00 5.54 -22.49
C LEU J 132 -69.86 4.95 -21.09
N HIS J 133 -69.01 3.93 -20.93
CA HIS J 133 -68.81 3.34 -19.61
C HIS J 133 -68.51 4.43 -18.59
N ALA J 134 -67.63 5.37 -18.94
CA ALA J 134 -67.43 6.57 -18.12
C ALA J 134 -67.59 7.77 -19.05
N SER J 135 -68.45 8.71 -18.65
CA SER J 135 -68.74 9.91 -19.45
C SER J 135 -67.52 10.79 -19.71
N GLN J 136 -66.51 10.70 -18.85
CA GLN J 136 -65.28 11.45 -19.00
C GLN J 136 -64.53 11.09 -20.27
N ILE J 137 -64.82 9.93 -20.86
CA ILE J 137 -64.20 9.55 -22.11
C ILE J 137 -64.46 10.62 -23.17
N GLN J 138 -65.54 11.36 -23.04
CA GLN J 138 -65.81 12.49 -23.92
C GLN J 138 -64.60 13.44 -24.00
N GLY J 139 -63.95 13.70 -22.87
CA GLY J 139 -62.78 14.55 -22.78
C GLY J 139 -61.45 13.95 -23.18
N PHE J 140 -61.42 12.71 -23.65
CA PHE J 140 -60.23 12.09 -24.23
C PHE J 140 -59.99 12.53 -25.67
N PHE J 141 -60.94 13.27 -26.24
CA PHE J 141 -60.86 13.79 -27.59
C PHE J 141 -60.74 15.31 -27.55
N ASP J 142 -60.31 15.88 -28.67
CA ASP J 142 -60.40 17.31 -28.88
C ASP J 142 -61.49 17.66 -29.88
N ILE J 143 -61.95 16.68 -30.63
CA ILE J 143 -63.12 16.80 -31.48
C ILE J 143 -64.34 16.66 -30.60
N PRO J 144 -65.49 17.21 -31.01
CA PRO J 144 -66.73 17.01 -30.24
C PRO J 144 -67.12 15.53 -30.17
N VAL J 145 -67.56 15.11 -29.00
CA VAL J 145 -68.15 13.79 -28.81
C VAL J 145 -69.56 13.98 -28.28
N ASP J 146 -70.54 13.30 -28.91
CA ASP J 146 -71.89 13.21 -28.38
C ASP J 146 -72.10 11.87 -27.70
N ASN J 147 -72.28 11.91 -26.37
CA ASN J 147 -72.50 10.70 -25.58
C ASN J 147 -74.00 10.68 -25.30
N LEU J 148 -74.80 10.02 -26.14
CA LEU J 148 -76.27 9.98 -26.02
C LEU J 148 -76.71 8.95 -25.00
N TYR J 149 -77.86 9.11 -24.38
CA TYR J 149 -78.25 8.14 -23.35
C TYR J 149 -79.47 7.35 -23.78
N ALA J 150 -79.52 6.08 -23.43
CA ALA J 150 -80.63 5.18 -23.66
C ALA J 150 -81.69 5.34 -22.61
N GLU J 151 -81.41 6.11 -21.56
CA GLU J 151 -82.33 6.27 -20.44
C GLU J 151 -83.75 6.60 -20.89
N PRO J 152 -83.99 7.60 -21.74
CA PRO J 152 -85.39 7.87 -22.11
C PRO J 152 -86.10 6.67 -22.71
N ALA J 153 -85.43 5.89 -23.55
CA ALA J 153 -86.07 4.69 -24.12
C ALA J 153 -86.25 3.59 -23.07
N VAL J 154 -85.35 3.50 -22.10
CA VAL J 154 -85.48 2.53 -21.03
C VAL J 154 -86.65 2.90 -20.14
N LEU J 155 -86.75 4.17 -19.80
CA LEU J 155 -87.89 4.70 -19.07
C LEU J 155 -89.21 4.31 -19.75
N LYS J 156 -89.31 4.52 -21.05
CA LYS J 156 -90.52 4.12 -21.76
C LYS J 156 -90.75 2.67 -21.70
N TRP J 157 -89.76 1.90 -22.01
CA TRP J 157 -89.97 0.45 -21.95
C TRP J 157 -90.46 -0.01 -20.58
N ILE J 158 -89.88 0.51 -19.50
CA ILE J 158 -90.35 0.12 -18.15
C ILE J 158 -91.83 0.47 -17.97
N ARG J 159 -92.18 1.74 -18.19
CA ARG J 159 -93.59 2.15 -18.04
C ARG J 159 -94.52 1.34 -18.92
N GLU J 160 -94.06 0.95 -20.12
CA GLU J 160 -94.90 0.28 -21.10
C GLU J 160 -95.03 -1.22 -20.85
N ASN J 161 -94.06 -1.87 -20.19
CA ASN J 161 -93.97 -3.32 -20.11
C ASN J 161 -94.05 -3.94 -18.71
N ILE J 162 -93.82 -3.18 -17.65
CA ILE J 162 -93.92 -3.73 -16.30
C ILE J 162 -95.14 -3.08 -15.66
N SER J 163 -96.19 -3.87 -15.43
CA SER J 163 -97.45 -3.29 -14.96
C SER J 163 -97.32 -2.76 -13.54
N GLU J 164 -96.60 -3.48 -12.68
CA GLU J 164 -96.41 -3.04 -11.30
C GLU J 164 -95.27 -2.00 -11.17
N TRP J 165 -94.93 -1.27 -12.24
CA TRP J 165 -93.78 -0.37 -12.21
C TRP J 165 -93.84 0.78 -11.21
N ARG J 166 -95.01 1.22 -10.79
CA ARG J 166 -95.10 2.38 -9.90
C ARG J 166 -94.69 2.08 -8.48
N ASN J 167 -94.78 0.83 -8.07
CA ASN J 167 -94.37 0.44 -6.73
C ASN J 167 -93.21 -0.54 -6.77
N CYS J 168 -92.38 -0.47 -7.82
CA CYS J 168 -91.29 -1.43 -7.94
C CYS J 168 -90.03 -0.89 -7.27
N THR J 169 -88.82 -1.28 -7.74
CA THR J 169 -87.56 -0.80 -7.15
C THR J 169 -86.32 -1.07 -8.03
N ILE J 170 -85.48 -0.05 -8.25
CA ILE J 170 -84.37 -0.09 -9.22
C ILE J 170 -83.07 -0.44 -8.49
N VAL J 171 -82.49 -1.59 -8.84
CA VAL J 171 -81.34 -2.18 -8.15
C VAL J 171 -80.09 -2.06 -9.01
N SER J 172 -78.96 -1.65 -8.38
CA SER J 172 -77.64 -1.62 -9.01
C SER J 172 -76.86 -2.86 -8.70
N PRO J 173 -76.33 -3.50 -9.74
CA PRO J 173 -75.54 -4.72 -9.54
C PRO J 173 -74.24 -4.50 -8.76
N ASP J 174 -73.70 -3.28 -8.75
CA ASP J 174 -72.46 -2.99 -8.02
C ASP J 174 -72.52 -1.55 -7.50
N ALA J 175 -71.49 -1.18 -6.75
CA ALA J 175 -71.40 0.18 -6.22
C ALA J 175 -71.35 1.20 -7.35
N GLY J 176 -70.59 0.91 -8.42
CA GLY J 176 -70.41 1.88 -9.49
C GLY J 176 -71.69 2.31 -10.18
N GLY J 177 -72.67 1.44 -10.28
CA GLY J 177 -73.84 1.85 -11.01
C GLY J 177 -74.82 2.65 -10.17
N ALA J 178 -74.39 3.15 -8.99
CA ALA J 178 -75.31 3.91 -8.14
C ALA J 178 -75.97 5.05 -8.91
N LYS J 179 -75.16 5.89 -9.58
CA LYS J 179 -75.74 7.05 -10.26
C LYS J 179 -76.65 6.62 -11.38
N ARG J 180 -76.32 5.53 -12.05
CA ARG J 180 -77.21 5.05 -13.09
C ARG J 180 -78.57 4.70 -12.54
N VAL J 181 -78.64 4.02 -11.38
CA VAL J 181 -79.97 3.63 -10.92
C VAL J 181 -80.70 4.72 -10.17
N THR J 182 -80.01 5.54 -9.38
CA THR J 182 -80.72 6.62 -8.70
C THR J 182 -81.33 7.64 -9.64
N SER J 183 -80.67 7.94 -10.77
CA SER J 183 -81.30 8.82 -11.76
C SER J 183 -82.61 8.22 -12.31
N ILE J 184 -82.60 6.93 -12.65
CA ILE J 184 -83.79 6.31 -13.24
C ILE J 184 -84.90 6.16 -12.21
N ALA J 185 -84.54 5.79 -10.98
CA ALA J 185 -85.52 5.68 -9.93
C ALA J 185 -86.19 7.02 -9.66
N ASP J 186 -85.45 8.13 -9.78
CA ASP J 186 -86.09 9.41 -9.56
C ASP J 186 -87.10 9.75 -10.66
N ARG J 187 -86.80 9.40 -11.93
CA ARG J 187 -87.72 9.67 -13.02
C ARG J 187 -89.02 8.88 -12.87
N LEU J 188 -88.94 7.65 -12.35
CA LEU J 188 -90.14 6.85 -12.14
C LEU J 188 -90.80 7.15 -10.81
N ASN J 189 -90.18 8.02 -10.02
CA ASN J 189 -90.57 8.32 -8.64
C ASN J 189 -90.69 7.10 -7.75
N VAL J 190 -89.67 6.26 -7.77
CA VAL J 190 -89.73 5.05 -7.00
C VAL J 190 -88.45 4.94 -6.15
N ASP J 191 -88.38 3.91 -5.31
CA ASP J 191 -87.25 3.66 -4.44
C ASP J 191 -86.17 2.92 -5.24
N PHE J 192 -84.94 3.00 -4.74
CA PHE J 192 -83.79 2.26 -5.23
C PHE J 192 -83.12 1.47 -4.14
N ALA J 193 -82.33 0.49 -4.58
CA ALA J 193 -81.49 -0.30 -3.69
C ALA J 193 -80.22 -0.65 -4.45
N LEU J 194 -79.18 -1.06 -3.70
CA LEU J 194 -77.88 -1.37 -4.29
C LEU J 194 -77.30 -2.67 -3.72
N ILE J 195 -76.66 -3.46 -4.60
CA ILE J 195 -75.98 -4.70 -4.23
C ILE J 195 -74.47 -4.51 -4.30
N HIS J 196 -73.74 -5.10 -3.36
CA HIS J 196 -72.29 -5.05 -3.40
C HIS J 196 -71.76 -6.40 -2.92
N LYS J 197 -70.76 -6.96 -3.61
CA LYS J 197 -70.16 -8.19 -3.09
C LYS J 197 -68.99 -7.88 -2.17
N GLU J 198 -68.59 -8.90 -1.41
CA GLU J 198 -67.33 -9.06 -0.63
C GLU J 198 -67.68 -9.52 0.79
N ARG J 207 -70.02 -13.92 -1.42
CA ARG J 207 -70.91 -13.38 -0.38
C ARG J 207 -71.45 -11.95 -0.70
N MET J 208 -72.70 -11.90 -1.20
CA MET J 208 -73.35 -10.69 -1.71
C MET J 208 -74.22 -10.03 -0.67
N VAL J 209 -74.12 -8.69 -0.60
CA VAL J 209 -74.87 -7.85 0.33
C VAL J 209 -75.82 -6.90 -0.40
N LEU J 210 -77.02 -6.73 0.16
CA LEU J 210 -78.05 -5.81 -0.31
C LEU J 210 -78.35 -4.70 0.68
N VAL J 211 -78.31 -3.46 0.21
CA VAL J 211 -78.79 -2.33 1.00
C VAL J 211 -79.99 -1.73 0.29
N GLY J 212 -81.09 -1.61 1.01
CA GLY J 212 -82.36 -1.13 0.47
C GLY J 212 -83.43 -2.22 0.52
N ASP J 213 -84.69 -1.81 0.45
CA ASP J 213 -85.82 -2.73 0.59
C ASP J 213 -86.28 -3.19 -0.79
N VAL J 214 -86.31 -4.52 -1.00
CA VAL J 214 -86.80 -5.07 -2.26
C VAL J 214 -87.93 -6.09 -2.03
N LYS J 215 -88.19 -6.45 -0.77
CA LYS J 215 -89.19 -7.46 -0.43
C LYS J 215 -90.57 -7.12 -1.00
N ASP J 216 -91.17 -8.07 -1.72
CA ASP J 216 -92.55 -7.97 -2.24
C ASP J 216 -92.76 -6.91 -3.32
N ARG J 217 -91.71 -6.52 -4.05
CA ARG J 217 -91.81 -5.51 -5.10
C ARG J 217 -91.03 -5.99 -6.31
N VAL J 218 -91.41 -5.51 -7.50
CA VAL J 218 -90.70 -5.84 -8.73
C VAL J 218 -89.32 -5.19 -8.71
N ALA J 219 -88.26 -5.97 -8.94
CA ALA J 219 -86.90 -5.47 -8.96
C ALA J 219 -86.33 -5.39 -10.38
N ILE J 220 -85.81 -4.21 -10.75
CA ILE J 220 -85.20 -4.02 -12.05
C ILE J 220 -83.70 -3.76 -11.85
N LEU J 221 -82.85 -4.73 -12.21
CA LEU J 221 -81.40 -4.52 -12.23
C LEU J 221 -81.04 -3.66 -13.43
N VAL J 222 -80.41 -2.50 -13.21
CA VAL J 222 -80.00 -1.60 -14.29
C VAL J 222 -78.48 -1.38 -14.26
N ASP J 223 -77.83 -1.50 -15.42
CA ASP J 223 -76.39 -1.30 -15.57
C ASP J 223 -76.12 -0.89 -17.01
N ASP J 224 -74.93 -0.33 -17.26
CA ASP J 224 -74.59 0.10 -18.62
C ASP J 224 -74.29 -1.05 -19.57
N MET J 225 -73.85 -2.21 -19.07
CA MET J 225 -73.40 -3.26 -19.96
C MET J 225 -73.41 -4.64 -19.31
N ALA J 226 -73.58 -5.67 -20.12
CA ALA J 226 -73.42 -7.01 -19.61
C ALA J 226 -72.52 -7.81 -20.53
N ASP J 227 -71.39 -8.25 -19.96
CA ASP J 227 -70.40 -8.99 -20.71
C ASP J 227 -70.64 -10.45 -20.42
N THR J 228 -69.90 -10.97 -19.44
CA THR J 228 -70.03 -12.36 -19.05
C THR J 228 -71.28 -12.65 -18.22
N CYS J 229 -71.94 -11.61 -17.70
CA CYS J 229 -73.20 -11.69 -16.93
C CYS J 229 -73.10 -12.45 -15.61
N GLY J 230 -71.91 -12.67 -15.06
CA GLY J 230 -71.82 -13.37 -13.78
C GLY J 230 -72.35 -12.54 -12.62
N THR J 231 -71.97 -11.26 -12.59
CA THR J 231 -72.43 -10.33 -11.56
C THR J 231 -73.96 -10.16 -11.55
N ILE J 232 -74.57 -9.85 -12.71
CA ILE J 232 -76.01 -9.62 -12.72
C ILE J 232 -76.80 -10.88 -12.33
N CYS J 233 -76.29 -12.08 -12.66
CA CYS J 233 -77.00 -13.33 -12.30
C CYS J 233 -76.86 -13.69 -10.83
N HIS J 234 -75.68 -13.49 -10.23
CA HIS J 234 -75.62 -13.70 -8.78
C HIS J 234 -76.48 -12.65 -8.09
N ALA J 235 -76.45 -11.42 -8.60
CA ALA J 235 -77.31 -10.36 -8.08
C ALA J 235 -78.79 -10.75 -8.20
N ALA J 236 -79.17 -11.39 -9.30
CA ALA J 236 -80.56 -11.84 -9.45
C ALA J 236 -80.91 -12.89 -8.42
N ASP J 237 -79.99 -13.81 -8.16
CA ASP J 237 -80.22 -14.78 -7.09
C ASP J 237 -80.41 -14.09 -5.74
N LYS J 238 -79.53 -13.13 -5.40
CA LYS J 238 -79.64 -12.44 -4.12
C LYS J 238 -80.95 -11.67 -4.01
N LEU J 239 -81.41 -11.07 -5.11
CA LEU J 239 -82.71 -10.41 -5.07
C LEU J 239 -83.84 -11.41 -4.85
N LEU J 240 -83.72 -12.64 -5.37
CA LEU J 240 -84.74 -13.63 -5.07
C LEU J 240 -84.72 -14.05 -3.61
N SER J 241 -83.53 -14.26 -3.02
CA SER J 241 -83.46 -14.60 -1.61
C SER J 241 -83.99 -13.48 -0.72
N ALA J 242 -83.97 -12.25 -1.21
CA ALA J 242 -84.47 -11.12 -0.46
C ALA J 242 -85.97 -10.89 -0.67
N GLY J 243 -86.63 -11.78 -1.41
CA GLY J 243 -88.09 -11.72 -1.55
C GLY J 243 -88.67 -10.83 -2.62
N ALA J 244 -87.93 -10.55 -3.69
CA ALA J 244 -88.48 -9.84 -4.83
C ALA J 244 -89.44 -10.71 -5.64
N THR J 245 -90.58 -10.12 -6.03
CA THR J 245 -91.65 -10.79 -6.79
C THR J 245 -91.14 -11.36 -8.11
N ARG J 246 -90.62 -10.49 -8.98
CA ARG J 246 -90.03 -10.82 -10.27
C ARG J 246 -88.79 -9.97 -10.46
N VAL J 247 -87.77 -10.50 -11.14
CA VAL J 247 -86.52 -9.76 -11.36
C VAL J 247 -86.37 -9.46 -12.85
N TYR J 248 -86.10 -8.19 -13.18
CA TYR J 248 -85.78 -7.79 -14.55
C TYR J 248 -84.34 -7.33 -14.64
N ALA J 249 -83.77 -7.40 -15.85
CA ALA J 249 -82.45 -6.83 -16.13
C ALA J 249 -82.49 -5.91 -17.34
N ILE J 250 -82.07 -4.65 -17.19
CA ILE J 250 -82.00 -3.69 -18.28
C ILE J 250 -80.58 -3.14 -18.40
N LEU J 251 -79.94 -3.40 -19.55
CA LEU J 251 -78.55 -3.02 -19.87
C LEU J 251 -78.54 -2.30 -21.21
N THR J 252 -77.77 -1.22 -21.36
CA THR J 252 -77.69 -0.59 -22.67
C THR J 252 -76.92 -1.41 -23.71
N HIS J 253 -75.76 -1.93 -23.34
CA HIS J 253 -74.89 -2.73 -24.22
C HIS J 253 -74.92 -4.24 -23.91
N GLY J 254 -75.47 -5.01 -24.85
CA GLY J 254 -75.52 -6.45 -24.65
C GLY J 254 -74.46 -7.28 -25.35
N ILE J 255 -73.29 -7.42 -24.70
CA ILE J 255 -72.17 -8.19 -25.25
C ILE J 255 -72.46 -9.69 -25.19
N PHE J 256 -72.89 -10.19 -24.01
CA PHE J 256 -73.29 -11.58 -23.80
C PHE J 256 -72.23 -12.54 -24.32
N SER J 257 -71.03 -12.42 -23.79
CA SER J 257 -69.98 -13.31 -24.23
C SER J 257 -69.80 -14.52 -23.32
N GLY J 258 -69.18 -15.54 -23.89
CA GLY J 258 -68.87 -16.73 -23.19
C GLY J 258 -70.14 -17.42 -22.82
N PRO J 259 -70.29 -17.76 -21.53
CA PRO J 259 -71.46 -18.50 -21.07
C PRO J 259 -72.66 -17.62 -20.77
N ALA J 260 -72.56 -16.34 -21.10
CA ALA J 260 -73.57 -15.36 -20.68
C ALA J 260 -74.99 -15.80 -21.00
N ILE J 261 -75.24 -16.21 -22.23
CA ILE J 261 -76.61 -16.58 -22.59
C ILE J 261 -77.06 -17.76 -21.75
N SER J 262 -76.17 -18.74 -21.60
CA SER J 262 -76.50 -19.90 -20.80
C SER J 262 -76.73 -19.52 -19.34
N ARG J 263 -75.94 -18.60 -18.80
CA ARG J 263 -76.18 -18.16 -17.42
C ARG J 263 -77.55 -17.50 -17.26
N ILE J 264 -77.95 -16.64 -18.20
CA ILE J 264 -79.24 -15.97 -18.08
C ILE J 264 -80.39 -16.97 -17.99
N ASN J 265 -80.42 -17.94 -18.89
CA ASN J 265 -81.45 -18.98 -18.85
C ASN J 265 -81.48 -19.73 -17.51
N ASN J 266 -80.32 -20.02 -16.91
CA ASN J 266 -80.37 -20.65 -15.58
C ASN J 266 -80.81 -19.67 -14.51
N ALA J 267 -80.64 -18.36 -14.74
CA ALA J 267 -81.03 -17.38 -13.75
C ALA J 267 -82.54 -17.19 -13.81
N CYS J 268 -83.07 -16.46 -12.84
CA CYS J 268 -84.49 -16.28 -12.63
C CYS J 268 -85.10 -15.03 -13.30
N PHE J 269 -84.39 -14.38 -14.21
CA PHE J 269 -84.88 -13.14 -14.85
C PHE J 269 -86.19 -13.38 -15.57
N GLU J 270 -87.14 -12.47 -15.34
CA GLU J 270 -88.39 -12.47 -16.11
C GLU J 270 -88.12 -12.08 -17.57
N ALA J 271 -87.23 -11.12 -17.76
CA ALA J 271 -86.75 -10.66 -19.07
C ALA J 271 -85.44 -9.91 -18.86
N VAL J 272 -84.56 -10.01 -19.85
CA VAL J 272 -83.34 -9.20 -19.90
C VAL J 272 -83.43 -8.29 -21.12
N VAL J 273 -83.43 -6.99 -20.89
CA VAL J 273 -83.63 -6.02 -21.94
C VAL J 273 -82.31 -5.31 -22.24
N VAL J 274 -81.94 -5.29 -23.52
CA VAL J 274 -80.74 -4.60 -23.97
C VAL J 274 -81.15 -3.74 -25.15
N THR J 275 -80.32 -2.75 -25.50
CA THR J 275 -80.62 -2.04 -26.73
C THR J 275 -79.90 -2.72 -27.87
N ASN J 276 -80.09 -2.19 -29.09
CA ASN J 276 -79.49 -2.71 -30.31
C ASN J 276 -78.06 -2.18 -30.59
N THR J 277 -77.34 -1.60 -29.61
CA THR J 277 -76.03 -1.01 -29.89
C THR J 277 -75.07 -2.12 -30.33
N ILE J 278 -75.34 -3.35 -29.90
CA ILE J 278 -74.58 -4.52 -30.34
C ILE J 278 -75.66 -5.42 -30.93
N PRO J 279 -75.37 -6.16 -32.01
CA PRO J 279 -76.38 -7.06 -32.58
C PRO J 279 -76.90 -8.15 -31.65
N GLN J 280 -78.22 -8.27 -31.64
CA GLN J 280 -78.88 -9.20 -30.76
C GLN J 280 -79.72 -10.20 -31.51
N GLU J 281 -80.00 -9.96 -32.79
CA GLU J 281 -80.86 -10.84 -33.56
C GLU J 281 -80.44 -12.29 -33.36
N ASP J 282 -79.15 -12.55 -33.50
CA ASP J 282 -78.58 -13.87 -33.26
C ASP J 282 -78.77 -14.37 -31.84
N LYS J 283 -78.65 -13.50 -30.87
CA LYS J 283 -78.66 -13.97 -29.49
C LYS J 283 -80.07 -14.21 -28.99
N MET J 284 -81.06 -13.48 -29.52
CA MET J 284 -82.47 -13.67 -29.19
C MET J 284 -82.99 -15.01 -29.65
N LYS J 285 -82.36 -15.60 -30.66
CA LYS J 285 -82.73 -16.91 -31.17
C LYS J 285 -82.41 -17.99 -30.16
N HIS J 286 -81.36 -17.79 -29.36
CA HIS J 286 -80.93 -18.74 -28.36
C HIS J 286 -81.32 -18.37 -26.93
N CYS J 287 -82.00 -17.25 -26.72
CA CYS J 287 -82.44 -16.87 -25.38
C CYS J 287 -83.86 -16.29 -25.44
N SER J 288 -84.81 -17.07 -24.93
CA SER J 288 -86.20 -16.67 -24.88
C SER J 288 -86.43 -15.37 -24.12
N LYS J 289 -85.46 -14.86 -23.35
CA LYS J 289 -85.74 -13.74 -22.47
C LYS J 289 -85.12 -12.41 -22.91
N ILE J 290 -84.27 -12.39 -23.91
CA ILE J 290 -83.72 -11.14 -24.40
C ILE J 290 -84.74 -10.38 -25.23
N GLN J 291 -84.94 -9.12 -24.89
CA GLN J 291 -85.71 -8.16 -25.67
C GLN J 291 -84.79 -6.97 -26.02
N VAL J 292 -84.98 -6.36 -27.16
CA VAL J 292 -84.20 -5.24 -27.54
C VAL J 292 -85.02 -4.00 -27.76
N ILE J 293 -84.36 -2.85 -27.71
CA ILE J 293 -84.92 -1.54 -27.82
C ILE J 293 -84.19 -0.87 -28.92
N ASP J 294 -84.82 -0.35 -29.92
CA ASP J 294 -84.11 0.21 -31.06
C ASP J 294 -83.66 1.56 -30.74
N ILE J 295 -82.38 1.84 -30.79
CA ILE J 295 -81.90 3.16 -30.53
C ILE J 295 -81.52 3.80 -31.79
N SER J 296 -81.82 3.19 -32.87
CA SER J 296 -81.56 3.80 -34.17
C SER J 296 -82.19 5.18 -34.25
N MET J 297 -83.25 5.37 -33.50
CA MET J 297 -83.94 6.62 -33.50
C MET J 297 -83.06 7.66 -32.93
N ILE J 298 -82.53 7.42 -31.78
CA ILE J 298 -81.61 8.33 -31.10
C ILE J 298 -80.41 8.67 -31.98
N LEU J 299 -79.80 7.66 -32.62
CA LEU J 299 -78.60 7.90 -33.41
C LEU J 299 -78.91 8.71 -34.66
N ALA J 300 -79.95 8.31 -35.39
CA ALA J 300 -80.37 9.06 -36.57
C ALA J 300 -80.64 10.52 -36.20
N GLU J 301 -81.26 10.77 -35.05
CA GLU J 301 -81.54 12.15 -34.67
C GLU J 301 -80.27 12.91 -34.36
N ALA J 302 -79.29 12.26 -33.73
CA ALA J 302 -77.99 12.90 -33.52
C ALA J 302 -77.24 13.16 -34.82
N ILE J 303 -77.40 12.31 -35.81
CA ILE J 303 -76.72 12.53 -37.08
C ILE J 303 -77.39 13.68 -37.80
N ARG J 304 -78.73 13.64 -37.89
CA ARG J 304 -79.47 14.71 -38.53
CA ARG J 304 -79.46 14.72 -38.54
C ARG J 304 -79.14 16.04 -37.88
N ARG J 305 -78.95 16.04 -36.57
CA ARG J 305 -78.69 17.27 -35.86
C ARG J 305 -77.28 17.78 -36.09
N THR J 306 -76.31 16.87 -36.18
CA THR J 306 -74.95 17.24 -36.56
C THR J 306 -74.88 17.84 -37.97
N HIS J 307 -75.58 17.23 -38.94
CA HIS J 307 -75.50 17.73 -40.30
C HIS J 307 -76.20 19.07 -40.51
N ASN J 308 -77.36 19.29 -39.90
CA ASN J 308 -78.16 20.53 -40.10
C ASN J 308 -78.71 20.61 -41.51
N SER K 1 -28.38 3.78 -17.67
CA SER K 1 -27.61 3.33 -18.83
C SER K 1 -27.39 1.77 -18.90
N PRO K 2 -27.07 1.10 -17.74
CA PRO K 2 -27.39 -0.36 -17.65
C PRO K 2 -28.86 -0.66 -17.34
N ASN K 3 -29.71 -0.47 -18.37
CA ASN K 3 -31.16 -0.49 -18.21
C ASN K 3 -31.94 -0.87 -19.47
N ILE K 4 -31.54 -1.94 -20.17
CA ILE K 4 -32.25 -2.39 -21.38
C ILE K 4 -33.19 -3.53 -21.04
N LYS K 5 -34.42 -3.49 -21.58
CA LYS K 5 -35.38 -4.57 -21.35
C LYS K 5 -36.08 -4.94 -22.64
N ILE K 6 -36.24 -6.25 -22.86
CA ILE K 6 -36.87 -6.79 -24.06
C ILE K 6 -38.16 -7.51 -23.67
N PHE K 7 -39.30 -7.01 -24.18
CA PHE K 7 -40.59 -7.66 -24.01
C PHE K 7 -41.06 -8.33 -25.31
N SER K 8 -41.86 -9.38 -25.17
CA SER K 8 -42.32 -10.04 -26.37
C SER K 8 -43.82 -9.89 -26.53
N GLY K 9 -44.24 -9.81 -27.79
CA GLY K 9 -45.64 -9.81 -28.12
C GLY K 9 -46.12 -11.23 -28.17
N SER K 10 -47.39 -11.41 -28.48
CA SER K 10 -47.86 -12.78 -28.68
C SER K 10 -47.49 -13.33 -30.04
N SER K 11 -47.06 -12.47 -30.97
CA SER K 11 -46.96 -12.81 -32.39
C SER K 11 -45.76 -13.66 -32.77
N HIS K 12 -44.64 -13.49 -32.11
CA HIS K 12 -43.49 -14.33 -32.34
C HIS K 12 -42.67 -14.33 -31.07
N GLN K 13 -42.52 -15.46 -30.43
CA GLN K 13 -41.74 -15.45 -29.22
C GLN K 13 -40.63 -16.45 -29.23
N ASP K 14 -40.53 -17.27 -30.28
CA ASP K 14 -39.25 -17.87 -30.57
C ASP K 14 -38.23 -16.79 -30.88
N LEU K 15 -38.57 -15.91 -31.82
CA LEU K 15 -37.70 -14.80 -32.20
C LEU K 15 -37.42 -13.91 -31.00
N SER K 16 -38.45 -13.56 -30.22
CA SER K 16 -38.17 -12.73 -29.05
C SER K 16 -37.16 -13.40 -28.11
N GLN K 17 -37.24 -14.71 -27.94
CA GLN K 17 -36.26 -15.41 -27.12
C GLN K 17 -34.87 -15.39 -27.77
N LYS K 18 -34.80 -15.68 -29.07
CA LYS K 18 -33.51 -15.67 -29.76
C LYS K 18 -32.81 -14.34 -29.63
N ILE K 19 -33.56 -13.25 -29.81
CA ILE K 19 -33.01 -11.91 -29.64
C ILE K 19 -32.53 -11.71 -28.21
N ALA K 20 -33.38 -12.04 -27.22
CA ALA K 20 -32.95 -11.87 -25.83
C ALA K 20 -31.72 -12.69 -25.47
N ASP K 21 -31.62 -13.91 -25.99
CA ASP K 21 -30.43 -14.77 -25.81
C ASP K 21 -29.18 -14.12 -26.39
N ARG K 22 -29.25 -13.60 -27.61
CA ARG K 22 -28.05 -13.03 -28.21
C ARG K 22 -27.54 -11.85 -27.40
N LEU K 23 -28.39 -11.26 -26.57
CA LEU K 23 -27.97 -10.11 -25.78
C LEU K 23 -27.74 -10.49 -24.34
N GLY K 24 -27.90 -11.78 -24.00
CA GLY K 24 -27.68 -12.22 -22.64
C GLY K 24 -28.78 -11.78 -21.70
N LEU K 25 -30.01 -11.68 -22.17
CA LEU K 25 -31.04 -11.09 -21.36
C LEU K 25 -32.18 -12.08 -21.23
N GLU K 26 -32.93 -11.96 -20.16
CA GLU K 26 -34.21 -12.65 -20.08
C GLU K 26 -35.32 -11.74 -20.57
N LEU K 27 -36.31 -12.34 -21.20
CA LEU K 27 -37.49 -11.58 -21.59
C LEU K 27 -38.21 -10.98 -20.39
N GLY K 28 -38.61 -9.72 -20.55
CA GLY K 28 -39.40 -9.04 -19.55
C GLY K 28 -40.71 -9.74 -19.27
N LYS K 29 -41.18 -9.65 -18.02
CA LYS K 29 -42.44 -10.30 -17.68
C LYS K 29 -43.65 -9.49 -18.16
N VAL K 30 -44.53 -10.13 -18.94
CA VAL K 30 -45.70 -9.46 -19.47
C VAL K 30 -46.79 -10.52 -19.62
N VAL K 31 -48.01 -10.15 -19.26
CA VAL K 31 -49.21 -10.96 -19.46
C VAL K 31 -49.91 -10.44 -20.69
N THR K 32 -49.92 -11.22 -21.75
CA THR K 32 -50.55 -10.83 -23.00
C THR K 32 -51.66 -11.82 -23.36
N LYS K 33 -52.92 -11.44 -23.12
CA LYS K 33 -54.08 -12.31 -23.37
C LYS K 33 -55.19 -11.50 -24.07
N LYS K 34 -56.37 -12.10 -24.21
CA LYS K 34 -57.60 -11.44 -24.62
C LYS K 34 -58.68 -11.66 -23.58
N PHE K 35 -59.44 -10.61 -23.28
CA PHE K 35 -60.60 -10.81 -22.45
C PHE K 35 -61.66 -11.64 -23.17
N SER K 36 -62.67 -12.03 -22.39
CA SER K 36 -63.78 -12.82 -22.89
C SER K 36 -64.44 -12.14 -24.08
N ASN K 37 -64.60 -10.83 -23.98
CA ASN K 37 -65.28 -10.04 -25.00
C ASN K 37 -64.42 -9.63 -26.17
N GLN K 38 -63.23 -10.20 -26.34
CA GLN K 38 -62.30 -10.05 -27.48
C GLN K 38 -61.37 -8.84 -27.35
N GLU K 39 -61.52 -8.02 -26.31
CA GLU K 39 -60.64 -6.89 -26.08
C GLU K 39 -59.25 -7.40 -25.65
N THR K 40 -58.18 -6.83 -26.22
CA THR K 40 -56.82 -7.24 -25.89
C THR K 40 -56.47 -6.82 -24.47
N CYS K 41 -56.03 -7.78 -23.65
CA CYS K 41 -55.56 -7.51 -22.29
C CYS K 41 -54.04 -7.55 -22.25
N VAL K 42 -53.42 -6.48 -21.70
CA VAL K 42 -51.97 -6.42 -21.52
C VAL K 42 -51.69 -5.96 -20.10
N GLU K 43 -50.74 -6.64 -19.44
CA GLU K 43 -50.30 -6.23 -18.11
C GLU K 43 -48.78 -6.36 -18.05
N ILE K 44 -48.08 -5.24 -17.91
CA ILE K 44 -46.62 -5.24 -17.78
C ILE K 44 -46.24 -5.72 -16.38
N GLY K 45 -45.61 -6.88 -16.28
CA GLY K 45 -45.30 -7.62 -15.07
C GLY K 45 -44.09 -7.17 -14.30
N GLU K 46 -43.38 -6.15 -14.76
CA GLU K 46 -42.19 -5.69 -14.08
C GLU K 46 -42.06 -4.19 -14.30
N SER K 47 -41.29 -3.53 -13.45
CA SER K 47 -41.05 -2.10 -13.60
C SER K 47 -40.28 -1.72 -14.85
N VAL K 48 -40.76 -0.71 -15.57
CA VAL K 48 -39.98 -0.23 -16.70
C VAL K 48 -39.54 1.21 -16.48
N ARG K 49 -39.77 1.76 -15.28
CA ARG K 49 -39.40 3.15 -15.00
C ARG K 49 -37.93 3.43 -15.28
N GLY K 50 -37.67 4.34 -16.21
CA GLY K 50 -36.32 4.73 -16.53
C GLY K 50 -35.57 3.75 -17.39
N GLU K 51 -36.23 2.76 -17.96
CA GLU K 51 -35.55 1.73 -18.71
C GLU K 51 -35.70 1.97 -20.22
N ASP K 52 -34.72 1.45 -20.99
CA ASP K 52 -34.75 1.49 -22.46
C ASP K 52 -35.46 0.23 -22.94
N VAL K 53 -36.74 0.37 -23.33
CA VAL K 53 -37.63 -0.77 -23.60
C VAL K 53 -37.71 -1.04 -25.09
N TYR K 54 -37.61 -2.34 -25.41
CA TYR K 54 -37.74 -2.87 -26.76
C TYR K 54 -38.86 -3.89 -26.75
N ILE K 55 -39.89 -3.66 -27.55
CA ILE K 55 -40.99 -4.62 -27.67
C ILE K 55 -40.85 -5.32 -29.03
N VAL K 56 -40.66 -6.63 -29.02
CA VAL K 56 -40.55 -7.41 -30.24
C VAL K 56 -41.91 -7.97 -30.56
N GLN K 57 -42.48 -7.57 -31.71
CA GLN K 57 -43.80 -8.10 -32.01
C GLN K 57 -44.02 -7.94 -33.51
N SER K 58 -43.71 -8.98 -34.27
CA SER K 58 -43.86 -8.95 -35.73
C SER K 58 -45.34 -8.85 -36.06
N GLY K 59 -45.68 -8.49 -37.27
CA GLY K 59 -47.07 -8.37 -37.58
C GLY K 59 -47.32 -9.40 -38.57
N CYS K 60 -47.74 -10.49 -38.01
CA CYS K 60 -47.89 -11.62 -38.77
C CYS K 60 -48.95 -12.55 -38.46
N GLY K 61 -49.43 -12.64 -37.23
CA GLY K 61 -50.40 -13.72 -37.00
C GLY K 61 -51.80 -13.22 -37.16
N GLU K 62 -52.60 -13.15 -36.10
CA GLU K 62 -53.88 -12.44 -36.23
C GLU K 62 -53.37 -11.01 -36.13
N ILE K 63 -53.42 -10.23 -37.18
CA ILE K 63 -52.53 -9.05 -37.14
C ILE K 63 -53.09 -7.77 -36.58
N ASN K 64 -54.38 -7.66 -36.43
CA ASN K 64 -54.93 -6.58 -35.75
C ASN K 64 -54.86 -6.86 -34.32
N ASP K 65 -55.06 -8.07 -33.89
CA ASP K 65 -54.88 -8.33 -32.45
C ASP K 65 -53.44 -8.08 -32.01
N ASN K 66 -52.48 -8.56 -32.80
CA ASN K 66 -51.07 -8.36 -32.51
C ASN K 66 -50.69 -6.88 -32.57
N LEU K 67 -51.18 -6.16 -33.57
CA LEU K 67 -50.97 -4.71 -33.68
C LEU K 67 -51.53 -3.97 -32.48
N MET K 68 -52.78 -4.24 -32.13
CA MET K 68 -53.35 -3.61 -30.95
C MET K 68 -52.56 -3.94 -29.70
N GLU K 69 -52.15 -5.18 -29.56
CA GLU K 69 -51.32 -5.58 -28.43
C GLU K 69 -50.03 -4.78 -28.35
N LEU K 70 -49.35 -4.62 -29.50
CA LEU K 70 -48.13 -3.82 -29.58
C LEU K 70 -48.38 -2.37 -29.17
N LEU K 71 -49.46 -1.76 -29.66
CA LEU K 71 -49.73 -0.36 -29.35
C LEU K 71 -50.04 -0.16 -27.87
N ILE K 72 -50.77 -1.10 -27.26
CA ILE K 72 -51.09 -0.98 -25.84
C ILE K 72 -49.81 -1.18 -25.02
N MET K 73 -48.96 -2.13 -25.40
CA MET K 73 -47.69 -2.27 -24.67
C MET K 73 -46.85 -1.00 -24.78
N ILE K 74 -46.65 -0.50 -26.01
CA ILE K 74 -45.92 0.76 -26.18
C ILE K 74 -46.51 1.88 -25.33
N ASN K 75 -47.80 2.09 -25.43
CA ASN K 75 -48.43 3.19 -24.70
C ASN K 75 -48.27 2.99 -23.19
N ALA K 76 -48.54 1.78 -22.71
CA ALA K 76 -48.41 1.50 -21.29
C ALA K 76 -47.01 1.77 -20.77
N CYS K 77 -45.98 1.38 -21.53
CA CYS K 77 -44.60 1.65 -21.14
C CYS K 77 -44.31 3.16 -21.14
N LYS K 78 -44.82 3.89 -22.12
CA LYS K 78 -44.57 5.33 -22.19
C LYS K 78 -45.20 6.02 -20.99
N ILE K 79 -46.41 5.59 -20.60
CA ILE K 79 -47.06 6.18 -19.42
C ILE K 79 -46.53 5.65 -18.09
N ALA K 80 -45.71 4.60 -18.08
CA ALA K 80 -45.03 4.14 -16.87
C ALA K 80 -43.63 4.74 -16.75
N SER K 81 -43.38 5.80 -17.50
CA SER K 81 -42.21 6.67 -17.41
C SER K 81 -40.92 5.96 -17.83
N ALA K 82 -41.02 4.99 -18.74
CA ALA K 82 -39.84 4.43 -19.39
C ALA K 82 -39.06 5.53 -20.11
N SER K 83 -37.72 5.42 -20.12
CA SER K 83 -36.89 6.43 -20.78
C SER K 83 -37.10 6.43 -22.30
N ARG K 84 -37.23 5.25 -22.90
CA ARG K 84 -37.38 5.20 -24.35
C ARG K 84 -38.12 3.91 -24.67
N VAL K 85 -39.02 3.96 -25.65
CA VAL K 85 -39.73 2.75 -26.09
C VAL K 85 -39.52 2.56 -27.59
N THR K 86 -38.93 1.43 -27.96
CA THR K 86 -38.65 1.07 -29.34
C THR K 86 -39.49 -0.13 -29.76
N ALA K 87 -40.14 -0.05 -30.93
CA ALA K 87 -40.88 -1.17 -31.48
C ALA K 87 -40.03 -1.96 -32.46
N VAL K 88 -39.84 -3.23 -32.17
CA VAL K 88 -39.09 -4.13 -33.03
C VAL K 88 -40.14 -4.99 -33.73
N ILE K 89 -40.34 -4.72 -35.01
CA ILE K 89 -41.41 -5.26 -35.85
C ILE K 89 -40.71 -5.92 -37.04
N PRO K 90 -40.31 -7.18 -36.89
CA PRO K 90 -39.55 -7.84 -37.97
C PRO K 90 -40.20 -7.72 -39.33
N CYS K 91 -41.47 -8.06 -39.43
CA CYS K 91 -42.24 -7.89 -40.65
C CYS K 91 -43.31 -6.82 -40.43
N PHE K 92 -43.13 -5.66 -41.05
CA PHE K 92 -44.05 -4.53 -40.86
C PHE K 92 -45.43 -4.78 -41.51
N PRO K 93 -46.52 -4.81 -40.73
CA PRO K 93 -47.87 -5.05 -41.28
C PRO K 93 -48.38 -3.94 -42.18
N TYR K 94 -49.10 -4.34 -43.24
CA TYR K 94 -49.78 -3.41 -44.17
C TYR K 94 -48.83 -2.62 -45.06
N ALA K 95 -47.56 -3.05 -45.16
CA ALA K 95 -46.54 -2.38 -45.98
C ALA K 95 -46.84 -2.35 -47.49
N ARG K 96 -47.53 -3.34 -48.05
CA ARG K 96 -47.90 -3.25 -49.46
C ARG K 96 -49.39 -3.01 -49.64
N GLN K 97 -49.71 -2.13 -50.60
CA GLN K 97 -51.08 -1.88 -51.03
C GLN K 97 -51.36 -2.71 -52.27
N ASP K 98 -52.37 -3.56 -52.19
CA ASP K 98 -52.75 -4.38 -53.32
C ASP K 98 -54.04 -3.79 -53.87
N LYS K 99 -53.90 -3.05 -54.93
CA LYS K 99 -54.99 -2.35 -55.54
C LYS K 99 -54.81 -2.32 -56.98
N LYS K 100 -55.87 -2.53 -57.73
CA LYS K 100 -55.72 -2.33 -59.18
C LYS K 100 -55.54 -0.82 -59.17
N ASP K 101 -54.50 -0.37 -59.83
CA ASP K 101 -54.22 1.02 -59.80
C ASP K 101 -55.27 1.90 -60.35
N LYS K 102 -55.66 2.87 -59.56
CA LYS K 102 -56.54 3.91 -60.04
C LYS K 102 -55.62 4.54 -61.04
N VAL K 103 -56.00 4.69 -62.30
CA VAL K 103 -55.04 5.25 -63.28
C VAL K 103 -55.14 6.73 -63.67
N GLY K 104 -53.99 7.30 -63.93
CA GLY K 104 -53.81 8.63 -64.29
C GLY K 104 -53.14 9.16 -63.10
N GLU K 105 -53.31 8.54 -61.97
CA GLU K 105 -52.81 8.95 -60.67
C GLU K 105 -52.58 7.67 -59.86
N SER K 106 -51.80 7.77 -58.77
CA SER K 106 -51.62 6.59 -57.94
C SER K 106 -52.51 6.67 -56.72
N ARG K 107 -52.76 5.52 -56.11
CA ARG K 107 -53.36 5.47 -54.79
C ARG K 107 -52.34 5.77 -53.73
N ALA K 108 -52.81 6.14 -52.54
CA ALA K 108 -51.82 6.57 -51.59
C ALA K 108 -51.75 5.44 -50.58
N PRO K 109 -50.65 5.30 -49.90
CA PRO K 109 -50.57 4.27 -48.84
C PRO K 109 -51.27 4.70 -47.56
N ILE K 110 -52.59 4.85 -47.64
CA ILE K 110 -53.39 4.94 -46.42
C ILE K 110 -53.00 3.94 -45.34
N SER K 111 -53.17 2.63 -45.55
CA SER K 111 -52.93 1.74 -44.42
C SER K 111 -51.50 1.74 -43.89
N ALA K 112 -50.49 1.93 -44.74
CA ALA K 112 -49.15 1.93 -44.17
C ALA K 112 -48.84 3.17 -43.36
N LYS K 113 -49.37 4.30 -43.80
CA LYS K 113 -49.22 5.55 -43.07
C LYS K 113 -50.05 5.52 -41.81
N LEU K 114 -51.27 4.99 -41.88
CA LEU K 114 -52.07 4.77 -40.68
C LEU K 114 -51.35 3.93 -39.63
N VAL K 115 -50.79 2.81 -40.02
CA VAL K 115 -50.07 2.04 -39.04
C VAL K 115 -48.94 2.85 -38.41
N ALA K 116 -48.16 3.54 -39.24
CA ALA K 116 -47.11 4.42 -38.73
C ALA K 116 -47.67 5.47 -37.77
N ASN K 117 -48.78 6.11 -38.12
CA ASN K 117 -49.39 7.13 -37.27
C ASN K 117 -49.87 6.56 -35.94
N MET K 118 -50.38 5.34 -35.95
CA MET K 118 -50.83 4.70 -34.71
C MET K 118 -49.65 4.38 -33.82
N LEU K 119 -48.57 3.86 -34.42
CA LEU K 119 -47.36 3.61 -33.64
C LEU K 119 -46.82 4.89 -33.02
N SER K 120 -46.80 5.99 -33.79
CA SER K 120 -46.28 7.25 -33.27
C SER K 120 -47.13 7.76 -32.13
N VAL K 121 -48.45 7.79 -32.32
CA VAL K 121 -49.33 8.27 -31.26
C VAL K 121 -49.37 7.35 -30.05
N ALA K 122 -49.12 6.05 -30.24
CA ALA K 122 -49.03 5.16 -29.08
C ALA K 122 -47.85 5.56 -28.18
N GLY K 123 -46.81 6.11 -28.77
CA GLY K 123 -45.69 6.61 -28.02
C GLY K 123 -44.37 5.96 -28.39
N ALA K 124 -44.33 5.30 -29.53
CA ALA K 124 -43.09 4.75 -30.03
C ALA K 124 -42.08 5.86 -30.30
N ASP K 125 -40.84 5.64 -29.82
CA ASP K 125 -39.71 6.55 -29.99
C ASP K 125 -38.77 6.10 -31.10
N HIS K 126 -38.90 4.86 -31.56
CA HIS K 126 -37.91 4.35 -32.50
C HIS K 126 -38.52 3.05 -33.06
N ILE K 127 -38.31 2.77 -34.35
CA ILE K 127 -38.75 1.54 -35.01
C ILE K 127 -37.55 0.80 -35.56
N ILE K 128 -37.43 -0.49 -35.26
CA ILE K 128 -36.51 -1.38 -35.94
C ILE K 128 -37.31 -2.42 -36.70
N THR K 129 -37.06 -2.55 -38.00
CA THR K 129 -37.79 -3.49 -38.86
C THR K 129 -36.84 -4.10 -39.87
N MET K 130 -37.32 -5.09 -40.64
CA MET K 130 -36.47 -5.68 -41.67
C MET K 130 -37.11 -5.74 -43.06
N ASP K 131 -36.35 -5.30 -44.07
CA ASP K 131 -36.76 -5.26 -45.47
C ASP K 131 -38.19 -4.82 -45.65
N LEU K 132 -38.45 -3.57 -45.28
CA LEU K 132 -39.71 -2.92 -45.61
C LEU K 132 -40.06 -3.11 -47.08
N HIS K 133 -41.33 -3.41 -47.35
CA HIS K 133 -41.75 -3.59 -48.73
C HIS K 133 -41.31 -2.40 -49.57
N ALA K 134 -41.49 -1.19 -49.07
CA ALA K 134 -40.88 -0.04 -49.72
C ALA K 134 -40.11 0.69 -48.64
N SER K 135 -38.83 0.95 -48.91
CA SER K 135 -37.97 1.62 -47.96
C SER K 135 -38.47 3.01 -47.58
N GLN K 136 -39.29 3.63 -48.43
CA GLN K 136 -39.87 4.94 -48.17
C GLN K 136 -40.79 4.97 -46.95
N ILE K 137 -41.30 3.83 -46.50
CA ILE K 137 -42.12 3.74 -45.30
C ILE K 137 -41.35 4.31 -44.12
N GLN K 138 -40.02 4.25 -44.19
CA GLN K 138 -39.19 4.88 -43.18
C GLN K 138 -39.59 6.33 -42.95
N GLY K 139 -39.91 7.06 -44.02
CA GLY K 139 -40.36 8.44 -43.98
C GLY K 139 -41.83 8.70 -43.61
N PHE K 140 -42.59 7.66 -43.32
CA PHE K 140 -43.94 7.83 -42.80
C PHE K 140 -43.96 8.18 -41.33
N PHE K 141 -42.81 8.15 -40.67
CA PHE K 141 -42.61 8.49 -39.27
C PHE K 141 -41.83 9.79 -39.12
N ASP K 142 -41.87 10.35 -37.90
CA ASP K 142 -40.93 11.42 -37.56
C ASP K 142 -39.84 10.97 -36.60
N ILE K 143 -40.02 9.84 -35.93
CA ILE K 143 -39.02 9.16 -35.11
C ILE K 143 -38.09 8.37 -36.03
N PRO K 144 -36.87 8.04 -35.64
CA PRO K 144 -36.00 7.20 -36.49
C PRO K 144 -36.58 5.80 -36.75
N VAL K 145 -36.46 5.33 -37.98
CA VAL K 145 -36.80 3.96 -38.35
C VAL K 145 -35.54 3.33 -38.92
N ASP K 146 -35.18 2.13 -38.45
CA ASP K 146 -34.12 1.35 -39.09
C ASP K 146 -34.69 0.24 -39.97
N ASN K 147 -34.42 0.34 -41.29
CA ASN K 147 -34.88 -0.67 -42.22
C ASN K 147 -33.65 -1.53 -42.54
N LEU K 148 -33.54 -2.62 -41.81
CA LEU K 148 -32.43 -3.56 -41.94
C LEU K 148 -32.67 -4.46 -43.13
N TYR K 149 -31.58 -4.98 -43.70
CA TYR K 149 -31.68 -5.89 -44.83
C TYR K 149 -31.25 -7.28 -44.43
N ALA K 150 -32.01 -8.25 -44.93
CA ALA K 150 -31.66 -9.65 -44.79
C ALA K 150 -30.66 -10.09 -45.83
N GLU K 151 -30.37 -9.25 -46.83
CA GLU K 151 -29.49 -9.64 -47.93
C GLU K 151 -28.19 -10.28 -47.49
N PRO K 152 -27.37 -9.71 -46.58
CA PRO K 152 -26.11 -10.38 -46.22
C PRO K 152 -26.31 -11.80 -45.71
N ALA K 153 -27.37 -12.06 -44.92
CA ALA K 153 -27.61 -13.42 -44.45
C ALA K 153 -28.05 -14.35 -45.58
N VAL K 154 -28.77 -13.79 -46.56
CA VAL K 154 -29.18 -14.55 -47.74
C VAL K 154 -27.99 -14.88 -48.63
N LEU K 155 -27.11 -13.90 -48.87
CA LEU K 155 -25.87 -14.19 -49.58
C LEU K 155 -25.15 -15.32 -48.91
N LYS K 156 -25.03 -15.28 -47.59
CA LYS K 156 -24.34 -16.38 -46.91
C LYS K 156 -25.01 -17.72 -47.20
N TRP K 157 -26.34 -17.77 -47.11
CA TRP K 157 -27.06 -19.03 -47.38
C TRP K 157 -26.85 -19.52 -48.81
N ILE K 158 -26.91 -18.61 -49.77
CA ILE K 158 -26.70 -18.95 -51.18
C ILE K 158 -25.33 -19.58 -51.38
N ARG K 159 -24.27 -18.87 -50.96
CA ARG K 159 -22.89 -19.36 -51.11
C ARG K 159 -22.72 -20.71 -50.43
N GLU K 160 -23.38 -20.93 -49.29
CA GLU K 160 -23.16 -22.14 -48.49
C GLU K 160 -23.98 -23.34 -48.97
N ASN K 161 -25.13 -23.11 -49.65
CA ASN K 161 -26.08 -24.18 -49.96
C ASN K 161 -26.36 -24.44 -51.42
N ILE K 162 -26.02 -23.53 -52.33
CA ILE K 162 -26.27 -23.74 -53.75
C ILE K 162 -24.90 -23.95 -54.39
N SER K 163 -24.50 -25.22 -54.52
CA SER K 163 -23.15 -25.53 -54.98
C SER K 163 -22.80 -24.80 -56.27
N GLU K 164 -23.76 -24.71 -57.18
CA GLU K 164 -23.54 -24.08 -58.47
C GLU K 164 -23.80 -22.58 -58.45
N TRP K 165 -23.67 -21.94 -57.30
CA TRP K 165 -23.97 -20.53 -57.19
C TRP K 165 -23.06 -19.65 -58.05
N ARG K 166 -21.87 -20.11 -58.42
CA ARG K 166 -21.02 -19.19 -59.16
C ARG K 166 -21.46 -19.06 -60.63
N ASN K 167 -22.30 -19.98 -61.07
CA ASN K 167 -22.89 -19.98 -62.43
C ASN K 167 -24.36 -20.17 -62.17
N CYS K 168 -24.96 -19.09 -61.78
CA CYS K 168 -26.31 -18.99 -61.21
C CYS K 168 -27.08 -17.90 -61.91
N THR K 169 -28.39 -17.91 -61.79
CA THR K 169 -29.12 -16.75 -62.30
C THR K 169 -30.08 -16.29 -61.21
N ILE K 170 -30.07 -15.03 -60.86
CA ILE K 170 -31.01 -14.51 -59.88
C ILE K 170 -32.18 -13.89 -60.62
N VAL K 171 -33.37 -14.47 -60.46
CA VAL K 171 -34.57 -14.08 -61.20
C VAL K 171 -35.52 -13.40 -60.23
N SER K 172 -36.10 -12.29 -60.67
CA SER K 172 -37.15 -11.58 -59.92
C SER K 172 -38.54 -11.98 -60.38
N PRO K 173 -39.43 -12.35 -59.47
CA PRO K 173 -40.78 -12.76 -59.87
C PRO K 173 -41.60 -11.66 -60.53
N ASP K 174 -41.30 -10.38 -60.35
CA ASP K 174 -42.07 -9.32 -61.01
C ASP K 174 -41.16 -8.15 -61.33
N ALA K 175 -41.71 -7.15 -62.02
CA ALA K 175 -40.93 -5.96 -62.38
C ALA K 175 -40.41 -5.23 -61.15
N GLY K 176 -41.24 -5.12 -60.09
CA GLY K 176 -40.81 -4.37 -58.91
C GLY K 176 -39.59 -4.93 -58.21
N GLY K 177 -39.43 -6.26 -58.19
CA GLY K 177 -38.29 -6.79 -57.45
C GLY K 177 -37.00 -6.81 -58.23
N ALA K 178 -36.99 -6.09 -59.34
CA ALA K 178 -35.82 -6.05 -60.20
C ALA K 178 -34.60 -5.60 -59.42
N LYS K 179 -34.69 -4.49 -58.69
CA LYS K 179 -33.50 -3.95 -58.06
C LYS K 179 -32.98 -4.90 -56.98
N ARG K 180 -33.88 -5.57 -56.29
CA ARG K 180 -33.45 -6.53 -55.28
C ARG K 180 -32.62 -7.65 -55.91
N VAL K 181 -33.00 -8.14 -57.08
CA VAL K 181 -32.20 -9.24 -57.63
C VAL K 181 -30.94 -8.68 -58.26
N THR K 182 -31.01 -7.49 -58.85
CA THR K 182 -29.79 -6.91 -59.39
C THR K 182 -28.76 -6.62 -58.30
N SER K 183 -29.19 -6.24 -57.11
CA SER K 183 -28.24 -6.12 -56.01
C SER K 183 -27.56 -7.46 -55.70
N ILE K 184 -28.35 -8.53 -55.63
CA ILE K 184 -27.75 -9.81 -55.25
C ILE K 184 -26.86 -10.36 -56.35
N ALA K 185 -27.27 -10.22 -57.61
CA ALA K 185 -26.42 -10.68 -58.69
C ALA K 185 -25.08 -9.94 -58.71
N ASP K 186 -25.08 -8.65 -58.40
CA ASP K 186 -23.78 -7.98 -58.40
C ASP K 186 -22.90 -8.49 -57.26
N ARG K 187 -23.50 -8.75 -56.10
CA ARG K 187 -22.72 -9.28 -54.99
C ARG K 187 -22.17 -10.67 -55.29
N LEU K 188 -22.93 -11.51 -55.99
CA LEU K 188 -22.39 -12.83 -56.27
C LEU K 188 -21.57 -12.85 -57.55
N ASN K 189 -21.51 -11.73 -58.26
CA ASN K 189 -20.91 -11.65 -59.59
C ASN K 189 -21.52 -12.69 -60.52
N VAL K 190 -22.84 -12.72 -60.55
CA VAL K 190 -23.57 -13.68 -61.32
C VAL K 190 -24.58 -12.91 -62.18
N ASP K 191 -25.31 -13.63 -63.05
CA ASP K 191 -26.34 -13.07 -63.94
C ASP K 191 -27.68 -12.90 -63.23
N PHE K 192 -28.49 -12.01 -63.75
CA PHE K 192 -29.87 -11.88 -63.32
C PHE K 192 -30.84 -11.94 -64.48
N ALA K 193 -32.08 -12.28 -64.16
CA ALA K 193 -33.19 -12.24 -65.12
C ALA K 193 -34.43 -11.85 -64.36
N LEU K 194 -35.45 -11.41 -65.09
CA LEU K 194 -36.69 -10.99 -64.43
C LEU K 194 -37.87 -11.54 -65.21
N ILE K 195 -38.88 -11.97 -64.46
CA ILE K 195 -40.12 -12.49 -65.02
C ILE K 195 -41.19 -11.43 -64.80
N HIS K 196 -42.08 -11.27 -65.78
CA HIS K 196 -43.21 -10.36 -65.79
C HIS K 196 -44.48 -10.93 -66.42
N LYS K 197 -45.65 -10.68 -65.82
CA LYS K 197 -46.97 -11.07 -66.42
C LYS K 197 -47.56 -10.00 -67.36
N MET K 208 -47.23 -15.20 -69.22
CA MET K 208 -46.07 -14.75 -68.43
C MET K 208 -44.81 -14.82 -69.32
N VAL K 209 -44.01 -13.75 -69.24
CA VAL K 209 -42.78 -13.50 -70.00
C VAL K 209 -41.52 -13.43 -69.16
N LEU K 210 -40.44 -13.99 -69.69
CA LEU K 210 -39.13 -13.97 -69.06
C LEU K 210 -38.18 -13.15 -69.93
N VAL K 211 -37.49 -12.20 -69.31
CA VAL K 211 -36.40 -11.44 -69.92
C VAL K 211 -35.14 -11.81 -69.16
N GLY K 212 -34.15 -12.14 -69.90
CA GLY K 212 -32.94 -12.69 -69.37
C GLY K 212 -32.86 -14.17 -69.59
N ASP K 213 -31.70 -14.79 -69.49
CA ASP K 213 -31.64 -16.20 -69.75
C ASP K 213 -31.06 -17.06 -68.75
N VAL K 214 -31.86 -18.02 -68.37
CA VAL K 214 -31.60 -18.94 -67.25
C VAL K 214 -31.35 -20.31 -67.80
N LYS K 215 -30.91 -20.39 -69.03
CA LYS K 215 -30.63 -21.64 -69.73
C LYS K 215 -29.64 -22.50 -68.95
N ASP K 216 -29.91 -23.76 -68.83
CA ASP K 216 -28.94 -24.67 -68.25
C ASP K 216 -28.33 -24.25 -66.93
N ARG K 217 -28.99 -23.49 -66.08
CA ARG K 217 -28.42 -23.02 -64.84
C ARG K 217 -29.38 -23.01 -63.70
N VAL K 218 -28.92 -22.97 -62.47
CA VAL K 218 -29.88 -22.93 -61.38
C VAL K 218 -30.38 -21.50 -61.24
N ALA K 219 -31.70 -21.35 -61.19
CA ALA K 219 -32.33 -20.05 -61.05
C ALA K 219 -32.87 -19.87 -59.64
N ILE K 220 -32.51 -18.75 -59.00
CA ILE K 220 -32.95 -18.40 -57.66
C ILE K 220 -33.90 -17.20 -57.77
N LEU K 221 -35.18 -17.45 -57.56
CA LEU K 221 -36.19 -16.40 -57.45
C LEU K 221 -36.06 -15.70 -56.10
N VAL K 222 -35.82 -14.39 -56.11
CA VAL K 222 -35.72 -13.60 -54.87
C VAL K 222 -36.76 -12.49 -54.85
N ASP K 223 -37.45 -12.35 -53.70
CA ASP K 223 -38.49 -11.34 -53.48
C ASP K 223 -38.57 -11.00 -52.00
N ASP K 224 -39.21 -9.92 -51.70
CA ASP K 224 -39.37 -9.58 -50.35
C ASP K 224 -40.24 -10.44 -49.60
N MET K 225 -41.36 -10.87 -50.16
CA MET K 225 -42.25 -11.74 -49.45
C MET K 225 -43.10 -12.57 -50.24
N ALA K 226 -43.61 -13.59 -49.60
CA ALA K 226 -44.46 -14.50 -50.26
C ALA K 226 -45.68 -14.59 -49.51
N ASP K 227 -46.82 -14.33 -50.11
CA ASP K 227 -48.03 -14.45 -49.37
C ASP K 227 -48.71 -15.66 -49.84
N THR K 228 -49.47 -15.58 -50.90
CA THR K 228 -50.20 -16.72 -51.39
C THR K 228 -49.42 -17.60 -52.30
N CYS K 229 -48.26 -17.16 -52.70
CA CYS K 229 -47.31 -17.81 -53.55
C CYS K 229 -47.75 -18.09 -54.90
N GLY K 230 -48.71 -17.41 -55.38
CA GLY K 230 -49.09 -17.69 -56.75
C GLY K 230 -48.05 -17.24 -57.75
N THR K 231 -47.53 -16.03 -57.58
CA THR K 231 -46.48 -15.52 -58.46
C THR K 231 -45.22 -16.39 -58.49
N ILE K 232 -44.64 -16.70 -57.31
CA ILE K 232 -43.41 -17.48 -57.32
C ILE K 232 -43.63 -18.87 -57.92
N CYS K 233 -44.82 -19.43 -57.77
CA CYS K 233 -45.01 -20.75 -58.35
C CYS K 233 -45.18 -20.69 -59.86
N HIS K 234 -45.87 -19.68 -60.37
CA HIS K 234 -45.93 -19.58 -61.82
C HIS K 234 -44.56 -19.27 -62.39
N ALA K 235 -43.81 -18.38 -61.75
CA ALA K 235 -42.44 -18.09 -62.15
C ALA K 235 -41.54 -19.34 -62.12
N ALA K 236 -41.70 -20.21 -61.11
CA ALA K 236 -40.88 -21.43 -61.09
C ALA K 236 -41.20 -22.32 -62.28
N ASP K 237 -42.47 -22.44 -62.63
CA ASP K 237 -42.82 -23.20 -63.84
C ASP K 237 -42.19 -22.55 -65.07
N LYS K 238 -42.32 -21.23 -65.21
CA LYS K 238 -41.76 -20.57 -66.37
C LYS K 238 -40.25 -20.73 -66.43
N LEU K 239 -39.58 -20.68 -65.28
CA LEU K 239 -38.14 -20.92 -65.25
C LEU K 239 -37.80 -22.34 -65.66
N LEU K 240 -38.65 -23.32 -65.30
CA LEU K 240 -38.43 -24.69 -65.75
C LEU K 240 -38.65 -24.83 -67.26
N SER K 241 -39.72 -24.22 -67.77
CA SER K 241 -40.02 -24.24 -69.20
C SER K 241 -38.91 -23.54 -70.01
N ALA K 242 -38.21 -22.62 -69.38
CA ALA K 242 -37.12 -21.92 -70.04
C ALA K 242 -35.81 -22.68 -69.86
N GLY K 243 -35.87 -23.88 -69.26
CA GLY K 243 -34.73 -24.77 -69.14
C GLY K 243 -33.81 -24.54 -67.95
N ALA K 244 -34.32 -23.98 -66.87
CA ALA K 244 -33.51 -23.86 -65.66
C ALA K 244 -33.32 -25.23 -65.03
N THR K 245 -32.10 -25.49 -64.60
CA THR K 245 -31.77 -26.78 -64.02
C THR K 245 -32.68 -27.10 -62.85
N ARG K 246 -32.60 -26.27 -61.81
CA ARG K 246 -33.44 -26.34 -60.62
C ARG K 246 -33.77 -24.92 -60.20
N VAL K 247 -34.96 -24.73 -59.62
CA VAL K 247 -35.42 -23.42 -59.19
C VAL K 247 -35.52 -23.37 -57.68
N TYR K 248 -34.94 -22.31 -57.10
CA TYR K 248 -35.03 -21.98 -55.68
C TYR K 248 -35.85 -20.72 -55.45
N ALA K 249 -36.41 -20.59 -54.24
CA ALA K 249 -37.09 -19.38 -53.84
C ALA K 249 -36.55 -18.83 -52.53
N ILE K 250 -36.09 -17.57 -52.54
CA ILE K 250 -35.59 -16.88 -51.35
C ILE K 250 -36.37 -15.58 -51.17
N LEU K 251 -37.09 -15.52 -50.04
CA LEU K 251 -37.97 -14.45 -49.59
C LEU K 251 -37.61 -14.07 -48.17
N THR K 252 -37.59 -12.77 -47.86
CA THR K 252 -37.36 -12.39 -46.48
C THR K 252 -38.55 -12.70 -45.58
N HIS K 253 -39.74 -12.35 -46.00
CA HIS K 253 -40.95 -12.59 -45.20
C HIS K 253 -41.78 -13.74 -45.72
N GLY K 254 -41.84 -14.81 -44.94
CA GLY K 254 -42.62 -15.96 -45.34
C GLY K 254 -43.98 -15.96 -44.67
N ILE K 255 -44.92 -15.25 -45.29
CA ILE K 255 -46.27 -15.13 -44.73
C ILE K 255 -47.02 -16.45 -44.88
N PHE K 256 -47.03 -17.01 -46.09
CA PHE K 256 -47.62 -18.32 -46.44
C PHE K 256 -49.04 -18.51 -45.93
N SER K 257 -49.93 -17.60 -46.36
CA SER K 257 -51.34 -17.68 -46.01
C SER K 257 -52.13 -18.34 -47.11
N GLY K 258 -53.31 -18.85 -46.77
CA GLY K 258 -54.18 -19.44 -47.75
C GLY K 258 -53.65 -20.72 -48.38
N PRO K 259 -53.62 -20.75 -49.72
CA PRO K 259 -53.21 -21.97 -50.40
C PRO K 259 -51.71 -22.12 -50.51
N ALA K 260 -50.97 -21.18 -49.90
CA ALA K 260 -49.53 -21.10 -50.06
C ALA K 260 -48.83 -22.42 -49.80
N ILE K 261 -49.14 -23.06 -48.67
CA ILE K 261 -48.43 -24.29 -48.35
C ILE K 261 -48.71 -25.37 -49.39
N SER K 262 -49.99 -25.52 -49.78
CA SER K 262 -50.30 -26.51 -50.79
C SER K 262 -49.67 -26.20 -52.14
N ARG K 263 -49.67 -24.93 -52.54
CA ARG K 263 -49.04 -24.60 -53.82
C ARG K 263 -47.56 -24.97 -53.80
N ILE K 264 -46.85 -24.63 -52.72
CA ILE K 264 -45.43 -24.95 -52.63
C ILE K 264 -45.20 -26.45 -52.67
N ASN K 265 -45.97 -27.24 -51.90
CA ASN K 265 -45.78 -28.69 -51.98
C ASN K 265 -45.94 -29.22 -53.42
N ASN K 266 -46.92 -28.69 -54.18
CA ASN K 266 -47.09 -29.10 -55.58
C ASN K 266 -46.08 -28.52 -56.56
N ALA K 267 -45.43 -27.42 -56.26
CA ALA K 267 -44.49 -26.81 -57.20
C ALA K 267 -43.15 -27.54 -57.19
N CYS K 268 -42.30 -27.15 -58.15
CA CYS K 268 -41.04 -27.83 -58.41
C CYS K 268 -39.85 -27.26 -57.67
N PHE K 269 -40.05 -26.41 -56.67
CA PHE K 269 -38.95 -25.77 -55.96
C PHE K 269 -38.03 -26.82 -55.34
N GLU K 270 -36.73 -26.63 -55.51
CA GLU K 270 -35.84 -27.51 -54.78
C GLU K 270 -35.93 -27.20 -53.29
N ALA K 271 -36.04 -25.92 -52.95
CA ALA K 271 -36.24 -25.44 -51.60
C ALA K 271 -36.77 -24.02 -51.70
N VAL K 272 -37.63 -23.66 -50.75
CA VAL K 272 -38.10 -22.29 -50.59
C VAL K 272 -37.56 -21.83 -49.24
N VAL K 273 -36.71 -20.79 -49.29
CA VAL K 273 -36.00 -20.26 -48.12
C VAL K 273 -36.56 -18.90 -47.70
N VAL K 274 -36.90 -18.79 -46.41
CA VAL K 274 -37.40 -17.55 -45.82
C VAL K 274 -36.61 -17.29 -44.56
N THR K 275 -36.65 -16.06 -44.05
CA THR K 275 -36.04 -15.84 -42.75
C THR K 275 -37.07 -16.03 -41.62
N ASN K 276 -36.62 -15.91 -40.36
CA ASN K 276 -37.47 -16.12 -39.17
C ASN K 276 -38.31 -14.91 -38.75
N THR K 277 -38.51 -13.89 -39.59
CA THR K 277 -39.22 -12.70 -39.12
C THR K 277 -40.63 -13.11 -38.75
N ILE K 278 -41.13 -14.18 -39.35
CA ILE K 278 -42.43 -14.74 -38.98
C ILE K 278 -42.20 -16.19 -38.59
N PRO K 279 -42.90 -16.71 -37.58
CA PRO K 279 -42.74 -18.11 -37.18
C PRO K 279 -43.08 -19.10 -38.28
N GLN K 280 -42.22 -20.12 -38.44
CA GLN K 280 -42.38 -21.08 -39.51
C GLN K 280 -42.57 -22.52 -39.05
N GLU K 281 -42.28 -22.84 -37.78
CA GLU K 281 -42.33 -24.22 -37.27
C GLU K 281 -43.62 -24.97 -37.64
N ASP K 282 -44.77 -24.32 -37.43
CA ASP K 282 -46.05 -24.92 -37.80
C ASP K 282 -46.10 -25.20 -39.30
N LYS K 283 -45.58 -24.30 -40.13
CA LYS K 283 -45.72 -24.50 -41.56
C LYS K 283 -44.67 -25.48 -42.05
N MET K 284 -43.54 -25.56 -41.37
CA MET K 284 -42.54 -26.56 -41.70
C MET K 284 -43.06 -27.95 -41.40
N LYS K 285 -44.02 -28.11 -40.47
CA LYS K 285 -44.54 -29.46 -40.24
C LYS K 285 -45.29 -29.97 -41.45
N HIS K 286 -45.96 -29.10 -42.21
CA HIS K 286 -46.70 -29.54 -43.38
C HIS K 286 -46.01 -29.24 -44.69
N CYS K 287 -44.84 -28.59 -44.68
CA CYS K 287 -44.07 -28.28 -45.91
C CYS K 287 -42.59 -28.47 -45.66
N SER K 288 -41.99 -29.44 -46.33
CA SER K 288 -40.59 -29.71 -46.01
C SER K 288 -39.61 -28.97 -46.90
N LYS K 289 -40.08 -28.32 -47.97
CA LYS K 289 -39.16 -27.49 -48.75
C LYS K 289 -38.85 -26.13 -48.10
N ILE K 290 -39.53 -25.78 -47.00
CA ILE K 290 -39.22 -24.55 -46.30
C ILE K 290 -37.94 -24.70 -45.51
N GLN K 291 -37.03 -23.74 -45.72
CA GLN K 291 -35.81 -23.60 -44.94
C GLN K 291 -35.85 -22.22 -44.30
N VAL K 292 -35.36 -22.08 -43.06
CA VAL K 292 -35.37 -20.77 -42.41
C VAL K 292 -33.95 -20.26 -42.17
N ILE K 293 -33.70 -18.99 -42.49
CA ILE K 293 -32.51 -18.26 -42.07
C ILE K 293 -32.82 -17.48 -40.78
N ASP K 294 -32.04 -17.73 -39.74
CA ASP K 294 -32.14 -16.97 -38.51
C ASP K 294 -31.54 -15.58 -38.68
N ILE K 295 -32.31 -14.54 -38.39
CA ILE K 295 -31.87 -13.15 -38.48
C ILE K 295 -31.83 -12.50 -37.10
N SER K 296 -31.94 -13.28 -36.03
CA SER K 296 -31.88 -12.71 -34.68
C SER K 296 -30.58 -11.95 -34.48
N MET K 297 -29.52 -12.27 -35.17
CA MET K 297 -28.34 -11.51 -34.91
C MET K 297 -28.44 -10.18 -35.51
N ILE K 298 -28.93 -10.10 -36.73
CA ILE K 298 -29.14 -8.77 -37.31
C ILE K 298 -29.99 -7.86 -36.42
N LEU K 299 -31.09 -8.40 -35.87
CA LEU K 299 -31.96 -7.55 -35.05
C LEU K 299 -31.29 -7.21 -33.72
N ALA K 300 -30.71 -8.21 -33.03
CA ALA K 300 -30.00 -7.91 -31.78
C ALA K 300 -28.94 -6.85 -31.98
N GLU K 301 -28.22 -6.89 -33.10
CA GLU K 301 -27.20 -5.87 -33.29
C GLU K 301 -27.81 -4.50 -33.54
N ALA K 302 -28.95 -4.43 -34.26
CA ALA K 302 -29.64 -3.12 -34.37
C ALA K 302 -30.18 -2.61 -33.04
N ILE K 303 -30.58 -3.51 -32.14
CA ILE K 303 -31.09 -3.09 -30.84
C ILE K 303 -29.92 -2.57 -30.01
N ARG K 304 -28.77 -3.25 -30.06
CA ARG K 304 -27.54 -2.73 -29.47
C ARG K 304 -27.32 -1.32 -29.96
N ARG K 305 -27.04 -1.17 -31.25
CA ARG K 305 -26.65 0.14 -31.76
C ARG K 305 -27.64 1.22 -31.36
N THR K 306 -28.92 0.87 -31.33
CA THR K 306 -29.96 1.78 -30.83
C THR K 306 -29.75 2.17 -29.39
N HIS K 307 -29.37 1.20 -28.56
CA HIS K 307 -29.21 1.44 -27.12
C HIS K 307 -28.03 2.36 -26.87
N ASN K 308 -26.96 2.20 -27.64
CA ASN K 308 -25.74 2.98 -27.49
C ASN K 308 -25.00 2.70 -26.19
N GLY K 309 -24.88 1.42 -25.82
CA GLY K 309 -24.17 1.09 -24.60
C GLY K 309 -22.67 0.95 -24.75
N GLU K 310 -22.20 0.60 -25.95
CA GLU K 310 -20.77 0.36 -26.18
C GLU K 310 -20.03 1.66 -26.50
N SER K 311 -20.31 2.26 -27.65
CA SER K 311 -19.41 3.29 -28.16
C SER K 311 -20.12 4.11 -29.22
N VAL K 312 -19.98 5.43 -29.14
CA VAL K 312 -20.68 6.31 -30.07
C VAL K 312 -20.37 5.93 -31.51
N SER K 313 -19.20 5.33 -31.74
CA SER K 313 -18.72 5.04 -33.08
C SER K 313 -18.90 3.58 -33.46
N TYR K 314 -19.67 2.81 -32.66
CA TYR K 314 -20.11 1.46 -33.04
C TYR K 314 -20.52 1.43 -34.52
N LEU K 315 -20.16 0.35 -35.23
CA LEU K 315 -20.48 0.23 -36.65
C LEU K 315 -21.33 -1.02 -36.88
N PHE K 316 -22.57 -0.82 -37.35
CA PHE K 316 -23.47 -1.93 -37.57
C PHE K 316 -22.93 -2.87 -38.64
N SER K 317 -22.27 -2.32 -39.65
CA SER K 317 -21.80 -3.11 -40.77
C SER K 317 -20.54 -3.93 -40.46
N HIS K 318 -19.84 -3.65 -39.36
CA HIS K 318 -18.57 -4.33 -39.04
C HIS K 318 -18.78 -5.67 -38.36
N VAL K 319 -19.78 -5.78 -37.51
CA VAL K 319 -19.98 -6.98 -36.68
C VAL K 319 -20.42 -8.16 -37.55
N PRO K 320 -19.59 -9.21 -37.63
CA PRO K 320 -19.86 -10.32 -38.54
C PRO K 320 -21.03 -11.17 -38.07
N LEU K 321 -21.62 -11.88 -39.03
CA LEU K 321 -22.79 -12.72 -38.77
C LEU K 321 -22.46 -14.18 -39.03
N SER L 1 -66.62 28.20 -61.78
CA SER L 1 -65.40 28.43 -60.98
C SER L 1 -65.23 29.88 -60.45
N PRO L 2 -66.10 30.36 -59.55
CA PRO L 2 -65.98 31.74 -59.03
C PRO L 2 -65.18 31.88 -57.73
N ASN L 3 -64.84 30.77 -57.09
CA ASN L 3 -64.27 30.74 -55.76
C ASN L 3 -62.79 30.35 -55.86
N ILE L 4 -62.29 30.10 -57.10
CA ILE L 4 -60.91 29.72 -57.46
C ILE L 4 -60.00 30.85 -57.95
N LYS L 5 -58.76 30.85 -57.47
CA LYS L 5 -57.76 31.79 -57.93
C LYS L 5 -56.43 31.06 -58.16
N ILE L 6 -55.74 31.40 -59.24
CA ILE L 6 -54.47 30.79 -59.58
C ILE L 6 -53.37 31.82 -59.38
N PHE L 7 -52.31 31.43 -58.68
CA PHE L 7 -51.11 32.26 -58.59
C PHE L 7 -49.90 31.49 -59.12
N SER L 8 -48.92 32.21 -59.65
CA SER L 8 -47.72 31.56 -60.16
C SER L 8 -46.46 31.95 -59.38
N GLY L 9 -45.54 31.01 -59.31
CA GLY L 9 -44.24 31.27 -58.75
C GLY L 9 -43.35 31.91 -59.79
N SER L 10 -42.09 32.01 -59.51
CA SER L 10 -41.19 32.48 -60.50
C SER L 10 -40.65 31.39 -61.37
N SER L 11 -40.85 30.16 -60.99
CA SER L 11 -40.30 29.05 -61.69
C SER L 11 -40.76 28.79 -63.02
N HIS L 12 -42.03 28.75 -63.28
CA HIS L 12 -42.49 28.36 -64.57
C HIS L 12 -43.71 29.07 -64.75
N GLN L 13 -43.60 30.17 -65.43
CA GLN L 13 -44.69 31.02 -65.65
C GLN L 13 -45.48 30.67 -66.84
N ASP L 14 -45.12 29.67 -67.60
CA ASP L 14 -45.84 29.31 -68.75
C ASP L 14 -46.77 28.38 -68.23
N LEU L 15 -46.27 27.26 -67.92
CA LEU L 15 -47.28 26.34 -67.44
C LEU L 15 -48.33 27.05 -66.59
N SER L 16 -47.90 27.93 -65.69
CA SER L 16 -48.92 28.63 -64.89
C SER L 16 -49.92 29.36 -65.79
N GLN L 17 -49.45 29.96 -66.89
CA GLN L 17 -50.33 30.61 -67.85
C GLN L 17 -51.19 29.59 -68.61
N LYS L 18 -50.58 28.49 -69.07
CA LYS L 18 -51.32 27.45 -69.78
C LYS L 18 -52.45 26.89 -68.95
N ILE L 19 -52.18 26.61 -67.66
CA ILE L 19 -53.18 26.11 -66.73
C ILE L 19 -54.29 27.14 -66.55
N ALA L 20 -53.93 28.39 -66.28
CA ALA L 20 -54.96 29.42 -66.12
C ALA L 20 -55.81 29.58 -67.39
N ASP L 21 -55.21 29.47 -68.58
CA ASP L 21 -55.96 29.49 -69.84
C ASP L 21 -56.98 28.37 -69.88
N ARG L 22 -56.54 27.14 -69.60
CA ARG L 22 -57.42 25.97 -69.67
C ARG L 22 -58.58 26.03 -68.68
N LEU L 23 -58.48 26.86 -67.65
CA LEU L 23 -59.55 26.96 -66.67
C LEU L 23 -60.35 28.23 -66.88
N GLY L 24 -60.04 29.01 -67.90
CA GLY L 24 -60.80 30.21 -68.15
C GLY L 24 -60.54 31.29 -67.15
N LEU L 25 -59.30 31.36 -66.64
CA LEU L 25 -58.93 32.28 -65.58
C LEU L 25 -57.74 33.09 -66.02
N GLU L 26 -57.61 34.29 -65.49
CA GLU L 26 -56.37 35.04 -65.60
C GLU L 26 -55.57 34.75 -64.34
N LEU L 27 -54.24 34.72 -64.47
CA LEU L 27 -53.43 34.57 -63.27
C LEU L 27 -53.63 35.67 -62.23
N GLY L 28 -53.73 35.26 -60.97
CA GLY L 28 -53.78 36.22 -59.88
C GLY L 28 -52.53 37.06 -59.87
N LYS L 29 -52.68 38.33 -59.51
CA LYS L 29 -51.55 39.25 -59.45
C LYS L 29 -50.74 39.13 -58.18
N VAL L 30 -49.43 38.91 -58.34
CA VAL L 30 -48.48 38.74 -57.24
C VAL L 30 -47.13 39.26 -57.69
N VAL L 31 -46.44 39.96 -56.77
CA VAL L 31 -45.05 40.42 -56.96
C VAL L 31 -44.12 39.47 -56.23
N THR L 32 -43.33 38.74 -57.01
CA THR L 32 -42.37 37.76 -56.50
C THR L 32 -40.92 38.05 -56.85
N LYS L 33 -40.17 38.57 -55.89
CA LYS L 33 -38.77 38.92 -56.16
C LYS L 33 -37.82 38.44 -55.06
N LYS L 34 -36.57 38.87 -55.15
CA LYS L 34 -35.61 38.70 -54.09
C LYS L 34 -35.09 40.08 -53.72
N PHE L 35 -34.96 40.35 -52.44
CA PHE L 35 -34.30 41.57 -52.02
C PHE L 35 -32.83 41.56 -52.38
N SER L 36 -32.24 42.74 -52.17
CA SER L 36 -30.83 42.92 -52.44
C SER L 36 -30.02 41.88 -51.69
N ASN L 37 -30.39 41.62 -50.45
CA ASN L 37 -29.67 40.71 -49.58
C ASN L 37 -30.05 39.23 -49.71
N GLN L 38 -30.79 38.83 -50.75
CA GLN L 38 -31.15 37.44 -51.14
C GLN L 38 -32.38 36.90 -50.43
N GLU L 39 -32.97 37.63 -49.50
CA GLU L 39 -34.18 37.17 -48.85
C GLU L 39 -35.35 37.17 -49.84
N THR L 40 -36.14 36.09 -49.87
CA THR L 40 -37.28 36.04 -50.80
C THR L 40 -38.39 36.98 -50.37
N CYS L 41 -38.79 37.87 -51.27
CA CYS L 41 -39.90 38.79 -51.04
C CYS L 41 -41.12 38.31 -51.81
N VAL L 42 -42.26 38.19 -51.12
CA VAL L 42 -43.54 37.85 -51.73
C VAL L 42 -44.59 38.84 -51.26
N GLU L 43 -45.40 39.34 -52.20
CA GLU L 43 -46.54 40.21 -51.87
C GLU L 43 -47.74 39.80 -52.73
N ILE L 44 -48.78 39.34 -52.05
CA ILE L 44 -50.06 38.93 -52.62
C ILE L 44 -50.83 40.18 -53.03
N GLY L 45 -51.04 40.35 -54.32
CA GLY L 45 -51.62 41.52 -54.97
C GLY L 45 -53.13 41.60 -54.96
N GLU L 46 -53.85 40.64 -54.38
CA GLU L 46 -55.30 40.67 -54.37
C GLU L 46 -55.81 39.99 -53.11
N SER L 47 -57.08 40.26 -52.78
CA SER L 47 -57.68 39.57 -51.65
C SER L 47 -57.83 38.09 -51.99
N VAL L 48 -57.44 37.22 -51.05
CA VAL L 48 -57.64 35.79 -51.22
C VAL L 48 -58.58 35.27 -50.14
N ARG L 49 -59.16 36.16 -49.36
CA ARG L 49 -60.06 35.81 -48.27
C ARG L 49 -61.22 34.96 -48.75
N GLY L 50 -61.31 33.75 -48.24
CA GLY L 50 -62.40 32.84 -48.56
C GLY L 50 -62.32 32.17 -49.90
N GLU L 51 -61.20 32.28 -50.58
CA GLU L 51 -61.05 31.70 -51.90
C GLU L 51 -60.23 30.42 -51.91
N ASP L 52 -60.49 29.62 -52.93
CA ASP L 52 -59.75 28.39 -53.18
C ASP L 52 -58.54 28.70 -54.08
N VAL L 53 -57.35 28.82 -53.46
CA VAL L 53 -56.14 29.31 -54.13
C VAL L 53 -55.27 28.12 -54.51
N TYR L 54 -54.74 28.15 -55.72
CA TYR L 54 -53.82 27.14 -56.20
C TYR L 54 -52.55 27.89 -56.57
N ILE L 55 -51.45 27.53 -55.93
CA ILE L 55 -50.17 28.15 -56.24
C ILE L 55 -49.36 27.13 -57.03
N VAL L 56 -49.02 27.51 -58.25
CA VAL L 56 -48.22 26.68 -59.14
C VAL L 56 -46.76 27.06 -59.02
N GLN L 57 -45.94 26.12 -58.58
CA GLN L 57 -44.52 26.38 -58.46
C GLN L 57 -43.85 25.04 -58.70
N SER L 58 -42.81 25.06 -59.51
CA SER L 58 -42.09 23.86 -59.91
C SER L 58 -40.86 23.69 -59.02
N GLY L 59 -40.19 22.57 -59.20
CA GLY L 59 -39.00 22.34 -58.42
C GLY L 59 -37.76 22.22 -59.27
N CYS L 60 -37.75 23.15 -60.23
CA CYS L 60 -36.79 23.40 -61.28
C CYS L 60 -36.03 24.68 -60.84
N GLY L 61 -35.13 25.19 -61.70
CA GLY L 61 -34.68 26.57 -61.42
C GLY L 61 -33.85 26.57 -60.16
N GLU L 62 -33.64 27.76 -59.56
CA GLU L 62 -32.86 27.76 -58.32
C GLU L 62 -33.86 27.17 -57.32
N ILE L 63 -33.77 25.87 -57.05
CA ILE L 63 -34.81 25.19 -56.29
C ILE L 63 -34.97 25.78 -54.89
N ASN L 64 -33.90 26.10 -54.19
CA ASN L 64 -34.11 26.61 -52.83
C ASN L 64 -34.80 27.98 -52.78
N ASP L 65 -34.48 28.90 -53.70
CA ASP L 65 -35.25 30.15 -53.79
C ASP L 65 -36.70 29.90 -54.13
N ASN L 66 -36.95 29.04 -55.12
CA ASN L 66 -38.31 28.69 -55.53
C ASN L 66 -39.09 27.98 -54.44
N LEU L 67 -38.46 27.04 -53.75
CA LEU L 67 -39.11 26.37 -52.65
C LEU L 67 -39.49 27.37 -51.57
N MET L 68 -38.54 28.22 -51.16
CA MET L 68 -38.86 29.23 -50.16
C MET L 68 -39.97 30.19 -50.58
N GLU L 69 -39.94 30.70 -51.81
CA GLU L 69 -41.05 31.56 -52.25
C GLU L 69 -42.38 30.83 -52.19
N LEU L 70 -42.41 29.57 -52.63
CA LEU L 70 -43.63 28.78 -52.54
C LEU L 70 -44.13 28.72 -51.11
N LEU L 71 -43.22 28.43 -50.17
CA LEU L 71 -43.65 28.27 -48.77
C LEU L 71 -44.17 29.58 -48.20
N ILE L 72 -43.55 30.71 -48.58
CA ILE L 72 -44.02 32.00 -48.09
C ILE L 72 -45.37 32.32 -48.68
N MET L 73 -45.59 32.02 -49.97
CA MET L 73 -46.89 32.24 -50.60
C MET L 73 -48.00 31.42 -49.96
N ILE L 74 -47.78 30.12 -49.77
CA ILE L 74 -48.75 29.29 -49.07
C ILE L 74 -49.12 29.86 -47.71
N ASN L 75 -48.11 30.17 -46.90
CA ASN L 75 -48.33 30.70 -45.55
C ASN L 75 -49.08 32.03 -45.59
N ALA L 76 -48.64 32.94 -46.46
CA ALA L 76 -49.30 34.23 -46.60
C ALA L 76 -50.77 34.07 -46.95
N CYS L 77 -51.10 33.14 -47.85
CA CYS L 77 -52.50 32.89 -48.20
C CYS L 77 -53.26 32.35 -46.99
N LYS L 78 -52.63 31.50 -46.23
CA LYS L 78 -53.32 30.96 -45.05
C LYS L 78 -53.62 32.01 -44.01
N ILE L 79 -52.65 32.88 -43.66
CA ILE L 79 -52.99 33.89 -42.64
C ILE L 79 -53.87 34.99 -43.22
N ALA L 80 -54.05 35.02 -44.54
CA ALA L 80 -55.01 35.93 -45.14
C ALA L 80 -56.37 35.29 -45.32
N SER L 81 -56.62 34.17 -44.63
CA SER L 81 -57.92 33.55 -44.53
C SER L 81 -58.39 33.02 -45.87
N ALA L 82 -57.45 32.59 -46.72
CA ALA L 82 -57.82 31.84 -47.91
C ALA L 82 -58.61 30.61 -47.47
N SER L 83 -59.61 30.22 -48.27
CA SER L 83 -60.42 29.07 -47.92
C SER L 83 -59.59 27.79 -47.94
N ARG L 84 -58.74 27.65 -48.95
CA ARG L 84 -57.93 26.47 -49.12
C ARG L 84 -56.72 26.89 -49.94
N VAL L 85 -55.56 26.33 -49.61
CA VAL L 85 -54.35 26.58 -50.36
C VAL L 85 -53.82 25.25 -50.82
N THR L 86 -53.71 25.11 -52.13
CA THR L 86 -53.21 23.91 -52.78
C THR L 86 -51.88 24.29 -53.44
N ALA L 87 -50.88 23.46 -53.20
CA ALA L 87 -49.60 23.62 -53.85
C ALA L 87 -49.61 22.76 -55.09
N VAL L 88 -49.43 23.38 -56.24
CA VAL L 88 -49.36 22.66 -57.50
C VAL L 88 -47.89 22.61 -57.84
N ILE L 89 -47.27 21.44 -57.68
CA ILE L 89 -45.82 21.32 -57.80
C ILE L 89 -45.53 20.26 -58.85
N PRO L 90 -45.50 20.65 -60.13
CA PRO L 90 -45.33 19.66 -61.21
C PRO L 90 -44.16 18.72 -61.01
N CYS L 91 -42.98 19.24 -60.71
CA CYS L 91 -41.81 18.42 -60.41
C CYS L 91 -41.47 18.61 -58.93
N PHE L 92 -41.72 17.58 -58.12
CA PHE L 92 -41.49 17.68 -56.68
C PHE L 92 -39.99 17.72 -56.38
N PRO L 93 -39.49 18.80 -55.79
CA PRO L 93 -38.05 18.91 -55.49
C PRO L 93 -37.62 17.92 -54.42
N TYR L 94 -36.44 17.40 -54.54
CA TYR L 94 -35.88 16.53 -53.54
C TYR L 94 -36.47 15.17 -53.46
N ALA L 95 -37.13 14.72 -54.50
CA ALA L 95 -37.69 13.40 -54.50
C ALA L 95 -36.70 12.29 -54.49
N ARG L 96 -35.63 12.48 -55.22
CA ARG L 96 -34.57 11.49 -55.40
C ARG L 96 -33.50 11.40 -54.38
N GLN L 97 -33.23 10.19 -53.94
CA GLN L 97 -32.21 9.92 -52.94
C GLN L 97 -31.08 9.26 -53.66
N ASP L 98 -29.92 9.88 -53.66
CA ASP L 98 -28.77 9.35 -54.39
C ASP L 98 -27.91 8.42 -53.62
N LYS L 99 -28.05 8.37 -52.31
CA LYS L 99 -27.08 7.51 -51.59
C LYS L 99 -27.78 6.51 -50.66
N LYS L 100 -28.91 5.95 -51.09
CA LYS L 100 -29.62 4.91 -50.29
C LYS L 100 -28.67 3.71 -50.16
N ASP L 101 -27.57 3.75 -50.94
CA ASP L 101 -26.49 2.75 -50.97
C ASP L 101 -25.58 3.00 -49.77
N LYS L 102 -25.89 2.11 -48.83
CA LYS L 102 -25.43 1.67 -47.51
C LYS L 102 -25.73 0.18 -47.56
N VAL L 103 -24.98 -0.62 -46.86
CA VAL L 103 -25.38 -2.01 -46.99
C VAL L 103 -25.68 -2.47 -45.58
N GLY L 104 -26.66 -3.34 -45.53
CA GLY L 104 -27.15 -3.86 -44.30
C GLY L 104 -28.38 -3.15 -43.89
N GLU L 105 -28.65 -1.95 -44.40
CA GLU L 105 -29.82 -1.17 -44.13
C GLU L 105 -29.98 -0.06 -45.11
N SER L 106 -31.09 0.64 -45.05
CA SER L 106 -31.33 1.72 -45.95
C SER L 106 -31.39 3.02 -45.27
N ARG L 107 -31.03 4.02 -46.04
CA ARG L 107 -31.10 5.42 -45.66
C ARG L 107 -32.53 5.93 -45.60
N ALA L 108 -32.71 7.09 -44.98
CA ALA L 108 -34.10 7.45 -44.85
C ALA L 108 -34.33 8.55 -45.84
N PRO L 109 -35.56 8.76 -46.28
CA PRO L 109 -35.85 9.91 -47.15
C PRO L 109 -35.96 11.20 -46.33
N ILE L 110 -34.87 11.56 -45.66
CA ILE L 110 -34.75 12.90 -45.08
C ILE L 110 -35.11 14.09 -45.96
N SER L 111 -34.39 14.42 -47.03
CA SER L 111 -34.77 15.68 -47.66
C SER L 111 -36.19 15.70 -48.25
N ALA L 112 -36.71 14.56 -48.74
CA ALA L 112 -38.07 14.59 -49.27
C ALA L 112 -39.15 14.72 -48.20
N LYS L 113 -38.92 14.12 -47.04
CA LYS L 113 -39.84 14.30 -45.94
C LYS L 113 -39.72 15.73 -45.40
N LEU L 114 -38.50 16.26 -45.30
CA LEU L 114 -38.35 17.68 -44.94
C LEU L 114 -39.16 18.60 -45.83
N VAL L 115 -39.06 18.43 -47.15
CA VAL L 115 -39.86 19.27 -48.02
C VAL L 115 -41.34 19.11 -47.71
N ALA L 116 -41.80 17.86 -47.55
CA ALA L 116 -43.21 17.62 -47.16
C ALA L 116 -43.60 18.30 -45.85
N ASN L 117 -42.74 18.19 -44.84
CA ASN L 117 -42.97 18.78 -43.53
C ASN L 117 -42.98 20.30 -43.61
N MET L 118 -42.14 20.87 -44.46
CA MET L 118 -42.12 22.30 -44.63
C MET L 118 -43.40 22.78 -45.31
N LEU L 119 -43.86 22.03 -46.33
CA LEU L 119 -45.14 22.32 -47.00
C LEU L 119 -46.30 22.24 -46.03
N SER L 120 -46.30 21.25 -45.15
CA SER L 120 -47.38 21.10 -44.19
C SER L 120 -47.43 22.27 -43.21
N VAL L 121 -46.27 22.62 -42.62
CA VAL L 121 -46.22 23.75 -41.67
C VAL L 121 -46.45 25.08 -42.31
N ALA L 122 -46.13 25.22 -43.61
CA ALA L 122 -46.47 26.46 -44.30
C ALA L 122 -47.97 26.66 -44.35
N GLY L 123 -48.74 25.58 -44.39
CA GLY L 123 -50.18 25.64 -44.31
C GLY L 123 -50.87 25.09 -45.54
N ALA L 124 -50.14 24.35 -46.36
CA ALA L 124 -50.74 23.69 -47.51
C ALA L 124 -51.78 22.66 -47.08
N ASP L 125 -52.92 22.71 -47.74
CA ASP L 125 -54.02 21.79 -47.46
C ASP L 125 -54.07 20.66 -48.45
N HIS L 126 -53.34 20.75 -49.56
CA HIS L 126 -53.48 19.78 -50.64
C HIS L 126 -52.29 19.99 -51.57
N ILE L 127 -51.75 18.89 -52.10
CA ILE L 127 -50.65 18.89 -53.08
C ILE L 127 -51.11 18.24 -54.37
N ILE L 128 -50.87 18.90 -55.49
CA ILE L 128 -50.98 18.28 -56.81
C ILE L 128 -49.61 18.21 -57.44
N THR L 129 -49.18 17.01 -57.85
CA THR L 129 -47.85 16.84 -58.43
C THR L 129 -47.92 15.81 -59.56
N MET L 130 -46.84 15.68 -60.32
CA MET L 130 -46.84 14.69 -61.38
C MET L 130 -45.63 13.76 -61.35
N ASP L 131 -45.92 12.45 -61.48
CA ASP L 131 -44.94 11.35 -61.49
C ASP L 131 -43.83 11.54 -60.46
N LEU L 132 -44.25 11.54 -59.19
CA LEU L 132 -43.32 11.47 -58.09
C LEU L 132 -42.29 10.38 -58.34
N HIS L 133 -41.02 10.69 -58.07
CA HIS L 133 -39.95 9.70 -58.25
C HIS L 133 -40.35 8.40 -57.52
N ALA L 134 -40.85 8.52 -56.28
CA ALA L 134 -41.46 7.36 -55.62
C ALA L 134 -42.84 7.77 -55.12
N SER L 135 -43.85 6.98 -55.49
CA SER L 135 -45.23 7.24 -55.11
C SER L 135 -45.46 7.26 -53.61
N GLN L 136 -44.61 6.60 -52.85
CA GLN L 136 -44.76 6.62 -51.40
C GLN L 136 -44.61 8.03 -50.82
N ILE L 137 -44.02 8.96 -51.55
CA ILE L 137 -43.91 10.34 -51.09
C ILE L 137 -45.30 10.90 -50.79
N GLN L 138 -46.33 10.37 -51.45
CA GLN L 138 -47.70 10.72 -51.12
C GLN L 138 -47.98 10.57 -49.62
N GLY L 139 -47.45 9.52 -49.00
CA GLY L 139 -47.60 9.28 -47.58
C GLY L 139 -46.72 10.05 -46.65
N PHE L 140 -45.88 10.94 -47.14
CA PHE L 140 -45.09 11.85 -46.31
C PHE L 140 -45.93 13.01 -45.79
N PHE L 141 -47.16 13.11 -46.28
CA PHE L 141 -48.11 14.12 -45.88
C PHE L 141 -49.25 13.47 -45.11
N ASP L 142 -50.01 14.33 -44.40
CA ASP L 142 -51.31 13.98 -43.82
C ASP L 142 -52.46 14.63 -44.57
N ILE L 143 -52.16 15.64 -45.39
CA ILE L 143 -53.07 16.27 -46.34
C ILE L 143 -53.17 15.38 -47.57
N PRO L 144 -54.25 15.45 -48.36
CA PRO L 144 -54.30 14.66 -49.60
C PRO L 144 -53.23 15.11 -50.58
N VAL L 145 -52.55 14.17 -51.22
CA VAL L 145 -51.62 14.47 -52.32
C VAL L 145 -52.10 13.69 -53.52
N ASP L 146 -52.22 14.37 -54.68
CA ASP L 146 -52.44 13.72 -55.96
C ASP L 146 -51.19 13.61 -56.81
N ASN L 147 -50.76 12.36 -57.04
CA ASN L 147 -49.61 12.04 -57.87
C ASN L 147 -50.12 11.55 -59.22
N LEU L 148 -50.16 12.48 -60.16
CA LEU L 148 -50.63 12.27 -61.51
C LEU L 148 -49.58 11.58 -62.37
N TYR L 149 -50.02 10.88 -63.41
CA TYR L 149 -49.13 10.18 -64.34
C TYR L 149 -49.18 10.85 -65.70
N ALA L 150 -47.99 10.98 -66.29
CA ALA L 150 -47.78 11.46 -67.65
C ALA L 150 -47.97 10.37 -68.69
N GLU L 151 -48.09 9.13 -68.25
CA GLU L 151 -48.18 7.99 -69.16
C GLU L 151 -49.20 8.21 -70.27
N PRO L 152 -50.45 8.59 -70.02
CA PRO L 152 -51.35 8.77 -71.17
C PRO L 152 -50.83 9.76 -72.19
N ALA L 153 -50.21 10.88 -71.79
CA ALA L 153 -49.70 11.79 -72.81
C ALA L 153 -48.49 11.23 -73.57
N VAL L 154 -47.66 10.44 -72.90
CA VAL L 154 -46.53 9.80 -73.57
C VAL L 154 -47.07 8.72 -74.50
N LEU L 155 -48.03 7.95 -74.02
CA LEU L 155 -48.70 6.96 -74.83
C LEU L 155 -49.22 7.58 -76.13
N LYS L 156 -49.86 8.76 -76.05
CA LYS L 156 -50.37 9.38 -77.28
C LYS L 156 -49.24 9.96 -78.13
N TRP L 157 -48.18 10.51 -77.50
CA TRP L 157 -47.03 10.97 -78.29
C TRP L 157 -46.32 9.81 -79.00
N ILE L 158 -46.15 8.70 -78.31
CA ILE L 158 -45.53 7.51 -78.90
C ILE L 158 -46.32 7.06 -80.13
N ARG L 159 -47.63 6.81 -79.97
CA ARG L 159 -48.46 6.41 -81.11
C ARG L 159 -48.43 7.44 -82.25
N GLU L 160 -48.36 8.73 -81.93
CA GLU L 160 -48.47 9.78 -82.94
C GLU L 160 -47.17 10.07 -83.68
N ASN L 161 -46.01 9.80 -83.09
CA ASN L 161 -44.75 10.26 -83.69
C ASN L 161 -43.77 9.17 -84.09
N ILE L 162 -43.90 7.95 -83.59
CA ILE L 162 -43.01 6.84 -83.94
C ILE L 162 -43.80 5.83 -84.75
N SER L 163 -43.43 5.64 -86.03
CA SER L 163 -44.33 4.91 -86.93
C SER L 163 -44.31 3.40 -86.67
N GLU L 164 -43.15 2.83 -86.33
CA GLU L 164 -43.04 1.40 -86.06
C GLU L 164 -43.37 1.04 -84.62
N TRP L 165 -44.16 1.88 -83.94
CA TRP L 165 -44.42 1.70 -82.53
C TRP L 165 -45.11 0.38 -82.19
N ARG L 166 -45.82 -0.24 -83.13
CA ARG L 166 -46.55 -1.46 -82.77
C ARG L 166 -45.62 -2.64 -82.59
N ASN L 167 -44.45 -2.61 -83.22
CA ASN L 167 -43.44 -3.66 -83.12
C ASN L 167 -42.11 -3.16 -82.54
N CYS L 168 -42.15 -2.15 -81.67
CA CYS L 168 -40.94 -1.55 -81.09
C CYS L 168 -40.54 -2.24 -79.76
N THR L 169 -39.70 -1.59 -78.94
CA THR L 169 -39.33 -2.11 -77.62
C THR L 169 -39.15 -0.94 -76.67
N ILE L 170 -39.59 -1.11 -75.43
CA ILE L 170 -39.46 -0.08 -74.40
C ILE L 170 -38.42 -0.51 -73.37
N VAL L 171 -37.31 0.23 -73.30
CA VAL L 171 -36.15 -0.14 -72.50
C VAL L 171 -36.05 0.78 -71.29
N SER L 172 -35.77 0.19 -70.10
CA SER L 172 -35.50 0.93 -68.88
C SER L 172 -34.02 1.11 -68.65
N PRO L 173 -33.58 2.34 -68.40
CA PRO L 173 -32.15 2.59 -68.18
C PRO L 173 -31.57 1.94 -66.93
N ASP L 174 -32.37 1.58 -65.93
CA ASP L 174 -31.83 0.94 -64.73
C ASP L 174 -32.84 -0.05 -64.18
N ALA L 175 -32.41 -0.75 -63.11
CA ALA L 175 -33.27 -1.72 -62.43
C ALA L 175 -34.52 -1.10 -61.83
N GLY L 176 -34.41 0.08 -61.23
CA GLY L 176 -35.55 0.70 -60.58
C GLY L 176 -36.71 1.02 -61.51
N GLY L 177 -36.41 1.37 -62.75
CA GLY L 177 -37.47 1.78 -63.67
C GLY L 177 -38.20 0.65 -64.36
N ALA L 178 -38.04 -0.58 -63.86
CA ALA L 178 -38.71 -1.73 -64.47
C ALA L 178 -40.22 -1.53 -64.56
N LYS L 179 -40.86 -1.16 -63.44
CA LYS L 179 -42.32 -1.10 -63.43
C LYS L 179 -42.88 -0.04 -64.35
N ARG L 180 -42.22 1.11 -64.48
CA ARG L 180 -42.72 2.09 -65.43
C ARG L 180 -42.69 1.59 -66.87
N VAL L 181 -41.62 0.88 -67.29
CA VAL L 181 -41.60 0.54 -68.71
C VAL L 181 -42.52 -0.63 -69.01
N THR L 182 -42.63 -1.60 -68.11
CA THR L 182 -43.59 -2.65 -68.37
C THR L 182 -45.01 -2.10 -68.39
N SER L 183 -45.33 -1.09 -67.57
CA SER L 183 -46.67 -0.50 -67.67
C SER L 183 -46.90 0.06 -69.06
N ILE L 184 -45.93 0.77 -69.62
CA ILE L 184 -46.18 1.32 -70.95
C ILE L 184 -46.18 0.20 -71.97
N ALA L 185 -45.28 -0.77 -71.82
CA ALA L 185 -45.30 -1.89 -72.75
C ALA L 185 -46.61 -2.67 -72.69
N ASP L 186 -47.21 -2.83 -71.49
CA ASP L 186 -48.49 -3.55 -71.45
C ASP L 186 -49.59 -2.76 -72.13
N ARG L 187 -49.59 -1.44 -71.97
CA ARG L 187 -50.58 -0.61 -72.62
C ARG L 187 -50.44 -0.68 -74.13
N LEU L 188 -49.21 -0.72 -74.64
CA LEU L 188 -48.99 -0.79 -76.08
C LEU L 188 -48.97 -2.21 -76.67
N ASN L 189 -49.04 -3.25 -75.83
CA ASN L 189 -48.85 -4.62 -76.30
C ASN L 189 -47.52 -4.76 -77.05
N VAL L 190 -46.44 -4.29 -76.42
CA VAL L 190 -45.13 -4.32 -77.06
C VAL L 190 -44.14 -5.01 -76.11
N ASP L 191 -42.91 -5.21 -76.58
CA ASP L 191 -41.85 -5.85 -75.82
C ASP L 191 -41.16 -4.87 -74.88
N PHE L 192 -40.55 -5.37 -73.81
CA PHE L 192 -39.69 -4.54 -72.97
C PHE L 192 -38.31 -5.13 -72.74
N ALA L 193 -37.37 -4.26 -72.42
CA ALA L 193 -36.04 -4.70 -72.03
C ALA L 193 -35.49 -3.74 -70.98
N LEU L 194 -34.53 -4.22 -70.22
CA LEU L 194 -33.93 -3.27 -69.26
C LEU L 194 -32.41 -3.36 -69.26
N ILE L 195 -31.75 -2.23 -69.07
CA ILE L 195 -30.31 -2.13 -69.01
C ILE L 195 -29.87 -1.92 -67.57
N HIS L 196 -28.75 -2.56 -67.20
CA HIS L 196 -28.14 -2.44 -65.89
C HIS L 196 -26.61 -2.41 -65.90
N LYS L 197 -26.00 -1.53 -65.11
CA LYS L 197 -24.54 -1.59 -64.98
C LYS L 197 -24.19 -2.50 -63.80
N MET L 208 -21.63 -2.40 -68.62
CA MET L 208 -23.10 -2.44 -68.64
C MET L 208 -23.67 -3.57 -69.57
N VAL L 209 -24.69 -4.27 -69.04
CA VAL L 209 -25.42 -5.39 -69.62
C VAL L 209 -26.89 -5.09 -69.87
N LEU L 210 -27.42 -5.63 -70.97
CA LEU L 210 -28.81 -5.53 -71.42
C LEU L 210 -29.53 -6.88 -71.41
N VAL L 211 -30.71 -6.94 -70.79
CA VAL L 211 -31.58 -8.11 -70.87
C VAL L 211 -32.88 -7.76 -71.59
N GLY L 212 -33.23 -8.56 -72.62
CA GLY L 212 -34.38 -8.39 -73.49
C GLY L 212 -33.94 -8.13 -74.94
N ASP L 213 -34.84 -8.32 -75.90
CA ASP L 213 -34.48 -8.20 -77.32
C ASP L 213 -34.79 -6.81 -77.86
N VAL L 214 -33.78 -6.14 -78.42
CA VAL L 214 -33.99 -4.83 -79.04
C VAL L 214 -33.50 -4.79 -80.47
N LYS L 215 -32.81 -5.83 -80.94
CA LYS L 215 -32.23 -5.88 -82.28
C LYS L 215 -33.27 -5.70 -83.40
N ASP L 216 -32.97 -4.75 -84.31
CA ASP L 216 -33.71 -4.43 -85.53
C ASP L 216 -35.10 -3.86 -85.31
N ARG L 217 -35.37 -3.30 -84.14
CA ARG L 217 -36.66 -2.67 -83.87
C ARG L 217 -36.34 -1.39 -83.14
N VAL L 218 -37.24 -0.41 -83.25
CA VAL L 218 -37.02 0.87 -82.58
C VAL L 218 -37.14 0.69 -81.06
N ALA L 219 -36.12 1.16 -80.33
CA ALA L 219 -36.05 1.09 -78.87
C ALA L 219 -36.31 2.46 -78.25
N ILE L 220 -37.27 2.51 -77.32
CA ILE L 220 -37.67 3.72 -76.58
C ILE L 220 -37.30 3.59 -75.11
N LEU L 221 -36.30 4.36 -74.68
CA LEU L 221 -35.90 4.48 -73.27
C LEU L 221 -36.89 5.34 -72.47
N VAL L 222 -37.50 4.78 -71.43
CA VAL L 222 -38.43 5.52 -70.58
C VAL L 222 -37.97 5.52 -69.13
N ASP L 223 -37.99 6.71 -68.51
CA ASP L 223 -37.61 6.92 -67.13
C ASP L 223 -38.35 8.16 -66.64
N ASP L 224 -38.37 8.40 -65.36
CA ASP L 224 -38.99 9.60 -64.80
C ASP L 224 -38.33 10.91 -64.99
N MET L 225 -37.03 10.98 -64.93
CA MET L 225 -36.32 12.19 -65.14
C MET L 225 -34.96 12.01 -65.60
N ALA L 226 -34.45 13.04 -66.19
CA ALA L 226 -33.13 13.04 -66.68
C ALA L 226 -32.54 14.27 -66.22
N ASP L 227 -31.41 14.15 -65.56
CA ASP L 227 -30.73 15.26 -65.02
C ASP L 227 -29.53 15.38 -65.81
N THR L 228 -28.46 14.74 -65.44
CA THR L 228 -27.22 14.79 -66.12
C THR L 228 -27.25 14.11 -67.43
N CYS L 229 -27.99 13.04 -67.47
CA CYS L 229 -28.16 12.18 -68.64
C CYS L 229 -27.06 11.16 -68.87
N GLY L 230 -26.23 10.83 -67.89
CA GLY L 230 -25.20 9.84 -68.14
C GLY L 230 -25.73 8.44 -68.38
N THR L 231 -26.63 7.97 -67.51
CA THR L 231 -27.23 6.64 -67.71
C THR L 231 -27.99 6.53 -69.04
N ILE L 232 -28.91 7.45 -69.34
CA ILE L 232 -29.68 7.33 -70.58
C ILE L 232 -28.80 7.43 -71.82
N CYS L 233 -27.70 8.18 -71.76
CA CYS L 233 -26.84 8.29 -72.94
C CYS L 233 -25.99 7.03 -73.13
N HIS L 234 -25.50 6.44 -72.02
CA HIS L 234 -24.78 5.17 -72.15
C HIS L 234 -25.74 4.06 -72.57
N ALA L 235 -26.95 4.06 -72.02
CA ALA L 235 -27.97 3.11 -72.45
C ALA L 235 -28.28 3.24 -73.94
N ALA L 236 -28.33 4.47 -74.47
CA ALA L 236 -28.58 4.65 -75.90
C ALA L 236 -27.45 4.08 -76.75
N ASP L 237 -26.21 4.27 -76.31
CA ASP L 237 -25.08 3.67 -77.00
C ASP L 237 -25.21 2.15 -77.01
N LYS L 238 -25.50 1.54 -75.84
CA LYS L 238 -25.63 0.07 -75.74
C LYS L 238 -26.78 -0.47 -76.59
N LEU L 239 -27.89 0.27 -76.65
CA LEU L 239 -28.97 -0.15 -77.53
C LEU L 239 -28.53 -0.11 -78.99
N LEU L 240 -27.67 0.85 -79.35
CA LEU L 240 -27.13 0.86 -80.70
C LEU L 240 -26.21 -0.34 -80.93
N SER L 241 -25.36 -0.67 -79.96
CA SER L 241 -24.50 -1.84 -80.07
C SER L 241 -25.33 -3.12 -80.19
N ALA L 242 -26.54 -3.11 -79.67
CA ALA L 242 -27.42 -4.28 -79.72
C ALA L 242 -28.26 -4.34 -81.00
N GLY L 243 -28.05 -3.41 -81.93
CA GLY L 243 -28.71 -3.51 -83.20
C GLY L 243 -30.08 -2.91 -83.15
N ALA L 244 -30.32 -1.99 -82.24
CA ALA L 244 -31.58 -1.28 -82.24
C ALA L 244 -31.58 -0.33 -83.44
N THR L 245 -32.71 -0.29 -84.14
CA THR L 245 -32.83 0.53 -85.34
C THR L 245 -32.52 1.99 -85.05
N ARG L 246 -33.32 2.60 -84.18
CA ARG L 246 -33.18 3.98 -83.72
C ARG L 246 -33.55 4.02 -82.24
N VAL L 247 -32.92 4.93 -81.49
CA VAL L 247 -33.19 5.06 -80.06
C VAL L 247 -33.89 6.39 -79.76
N TYR L 248 -35.00 6.31 -79.01
CA TYR L 248 -35.74 7.44 -78.48
C TYR L 248 -35.59 7.50 -76.97
N ALA L 249 -35.75 8.69 -76.40
CA ALA L 249 -35.78 8.82 -74.95
C ALA L 249 -37.03 9.59 -74.51
N ILE L 250 -37.84 8.99 -73.63
CA ILE L 250 -39.03 9.66 -73.12
C ILE L 250 -38.96 9.73 -71.60
N LEU L 251 -38.90 10.97 -71.08
CA LEU L 251 -38.82 11.28 -69.65
C LEU L 251 -39.90 12.29 -69.36
N THR L 252 -40.61 12.11 -68.24
CA THR L 252 -41.62 13.09 -67.85
C THR L 252 -41.01 14.41 -67.36
N HIS L 253 -39.97 14.37 -66.51
CA HIS L 253 -39.31 15.56 -65.97
C HIS L 253 -37.96 15.82 -66.64
N GLY L 254 -37.87 16.92 -67.39
CA GLY L 254 -36.61 17.26 -68.06
C GLY L 254 -35.77 18.30 -67.34
N ILE L 255 -34.94 17.83 -66.40
CA ILE L 255 -34.08 18.72 -65.62
C ILE L 255 -32.92 19.24 -66.47
N PHE L 256 -32.18 18.32 -67.12
CA PHE L 256 -31.06 18.63 -68.03
C PHE L 256 -30.03 19.60 -67.44
N SER L 257 -29.43 19.23 -66.31
CA SER L 257 -28.41 20.08 -65.71
C SER L 257 -27.00 19.64 -66.08
N GLY L 258 -26.07 20.58 -65.96
CA GLY L 258 -24.66 20.33 -66.23
C GLY L 258 -24.36 20.04 -67.68
N PRO L 259 -23.67 18.92 -67.94
CA PRO L 259 -23.26 18.61 -69.31
C PRO L 259 -24.35 17.93 -70.12
N ALA L 260 -25.55 17.78 -69.55
CA ALA L 260 -26.63 17.02 -70.15
C ALA L 260 -26.87 17.46 -71.60
N ILE L 261 -26.96 18.77 -71.84
CA ILE L 261 -27.26 19.23 -73.19
C ILE L 261 -26.19 18.81 -74.17
N SER L 262 -24.92 18.96 -73.80
CA SER L 262 -23.89 18.52 -74.74
C SER L 262 -23.95 17.02 -74.94
N ARG L 263 -24.22 16.28 -73.87
CA ARG L 263 -24.30 14.83 -74.02
C ARG L 263 -25.39 14.45 -75.01
N ILE L 264 -26.57 15.07 -74.91
CA ILE L 264 -27.65 14.76 -75.84
C ILE L 264 -27.25 15.07 -77.27
N ASN L 265 -26.71 16.28 -77.51
CA ASN L 265 -26.26 16.59 -78.86
C ASN L 265 -25.22 15.59 -79.38
N ASN L 266 -24.27 15.17 -78.53
CA ASN L 266 -23.30 14.16 -78.94
C ASN L 266 -23.87 12.77 -79.02
N ALA L 267 -24.96 12.50 -78.32
CA ALA L 267 -25.54 11.17 -78.34
C ALA L 267 -26.33 10.96 -79.64
N CYS L 268 -26.73 9.70 -79.82
CA CYS L 268 -27.35 9.21 -81.04
C CYS L 268 -28.89 9.27 -81.00
N PHE L 269 -29.46 9.98 -80.03
CA PHE L 269 -30.91 10.03 -79.88
C PHE L 269 -31.57 10.56 -81.15
N GLU L 270 -32.61 9.86 -81.60
CA GLU L 270 -33.43 10.40 -82.67
C GLU L 270 -34.21 11.61 -82.15
N ALA L 271 -34.73 11.49 -80.91
CA ALA L 271 -35.42 12.57 -80.23
C ALA L 271 -35.47 12.24 -78.74
N VAL L 272 -35.41 13.28 -77.91
CA VAL L 272 -35.65 13.19 -76.46
C VAL L 272 -36.89 14.02 -76.11
N VAL L 273 -37.94 13.37 -75.59
CA VAL L 273 -39.23 13.99 -75.28
C VAL L 273 -39.41 14.10 -73.77
N VAL L 274 -39.73 15.32 -73.32
CA VAL L 274 -39.99 15.64 -71.92
C VAL L 274 -41.30 16.38 -71.85
N THR L 275 -41.86 16.46 -70.64
CA THR L 275 -43.03 17.31 -70.50
C THR L 275 -42.64 18.74 -70.08
N ASN L 276 -43.67 19.61 -69.97
CA ASN L 276 -43.54 21.03 -69.61
C ASN L 276 -43.47 21.26 -68.09
N THR L 277 -43.23 20.21 -67.31
CA THR L 277 -43.24 20.35 -65.86
C THR L 277 -42.11 21.28 -65.46
N ILE L 278 -41.07 21.36 -66.28
CA ILE L 278 -39.94 22.27 -66.14
C ILE L 278 -39.87 23.08 -67.42
N PRO L 279 -39.52 24.37 -67.37
CA PRO L 279 -39.39 25.16 -68.60
C PRO L 279 -38.34 24.63 -69.58
N GLN L 280 -38.69 24.56 -70.86
CA GLN L 280 -37.76 23.98 -71.82
C GLN L 280 -37.31 24.90 -72.96
N GLU L 281 -38.01 26.02 -73.24
CA GLU L 281 -37.66 26.85 -74.39
C GLU L 281 -36.15 27.17 -74.45
N ASP L 282 -35.57 27.60 -73.33
CA ASP L 282 -34.13 27.88 -73.26
C ASP L 282 -33.31 26.65 -73.58
N LYS L 283 -33.75 25.49 -73.12
CA LYS L 283 -32.92 24.32 -73.32
C LYS L 283 -33.09 23.81 -74.74
N MET L 284 -34.30 24.01 -75.32
CA MET L 284 -34.58 23.67 -76.71
C MET L 284 -33.83 24.54 -77.71
N LYS L 285 -33.47 25.76 -77.35
CA LYS L 285 -32.70 26.57 -78.30
C LYS L 285 -31.30 25.99 -78.49
N HIS L 286 -30.76 25.32 -77.47
CA HIS L 286 -29.44 24.74 -77.57
C HIS L 286 -29.48 23.23 -77.82
N CYS L 287 -30.65 22.62 -77.92
CA CYS L 287 -30.74 21.19 -78.22
C CYS L 287 -31.90 20.92 -79.16
N SER L 288 -31.60 20.57 -80.40
CA SER L 288 -32.66 20.39 -81.38
C SER L 288 -33.45 19.10 -81.18
N LYS L 289 -32.90 18.12 -80.44
CA LYS L 289 -33.60 16.83 -80.29
C LYS L 289 -34.66 16.85 -79.21
N ILE L 290 -34.75 17.91 -78.41
CA ILE L 290 -35.79 18.03 -77.41
C ILE L 290 -37.13 18.40 -78.04
N GLN L 291 -38.16 17.62 -77.71
CA GLN L 291 -39.55 17.91 -78.01
C GLN L 291 -40.29 17.90 -76.67
N VAL L 292 -41.29 18.77 -76.48
CA VAL L 292 -42.01 18.82 -75.19
C VAL L 292 -43.46 18.39 -75.38
N ILE L 293 -43.94 17.56 -74.45
CA ILE L 293 -45.37 17.26 -74.32
C ILE L 293 -46.00 18.22 -73.30
N ASP L 294 -47.04 18.96 -73.73
CA ASP L 294 -47.78 19.81 -72.81
C ASP L 294 -48.70 18.94 -71.92
N ILE L 295 -48.55 19.04 -70.59
CA ILE L 295 -49.37 18.28 -69.63
C ILE L 295 -50.24 19.20 -68.79
N SER L 296 -50.35 20.47 -69.19
CA SER L 296 -51.16 21.45 -68.50
C SER L 296 -52.60 21.01 -68.39
N MET L 297 -53.10 20.24 -69.34
CA MET L 297 -54.49 19.82 -69.25
C MET L 297 -54.72 18.85 -68.09
N ILE L 298 -53.76 17.93 -67.85
CA ILE L 298 -53.84 17.04 -66.68
C ILE L 298 -53.86 17.82 -65.38
N LEU L 299 -53.01 18.83 -65.26
CA LEU L 299 -52.94 19.59 -64.02
C LEU L 299 -54.21 20.41 -63.87
N ALA L 300 -54.63 21.10 -64.93
CA ALA L 300 -55.87 21.84 -64.88
C ALA L 300 -57.03 20.94 -64.48
N GLU L 301 -57.04 19.70 -64.98
CA GLU L 301 -58.11 18.77 -64.64
C GLU L 301 -58.04 18.37 -63.18
N ALA L 302 -56.84 18.21 -62.63
CA ALA L 302 -56.71 17.97 -61.19
C ALA L 302 -57.18 19.15 -60.35
N ILE L 303 -56.99 20.39 -60.84
CA ILE L 303 -57.43 21.56 -60.10
C ILE L 303 -58.94 21.61 -60.16
N ARG L 304 -59.49 21.44 -61.36
CA ARG L 304 -60.93 21.24 -61.56
C ARG L 304 -61.50 20.20 -60.58
N ARG L 305 -60.89 19.02 -60.46
CA ARG L 305 -61.52 18.02 -59.62
C ARG L 305 -61.47 18.43 -58.16
N THR L 306 -60.36 19.04 -57.76
CA THR L 306 -60.24 19.60 -56.41
C THR L 306 -61.22 20.72 -56.08
N HIS L 307 -61.46 21.65 -57.00
CA HIS L 307 -62.33 22.78 -56.69
C HIS L 307 -63.79 22.38 -56.54
N ASN L 308 -64.28 21.45 -57.37
CA ASN L 308 -65.68 21.00 -57.41
C ASN L 308 -66.47 22.11 -58.09
N SER M 1 75.27 -23.17 47.33
CA SER M 1 76.11 -23.53 46.18
C SER M 1 76.14 -22.47 45.06
N PRO M 2 75.00 -21.84 44.70
CA PRO M 2 75.07 -20.68 43.80
C PRO M 2 75.85 -19.55 44.44
N ASN M 3 76.65 -18.85 43.63
CA ASN M 3 77.37 -17.67 44.08
C ASN M 3 76.63 -16.45 43.58
N ILE M 4 77.07 -15.28 43.98
CA ILE M 4 76.44 -14.04 43.55
C ILE M 4 77.17 -13.44 42.37
N LYS M 5 76.41 -12.97 41.40
CA LYS M 5 76.98 -12.28 40.24
C LYS M 5 76.14 -11.03 40.01
N ILE M 6 76.79 -9.86 40.12
CA ILE M 6 76.17 -8.58 39.89
C ILE M 6 76.52 -8.15 38.49
N PHE M 7 75.51 -7.74 37.73
CA PHE M 7 75.69 -7.12 36.41
C PHE M 7 75.15 -5.69 36.45
N SER M 8 75.70 -4.81 35.63
CA SER M 8 75.22 -3.44 35.62
C SER M 8 74.57 -3.06 34.29
N GLY M 9 73.57 -2.30 34.37
CA GLY M 9 73.14 -1.81 33.12
C GLY M 9 73.87 -0.53 32.87
N SER M 10 73.39 0.19 31.91
CA SER M 10 73.86 1.52 31.66
C SER M 10 73.11 2.54 32.44
N SER M 11 72.06 2.05 33.05
CA SER M 11 71.18 2.88 33.88
C SER M 11 72.05 3.77 34.73
N HIS M 12 72.80 3.19 35.66
CA HIS M 12 73.50 4.00 36.66
C HIS M 12 74.62 3.18 37.14
N GLN M 13 75.73 3.22 36.45
CA GLN M 13 76.84 2.41 36.79
C GLN M 13 77.60 2.72 37.98
N ASP M 14 77.44 3.89 38.56
CA ASP M 14 78.21 4.18 39.73
C ASP M 14 77.80 3.49 40.96
N LEU M 15 76.53 3.44 41.24
CA LEU M 15 75.90 2.60 42.23
C LEU M 15 76.16 1.13 41.94
N SER M 16 76.04 0.71 40.69
CA SER M 16 76.33 -0.69 40.43
C SER M 16 77.73 -1.04 40.90
N GLN M 17 78.69 -0.10 40.72
CA GLN M 17 80.05 -0.30 41.20
C GLN M 17 80.12 -0.30 42.70
N LYS M 18 79.46 0.67 43.33
CA LYS M 18 79.45 0.78 44.78
C LYS M 18 78.89 -0.49 45.43
N ILE M 19 77.79 -1.00 44.89
CA ILE M 19 77.18 -2.24 45.39
C ILE M 19 78.11 -3.43 45.24
N ALA M 20 78.69 -3.64 44.05
CA ALA M 20 79.61 -4.77 43.91
C ALA M 20 80.81 -4.61 44.84
N ASP M 21 81.28 -3.38 45.04
CA ASP M 21 82.34 -3.09 46.00
C ASP M 21 81.97 -3.49 47.42
N ARG M 22 80.79 -3.09 47.89
CA ARG M 22 80.40 -3.40 49.27
C ARG M 22 80.28 -4.91 49.53
N LEU M 23 80.13 -5.72 48.48
CA LEU M 23 79.97 -7.17 48.57
C LEU M 23 81.23 -7.94 48.20
N GLY M 24 82.32 -7.26 47.88
CA GLY M 24 83.53 -7.97 47.54
C GLY M 24 83.50 -8.66 46.19
N LEU M 25 82.80 -8.07 45.22
CA LEU M 25 82.58 -8.65 43.90
C LEU M 25 83.00 -7.66 42.84
N GLU M 26 83.39 -8.18 41.68
CA GLU M 26 83.53 -7.36 40.48
C GLU M 26 82.26 -7.42 39.66
N LEU M 27 81.93 -6.31 39.01
CA LEU M 27 80.80 -6.33 38.09
C LEU M 27 81.00 -7.37 36.99
N GLY M 28 79.92 -8.09 36.73
CA GLY M 28 79.88 -9.06 35.65
C GLY M 28 80.16 -8.46 34.29
N LYS M 29 80.79 -9.28 33.44
CA LYS M 29 81.10 -8.82 32.11
C LYS M 29 79.86 -8.88 31.25
N VAL M 30 79.49 -7.74 30.69
CA VAL M 30 78.30 -7.57 29.85
C VAL M 30 78.60 -6.44 28.87
N VAL M 31 78.21 -6.63 27.63
CA VAL M 31 78.27 -5.60 26.60
C VAL M 31 76.89 -5.00 26.42
N THR M 32 76.73 -3.73 26.76
CA THR M 32 75.44 -3.05 26.59
C THR M 32 75.49 -1.83 25.66
N LYS M 33 75.05 -1.97 24.40
CA LYS M 33 75.13 -0.83 23.49
C LYS M 33 73.82 -0.68 22.72
N LYS M 34 73.75 0.22 21.73
CA LYS M 34 72.64 0.27 20.79
C LYS M 34 73.24 0.17 19.40
N PHE M 35 72.59 -0.62 18.56
CA PHE M 35 72.96 -0.66 17.17
C PHE M 35 72.63 0.66 16.49
N SER M 36 73.11 0.79 15.26
CA SER M 36 72.92 1.99 14.44
C SER M 36 71.44 2.32 14.34
N ASN M 37 70.64 1.29 14.19
CA ASN M 37 69.21 1.35 14.00
C ASN M 37 68.37 1.46 15.25
N GLN M 38 68.95 1.73 16.42
CA GLN M 38 68.32 2.03 17.72
C GLN M 38 67.94 0.81 18.56
N GLU M 39 68.10 -0.41 18.05
CA GLU M 39 67.86 -1.61 18.82
C GLU M 39 68.92 -1.83 19.87
N THR M 40 68.53 -2.16 21.12
CA THR M 40 69.47 -2.43 22.22
C THR M 40 70.19 -3.76 22.04
N CYS M 41 71.52 -3.73 22.10
CA CYS M 41 72.36 -4.92 22.03
C CYS M 41 72.85 -5.26 23.43
N VAL M 42 72.67 -6.51 23.85
CA VAL M 42 73.19 -7.01 25.11
C VAL M 42 73.90 -8.33 24.83
N GLU M 43 75.09 -8.48 25.40
CA GLU M 43 75.81 -9.74 25.31
C GLU M 43 76.43 -10.05 26.66
N ILE M 44 75.96 -11.11 27.29
CA ILE M 44 76.52 -11.54 28.56
C ILE M 44 77.87 -12.19 28.28
N GLY M 45 78.92 -11.56 28.77
CA GLY M 45 80.34 -11.83 28.57
C GLY M 45 80.90 -12.93 29.45
N GLU M 46 80.08 -13.53 30.30
CA GLU M 46 80.56 -14.65 31.10
C GLU M 46 79.42 -15.60 31.43
N SER M 47 79.75 -16.76 31.94
CA SER M 47 78.76 -17.77 32.29
C SER M 47 77.91 -17.38 33.50
N VAL M 48 76.59 -17.53 33.38
CA VAL M 48 75.71 -17.30 34.53
C VAL M 48 74.98 -18.57 34.94
N ARG M 49 75.34 -19.71 34.33
CA ARG M 49 74.69 -20.99 34.61
C ARG M 49 74.69 -21.37 36.10
N GLY M 50 73.51 -21.56 36.66
CA GLY M 50 73.36 -22.03 38.03
C GLY M 50 73.83 -21.03 39.01
N GLU M 51 73.77 -19.79 38.64
CA GLU M 51 74.26 -18.66 39.44
C GLU M 51 73.10 -17.80 39.88
N ASP M 52 73.24 -17.07 40.97
CA ASP M 52 72.19 -16.16 41.48
C ASP M 52 72.61 -14.82 40.98
N VAL M 53 71.86 -14.26 40.08
CA VAL M 53 72.21 -13.08 39.29
C VAL M 53 71.40 -11.88 39.77
N TYR M 54 72.09 -10.75 39.94
CA TYR M 54 71.46 -9.49 40.30
C TYR M 54 71.81 -8.47 39.23
N ILE M 55 70.80 -7.93 38.58
CA ILE M 55 71.02 -6.91 37.56
C ILE M 55 70.59 -5.58 38.17
N VAL M 56 71.52 -4.66 38.26
CA VAL M 56 71.22 -3.35 38.81
C VAL M 56 70.90 -2.40 37.67
N GLN M 57 69.69 -1.88 37.63
CA GLN M 57 69.32 -0.93 36.59
C GLN M 57 68.32 0.01 37.23
N SER M 58 68.50 1.29 36.99
CA SER M 58 67.69 2.34 37.56
C SER M 58 66.68 2.75 36.52
N GLY M 59 65.78 3.63 36.92
CA GLY M 59 64.82 4.06 35.95
C GLY M 59 64.90 5.51 35.66
N CYS M 60 66.16 5.92 35.50
CA CYS M 60 66.64 7.26 35.26
C CYS M 60 66.99 7.30 33.77
N GLY M 61 67.56 8.44 33.31
CA GLY M 61 68.18 8.39 31.97
C GLY M 61 67.06 8.22 30.94
N GLU M 62 67.43 7.72 29.77
CA GLU M 62 66.43 7.49 28.74
C GLU M 62 65.69 6.24 29.26
N ILE M 63 64.55 6.43 29.91
CA ILE M 63 63.91 5.33 30.67
C ILE M 63 63.56 4.12 29.80
N ASN M 64 63.01 4.33 28.62
CA ASN M 64 62.62 3.17 27.81
C ASN M 64 63.79 2.36 27.27
N ASP M 65 64.88 3.00 26.87
CA ASP M 65 66.05 2.23 26.46
C ASP M 65 66.61 1.41 27.61
N ASN M 66 66.71 2.01 28.79
CA ASN M 66 67.20 1.32 29.97
C ASN M 66 66.29 0.17 30.39
N LEU M 67 64.98 0.39 30.34
CA LEU M 67 64.02 -0.66 30.63
C LEU M 67 64.19 -1.85 29.69
N MET M 68 64.25 -1.59 28.37
CA MET M 68 64.46 -2.66 27.39
C MET M 68 65.78 -3.41 27.63
N GLU M 69 66.84 -2.67 27.95
CA GLU M 69 68.12 -3.29 28.29
C GLU M 69 68.00 -4.23 29.49
N LEU M 70 67.32 -3.77 30.56
CA LEU M 70 67.05 -4.58 31.75
C LEU M 70 66.24 -5.85 31.41
N LEU M 71 65.18 -5.70 30.61
CA LEU M 71 64.35 -6.85 30.29
C LEU M 71 65.12 -7.88 29.46
N ILE M 72 65.96 -7.40 28.54
CA ILE M 72 66.75 -8.31 27.71
C ILE M 72 67.80 -9.03 28.54
N MET M 73 68.45 -8.31 29.48
CA MET M 73 69.42 -8.95 30.38
C MET M 73 68.77 -10.01 31.26
N ILE M 74 67.64 -9.66 31.91
CA ILE M 74 66.89 -10.65 32.68
C ILE M 74 66.57 -11.89 31.86
N ASN M 75 65.97 -11.70 30.69
CA ASN M 75 65.58 -12.82 29.83
C ASN M 75 66.81 -13.63 29.41
N ALA M 76 67.84 -12.93 28.97
CA ALA M 76 69.05 -13.60 28.54
C ALA M 76 69.64 -14.48 29.63
N CYS M 77 69.69 -13.97 30.88
CA CYS M 77 70.17 -14.74 32.03
C CYS M 77 69.28 -15.92 32.34
N LYS M 78 67.98 -15.73 32.25
CA LYS M 78 67.07 -16.82 32.56
C LYS M 78 67.25 -17.96 31.56
N ILE M 79 67.43 -17.63 30.27
CA ILE M 79 67.63 -18.67 29.25
C ILE M 79 69.05 -19.22 29.26
N ALA M 80 69.95 -18.59 30.01
CA ALA M 80 71.27 -19.14 30.23
C ALA M 80 71.29 -19.95 31.51
N SER M 81 70.12 -20.33 31.98
CA SER M 81 69.95 -21.29 33.03
C SER M 81 70.45 -20.77 34.37
N ALA M 82 70.36 -19.47 34.58
CA ALA M 82 70.58 -18.93 35.91
C ALA M 82 69.61 -19.54 36.91
N SER M 83 70.09 -19.78 38.13
CA SER M 83 69.21 -20.34 39.17
C SER M 83 68.15 -19.31 39.56
N ARG M 84 68.52 -18.02 39.64
CA ARG M 84 67.64 -16.95 40.07
C ARG M 84 68.14 -15.67 39.41
N VAL M 85 67.23 -14.83 38.99
CA VAL M 85 67.54 -13.53 38.42
C VAL M 85 66.74 -12.52 39.23
N THR M 86 67.43 -11.57 39.84
CA THR M 86 66.79 -10.51 40.61
C THR M 86 66.99 -9.19 39.90
N ALA M 87 65.93 -8.42 39.76
CA ALA M 87 66.06 -7.08 39.20
C ALA M 87 66.21 -6.10 40.38
N VAL M 88 67.30 -5.36 40.40
CA VAL M 88 67.57 -4.37 41.42
C VAL M 88 67.26 -3.04 40.74
N ILE M 89 66.14 -2.41 41.10
CA ILE M 89 65.65 -1.24 40.39
C ILE M 89 65.52 -0.13 41.40
N PRO M 90 66.61 0.62 41.65
CA PRO M 90 66.59 1.65 42.71
C PRO M 90 65.43 2.60 42.60
N CYS M 91 65.21 3.18 41.43
CA CYS M 91 64.06 4.04 41.18
C CYS M 91 63.13 3.36 40.18
N PHE M 92 61.96 2.89 40.64
CA PHE M 92 61.05 2.14 39.76
C PHE M 92 60.41 3.08 38.74
N PRO M 93 60.63 2.85 37.45
CA PRO M 93 60.06 3.70 36.41
C PRO M 93 58.54 3.61 36.31
N TYR M 94 57.92 4.68 35.84
CA TYR M 94 56.51 4.72 35.54
C TYR M 94 55.60 4.61 36.69
N ALA M 95 56.11 4.81 37.87
CA ALA M 95 55.35 4.75 39.10
C ALA M 95 54.32 5.77 39.43
N ARG M 96 54.55 7.03 39.16
CA ARG M 96 53.55 8.05 39.41
C ARG M 96 52.57 8.14 38.30
N GLN M 97 51.40 8.69 38.60
CA GLN M 97 50.37 8.81 37.62
C GLN M 97 49.92 10.20 37.37
N ASP M 98 50.02 10.67 36.14
CA ASP M 98 49.48 11.97 35.81
C ASP M 98 48.06 11.72 35.38
N LYS M 99 47.21 11.46 36.30
CA LYS M 99 45.88 11.29 35.92
C LYS M 99 45.14 12.38 36.56
N LYS M 100 44.30 13.03 35.78
CA LYS M 100 43.42 13.98 36.40
C LYS M 100 42.59 12.99 37.25
N ASP M 101 42.35 13.31 38.50
CA ASP M 101 41.69 12.42 39.44
C ASP M 101 40.36 11.90 39.05
N LYS M 102 39.61 12.66 38.28
CA LYS M 102 38.31 12.39 37.73
C LYS M 102 37.26 12.53 38.70
N VAL M 103 36.07 12.38 38.20
CA VAL M 103 34.97 12.36 39.09
C VAL M 103 34.24 11.14 38.79
N GLY M 104 33.97 10.47 39.85
CA GLY M 104 33.18 9.32 39.81
C GLY M 104 34.06 8.23 39.83
N GLU M 105 35.31 8.39 39.46
CA GLU M 105 36.13 7.21 39.51
C GLU M 105 37.57 7.48 39.31
N SER M 106 38.38 6.45 39.40
CA SER M 106 39.80 6.62 39.26
C SER M 106 40.37 5.88 38.09
N ARG M 107 41.42 6.37 37.46
CA ARG M 107 42.19 5.66 36.45
C ARG M 107 43.04 4.60 37.10
N ALA M 108 43.53 3.68 36.31
CA ALA M 108 44.24 2.59 36.93
C ALA M 108 45.72 2.80 36.61
N PRO M 109 46.61 2.25 37.39
CA PRO M 109 48.03 2.34 37.01
C PRO M 109 48.34 1.34 35.90
N ILE M 110 47.85 1.61 34.69
CA ILE M 110 48.34 0.88 33.51
C ILE M 110 49.86 0.88 33.39
N SER M 111 50.52 2.06 33.24
CA SER M 111 51.96 1.97 32.96
C SER M 111 52.80 1.33 34.05
N ALA M 112 52.44 1.50 35.33
CA ALA M 112 53.23 0.86 36.38
C ALA M 112 53.03 -0.65 36.42
N LYS M 113 51.79 -1.08 36.12
CA LYS M 113 51.48 -2.50 36.02
C LYS M 113 52.09 -3.11 34.76
N LEU M 114 52.05 -2.40 33.64
CA LEU M 114 52.75 -2.86 32.45
C LEU M 114 54.21 -3.15 32.71
N VAL M 115 54.92 -2.21 33.35
CA VAL M 115 56.32 -2.44 33.70
C VAL M 115 56.44 -3.69 34.56
N ALA M 116 55.57 -3.80 35.56
CA ALA M 116 55.53 -4.99 36.38
C ALA M 116 55.33 -6.26 35.58
N ASN M 117 54.36 -6.25 34.64
CA ASN M 117 54.09 -7.42 33.80
C ASN M 117 55.23 -7.77 32.85
N MET M 118 55.89 -6.76 32.28
CA MET M 118 57.01 -7.05 31.40
C MET M 118 58.19 -7.61 32.16
N LEU M 119 58.49 -7.03 33.33
CA LEU M 119 59.54 -7.60 34.16
C LEU M 119 59.22 -9.03 34.51
N SER M 120 57.96 -9.30 34.83
CA SER M 120 57.52 -10.64 35.20
C SER M 120 57.71 -11.63 34.06
N VAL M 121 57.22 -11.26 32.86
CA VAL M 121 57.35 -12.13 31.70
C VAL M 121 58.78 -12.31 31.19
N ALA M 122 59.66 -11.31 31.40
CA ALA M 122 61.06 -11.46 31.06
C ALA M 122 61.74 -12.57 31.87
N GLY M 123 61.28 -12.81 33.10
CA GLY M 123 61.78 -13.92 33.89
C GLY M 123 62.42 -13.55 35.21
N ALA M 124 62.13 -12.33 35.65
CA ALA M 124 62.56 -11.88 36.96
C ALA M 124 61.90 -12.69 38.05
N ASP M 125 62.70 -13.14 39.00
CA ASP M 125 62.22 -13.92 40.13
C ASP M 125 62.05 -13.07 41.38
N HIS M 126 62.59 -11.85 41.38
CA HIS M 126 62.60 -11.11 42.62
C HIS M 126 62.95 -9.69 42.19
N ILE M 127 62.33 -8.70 42.85
CA ILE M 127 62.57 -7.26 42.65
C ILE M 127 63.07 -6.67 43.96
N ILE M 128 64.16 -5.88 43.89
CA ILE M 128 64.58 -5.01 44.99
C ILE M 128 64.46 -3.56 44.58
N THR M 129 63.72 -2.74 45.34
CA THR M 129 63.54 -1.33 44.96
C THR M 129 63.56 -0.42 46.19
N MET M 130 63.59 0.88 45.95
CA MET M 130 63.56 1.82 47.07
C MET M 130 62.50 2.89 46.89
N ASP M 131 61.71 3.10 47.94
CA ASP M 131 60.64 4.09 48.03
C ASP M 131 59.81 4.22 46.77
N LEU M 132 59.13 3.13 46.45
CA LEU M 132 58.10 3.11 45.41
C LEU M 132 57.13 4.29 45.58
N HIS M 133 56.78 4.95 44.48
CA HIS M 133 55.85 6.08 44.60
C HIS M 133 54.61 5.65 45.39
N ALA M 134 54.06 4.46 45.09
CA ALA M 134 53.01 3.86 45.92
C ALA M 134 53.46 2.45 46.27
N SER M 135 53.45 2.13 47.57
CA SER M 135 53.87 0.84 48.10
C SER M 135 53.06 -0.34 47.58
N GLN M 136 51.82 -0.09 47.16
CA GLN M 136 50.97 -1.10 46.58
C GLN M 136 51.53 -1.68 45.29
N ILE M 137 52.45 -0.96 44.65
CA ILE M 137 53.09 -1.48 43.45
C ILE M 137 53.73 -2.81 43.76
N GLN M 138 54.10 -3.02 45.03
CA GLN M 138 54.60 -4.32 45.44
C GLN M 138 53.68 -5.47 45.03
N GLY M 139 52.36 -5.27 45.13
CA GLY M 139 51.34 -6.21 44.74
C GLY M 139 51.00 -6.30 43.28
N PHE M 140 51.68 -5.55 42.41
CA PHE M 140 51.57 -5.67 40.97
C PHE M 140 52.37 -6.85 40.44
N PHE M 141 53.13 -7.49 41.32
CA PHE M 141 53.93 -8.66 41.00
C PHE M 141 53.37 -9.90 41.67
N ASP M 142 53.83 -11.05 41.18
CA ASP M 142 53.59 -12.29 41.89
C ASP M 142 54.88 -12.80 42.54
N ILE M 143 56.02 -12.31 42.11
CA ILE M 143 57.32 -12.52 42.72
C ILE M 143 57.48 -11.59 43.93
N PRO M 144 58.33 -11.92 44.91
CA PRO M 144 58.59 -10.98 46.02
C PRO M 144 59.20 -9.70 45.52
N VAL M 145 58.75 -8.59 46.05
CA VAL M 145 59.35 -7.29 45.81
C VAL M 145 59.73 -6.77 47.18
N ASP M 146 60.98 -6.28 47.32
CA ASP M 146 61.42 -5.55 48.50
C ASP M 146 61.41 -4.07 48.21
N ASN M 147 60.53 -3.33 48.92
CA ASN M 147 60.43 -1.90 48.76
C ASN M 147 61.14 -1.32 49.96
N LEU M 148 62.42 -0.97 49.80
CA LEU M 148 63.26 -0.42 50.84
C LEU M 148 63.01 1.07 51.08
N TYR M 149 63.28 1.54 52.28
CA TYR M 149 63.08 2.95 52.63
C TYR M 149 64.40 3.66 52.88
N ALA M 150 64.46 4.87 52.36
CA ALA M 150 65.55 5.79 52.59
C ALA M 150 65.37 6.53 53.91
N GLU M 151 64.20 6.41 54.54
CA GLU M 151 63.90 7.16 55.76
C GLU M 151 65.03 7.05 56.77
N PRO M 152 65.54 5.87 57.15
CA PRO M 152 66.61 5.82 58.16
C PRO M 152 67.85 6.63 57.80
N ALA M 153 68.26 6.62 56.53
CA ALA M 153 69.42 7.41 56.14
C ALA M 153 69.12 8.90 56.17
N VAL M 154 67.87 9.27 55.88
CA VAL M 154 67.42 10.66 55.94
C VAL M 154 67.37 11.13 57.38
N LEU M 155 66.91 10.26 58.26
CA LEU M 155 66.89 10.68 59.68
C LEU M 155 68.34 10.89 60.10
N LYS M 156 69.22 9.93 59.87
CA LYS M 156 70.62 10.13 60.21
C LYS M 156 71.13 11.47 59.68
N TRP M 157 71.03 11.68 58.37
CA TRP M 157 71.45 12.96 57.78
C TRP M 157 70.88 14.17 58.49
N ILE M 158 69.59 14.14 58.85
CA ILE M 158 69.00 15.26 59.58
C ILE M 158 69.72 15.51 60.90
N ARG M 159 69.81 14.47 61.75
CA ARG M 159 70.51 14.63 63.02
C ARG M 159 71.95 15.08 62.85
N GLU M 160 72.59 14.69 61.77
CA GLU M 160 74.01 15.06 61.66
C GLU M 160 74.23 16.31 60.83
N ASN M 161 73.18 16.98 60.31
CA ASN M 161 73.49 18.11 59.42
C ASN M 161 72.71 19.39 59.68
N ILE M 162 71.48 19.38 60.15
CA ILE M 162 70.89 20.73 60.42
C ILE M 162 70.95 20.88 61.93
N SER M 163 71.80 21.75 62.46
CA SER M 163 71.98 21.55 63.89
C SER M 163 70.91 22.26 64.73
N GLU M 164 69.83 22.72 64.11
CA GLU M 164 68.64 23.11 64.84
C GLU M 164 67.49 22.09 64.68
N TRP M 165 67.83 20.84 64.36
CA TRP M 165 66.82 19.80 64.04
C TRP M 165 65.83 19.42 65.14
N ARG M 166 66.16 19.62 66.39
CA ARG M 166 65.30 19.20 67.49
C ARG M 166 64.08 20.11 67.68
N ASN M 167 64.18 21.34 67.19
CA ASN M 167 63.18 22.39 67.21
C ASN M 167 62.72 22.75 65.81
N CYS M 168 62.75 21.78 64.93
CA CYS M 168 62.45 21.90 63.52
C CYS M 168 60.96 21.70 63.21
N THR M 169 60.63 21.41 61.93
CA THR M 169 59.27 21.17 61.42
C THR M 169 59.22 20.58 60.00
N ILE M 170 58.66 19.37 59.84
CA ILE M 170 58.70 18.64 58.56
C ILE M 170 57.47 18.97 57.72
N VAL M 171 57.69 19.58 56.55
CA VAL M 171 56.63 20.09 55.71
C VAL M 171 56.47 19.19 54.48
N SER M 172 55.22 18.88 54.13
CA SER M 172 54.86 18.14 52.92
C SER M 172 54.50 19.09 51.80
N PRO M 173 55.12 18.89 50.63
CA PRO M 173 54.85 19.78 49.49
C PRO M 173 53.43 19.72 48.95
N ASP M 174 52.69 18.63 49.18
CA ASP M 174 51.32 18.51 48.71
C ASP M 174 50.55 17.67 49.71
N ALA M 175 49.24 17.53 49.46
CA ALA M 175 48.40 16.72 50.32
C ALA M 175 48.86 15.26 50.38
N GLY M 176 49.25 14.70 49.24
CA GLY M 176 49.61 13.29 49.20
C GLY M 176 50.80 12.87 50.06
N GLY M 177 51.77 13.74 50.25
CA GLY M 177 52.94 13.29 51.00
C GLY M 177 52.82 13.37 52.50
N ALA M 178 51.59 13.52 53.00
CA ALA M 178 51.33 13.65 54.43
C ALA M 178 51.90 12.47 55.20
N LYS M 179 51.62 11.24 54.76
CA LYS M 179 52.05 10.09 55.56
C LYS M 179 53.56 10.01 55.62
N ARG M 180 54.24 10.39 54.55
CA ARG M 180 55.70 10.39 54.57
C ARG M 180 56.24 11.36 55.61
N VAL M 181 55.67 12.56 55.70
CA VAL M 181 56.26 13.55 56.62
C VAL M 181 55.85 13.25 58.03
N THR M 182 54.65 12.74 58.19
CA THR M 182 54.21 12.36 59.51
C THR M 182 55.08 11.24 60.07
N SER M 183 55.56 10.32 59.25
CA SER M 183 56.50 9.32 59.74
C SER M 183 57.82 9.91 60.24
N ILE M 184 58.41 10.84 59.48
CA ILE M 184 59.70 11.40 59.87
C ILE M 184 59.55 12.32 61.05
N ALA M 185 58.49 13.10 61.07
CA ALA M 185 58.26 13.97 62.22
C ALA M 185 58.11 13.16 63.49
N ASP M 186 57.47 12.00 63.43
CA ASP M 186 57.36 11.18 64.64
C ASP M 186 58.70 10.59 65.10
N ARG M 187 59.56 10.16 64.16
CA ARG M 187 60.87 9.60 64.50
C ARG M 187 61.80 10.62 65.16
N LEU M 188 61.74 11.87 64.69
CA LEU M 188 62.58 12.92 65.28
C LEU M 188 61.91 13.57 66.47
N ASN M 189 60.66 13.19 66.77
CA ASN M 189 59.84 13.85 67.78
C ASN M 189 59.69 15.35 67.58
N VAL M 190 59.34 15.74 66.36
CA VAL M 190 59.23 17.15 66.03
C VAL M 190 57.85 17.42 65.40
N ASP M 191 57.58 18.68 65.08
CA ASP M 191 56.32 19.16 64.51
C ASP M 191 56.24 18.93 63.00
N PHE M 192 55.02 18.88 62.46
CA PHE M 192 54.80 18.84 61.01
C PHE M 192 53.84 19.91 60.51
N ALA M 193 53.94 20.19 59.20
CA ALA M 193 53.01 21.09 58.49
C ALA M 193 52.84 20.57 57.06
N LEU M 194 51.79 21.06 56.38
CA LEU M 194 51.47 20.63 55.01
C LEU M 194 51.09 21.81 54.11
N ILE M 195 51.56 21.79 52.85
CA ILE M 195 51.20 22.80 51.85
C ILE M 195 50.26 22.20 50.82
N HIS M 196 49.28 22.99 50.37
CA HIS M 196 48.32 22.54 49.36
C HIS M 196 47.95 23.62 48.35
N LYS M 197 47.85 23.26 47.07
CA LYS M 197 47.36 24.21 46.08
C LYS M 197 45.83 24.12 46.01
N MET M 208 48.41 29.06 46.74
CA MET M 208 49.04 28.15 47.69
C MET M 208 48.61 28.41 49.15
N VAL M 209 48.28 27.33 49.85
CA VAL M 209 47.86 27.34 51.25
C VAL M 209 48.84 26.56 52.12
N LEU M 210 49.15 27.08 53.29
CA LEU M 210 50.02 26.38 54.25
C LEU M 210 49.19 26.11 55.49
N VAL M 211 49.16 24.86 55.95
CA VAL M 211 48.56 24.55 57.24
C VAL M 211 49.63 24.04 58.18
N GLY M 212 49.76 24.70 59.32
CA GLY M 212 50.69 24.54 60.43
C GLY M 212 51.61 25.73 60.56
N ASP M 213 52.18 25.91 61.75
CA ASP M 213 53.04 27.06 62.02
C ASP M 213 54.51 26.68 61.84
N VAL M 214 55.24 27.46 61.06
CA VAL M 214 56.64 27.19 60.87
C VAL M 214 57.39 28.48 61.00
N LYS M 215 56.96 29.32 61.92
CA LYS M 215 57.63 30.62 62.19
C LYS M 215 58.85 30.32 63.06
N ASP M 216 59.90 31.12 62.94
CA ASP M 216 61.11 30.97 63.70
C ASP M 216 61.79 29.63 63.66
N ARG M 217 61.21 28.59 63.05
CA ARG M 217 61.95 27.34 63.00
C ARG M 217 62.24 26.88 61.57
N VAL M 218 63.29 26.07 61.49
CA VAL M 218 63.74 25.50 60.23
C VAL M 218 62.71 24.50 59.72
N ALA M 219 62.32 24.68 58.47
CA ALA M 219 61.35 23.87 57.75
C ALA M 219 62.03 22.93 56.75
N ILE M 220 61.72 21.64 56.82
CA ILE M 220 62.26 20.63 55.91
C ILE M 220 61.15 20.09 55.01
N LEU M 221 61.19 20.46 53.73
CA LEU M 221 60.29 19.87 52.74
C LEU M 221 60.75 18.46 52.44
N VAL M 222 59.88 17.46 52.67
CA VAL M 222 60.17 16.05 52.41
C VAL M 222 59.16 15.48 51.42
N ASP M 223 59.66 14.76 50.41
CA ASP M 223 58.85 14.15 49.36
C ASP M 223 59.59 12.94 48.81
N ASP M 224 58.87 12.05 48.12
CA ASP M 224 59.55 10.86 47.59
C ASP M 224 60.44 11.16 46.38
N MET M 225 60.16 12.21 45.61
CA MET M 225 60.95 12.42 44.41
C MET M 225 60.79 13.85 43.95
N ALA M 226 61.79 14.36 43.24
CA ALA M 226 61.61 15.67 42.65
C ALA M 226 61.98 15.64 41.19
N ASP M 227 61.00 15.94 40.34
CA ASP M 227 61.18 15.91 38.91
C ASP M 227 61.44 17.31 38.42
N THR M 228 60.39 17.98 37.96
CA THR M 228 60.52 19.34 37.46
C THR M 228 60.67 20.38 38.56
N CYS M 229 60.41 20.01 39.81
CA CYS M 229 60.60 20.87 40.99
C CYS M 229 59.70 22.10 41.06
N GLY M 230 58.60 22.16 40.31
CA GLY M 230 57.76 23.34 40.42
C GLY M 230 57.10 23.42 41.77
N THR M 231 56.56 22.29 42.23
CA THR M 231 55.93 22.18 43.54
C THR M 231 56.89 22.51 44.69
N ILE M 232 58.05 21.84 44.77
CA ILE M 232 58.93 22.10 45.91
C ILE M 232 59.43 23.54 45.92
N CYS M 233 59.62 24.17 44.76
CA CYS M 233 60.11 25.55 44.78
C CYS M 233 59.04 26.55 45.15
N HIS M 234 57.82 26.34 44.68
CA HIS M 234 56.77 27.23 45.16
C HIS M 234 56.52 26.99 46.65
N ALA M 235 56.56 25.72 47.08
CA ALA M 235 56.45 25.43 48.50
C ALA M 235 57.54 26.14 49.30
N ALA M 236 58.77 26.18 48.78
CA ALA M 236 59.85 26.88 49.48
C ALA M 236 59.56 28.37 49.56
N ASP M 237 59.04 28.94 48.47
CA ASP M 237 58.64 30.35 48.48
C ASP M 237 57.57 30.61 49.54
N LYS M 238 56.53 29.77 49.57
CA LYS M 238 55.45 29.97 50.54
C LYS M 238 55.95 29.81 51.97
N LEU M 239 56.87 28.87 52.21
CA LEU M 239 57.44 28.75 53.55
C LEU M 239 58.26 29.99 53.93
N LEU M 240 58.97 30.60 52.97
CA LEU M 240 59.68 31.84 53.32
C LEU M 240 58.74 33.01 53.56
N SER M 241 57.73 33.17 52.71
CA SER M 241 56.77 34.25 52.94
C SER M 241 56.02 34.05 54.23
N ALA M 242 55.90 32.81 54.69
CA ALA M 242 55.20 32.54 55.93
C ALA M 242 56.14 32.62 57.10
N GLY M 243 57.39 33.01 56.85
CA GLY M 243 58.35 33.25 57.91
C GLY M 243 58.97 31.93 58.30
N ALA M 244 60.08 31.54 57.67
CA ALA M 244 60.79 30.35 58.10
C ALA M 244 62.27 30.67 58.08
N THR M 245 62.99 30.25 59.13
CA THR M 245 64.40 30.58 59.24
C THR M 245 65.18 30.10 58.02
N ARG M 246 65.20 28.80 57.78
CA ARG M 246 65.83 28.23 56.59
C ARG M 246 64.98 27.06 56.11
N VAL M 247 64.92 26.84 54.80
CA VAL M 247 64.14 25.73 54.25
C VAL M 247 65.10 24.73 53.60
N TYR M 248 64.92 23.46 53.92
CA TYR M 248 65.66 22.40 53.28
C TYR M 248 64.69 21.57 52.46
N ALA M 249 65.21 20.88 51.45
CA ALA M 249 64.37 19.93 50.71
C ALA M 249 65.08 18.58 50.68
N ILE M 250 64.41 17.53 51.14
CA ILE M 250 64.92 16.18 51.12
C ILE M 250 63.95 15.27 50.37
N LEU M 251 64.42 14.71 49.26
CA LEU M 251 63.68 13.83 48.35
C LEU M 251 64.53 12.57 48.12
N THR M 252 63.91 11.40 48.08
CA THR M 252 64.67 10.17 47.78
C THR M 252 65.18 10.07 46.34
N HIS M 253 64.33 10.35 45.35
CA HIS M 253 64.68 10.28 43.92
C HIS M 253 64.91 11.65 43.30
N GLY M 254 66.17 11.91 42.92
CA GLY M 254 66.47 13.18 42.32
C GLY M 254 66.56 13.14 40.80
N ILE M 255 65.39 13.27 40.16
CA ILE M 255 65.30 13.23 38.70
C ILE M 255 65.86 14.52 38.09
N PHE M 256 65.41 15.68 38.59
CA PHE M 256 65.86 17.03 38.18
C PHE M 256 65.87 17.20 36.67
N SER M 257 64.71 17.04 36.06
CA SER M 257 64.63 17.22 34.62
C SER M 257 64.16 18.61 34.24
N GLY M 258 64.47 18.97 33.01
CA GLY M 258 64.05 20.22 32.47
C GLY M 258 64.72 21.35 33.20
N PRO M 259 63.92 22.30 33.68
CA PRO M 259 64.47 23.49 34.35
C PRO M 259 64.80 23.29 35.82
N ALA M 260 64.68 22.05 36.31
CA ALA M 260 64.81 21.78 37.74
C ALA M 260 66.05 22.39 38.38
N ILE M 261 67.22 22.18 37.79
CA ILE M 261 68.43 22.70 38.43
C ILE M 261 68.37 24.22 38.52
N SER M 262 67.95 24.87 37.44
CA SER M 262 67.84 26.31 37.43
C SER M 262 66.81 26.81 38.44
N ARG M 263 65.69 26.09 38.55
CA ARG M 263 64.66 26.45 39.51
C ARG M 263 65.18 26.38 40.94
N ILE M 264 65.92 25.33 41.29
CA ILE M 264 66.47 25.19 42.64
C ILE M 264 67.41 26.33 42.94
N ASN M 265 68.36 26.61 42.03
CA ASN M 265 69.26 27.73 42.24
C ASN M 265 68.53 29.07 42.42
N ASN M 266 67.45 29.29 41.67
CA ASN M 266 66.71 30.53 41.88
C ASN M 266 65.93 30.52 43.19
N ALA M 267 65.59 29.33 43.71
CA ALA M 267 64.85 29.20 44.95
C ALA M 267 65.80 29.38 46.14
N CYS M 268 65.21 29.46 47.33
CA CYS M 268 65.92 29.79 48.55
C CYS M 268 66.43 28.59 49.37
N PHE M 269 66.46 27.38 48.80
CA PHE M 269 66.87 26.20 49.56
C PHE M 269 68.26 26.35 50.15
N GLU M 270 68.42 26.01 51.42
CA GLU M 270 69.74 25.94 52.02
C GLU M 270 70.50 24.77 51.43
N ALA M 271 69.79 23.67 51.19
CA ALA M 271 70.28 22.44 50.56
C ALA M 271 69.10 21.62 50.04
N VAL M 272 69.37 20.92 48.95
CA VAL M 272 68.46 19.90 48.41
C VAL M 272 69.19 18.57 48.51
N VAL M 273 68.64 17.64 49.30
CA VAL M 273 69.25 16.36 49.57
C VAL M 273 68.47 15.28 48.85
N VAL M 274 69.19 14.47 48.07
CA VAL M 274 68.62 13.35 47.35
C VAL M 274 69.48 12.13 47.62
N THR M 275 68.96 10.95 47.34
CA THR M 275 69.86 9.80 47.43
C THR M 275 70.50 9.52 46.08
N ASN M 276 71.37 8.50 46.02
CA ASN M 276 72.10 8.09 44.82
C ASN M 276 71.30 7.14 43.91
N THR M 277 69.98 7.04 44.10
CA THR M 277 69.18 6.07 43.35
C THR M 277 69.22 6.42 41.87
N ILE M 278 69.44 7.69 41.54
CA ILE M 278 69.63 8.21 40.18
C ILE M 278 70.99 8.91 40.24
N PRO M 279 71.81 8.85 39.20
CA PRO M 279 73.09 9.55 39.22
C PRO M 279 72.99 11.04 39.42
N GLN M 280 73.81 11.54 40.34
CA GLN M 280 73.79 12.93 40.71
C GLN M 280 75.09 13.65 40.47
N GLU M 281 76.20 12.93 40.27
CA GLU M 281 77.50 13.59 40.12
C GLU M 281 77.44 14.74 39.12
N ASP M 282 76.86 14.46 37.96
CA ASP M 282 76.71 15.47 36.94
C ASP M 282 75.90 16.65 37.44
N LYS M 283 74.85 16.41 38.21
CA LYS M 283 74.03 17.54 38.60
C LYS M 283 74.64 18.31 39.77
N MET M 284 75.39 17.63 40.63
CA MET M 284 76.09 18.32 41.70
C MET M 284 77.15 19.23 41.14
N LYS M 285 77.63 18.94 39.93
CA LYS M 285 78.64 19.79 39.31
C LYS M 285 78.04 21.14 38.96
N HIS M 286 76.75 21.18 38.61
CA HIS M 286 76.03 22.40 38.23
C HIS M 286 75.12 22.97 39.31
N CYS M 287 75.02 22.35 40.49
CA CYS M 287 74.18 22.90 41.56
C CYS M 287 74.88 22.76 42.90
N SER M 288 75.30 23.89 43.46
CA SER M 288 76.03 23.87 44.72
C SER M 288 75.20 23.35 45.89
N LYS M 289 73.86 23.42 45.79
CA LYS M 289 73.06 23.05 46.95
C LYS M 289 72.65 21.58 47.00
N ILE M 290 72.89 20.80 45.96
CA ILE M 290 72.58 19.38 46.04
C ILE M 290 73.63 18.63 46.85
N GLN M 291 73.17 17.86 47.83
CA GLN M 291 73.98 16.89 48.57
C GLN M 291 73.33 15.54 48.40
N VAL M 292 74.14 14.49 48.34
CA VAL M 292 73.64 13.14 48.14
C VAL M 292 73.86 12.23 49.33
N ILE M 293 72.82 11.45 49.68
CA ILE M 293 72.95 10.32 50.60
C ILE M 293 73.19 9.04 49.83
N ASP M 294 74.30 8.38 50.14
CA ASP M 294 74.62 7.07 49.57
C ASP M 294 73.75 5.98 50.20
N ILE M 295 73.03 5.23 49.37
CA ILE M 295 72.14 4.15 49.80
C ILE M 295 72.65 2.81 49.34
N SER M 296 73.90 2.76 48.87
CA SER M 296 74.50 1.50 48.42
C SER M 296 74.50 0.45 49.52
N MET M 297 74.65 0.86 50.77
CA MET M 297 74.70 -0.12 51.86
C MET M 297 73.34 -0.77 52.08
N ILE M 298 72.25 -0.02 51.96
CA ILE M 298 70.92 -0.64 52.03
C ILE M 298 70.73 -1.69 50.94
N LEU M 299 71.12 -1.35 49.69
CA LEU M 299 70.89 -2.27 48.58
C LEU M 299 71.80 -3.49 48.66
N ALA M 300 73.10 -3.27 48.88
CA ALA M 300 74.00 -4.40 49.04
C ALA M 300 73.52 -5.31 50.15
N GLU M 301 73.02 -4.70 51.24
CA GLU M 301 72.56 -5.51 52.36
C GLU M 301 71.29 -6.28 52.00
N ALA M 302 70.40 -5.68 51.20
CA ALA M 302 69.23 -6.40 50.70
C ALA M 302 69.60 -7.53 49.76
N ILE M 303 70.66 -7.36 48.99
CA ILE M 303 71.07 -8.42 48.08
C ILE M 303 71.66 -9.55 48.89
N ARG M 304 72.52 -9.20 49.87
CA ARG M 304 73.04 -10.19 50.81
C ARG M 304 71.90 -11.01 51.37
N ARG M 305 70.88 -10.32 51.83
CA ARG M 305 69.87 -10.96 52.64
C ARG M 305 69.05 -11.90 51.78
N THR M 306 68.79 -11.48 50.53
CA THR M 306 68.15 -12.32 49.53
C THR M 306 68.99 -13.56 49.22
N HIS M 307 70.30 -13.40 49.09
CA HIS M 307 71.14 -14.54 48.75
C HIS M 307 71.26 -15.56 49.90
N ASN M 308 71.39 -15.11 51.15
CA ASN M 308 71.58 -16.01 52.30
C ASN M 308 72.94 -16.69 52.27
N PRO N 2 20.52 -7.94 24.59
CA PRO N 2 19.51 -7.96 25.64
C PRO N 2 19.71 -9.14 26.56
N ASN N 3 20.85 -9.17 27.18
CA ASN N 3 21.22 -10.29 27.97
C ASN N 3 21.83 -9.94 29.26
N ILE N 4 21.07 -9.42 30.18
CA ILE N 4 21.63 -8.95 31.43
C ILE N 4 20.98 -9.47 32.66
N LYS N 5 21.78 -9.93 33.61
CA LYS N 5 21.28 -10.47 34.82
C LYS N 5 21.95 -9.98 36.00
N ILE N 6 21.24 -9.62 37.03
CA ILE N 6 21.83 -9.24 38.28
C ILE N 6 21.45 -10.27 39.25
N PHE N 7 22.40 -10.72 40.00
CA PHE N 7 22.22 -11.72 41.04
C PHE N 7 22.76 -11.13 42.34
N SER N 8 22.19 -11.56 43.47
CA SER N 8 22.67 -11.06 44.76
C SER N 8 23.28 -12.17 45.61
N GLY N 9 24.25 -11.77 46.41
CA GLY N 9 24.83 -12.64 47.40
C GLY N 9 23.96 -12.61 48.64
N SER N 10 24.31 -13.32 49.66
CA SER N 10 23.54 -13.05 50.89
C SER N 10 24.12 -11.81 51.55
N SER N 11 25.20 -11.30 51.00
CA SER N 11 26.07 -10.25 51.53
C SER N 11 25.28 -9.01 51.82
N HIS N 12 24.50 -8.53 50.89
CA HIS N 12 23.73 -7.39 51.21
C HIS N 12 22.69 -7.35 50.17
N GLN N 13 21.41 -7.33 50.52
CA GLN N 13 20.39 -7.38 49.52
C GLN N 13 19.50 -6.24 49.26
N ASP N 14 19.46 -5.22 50.10
CA ASP N 14 18.63 -4.10 49.79
C ASP N 14 19.23 -3.52 48.63
N LEU N 15 20.52 -3.30 48.60
CA LEU N 15 21.19 -2.68 47.46
C LEU N 15 21.06 -3.50 46.19
N SER N 16 21.25 -4.81 46.25
CA SER N 16 21.08 -5.56 45.00
C SER N 16 19.68 -5.33 44.40
N GLN N 17 18.66 -5.24 45.26
CA GLN N 17 17.31 -4.95 44.80
C GLN N 17 17.21 -3.53 44.26
N LYS N 18 17.77 -2.57 44.99
CA LYS N 18 17.75 -1.19 44.57
C LYS N 18 18.40 -1.01 43.19
N ILE N 19 19.55 -1.65 42.98
CA ILE N 19 20.23 -1.62 41.69
C ILE N 19 19.38 -2.25 40.61
N ALA N 20 18.84 -3.44 40.89
CA ALA N 20 18.01 -4.09 39.87
C ALA N 20 16.81 -3.24 39.52
N ASP N 21 16.24 -2.56 40.51
CA ASP N 21 15.14 -1.61 40.31
C ASP N 21 15.58 -0.48 39.36
N ARG N 22 16.76 0.12 39.61
CA ARG N 22 17.18 1.25 38.78
C ARG N 22 17.37 0.84 37.32
N LEU N 23 17.55 -0.45 37.08
CA LEU N 23 17.77 -0.98 35.75
C LEU N 23 16.52 -1.65 35.22
N GLY N 24 15.44 -1.64 35.98
CA GLY N 24 14.18 -2.22 35.55
C GLY N 24 14.18 -3.73 35.54
N LEU N 25 14.89 -4.36 36.44
CA LEU N 25 15.06 -5.79 36.38
C LEU N 25 14.67 -6.41 37.71
N GLU N 26 14.28 -7.66 37.65
CA GLU N 26 14.20 -8.45 38.86
C GLU N 26 15.50 -9.19 39.06
N LEU N 27 15.88 -9.38 40.32
CA LEU N 27 17.05 -10.20 40.63
C LEU N 27 16.89 -11.62 40.11
N GLY N 28 17.97 -12.13 39.50
CA GLY N 28 18.02 -13.52 39.06
C GLY N 28 17.81 -14.49 40.21
N LYS N 29 17.20 -15.64 39.91
CA LYS N 29 16.94 -16.62 40.96
C LYS N 29 18.16 -17.46 41.32
N VAL N 30 18.53 -17.47 42.61
CA VAL N 30 19.70 -18.20 43.13
C VAL N 30 19.44 -18.62 44.56
N VAL N 31 19.87 -19.84 44.91
CA VAL N 31 19.87 -20.36 46.29
C VAL N 31 21.28 -20.22 46.85
N THR N 32 21.48 -19.35 47.84
CA THR N 32 22.78 -19.12 48.48
C THR N 32 22.67 -19.45 49.97
N LYS N 33 23.13 -20.63 50.39
CA LYS N 33 22.97 -20.98 51.80
C LYS N 33 24.29 -21.58 52.31
N LYS N 34 24.29 -22.11 53.54
CA LYS N 34 25.38 -22.93 54.05
C LYS N 34 24.80 -24.26 54.48
N PHE N 35 25.50 -25.32 54.12
CA PHE N 35 25.20 -26.66 54.57
C PHE N 35 25.51 -26.76 56.07
N SER N 36 25.10 -27.88 56.64
CA SER N 36 25.30 -28.18 58.06
C SER N 36 26.76 -28.04 58.47
N ASN N 37 27.65 -28.54 57.63
CA ASN N 37 29.07 -28.58 57.91
C ASN N 37 29.81 -27.30 57.57
N GLN N 38 29.11 -26.20 57.32
CA GLN N 38 29.66 -24.86 57.13
C GLN N 38 30.08 -24.60 55.71
N GLU N 39 30.02 -25.59 54.83
CA GLU N 39 30.38 -25.36 53.44
C GLU N 39 29.36 -24.48 52.71
N THR N 40 29.85 -23.48 51.97
CA THR N 40 28.96 -22.59 51.23
C THR N 40 28.31 -23.32 50.06
N CYS N 41 26.98 -23.27 50.02
CA CYS N 41 26.15 -23.83 48.96
C CYS N 41 25.62 -22.75 48.03
N VAL N 42 25.84 -22.94 46.73
CA VAL N 42 25.26 -22.05 45.72
C VAL N 42 24.62 -22.89 44.63
N GLU N 43 23.41 -22.51 44.21
CA GLU N 43 22.75 -23.16 43.08
C GLU N 43 22.08 -22.04 42.30
N ILE N 44 22.58 -21.85 41.08
CA ILE N 44 22.05 -20.87 40.14
C ILE N 44 20.72 -21.40 39.61
N GLY N 45 19.64 -20.71 39.91
CA GLY N 45 18.27 -21.11 39.63
C GLY N 45 17.82 -20.85 38.20
N GLU N 46 18.65 -20.27 37.32
CA GLU N 46 18.26 -20.01 35.95
C GLU N 46 19.45 -20.11 35.01
N SER N 47 19.16 -20.28 33.72
CA SER N 47 20.19 -20.28 32.69
C SER N 47 20.80 -18.91 32.55
N VAL N 48 22.13 -18.87 32.51
CA VAL N 48 22.90 -17.66 32.24
C VAL N 48 23.70 -17.78 30.94
N ARG N 49 23.48 -18.87 30.19
CA ARG N 49 24.19 -19.14 28.96
C ARG N 49 24.09 -17.97 27.98
N GLY N 50 25.24 -17.40 27.66
CA GLY N 50 25.37 -16.30 26.74
C GLY N 50 25.01 -14.94 27.28
N GLU N 51 24.79 -14.82 28.59
CA GLU N 51 24.36 -13.56 29.18
C GLU N 51 25.48 -12.80 29.89
N ASP N 52 25.26 -11.48 29.99
CA ASP N 52 26.14 -10.55 30.72
C ASP N 52 25.69 -10.49 32.17
N VAL N 53 26.42 -11.22 33.03
CA VAL N 53 26.03 -11.47 34.42
C VAL N 53 26.77 -10.55 35.36
N TYR N 54 26.03 -9.97 36.30
CA TYR N 54 26.54 -9.11 37.36
C TYR N 54 26.13 -9.75 38.67
N ILE N 55 27.10 -10.12 39.51
CA ILE N 55 26.85 -10.68 40.83
C ILE N 55 27.19 -9.57 41.81
N VAL N 56 26.22 -9.15 42.58
CA VAL N 56 26.44 -8.11 43.58
C VAL N 56 26.73 -8.73 44.92
N GLN N 57 27.91 -8.49 45.44
CA GLN N 57 28.24 -9.02 46.75
C GLN N 57 29.18 -8.02 47.39
N SER N 58 28.92 -7.71 48.65
CA SER N 58 29.68 -6.72 49.40
C SER N 58 30.71 -7.48 50.23
N GLY N 59 31.74 -6.74 50.62
CA GLY N 59 32.77 -7.30 51.49
C GLY N 59 32.47 -6.90 52.91
N CYS N 60 31.46 -7.50 53.50
CA CYS N 60 31.02 -7.09 54.85
C CYS N 60 30.26 -8.24 55.51
N GLY N 61 29.99 -8.21 56.81
CA GLY N 61 29.30 -9.36 57.41
C GLY N 61 30.27 -10.49 57.60
N GLU N 62 29.84 -11.75 57.58
CA GLU N 62 30.93 -12.72 57.73
C GLU N 62 31.62 -12.76 56.35
N ILE N 63 32.74 -12.02 56.25
CA ILE N 63 33.43 -11.76 54.98
C ILE N 63 33.94 -13.02 54.30
N ASN N 64 34.52 -13.94 55.03
CA ASN N 64 35.03 -15.11 54.33
C ASN N 64 33.93 -15.98 53.75
N ASP N 65 32.80 -16.15 54.46
CA ASP N 65 31.67 -16.86 53.86
C ASP N 65 31.15 -16.13 52.63
N ASN N 66 30.99 -14.82 52.73
CA ASN N 66 30.52 -14.03 51.60
C ASN N 66 31.46 -14.08 50.43
N LEU N 67 32.73 -13.98 50.69
CA LEU N 67 33.73 -14.05 49.60
C LEU N 67 33.70 -15.43 48.97
N MET N 68 33.67 -16.48 49.75
CA MET N 68 33.56 -17.81 49.17
C MET N 68 32.27 -17.96 48.35
N GLU N 69 31.17 -17.43 48.84
CA GLU N 69 29.92 -17.44 48.10
C GLU N 69 30.06 -16.71 46.77
N LEU N 70 30.70 -15.54 46.79
CA LEU N 70 30.95 -14.79 45.56
C LEU N 70 31.79 -15.61 44.59
N LEU N 71 32.86 -16.24 45.08
CA LEU N 71 33.75 -16.96 44.19
C LEU N 71 33.05 -18.18 43.59
N ILE N 72 32.23 -18.89 44.38
CA ILE N 72 31.53 -20.06 43.85
C ILE N 72 30.48 -19.63 42.83
N MET N 73 29.77 -18.56 43.11
CA MET N 73 28.80 -18.04 42.18
C MET N 73 29.43 -17.59 40.87
N ILE N 74 30.47 -16.76 40.93
CA ILE N 74 31.20 -16.36 39.72
C ILE N 74 31.68 -17.55 38.89
N ASN N 75 32.38 -18.49 39.53
CA ASN N 75 32.93 -19.64 38.80
C ASN N 75 31.80 -20.44 38.16
N ALA N 76 30.74 -20.71 38.94
CA ALA N 76 29.60 -21.46 38.42
C ALA N 76 29.01 -20.80 37.18
N CYS N 77 28.86 -19.47 37.19
CA CYS N 77 28.34 -18.75 36.03
C CYS N 77 29.28 -18.88 34.84
N LYS N 78 30.58 -18.81 35.10
CA LYS N 78 31.53 -18.90 34.01
C LYS N 78 31.47 -20.27 33.32
N ILE N 79 31.37 -21.36 34.09
CA ILE N 79 31.28 -22.65 33.40
C ILE N 79 29.88 -22.94 32.90
N ALA N 80 28.90 -22.13 33.24
CA ALA N 80 27.59 -22.31 32.63
C ALA N 80 27.48 -21.45 31.39
N SER N 81 28.65 -21.04 30.90
CA SER N 81 28.83 -20.40 29.62
C SER N 81 28.19 -19.02 29.58
N ALA N 82 28.18 -18.34 30.72
CA ALA N 82 27.84 -16.93 30.72
C ALA N 82 28.81 -16.19 29.82
N SER N 83 28.31 -15.18 29.12
CA SER N 83 29.17 -14.42 28.24
C SER N 83 30.22 -13.65 29.01
N ARG N 84 29.84 -13.05 30.12
CA ARG N 84 30.73 -12.23 30.91
C ARG N 84 30.20 -12.25 32.32
N VAL N 85 31.11 -12.28 33.29
CA VAL N 85 30.74 -12.24 34.70
C VAL N 85 31.45 -11.07 35.34
N THR N 86 30.66 -10.16 35.89
CA THR N 86 31.19 -8.98 36.55
C THR N 86 30.88 -9.11 38.04
N ALA N 87 31.89 -8.90 38.86
CA ALA N 87 31.72 -8.89 40.30
C ALA N 87 31.51 -7.44 40.73
N VAL N 88 30.36 -7.17 41.33
CA VAL N 88 30.02 -5.86 41.83
C VAL N 88 30.21 -5.92 43.35
N ILE N 89 31.28 -5.31 43.84
CA ILE N 89 31.70 -5.47 45.23
C ILE N 89 31.77 -4.07 45.81
N PRO N 90 30.64 -3.57 46.30
CA PRO N 90 30.63 -2.18 46.80
C PRO N 90 31.73 -1.88 47.79
N CYS N 91 31.90 -2.70 48.81
CA CYS N 91 33.00 -2.50 49.75
C CYS N 91 33.98 -3.67 49.61
N PHE N 92 35.15 -3.39 49.04
CA PHE N 92 36.15 -4.42 48.77
C PHE N 92 36.79 -4.97 50.04
N PRO N 93 36.65 -6.25 50.32
CA PRO N 93 37.25 -6.85 51.52
C PRO N 93 38.77 -6.87 51.45
N TYR N 94 39.39 -6.79 52.60
CA TYR N 94 40.82 -6.92 52.77
C TYR N 94 41.66 -5.84 52.18
N ALA N 95 41.06 -4.74 51.81
CA ALA N 95 41.79 -3.66 51.22
C ALA N 95 42.73 -2.99 52.12
N ARG N 96 42.34 -2.87 53.37
CA ARG N 96 43.14 -2.18 54.34
C ARG N 96 44.24 -2.98 54.83
N GLN N 97 45.42 -2.43 54.82
CA GLN N 97 46.58 -3.14 55.27
C GLN N 97 46.79 -2.82 56.71
N ASP N 98 46.66 -3.81 57.57
CA ASP N 98 46.84 -3.57 59.01
C ASP N 98 48.11 -4.23 59.45
N LYS N 99 49.12 -3.92 58.65
CA LYS N 99 50.51 -4.31 58.67
C LYS N 99 51.26 -3.77 59.85
N LYS N 100 50.79 -2.64 60.37
CA LYS N 100 51.47 -1.96 61.43
C LYS N 100 52.89 -1.51 61.03
N ASP N 101 52.94 -0.99 59.79
CA ASP N 101 53.99 -0.19 59.07
C ASP N 101 55.36 -0.83 58.70
N LYS N 102 56.18 -1.21 59.68
CA LYS N 102 57.56 -1.72 59.55
C LYS N 102 58.58 -0.56 59.47
N VAL N 103 59.87 -0.84 59.60
CA VAL N 103 60.86 0.22 59.48
C VAL N 103 61.90 -0.18 58.46
N GLY N 104 62.13 0.67 57.51
CA GLY N 104 63.12 0.40 56.51
C GLY N 104 62.65 -0.28 55.27
N GLU N 105 61.48 -0.88 55.32
CA GLU N 105 60.85 -1.51 54.17
C GLU N 105 59.39 -1.70 54.43
N SER N 106 58.61 -1.82 53.40
CA SER N 106 57.19 -1.93 53.55
C SER N 106 56.63 -3.26 53.22
N ARG N 107 55.63 -3.65 53.98
CA ARG N 107 54.94 -4.91 53.78
C ARG N 107 54.14 -4.91 52.47
N ALA N 108 53.78 -6.10 52.02
CA ALA N 108 53.15 -6.15 50.73
C ALA N 108 51.68 -6.43 51.00
N PRO N 109 50.83 -6.09 50.08
CA PRO N 109 49.44 -6.36 50.34
C PRO N 109 49.11 -7.78 50.02
N ILE N 110 49.44 -8.72 50.86
CA ILE N 110 49.16 -10.10 50.57
C ILE N 110 47.71 -10.36 50.39
N SER N 111 46.95 -10.03 51.40
CA SER N 111 45.56 -10.30 51.38
C SER N 111 44.80 -9.60 50.34
N ALA N 112 45.09 -8.36 50.06
CA ALA N 112 44.33 -7.70 48.99
C ALA N 112 44.67 -8.25 47.60
N LYS N 113 45.91 -8.63 47.39
CA LYS N 113 46.28 -9.25 46.14
C LYS N 113 45.73 -10.66 46.05
N LEU N 114 45.80 -11.42 47.15
CA LEU N 114 45.18 -12.75 47.21
C LEU N 114 43.71 -12.69 46.84
N VAL N 115 42.95 -11.76 47.43
CA VAL N 115 41.54 -11.64 47.05
C VAL N 115 41.40 -11.40 45.56
N ALA N 116 42.20 -10.47 45.02
CA ALA N 116 42.20 -10.26 43.57
C ALA N 116 42.51 -11.53 42.77
N ASN N 117 43.52 -12.29 43.18
CA ASN N 117 43.88 -13.53 42.50
C ASN N 117 42.78 -14.58 42.58
N MET N 118 42.11 -14.66 43.70
CA MET N 118 41.03 -15.62 43.81
C MET N 118 39.86 -15.23 42.93
N LEU N 119 39.53 -13.94 42.89
CA LEU N 119 38.50 -13.50 41.97
C LEU N 119 38.91 -13.85 40.55
N SER N 120 40.19 -13.66 40.23
CA SER N 120 40.69 -13.93 38.88
C SER N 120 40.57 -15.40 38.51
N VAL N 121 41.03 -16.31 39.37
CA VAL N 121 40.90 -17.74 39.05
C VAL N 121 39.45 -18.21 39.07
N ALA N 122 38.59 -17.55 39.86
CA ALA N 122 37.17 -17.86 39.79
C ALA N 122 36.58 -17.54 38.43
N GLY N 123 37.11 -16.53 37.74
CA GLY N 123 36.68 -16.27 36.38
C GLY N 123 36.04 -14.91 36.19
N ALA N 124 36.24 -14.02 37.15
CA ALA N 124 35.73 -12.65 37.00
C ALA N 124 36.36 -11.96 35.82
N ASP N 125 35.51 -11.34 35.02
CA ASP N 125 35.96 -10.61 33.85
C ASP N 125 36.01 -9.13 34.11
N HIS N 126 35.42 -8.66 35.19
CA HIS N 126 35.32 -7.23 35.35
C HIS N 126 34.93 -7.06 36.82
N ILE N 127 35.47 -6.03 37.47
CA ILE N 127 35.15 -5.69 38.85
C ILE N 127 34.55 -4.30 38.89
N ILE N 128 33.42 -4.15 39.59
CA ILE N 128 32.91 -2.84 39.97
C ILE N 128 32.95 -2.73 41.49
N THR N 129 33.61 -1.69 42.02
CA THR N 129 33.74 -1.49 43.45
C THR N 129 33.63 0.00 43.74
N MET N 130 33.56 0.36 45.02
CA MET N 130 33.50 1.76 45.37
C MET N 130 34.51 2.18 46.43
N ASP N 131 35.19 3.29 46.16
CA ASP N 131 36.21 3.92 47.02
C ASP N 131 37.13 2.87 47.66
N LEU N 132 37.87 2.21 46.81
CA LEU N 132 38.95 1.35 47.26
C LEU N 132 39.83 2.07 48.27
N HIS N 133 40.18 1.36 49.34
CA HIS N 133 41.04 1.94 50.37
C HIS N 133 42.30 2.53 49.75
N ALA N 134 42.92 1.80 48.80
CA ALA N 134 44.02 2.30 47.97
C ALA N 134 43.65 2.07 46.50
N SER N 135 43.74 3.15 45.71
CA SER N 135 43.39 3.10 44.29
C SER N 135 44.20 2.09 43.48
N GLN N 136 45.40 1.78 43.93
CA GLN N 136 46.28 0.81 43.30
C GLN N 136 45.73 -0.60 43.29
N ILE N 137 44.76 -0.89 44.15
CA ILE N 137 44.16 -2.21 44.11
C ILE N 137 43.61 -2.48 42.72
N GLN N 138 43.25 -1.42 42.00
CA GLN N 138 42.86 -1.55 40.59
C GLN N 138 43.87 -2.33 39.78
N GLY N 139 45.15 -2.10 40.00
CA GLY N 139 46.20 -2.82 39.32
C GLY N 139 46.55 -4.20 39.82
N PHE N 140 45.85 -4.70 40.81
CA PHE N 140 46.05 -6.09 41.23
C PHE N 140 45.37 -7.07 40.29
N PHE N 141 44.59 -6.58 39.33
CA PHE N 141 43.88 -7.37 38.34
C PHE N 141 44.43 -7.16 36.93
N ASP N 142 44.06 -8.08 36.02
CA ASP N 142 44.26 -7.91 34.59
C ASP N 142 42.95 -7.61 33.87
N ILE N 143 41.83 -7.90 34.50
CA ILE N 143 40.51 -7.52 34.05
C ILE N 143 40.29 -6.06 34.42
N PRO N 144 39.42 -5.34 33.74
CA PRO N 144 39.13 -3.97 34.15
C PRO N 144 38.50 -3.93 35.54
N VAL N 145 38.93 -2.96 36.36
CA VAL N 145 38.32 -2.66 37.65
C VAL N 145 37.86 -1.22 37.55
N ASP N 146 36.61 -0.97 37.90
CA ASP N 146 36.08 0.38 38.05
C ASP N 146 36.05 0.75 39.50
N ASN N 147 36.84 1.74 39.89
CA ASN N 147 36.85 2.17 41.28
C ASN N 147 36.00 3.45 41.27
N LEU N 148 34.72 3.29 41.59
CA LEU N 148 33.78 4.40 41.60
C LEU N 148 33.91 5.25 42.86
N TYR N 149 33.55 6.52 42.76
CA TYR N 149 33.63 7.41 43.89
C TYR N 149 32.25 7.85 44.36
N ALA N 150 32.12 7.86 45.68
CA ALA N 150 30.97 8.38 46.41
C ALA N 150 31.05 9.88 46.57
N GLU N 151 32.17 10.49 46.22
CA GLU N 151 32.39 11.93 46.42
C GLU N 151 31.21 12.74 45.89
N PRO N 152 30.72 12.56 44.66
CA PRO N 152 29.59 13.40 44.24
C PRO N 152 28.41 13.30 45.18
N ALA N 153 28.10 12.10 45.71
CA ALA N 153 26.99 11.95 46.65
C ALA N 153 27.26 12.57 48.03
N VAL N 154 28.51 12.59 48.52
CA VAL N 154 28.76 13.27 49.77
C VAL N 154 28.65 14.77 49.55
N LEU N 155 29.23 15.26 48.46
CA LEU N 155 29.11 16.65 48.05
C LEU N 155 27.64 17.10 47.99
N LYS N 156 26.77 16.26 47.53
CA LYS N 156 25.38 16.64 47.47
C LYS N 156 24.79 16.62 48.84
N TRP N 157 25.09 15.61 49.62
CA TRP N 157 24.56 15.57 50.98
C TRP N 157 25.03 16.74 51.83
N ILE N 158 26.30 17.09 51.74
CA ILE N 158 26.81 18.23 52.49
C ILE N 158 26.06 19.50 52.09
N ARG N 159 26.02 19.84 50.79
CA ARG N 159 25.25 21.03 50.39
C ARG N 159 23.79 20.98 50.83
N GLU N 160 23.16 19.80 50.83
CA GLU N 160 21.73 19.74 51.10
C GLU N 160 21.40 19.75 52.60
N ASN N 161 22.31 19.31 53.46
CA ASN N 161 21.98 19.10 54.86
C ASN N 161 22.75 19.92 55.88
N ILE N 162 23.89 20.51 55.55
CA ILE N 162 24.63 21.31 56.53
C ILE N 162 24.54 22.77 56.13
N SER N 163 23.98 23.57 57.05
CA SER N 163 23.54 24.93 56.74
C SER N 163 24.70 25.86 56.45
N GLU N 164 25.70 25.90 57.35
CA GLU N 164 26.88 26.72 57.18
C GLU N 164 27.95 26.05 56.29
N TRP N 165 27.55 25.15 55.39
CA TRP N 165 28.57 24.41 54.63
C TRP N 165 29.47 25.32 53.80
N ARG N 166 29.03 26.52 53.44
CA ARG N 166 29.86 27.38 52.60
C ARG N 166 31.00 27.98 53.39
N ASN N 167 30.87 28.07 54.72
CA ASN N 167 31.95 28.59 55.55
C ASN N 167 32.44 27.53 56.54
N CYS N 168 32.34 26.23 56.19
CA CYS N 168 32.76 25.17 57.11
C CYS N 168 34.22 24.80 56.85
N THR N 169 34.71 23.75 57.51
CA THR N 169 35.98 23.13 57.16
C THR N 169 35.80 21.61 57.16
N ILE N 170 36.81 20.92 56.61
CA ILE N 170 36.81 19.48 56.36
C ILE N 170 38.10 18.90 56.91
N VAL N 171 37.98 18.03 57.89
CA VAL N 171 39.09 17.49 58.64
C VAL N 171 39.32 16.04 58.26
N SER N 172 40.56 15.69 58.09
CA SER N 172 40.97 14.32 57.88
C SER N 172 41.36 13.69 59.20
N PRO N 173 40.82 12.52 59.56
CA PRO N 173 41.19 11.89 60.84
C PRO N 173 42.63 11.46 60.97
N ASP N 174 43.36 11.26 59.87
CA ASP N 174 44.76 10.86 59.96
C ASP N 174 45.52 11.45 58.77
N ALA N 175 46.83 11.22 58.77
CA ALA N 175 47.68 11.68 57.69
C ALA N 175 47.26 11.08 56.36
N GLY N 176 46.89 9.79 56.35
CA GLY N 176 46.54 9.14 55.10
C GLY N 176 45.35 9.76 54.39
N GLY N 177 44.37 10.26 55.13
CA GLY N 177 43.24 10.76 54.39
C GLY N 177 43.38 12.19 53.89
N ALA N 178 44.59 12.73 53.89
CA ALA N 178 44.81 14.11 53.47
C ALA N 178 44.27 14.38 52.06
N LYS N 179 44.63 13.53 51.09
CA LYS N 179 44.26 13.80 49.69
C LYS N 179 42.74 13.72 49.55
N ARG N 180 42.10 12.83 50.32
CA ARG N 180 40.64 12.75 50.29
C ARG N 180 39.94 14.05 50.71
N VAL N 181 40.43 14.72 51.76
CA VAL N 181 39.70 15.91 52.21
C VAL N 181 40.03 17.13 51.37
N THR N 182 41.26 17.26 50.90
CA THR N 182 41.56 18.40 50.05
C THR N 182 40.77 18.36 48.75
N SER N 183 40.56 17.17 48.20
CA SER N 183 39.72 17.05 47.02
C SER N 183 38.33 17.60 47.28
N ILE N 184 37.74 17.25 48.42
CA ILE N 184 36.40 17.71 48.72
C ILE N 184 36.39 19.19 49.06
N ALA N 185 37.40 19.64 49.84
CA ALA N 185 37.47 21.06 50.18
C ALA N 185 37.63 21.94 48.97
N ASP N 186 38.41 21.48 47.98
CA ASP N 186 38.56 22.27 46.77
C ASP N 186 37.25 22.31 46.01
N ARG N 187 36.52 21.18 46.01
CA ARG N 187 35.23 21.16 45.33
C ARG N 187 34.24 22.09 46.04
N LEU N 188 34.29 22.16 47.38
CA LEU N 188 33.37 23.05 48.10
C LEU N 188 33.88 24.48 48.27
N ASN N 189 35.10 24.76 47.84
CA ASN N 189 35.80 26.03 48.06
C ASN N 189 35.84 26.44 49.55
N VAL N 190 36.24 25.49 50.41
CA VAL N 190 36.30 25.71 51.85
C VAL N 190 37.66 25.31 52.39
N ASP N 191 37.85 25.50 53.71
CA ASP N 191 39.09 25.20 54.42
C ASP N 191 39.16 23.71 54.76
N PHE N 192 40.37 23.24 54.97
CA PHE N 192 40.64 21.90 55.46
C PHE N 192 41.53 21.92 56.70
N ALA N 193 41.48 20.83 57.44
CA ALA N 193 42.34 20.60 58.59
C ALA N 193 42.69 19.12 58.66
N LEU N 194 43.73 18.78 59.42
CA LEU N 194 44.13 17.39 59.52
C LEU N 194 44.47 17.06 60.97
N ILE N 195 44.05 15.86 61.41
CA ILE N 195 44.37 15.36 62.75
C ILE N 195 45.40 14.24 62.63
N HIS N 196 46.34 14.18 63.59
CA HIS N 196 47.36 13.14 63.65
C HIS N 196 47.68 12.67 65.07
N LYS N 197 47.87 11.36 65.29
CA LYS N 197 48.31 10.89 66.62
C LYS N 197 49.82 10.89 66.81
N MET N 208 47.22 13.45 70.55
CA MET N 208 46.60 13.92 69.31
C MET N 208 46.91 15.38 69.00
N VAL N 209 47.28 15.66 67.73
CA VAL N 209 47.58 17.00 67.22
C VAL N 209 46.64 17.39 66.09
N LEU N 210 46.23 18.67 66.07
CA LEU N 210 45.38 19.23 65.01
C LEU N 210 46.16 20.31 64.29
N VAL N 211 46.20 20.23 62.98
CA VAL N 211 46.74 21.30 62.16
C VAL N 211 45.65 21.88 61.28
N GLY N 212 45.48 23.21 61.34
CA GLY N 212 44.45 23.92 60.61
C GLY N 212 43.42 24.61 61.48
N ASP N 213 42.69 25.58 60.94
CA ASP N 213 41.75 26.36 61.74
C ASP N 213 40.38 25.74 61.65
N VAL N 214 39.81 25.39 62.78
CA VAL N 214 38.47 24.84 62.78
C VAL N 214 37.53 25.61 63.70
N LYS N 215 38.10 26.54 64.50
CA LYS N 215 37.39 27.32 65.50
C LYS N 215 36.21 28.13 64.94
N ASP N 216 35.04 27.95 65.60
CA ASP N 216 33.76 28.66 65.39
C ASP N 216 33.07 28.35 64.07
N ARG N 217 33.39 27.22 63.44
CA ARG N 217 32.74 26.80 62.21
C ARG N 217 32.48 25.30 62.32
N VAL N 218 31.49 24.83 61.58
CA VAL N 218 31.14 23.41 61.56
C VAL N 218 32.25 22.61 60.87
N ALA N 219 32.74 21.56 61.53
CA ALA N 219 33.79 20.67 61.03
C ALA N 219 33.22 19.33 60.59
N ILE N 220 33.54 18.91 59.35
CA ILE N 220 33.08 17.63 58.82
C ILE N 220 34.27 16.68 58.64
N LEU N 221 34.38 15.66 59.48
CA LEU N 221 35.38 14.61 59.29
C LEU N 221 34.99 13.67 58.16
N VAL N 222 35.81 13.56 57.12
CA VAL N 222 35.54 12.62 56.03
C VAL N 222 36.71 11.65 55.90
N ASP N 223 36.38 10.41 55.70
CA ASP N 223 37.31 9.34 55.53
C ASP N 223 36.68 8.20 54.75
N ASP N 224 37.45 7.23 54.31
CA ASP N 224 36.91 6.10 53.61
C ASP N 224 36.10 5.06 54.30
N MET N 225 36.42 4.68 55.50
CA MET N 225 35.75 3.63 56.20
C MET N 225 35.73 3.76 57.68
N ALA N 226 34.77 3.18 58.35
CA ALA N 226 34.71 3.25 59.78
C ALA N 226 34.54 1.91 60.30
N ASP N 227 35.48 1.43 61.08
CA ASP N 227 35.38 0.14 61.62
C ASP N 227 35.13 0.20 63.04
N THR N 228 36.14 0.40 63.86
CA THR N 228 35.98 0.51 65.30
C THR N 228 35.71 1.94 65.73
N CYS N 229 35.93 2.89 64.84
CA CYS N 229 35.62 4.29 65.08
C CYS N 229 36.44 4.93 66.19
N GLY N 230 37.57 4.36 66.62
CA GLY N 230 38.34 5.02 67.66
C GLY N 230 38.98 6.33 67.22
N THR N 231 39.61 6.32 66.04
CA THR N 231 40.20 7.54 65.49
C THR N 231 39.17 8.63 65.25
N ILE N 232 38.08 8.32 64.55
CA ILE N 232 37.12 9.39 64.27
C ILE N 232 36.51 9.96 65.56
N CYS N 233 36.34 9.15 66.59
CA CYS N 233 35.75 9.72 67.81
C CYS N 233 36.75 10.56 68.61
N HIS N 234 38.01 10.13 68.68
CA HIS N 234 38.98 11.00 69.35
C HIS N 234 39.16 12.29 68.57
N ALA N 235 39.21 12.18 67.24
CA ALA N 235 39.29 13.36 66.38
C ALA N 235 38.11 14.29 66.60
N ALA N 236 36.92 13.73 66.79
CA ALA N 236 35.74 14.56 67.05
C ALA N 236 35.89 15.31 68.37
N ASP N 237 36.44 14.65 69.38
CA ASP N 237 36.70 15.33 70.65
C ASP N 237 37.65 16.50 70.45
N LYS N 238 38.76 16.28 69.73
CA LYS N 238 39.71 17.38 69.53
C LYS N 238 39.09 18.52 68.76
N LEU N 239 38.27 18.21 67.77
CA LEU N 239 37.59 19.30 67.06
C LEU N 239 36.67 20.09 67.97
N LEU N 240 36.02 19.45 68.95
CA LEU N 240 35.22 20.21 69.91
C LEU N 240 36.09 21.08 70.82
N SER N 241 37.24 20.53 71.29
CA SER N 241 38.17 21.29 72.13
C SER N 241 38.78 22.48 71.39
N ALA N 242 38.84 22.42 70.07
CA ALA N 242 39.38 23.47 69.24
C ALA N 242 38.32 24.49 68.88
N GLY N 243 37.13 24.35 69.43
CA GLY N 243 36.09 25.33 69.25
C GLY N 243 35.27 25.15 68.00
N ALA N 244 35.15 23.93 67.50
CA ALA N 244 34.26 23.65 66.39
C ALA N 244 32.79 23.70 66.81
N THR N 245 31.98 24.36 65.97
CA THR N 245 30.55 24.55 66.24
C THR N 245 29.84 23.22 66.45
N ARG N 246 29.83 22.39 65.42
CA ARG N 246 29.26 21.05 65.42
C ARG N 246 30.18 20.16 64.62
N VAL N 247 30.27 18.88 64.99
CA VAL N 247 31.14 17.93 64.29
C VAL N 247 30.30 16.89 63.57
N TYR N 248 30.57 16.70 62.27
CA TYR N 248 29.98 15.64 61.46
C TYR N 248 31.05 14.64 61.07
N ALA N 249 30.60 13.42 60.77
CA ALA N 249 31.45 12.36 60.21
C ALA N 249 30.82 11.80 58.95
N ILE N 250 31.56 11.84 57.83
CA ILE N 250 31.09 11.28 56.58
C ILE N 250 32.12 10.26 56.09
N LEU N 251 31.70 9.00 56.00
CA LEU N 251 32.51 7.86 55.60
C LEU N 251 31.72 7.16 54.50
N THR N 252 32.39 6.72 53.44
CA THR N 252 31.65 5.97 52.42
C THR N 252 31.24 4.58 52.89
N HIS N 253 32.13 3.83 53.54
CA HIS N 253 31.84 2.46 54.00
C HIS N 253 31.58 2.39 55.49
N GLY N 254 30.35 2.07 55.88
CA GLY N 254 30.13 2.00 57.32
C GLY N 254 30.17 0.58 57.91
N ILE N 255 31.37 0.11 58.26
CA ILE N 255 31.52 -1.23 58.82
C ILE N 255 30.99 -1.30 60.26
N PHE N 256 31.43 -0.37 61.10
CA PHE N 256 30.95 -0.29 62.49
C PHE N 256 31.03 -1.63 63.24
N SER N 257 32.20 -2.23 63.34
CA SER N 257 32.28 -3.47 64.09
C SER N 257 32.75 -3.24 65.51
N GLY N 258 32.45 -4.21 66.38
CA GLY N 258 32.88 -4.18 67.76
C GLY N 258 32.22 -3.08 68.55
N PRO N 259 33.03 -2.25 69.23
CA PRO N 259 32.45 -1.22 70.07
C PRO N 259 32.04 0.04 69.33
N ALA N 260 32.17 0.02 68.00
CA ALA N 260 31.97 1.23 67.20
C ALA N 260 30.66 1.92 67.52
N ILE N 261 29.56 1.16 67.55
CA ILE N 261 28.25 1.77 67.80
C ILE N 261 28.23 2.40 69.17
N SER N 262 28.76 1.69 70.16
CA SER N 262 28.78 2.30 71.48
C SER N 262 29.64 3.54 71.50
N ARG N 263 30.78 3.50 70.81
CA ARG N 263 31.65 4.68 70.78
C ARG N 263 30.94 5.87 70.16
N ILE N 264 30.24 5.65 69.05
CA ILE N 264 29.53 6.73 68.36
C ILE N 264 28.46 7.34 69.27
N ASN N 265 27.65 6.51 69.92
CA ASN N 265 26.67 7.09 70.83
C ASN N 265 27.31 7.97 71.90
N ASN N 266 28.48 7.57 72.43
CA ASN N 266 29.17 8.42 73.39
C ASN N 266 29.84 9.65 72.77
N ALA N 267 30.18 9.62 71.48
CA ALA N 267 30.84 10.78 70.93
C ALA N 267 29.83 11.89 70.63
N CYS N 268 30.37 13.04 70.30
CA CYS N 268 29.63 14.30 70.14
C CYS N 268 29.16 14.58 68.70
N PHE N 269 29.20 13.59 67.83
CA PHE N 269 28.82 13.79 66.43
C PHE N 269 27.40 14.33 66.31
N GLU N 270 27.25 15.36 65.49
CA GLU N 270 25.92 15.83 65.13
C GLU N 270 25.22 14.79 64.27
N ALA N 271 25.97 14.14 63.38
CA ALA N 271 25.48 13.05 62.55
C ALA N 271 26.69 12.27 62.06
N VAL N 272 26.51 10.96 61.89
CA VAL N 272 27.49 10.10 61.24
C VAL N 272 26.84 9.59 59.97
N VAL N 273 27.40 9.95 58.81
CA VAL N 273 26.84 9.63 57.50
C VAL N 273 27.69 8.57 56.81
N VAL N 274 27.04 7.50 56.34
CA VAL N 274 27.73 6.44 55.61
C VAL N 274 26.93 6.18 54.34
N THR N 275 27.53 5.51 53.35
CA THR N 275 26.66 5.11 52.26
C THR N 275 26.14 3.70 52.52
N ASN N 276 25.30 3.21 51.58
CA ASN N 276 24.65 1.90 51.64
C ASN N 276 25.56 0.75 51.15
N THR N 277 26.87 0.98 51.02
CA THR N 277 27.73 -0.04 50.46
C THR N 277 27.72 -1.26 51.37
N ILE N 278 27.44 -1.05 52.65
CA ILE N 278 27.25 -2.10 53.64
C ILE N 278 25.87 -1.86 54.26
N PRO N 279 25.14 -2.93 54.60
CA PRO N 279 23.82 -2.79 55.24
C PRO N 279 23.85 -2.09 56.59
N GLN N 280 22.94 -1.14 56.77
CA GLN N 280 22.92 -0.33 57.97
C GLN N 280 21.65 -0.42 58.81
N GLU N 281 20.53 -0.96 58.28
CA GLU N 281 19.26 -0.94 59.01
C GLU N 281 19.42 -1.41 60.45
N ASP N 282 20.11 -2.53 60.65
CA ASP N 282 20.36 -3.03 62.01
C ASP N 282 21.15 -2.01 62.83
N LYS N 283 22.12 -1.35 62.22
CA LYS N 283 22.91 -0.49 63.06
C LYS N 283 22.22 0.85 63.28
N MET N 284 21.43 1.33 62.30
CA MET N 284 20.68 2.56 62.51
C MET N 284 19.55 2.45 63.52
N LYS N 285 19.00 1.27 63.70
CA LYS N 285 17.91 1.23 64.71
C LYS N 285 18.52 1.23 66.11
N HIS N 286 19.77 0.83 66.23
CA HIS N 286 20.42 0.83 67.51
C HIS N 286 21.38 2.03 67.69
N CYS N 287 21.49 2.92 66.68
CA CYS N 287 22.30 4.14 66.70
C CYS N 287 21.55 5.28 66.02
N SER N 288 21.19 6.31 66.78
CA SER N 288 20.26 7.30 66.24
C SER N 288 20.91 8.20 65.21
N LYS N 289 22.23 8.40 65.29
CA LYS N 289 22.92 9.42 64.52
C LYS N 289 23.37 8.96 63.15
N ILE N 290 23.28 7.66 62.84
CA ILE N 290 23.63 7.16 61.52
C ILE N 290 22.57 7.50 60.48
N GLN N 291 23.01 8.10 59.40
CA GLN N 291 22.25 8.36 58.18
C GLN N 291 22.94 7.70 56.99
N VAL N 292 22.20 7.21 56.00
CA VAL N 292 22.82 6.57 54.84
C VAL N 292 22.55 7.39 53.57
N ILE N 293 23.60 7.55 52.75
CA ILE N 293 23.45 8.05 51.39
C ILE N 293 23.29 6.86 50.46
N ASP N 294 22.21 6.83 49.70
CA ASP N 294 22.00 5.77 48.72
C ASP N 294 22.92 5.98 47.52
N ILE N 295 23.73 4.98 47.20
CA ILE N 295 24.66 5.05 46.07
C ILE N 295 24.29 4.03 45.00
N SER N 296 23.11 3.43 45.10
CA SER N 296 22.68 2.47 44.09
C SER N 296 22.66 3.06 42.69
N MET N 297 22.40 4.36 42.56
CA MET N 297 22.34 4.95 41.23
C MET N 297 23.73 4.95 40.58
N ILE N 298 24.79 5.23 41.36
CA ILE N 298 26.16 5.14 40.82
C ILE N 298 26.49 3.74 40.31
N LEU N 299 26.16 2.72 41.09
CA LEU N 299 26.50 1.35 40.69
C LEU N 299 25.68 0.91 39.50
N ALA N 300 24.36 1.15 39.52
CA ALA N 300 23.55 0.80 38.36
C ALA N 300 24.07 1.46 37.08
N GLU N 301 24.52 2.73 37.15
CA GLU N 301 25.02 3.38 35.93
C GLU N 301 26.36 2.77 35.50
N ALA N 302 27.22 2.38 36.45
CA ALA N 302 28.44 1.64 36.07
C ALA N 302 28.15 0.26 35.47
N ILE N 303 27.10 -0.42 35.92
CA ILE N 303 26.77 -1.73 35.36
C ILE N 303 26.21 -1.51 33.96
N ARG N 304 25.40 -0.47 33.83
CA ARG N 304 24.77 -0.11 32.57
C ARG N 304 25.81 0.27 31.53
N ARG N 305 26.93 0.84 31.97
CA ARG N 305 27.95 1.23 31.02
C ARG N 305 28.84 0.06 30.65
N THR N 306 29.13 -0.80 31.61
CA THR N 306 29.85 -2.03 31.28
C THR N 306 29.04 -2.88 30.31
N HIS N 307 27.72 -2.94 30.47
CA HIS N 307 26.94 -3.80 29.58
C HIS N 307 27.05 -3.26 28.17
N ASN N 308 27.06 -1.94 28.02
CA ASN N 308 27.17 -1.27 26.74
C ASN N 308 25.98 -1.50 25.82
N GLY N 309 24.78 -1.52 26.37
CA GLY N 309 23.63 -1.71 25.50
C GLY N 309 23.11 -0.45 24.87
N GLU N 310 23.61 0.72 25.29
CA GLU N 310 23.18 1.97 24.70
C GLU N 310 24.08 2.41 23.53
N SER N 311 25.24 3.03 23.75
CA SER N 311 25.78 3.76 22.60
C SER N 311 27.29 3.82 22.45
N VAL N 312 28.07 3.14 23.28
CA VAL N 312 29.52 3.15 23.12
C VAL N 312 30.07 4.54 23.44
N SER N 313 29.58 5.58 22.73
CA SER N 313 29.83 6.98 23.08
C SER N 313 28.97 7.46 24.25
N TYR N 314 28.80 6.57 25.23
CA TYR N 314 28.02 6.79 26.44
C TYR N 314 28.94 7.25 27.57
N LEU N 315 28.60 8.37 28.20
CA LEU N 315 29.46 8.98 29.22
C LEU N 315 28.84 8.83 30.61
N PHE N 316 29.53 8.09 31.47
CA PHE N 316 29.13 7.92 32.87
C PHE N 316 29.15 9.24 33.64
N SER N 317 29.89 10.24 33.15
CA SER N 317 29.92 11.55 33.79
C SER N 317 28.64 12.35 33.56
N HIS N 318 28.06 12.25 32.38
CA HIS N 318 26.91 13.06 32.04
C HIS N 318 25.62 12.81 32.73
N VAL N 319 25.38 11.58 33.16
CA VAL N 319 24.10 11.28 33.77
C VAL N 319 23.93 11.80 35.18
N PRO N 320 22.94 12.65 35.32
CA PRO N 320 22.57 13.32 36.55
C PRO N 320 22.52 12.47 37.76
N LEU N 321 22.91 13.08 38.86
CA LEU N 321 22.94 12.43 40.14
C LEU N 321 21.62 12.72 40.88
N PRO O 2 68.28 -26.68 53.31
CA PRO O 2 67.02 -26.12 53.74
C PRO O 2 66.44 -26.93 54.79
N ASN O 3 66.18 -26.33 55.93
CA ASN O 3 65.55 -27.01 57.01
C ASN O 3 64.07 -27.04 56.88
N ILE O 4 63.44 -27.80 57.74
CA ILE O 4 62.01 -28.02 57.69
C ILE O 4 61.25 -27.45 58.79
N LYS O 5 60.25 -26.68 58.47
CA LYS O 5 59.44 -26.02 59.41
C LYS O 5 58.02 -26.35 59.28
N ILE O 6 57.29 -26.38 60.37
CA ILE O 6 55.92 -26.73 60.38
C ILE O 6 55.07 -25.71 61.02
N PHE O 7 53.95 -25.28 60.46
CA PHE O 7 53.07 -24.35 61.10
C PHE O 7 51.66 -24.90 61.25
N SER O 8 50.89 -24.46 62.22
CA SER O 8 49.53 -24.91 62.40
C SER O 8 48.56 -23.75 62.18
N GLY O 9 47.40 -24.09 61.66
CA GLY O 9 46.30 -23.16 61.51
C GLY O 9 45.53 -23.07 62.82
N SER O 10 44.40 -22.36 62.76
CA SER O 10 43.54 -22.36 63.94
C SER O 10 42.78 -23.67 64.01
N SER O 11 42.74 -24.33 62.87
CA SER O 11 42.03 -25.58 62.51
C SER O 11 42.13 -26.75 63.47
N HIS O 12 43.32 -27.28 63.68
CA HIS O 12 43.48 -28.50 64.41
C HIS O 12 44.77 -28.61 64.98
N GLN O 13 44.99 -27.97 66.09
CA GLN O 13 46.25 -28.05 66.70
C GLN O 13 46.74 -29.25 67.29
N ASP O 14 45.89 -30.12 67.78
CA ASP O 14 46.37 -31.31 68.41
C ASP O 14 47.11 -32.17 67.46
N LEU O 15 46.59 -32.42 66.29
CA LEU O 15 47.31 -33.14 65.25
C LEU O 15 48.57 -32.40 64.81
N SER O 16 48.51 -31.09 64.57
CA SER O 16 49.73 -30.37 64.17
C SER O 16 50.84 -30.58 65.21
N GLN O 17 50.46 -30.59 66.49
CA GLN O 17 51.43 -30.86 67.53
C GLN O 17 51.90 -32.31 67.41
N LYS O 18 50.99 -33.24 67.19
CA LYS O 18 51.37 -34.64 67.05
C LYS O 18 52.37 -34.85 65.91
N ILE O 19 52.13 -34.23 64.76
CA ILE O 19 53.04 -34.31 63.62
C ILE O 19 54.39 -33.71 63.95
N ALA O 20 54.38 -32.51 64.53
CA ALA O 20 55.67 -31.93 64.89
C ALA O 20 56.40 -32.80 65.91
N ASP O 21 55.66 -33.41 66.85
CA ASP O 21 56.24 -34.34 67.81
C ASP O 21 56.86 -35.53 67.11
N ARG O 22 56.12 -36.17 66.20
CA ARG O 22 56.64 -37.35 65.52
C ARG O 22 57.86 -37.02 64.64
N LEU O 23 58.05 -35.74 64.30
CA LEU O 23 59.17 -35.31 63.46
C LEU O 23 60.24 -34.62 64.28
N GLY O 24 60.07 -34.54 65.59
CA GLY O 24 61.08 -33.95 66.44
C GLY O 24 61.19 -32.46 66.29
N LEU O 25 60.09 -31.76 66.02
CA LEU O 25 60.12 -30.34 65.70
C LEU O 25 59.17 -29.59 66.62
N GLU O 26 59.46 -28.32 66.84
CA GLU O 26 58.49 -27.44 67.45
C GLU O 26 57.69 -26.72 66.37
N LEU O 27 56.42 -26.46 66.67
CA LEU O 27 55.61 -25.65 65.77
C LEU O 27 56.18 -24.24 65.62
N GLY O 28 56.19 -23.78 64.38
CA GLY O 28 56.58 -22.41 64.07
C GLY O 28 55.71 -21.40 64.78
N LYS O 29 56.29 -20.26 65.10
CA LYS O 29 55.50 -19.24 65.78
C LYS O 29 54.64 -18.49 64.76
N VAL O 30 53.33 -18.44 65.01
CA VAL O 30 52.41 -17.80 64.07
C VAL O 30 51.21 -17.23 64.83
N VAL O 31 50.77 -16.05 64.42
CA VAL O 31 49.56 -15.41 64.93
C VAL O 31 48.41 -15.60 63.94
N THR O 32 47.42 -16.39 64.32
CA THR O 32 46.26 -16.63 63.47
C THR O 32 45.01 -16.16 64.20
N LYS O 33 44.48 -14.97 63.87
CA LYS O 33 43.28 -14.47 64.56
C LYS O 33 42.31 -13.89 63.53
N LYS O 34 41.23 -13.27 64.02
CA LYS O 34 40.34 -12.44 63.21
C LYS O 34 40.26 -11.08 63.87
N PHE O 35 40.30 -10.04 63.06
CA PHE O 35 40.06 -8.68 63.52
C PHE O 35 38.60 -8.53 63.93
N SER O 36 38.31 -7.38 64.55
CA SER O 36 36.96 -7.10 64.99
C SER O 36 35.96 -7.24 63.86
N ASN O 37 36.34 -6.76 62.67
CA ASN O 37 35.50 -6.72 61.49
C ASN O 37 35.49 -8.02 60.69
N GLN O 38 35.98 -9.11 61.24
CA GLN O 38 35.92 -10.47 60.69
C GLN O 38 37.02 -10.82 59.72
N GLU O 39 37.91 -9.90 59.36
CA GLU O 39 39.00 -10.22 58.45
C GLU O 39 40.07 -11.14 59.06
N THR O 40 40.50 -12.16 58.30
CA THR O 40 41.52 -13.08 58.82
C THR O 40 42.88 -12.38 58.91
N CYS O 41 43.45 -12.39 60.10
CA CYS O 41 44.78 -11.85 60.35
C CYS O 41 45.80 -12.99 60.52
N VAL O 42 46.89 -12.92 59.78
CA VAL O 42 47.99 -13.87 59.93
C VAL O 42 49.27 -13.06 60.03
N GLU O 43 50.12 -13.45 60.99
CA GLU O 43 51.45 -12.86 61.13
C GLU O 43 52.40 -13.99 61.45
N ILE O 44 53.30 -14.25 60.51
CA ILE O 44 54.33 -15.27 60.64
C ILE O 44 55.40 -14.78 61.60
N GLY O 45 55.56 -15.49 62.70
CA GLY O 45 56.34 -15.23 63.89
C GLY O 45 57.82 -15.53 63.75
N GLU O 46 58.27 -15.94 62.57
CA GLU O 46 59.67 -16.25 62.42
C GLU O 46 60.19 -15.92 61.04
N SER O 47 61.05 -16.76 60.50
CA SER O 47 61.59 -16.59 59.17
C SER O 47 61.50 -17.93 58.49
N VAL O 48 61.02 -17.92 57.25
CA VAL O 48 60.95 -19.11 56.42
C VAL O 48 61.83 -19.05 55.18
N ARG O 49 62.69 -18.03 55.04
CA ARG O 49 63.55 -17.88 53.86
C ARG O 49 64.39 -19.12 53.60
N GLY O 50 64.19 -19.75 52.45
CA GLY O 50 64.99 -20.91 52.14
C GLY O 50 64.57 -22.14 52.89
N GLU O 51 63.44 -22.10 53.58
CA GLU O 51 63.05 -23.21 54.41
C GLU O 51 61.97 -24.04 53.70
N ASP O 52 61.90 -25.32 54.06
CA ASP O 52 60.87 -26.22 53.57
C ASP O 52 59.69 -26.12 54.54
N VAL O 53 58.66 -25.36 54.16
CA VAL O 53 57.57 -24.99 55.05
C VAL O 53 56.38 -25.91 54.78
N TYR O 54 55.77 -26.41 55.84
CA TYR O 54 54.56 -27.25 55.79
C TYR O 54 53.48 -26.58 56.64
N ILE O 55 52.34 -26.24 56.03
CA ILE O 55 51.24 -25.66 56.78
C ILE O 55 50.16 -26.71 56.94
N VAL O 56 49.84 -27.05 58.20
CA VAL O 56 48.80 -28.01 58.53
C VAL O 56 47.50 -27.30 58.82
N GLN O 57 46.49 -27.58 58.02
CA GLN O 57 45.19 -26.98 58.23
C GLN O 57 44.20 -28.01 57.76
N SER O 58 43.18 -28.21 58.54
CA SER O 58 42.17 -29.21 58.27
C SER O 58 41.05 -28.51 57.57
N GLY O 59 40.06 -29.26 57.13
CA GLY O 59 39.00 -28.53 56.51
C GLY O 59 37.68 -28.70 57.21
N CYS O 60 37.79 -28.63 58.54
CA CYS O 60 36.76 -28.78 59.55
C CYS O 60 36.44 -27.37 60.09
N GLY O 61 35.65 -27.28 61.18
CA GLY O 61 35.60 -25.98 61.85
C GLY O 61 34.89 -25.06 60.89
N GLU O 62 35.01 -23.75 61.11
CA GLU O 62 34.38 -22.79 60.21
C GLU O 62 35.24 -22.83 58.94
N ILE O 63 34.79 -23.59 57.93
CA ILE O 63 35.60 -23.92 56.76
C ILE O 63 36.11 -22.71 56.00
N ASN O 64 35.27 -21.71 55.79
CA ASN O 64 35.74 -20.58 55.03
C ASN O 64 36.79 -19.75 55.77
N ASP O 65 36.64 -19.54 57.08
CA ASP O 65 37.71 -18.88 57.82
C ASP O 65 39.02 -19.65 57.82
N ASN O 66 38.94 -20.97 58.04
CA ASN O 66 40.14 -21.82 58.02
C ASN O 66 40.80 -21.89 56.66
N LEU O 67 40.00 -22.01 55.60
CA LEU O 67 40.51 -21.98 54.23
C LEU O 67 41.22 -20.66 53.94
N MET O 68 40.57 -19.53 54.26
CA MET O 68 41.23 -18.23 54.05
C MET O 68 42.53 -18.08 54.85
N GLU O 69 42.56 -18.48 56.14
CA GLU O 69 43.83 -18.40 56.86
C GLU O 69 44.88 -19.28 56.20
N LEU O 70 44.49 -20.48 55.79
CA LEU O 70 45.45 -21.33 55.09
C LEU O 70 46.00 -20.63 53.87
N LEU O 71 45.13 -20.01 53.06
CA LEU O 71 45.62 -19.40 51.83
C LEU O 71 46.55 -18.22 52.12
N ILE O 72 46.24 -17.42 53.14
CA ILE O 72 47.12 -16.29 53.43
C ILE O 72 48.45 -16.78 53.95
N MET O 73 48.47 -17.80 54.79
CA MET O 73 49.75 -18.33 55.24
C MET O 73 50.59 -18.85 54.08
N ILE O 74 49.98 -19.68 53.21
CA ILE O 74 50.70 -20.15 52.03
C ILE O 74 51.31 -19.01 51.23
N ASN O 75 50.50 -18.01 50.91
CA ASN O 75 50.97 -16.88 50.10
C ASN O 75 52.09 -16.10 50.82
N ALA O 76 51.87 -15.79 52.10
CA ALA O 76 52.86 -15.07 52.90
C ALA O 76 54.20 -15.81 52.97
N CYS O 77 54.18 -17.12 53.18
CA CYS O 77 55.41 -17.90 53.18
C CYS O 77 56.06 -17.86 51.83
N LYS O 78 55.30 -17.94 50.77
CA LYS O 78 55.93 -17.97 49.44
C LYS O 78 56.66 -16.68 49.19
N ILE O 79 55.99 -15.59 49.46
CA ILE O 79 56.51 -14.23 49.24
C ILE O 79 57.65 -13.90 50.19
N ALA O 80 57.76 -14.61 51.26
CA ALA O 80 58.87 -14.46 52.20
C ALA O 80 60.01 -15.39 51.84
N SER O 81 59.99 -15.89 50.61
CA SER O 81 61.08 -16.64 49.96
C SER O 81 61.33 -18.00 50.57
N ALA O 82 60.28 -18.64 51.09
CA ALA O 82 60.35 -20.04 51.49
C ALA O 82 60.77 -20.89 50.31
N SER O 83 61.54 -21.94 50.58
CA SER O 83 61.99 -22.80 49.50
C SER O 83 60.81 -23.53 48.87
N ARG O 84 59.89 -24.04 49.69
CA ARG O 84 58.75 -24.81 49.24
C ARG O 84 57.66 -24.69 50.30
N VAL O 85 56.43 -24.60 49.87
CA VAL O 85 55.32 -24.54 50.79
C VAL O 85 54.39 -25.68 50.45
N THR O 86 54.17 -26.57 51.41
CA THR O 86 53.28 -27.71 51.27
C THR O 86 52.09 -27.49 52.18
N ALA O 87 50.89 -27.67 51.63
CA ALA O 87 49.68 -27.60 52.42
C ALA O 87 49.31 -29.00 52.88
N VAL O 88 49.25 -29.18 54.20
CA VAL O 88 48.87 -30.45 54.80
C VAL O 88 47.44 -30.24 55.26
N ILE O 89 46.52 -30.85 54.51
CA ILE O 89 45.09 -30.63 54.62
C ILE O 89 44.48 -31.99 54.87
N PRO O 90 44.41 -32.39 56.14
CA PRO O 90 43.92 -33.74 56.49
C PRO O 90 42.58 -34.09 55.86
N CYS O 91 41.58 -33.21 55.99
CA CYS O 91 40.27 -33.34 55.36
C CYS O 91 40.10 -32.22 54.32
N PHE O 92 40.13 -32.59 53.05
CA PHE O 92 40.06 -31.59 51.99
C PHE O 92 38.67 -30.96 51.90
N PRO O 93 38.53 -29.65 52.09
CA PRO O 93 37.20 -29.02 52.01
C PRO O 93 36.60 -29.03 50.62
N TYR O 94 35.28 -29.07 50.57
CA TYR O 94 34.48 -28.98 49.39
C TYR O 94 34.57 -30.09 48.45
N ALA O 95 35.02 -31.22 48.90
CA ALA O 95 35.16 -32.36 48.05
C ALA O 95 33.92 -33.07 47.71
N ARG O 96 32.83 -32.83 48.40
CA ARG O 96 31.60 -33.55 48.11
C ARG O 96 30.62 -32.84 47.24
N GLN O 97 30.14 -33.51 46.22
CA GLN O 97 29.20 -32.92 45.32
C GLN O 97 27.80 -33.18 45.73
N ASP O 98 27.03 -32.12 45.85
CA ASP O 98 25.64 -32.17 46.27
C ASP O 98 24.70 -32.18 45.08
N LYS O 99 25.21 -32.49 43.90
CA LYS O 99 24.42 -32.46 42.74
C LYS O 99 23.33 -33.44 42.87
N LYS O 100 22.17 -32.88 42.62
CA LYS O 100 20.89 -33.59 42.48
C LYS O 100 20.98 -33.94 41.01
N ASP O 101 21.55 -35.11 40.73
CA ASP O 101 21.97 -35.42 39.38
C ASP O 101 20.95 -35.09 38.35
N LYS O 102 21.49 -34.47 37.31
CA LYS O 102 20.72 -33.91 36.22
C LYS O 102 20.03 -34.83 35.27
N VAL O 103 20.42 -36.09 35.31
CA VAL O 103 19.93 -37.20 34.45
C VAL O 103 20.49 -37.20 33.06
N GLY O 104 20.45 -36.10 32.34
CA GLY O 104 21.03 -36.03 31.05
C GLY O 104 22.52 -36.07 31.11
N GLU O 105 23.06 -35.31 32.04
CA GLU O 105 24.46 -35.09 32.21
C GLU O 105 24.86 -35.02 33.65
N SER O 106 26.11 -34.67 33.90
CA SER O 106 26.65 -34.58 35.23
C SER O 106 27.14 -33.23 35.52
N ARG O 107 26.90 -32.78 36.73
CA ARG O 107 27.36 -31.52 37.25
C ARG O 107 28.87 -31.51 37.43
N ALA O 108 29.44 -30.31 37.54
CA ALA O 108 30.89 -30.40 37.56
C ALA O 108 31.30 -30.13 39.00
N PRO O 109 32.46 -30.59 39.41
CA PRO O 109 32.97 -30.29 40.76
C PRO O 109 33.51 -28.88 40.80
N ILE O 110 32.62 -27.91 40.60
CA ILE O 110 32.96 -26.53 40.88
C ILE O 110 33.66 -26.28 42.20
N SER O 111 33.01 -26.50 43.35
CA SER O 111 33.69 -26.07 44.56
C SER O 111 35.01 -26.80 44.85
N ALA O 112 35.15 -28.08 44.46
CA ALA O 112 36.45 -28.73 44.73
C ALA O 112 37.58 -28.21 43.86
N LYS O 113 37.27 -27.88 42.60
CA LYS O 113 38.24 -27.29 41.69
C LYS O 113 38.55 -25.85 42.08
N LEU O 114 37.55 -25.06 42.49
CA LEU O 114 37.83 -23.73 43.02
C LEU O 114 38.81 -23.77 44.16
N VAL O 115 38.59 -24.65 45.13
CA VAL O 115 39.52 -24.77 46.24
C VAL O 115 40.91 -25.11 45.73
N ALA O 116 41.00 -26.09 44.81
CA ALA O 116 42.28 -26.44 44.19
C ALA O 116 42.97 -25.26 43.51
N ASN O 117 42.22 -24.48 42.74
CA ASN O 117 42.74 -23.31 42.07
C ASN O 117 43.19 -22.23 43.07
N MET O 118 42.46 -22.07 44.16
CA MET O 118 42.86 -21.09 45.17
C MET O 118 44.14 -21.53 45.87
N LEU O 119 44.25 -22.80 46.20
CA LEU O 119 45.50 -23.23 46.78
C LEU O 119 46.65 -22.94 45.83
N SER O 120 46.44 -23.21 44.54
CA SER O 120 47.50 -22.97 43.57
C SER O 120 47.88 -21.49 43.44
N VAL O 121 46.92 -20.58 43.27
CA VAL O 121 47.33 -19.17 43.17
C VAL O 121 47.90 -18.64 44.48
N ALA O 122 47.49 -19.18 45.61
CA ALA O 122 48.13 -18.78 46.85
C ALA O 122 49.61 -19.15 46.84
N GLY O 123 49.98 -20.24 46.17
CA GLY O 123 51.38 -20.57 46.03
C GLY O 123 51.78 -21.91 46.62
N ALA O 124 50.80 -22.76 46.89
CA ALA O 124 51.09 -24.11 47.35
C ALA O 124 51.86 -24.86 46.29
N ASP O 125 52.93 -25.51 46.73
CA ASP O 125 53.80 -26.30 45.89
C ASP O 125 53.52 -27.79 45.96
N HIS O 126 52.75 -28.23 46.96
CA HIS O 126 52.57 -29.65 47.21
C HIS O 126 51.39 -29.75 48.19
N ILE O 127 50.55 -30.78 48.02
CA ILE O 127 49.42 -31.08 48.91
C ILE O 127 49.59 -32.46 49.53
N ILE O 128 49.43 -32.56 50.84
CA ILE O 128 49.27 -33.84 51.54
C ILE O 128 47.86 -33.92 52.13
N THR O 129 47.11 -34.98 51.81
CA THR O 129 45.73 -35.14 52.27
C THR O 129 45.47 -36.62 52.60
N MET O 130 44.31 -36.87 53.20
CA MET O 130 43.89 -38.23 53.53
C MET O 130 42.51 -38.50 52.96
N ASP O 131 42.41 -39.64 52.27
CA ASP O 131 41.18 -40.14 51.68
C ASP O 131 40.30 -39.07 51.05
N LEU O 132 40.80 -38.43 49.99
CA LEU O 132 39.98 -37.54 49.17
C LEU O 132 38.67 -38.21 48.84
N HIS O 133 37.56 -37.44 48.94
CA HIS O 133 36.25 -38.01 48.63
C HIS O 133 36.29 -38.70 47.26
N ALA O 134 36.91 -38.05 46.27
CA ALA O 134 37.19 -38.73 45.03
C ALA O 134 38.67 -38.53 44.74
N SER O 135 39.38 -39.64 44.49
CA SER O 135 40.81 -39.62 44.22
C SER O 135 41.18 -38.80 42.99
N GLN O 136 40.25 -38.61 42.06
CA GLN O 136 40.49 -37.76 40.89
C GLN O 136 40.74 -36.32 41.25
N ILE O 137 40.35 -35.89 42.44
CA ILE O 137 40.65 -34.53 42.87
C ILE O 137 42.14 -34.30 42.80
N GLN O 138 42.94 -35.36 42.90
CA GLN O 138 44.40 -35.24 42.69
C GLN O 138 44.75 -34.51 41.41
N GLY O 139 44.04 -34.78 40.33
CA GLY O 139 44.25 -34.12 39.07
C GLY O 139 43.67 -32.74 38.92
N PHE O 140 43.06 -32.18 39.96
CA PHE O 140 42.64 -30.80 39.88
C PHE O 140 43.81 -29.86 40.08
N PHE O 141 44.99 -30.38 40.42
CA PHE O 141 46.21 -29.61 40.61
C PHE O 141 47.23 -29.90 39.51
N ASP O 142 48.21 -29.01 39.40
CA ASP O 142 49.41 -29.25 38.62
C ASP O 142 50.62 -29.49 39.49
N ILE O 143 50.55 -29.10 40.76
CA ILE O 143 51.56 -29.41 41.75
C ILE O 143 51.29 -30.85 42.15
N PRO O 144 52.28 -31.56 42.66
CA PRO O 144 52.03 -32.93 43.15
C PRO O 144 51.05 -32.93 44.32
N VAL O 145 50.14 -33.90 44.33
CA VAL O 145 49.25 -34.13 45.46
C VAL O 145 49.47 -35.55 45.95
N ASP O 146 49.66 -35.70 47.25
CA ASP O 146 49.64 -37.01 47.87
C ASP O 146 48.32 -37.25 48.58
N ASN O 147 47.54 -38.23 48.08
CA ASN O 147 46.25 -38.58 48.68
C ASN O 147 46.53 -39.85 49.47
N LEU O 148 46.79 -39.71 50.77
CA LEU O 148 47.10 -40.83 51.66
C LEU O 148 45.85 -41.60 52.11
N TYR O 149 46.02 -42.88 52.43
CA TYR O 149 44.89 -43.70 52.87
C TYR O 149 45.01 -44.09 54.33
N ALA O 150 43.90 -44.02 55.02
CA ALA O 150 43.77 -44.49 56.38
C ALA O 150 43.51 -45.99 56.44
N GLU O 151 43.27 -46.61 55.28
CA GLU O 151 42.93 -48.03 55.23
C GLU O 151 43.88 -48.88 56.06
N PRO O 152 45.19 -48.75 55.94
CA PRO O 152 46.05 -49.62 56.77
C PRO O 152 45.76 -49.47 58.26
N ALA O 153 45.50 -48.25 58.74
CA ALA O 153 45.20 -48.05 60.17
C ALA O 153 43.83 -48.60 60.58
N VAL O 154 42.86 -48.58 59.67
CA VAL O 154 41.54 -49.15 59.92
C VAL O 154 41.64 -50.67 59.95
N LEU O 155 42.35 -51.22 58.99
CA LEU O 155 42.66 -52.64 58.95
C LEU O 155 43.29 -53.08 60.27
N LYS O 156 44.15 -52.27 60.82
CA LYS O 156 44.71 -52.59 62.09
C LYS O 156 43.65 -52.45 63.18
N TRP O 157 42.97 -51.34 63.24
CA TRP O 157 41.95 -51.17 64.27
C TRP O 157 40.94 -52.32 64.26
N ILE O 158 40.50 -52.75 63.08
CA ILE O 158 39.57 -53.87 63.00
C ILE O 158 40.20 -55.10 63.65
N ARG O 159 41.38 -55.51 63.20
CA ARG O 159 41.99 -56.68 63.83
C ARG O 159 42.19 -56.54 65.36
N GLU O 160 42.49 -55.34 65.86
CA GLU O 160 42.84 -55.17 67.28
C GLU O 160 41.63 -55.06 68.20
N ASN O 161 40.48 -54.63 67.69
CA ASN O 161 39.34 -54.29 68.52
C ASN O 161 38.10 -55.14 68.29
N ILE O 162 37.97 -55.87 67.17
CA ILE O 162 36.79 -56.69 66.87
C ILE O 162 37.22 -58.14 66.99
N SER O 163 36.84 -58.81 68.08
CA SER O 163 37.28 -60.18 68.31
C SER O 163 36.87 -61.07 67.16
N GLU O 164 35.59 -60.99 66.76
CA GLU O 164 35.03 -61.75 65.66
C GLU O 164 35.42 -61.22 64.28
N TRP O 165 36.54 -60.50 64.16
CA TRP O 165 36.84 -59.90 62.86
C TRP O 165 37.01 -60.93 61.76
N ARG O 166 37.34 -62.16 62.11
CA ARG O 166 37.63 -63.11 61.06
C ARG O 166 36.36 -63.55 60.34
N ASN O 167 35.18 -63.46 61.01
CA ASN O 167 33.87 -63.80 60.45
C ASN O 167 32.89 -62.64 60.39
N CYS O 168 33.37 -61.42 60.23
CA CYS O 168 32.47 -60.29 60.20
C CYS O 168 32.06 -60.05 58.76
N THR O 169 31.66 -58.83 58.37
CA THR O 169 31.05 -58.65 57.06
C THR O 169 30.89 -57.19 56.64
N ILE O 170 31.98 -56.56 56.21
CA ILE O 170 32.04 -55.15 55.79
C ILE O 170 30.96 -54.63 54.84
N VAL O 171 30.17 -53.65 55.30
CA VAL O 171 28.99 -53.14 54.60
C VAL O 171 29.21 -51.72 54.05
N SER O 172 28.76 -51.48 52.78
CA SER O 172 28.80 -50.12 52.27
C SER O 172 27.46 -49.42 52.44
N PRO O 173 27.46 -48.23 53.05
CA PRO O 173 26.22 -47.48 53.27
C PRO O 173 25.51 -46.99 52.01
N ASP O 174 26.22 -46.87 50.89
CA ASP O 174 25.64 -46.40 49.63
C ASP O 174 26.29 -47.09 48.45
N ALA O 175 25.78 -46.79 47.25
CA ALA O 175 26.37 -47.38 46.06
C ALA O 175 27.83 -46.98 45.89
N GLY O 176 28.15 -45.71 46.15
CA GLY O 176 29.51 -45.20 45.94
C GLY O 176 30.60 -45.84 46.78
N GLY O 177 30.29 -46.23 48.02
CA GLY O 177 31.41 -46.73 48.78
C GLY O 177 31.73 -48.20 48.55
N ALA O 178 31.18 -48.75 47.47
CA ALA O 178 31.39 -50.16 47.14
C ALA O 178 32.87 -50.49 47.04
N LYS O 179 33.63 -49.71 46.27
CA LYS O 179 35.02 -50.10 46.07
C LYS O 179 35.79 -50.01 47.38
N ARG O 180 35.44 -49.01 48.19
CA ARG O 180 36.08 -48.85 49.48
C ARG O 180 35.87 -50.07 50.34
N VAL O 181 34.67 -50.62 50.32
CA VAL O 181 34.37 -51.74 51.18
C VAL O 181 34.92 -53.04 50.64
N THR O 182 34.89 -53.25 49.32
CA THR O 182 35.47 -54.49 48.83
C THR O 182 36.95 -54.57 49.05
N SER O 183 37.65 -53.45 48.96
CA SER O 183 39.08 -53.46 49.25
C SER O 183 39.38 -53.92 50.68
N ILE O 184 38.66 -53.40 51.66
CA ILE O 184 38.98 -53.84 53.02
C ILE O 184 38.51 -55.26 53.24
N ALA O 185 37.36 -55.62 52.71
CA ALA O 185 36.95 -57.01 52.88
C ALA O 185 37.95 -57.95 52.25
N ASP O 186 38.52 -57.57 51.10
CA ASP O 186 39.52 -58.44 50.50
C ASP O 186 40.78 -58.48 51.34
N ARG O 187 41.16 -57.35 51.93
CA ARG O 187 42.34 -57.33 52.77
C ARG O 187 42.12 -58.21 54.00
N LEU O 188 40.91 -58.23 54.55
CA LEU O 188 40.65 -59.09 55.71
C LEU O 188 40.22 -60.51 55.38
N ASN O 189 40.05 -60.87 54.11
CA ASN O 189 39.45 -62.16 53.74
C ASN O 189 38.08 -62.35 54.40
N VAL O 190 37.21 -61.36 54.23
CA VAL O 190 35.91 -61.39 54.84
C VAL O 190 34.88 -61.15 53.75
N ASP O 191 33.59 -61.24 54.12
CA ASP O 191 32.43 -61.04 53.26
C ASP O 191 32.14 -59.55 53.15
N PHE O 192 31.46 -59.17 52.07
CA PHE O 192 30.94 -57.84 51.95
C PHE O 192 29.45 -57.85 51.63
N ALA O 193 28.81 -56.72 51.94
CA ALA O 193 27.41 -56.45 51.61
C ALA O 193 27.29 -54.96 51.31
N LEU O 194 26.19 -54.59 50.65
CA LEU O 194 25.98 -53.20 50.26
C LEU O 194 24.54 -52.78 50.51
N ILE O 195 24.34 -51.54 51.00
CA ILE O 195 23.01 -50.99 51.21
C ILE O 195 22.73 -49.92 50.16
N HIS O 196 21.50 -49.86 49.65
CA HIS O 196 21.10 -48.83 48.70
C HIS O 196 19.67 -48.38 48.92
N LYS O 197 19.39 -47.07 48.87
CA LYS O 197 17.97 -46.66 48.92
C LYS O 197 17.42 -46.60 47.46
N ARG O 207 12.14 -46.76 50.78
CA ARG O 207 12.66 -48.10 51.10
C ARG O 207 14.20 -48.23 51.03
N MET O 208 14.78 -49.00 51.95
CA MET O 208 16.20 -49.31 51.92
C MET O 208 16.36 -50.79 51.64
N VAL O 209 17.26 -51.12 50.74
CA VAL O 209 17.55 -52.49 50.33
C VAL O 209 18.98 -52.89 50.67
N LEU O 210 19.16 -54.13 51.10
CA LEU O 210 20.44 -54.74 51.42
C LEU O 210 20.72 -55.90 50.47
N VAL O 211 21.89 -55.92 49.87
CA VAL O 211 22.35 -57.07 49.09
C VAL O 211 23.54 -57.68 49.80
N GLY O 212 23.47 -58.97 50.06
CA GLY O 212 24.53 -59.65 50.78
C GLY O 212 24.11 -60.22 52.11
N ASP O 213 24.88 -61.16 52.64
CA ASP O 213 24.48 -61.84 53.86
C ASP O 213 25.11 -61.14 55.07
N VAL O 214 24.27 -60.72 56.01
CA VAL O 214 24.77 -60.10 57.23
C VAL O 214 24.26 -60.80 58.48
N LYS O 215 23.31 -61.73 58.34
CA LYS O 215 22.67 -62.43 59.45
C LYS O 215 23.68 -63.14 60.34
N ASP O 216 23.62 -62.88 61.66
CA ASP O 216 24.43 -63.56 62.69
C ASP O 216 25.91 -63.23 62.61
N ARG O 217 26.29 -62.10 62.03
CA ARG O 217 27.70 -61.78 61.98
C ARG O 217 27.87 -60.33 62.34
N VAL O 218 29.05 -60.00 62.85
CA VAL O 218 29.33 -58.63 63.19
C VAL O 218 29.43 -57.87 61.88
N ALA O 219 28.70 -56.78 61.75
CA ALA O 219 28.73 -55.95 60.55
C ALA O 219 29.48 -54.64 60.78
N ILE O 220 30.45 -54.33 59.91
CA ILE O 220 31.19 -53.07 60.01
C ILE O 220 30.86 -52.19 58.80
N LEU O 221 30.09 -51.11 59.04
CA LEU O 221 29.83 -50.08 58.03
C LEU O 221 31.06 -49.22 57.82
N VAL O 222 31.57 -49.17 56.59
CA VAL O 222 32.75 -48.36 56.25
C VAL O 222 32.45 -47.32 55.18
N ASP O 223 32.90 -46.08 55.41
CA ASP O 223 32.73 -44.95 54.49
C ASP O 223 33.83 -43.93 54.73
N ASP O 224 33.96 -42.99 53.81
CA ASP O 224 34.99 -41.96 53.97
C ASP O 224 34.66 -40.91 55.03
N MET O 225 33.44 -40.46 55.12
CA MET O 225 33.22 -39.39 56.08
C MET O 225 31.79 -39.43 56.55
N ALA O 226 31.55 -38.73 57.65
CA ALA O 226 30.33 -38.66 58.35
C ALA O 226 29.41 -37.58 58.08
N ASP O 227 29.70 -36.40 58.49
CA ASP O 227 28.79 -35.29 58.42
C ASP O 227 27.56 -35.47 59.24
N THR O 228 26.38 -35.40 58.70
CA THR O 228 25.14 -35.49 59.38
C THR O 228 24.70 -36.80 59.87
N CYS O 229 25.35 -37.83 59.44
CA CYS O 229 25.10 -39.18 59.84
C CYS O 229 23.79 -39.80 59.51
N GLY O 230 23.04 -39.27 58.59
CA GLY O 230 21.78 -39.88 58.26
C GLY O 230 21.86 -41.18 57.58
N THR O 231 22.63 -41.28 56.57
CA THR O 231 22.80 -42.53 55.84
C THR O 231 23.33 -43.66 56.72
N ILE O 232 24.43 -43.43 57.43
CA ILE O 232 24.99 -44.51 58.23
C ILE O 232 24.01 -44.97 59.30
N CYS O 233 23.18 -44.06 59.83
CA CYS O 233 22.24 -44.51 60.86
C CYS O 233 21.08 -45.30 60.26
N HIS O 234 20.57 -44.91 59.09
CA HIS O 234 19.57 -45.76 58.48
C HIS O 234 20.15 -47.11 58.05
N ALA O 235 21.36 -47.11 57.49
CA ALA O 235 22.03 -48.37 57.15
C ALA O 235 22.22 -49.25 58.37
N ALA O 236 22.57 -48.65 59.50
CA ALA O 236 22.72 -49.41 60.72
C ALA O 236 21.38 -50.02 61.15
N ASP O 237 20.31 -49.25 61.00
CA ASP O 237 18.98 -49.78 61.30
C ASP O 237 18.67 -51.01 60.44
N LYS O 238 18.91 -50.92 59.13
CA LYS O 238 18.63 -52.03 58.24
C LYS O 238 19.47 -53.24 58.60
N LEU O 239 20.72 -53.01 59.00
CA LEU O 239 21.58 -54.11 59.43
C LEU O 239 21.05 -54.80 60.69
N LEU O 240 20.40 -54.05 61.59
CA LEU O 240 19.79 -54.71 62.74
C LEU O 240 18.62 -55.57 62.32
N SER O 241 17.79 -55.07 61.40
CA SER O 241 16.66 -55.85 60.90
C SER O 241 17.11 -57.12 60.20
N ALA O 242 18.31 -57.13 59.64
CA ALA O 242 18.79 -58.30 58.92
C ALA O 242 19.50 -59.29 59.85
N GLY O 243 19.51 -59.02 61.14
CA GLY O 243 20.02 -59.97 62.09
C GLY O 243 21.51 -59.91 62.29
N ALA O 244 22.12 -58.76 62.04
CA ALA O 244 23.52 -58.63 62.37
C ALA O 244 23.67 -58.55 63.89
N THR O 245 24.62 -59.30 64.42
CA THR O 245 24.85 -59.35 65.86
C THR O 245 25.14 -57.95 66.42
N ARG O 246 26.19 -57.29 65.93
CA ARG O 246 26.54 -55.95 66.35
C ARG O 246 27.00 -55.13 65.13
N VAL O 247 26.70 -53.82 65.16
CA VAL O 247 27.07 -52.93 64.05
C VAL O 247 28.13 -51.91 64.48
N TYR O 248 29.20 -51.79 63.70
CA TYR O 248 30.25 -50.80 63.85
C TYR O 248 30.23 -49.82 62.67
N ALA O 249 30.73 -48.63 62.89
CA ALA O 249 30.92 -47.66 61.82
C ALA O 249 32.36 -47.16 61.84
N ILE O 250 33.05 -47.29 60.72
CA ILE O 250 34.42 -46.83 60.58
C ILE O 250 34.44 -45.88 59.38
N LEU O 251 34.77 -44.63 59.66
CA LEU O 251 34.83 -43.51 58.73
C LEU O 251 36.18 -42.83 58.88
N THR O 252 36.78 -42.43 57.76
CA THR O 252 38.02 -41.67 57.87
C THR O 252 37.82 -40.25 58.44
N HIS O 253 36.84 -39.52 57.94
CA HIS O 253 36.53 -38.14 58.36
C HIS O 253 35.30 -37.97 59.23
N GLY O 254 35.49 -37.59 60.49
CA GLY O 254 34.32 -37.40 61.31
C GLY O 254 33.89 -35.94 61.44
N ILE O 255 33.10 -35.46 60.48
CA ILE O 255 32.62 -34.07 60.50
C ILE O 255 31.56 -33.87 61.59
N PHE O 256 30.55 -34.76 61.63
CA PHE O 256 29.48 -34.76 62.66
C PHE O 256 28.79 -33.42 62.86
N SER O 257 28.16 -32.90 61.82
CA SER O 257 27.46 -31.63 61.97
C SER O 257 25.99 -31.80 62.26
N GLY O 258 25.41 -30.76 62.86
CA GLY O 258 24.00 -30.74 63.15
C GLY O 258 23.60 -31.76 64.18
N PRO O 259 22.61 -32.57 63.81
CA PRO O 259 22.06 -33.56 64.73
C PRO O 259 22.88 -34.85 64.80
N ALA O 260 24.04 -34.89 64.12
CA ALA O 260 24.80 -36.12 63.97
C ALA O 260 25.04 -36.87 65.28
N ILE O 261 25.51 -36.16 66.31
CA ILE O 261 25.83 -36.81 67.59
C ILE O 261 24.60 -37.42 68.24
N SER O 262 23.48 -36.68 68.21
CA SER O 262 22.27 -37.23 68.78
C SER O 262 21.81 -38.47 68.02
N ARG O 263 21.95 -38.44 66.69
CA ARG O 263 21.57 -39.59 65.88
C ARG O 263 22.42 -40.84 66.19
N ILE O 264 23.75 -40.68 66.27
CA ILE O 264 24.61 -41.83 66.57
C ILE O 264 24.31 -42.38 67.97
N ASN O 265 24.21 -41.50 68.98
CA ASN O 265 23.85 -42.03 70.30
C ASN O 265 22.55 -42.82 70.27
N ASN O 266 21.56 -42.36 69.49
CA ASN O 266 20.30 -43.08 69.34
C ASN O 266 20.37 -44.36 68.50
N ALA O 267 21.33 -44.48 67.60
CA ALA O 267 21.48 -45.63 66.73
C ALA O 267 22.09 -46.80 67.48
N CYS O 268 22.14 -47.95 66.82
CA CYS O 268 22.53 -49.19 67.48
C CYS O 268 24.04 -49.50 67.40
N PHE O 269 24.84 -48.51 67.02
CA PHE O 269 26.27 -48.72 66.89
C PHE O 269 26.93 -49.18 68.18
N GLU O 270 27.75 -50.23 68.08
CA GLU O 270 28.62 -50.62 69.19
C GLU O 270 29.73 -49.58 69.40
N ALA O 271 30.25 -49.03 68.29
CA ALA O 271 31.25 -47.96 68.28
C ALA O 271 31.24 -47.31 66.91
N VAL O 272 31.52 -46.01 66.90
CA VAL O 272 31.76 -45.24 65.67
C VAL O 272 33.21 -44.79 65.71
N VAL O 273 34.01 -45.26 64.76
CA VAL O 273 35.44 -45.00 64.72
C VAL O 273 35.77 -44.03 63.61
N VAL O 274 36.49 -42.97 63.96
CA VAL O 274 36.95 -41.96 63.02
C VAL O 274 38.43 -41.76 63.27
N THR O 275 39.12 -41.15 62.32
CA THR O 275 40.49 -40.76 62.58
C THR O 275 40.56 -39.33 63.13
N ASN O 276 41.78 -38.85 63.47
CA ASN O 276 42.01 -37.52 64.02
C ASN O 276 42.14 -36.44 62.95
N THR O 277 41.73 -36.69 61.71
CA THR O 277 41.94 -35.71 60.66
C THR O 277 41.15 -34.45 60.99
N ILE O 278 40.08 -34.60 61.78
CA ILE O 278 39.25 -33.51 62.32
C ILE O 278 39.26 -33.68 63.84
N PRO O 279 39.28 -32.59 64.61
CA PRO O 279 39.23 -32.69 66.09
C PRO O 279 37.99 -33.37 66.62
N GLN O 280 38.19 -34.30 67.56
CA GLN O 280 37.09 -35.07 68.10
C GLN O 280 36.90 -34.93 69.59
N GLU O 281 37.88 -34.38 70.32
CA GLU O 281 37.81 -34.31 71.77
C GLU O 281 36.46 -33.75 72.23
N ASP O 282 36.07 -32.63 71.62
CA ASP O 282 34.80 -31.97 71.92
C ASP O 282 33.60 -32.88 71.65
N LYS O 283 33.64 -33.66 70.58
CA LYS O 283 32.46 -34.43 70.25
C LYS O 283 32.41 -35.68 71.12
N MET O 284 33.58 -36.17 71.53
CA MET O 284 33.68 -37.30 72.43
C MET O 284 33.14 -36.98 73.81
N LYS O 285 33.11 -35.70 74.18
CA LYS O 285 32.54 -35.42 75.49
C LYS O 285 31.04 -35.73 75.53
N HIS O 286 30.33 -35.56 74.42
CA HIS O 286 28.89 -35.83 74.33
C HIS O 286 28.54 -37.14 73.62
N CYS O 287 29.54 -37.90 73.16
CA CYS O 287 29.29 -39.18 72.49
C CYS O 287 30.30 -40.24 72.89
N SER O 288 29.87 -41.17 73.72
CA SER O 288 30.79 -42.18 74.24
C SER O 288 31.13 -43.26 73.24
N LYS O 289 30.46 -43.31 72.08
CA LYS O 289 30.78 -44.33 71.10
C LYS O 289 31.81 -43.89 70.06
N ILE O 290 32.20 -42.61 70.03
CA ILE O 290 33.26 -42.20 69.13
C ILE O 290 34.59 -42.65 69.68
N GLN O 291 35.37 -43.33 68.84
CA GLN O 291 36.74 -43.69 69.11
C GLN O 291 37.59 -43.10 67.98
N VAL O 292 38.82 -42.67 68.29
CA VAL O 292 39.68 -42.08 67.27
C VAL O 292 40.90 -42.94 67.00
N ILE O 293 41.22 -43.12 65.72
CA ILE O 293 42.50 -43.66 65.26
C ILE O 293 43.42 -42.49 64.99
N ASP O 294 44.58 -42.48 65.64
CA ASP O 294 45.59 -41.44 65.39
C ASP O 294 46.26 -41.71 64.04
N ILE O 295 46.22 -40.74 63.12
CA ILE O 295 46.84 -40.92 61.82
C ILE O 295 48.01 -39.97 61.62
N SER O 296 48.47 -39.32 62.69
CA SER O 296 49.61 -38.42 62.61
C SER O 296 50.85 -39.12 62.08
N MET O 297 50.96 -40.41 62.29
CA MET O 297 52.12 -41.11 61.80
C MET O 297 52.09 -41.06 60.32
N ILE O 298 51.02 -41.53 59.74
CA ILE O 298 50.90 -41.57 58.28
C ILE O 298 51.30 -40.22 57.67
N LEU O 299 50.83 -39.11 58.26
CA LEU O 299 51.13 -37.79 57.74
C LEU O 299 52.58 -37.42 57.96
N ALA O 300 53.10 -37.63 59.17
CA ALA O 300 54.50 -37.35 59.44
C ALA O 300 55.41 -38.09 58.48
N GLU O 301 55.09 -39.35 58.16
CA GLU O 301 55.95 -40.09 57.23
C GLU O 301 55.85 -39.53 55.83
N ALA O 302 54.67 -39.07 55.40
CA ALA O 302 54.62 -38.39 54.11
C ALA O 302 55.39 -37.08 54.10
N ILE O 303 55.46 -36.36 55.22
CA ILE O 303 56.21 -35.10 55.25
C ILE O 303 57.71 -35.36 55.20
N ARG O 304 58.18 -36.28 56.05
CA ARG O 304 59.54 -36.77 55.91
C ARG O 304 59.85 -37.10 54.47
N ARG O 305 59.02 -37.96 53.87
CA ARG O 305 59.36 -38.50 52.57
C ARG O 305 59.45 -37.42 51.51
N THR O 306 58.56 -36.41 51.59
CA THR O 306 58.65 -35.23 50.72
C THR O 306 59.92 -34.43 50.92
N HIS O 307 60.34 -34.23 52.17
CA HIS O 307 61.50 -33.40 52.46
C HIS O 307 62.85 -34.02 52.03
N ASN O 308 63.05 -35.32 52.19
CA ASN O 308 64.37 -35.93 51.89
C ASN O 308 65.42 -35.41 52.86
N PRO P 2 25.27 -16.73 14.21
CA PRO P 2 26.57 -16.66 13.53
C PRO P 2 27.40 -17.94 13.46
N ASN P 3 26.98 -18.71 12.47
CA ASN P 3 27.37 -19.98 11.82
C ASN P 3 28.18 -20.99 12.59
N ILE P 4 27.78 -22.18 12.31
CA ILE P 4 28.32 -23.32 12.91
C ILE P 4 28.78 -24.29 11.90
N LYS P 5 29.95 -24.85 12.11
CA LYS P 5 30.49 -25.81 11.22
C LYS P 5 30.90 -27.05 11.92
N ILE P 6 30.72 -28.20 11.33
CA ILE P 6 31.11 -29.49 11.92
C ILE P 6 32.12 -30.19 11.02
N PHE P 7 33.26 -30.62 11.59
CA PHE P 7 34.34 -31.12 10.74
C PHE P 7 34.66 -32.59 10.79
N SER P 8 34.74 -33.18 11.97
CA SER P 8 35.07 -34.60 12.12
C SER P 8 36.51 -34.96 11.86
N GLY P 9 36.96 -35.93 12.67
CA GLY P 9 38.24 -36.57 12.55
C GLY P 9 38.22 -37.72 11.57
N SER P 10 39.33 -38.42 11.58
CA SER P 10 39.47 -39.67 10.85
C SER P 10 38.88 -40.86 11.62
N SER P 11 38.64 -40.68 12.93
CA SER P 11 38.36 -41.80 13.83
C SER P 11 36.95 -42.37 13.78
N HIS P 12 35.97 -41.53 13.56
CA HIS P 12 34.58 -41.93 13.40
C HIS P 12 33.91 -40.98 12.45
N GLN P 13 33.44 -41.44 11.32
CA GLN P 13 32.82 -40.41 10.55
C GLN P 13 31.40 -40.78 10.29
N ASP P 14 31.00 -41.98 10.68
CA ASP P 14 29.60 -42.37 10.67
C ASP P 14 28.88 -41.47 11.65
N LEU P 15 29.40 -41.44 12.88
CA LEU P 15 28.88 -40.57 13.92
C LEU P 15 28.97 -39.12 13.51
N SER P 16 30.10 -38.70 12.97
CA SER P 16 30.20 -37.32 12.53
C SER P 16 29.13 -36.99 11.49
N GLN P 17 28.85 -37.93 10.59
CA GLN P 17 27.80 -37.72 9.60
C GLN P 17 26.43 -37.69 10.24
N LYS P 18 26.14 -38.64 11.12
CA LYS P 18 24.85 -38.70 11.78
C LYS P 18 24.58 -37.41 12.54
N ILE P 19 25.58 -36.90 13.25
CA ILE P 19 25.45 -35.64 13.97
C ILE P 19 25.15 -34.49 12.99
N ALA P 20 25.95 -34.40 11.91
CA ALA P 20 25.72 -33.32 10.96
C ALA P 20 24.33 -33.41 10.31
N ASP P 21 23.87 -34.62 10.03
CA ASP P 21 22.52 -34.85 9.52
C ASP P 21 21.48 -34.35 10.49
N ARG P 22 21.60 -34.71 11.77
CA ARG P 22 20.59 -34.32 12.75
C ARG P 22 20.52 -32.83 12.89
N LEU P 23 21.58 -32.12 12.46
CA LEU P 23 21.55 -30.68 12.57
C LEU P 23 21.29 -30.03 11.23
N GLY P 24 21.11 -30.83 10.17
CA GLY P 24 20.81 -30.30 8.85
C GLY P 24 22.01 -29.65 8.20
N LEU P 25 23.21 -30.14 8.46
CA LEU P 25 24.45 -29.51 8.04
C LEU P 25 25.30 -30.48 7.24
N GLU P 26 26.15 -29.93 6.39
CA GLU P 26 27.19 -30.73 5.77
C GLU P 26 28.48 -30.66 6.58
N LEU P 27 29.23 -31.78 6.61
CA LEU P 27 30.54 -31.76 7.23
C LEU P 27 31.48 -30.77 6.55
N GLY P 28 32.22 -30.02 7.36
CA GLY P 28 33.25 -29.14 6.84
C GLY P 28 34.31 -29.86 6.06
N LYS P 29 34.86 -29.19 5.04
CA LYS P 29 35.91 -29.83 4.25
C LYS P 29 37.26 -29.79 4.95
N VAL P 30 37.88 -30.95 5.11
CA VAL P 30 39.17 -31.04 5.79
C VAL P 30 39.92 -32.24 5.21
N VAL P 31 41.22 -32.07 4.99
CA VAL P 31 42.10 -33.16 4.57
C VAL P 31 42.86 -33.65 5.79
N THR P 32 42.56 -34.86 6.23
CA THR P 32 43.24 -35.43 7.39
C THR P 32 43.98 -36.71 7.03
N LYS P 33 45.31 -36.63 6.85
CA LYS P 33 46.04 -37.84 6.47
C LYS P 33 47.29 -37.94 7.33
N LYS P 34 48.17 -38.90 7.02
CA LYS P 34 49.50 -38.97 7.60
C LYS P 34 50.47 -38.96 6.44
N PHE P 35 51.55 -38.20 6.60
CA PHE P 35 52.63 -38.23 5.64
C PHE P 35 53.35 -39.58 5.68
N SER P 36 54.24 -39.75 4.68
CA SER P 36 55.01 -40.98 4.55
C SER P 36 55.74 -41.27 5.84
N ASN P 37 56.31 -40.24 6.46
CA ASN P 37 57.10 -40.32 7.67
C ASN P 37 56.31 -40.34 8.96
N GLN P 38 54.97 -40.51 8.94
CA GLN P 38 54.09 -40.70 10.10
C GLN P 38 53.57 -39.43 10.78
N GLU P 39 54.00 -38.25 10.36
CA GLU P 39 53.50 -37.00 10.92
C GLU P 39 52.04 -36.74 10.51
N THR P 40 51.18 -36.35 11.47
CA THR P 40 49.80 -36.06 11.13
C THR P 40 49.69 -34.77 10.33
N CYS P 41 49.08 -34.86 9.16
CA CYS P 41 48.80 -33.71 8.31
C CYS P 41 47.31 -33.36 8.39
N VAL P 42 47.03 -32.10 8.66
CA VAL P 42 45.67 -31.56 8.67
C VAL P 42 45.64 -30.30 7.84
N GLU P 43 44.62 -30.15 7.00
CA GLU P 43 44.43 -28.92 6.25
C GLU P 43 42.93 -28.59 6.24
N ILE P 44 42.57 -27.47 6.85
CA ILE P 44 41.19 -26.99 6.85
C ILE P 44 40.83 -26.40 5.49
N GLY P 45 39.88 -27.04 4.80
CA GLY P 45 39.47 -26.78 3.44
C GLY P 45 38.52 -25.62 3.19
N GLU P 46 38.09 -24.90 4.23
CA GLU P 46 37.21 -23.77 4.06
C GLU P 46 37.46 -22.77 5.18
N SER P 47 36.98 -21.55 4.97
CA SER P 47 37.09 -20.53 6.00
C SER P 47 36.26 -20.84 7.24
N VAL P 48 36.88 -20.71 8.41
CA VAL P 48 36.19 -20.84 9.68
C VAL P 48 36.27 -19.55 10.47
N ARG P 49 36.79 -18.48 9.87
CA ARG P 49 36.97 -17.21 10.56
C ARG P 49 35.64 -16.71 11.11
N GLY P 50 35.58 -16.55 12.43
CA GLY P 50 34.39 -16.06 13.06
C GLY P 50 33.31 -17.10 13.20
N GLU P 51 33.61 -18.37 12.96
CA GLU P 51 32.58 -19.39 12.99
C GLU P 51 32.64 -20.17 14.30
N ASP P 52 31.50 -20.72 14.71
CA ASP P 52 31.38 -21.58 15.89
C ASP P 52 31.62 -23.03 15.46
N VAL P 53 32.83 -23.53 15.72
CA VAL P 53 33.33 -24.79 15.19
C VAL P 53 33.24 -25.92 16.20
N TYR P 54 32.78 -27.08 15.73
CA TYR P 54 32.71 -28.32 16.51
C TYR P 54 33.51 -29.37 15.76
N ILE P 55 34.56 -29.90 16.39
CA ILE P 55 35.38 -30.97 15.82
C ILE P 55 35.04 -32.22 16.57
N VAL P 56 34.52 -33.22 15.85
CA VAL P 56 34.14 -34.50 16.43
C VAL P 56 35.21 -35.56 16.31
N GLN P 57 35.74 -36.07 17.43
CA GLN P 57 36.69 -37.16 17.28
C GLN P 57 36.64 -38.06 18.47
N SER P 58 36.49 -39.34 18.19
CA SER P 58 36.42 -40.37 19.18
C SER P 58 37.82 -40.59 19.71
N GLY P 59 37.92 -41.42 20.72
CA GLY P 59 39.23 -41.76 21.24
C GLY P 59 39.46 -43.24 21.15
N CYS P 60 39.06 -43.76 20.00
CA CYS P 60 39.07 -45.12 19.54
C CYS P 60 40.23 -45.22 18.55
N GLY P 61 40.36 -46.36 17.83
CA GLY P 61 41.28 -46.25 16.70
C GLY P 61 42.70 -46.08 17.23
N GLU P 62 43.59 -45.56 16.38
CA GLU P 62 44.96 -45.34 16.86
C GLU P 62 44.84 -44.10 17.74
N ILE P 63 44.77 -44.30 19.07
CA ILE P 63 44.40 -43.19 19.95
C ILE P 63 45.35 -42.01 19.85
N ASN P 64 46.65 -42.27 19.79
CA ASN P 64 47.59 -41.16 19.72
C ASN P 64 47.54 -40.42 18.40
N ASP P 65 47.37 -41.14 17.27
CA ASP P 65 47.17 -40.46 15.99
C ASP P 65 45.89 -39.63 15.99
N ASN P 66 44.81 -40.22 16.49
CA ASN P 66 43.53 -39.52 16.58
C ASN P 66 43.60 -38.31 17.52
N LEU P 67 44.25 -38.48 18.66
CA LEU P 67 44.45 -37.37 19.59
C LEU P 67 45.26 -36.24 18.96
N MET P 68 46.40 -36.57 18.33
CA MET P 68 47.21 -35.56 17.64
C MET P 68 46.44 -34.88 16.50
N GLU P 69 45.70 -35.63 15.70
CA GLU P 69 44.89 -35.03 14.64
C GLU P 69 43.90 -34.02 15.22
N LEU P 70 43.23 -34.41 16.30
CA LEU P 70 42.31 -33.52 16.98
C LEU P 70 43.01 -32.26 17.47
N LEU P 71 44.18 -32.42 18.09
CA LEU P 71 44.85 -31.25 18.66
C LEU P 71 45.30 -30.29 17.58
N ILE P 72 45.80 -30.81 16.47
CA ILE P 72 46.25 -29.91 15.41
C ILE P 72 45.06 -29.20 14.78
N MET P 73 43.95 -29.92 14.61
CA MET P 73 42.74 -29.33 14.07
C MET P 73 42.22 -28.22 14.97
N ILE P 74 42.10 -28.47 16.28
CA ILE P 74 41.71 -27.42 17.22
C ILE P 74 42.63 -26.21 17.10
N ASN P 75 43.94 -26.44 17.16
CA ASN P 75 44.90 -25.32 17.11
C ASN P 75 44.79 -24.55 15.79
N ALA P 76 44.75 -25.29 14.66
CA ALA P 76 44.63 -24.68 13.33
C ALA P 76 43.39 -23.80 13.19
N CYS P 77 42.24 -24.26 13.68
CA CYS P 77 41.02 -23.46 13.70
C CYS P 77 41.15 -22.26 14.62
N LYS P 78 41.79 -22.45 15.77
CA LYS P 78 41.93 -21.36 16.71
C LYS P 78 42.78 -20.24 16.14
N ILE P 79 43.87 -20.59 15.47
CA ILE P 79 44.74 -19.57 14.87
C ILE P 79 44.20 -19.04 13.57
N ALA P 80 43.15 -19.65 13.04
CA ALA P 80 42.43 -19.14 11.90
C ALA P 80 41.28 -18.26 12.31
N SER P 81 41.30 -17.81 13.56
CA SER P 81 40.43 -16.77 14.10
C SER P 81 38.98 -17.24 14.16
N ALA P 82 38.78 -18.55 14.36
CA ALA P 82 37.46 -19.08 14.68
C ALA P 82 36.92 -18.42 15.92
N SER P 83 35.60 -18.21 15.95
CA SER P 83 34.98 -17.59 17.11
C SER P 83 35.06 -18.49 18.34
N ARG P 84 34.84 -19.80 18.17
CA ARG P 84 34.84 -20.77 19.26
C ARG P 84 35.19 -22.14 18.71
N VAL P 85 35.95 -22.92 19.46
CA VAL P 85 36.26 -24.29 19.04
C VAL P 85 35.85 -25.25 20.12
N THR P 86 34.96 -26.17 19.78
CA THR P 86 34.49 -27.16 20.74
C THR P 86 34.98 -28.53 20.31
N ALA P 87 35.57 -29.28 21.22
CA ALA P 87 35.97 -30.65 20.91
C ALA P 87 34.87 -31.58 21.35
N VAL P 88 34.33 -32.33 20.41
CA VAL P 88 33.29 -33.31 20.69
C VAL P 88 34.00 -34.65 20.69
N ILE P 89 34.17 -35.23 21.85
CA ILE P 89 35.01 -36.41 22.05
C ILE P 89 34.12 -37.46 22.69
N PRO P 90 33.40 -38.22 21.86
CA PRO P 90 32.44 -39.20 22.39
C PRO P 90 33.03 -40.09 23.45
N CYS P 91 34.17 -40.71 23.16
CA CYS P 91 34.87 -41.52 24.15
C CYS P 91 36.18 -40.83 24.51
N PHE P 92 36.27 -40.29 25.73
CA PHE P 92 37.45 -39.53 26.13
C PHE P 92 38.63 -40.49 26.30
N PRO P 93 39.71 -40.33 25.54
CA PRO P 93 40.85 -41.24 25.64
C PRO P 93 41.55 -41.12 26.98
N TYR P 94 42.11 -42.20 27.44
CA TYR P 94 42.93 -42.24 28.65
C TYR P 94 42.27 -41.99 29.96
N ALA P 95 41.01 -42.27 30.07
CA ALA P 95 40.33 -41.94 31.29
C ALA P 95 40.24 -43.00 32.30
N ARG P 96 40.90 -44.11 32.08
CA ARG P 96 40.86 -45.21 32.99
C ARG P 96 42.23 -45.37 33.49
N GLN P 97 42.38 -45.46 34.80
CA GLN P 97 43.67 -45.68 35.35
C GLN P 97 43.75 -47.13 35.23
N ASP P 98 44.74 -47.54 34.46
CA ASP P 98 45.04 -48.92 34.10
C ASP P 98 46.14 -49.47 35.00
N LYS P 99 46.30 -48.88 36.17
CA LYS P 99 47.30 -49.14 37.18
C LYS P 99 47.15 -50.41 37.93
N LYS P 100 48.16 -50.67 38.73
CA LYS P 100 48.17 -51.78 39.63
C LYS P 100 48.15 -51.00 40.93
N ASP P 101 47.08 -51.08 41.74
CA ASP P 101 47.03 -50.25 42.95
C ASP P 101 47.94 -50.59 44.11
N LYS P 102 48.48 -49.51 44.70
CA LYS P 102 49.42 -49.54 45.81
C LYS P 102 48.79 -49.04 47.08
N VAL P 103 49.13 -49.63 48.20
CA VAL P 103 48.59 -49.18 49.47
C VAL P 103 49.19 -47.90 49.95
N GLY P 104 48.38 -47.22 50.72
CA GLY P 104 48.75 -46.02 51.38
C GLY P 104 48.48 -44.78 50.65
N GLU P 105 48.31 -44.85 49.35
CA GLU P 105 48.01 -43.69 48.56
C GLU P 105 47.45 -44.06 47.22
N SER P 106 46.96 -43.06 46.54
CA SER P 106 46.40 -43.27 45.24
C SER P 106 47.25 -42.65 44.20
N ARG P 107 47.37 -43.31 43.06
CA ARG P 107 48.06 -42.74 41.91
C ARG P 107 47.29 -41.58 41.30
N ALA P 108 47.97 -40.79 40.49
CA ALA P 108 47.26 -39.62 40.04
C ALA P 108 46.88 -39.85 38.60
N PRO P 109 45.85 -39.17 38.09
CA PRO P 109 45.52 -39.27 36.66
C PRO P 109 46.48 -38.41 35.85
N ILE P 110 47.76 -38.81 35.86
CA ILE P 110 48.72 -38.29 34.90
C ILE P 110 48.15 -38.28 33.50
N SER P 111 47.92 -39.44 32.88
CA SER P 111 47.53 -39.36 31.48
C SER P 111 46.19 -38.66 31.21
N ALA P 112 45.21 -38.77 32.10
CA ALA P 112 43.94 -38.10 31.82
C ALA P 112 44.04 -36.59 31.97
N LYS P 113 44.84 -36.15 32.91
CA LYS P 113 45.08 -34.73 33.08
C LYS P 113 45.94 -34.23 31.92
N LEU P 114 46.96 -35.01 31.51
CA LEU P 114 47.72 -34.67 30.32
C LEU P 114 46.84 -34.46 29.09
N VAL P 115 45.94 -35.40 28.80
CA VAL P 115 45.07 -35.19 27.64
C VAL P 115 44.29 -33.89 27.82
N ALA P 116 43.73 -33.69 29.02
CA ALA P 116 43.05 -32.43 29.30
C ALA P 116 43.95 -31.22 29.09
N ASN P 117 45.18 -31.26 29.58
CA ASN P 117 46.11 -30.15 29.43
C ASN P 117 46.51 -29.89 27.97
N MET P 118 46.68 -30.95 27.17
CA MET P 118 47.01 -30.77 25.75
C MET P 118 45.82 -30.19 24.99
N LEU P 119 44.62 -30.66 25.28
CA LEU P 119 43.42 -30.08 24.68
C LEU P 119 43.33 -28.60 25.02
N SER P 120 43.64 -28.26 26.28
CA SER P 120 43.57 -26.89 26.74
C SER P 120 44.56 -25.98 26.01
N VAL P 121 45.84 -26.41 25.96
CA VAL P 121 46.90 -25.66 25.28
C VAL P 121 46.70 -25.64 23.77
N ALA P 122 46.07 -26.66 23.20
CA ALA P 122 45.72 -26.60 21.79
C ALA P 122 44.73 -25.50 21.53
N GLY P 123 43.88 -25.19 22.50
CA GLY P 123 42.99 -24.07 22.30
C GLY P 123 41.52 -24.42 22.33
N ALA P 124 41.20 -25.60 22.86
CA ALA P 124 39.81 -25.98 23.03
C ALA P 124 39.09 -25.03 23.98
N ASP P 125 37.92 -24.58 23.56
CA ASP P 125 37.11 -23.67 24.37
C ASP P 125 36.01 -24.41 25.11
N HIS P 126 35.74 -25.65 24.73
CA HIS P 126 34.59 -26.32 25.30
C HIS P 126 34.76 -27.80 24.92
N ILE P 127 34.37 -28.70 25.82
CA ILE P 127 34.40 -30.14 25.58
C ILE P 127 33.00 -30.71 25.71
N ILE P 128 32.57 -31.48 24.72
CA ILE P 128 31.39 -32.33 24.81
C ILE P 128 31.85 -33.77 24.73
N THR P 129 31.48 -34.56 25.71
CA THR P 129 31.89 -35.94 25.74
C THR P 129 30.73 -36.76 26.27
N MET P 130 30.88 -38.08 26.21
CA MET P 130 29.85 -38.95 26.76
C MET P 130 30.40 -40.01 27.71
N ASP P 131 29.72 -40.12 28.86
CA ASP P 131 29.97 -41.04 29.98
C ASP P 131 31.44 -41.22 30.29
N LEU P 132 32.06 -40.11 30.71
CA LEU P 132 33.40 -40.11 31.29
C LEU P 132 33.54 -41.19 32.35
N HIS P 133 34.64 -41.95 32.31
CA HIS P 133 34.90 -43.01 33.29
C HIS P 133 34.76 -42.45 34.73
N ALA P 134 35.33 -41.27 34.98
CA ALA P 134 35.05 -40.57 36.22
C ALA P 134 34.58 -39.18 35.88
N SER P 135 33.41 -38.80 36.44
CA SER P 135 32.83 -37.49 36.16
C SER P 135 33.71 -36.33 36.57
N GLN P 136 34.63 -36.56 37.50
CA GLN P 136 35.57 -35.54 37.95
C GLN P 136 36.51 -35.07 36.87
N ILE P 137 36.69 -35.83 35.79
CA ILE P 137 37.51 -35.38 34.67
C ILE P 137 36.97 -34.05 34.14
N GLN P 138 35.68 -33.80 34.33
CA GLN P 138 35.09 -32.51 34.00
C GLN P 138 35.90 -31.35 34.61
N GLY P 139 36.38 -31.51 35.83
CA GLY P 139 37.22 -30.57 36.53
C GLY P 139 38.71 -30.55 36.20
N PHE P 140 39.18 -31.36 35.26
CA PHE P 140 40.56 -31.29 34.76
C PHE P 140 40.75 -30.14 33.76
N PHE P 141 39.67 -29.48 33.38
CA PHE P 141 39.68 -28.34 32.46
C PHE P 141 39.31 -27.09 33.22
N ASP P 142 39.56 -25.94 32.57
CA ASP P 142 39.02 -24.67 33.04
C ASP P 142 37.89 -24.19 32.15
N ILE P 143 37.79 -24.75 30.96
CA ILE P 143 36.69 -24.57 30.02
C ILE P 143 35.50 -25.46 30.41
N PRO P 144 34.29 -25.11 30.01
CA PRO P 144 33.15 -25.98 30.28
C PRO P 144 33.31 -27.34 29.60
N VAL P 145 32.96 -28.40 30.33
CA VAL P 145 32.87 -29.77 29.82
C VAL P 145 31.44 -30.24 30.03
N ASP P 146 30.84 -30.79 28.99
CA ASP P 146 29.57 -31.50 29.11
C ASP P 146 29.78 -33.00 29.08
N ASN P 147 29.47 -33.67 30.20
CA ASN P 147 29.59 -35.12 30.27
C ASN P 147 28.17 -35.67 30.12
N LEU P 148 27.79 -36.03 28.90
CA LEU P 148 26.46 -36.53 28.61
C LEU P 148 26.29 -37.98 29.00
N TYR P 149 25.07 -38.38 29.29
CA TYR P 149 24.81 -39.76 29.68
C TYR P 149 24.02 -40.50 28.63
N ALA P 150 24.45 -41.74 28.42
CA ALA P 150 23.76 -42.68 27.58
C ALA P 150 22.60 -43.34 28.29
N GLU P 151 22.48 -43.12 29.61
CA GLU P 151 21.45 -43.79 30.39
C GLU P 151 20.08 -43.70 29.73
N PRO P 152 19.55 -42.54 29.35
CA PRO P 152 18.20 -42.54 28.74
C PRO P 152 18.06 -43.42 27.49
N ALA P 153 19.07 -43.45 26.63
CA ALA P 153 18.97 -44.31 25.45
C ALA P 153 19.08 -45.80 25.82
N VAL P 154 19.83 -46.12 26.87
CA VAL P 154 19.94 -47.50 27.34
C VAL P 154 18.64 -47.96 27.97
N LEU P 155 18.06 -47.10 28.80
CA LEU P 155 16.74 -47.32 29.39
C LEU P 155 15.71 -47.62 28.31
N LYS P 156 15.69 -46.85 27.27
CA LYS P 156 14.79 -47.07 26.20
C LYS P 156 15.05 -48.42 25.59
N TRP P 157 16.26 -48.69 25.22
CA TRP P 157 16.56 -49.96 24.59
C TRP P 157 16.12 -51.15 25.43
N ILE P 158 16.37 -51.10 26.73
CA ILE P 158 15.93 -52.21 27.59
C ILE P 158 14.43 -52.40 27.48
N ARG P 159 13.66 -51.32 27.75
CA ARG P 159 12.20 -51.43 27.68
C ARG P 159 11.75 -51.92 26.31
N GLU P 160 12.44 -51.52 25.24
CA GLU P 160 12.01 -51.83 23.88
C GLU P 160 12.40 -53.23 23.39
N ASN P 161 13.47 -53.81 23.93
CA ASN P 161 14.08 -55.04 23.42
C ASN P 161 14.12 -56.23 24.37
N ILE P 162 13.93 -56.04 25.67
CA ILE P 162 13.96 -57.14 26.64
C ILE P 162 12.53 -57.34 27.10
N SER P 163 11.96 -58.52 26.78
CA SER P 163 10.54 -58.74 26.92
C SER P 163 10.11 -58.71 28.39
N GLU P 164 10.88 -59.38 29.23
CA GLU P 164 10.62 -59.51 30.66
C GLU P 164 11.37 -58.47 31.46
N TRP P 165 11.65 -57.32 30.86
CA TRP P 165 12.46 -56.30 31.51
C TRP P 165 11.85 -55.80 32.81
N ARG P 166 10.55 -55.95 33.03
CA ARG P 166 9.97 -55.37 34.24
C ARG P 166 10.31 -56.12 35.52
N ASN P 167 10.65 -57.42 35.45
CA ASN P 167 11.06 -58.17 36.64
C ASN P 167 12.49 -58.71 36.55
N CYS P 168 13.34 -58.03 35.82
CA CYS P 168 14.71 -58.48 35.64
C CYS P 168 15.62 -57.88 36.71
N THR P 169 16.95 -58.01 36.55
CA THR P 169 17.95 -57.61 37.54
C THR P 169 19.18 -56.99 36.85
N ILE P 170 19.67 -55.86 37.38
CA ILE P 170 20.79 -55.09 36.82
C ILE P 170 22.06 -55.37 37.63
N VAL P 171 23.08 -55.96 36.99
CA VAL P 171 24.30 -56.44 37.63
C VAL P 171 25.51 -55.56 37.31
N SER P 172 26.32 -55.27 38.34
CA SER P 172 27.59 -54.57 38.13
C SER P 172 28.75 -55.57 38.02
N PRO P 173 29.58 -55.48 36.98
CA PRO P 173 30.69 -56.44 36.85
C PRO P 173 31.75 -56.30 37.93
N ASP P 174 31.86 -55.14 38.56
CA ASP P 174 32.83 -54.91 39.61
C ASP P 174 32.24 -53.93 40.61
N ALA P 175 33.01 -53.66 41.67
CA ALA P 175 32.58 -52.71 42.69
C ALA P 175 32.35 -51.32 42.11
N GLY P 176 33.20 -50.88 41.21
CA GLY P 176 33.08 -49.52 40.70
C GLY P 176 31.77 -49.19 40.01
N GLY P 177 31.15 -50.14 39.32
CA GLY P 177 29.95 -49.75 38.61
C GLY P 177 28.70 -49.74 39.46
N ALA P 178 28.87 -49.78 40.78
CA ALA P 178 27.72 -49.82 41.69
C ALA P 178 26.77 -48.66 41.43
N LYS P 179 27.29 -47.43 41.41
CA LYS P 179 26.32 -46.34 41.31
C LYS P 179 25.60 -46.39 39.97
N ARG P 180 26.28 -46.80 38.93
CA ARG P 180 25.63 -46.93 37.63
C ARG P 180 24.50 -47.97 37.60
N VAL P 181 24.66 -49.15 38.22
CA VAL P 181 23.56 -50.11 38.05
C VAL P 181 22.40 -49.77 38.95
N THR P 182 22.67 -49.28 40.15
CA THR P 182 21.58 -48.85 41.00
C THR P 182 20.85 -47.68 40.35
N SER P 183 21.58 -46.83 39.63
CA SER P 183 20.88 -45.78 38.89
C SER P 183 19.90 -46.35 37.87
N ILE P 184 20.33 -47.36 37.11
CA ILE P 184 19.46 -47.92 36.08
C ILE P 184 18.34 -48.78 36.67
N ALA P 185 18.65 -49.58 37.70
CA ALA P 185 17.63 -50.40 38.33
C ALA P 185 16.52 -49.56 38.95
N ASP P 186 16.88 -48.41 39.52
CA ASP P 186 15.86 -47.54 40.07
C ASP P 186 14.99 -46.91 38.98
N ARG P 187 15.59 -46.55 37.83
CA ARG P 187 14.81 -45.96 36.75
C ARG P 187 13.81 -46.96 36.19
N LEU P 188 14.20 -48.24 36.09
CA LEU P 188 13.35 -49.32 35.60
C LEU P 188 12.51 -49.95 36.71
N ASN P 189 12.69 -49.53 37.95
CA ASN P 189 12.07 -50.16 39.12
C ASN P 189 12.33 -51.67 39.24
N VAL P 190 13.59 -52.06 39.14
CA VAL P 190 13.90 -53.48 39.24
C VAL P 190 15.00 -53.64 40.28
N ASP P 191 15.39 -54.89 40.51
CA ASP P 191 16.40 -55.24 41.48
C ASP P 191 17.78 -55.05 40.88
N PHE P 192 18.76 -54.88 41.74
CA PHE P 192 20.15 -54.89 41.34
C PHE P 192 20.93 -55.91 42.15
N ALA P 193 22.05 -56.30 41.58
CA ALA P 193 23.02 -57.19 42.18
C ALA P 193 24.41 -56.74 41.75
N LEU P 194 25.42 -57.21 42.45
CA LEU P 194 26.79 -56.83 42.15
C LEU P 194 27.69 -58.07 42.18
N ILE P 195 28.64 -58.14 41.24
CA ILE P 195 29.62 -59.22 41.15
C ILE P 195 30.98 -58.65 41.57
N HIS P 196 31.80 -59.45 42.28
CA HIS P 196 33.13 -58.96 42.65
C HIS P 196 34.17 -60.07 42.55
N LYS P 197 35.33 -59.75 41.97
CA LYS P 197 36.46 -60.68 41.92
C LYS P 197 37.39 -60.53 43.14
N GLU P 198 37.78 -61.65 43.74
CA GLU P 198 38.73 -61.59 44.85
C GLU P 198 40.19 -61.61 44.36
N ASP P 206 40.82 -65.54 43.53
CA ASP P 206 40.69 -66.07 42.17
C ASP P 206 39.24 -66.21 41.72
N ARG P 207 38.33 -66.39 42.68
CA ARG P 207 36.93 -66.69 42.40
C ARG P 207 36.08 -65.42 42.39
N MET P 208 34.87 -65.57 41.85
CA MET P 208 33.90 -64.51 41.71
C MET P 208 32.75 -64.68 42.70
N VAL P 209 32.36 -63.57 43.30
CA VAL P 209 31.29 -63.53 44.29
C VAL P 209 30.12 -62.74 43.76
N LEU P 210 28.92 -63.24 44.08
CA LEU P 210 27.66 -62.59 43.73
C LEU P 210 26.95 -62.15 44.98
N VAL P 211 26.58 -60.92 44.99
CA VAL P 211 25.85 -60.41 46.08
C VAL P 211 24.65 -59.81 45.49
N GLY P 212 23.52 -60.35 45.86
CA GLY P 212 22.23 -60.02 45.30
C GLY P 212 21.57 -61.26 44.77
N ASP P 213 20.41 -61.13 44.18
CA ASP P 213 19.75 -62.27 43.69
C ASP P 213 19.46 -62.22 42.27
N VAL P 214 19.79 -63.24 41.51
CA VAL P 214 19.44 -63.23 40.14
C VAL P 214 18.76 -64.43 39.62
N LYS P 215 18.61 -65.47 40.38
CA LYS P 215 18.08 -66.69 39.85
C LYS P 215 16.71 -66.66 39.30
N ASP P 216 16.52 -67.29 38.14
CA ASP P 216 15.29 -67.42 37.35
C ASP P 216 14.76 -66.11 36.77
N ARG P 217 15.62 -65.12 36.61
CA ARG P 217 15.24 -63.82 36.04
C ARG P 217 16.33 -63.38 35.06
N VAL P 218 15.94 -62.52 34.11
CA VAL P 218 16.87 -61.98 33.12
C VAL P 218 17.87 -61.04 33.79
N ALA P 219 19.16 -61.26 33.57
CA ALA P 219 20.23 -60.44 34.13
C ALA P 219 20.87 -59.54 33.08
N ILE P 220 20.94 -58.23 33.36
CA ILE P 220 21.56 -57.22 32.48
C ILE P 220 22.81 -56.63 33.15
N LEU P 221 23.99 -57.01 32.64
CA LEU P 221 25.28 -56.45 33.03
C LEU P 221 25.45 -55.06 32.43
N VAL P 222 25.64 -54.05 33.26
CA VAL P 222 25.86 -52.69 32.80
C VAL P 222 27.19 -52.16 33.30
N ASP P 223 27.96 -51.54 32.41
CA ASP P 223 29.23 -50.95 32.81
C ASP P 223 29.49 -49.84 31.80
N ASP P 224 30.41 -48.91 32.11
CA ASP P 224 30.63 -47.80 31.16
C ASP P 224 31.39 -48.18 29.91
N MET P 225 32.24 -49.20 29.93
CA MET P 225 33.02 -49.48 28.73
C MET P 225 33.51 -50.90 28.84
N ALA P 226 33.74 -51.50 27.69
CA ALA P 226 34.36 -52.82 27.68
C ALA P 226 35.53 -52.83 26.72
N ASP P 227 36.71 -53.12 27.26
CA ASP P 227 37.97 -53.13 26.54
C ASP P 227 38.27 -54.57 26.15
N THR P 228 39.07 -55.27 26.97
CA THR P 228 39.38 -56.65 26.67
C THR P 228 38.23 -57.60 27.03
N CYS P 229 37.23 -57.13 27.77
CA CYS P 229 36.02 -57.89 28.12
C CYS P 229 36.23 -59.11 29.00
N GLY P 230 37.36 -59.23 29.70
CA GLY P 230 37.53 -60.37 30.57
C GLY P 230 36.59 -60.32 31.76
N THR P 231 36.47 -59.14 32.38
CA THR P 231 35.56 -58.97 33.50
C THR P 231 34.11 -59.28 33.14
N ILE P 232 33.57 -58.66 32.09
CA ILE P 232 32.15 -58.87 31.78
C ILE P 232 31.86 -60.32 31.44
N CYS P 233 32.81 -61.02 30.84
CA CYS P 233 32.60 -62.42 30.45
C CYS P 233 32.69 -63.37 31.63
N HIS P 234 33.59 -63.13 32.56
CA HIS P 234 33.57 -63.99 33.73
C HIS P 234 32.29 -63.75 34.54
N ALA P 235 31.88 -62.48 34.67
CA ALA P 235 30.62 -62.16 35.34
C ALA P 235 29.45 -62.83 34.66
N ALA P 236 29.45 -62.87 33.32
CA ALA P 236 28.37 -63.53 32.58
C ALA P 236 28.32 -65.01 32.88
N ASP P 237 29.49 -65.63 32.98
CA ASP P 237 29.53 -67.04 33.36
C ASP P 237 28.92 -67.23 34.75
N LYS P 238 29.31 -66.39 35.72
CA LYS P 238 28.78 -66.49 37.09
C LYS P 238 27.28 -66.27 37.14
N LEU P 239 26.77 -65.33 36.33
CA LEU P 239 25.34 -65.14 36.29
C LEU P 239 24.64 -66.37 35.74
N LEU P 240 25.25 -67.10 34.81
CA LEU P 240 24.58 -68.33 34.40
C LEU P 240 24.59 -69.38 35.50
N SER P 241 25.74 -69.57 36.15
CA SER P 241 25.81 -70.55 37.23
C SER P 241 24.88 -70.21 38.39
N ALA P 242 24.54 -68.95 38.56
CA ALA P 242 23.67 -68.55 39.64
C ALA P 242 22.23 -68.66 39.23
N GLY P 243 21.99 -69.19 38.05
CA GLY P 243 20.65 -69.50 37.57
C GLY P 243 19.88 -68.40 36.93
N ALA P 244 20.55 -67.40 36.35
CA ALA P 244 19.86 -66.38 35.55
C ALA P 244 19.39 -66.95 34.22
N THR P 245 18.16 -66.62 33.85
CA THR P 245 17.59 -67.14 32.61
C THR P 245 18.47 -66.77 31.42
N ARG P 246 18.63 -65.47 31.19
CA ARG P 246 19.47 -64.96 30.12
C ARG P 246 20.27 -63.75 30.60
N VAL P 247 21.48 -63.63 30.05
CA VAL P 247 22.41 -62.56 30.39
C VAL P 247 22.60 -61.63 29.20
N TYR P 248 22.46 -60.34 29.46
CA TYR P 248 22.75 -59.26 28.53
C TYR P 248 23.95 -58.45 29.02
N ALA P 249 24.63 -57.77 28.11
CA ALA P 249 25.67 -56.82 28.49
C ALA P 249 25.41 -55.48 27.81
N ILE P 250 25.29 -54.40 28.59
CA ILE P 250 25.10 -53.08 28.00
C ILE P 250 26.18 -52.13 28.54
N LEU P 251 27.02 -51.64 27.63
CA LEU P 251 28.17 -50.77 27.86
C LEU P 251 28.05 -49.58 26.93
N THR P 252 28.35 -48.38 27.42
CA THR P 252 28.32 -47.21 26.55
C THR P 252 29.42 -47.19 25.51
N HIS P 253 30.66 -47.48 25.90
CA HIS P 253 31.81 -47.48 24.97
C HIS P 253 32.28 -48.88 24.60
N GLY P 254 32.11 -49.27 23.36
CA GLY P 254 32.58 -50.59 22.97
C GLY P 254 33.93 -50.59 22.26
N ILE P 255 35.02 -50.61 23.04
CA ILE P 255 36.38 -50.60 22.46
C ILE P 255 36.72 -51.94 21.82
N PHE P 256 36.48 -53.06 22.53
CA PHE P 256 36.68 -54.44 22.03
C PHE P 256 38.05 -54.69 21.40
N SER P 257 39.10 -54.47 22.19
CA SER P 257 40.44 -54.73 21.73
C SER P 257 40.94 -56.09 22.17
N GLY P 258 41.94 -56.59 21.46
CA GLY P 258 42.53 -57.85 21.81
C GLY P 258 41.60 -59.03 21.65
N PRO P 259 41.48 -59.83 22.71
CA PRO P 259 40.68 -61.05 22.63
C PRO P 259 39.20 -60.85 22.86
N ALA P 260 38.76 -59.60 23.00
CA ALA P 260 37.38 -59.30 23.38
C ALA P 260 36.33 -60.01 22.55
N ILE P 261 36.46 -59.93 21.23
CA ILE P 261 35.44 -60.51 20.34
C ILE P 261 35.40 -62.01 20.51
N SER P 262 36.57 -62.63 20.62
CA SER P 262 36.64 -64.06 20.84
C SER P 262 36.03 -64.46 22.18
N ARG P 263 36.26 -63.66 23.21
CA ARG P 263 35.69 -63.93 24.51
C ARG P 263 34.16 -63.88 24.49
N ILE P 264 33.60 -62.86 23.82
CA ILE P 264 32.14 -62.70 23.72
C ILE P 264 31.50 -63.87 22.97
N ASN P 265 32.07 -64.22 21.81
CA ASN P 265 31.55 -65.36 21.05
C ASN P 265 31.51 -66.65 21.88
N ASN P 266 32.55 -66.88 22.70
CA ASN P 266 32.53 -68.05 23.60
C ASN P 266 31.59 -67.89 24.80
N ALA P 267 31.26 -66.66 25.22
CA ALA P 267 30.39 -66.38 26.37
C ALA P 267 28.90 -66.59 26.04
N CYS P 268 28.06 -66.55 27.09
CA CYS P 268 26.64 -66.87 27.01
C CYS P 268 25.71 -65.67 26.78
N PHE P 269 26.26 -64.52 26.40
CA PHE P 269 25.42 -63.32 26.22
C PHE P 269 24.32 -63.53 25.21
N GLU P 270 23.11 -63.12 25.57
CA GLU P 270 22.03 -63.09 24.58
C GLU P 270 22.33 -62.01 23.56
N ALA P 271 22.86 -60.87 24.03
CA ALA P 271 23.29 -59.75 23.21
C ALA P 271 24.23 -58.88 24.02
N VAL P 272 25.20 -58.26 23.35
CA VAL P 272 26.05 -57.24 23.93
C VAL P 272 25.75 -55.94 23.19
N VAL P 273 25.26 -54.95 23.92
CA VAL P 273 24.83 -53.66 23.39
C VAL P 273 25.81 -52.57 23.78
N VAL P 274 26.25 -51.79 22.80
CA VAL P 274 27.15 -50.66 23.00
C VAL P 274 26.52 -49.48 22.27
N THR P 275 26.98 -48.26 22.59
CA THR P 275 26.53 -47.16 21.77
C THR P 275 27.50 -46.94 20.61
N ASN P 276 27.18 -45.98 19.74
CA ASN P 276 27.98 -45.65 18.56
C ASN P 276 29.15 -44.68 18.84
N THR P 277 29.53 -44.51 20.10
CA THR P 277 30.57 -43.54 20.42
C THR P 277 31.86 -43.96 19.74
N ILE P 278 31.99 -45.26 19.47
CA ILE P 278 33.09 -45.84 18.71
C ILE P 278 32.48 -46.57 17.52
N PRO P 279 33.14 -46.56 16.36
CA PRO P 279 32.65 -47.33 15.22
C PRO P 279 32.59 -48.80 15.54
N GLN P 280 31.47 -49.43 15.15
CA GLN P 280 31.21 -50.84 15.44
C GLN P 280 31.04 -51.73 14.21
N GLU P 281 30.82 -51.15 13.03
CA GLU P 281 30.53 -51.94 11.84
C GLU P 281 31.53 -53.09 11.69
N ASP P 282 32.81 -52.75 11.80
CA ASP P 282 33.88 -53.75 11.73
C ASP P 282 33.76 -54.80 12.82
N LYS P 283 33.40 -54.40 14.04
CA LYS P 283 33.38 -55.40 15.11
C LYS P 283 32.09 -56.18 15.05
N MET P 284 31.01 -55.59 14.54
CA MET P 284 29.77 -56.32 14.34
C MET P 284 29.93 -57.37 13.25
N LYS P 285 30.87 -57.16 12.32
CA LYS P 285 31.11 -58.14 11.26
C LYS P 285 31.71 -59.42 11.83
N HIS P 286 32.47 -59.31 12.89
CA HIS P 286 33.09 -60.47 13.51
C HIS P 286 32.39 -60.97 14.77
N CYS P 287 31.29 -60.33 15.19
CA CYS P 287 30.57 -60.78 16.35
C CYS P 287 29.07 -60.64 16.09
N SER P 288 28.33 -61.74 16.22
CA SER P 288 26.92 -61.68 15.88
C SER P 288 26.09 -61.09 17.00
N LYS P 289 26.63 -61.04 18.21
CA LYS P 289 25.87 -60.58 19.36
C LYS P 289 25.97 -59.09 19.61
N ILE P 290 26.84 -58.35 18.92
CA ILE P 290 26.91 -56.90 19.07
C ILE P 290 25.74 -56.21 18.38
N GLN P 291 25.05 -55.36 19.13
CA GLN P 291 24.02 -54.43 18.67
C GLN P 291 24.42 -53.01 19.05
N VAL P 292 24.08 -52.00 18.23
CA VAL P 292 24.45 -50.63 18.56
C VAL P 292 23.24 -49.75 18.86
N ILE P 293 23.33 -48.93 19.92
CA ILE P 293 22.39 -47.83 20.19
C ILE P 293 22.97 -46.55 19.60
N ASP P 294 22.22 -45.87 18.72
CA ASP P 294 22.65 -44.58 18.18
C ASP P 294 22.47 -43.47 19.22
N ILE P 295 23.56 -42.76 19.56
CA ILE P 295 23.52 -41.66 20.54
C ILE P 295 23.82 -40.33 19.88
N SER P 296 23.83 -40.30 18.55
CA SER P 296 24.07 -39.09 17.77
C SER P 296 23.08 -37.99 18.14
N MET P 297 21.89 -38.32 18.58
CA MET P 297 20.87 -37.35 18.93
C MET P 297 21.18 -36.62 20.19
N ILE P 298 21.70 -37.30 21.17
CA ILE P 298 22.18 -36.66 22.40
C ILE P 298 23.31 -35.67 22.11
N LEU P 299 24.28 -36.05 21.28
CA LEU P 299 25.42 -35.19 21.00
C LEU P 299 24.99 -33.98 20.18
N ALA P 300 24.21 -34.24 19.11
CA ALA P 300 23.70 -33.14 18.32
C ALA P 300 22.93 -32.17 19.19
N GLU P 301 22.13 -32.66 20.15
CA GLU P 301 21.37 -31.74 21.00
C GLU P 301 22.29 -30.97 21.93
N ALA P 302 23.35 -31.62 22.42
CA ALA P 302 24.33 -30.89 23.19
C ALA P 302 25.05 -29.85 22.36
N ILE P 303 25.26 -30.11 21.07
CA ILE P 303 25.93 -29.12 20.22
C ILE P 303 24.98 -27.96 19.97
N ARG P 304 23.74 -28.27 19.64
CA ARG P 304 22.74 -27.23 19.46
C ARG P 304 22.67 -26.33 20.69
N ARG P 305 22.76 -26.92 21.88
CA ARG P 305 22.61 -26.15 23.12
C ARG P 305 23.84 -25.30 23.42
N THR P 306 25.03 -25.85 23.13
CA THR P 306 26.29 -25.09 23.23
C THR P 306 26.29 -23.89 22.32
N HIS P 307 25.76 -24.04 21.10
CA HIS P 307 25.79 -22.96 20.14
C HIS P 307 24.89 -21.81 20.60
N ASN P 308 23.75 -22.13 21.20
CA ASN P 308 22.76 -21.15 21.68
C ASN P 308 22.10 -20.34 20.59
N GLY P 309 21.45 -21.03 19.65
CA GLY P 309 20.87 -20.32 18.53
C GLY P 309 19.43 -20.00 18.74
N GLU P 310 18.65 -20.96 19.23
CA GLU P 310 17.20 -20.75 19.41
C GLU P 310 16.92 -19.86 20.61
N SER P 311 17.01 -20.33 21.85
CA SER P 311 16.77 -19.45 22.99
C SER P 311 17.71 -19.76 24.14
N VAL P 312 17.89 -18.75 24.99
CA VAL P 312 18.72 -18.87 26.19
C VAL P 312 18.14 -19.87 27.17
N SER P 313 16.83 -20.12 27.09
CA SER P 313 16.16 -20.97 28.06
C SER P 313 15.93 -22.37 27.53
N TYR P 314 16.60 -22.75 26.44
CA TYR P 314 16.60 -24.12 25.95
C TYR P 314 16.99 -25.07 27.08
N LEU P 315 16.18 -26.10 27.29
CA LEU P 315 16.48 -27.14 28.27
C LEU P 315 16.75 -28.43 27.52
N PHE P 316 17.95 -28.97 27.70
CA PHE P 316 18.42 -30.17 27.03
C PHE P 316 17.51 -31.37 27.31
N SER P 317 16.95 -31.48 28.52
CA SER P 317 16.18 -32.66 28.92
C SER P 317 14.75 -32.70 28.36
N HIS P 318 14.19 -31.55 27.93
CA HIS P 318 12.86 -31.54 27.32
C HIS P 318 12.84 -32.27 25.98
N VAL P 319 13.93 -32.16 25.21
CA VAL P 319 14.00 -32.75 23.88
C VAL P 319 13.86 -34.27 24.01
N PRO P 320 12.75 -34.86 23.56
CA PRO P 320 12.65 -36.33 23.61
C PRO P 320 13.56 -36.97 22.57
N LEU P 321 13.96 -38.20 22.85
CA LEU P 321 14.85 -38.92 21.94
C LEU P 321 14.08 -39.99 21.18
N PRO Q 2 71.75 -33.54 43.59
CA PRO Q 2 71.21 -34.34 42.51
C PRO Q 2 72.17 -35.15 41.77
N ASN Q 3 71.56 -36.04 41.07
CA ASN Q 3 72.27 -36.96 40.28
C ASN Q 3 71.61 -37.13 38.98
N ILE Q 4 72.38 -37.58 38.03
CA ILE Q 4 71.87 -37.78 36.75
C ILE Q 4 71.15 -39.05 36.70
N LYS Q 5 69.98 -39.00 36.15
CA LYS Q 5 69.25 -40.18 35.88
C LYS Q 5 68.82 -40.09 34.48
N ILE Q 6 69.12 -41.07 33.70
CA ILE Q 6 68.76 -41.07 32.31
C ILE Q 6 67.86 -42.16 32.00
N PHE Q 7 66.83 -41.84 31.24
CA PHE Q 7 65.80 -42.78 30.83
C PHE Q 7 65.64 -42.80 29.31
N SER Q 8 65.20 -43.95 28.79
CA SER Q 8 65.01 -44.05 27.36
C SER Q 8 63.54 -44.27 26.99
N GLY Q 9 63.16 -43.73 25.85
CA GLY Q 9 61.86 -43.96 25.27
C GLY Q 9 61.86 -45.26 24.50
N SER Q 10 60.88 -45.51 23.70
CA SER Q 10 60.98 -46.66 22.88
C SER Q 10 61.59 -46.38 21.56
N SER Q 11 61.77 -45.13 21.21
CA SER Q 11 62.24 -44.79 19.91
C SER Q 11 63.55 -45.18 19.56
N HIS Q 12 64.54 -44.90 20.35
CA HIS Q 12 65.88 -45.22 19.96
C HIS Q 12 66.64 -45.59 21.13
N GLN Q 13 66.99 -46.85 21.28
CA GLN Q 13 67.71 -47.25 22.44
C GLN Q 13 69.13 -47.40 22.30
N ASP Q 14 69.66 -47.22 21.12
CA ASP Q 14 71.04 -47.38 20.92
C ASP Q 14 71.51 -46.13 21.39
N LEU Q 15 71.13 -45.13 20.74
CA LEU Q 15 71.63 -43.85 21.23
C LEU Q 15 71.44 -43.72 22.74
N SER Q 16 70.27 -44.05 23.26
CA SER Q 16 70.11 -43.93 24.72
C SER Q 16 71.16 -44.73 25.48
N GLN Q 17 71.51 -45.91 24.97
CA GLN Q 17 72.58 -46.68 25.59
C GLN Q 17 73.94 -46.01 25.40
N LYS Q 18 74.25 -45.53 24.17
CA LYS Q 18 75.52 -44.85 23.91
C LYS Q 18 75.73 -43.64 24.81
N ILE Q 19 74.68 -42.83 24.96
CA ILE Q 19 74.71 -41.67 25.83
C ILE Q 19 74.95 -42.09 27.28
N ALA Q 20 74.19 -43.08 27.76
CA ALA Q 20 74.40 -43.53 29.14
C ALA Q 20 75.81 -44.07 29.36
N ASP Q 21 76.38 -44.77 28.35
CA ASP Q 21 77.77 -45.25 28.39
C ASP Q 21 78.77 -44.10 28.53
N ARG Q 22 78.63 -43.06 27.69
CA ARG Q 22 79.60 -41.96 27.75
C ARG Q 22 79.59 -41.25 29.09
N LEU Q 23 78.52 -41.41 29.86
CA LEU Q 23 78.43 -40.75 31.15
C LEU Q 23 78.66 -41.73 32.29
N GLY Q 24 78.93 -43.00 32.00
CA GLY Q 24 79.17 -43.85 33.14
C GLY Q 24 77.94 -44.16 33.94
N LEU Q 25 76.79 -44.26 33.26
CA LEU Q 25 75.50 -44.41 33.91
C LEU Q 25 74.80 -45.64 33.35
N GLU Q 26 73.92 -46.23 34.15
CA GLU Q 26 72.99 -47.20 33.62
C GLU Q 26 71.70 -46.49 33.24
N LEU Q 27 71.05 -46.96 32.18
CA LEU Q 27 69.74 -46.41 31.88
C LEU Q 27 68.78 -46.65 33.01
N GLY Q 28 68.02 -45.61 33.35
CA GLY Q 28 66.97 -45.74 34.34
C GLY Q 28 65.97 -46.79 33.94
N LYS Q 29 65.42 -47.49 34.95
CA LYS Q 29 64.45 -48.53 34.67
C LYS Q 29 63.06 -47.96 34.41
N VAL Q 30 62.49 -48.32 33.26
CA VAL Q 30 61.17 -47.84 32.83
C VAL Q 30 60.53 -48.90 31.94
N VAL Q 31 59.22 -49.10 32.13
CA VAL Q 31 58.37 -49.95 31.28
C VAL Q 31 57.58 -49.06 30.31
N THR Q 32 57.87 -49.17 29.01
CA THR Q 32 57.16 -48.36 28.01
C THR Q 32 56.41 -49.23 27.01
N LYS Q 33 55.09 -49.37 27.15
CA LYS Q 33 54.38 -50.23 26.21
C LYS Q 33 53.09 -49.54 25.75
N LYS Q 34 52.27 -50.29 25.01
CA LYS Q 34 50.90 -49.92 24.66
C LYS Q 34 49.98 -51.02 25.14
N PHE Q 35 48.87 -50.63 25.71
CA PHE Q 35 47.83 -51.59 26.02
C PHE Q 35 47.21 -52.13 24.76
N SER Q 36 46.36 -53.14 24.99
CA SER Q 36 45.66 -53.79 23.91
C SER Q 36 44.92 -52.75 23.07
N ASN Q 37 44.32 -51.79 23.74
CA ASN Q 37 43.51 -50.77 23.09
C ASN Q 37 44.28 -49.57 22.56
N GLN Q 38 45.61 -49.61 22.47
CA GLN Q 38 46.49 -48.60 21.86
C GLN Q 38 46.91 -47.47 22.79
N GLU Q 39 46.41 -47.40 24.01
CA GLU Q 39 46.83 -46.37 24.94
C GLU Q 39 48.28 -46.54 25.41
N THR Q 40 49.05 -45.44 25.42
CA THR Q 40 50.44 -45.51 25.88
C THR Q 40 50.51 -45.71 27.37
N CYS Q 41 51.19 -46.77 27.80
CA CYS Q 41 51.45 -47.09 29.19
C CYS Q 41 52.90 -46.76 29.52
N VAL Q 42 53.13 -46.01 30.59
CA VAL Q 42 54.48 -45.71 31.07
C VAL Q 42 54.52 -45.99 32.57
N GLU Q 43 55.57 -46.67 33.03
CA GLU Q 43 55.77 -46.85 34.46
C GLU Q 43 57.25 -46.68 34.77
N ILE Q 44 57.56 -45.63 35.53
CA ILE Q 44 58.92 -45.34 35.99
C ILE Q 44 59.28 -46.32 37.11
N GLY Q 45 60.27 -47.16 36.86
CA GLY Q 45 60.60 -48.26 37.75
C GLY Q 45 61.45 -47.89 38.96
N GLU Q 46 61.82 -46.63 39.14
CA GLU Q 46 62.62 -46.25 40.28
C GLU Q 46 62.30 -44.82 40.67
N SER Q 47 62.68 -44.46 41.89
CA SER Q 47 62.50 -43.10 42.37
C SER Q 47 63.32 -42.08 41.60
N VAL Q 48 62.67 -40.98 41.22
CA VAL Q 48 63.37 -39.86 40.59
C VAL Q 48 63.29 -38.62 41.47
N ARG Q 49 62.79 -38.78 42.69
CA ARG Q 49 62.62 -37.68 43.63
C ARG Q 49 63.92 -36.94 43.86
N GLY Q 50 63.96 -35.65 43.50
CA GLY Q 50 65.14 -34.86 43.73
C GLY Q 50 66.27 -35.11 42.77
N GLU Q 51 66.04 -35.84 41.69
CA GLU Q 51 67.07 -36.22 40.76
C GLU Q 51 67.05 -35.35 39.50
N ASP Q 52 68.19 -35.24 38.83
CA ASP Q 52 68.25 -34.52 37.57
C ASP Q 52 67.99 -35.49 36.41
N VAL Q 53 66.75 -35.47 35.87
CA VAL Q 53 66.29 -36.49 34.93
C VAL Q 53 66.38 -36.00 33.50
N TYR Q 54 66.90 -36.88 32.62
CA TYR Q 54 67.02 -36.68 31.18
C TYR Q 54 66.29 -37.82 30.50
N ILE Q 55 65.29 -37.50 29.70
CA ILE Q 55 64.56 -38.50 28.93
C ILE Q 55 64.96 -38.39 27.47
N VAL Q 56 65.52 -39.46 26.92
CA VAL Q 56 65.92 -39.49 25.52
C VAL Q 56 64.83 -40.10 24.66
N GLN Q 57 64.27 -39.32 23.74
CA GLN Q 57 63.22 -39.82 22.86
C GLN Q 57 63.23 -39.06 21.54
N SER Q 58 63.79 -39.69 20.52
CA SER Q 58 63.90 -39.10 19.21
C SER Q 58 62.48 -38.93 18.66
N GLY Q 59 62.38 -38.30 17.51
CA GLY Q 59 61.08 -38.13 16.91
C GLY Q 59 60.94 -38.79 15.56
N CYS Q 60 61.42 -40.04 15.56
CA CYS Q 60 61.47 -40.97 14.43
C CYS Q 60 60.35 -42.00 14.65
N GLY Q 61 60.26 -43.02 13.77
CA GLY Q 61 59.40 -44.15 14.15
C GLY Q 61 57.93 -43.71 14.15
N GLU Q 62 57.11 -44.38 14.97
CA GLU Q 62 55.71 -43.95 15.03
C GLU Q 62 55.72 -42.65 15.86
N ILE Q 63 55.68 -41.49 15.18
CA ILE Q 63 55.91 -40.23 15.86
C ILE Q 63 54.91 -39.95 16.98
N ASN Q 64 53.63 -40.18 16.73
CA ASN Q 64 52.62 -39.87 17.74
C ASN Q 64 52.66 -40.78 18.96
N ASP Q 65 52.88 -42.09 18.80
CA ASP Q 65 53.06 -42.93 20.00
C ASP Q 65 54.28 -42.51 20.79
N ASN Q 66 55.39 -42.27 20.09
CA ASN Q 66 56.62 -41.83 20.75
C ASN Q 66 56.46 -40.48 21.43
N LEU Q 67 55.81 -39.52 20.78
CA LEU Q 67 55.57 -38.22 21.38
C LEU Q 67 54.73 -38.36 22.64
N MET Q 68 53.62 -39.11 22.59
CA MET Q 68 52.85 -39.34 23.82
C MET Q 68 53.67 -40.02 24.90
N GLU Q 69 54.47 -41.02 24.54
CA GLU Q 69 55.30 -41.66 25.54
C GLU Q 69 56.23 -40.65 26.21
N LEU Q 70 56.87 -39.80 25.41
CA LEU Q 70 57.73 -38.76 25.94
C LEU Q 70 56.96 -37.83 26.86
N LEU Q 71 55.77 -37.39 26.44
CA LEU Q 71 55.00 -36.43 27.23
C LEU Q 71 54.54 -37.05 28.54
N ILE Q 72 54.14 -38.32 28.52
CA ILE Q 72 53.69 -38.91 29.76
C ILE Q 72 54.86 -39.12 30.72
N MET Q 73 56.03 -39.52 30.24
CA MET Q 73 57.20 -39.70 31.14
C MET Q 73 57.74 -38.37 31.67
N ILE Q 74 57.80 -37.36 30.86
CA ILE Q 74 58.15 -36.04 31.38
C ILE Q 74 57.19 -35.63 32.49
N ASN Q 75 55.89 -35.72 32.21
CA ASN Q 75 54.86 -35.30 33.18
C ASN Q 75 54.95 -36.14 34.47
N ALA Q 76 55.06 -37.47 34.34
CA ALA Q 76 55.17 -38.38 35.48
C ALA Q 76 56.37 -38.06 36.35
N CYS Q 77 57.51 -37.76 35.75
CA CYS Q 77 58.70 -37.37 36.50
C CYS Q 77 58.44 -36.06 37.21
N LYS Q 78 57.77 -35.14 36.54
CA LYS Q 78 57.50 -33.83 37.14
C LYS Q 78 56.59 -33.99 38.37
N ILE Q 79 55.59 -34.87 38.30
CA ILE Q 79 54.70 -35.10 39.44
C ILE Q 79 55.38 -35.98 40.48
N ALA Q 80 56.54 -36.55 40.15
CA ALA Q 80 57.36 -37.25 41.13
C ALA Q 80 58.46 -36.38 41.75
N SER Q 81 58.37 -35.13 41.66
CA SER Q 81 59.31 -34.37 42.32
C SER Q 81 60.70 -34.43 41.91
N ALA Q 82 60.92 -34.53 40.64
CA ALA Q 82 62.18 -34.65 40.05
C ALA Q 82 63.17 -33.59 40.04
N SER Q 83 62.77 -32.38 40.31
CA SER Q 83 63.58 -31.12 40.28
C SER Q 83 63.79 -30.56 38.91
N ARG Q 84 64.35 -31.35 38.04
CA ARG Q 84 64.40 -30.98 36.67
C ARG Q 84 64.22 -32.12 35.80
N VAL Q 85 63.41 -31.95 34.76
CA VAL Q 85 63.26 -32.99 33.70
C VAL Q 85 63.67 -32.34 32.42
N THR Q 86 64.63 -32.91 31.71
CA THR Q 86 65.14 -32.35 30.47
C THR Q 86 64.70 -33.31 29.39
N ALA Q 87 64.13 -32.76 28.32
CA ALA Q 87 63.74 -33.57 27.18
C ALA Q 87 64.87 -33.54 26.19
N VAL Q 88 65.40 -34.73 25.89
CA VAL Q 88 66.47 -34.88 24.91
C VAL Q 88 65.82 -35.43 23.66
N ILE Q 89 65.68 -34.60 22.63
CA ILE Q 89 64.91 -34.99 21.43
C ILE Q 89 65.80 -34.80 20.20
N PRO Q 90 66.62 -35.80 19.84
CA PRO Q 90 67.57 -35.62 18.71
C PRO Q 90 66.94 -35.09 17.43
N CYS Q 91 65.84 -35.68 16.96
CA CYS Q 91 65.14 -35.17 15.79
C CYS Q 91 63.80 -34.62 16.24
N PHE Q 92 63.68 -33.30 16.20
CA PHE Q 92 62.47 -32.66 16.68
C PHE Q 92 61.32 -32.95 15.71
N PRO Q 93 60.27 -33.62 16.17
CA PRO Q 93 59.13 -33.94 15.30
C PRO Q 93 58.37 -32.69 14.86
N TYR Q 94 57.88 -32.71 13.66
CA TYR Q 94 57.05 -31.64 13.17
C TYR Q 94 57.70 -30.34 12.83
N ALA Q 95 59.00 -30.29 12.65
CA ALA Q 95 59.65 -29.05 12.29
C ALA Q 95 59.34 -28.49 10.93
N ARG Q 96 59.25 -29.36 9.95
CA ARG Q 96 59.01 -29.03 8.56
C ARG Q 96 57.61 -28.77 8.25
N GLN Q 97 57.30 -27.67 7.61
CA GLN Q 97 55.93 -27.44 7.20
C GLN Q 97 55.86 -27.49 5.72
N ASP Q 98 55.06 -28.38 5.16
CA ASP Q 98 54.90 -28.39 3.72
C ASP Q 98 53.57 -27.82 3.50
N LYS Q 99 53.54 -26.75 2.75
CA LYS Q 99 52.31 -26.06 2.54
C LYS Q 99 52.28 -25.35 1.26
N LYS Q 100 51.12 -25.27 0.65
CA LYS Q 100 51.00 -24.40 -0.52
C LYS Q 100 51.20 -23.09 0.15
N ASP Q 101 52.05 -22.26 -0.39
CA ASP Q 101 52.37 -21.04 0.33
C ASP Q 101 51.38 -19.90 0.46
N LYS Q 102 50.19 -20.02 -0.11
CA LYS Q 102 49.07 -19.06 0.05
C LYS Q 102 49.48 -17.67 -0.17
N VAL Q 103 50.14 -17.42 -1.27
CA VAL Q 103 50.81 -16.16 -1.46
C VAL Q 103 50.07 -14.86 -1.22
N GLY Q 104 50.85 -14.04 -0.56
CA GLY Q 104 50.46 -12.81 -0.02
C GLY Q 104 50.80 -12.90 1.42
N GLU Q 105 50.93 -14.06 2.06
CA GLU Q 105 51.27 -14.27 3.39
C GLU Q 105 51.82 -15.60 3.66
N SER Q 106 52.27 -15.83 4.85
CA SER Q 106 52.84 -17.11 5.15
C SER Q 106 52.06 -17.82 6.16
N ARG Q 107 52.01 -19.12 6.01
CA ARG Q 107 51.36 -20.02 6.94
C ARG Q 107 52.05 -20.00 8.28
N ALA Q 108 51.39 -20.53 9.30
CA ALA Q 108 52.02 -20.37 10.59
C ALA Q 108 52.59 -21.73 10.97
N PRO Q 109 53.60 -21.81 11.83
CA PRO Q 109 54.16 -23.09 12.15
C PRO Q 109 53.33 -23.75 13.22
N ILE Q 110 52.09 -24.02 12.90
CA ILE Q 110 51.09 -24.50 13.87
C ILE Q 110 51.53 -25.79 14.55
N SER Q 111 52.03 -26.78 13.85
CA SER Q 111 52.29 -28.02 14.55
C SER Q 111 53.55 -28.09 15.26
N ALA Q 112 54.55 -27.42 14.80
CA ALA Q 112 55.80 -27.37 15.55
C ALA Q 112 55.67 -26.64 16.88
N LYS Q 113 54.84 -25.60 16.90
CA LYS Q 113 54.55 -24.89 18.13
C LYS Q 113 53.68 -25.75 19.02
N LEU Q 114 52.69 -26.45 18.47
CA LEU Q 114 51.93 -27.39 19.29
C LEU Q 114 52.83 -28.36 20.00
N VAL Q 115 53.77 -28.96 19.30
CA VAL Q 115 54.67 -29.87 20.00
C VAL Q 115 55.40 -29.15 21.12
N ALA Q 116 55.92 -27.96 20.85
CA ALA Q 116 56.57 -27.19 21.92
C ALA Q 116 55.64 -26.95 23.10
N ASN Q 117 54.40 -26.54 22.82
CA ASN Q 117 53.41 -26.29 23.87
C ASN Q 117 53.05 -27.54 24.64
N MET Q 118 52.97 -28.68 23.97
CA MET Q 118 52.66 -29.90 24.69
C MET Q 118 53.82 -30.28 25.60
N LEU Q 119 55.06 -30.13 25.12
CA LEU Q 119 56.24 -30.37 25.97
C LEU Q 119 56.24 -29.46 27.17
N SER Q 120 55.91 -28.19 26.96
CA SER Q 120 55.89 -27.25 28.06
C SER Q 120 54.84 -27.61 29.10
N VAL Q 121 53.61 -27.86 28.66
CA VAL Q 121 52.54 -28.22 29.60
C VAL Q 121 52.76 -29.58 30.25
N ALA Q 122 53.45 -30.50 29.57
CA ALA Q 122 53.82 -31.78 30.20
C ALA Q 122 54.75 -31.58 31.38
N GLY Q 123 55.58 -30.54 31.34
CA GLY Q 123 56.43 -30.19 32.45
C GLY Q 123 57.91 -30.23 32.16
N ALA Q 124 58.29 -30.26 30.89
CA ALA Q 124 59.69 -30.14 30.49
C ALA Q 124 60.30 -28.81 30.90
N ASP Q 125 61.49 -28.88 31.50
CA ASP Q 125 62.24 -27.72 31.97
C ASP Q 125 63.34 -27.31 31.01
N HIS Q 126 63.66 -28.16 30.05
CA HIS Q 126 64.83 -27.91 29.21
C HIS Q 126 64.71 -28.86 28.02
N ILE Q 127 65.11 -28.38 26.84
CA ILE Q 127 65.13 -29.20 25.63
C ILE Q 127 66.55 -29.28 25.10
N ILE Q 128 67.00 -30.49 24.80
CA ILE Q 128 68.21 -30.70 24.02
C ILE Q 128 67.82 -31.35 22.71
N THR Q 129 68.21 -30.73 21.59
CA THR Q 129 67.85 -31.27 20.29
C THR Q 129 69.03 -31.04 19.36
N MET Q 130 68.97 -31.62 18.16
CA MET Q 130 70.04 -31.41 17.19
C MET Q 130 69.52 -30.98 15.82
N ASP Q 131 70.16 -29.94 15.27
CA ASP Q 131 69.86 -29.36 13.96
C ASP Q 131 68.37 -29.28 13.69
N LEU Q 132 67.72 -28.46 14.51
CA LEU Q 132 66.35 -28.06 14.27
C LEU Q 132 66.19 -27.62 12.82
N HIS Q 133 65.12 -28.07 12.16
CA HIS Q 133 64.89 -27.68 10.77
C HIS Q 133 64.97 -26.15 10.65
N ALA Q 134 64.35 -25.43 11.58
CA ALA Q 134 64.56 -23.99 11.69
C ALA Q 134 64.94 -23.64 13.13
N SER Q 135 66.06 -22.92 13.30
CA SER Q 135 66.54 -22.53 14.62
C SER Q 135 65.57 -21.68 15.43
N GLN Q 136 64.65 -20.99 14.76
CA GLN Q 136 63.65 -20.21 15.47
C GLN Q 136 62.74 -21.10 16.31
N ILE Q 137 62.69 -22.42 16.03
CA ILE Q 137 61.90 -23.30 16.88
C ILE Q 137 62.35 -23.17 18.31
N GLN Q 138 63.62 -22.83 18.51
CA GLN Q 138 64.09 -22.54 19.87
C GLN Q 138 63.21 -21.54 20.59
N GLY Q 139 62.74 -20.49 19.90
CA GLY Q 139 61.84 -19.49 20.49
C GLY Q 139 60.37 -19.83 20.62
N PHE Q 140 59.95 -21.03 20.25
CA PHE Q 140 58.60 -21.50 20.50
C PHE Q 140 58.43 -21.95 21.94
N PHE Q 141 59.53 -21.97 22.68
CA PHE Q 141 59.53 -22.33 24.08
C PHE Q 141 59.86 -21.11 24.92
N ASP Q 142 59.58 -21.21 26.23
CA ASP Q 142 60.04 -20.28 27.25
C ASP Q 142 61.13 -20.86 28.17
N ILE Q 143 61.28 -22.17 28.17
CA ILE Q 143 62.34 -22.94 28.81
C ILE Q 143 63.58 -22.87 27.91
N PRO Q 144 64.81 -23.07 28.44
CA PRO Q 144 65.99 -23.10 27.55
C PRO Q 144 65.92 -24.25 26.55
N VAL Q 145 66.32 -24.02 25.33
CA VAL Q 145 66.38 -25.05 24.33
C VAL Q 145 67.73 -24.96 23.77
N ASP Q 146 68.47 -26.05 23.69
CA ASP Q 146 69.81 -26.02 23.15
C ASP Q 146 69.79 -26.73 21.87
N ASN Q 147 70.25 -26.13 20.80
CA ASN Q 147 70.14 -26.75 19.52
C ASN Q 147 71.46 -26.94 18.95
N LEU Q 148 71.99 -28.12 19.14
CA LEU Q 148 73.30 -28.50 18.75
C LEU Q 148 73.51 -28.71 17.31
N TYR Q 149 74.71 -28.61 16.79
CA TYR Q 149 74.95 -28.75 15.39
C TYR Q 149 75.82 -29.95 15.02
N ALA Q 150 75.42 -30.74 14.07
CA ALA Q 150 76.19 -31.88 13.63
C ALA Q 150 77.34 -31.48 12.75
N GLU Q 151 77.40 -30.22 12.34
CA GLU Q 151 78.42 -29.76 11.40
C GLU Q 151 79.82 -30.21 11.80
N PRO Q 152 80.31 -30.00 13.03
CA PRO Q 152 81.66 -30.46 13.30
C PRO Q 152 81.87 -31.94 13.04
N ALA Q 153 80.91 -32.81 13.38
CA ALA Q 153 81.10 -34.23 13.09
C ALA Q 153 81.04 -34.55 11.60
N VAL Q 154 80.25 -33.78 10.85
CA VAL Q 154 80.15 -33.93 9.40
C VAL Q 154 81.43 -33.47 8.75
N LEU Q 155 81.93 -32.33 9.19
CA LEU Q 155 83.21 -31.79 8.77
C LEU Q 155 84.30 -32.83 8.96
N LYS Q 156 84.37 -33.43 10.14
CA LYS Q 156 85.36 -34.47 10.44
C LYS Q 156 85.23 -35.66 9.51
N TRP Q 157 83.99 -36.15 9.30
CA TRP Q 157 83.78 -37.26 8.37
C TRP Q 157 84.21 -36.91 6.94
N ILE Q 158 83.88 -35.71 6.47
CA ILE Q 158 84.29 -35.29 5.12
C ILE Q 158 85.80 -35.35 4.99
N ARG Q 159 86.50 -34.67 5.90
CA ARG Q 159 87.97 -34.66 5.89
C ARG Q 159 88.52 -36.11 5.93
N GLU Q 160 87.86 -37.00 6.67
CA GLU Q 160 88.35 -38.36 6.91
C GLU Q 160 88.03 -39.36 5.79
N ASN Q 161 86.97 -39.16 5.02
CA ASN Q 161 86.48 -40.17 4.09
C ASN Q 161 86.48 -39.78 2.61
N ILE Q 162 86.55 -38.51 2.26
CA ILE Q 162 86.57 -38.10 0.86
C ILE Q 162 87.95 -37.54 0.54
N SER Q 163 88.72 -38.26 -0.28
CA SER Q 163 90.15 -37.97 -0.38
C SER Q 163 90.44 -36.70 -1.18
N GLU Q 164 89.57 -36.34 -2.13
CA GLU Q 164 89.73 -35.13 -2.94
C GLU Q 164 88.95 -33.95 -2.37
N TRP Q 165 88.69 -33.97 -1.06
CA TRP Q 165 87.85 -32.97 -0.44
C TRP Q 165 88.38 -31.55 -0.53
N ARG Q 166 89.67 -31.32 -0.73
CA ARG Q 166 90.12 -29.92 -0.70
C ARG Q 166 89.71 -29.19 -1.98
N ASN Q 167 89.50 -29.91 -3.08
CA ASN Q 167 89.02 -29.39 -4.36
C ASN Q 167 87.69 -30.07 -4.69
N CYS Q 168 86.63 -29.68 -4.00
CA CYS Q 168 85.33 -30.31 -4.22
C CYS Q 168 84.25 -29.24 -4.14
N THR Q 169 82.98 -29.65 -4.02
CA THR Q 169 81.90 -28.67 -3.93
C THR Q 169 80.86 -29.15 -2.95
N ILE Q 170 80.28 -28.21 -2.19
CA ILE Q 170 79.15 -28.50 -1.33
C ILE Q 170 77.91 -27.88 -1.96
N VAL Q 171 76.97 -28.73 -2.36
CA VAL Q 171 75.79 -28.35 -3.11
C VAL Q 171 74.58 -28.46 -2.21
N SER Q 172 73.71 -27.46 -2.27
CA SER Q 172 72.45 -27.53 -1.54
C SER Q 172 71.38 -28.03 -2.48
N PRO Q 173 70.63 -29.06 -2.08
CA PRO Q 173 69.60 -29.60 -2.96
C PRO Q 173 68.47 -28.65 -3.29
N ASP Q 174 68.21 -27.62 -2.48
CA ASP Q 174 67.17 -26.67 -2.81
C ASP Q 174 67.57 -25.32 -2.26
N ALA Q 175 66.76 -24.30 -2.56
CA ALA Q 175 66.99 -22.97 -2.02
C ALA Q 175 66.88 -23.07 -0.50
N GLY Q 176 67.07 -21.98 0.22
CA GLY Q 176 67.04 -22.07 1.68
C GLY Q 176 68.14 -22.93 2.29
N GLY Q 177 68.57 -24.00 1.61
CA GLY Q 177 69.58 -24.75 2.32
C GLY Q 177 70.94 -24.14 2.05
N ALA Q 178 70.91 -22.91 1.51
CA ALA Q 178 72.08 -22.13 1.16
C ALA Q 178 73.01 -21.92 2.35
N LYS Q 179 72.47 -21.47 3.48
CA LYS Q 179 73.31 -21.09 4.62
C LYS Q 179 74.01 -22.31 5.22
N ARG Q 180 73.36 -23.46 5.22
CA ARG Q 180 74.00 -24.67 5.71
C ARG Q 180 75.23 -25.04 4.87
N VAL Q 181 75.13 -24.93 3.54
CA VAL Q 181 76.24 -25.34 2.69
C VAL Q 181 77.33 -24.28 2.67
N THR Q 182 76.97 -23.00 2.69
CA THR Q 182 78.04 -22.01 2.76
C THR Q 182 78.78 -22.12 4.08
N SER Q 183 78.09 -22.48 5.16
CA SER Q 183 78.79 -22.72 6.42
C SER Q 183 79.81 -23.86 6.27
N ILE Q 184 79.43 -24.97 5.64
CA ILE Q 184 80.41 -26.08 5.53
C ILE Q 184 81.51 -25.72 4.53
N ALA Q 185 81.17 -25.08 3.42
CA ALA Q 185 82.22 -24.67 2.48
C ALA Q 185 83.20 -23.67 3.10
N ASP Q 186 82.73 -22.76 3.94
CA ASP Q 186 83.66 -21.82 4.60
C ASP Q 186 84.56 -22.55 5.59
N ARG Q 187 84.02 -23.53 6.31
CA ARG Q 187 84.87 -24.27 7.23
C ARG Q 187 85.93 -25.08 6.47
N LEU Q 188 85.57 -25.65 5.31
CA LEU Q 188 86.52 -26.42 4.52
C LEU Q 188 87.35 -25.61 3.52
N ASN Q 189 87.10 -24.31 3.38
CA ASN Q 189 87.73 -23.50 2.32
C ASN Q 189 87.50 -24.13 0.94
N VAL Q 190 86.24 -24.47 0.64
CA VAL Q 190 85.90 -25.14 -0.60
C VAL Q 190 84.78 -24.34 -1.29
N ASP Q 191 84.39 -24.77 -2.50
CA ASP Q 191 83.36 -24.17 -3.34
C ASP Q 191 81.96 -24.64 -2.94
N PHE Q 192 80.94 -23.85 -3.26
CA PHE Q 192 79.55 -24.24 -3.11
C PHE Q 192 78.74 -24.07 -4.39
N ALA Q 193 77.62 -24.82 -4.44
CA ALA Q 193 76.65 -24.73 -5.53
C ALA Q 193 75.23 -24.95 -5.01
N LEU Q 194 74.25 -24.57 -5.83
CA LEU Q 194 72.84 -24.68 -5.45
C LEU Q 194 72.01 -25.25 -6.60
N ILE Q 195 71.06 -26.11 -6.23
CA ILE Q 195 70.10 -26.72 -7.13
C ILE Q 195 68.75 -26.07 -6.83
N HIS Q 196 67.93 -25.85 -7.85
CA HIS Q 196 66.62 -25.25 -7.65
C HIS Q 196 65.65 -25.99 -8.57
N LYS Q 197 64.44 -26.28 -8.08
CA LYS Q 197 63.42 -26.93 -8.89
C LYS Q 197 62.53 -26.04 -9.76
N GLU Q 198 61.99 -24.92 -9.26
CA GLU Q 198 61.04 -24.06 -10.04
C GLU Q 198 59.58 -24.59 -10.09
N ARG Q 207 62.28 -29.53 -14.20
CA ARG Q 207 63.30 -28.59 -14.66
C ARG Q 207 64.21 -28.12 -13.52
N MET Q 208 65.24 -28.90 -13.25
CA MET Q 208 66.29 -28.56 -12.30
C MET Q 208 67.38 -27.68 -12.90
N VAL Q 209 67.79 -26.68 -12.13
CA VAL Q 209 68.80 -25.69 -12.47
C VAL Q 209 70.02 -25.83 -11.55
N LEU Q 210 71.15 -25.24 -11.95
CA LEU Q 210 72.37 -25.24 -11.15
C LEU Q 210 73.10 -23.92 -11.21
N VAL Q 211 73.47 -23.34 -10.06
CA VAL Q 211 74.38 -22.19 -10.04
C VAL Q 211 75.67 -22.61 -9.31
N GLY Q 212 76.82 -22.43 -9.99
CA GLY Q 212 78.10 -22.84 -9.43
C GLY Q 212 78.74 -23.94 -10.28
N ASP Q 213 80.04 -24.13 -10.14
CA ASP Q 213 80.80 -25.08 -10.96
C ASP Q 213 80.96 -26.43 -10.25
N VAL Q 214 80.54 -27.53 -10.88
CA VAL Q 214 80.75 -28.85 -10.29
C VAL Q 214 81.50 -29.80 -11.19
N LYS Q 215 81.74 -29.46 -12.46
CA LYS Q 215 82.41 -30.33 -13.42
C LYS Q 215 83.81 -30.76 -12.93
N ASP Q 216 84.04 -32.07 -12.93
CA ASP Q 216 85.33 -32.71 -12.63
C ASP Q 216 85.81 -32.58 -11.19
N ARG Q 217 84.91 -32.31 -10.24
CA ARG Q 217 85.29 -32.22 -8.83
C ARG Q 217 84.19 -32.94 -8.07
N VAL Q 218 84.54 -33.46 -6.90
CA VAL Q 218 83.58 -34.19 -6.06
C VAL Q 218 82.51 -33.26 -5.50
N ALA Q 219 81.23 -33.64 -5.68
CA ALA Q 219 80.11 -32.85 -5.17
C ALA Q 219 79.46 -33.54 -3.97
N ILE Q 220 79.34 -32.82 -2.84
CA ILE Q 220 78.70 -33.30 -1.62
C ILE Q 220 77.41 -32.52 -1.35
N LEU Q 221 76.25 -33.17 -1.52
CA LEU Q 221 74.95 -32.61 -1.16
C LEU Q 221 74.73 -32.63 0.35
N VAL Q 222 74.52 -31.49 1.00
CA VAL Q 222 74.24 -31.46 2.44
C VAL Q 222 72.90 -30.78 2.72
N ASP Q 223 72.11 -31.41 3.58
CA ASP Q 223 70.80 -30.88 3.97
C ASP Q 223 70.53 -31.41 5.37
N ASP Q 224 69.59 -30.79 6.06
CA ASP Q 224 69.35 -31.24 7.43
C ASP Q 224 68.66 -32.59 7.54
N MET Q 225 67.87 -33.00 6.56
CA MET Q 225 67.16 -34.26 6.75
C MET Q 225 66.71 -34.75 5.39
N ALA Q 226 66.58 -36.07 5.27
CA ALA Q 226 66.00 -36.66 4.08
C ALA Q 226 64.95 -37.71 4.41
N ASP Q 227 63.70 -37.47 3.95
CA ASP Q 227 62.53 -38.33 4.18
C ASP Q 227 62.37 -39.21 2.94
N THR Q 228 61.55 -38.79 1.96
CA THR Q 228 61.38 -39.59 0.77
C THR Q 228 62.56 -39.53 -0.18
N CYS Q 229 63.47 -38.57 0.00
CA CYS Q 229 64.70 -38.46 -0.78
C CYS Q 229 64.46 -38.17 -2.25
N GLY Q 230 63.29 -37.69 -2.65
CA GLY Q 230 63.09 -37.40 -4.07
C GLY Q 230 63.94 -36.24 -4.58
N THR Q 231 63.95 -35.14 -3.82
CA THR Q 231 64.79 -34.01 -4.19
C THR Q 231 66.26 -34.37 -4.26
N ILE Q 232 66.81 -35.00 -3.21
CA ILE Q 232 68.25 -35.31 -3.22
C ILE Q 232 68.61 -36.27 -4.35
N CYS Q 233 67.70 -37.18 -4.75
CA CYS Q 233 68.05 -38.09 -5.83
C CYS Q 233 68.01 -37.40 -7.20
N HIS Q 234 67.03 -36.51 -7.42
CA HIS Q 234 67.08 -35.76 -8.66
C HIS Q 234 68.29 -34.84 -8.68
N ALA Q 235 68.60 -34.21 -7.55
CA ALA Q 235 69.80 -33.39 -7.43
C ALA Q 235 71.06 -34.18 -7.75
N ALA Q 236 71.13 -35.43 -7.28
CA ALA Q 236 72.29 -36.27 -7.57
C ALA Q 236 72.42 -36.57 -9.05
N ASP Q 237 71.30 -36.84 -9.71
CA ASP Q 237 71.32 -37.03 -11.16
C ASP Q 237 71.83 -35.78 -11.86
N LYS Q 238 71.31 -34.60 -11.49
CA LYS Q 238 71.74 -33.37 -12.14
C LYS Q 238 73.22 -33.08 -11.91
N LEU Q 239 73.73 -33.36 -10.71
CA LEU Q 239 75.16 -33.18 -10.51
C LEU Q 239 75.97 -34.14 -11.38
N LEU Q 240 75.47 -35.36 -11.62
CA LEU Q 240 76.18 -36.26 -12.54
C LEU Q 240 76.14 -35.76 -13.98
N SER Q 241 74.98 -35.30 -14.44
CA SER Q 241 74.87 -34.74 -15.78
C SER Q 241 75.72 -33.49 -15.95
N ALA Q 242 76.02 -32.77 -14.87
CA ALA Q 242 76.83 -31.55 -14.87
C ALA Q 242 78.31 -31.81 -14.75
N GLY Q 243 78.71 -33.08 -14.76
CA GLY Q 243 80.09 -33.49 -14.79
C GLY Q 243 80.77 -33.56 -13.46
N ALA Q 244 80.03 -33.75 -12.39
CA ALA Q 244 80.66 -33.99 -11.10
C ALA Q 244 81.23 -35.41 -11.11
N THR Q 245 82.45 -35.55 -10.61
CA THR Q 245 83.12 -36.84 -10.60
C THR Q 245 82.30 -37.90 -9.86
N ARG Q 246 82.03 -37.67 -8.57
CA ARG Q 246 81.21 -38.55 -7.75
C ARG Q 246 80.33 -37.70 -6.84
N VAL Q 247 79.14 -38.21 -6.55
CA VAL Q 247 78.19 -37.47 -5.70
C VAL Q 247 77.97 -38.17 -4.36
N TYR Q 248 78.10 -37.40 -3.26
CA TYR Q 248 77.81 -37.80 -1.89
C TYR Q 248 76.58 -37.09 -1.34
N ALA Q 249 75.95 -37.69 -0.34
CA ALA Q 249 74.87 -37.04 0.39
C ALA Q 249 75.10 -37.07 1.90
N ILE Q 250 75.11 -35.92 2.54
CA ILE Q 250 75.27 -35.81 3.99
C ILE Q 250 74.10 -35.02 4.60
N LEU Q 251 73.33 -35.71 5.45
CA LEU Q 251 72.13 -35.23 6.14
C LEU Q 251 72.27 -35.53 7.63
N THR Q 252 71.86 -34.59 8.48
CA THR Q 252 71.87 -34.89 9.91
C THR Q 252 70.81 -35.90 10.31
N HIS Q 253 69.59 -35.72 9.83
CA HIS Q 253 68.46 -36.59 10.15
C HIS Q 253 68.09 -37.53 9.00
N GLY Q 254 68.31 -38.83 9.20
CA GLY Q 254 67.97 -39.78 8.17
C GLY Q 254 66.64 -40.46 8.44
N ILE Q 255 65.57 -39.80 7.99
CA ILE Q 255 64.21 -40.32 8.19
C ILE Q 255 63.96 -41.50 7.27
N PHE Q 256 64.26 -41.34 5.96
CA PHE Q 256 64.14 -42.40 4.94
C PHE Q 256 62.80 -43.11 4.96
N SER Q 257 61.74 -42.35 4.77
CA SER Q 257 60.41 -42.95 4.74
C SER Q 257 59.95 -43.24 3.31
N GLY Q 258 59.01 -44.17 3.20
CA GLY Q 258 58.43 -44.51 1.91
C GLY Q 258 59.40 -45.15 0.95
N PRO Q 259 59.49 -44.58 -0.26
CA PRO Q 259 60.34 -45.18 -1.28
C PRO Q 259 61.82 -44.78 -1.19
N ALA Q 260 62.21 -44.05 -0.16
CA ALA Q 260 63.57 -43.49 -0.05
C ALA Q 260 64.67 -44.54 -0.27
N ILE Q 261 64.57 -45.69 0.40
CA ILE Q 261 65.62 -46.69 0.29
C ILE Q 261 65.75 -47.22 -1.14
N SER Q 262 64.62 -47.52 -1.80
CA SER Q 262 64.73 -47.97 -3.19
C SER Q 262 65.27 -46.87 -4.09
N ARG Q 263 64.87 -45.63 -3.85
CA ARG Q 263 65.38 -44.52 -4.65
C ARG Q 263 66.90 -44.37 -4.50
N ILE Q 264 67.40 -44.46 -3.28
CA ILE Q 264 68.86 -44.34 -3.06
C ILE Q 264 69.61 -45.45 -3.75
N ASN Q 265 69.18 -46.71 -3.57
CA ASN Q 265 69.84 -47.80 -4.27
C ASN Q 265 69.83 -47.62 -5.80
N ASN Q 266 68.70 -47.15 -6.35
CA ASN Q 266 68.62 -46.89 -7.79
C ASN Q 266 69.41 -45.65 -8.22
N ALA Q 267 69.65 -44.70 -7.31
CA ALA Q 267 70.37 -43.47 -7.59
C ALA Q 267 71.88 -43.71 -7.63
N CYS Q 268 72.62 -42.68 -8.06
CA CYS Q 268 74.05 -42.76 -8.31
C CYS Q 268 74.92 -42.38 -7.11
N PHE Q 269 74.35 -42.27 -5.90
CA PHE Q 269 75.13 -41.85 -4.72
C PHE Q 269 76.30 -42.78 -4.47
N GLU Q 270 77.47 -42.19 -4.24
CA GLU Q 270 78.62 -42.97 -3.80
C GLU Q 270 78.43 -43.48 -2.38
N ALA Q 271 77.87 -42.63 -1.50
CA ALA Q 271 77.52 -42.97 -0.14
C ALA Q 271 76.53 -41.92 0.35
N VAL Q 272 75.61 -42.34 1.23
CA VAL Q 272 74.72 -41.41 1.93
C VAL Q 272 75.03 -41.47 3.44
N VAL Q 273 75.46 -40.35 4.00
CA VAL Q 273 75.89 -40.27 5.39
C VAL Q 273 74.84 -39.53 6.21
N VAL Q 274 74.41 -40.16 7.30
CA VAL Q 274 73.44 -39.60 8.24
C VAL Q 274 73.99 -39.76 9.65
N THR Q 275 73.42 -39.01 10.60
CA THR Q 275 73.82 -39.28 11.97
C THR Q 275 72.90 -40.33 12.61
N ASN Q 276 73.20 -40.67 13.87
CA ASN Q 276 72.45 -41.67 14.64
C ASN Q 276 71.21 -41.07 15.33
N THR Q 277 70.77 -39.88 14.92
CA THR Q 277 69.66 -39.25 15.63
C THR Q 277 68.42 -40.12 15.47
N ILE Q 278 68.37 -40.90 14.40
CA ILE Q 278 67.32 -41.87 14.14
C ILE Q 278 67.98 -43.22 13.98
N PRO Q 279 67.38 -44.31 14.44
CA PRO Q 279 67.96 -45.65 14.25
C PRO Q 279 68.13 -45.99 12.77
N GLN Q 280 69.29 -46.52 12.42
CA GLN Q 280 69.59 -46.83 11.03
C GLN Q 280 69.87 -48.30 10.74
N GLU Q 281 70.16 -49.12 11.75
CA GLU Q 281 70.54 -50.51 11.52
C GLU Q 281 69.61 -51.25 10.56
N ASP Q 282 68.30 -51.16 10.78
CA ASP Q 282 67.35 -51.80 9.86
C ASP Q 282 67.47 -51.25 8.45
N LYS Q 283 67.67 -49.95 8.32
CA LYS Q 283 67.67 -49.37 6.98
C LYS Q 283 69.01 -49.60 6.28
N MET Q 284 70.10 -49.68 7.05
CA MET Q 284 71.40 -50.03 6.47
C MET Q 284 71.43 -51.46 5.96
N LYS Q 285 70.57 -52.33 6.52
CA LYS Q 285 70.56 -53.70 6.02
C LYS Q 285 70.03 -53.79 4.60
N HIS Q 286 69.11 -52.92 4.20
CA HIS Q 286 68.58 -52.98 2.85
C HIS Q 286 69.16 -51.92 1.92
N CYS Q 287 70.08 -51.07 2.41
CA CYS Q 287 70.74 -50.05 1.60
C CYS Q 287 72.19 -49.96 2.02
N SER Q 288 73.09 -50.46 1.17
CA SER Q 288 74.51 -50.54 1.50
C SER Q 288 75.18 -49.18 1.55
N LYS Q 289 74.58 -48.15 0.94
CA LYS Q 289 75.25 -46.85 0.82
C LYS Q 289 75.10 -45.97 2.05
N ILE Q 290 74.28 -46.36 3.03
CA ILE Q 290 74.16 -45.61 4.28
C ILE Q 290 75.36 -45.84 5.18
N GLN Q 291 75.97 -44.75 5.62
CA GLN Q 291 77.01 -44.72 6.65
C GLN Q 291 76.50 -43.81 7.76
N VAL Q 292 76.83 -44.13 9.02
CA VAL Q 292 76.36 -43.32 10.14
C VAL Q 292 77.51 -42.63 10.85
N ILE Q 293 77.30 -41.35 11.16
CA ILE Q 293 78.15 -40.61 12.10
C ILE Q 293 77.49 -40.71 13.47
N ASP Q 294 78.21 -41.22 14.45
CA ASP Q 294 77.70 -41.24 15.81
C ASP Q 294 77.75 -39.82 16.43
N ILE Q 295 76.63 -39.29 16.91
CA ILE Q 295 76.62 -37.94 17.51
C ILE Q 295 76.31 -37.99 19.01
N SER Q 296 76.34 -39.18 19.61
CA SER Q 296 76.08 -39.36 21.03
C SER Q 296 77.00 -38.54 21.91
N MET Q 297 78.23 -38.28 21.46
CA MET Q 297 79.15 -37.53 22.31
C MET Q 297 78.68 -36.07 22.44
N ILE Q 298 78.16 -35.48 21.36
CA ILE Q 298 77.58 -34.13 21.42
C ILE Q 298 76.43 -34.07 22.42
N LEU Q 299 75.54 -35.07 22.39
CA LEU Q 299 74.39 -35.06 23.29
C LEU Q 299 74.82 -35.29 24.73
N ALA Q 300 75.65 -36.30 24.95
CA ALA Q 300 76.16 -36.57 26.29
C ALA Q 300 76.86 -35.34 26.85
N GLU Q 301 77.62 -34.64 26.02
CA GLU Q 301 78.32 -33.45 26.49
C GLU Q 301 77.34 -32.32 26.80
N ALA Q 302 76.26 -32.20 26.02
CA ALA Q 302 75.21 -31.24 26.36
C ALA Q 302 74.49 -31.59 27.67
N ILE Q 303 74.35 -32.88 28.00
CA ILE Q 303 73.71 -33.25 29.25
C ILE Q 303 74.63 -32.91 30.41
N ARG Q 304 75.92 -33.25 30.28
CA ARG Q 304 76.94 -32.81 31.23
C ARG Q 304 76.87 -31.30 31.48
N ARG Q 305 76.86 -30.54 30.42
CA ARG Q 305 76.81 -29.10 30.52
C ARG Q 305 75.69 -28.73 31.37
N THR Q 306 74.52 -29.17 30.99
CA THR Q 306 73.29 -28.86 31.72
C THR Q 306 73.36 -29.18 33.22
N HIS Q 307 73.81 -30.37 33.52
CA HIS Q 307 73.84 -30.83 34.87
C HIS Q 307 74.70 -30.13 35.86
N ASN Q 308 75.77 -29.50 35.43
CA ASN Q 308 76.71 -28.76 36.27
C ASN Q 308 77.44 -29.47 37.39
N GLY Q 309 78.36 -30.37 37.09
CA GLY Q 309 79.05 -31.06 38.16
C GLY Q 309 79.80 -30.17 39.14
N SER R 1 28.18 -5.06 14.04
CA SER R 1 29.32 -4.32 14.57
C SER R 1 29.97 -3.38 13.50
N PRO R 2 29.39 -2.16 13.34
CA PRO R 2 30.08 -0.97 12.78
C PRO R 2 30.99 -0.26 13.79
N ASN R 3 32.05 -0.96 14.20
CA ASN R 3 32.84 -0.57 15.36
C ASN R 3 34.33 -0.75 15.11
N ILE R 4 34.83 -0.27 13.97
CA ILE R 4 36.27 -0.38 13.70
C ILE R 4 36.96 0.95 14.05
N LYS R 5 38.11 0.87 14.71
CA LYS R 5 38.87 2.09 15.00
C LYS R 5 40.34 1.91 14.75
N ILE R 6 40.94 2.88 14.06
CA ILE R 6 42.37 2.86 13.73
C ILE R 6 43.07 3.99 14.47
N PHE R 7 44.08 3.63 15.28
CA PHE R 7 44.92 4.58 15.98
C PHE R 7 46.34 4.57 15.46
N SER R 8 47.01 5.71 15.56
CA SER R 8 48.39 5.74 15.10
C SER R 8 49.36 6.00 16.23
N GLY R 9 50.54 5.39 16.10
CA GLY R 9 51.62 5.66 16.99
C GLY R 9 52.30 6.92 16.51
N SER R 10 53.37 7.29 17.22
CA SER R 10 54.16 8.40 16.73
C SER R 10 55.13 7.98 15.63
N SER R 11 55.27 6.67 15.41
CA SER R 11 56.35 6.07 14.63
C SER R 11 56.20 6.18 13.12
N HIS R 12 54.98 6.16 12.62
CA HIS R 12 54.75 6.38 11.20
C HIS R 12 53.32 6.81 11.11
N GLN R 13 53.04 8.02 10.64
CA GLN R 13 51.64 8.35 10.58
C GLN R 13 51.20 8.76 9.21
N ASP R 14 52.15 8.85 8.28
CA ASP R 14 51.75 8.91 6.88
C ASP R 14 51.04 7.62 6.54
N LEU R 15 51.69 6.50 6.85
CA LEU R 15 51.13 5.18 6.64
C LEU R 15 49.84 5.02 7.43
N SER R 16 49.83 5.44 8.69
CA SER R 16 48.56 5.31 9.41
C SER R 16 47.44 6.03 8.68
N GLN R 17 47.71 7.20 8.10
CA GLN R 17 46.70 7.93 7.33
C GLN R 17 46.33 7.19 6.05
N LYS R 18 47.31 6.70 5.30
CA LYS R 18 46.99 5.98 4.08
C LYS R 18 46.09 4.78 4.36
N ILE R 19 46.39 4.04 5.43
CA ILE R 19 45.56 2.91 5.85
C ILE R 19 44.15 3.39 6.21
N ALA R 20 44.05 4.43 7.03
CA ALA R 20 42.71 4.92 7.38
C ALA R 20 41.92 5.42 6.17
N ASP R 21 42.59 6.07 5.21
CA ASP R 21 41.98 6.50 3.94
C ASP R 21 41.45 5.34 3.13
N ARG R 22 42.24 4.29 2.94
CA ARG R 22 41.76 3.19 2.12
C ARG R 22 40.53 2.55 2.73
N LEU R 23 40.30 2.75 4.02
CA LEU R 23 39.18 2.13 4.68
C LEU R 23 38.05 3.12 4.92
N GLY R 24 38.20 4.36 4.48
CA GLY R 24 37.14 5.35 4.65
C GLY R 24 37.00 5.82 6.08
N LEU R 25 38.09 5.89 6.83
CA LEU R 25 37.99 6.18 8.24
C LEU R 25 38.84 7.38 8.61
N GLU R 26 38.45 8.04 9.70
CA GLU R 26 39.32 9.01 10.33
C GLU R 26 40.13 8.30 11.41
N LEU R 27 41.39 8.71 11.59
CA LEU R 27 42.21 8.22 12.69
C LEU R 27 41.61 8.56 14.06
N GLY R 28 41.63 7.57 14.95
CA GLY R 28 41.20 7.78 16.33
C GLY R 28 41.98 8.87 17.04
N LYS R 29 41.31 9.57 17.96
CA LYS R 29 42.01 10.63 18.67
C LYS R 29 42.89 10.11 19.79
N VAL R 30 44.18 10.44 19.73
CA VAL R 30 45.12 9.99 20.75
C VAL R 30 46.24 11.03 20.86
N VAL R 31 46.64 11.34 22.10
CA VAL R 31 47.79 12.17 22.42
C VAL R 31 48.92 11.25 22.81
N THR R 32 49.95 11.24 21.98
CA THR R 32 51.14 10.41 22.19
C THR R 32 52.37 11.31 22.34
N LYS R 33 52.84 11.52 23.58
CA LYS R 33 53.98 12.42 23.85
C LYS R 33 54.99 11.78 24.83
N LYS R 34 55.98 12.58 25.29
CA LYS R 34 56.86 12.20 26.39
C LYS R 34 56.80 13.22 27.52
N PHE R 35 56.77 12.72 28.75
CA PHE R 35 56.91 13.58 29.91
C PHE R 35 58.33 14.17 29.96
N SER R 36 58.50 15.15 30.86
CA SER R 36 59.80 15.81 31.05
C SER R 36 60.89 14.79 31.31
N ASN R 37 60.57 13.80 32.13
CA ASN R 37 61.49 12.77 32.56
C ASN R 37 61.65 11.61 31.59
N GLN R 38 61.14 11.71 30.37
CA GLN R 38 61.33 10.74 29.28
C GLN R 38 60.33 9.59 29.31
N GLU R 39 59.45 9.52 30.32
CA GLU R 39 58.42 8.50 30.41
C GLU R 39 57.37 8.69 29.31
N THR R 40 56.97 7.58 28.68
CA THR R 40 56.00 7.66 27.60
C THR R 40 54.64 8.05 28.11
N CYS R 41 54.07 9.13 27.57
CA CYS R 41 52.71 9.54 27.92
C CYS R 41 51.75 9.18 26.77
N VAL R 42 50.67 8.45 27.09
CA VAL R 42 49.64 8.14 26.11
C VAL R 42 48.30 8.44 26.73
N GLU R 43 47.42 9.10 25.98
CA GLU R 43 46.06 9.33 26.43
C GLU R 43 45.14 9.14 25.23
N ILE R 44 44.30 8.11 25.30
CA ILE R 44 43.30 7.81 24.29
C ILE R 44 42.10 8.76 24.35
N GLY R 45 41.91 9.58 23.31
CA GLY R 45 40.95 10.69 23.23
C GLY R 45 39.49 10.41 22.92
N GLU R 46 39.08 9.15 22.72
CA GLU R 46 37.70 8.78 22.45
C GLU R 46 37.49 7.39 23.01
N SER R 47 36.23 7.02 23.19
CA SER R 47 35.86 5.69 23.68
C SER R 47 36.23 4.54 22.75
N VAL R 48 36.79 3.49 23.35
CA VAL R 48 37.07 2.27 22.60
C VAL R 48 36.22 1.11 23.12
N ARG R 49 35.26 1.39 24.02
CA ARG R 49 34.40 0.37 24.61
C ARG R 49 33.69 -0.44 23.53
N GLY R 50 33.96 -1.74 23.45
CA GLY R 50 33.25 -2.50 22.44
C GLY R 50 33.76 -2.30 21.04
N GLU R 51 34.89 -1.66 20.85
CA GLU R 51 35.32 -1.38 19.49
C GLU R 51 36.41 -2.37 19.07
N ASP R 52 36.50 -2.60 17.76
CA ASP R 52 37.56 -3.42 17.16
C ASP R 52 38.71 -2.49 16.85
N VAL R 53 39.75 -2.49 17.71
CA VAL R 53 40.81 -1.48 17.66
C VAL R 53 42.03 -2.03 16.95
N TYR R 54 42.59 -1.21 16.06
CA TYR R 54 43.82 -1.46 15.33
C TYR R 54 44.77 -0.32 15.65
N ILE R 55 45.92 -0.64 16.22
CA ILE R 55 46.95 0.36 16.49
C ILE R 55 48.08 0.15 15.50
N VAL R 56 48.36 1.16 14.68
CA VAL R 56 49.44 1.09 13.70
C VAL R 56 50.71 1.73 14.24
N GLN R 57 51.77 0.94 14.40
CA GLN R 57 53.04 1.45 14.90
C GLN R 57 54.11 0.60 14.27
N SER R 58 55.18 1.21 13.75
CA SER R 58 56.15 0.34 13.11
C SER R 58 57.40 0.34 13.99
N GLY R 59 58.33 -0.56 13.72
CA GLY R 59 59.55 -0.56 14.50
C GLY R 59 60.70 0.29 14.04
N CYS R 60 60.41 1.48 13.60
CA CYS R 60 61.42 2.38 13.07
C CYS R 60 61.68 3.43 14.15
N GLY R 61 62.47 4.49 13.83
CA GLY R 61 62.47 5.64 14.74
C GLY R 61 63.17 5.20 16.02
N GLU R 62 62.87 5.90 17.13
CA GLU R 62 63.48 5.50 18.41
C GLU R 62 62.71 4.22 18.76
N ILE R 63 63.30 3.06 18.48
CA ILE R 63 62.53 1.82 18.58
C ILE R 63 61.95 1.59 19.98
N ASN R 64 62.72 1.83 21.02
CA ASN R 64 62.20 1.58 22.36
C ASN R 64 61.09 2.54 22.80
N ASP R 65 61.18 3.85 22.49
CA ASP R 65 60.05 4.75 22.79
C ASP R 65 58.79 4.37 22.06
N ASN R 66 58.92 4.07 20.76
CA ASN R 66 57.78 3.67 19.96
C ASN R 66 57.18 2.34 20.45
N LEU R 67 58.04 1.37 20.79
CA LEU R 67 57.59 0.09 21.34
C LEU R 67 56.85 0.27 22.65
N MET R 68 57.42 1.03 23.57
CA MET R 68 56.75 1.29 24.83
C MET R 68 55.42 1.99 24.60
N GLU R 69 55.39 2.95 23.69
CA GLU R 69 54.15 3.63 23.34
C GLU R 69 53.08 2.67 22.83
N LEU R 70 53.47 1.74 21.93
CA LEU R 70 52.59 0.71 21.41
C LEU R 70 52.03 -0.18 22.51
N LEU R 71 52.89 -0.62 23.43
CA LEU R 71 52.44 -1.52 24.49
C LEU R 71 51.49 -0.80 25.43
N ILE R 72 51.76 0.47 25.74
CA ILE R 72 50.85 1.21 26.63
C ILE R 72 49.51 1.44 25.92
N MET R 73 49.51 1.77 24.63
CA MET R 73 48.23 1.93 23.93
C MET R 73 47.45 0.61 23.91
N ILE R 74 48.10 -0.49 23.53
CA ILE R 74 47.44 -1.78 23.59
C ILE R 74 46.84 -2.04 24.96
N ASN R 75 47.65 -1.90 26.00
CA ASN R 75 47.16 -2.17 27.36
C ASN R 75 46.00 -1.22 27.73
N ALA R 76 46.17 0.07 27.46
CA ALA R 76 45.14 1.05 27.77
C ALA R 76 43.81 0.71 27.11
N CYS R 77 43.83 0.30 25.83
CA CYS R 77 42.62 -0.13 25.13
C CYS R 77 42.02 -1.39 25.74
N LYS R 78 42.86 -2.34 26.11
CA LYS R 78 42.37 -3.60 26.67
C LYS R 78 41.66 -3.33 27.98
N ILE R 79 42.21 -2.45 28.81
CA ILE R 79 41.58 -2.08 30.07
C ILE R 79 40.42 -1.09 29.91
N ALA R 80 40.21 -0.51 28.74
CA ALA R 80 39.04 0.32 28.48
C ALA R 80 37.93 -0.48 27.85
N SER R 81 38.02 -1.80 27.97
CA SER R 81 36.98 -2.77 27.63
C SER R 81 36.73 -2.83 26.13
N ALA R 82 37.77 -2.56 25.33
CA ALA R 82 37.72 -2.83 23.89
C ALA R 82 37.43 -4.31 23.59
N SER R 83 36.67 -4.55 22.53
CA SER R 83 36.37 -5.93 22.16
C SER R 83 37.64 -6.64 21.68
N ARG R 84 38.45 -5.96 20.91
CA ARG R 84 39.65 -6.61 20.41
C ARG R 84 40.67 -5.51 20.12
N VAL R 85 41.93 -5.79 20.41
CA VAL R 85 43.02 -4.88 20.11
C VAL R 85 44.03 -5.63 19.26
N THR R 86 44.27 -5.12 18.08
CA THR R 86 45.23 -5.69 17.14
C THR R 86 46.41 -4.75 16.96
N ALA R 87 47.62 -5.30 17.04
CA ALA R 87 48.81 -4.51 16.77
C ALA R 87 49.22 -4.69 15.32
N VAL R 88 49.22 -3.60 14.59
CA VAL R 88 49.63 -3.52 13.19
C VAL R 88 51.01 -2.92 13.22
N ILE R 89 52.02 -3.76 12.97
CA ILE R 89 53.43 -3.46 13.14
C ILE R 89 54.06 -3.72 11.78
N PRO R 90 54.06 -2.73 10.90
CA PRO R 90 54.56 -2.96 9.54
C PRO R 90 55.93 -3.59 9.53
N CYS R 91 56.87 -3.03 10.25
CA CYS R 91 58.20 -3.60 10.38
C CYS R 91 58.40 -4.05 11.82
N PHE R 92 58.41 -5.35 12.05
CA PHE R 92 58.53 -5.88 13.40
C PHE R 92 59.94 -5.66 13.97
N PRO R 93 60.09 -4.92 15.06
CA PRO R 93 61.43 -4.68 15.65
C PRO R 93 62.07 -5.94 16.22
N TYR R 94 63.38 -6.01 16.14
CA TYR R 94 64.14 -7.06 16.73
C TYR R 94 64.13 -8.43 16.12
N ALA R 95 63.69 -8.56 14.90
CA ALA R 95 63.66 -9.82 14.23
C ALA R 95 64.97 -10.42 13.89
N ARG R 96 65.89 -9.57 13.51
CA ARG R 96 67.24 -9.93 13.11
C ARG R 96 68.10 -10.29 14.26
N GLN R 97 68.95 -11.28 14.08
CA GLN R 97 69.85 -11.71 15.11
C GLN R 97 71.20 -11.25 14.81
N ASP R 98 71.66 -10.45 15.74
CA ASP R 98 72.97 -9.84 15.79
C ASP R 98 73.84 -10.83 16.47
N LYS R 99 74.17 -11.90 15.80
CA LYS R 99 74.90 -12.92 16.46
C LYS R 99 76.11 -13.31 15.84
N LYS R 100 77.19 -13.23 16.58
CA LYS R 100 78.31 -13.93 15.95
C LYS R 100 77.76 -15.36 16.06
N ASP R 101 77.66 -16.08 14.97
CA ASP R 101 77.03 -17.40 15.05
C ASP R 101 77.82 -18.42 15.88
N LYS R 102 77.20 -19.40 16.55
CA LYS R 102 78.16 -20.12 17.34
C LYS R 102 78.83 -21.24 16.61
N VAL R 103 79.53 -22.07 17.34
CA VAL R 103 80.24 -23.12 16.68
C VAL R 103 79.53 -24.43 16.81
N GLY R 104 79.17 -24.82 18.03
CA GLY R 104 78.42 -25.99 18.29
C GLY R 104 77.09 -25.85 18.90
N GLU R 105 76.42 -24.73 18.66
CA GLU R 105 75.00 -24.53 18.73
C GLU R 105 74.49 -23.22 18.37
N SER R 106 73.19 -23.02 18.33
CA SER R 106 72.74 -21.74 17.86
C SER R 106 72.13 -20.89 18.91
N ARG R 107 72.35 -19.59 18.83
CA ARG R 107 71.83 -18.59 19.80
C ARG R 107 70.33 -18.48 19.64
N ALA R 108 69.62 -18.07 20.66
CA ALA R 108 68.18 -18.19 20.59
C ALA R 108 67.67 -16.81 20.25
N PRO R 109 66.53 -16.72 19.66
CA PRO R 109 65.90 -15.42 19.43
C PRO R 109 65.26 -14.91 20.71
N ILE R 110 66.11 -14.66 21.70
CA ILE R 110 65.72 -13.90 22.88
C ILE R 110 65.01 -12.59 22.54
N SER R 111 65.68 -11.63 21.93
CA SER R 111 64.95 -10.38 21.80
C SER R 111 63.68 -10.44 20.95
N ALA R 112 63.64 -11.30 19.94
CA ALA R 112 62.40 -11.34 19.15
C ALA R 112 61.25 -11.97 19.91
N LYS R 113 61.55 -12.97 20.73
CA LYS R 113 60.55 -13.61 21.57
C LYS R 113 60.16 -12.66 22.69
N LEU R 114 61.13 -11.95 23.28
CA LEU R 114 60.80 -10.92 24.25
C LEU R 114 59.81 -9.91 23.70
N VAL R 115 60.06 -9.37 22.51
CA VAL R 115 59.10 -8.42 21.98
C VAL R 115 57.72 -9.08 21.86
N ALA R 116 57.68 -10.31 21.33
CA ALA R 116 56.41 -11.04 21.25
C ALA R 116 55.76 -11.19 22.63
N ASN R 117 56.54 -11.55 23.65
CA ASN R 117 55.99 -11.72 24.99
C ASN R 117 55.46 -10.43 25.57
N MET R 118 56.13 -9.32 25.30
CA MET R 118 55.64 -8.06 25.83
C MET R 118 54.36 -7.67 25.16
N LEU R 119 54.28 -7.86 23.84
CA LEU R 119 53.02 -7.59 23.15
C LEU R 119 51.90 -8.42 23.71
N SER R 120 52.15 -9.70 23.99
CA SER R 120 51.11 -10.56 24.54
C SER R 120 50.64 -10.11 25.91
N VAL R 121 51.56 -9.85 26.83
CA VAL R 121 51.13 -9.42 28.17
C VAL R 121 50.50 -8.04 28.13
N ALA R 122 50.88 -7.20 27.19
CA ALA R 122 50.18 -5.92 27.05
C ALA R 122 48.73 -6.12 26.70
N GLY R 123 48.42 -7.20 25.99
CA GLY R 123 47.03 -7.50 25.70
C GLY R 123 46.69 -7.55 24.23
N ALA R 124 47.69 -7.67 23.36
CA ALA R 124 47.43 -7.86 21.94
C ALA R 124 46.69 -9.16 21.67
N ASP R 125 45.63 -9.06 20.85
CA ASP R 125 44.78 -10.18 20.43
C ASP R 125 45.13 -10.69 19.03
N HIS R 126 45.90 -9.90 18.29
CA HIS R 126 46.14 -10.24 16.90
C HIS R 126 47.30 -9.35 16.45
N ILE R 127 48.20 -9.89 15.62
CA ILE R 127 49.31 -9.14 15.04
C ILE R 127 49.21 -9.14 13.52
N ILE R 128 49.30 -7.97 12.92
CA ILE R 128 49.53 -7.83 11.50
C ILE R 128 50.88 -7.20 11.26
N THR R 129 51.72 -7.87 10.47
CA THR R 129 53.07 -7.38 10.19
C THR R 129 53.37 -7.71 8.73
N MET R 130 54.49 -7.21 8.21
CA MET R 130 54.88 -7.52 6.84
C MET R 130 56.31 -8.04 6.70
N ASP R 131 56.47 -9.13 5.95
CA ASP R 131 57.76 -9.78 5.69
C ASP R 131 58.65 -9.82 6.93
N LEU R 132 58.18 -10.57 7.92
CA LEU R 132 59.01 -10.90 9.08
C LEU R 132 60.37 -11.41 8.63
N HIS R 133 61.44 -10.94 9.29
CA HIS R 133 62.76 -11.41 8.92
C HIS R 133 62.81 -12.94 8.86
N ALA R 134 62.22 -13.61 9.86
CA ALA R 134 62.03 -15.05 9.77
C ALA R 134 60.56 -15.31 10.04
N SER R 135 59.92 -16.04 9.12
CA SER R 135 58.50 -16.34 9.24
C SER R 135 58.12 -17.10 10.50
N GLN R 136 59.05 -17.82 11.12
CA GLN R 136 58.77 -18.53 12.37
C GLN R 136 58.40 -17.63 13.53
N ILE R 137 58.72 -16.34 13.44
CA ILE R 137 58.34 -15.40 14.49
C ILE R 137 56.84 -15.45 14.68
N GLN R 138 56.10 -15.83 13.64
CA GLN R 138 54.67 -16.06 13.77
C GLN R 138 54.35 -16.96 14.95
N GLY R 139 55.14 -18.02 15.17
CA GLY R 139 55.00 -18.93 16.29
C GLY R 139 55.56 -18.49 17.64
N PHE R 140 56.12 -17.31 17.75
CA PHE R 140 56.52 -16.79 19.06
C PHE R 140 55.34 -16.27 19.85
N PHE R 141 54.17 -16.21 19.24
CA PHE R 141 52.92 -15.76 19.82
C PHE R 141 51.97 -16.93 19.99
N ASP R 142 50.93 -16.69 20.81
CA ASP R 142 49.80 -17.59 20.88
C ASP R 142 48.54 -17.04 20.22
N ILE R 143 48.46 -15.74 20.00
CA ILE R 143 47.43 -15.05 19.23
C ILE R 143 47.73 -15.21 17.75
N PRO R 144 46.75 -15.08 16.86
CA PRO R 144 47.05 -15.15 15.42
C PRO R 144 47.98 -14.01 15.01
N VAL R 145 48.96 -14.33 14.17
CA VAL R 145 49.82 -13.33 13.53
C VAL R 145 49.65 -13.50 12.05
N ASP R 146 49.39 -12.39 11.34
CA ASP R 146 49.42 -12.39 9.87
C ASP R 146 50.72 -11.80 9.35
N ASN R 147 51.52 -12.65 8.67
CA ASN R 147 52.78 -12.21 8.09
C ASN R 147 52.51 -12.03 6.61
N LEU R 148 52.22 -10.80 6.22
CA LEU R 148 51.91 -10.42 4.85
C LEU R 148 53.19 -10.27 4.03
N TYR R 149 53.09 -10.47 2.71
CA TYR R 149 54.26 -10.35 1.84
C TYR R 149 54.11 -9.15 0.92
N ALA R 150 55.22 -8.45 0.74
CA ALA R 150 55.29 -7.35 -0.21
C ALA R 150 55.56 -7.83 -1.64
N GLU R 151 55.89 -9.11 -1.81
CA GLU R 151 56.27 -9.66 -3.11
C GLU R 151 55.32 -9.28 -4.24
N PRO R 152 54.00 -9.47 -4.15
CA PRO R 152 53.15 -9.09 -5.28
C PRO R 152 53.32 -7.62 -5.67
N ALA R 153 53.47 -6.72 -4.70
CA ALA R 153 53.68 -5.31 -5.04
C ALA R 153 55.04 -5.07 -5.64
N VAL R 154 56.05 -5.84 -5.21
CA VAL R 154 57.39 -5.72 -5.78
C VAL R 154 57.43 -6.24 -7.22
N LEU R 155 56.84 -7.41 -7.42
CA LEU R 155 56.67 -7.98 -8.75
C LEU R 155 56.01 -6.96 -9.68
N LYS R 156 55.06 -6.23 -9.18
CA LYS R 156 54.44 -5.22 -9.98
C LYS R 156 55.43 -4.18 -10.31
N TRP R 157 55.99 -3.58 -9.30
CA TRP R 157 56.97 -2.51 -9.56
C TRP R 157 58.01 -2.92 -10.59
N ILE R 158 58.54 -4.14 -10.49
CA ILE R 158 59.52 -4.59 -11.48
C ILE R 158 58.96 -4.54 -12.89
N ARG R 159 57.82 -5.22 -13.13
CA ARG R 159 57.24 -5.19 -14.47
C ARG R 159 56.94 -3.78 -14.95
N GLU R 160 56.56 -2.88 -14.04
CA GLU R 160 56.15 -1.55 -14.45
C GLU R 160 57.36 -0.64 -14.67
N ASN R 161 58.50 -0.91 -14.02
CA ASN R 161 59.59 0.05 -14.05
C ASN R 161 60.92 -0.41 -14.64
N ILE R 162 61.19 -1.69 -14.77
CA ILE R 162 62.46 -2.13 -15.37
C ILE R 162 62.14 -2.76 -16.71
N SER R 163 62.45 -2.02 -17.79
CA SER R 163 62.07 -2.43 -19.14
C SER R 163 62.69 -3.77 -19.54
N GLU R 164 63.89 -4.07 -19.06
CA GLU R 164 64.52 -5.36 -19.36
C GLU R 164 64.14 -6.46 -18.38
N TRP R 165 62.97 -6.36 -17.75
CA TRP R 165 62.63 -7.34 -16.73
C TRP R 165 62.51 -8.76 -17.30
N ARG R 166 62.26 -8.92 -18.60
CA ARG R 166 62.08 -10.28 -19.09
C ARG R 166 63.38 -11.06 -19.21
N ASN R 167 64.53 -10.40 -19.35
CA ASN R 167 65.80 -11.09 -19.42
C ASN R 167 66.74 -10.74 -18.28
N CYS R 168 66.19 -10.38 -17.13
CA CYS R 168 67.04 -9.97 -16.03
C CYS R 168 67.40 -11.16 -15.14
N THR R 169 68.09 -10.85 -14.03
CA THR R 169 68.59 -11.83 -13.08
C THR R 169 68.35 -11.28 -11.67
N ILE R 170 67.63 -12.03 -10.82
CA ILE R 170 67.42 -11.64 -9.43
C ILE R 170 68.46 -12.26 -8.51
N VAL R 171 69.25 -11.39 -7.91
CA VAL R 171 70.40 -11.75 -7.10
C VAL R 171 70.09 -11.49 -5.63
N SER R 172 70.51 -12.49 -4.78
CA SER R 172 70.48 -12.46 -3.33
C SER R 172 71.81 -12.00 -2.78
N PRO R 173 71.77 -10.99 -1.92
CA PRO R 173 73.01 -10.47 -1.33
C PRO R 173 73.76 -11.46 -0.44
N ASP R 174 73.09 -12.48 0.09
CA ASP R 174 73.74 -13.48 0.93
C ASP R 174 73.07 -14.82 0.73
N ALA R 175 73.61 -15.83 1.41
CA ALA R 175 73.03 -17.17 1.32
C ALA R 175 71.60 -17.18 1.81
N GLY R 176 71.31 -16.45 2.89
CA GLY R 176 69.98 -16.48 3.47
C GLY R 176 68.85 -16.01 2.55
N GLY R 177 69.11 -15.04 1.69
CA GLY R 177 68.00 -14.54 0.90
C GLY R 177 67.71 -15.35 -0.34
N ALA R 178 68.29 -16.54 -0.38
CA ALA R 178 68.12 -17.43 -1.52
C ALA R 178 66.64 -17.68 -1.81
N LYS R 179 65.88 -18.07 -0.79
CA LYS R 179 64.50 -18.45 -1.07
C LYS R 179 63.69 -17.25 -1.53
N ARG R 180 63.99 -16.07 -1.00
CA ARG R 180 63.30 -14.89 -1.46
C ARG R 180 63.55 -14.62 -2.94
N VAL R 181 64.78 -14.80 -3.42
CA VAL R 181 65.01 -14.45 -4.82
C VAL R 181 64.54 -15.54 -5.79
N THR R 182 64.67 -16.83 -5.46
CA THR R 182 64.14 -17.82 -6.38
C THR R 182 62.63 -17.70 -6.54
N SER R 183 61.93 -17.33 -5.47
CA SER R 183 60.50 -17.08 -5.58
C SER R 183 60.22 -15.98 -6.60
N ILE R 184 60.97 -14.88 -6.54
CA ILE R 184 60.69 -13.80 -7.47
C ILE R 184 61.09 -14.21 -8.88
N ALA R 185 62.22 -14.91 -9.02
CA ALA R 185 62.63 -15.38 -10.34
C ALA R 185 61.61 -16.32 -10.96
N ASP R 186 61.00 -17.18 -10.15
CA ASP R 186 60.01 -18.08 -10.73
C ASP R 186 58.79 -17.32 -11.19
N ARG R 187 58.37 -16.31 -10.44
CA ARG R 187 57.22 -15.55 -10.90
C ARG R 187 57.53 -14.79 -12.19
N LEU R 188 58.75 -14.26 -12.33
CA LEU R 188 59.07 -13.53 -13.55
C LEU R 188 59.58 -14.37 -14.69
N ASN R 189 59.77 -15.68 -14.49
CA ASN R 189 60.43 -16.53 -15.49
C ASN R 189 61.81 -16.07 -15.95
N VAL R 190 62.68 -15.82 -14.96
CA VAL R 190 64.05 -15.35 -15.12
C VAL R 190 64.90 -16.36 -14.35
N ASP R 191 66.20 -16.19 -14.47
CA ASP R 191 67.14 -16.99 -13.66
C ASP R 191 67.54 -16.12 -12.48
N PHE R 192 68.16 -16.72 -11.49
CA PHE R 192 68.51 -15.91 -10.32
C PHE R 192 69.97 -16.12 -10.04
N ALA R 193 70.54 -15.22 -9.33
CA ALA R 193 71.93 -15.48 -8.94
C ALA R 193 72.08 -15.24 -7.43
N LEU R 194 73.19 -15.71 -6.88
CA LEU R 194 73.37 -15.53 -5.44
C LEU R 194 74.80 -15.05 -5.20
N ILE R 195 74.93 -14.11 -4.27
CA ILE R 195 76.20 -13.54 -3.83
C ILE R 195 76.48 -14.03 -2.42
N HIS R 196 77.75 -14.29 -2.10
CA HIS R 196 78.10 -14.70 -0.75
C HIS R 196 79.40 -14.04 -0.33
N LYS R 197 79.48 -13.54 0.90
CA LYS R 197 80.73 -12.99 1.45
C LYS R 197 81.54 -14.07 2.17
N GLU R 198 82.69 -14.46 1.57
CA GLU R 198 83.78 -15.28 2.15
C GLU R 198 84.56 -16.01 1.05
N ARG R 207 86.09 -10.52 0.93
CA ARG R 207 86.04 -10.90 -0.48
C ARG R 207 84.82 -11.79 -0.86
N MET R 208 84.18 -11.42 -1.98
CA MET R 208 82.82 -11.82 -2.38
C MET R 208 82.80 -12.78 -3.55
N VAL R 209 81.94 -13.78 -3.45
CA VAL R 209 81.75 -14.81 -4.47
C VAL R 209 80.36 -14.74 -5.09
N LEU R 210 80.29 -14.92 -6.41
CA LEU R 210 79.04 -14.96 -7.18
C LEU R 210 78.80 -16.31 -7.82
N VAL R 211 77.62 -16.87 -7.61
CA VAL R 211 77.17 -18.04 -8.36
C VAL R 211 75.96 -17.61 -9.18
N GLY R 212 76.03 -17.88 -10.47
CA GLY R 212 75.02 -17.52 -11.44
C GLY R 212 75.51 -16.52 -12.46
N ASP R 213 74.85 -16.46 -13.61
CA ASP R 213 75.27 -15.63 -14.72
C ASP R 213 74.54 -14.31 -14.66
N VAL R 214 75.30 -13.22 -14.60
CA VAL R 214 74.72 -11.87 -14.61
C VAL R 214 75.29 -11.04 -15.72
N LYS R 215 76.30 -11.57 -16.43
CA LYS R 215 76.98 -10.86 -17.49
C LYS R 215 75.98 -10.37 -18.52
N ASP R 216 76.03 -9.06 -18.81
CA ASP R 216 75.23 -8.42 -19.86
C ASP R 216 73.73 -8.41 -19.59
N ARG R 217 73.30 -8.61 -18.37
CA ARG R 217 71.89 -8.54 -18.04
C ARG R 217 71.65 -7.63 -16.85
N VAL R 218 70.44 -7.12 -16.68
CA VAL R 218 70.07 -6.31 -15.52
C VAL R 218 69.96 -7.20 -14.27
N ALA R 219 70.65 -6.82 -13.21
CA ALA R 219 70.62 -7.57 -11.95
C ALA R 219 69.81 -6.82 -10.90
N ILE R 220 68.83 -7.49 -10.29
CA ILE R 220 68.01 -6.91 -9.24
C ILE R 220 68.36 -7.62 -7.94
N LEU R 221 69.07 -6.93 -7.04
CA LEU R 221 69.32 -7.42 -5.69
C LEU R 221 68.05 -7.26 -4.86
N VAL R 222 67.50 -8.37 -4.33
CA VAL R 222 66.31 -8.31 -3.47
C VAL R 222 66.60 -8.93 -2.11
N ASP R 223 66.17 -8.25 -1.05
CA ASP R 223 66.37 -8.70 0.33
C ASP R 223 65.23 -8.14 1.17
N ASP R 224 65.02 -8.72 2.35
CA ASP R 224 63.90 -8.20 3.14
C ASP R 224 64.18 -6.82 3.72
N MET R 225 65.43 -6.47 3.98
CA MET R 225 65.64 -5.18 4.62
C MET R 225 67.06 -4.74 4.42
N ALA R 226 67.25 -3.43 4.44
CA ALA R 226 68.59 -2.88 4.39
C ALA R 226 68.78 -1.84 5.48
N ASP R 227 69.74 -2.13 6.37
CA ASP R 227 70.06 -1.31 7.51
C ASP R 227 71.22 -0.41 7.16
N THR R 228 72.43 -0.86 7.50
CA THR R 228 73.61 -0.07 7.19
C THR R 228 73.97 -0.16 5.72
N CYS R 229 73.36 -1.10 4.99
CA CYS R 229 73.51 -1.26 3.54
C CYS R 229 74.92 -1.66 3.10
N GLY R 230 75.78 -2.18 3.96
CA GLY R 230 77.09 -2.57 3.49
C GLY R 230 77.05 -3.73 2.51
N THR R 231 76.26 -4.77 2.83
CA THR R 231 76.14 -5.92 1.94
C THR R 231 75.60 -5.53 0.56
N ILE R 232 74.47 -4.81 0.48
CA ILE R 232 73.92 -4.47 -0.85
C ILE R 232 74.89 -3.62 -1.65
N CYS R 233 75.69 -2.79 -0.99
CA CYS R 233 76.60 -1.98 -1.78
C CYS R 233 77.79 -2.80 -2.27
N HIS R 234 78.32 -3.69 -1.44
CA HIS R 234 79.39 -4.55 -1.97
C HIS R 234 78.85 -5.48 -3.04
N ALA R 235 77.67 -6.05 -2.82
CA ALA R 235 77.04 -6.87 -3.83
C ALA R 235 76.82 -6.10 -5.14
N ALA R 236 76.45 -4.83 -5.05
CA ALA R 236 76.28 -4.07 -6.28
C ALA R 236 77.60 -3.93 -7.01
N ASP R 237 78.69 -3.69 -6.27
CA ASP R 237 80.00 -3.65 -6.90
C ASP R 237 80.34 -4.99 -7.56
N LYS R 238 80.14 -6.10 -6.85
CA LYS R 238 80.46 -7.40 -7.43
C LYS R 238 79.61 -7.67 -8.65
N LEU R 239 78.34 -7.27 -8.64
CA LEU R 239 77.54 -7.43 -9.84
C LEU R 239 78.09 -6.60 -10.97
N LEU R 240 78.66 -5.43 -10.68
CA LEU R 240 79.31 -4.68 -11.75
C LEU R 240 80.59 -5.39 -12.23
N SER R 241 81.42 -5.91 -11.30
CA SER R 241 82.63 -6.64 -11.69
C SER R 241 82.30 -7.88 -12.48
N ALA R 242 81.12 -8.43 -12.29
CA ALA R 242 80.76 -9.60 -13.07
C ALA R 242 80.08 -9.16 -14.37
N GLY R 243 80.02 -7.85 -14.63
CA GLY R 243 79.52 -7.37 -15.91
C GLY R 243 78.02 -7.20 -16.05
N ALA R 244 77.31 -6.97 -14.95
CA ALA R 244 75.89 -6.66 -15.05
C ALA R 244 75.67 -5.27 -15.64
N THR R 245 74.71 -5.20 -16.57
CA THR R 245 74.43 -3.94 -17.25
C THR R 245 74.12 -2.84 -16.23
N ARG R 246 73.06 -3.01 -15.45
CA ARG R 246 72.68 -2.08 -14.38
C ARG R 246 72.20 -2.87 -13.16
N VAL R 247 72.45 -2.31 -11.98
CA VAL R 247 72.08 -2.95 -10.72
C VAL R 247 70.97 -2.17 -10.01
N TYR R 248 69.91 -2.88 -9.60
CA TYR R 248 68.83 -2.36 -8.78
C TYR R 248 68.86 -3.01 -7.40
N ALA R 249 68.27 -2.31 -6.43
CA ALA R 249 68.06 -2.87 -5.09
C ALA R 249 66.61 -2.76 -4.66
N ILE R 250 65.98 -3.88 -4.33
CA ILE R 250 64.60 -3.91 -3.84
C ILE R 250 64.54 -4.63 -2.49
N LEU R 251 64.14 -3.87 -1.44
CA LEU R 251 64.02 -4.27 -0.03
C LEU R 251 62.65 -3.88 0.49
N THR R 252 62.00 -4.73 1.30
CA THR R 252 60.73 -4.31 1.89
C THR R 252 60.90 -3.26 2.96
N HIS R 253 61.85 -3.46 3.86
CA HIS R 253 62.12 -2.55 4.97
C HIS R 253 63.35 -1.69 4.74
N GLY R 254 63.12 -0.40 4.58
CA GLY R 254 64.22 0.50 4.35
C GLY R 254 64.59 1.19 5.63
N ILE R 255 65.45 0.54 6.42
CA ILE R 255 65.84 1.12 7.69
C ILE R 255 66.77 2.31 7.45
N PHE R 256 67.81 2.09 6.66
CA PHE R 256 68.79 3.11 6.25
C PHE R 256 69.35 3.92 7.41
N SER R 257 69.95 3.21 8.37
CA SER R 257 70.58 3.83 9.53
C SER R 257 72.09 3.97 9.34
N GLY R 258 72.69 4.88 10.10
CA GLY R 258 74.12 5.08 10.05
C GLY R 258 74.60 5.63 8.73
N PRO R 259 75.58 4.96 8.12
CA PRO R 259 76.16 5.47 6.87
C PRO R 259 75.37 5.09 5.63
N ALA R 260 74.22 4.45 5.81
CA ALA R 260 73.45 3.88 4.71
C ALA R 260 73.18 4.88 3.60
N ILE R 261 72.71 6.07 3.94
CA ILE R 261 72.34 7.04 2.90
C ILE R 261 73.56 7.44 2.11
N SER R 262 74.66 7.69 2.81
CA SER R 262 75.91 8.06 2.17
C SER R 262 76.46 6.91 1.34
N ARG R 263 76.33 5.69 1.83
CA ARG R 263 76.79 4.56 1.03
C ARG R 263 75.99 4.44 -0.27
N ILE R 264 74.66 4.58 -0.20
CA ILE R 264 73.83 4.51 -1.40
C ILE R 264 74.15 5.63 -2.38
N ASN R 265 74.25 6.89 -1.92
CA ASN R 265 74.61 7.95 -2.87
C ASN R 265 75.93 7.67 -3.59
N ASN R 266 76.93 7.15 -2.88
CA ASN R 266 78.19 6.76 -3.51
C ASN R 266 78.12 5.50 -4.35
N ALA R 267 77.16 4.62 -4.10
CA ALA R 267 77.09 3.36 -4.84
C ALA R 267 76.51 3.55 -6.25
N CYS R 268 76.60 2.47 -7.03
CA CYS R 268 76.23 2.54 -8.43
C CYS R 268 74.79 2.15 -8.71
N PHE R 269 73.95 2.03 -7.69
CA PHE R 269 72.56 1.61 -7.89
C PHE R 269 71.84 2.55 -8.84
N GLU R 270 71.14 1.99 -9.82
CA GLU R 270 70.28 2.82 -10.64
C GLU R 270 69.11 3.36 -9.82
N ALA R 271 68.59 2.52 -8.92
CA ALA R 271 67.53 2.88 -7.98
C ALA R 271 67.55 1.86 -6.86
N VAL R 272 67.21 2.35 -5.66
CA VAL R 272 66.97 1.54 -4.47
C VAL R 272 65.49 1.72 -4.12
N VAL R 273 64.74 0.61 -4.18
CA VAL R 273 63.30 0.62 -3.96
C VAL R 273 62.94 -0.05 -2.64
N VAL R 274 62.17 0.66 -1.80
CA VAL R 274 61.67 0.17 -0.52
C VAL R 274 60.18 0.45 -0.45
N THR R 275 59.48 -0.22 0.48
CA THR R 275 58.09 0.14 0.71
C THR R 275 57.94 1.19 1.82
N ASN R 276 56.71 1.60 2.08
CA ASN R 276 56.40 2.62 3.09
C ASN R 276 56.29 2.07 4.51
N THR R 277 56.78 0.84 4.79
CA THR R 277 56.61 0.26 6.12
C THR R 277 57.34 1.13 7.12
N ILE R 278 58.37 1.83 6.66
CA ILE R 278 59.10 2.81 7.48
C ILE R 278 59.01 4.14 6.73
N PRO R 279 58.87 5.27 7.42
CA PRO R 279 58.83 6.57 6.74
C PRO R 279 60.08 6.89 5.93
N GLN R 280 59.87 7.40 4.71
CA GLN R 280 60.98 7.66 3.81
C GLN R 280 61.16 9.10 3.37
N GLU R 281 60.15 9.98 3.56
CA GLU R 281 60.23 11.36 3.06
C GLU R 281 61.53 12.08 3.41
N ASP R 282 61.91 12.02 4.69
CA ASP R 282 63.17 12.61 5.15
C ASP R 282 64.37 11.98 4.44
N LYS R 283 64.34 10.69 4.21
CA LYS R 283 65.53 10.10 3.65
C LYS R 283 65.56 10.32 2.15
N MET R 284 64.39 10.42 1.51
CA MET R 284 64.31 10.74 0.09
C MET R 284 64.78 12.15 -0.18
N LYS R 285 64.71 13.06 0.81
CA LYS R 285 65.20 14.41 0.55
C LYS R 285 66.71 14.41 0.36
N HIS R 286 67.44 13.52 1.03
CA HIS R 286 68.89 13.46 0.91
C HIS R 286 69.41 12.33 0.03
N CYS R 287 68.53 11.49 -0.53
CA CYS R 287 68.93 10.39 -1.42
C CYS R 287 67.90 10.27 -2.54
N SER R 288 68.26 10.65 -3.77
CA SER R 288 67.23 10.63 -4.78
C SER R 288 67.00 9.24 -5.37
N LYS R 289 67.88 8.29 -5.14
CA LYS R 289 67.66 6.97 -5.71
C LYS R 289 66.64 6.14 -4.95
N ILE R 290 66.18 6.60 -3.79
CA ILE R 290 65.14 5.88 -3.07
C ILE R 290 63.80 6.11 -3.75
N GLN R 291 63.12 5.03 -4.03
CA GLN R 291 61.73 5.03 -4.48
C GLN R 291 60.93 4.18 -3.51
N VAL R 292 59.74 4.60 -3.23
CA VAL R 292 58.96 3.84 -2.35
C VAL R 292 57.76 3.34 -3.02
N ILE R 293 57.51 2.06 -2.80
CA ILE R 293 56.33 1.27 -3.23
C ILE R 293 55.36 1.41 -2.08
N ASP R 294 54.08 1.53 -2.32
CA ASP R 294 53.17 1.77 -1.19
C ASP R 294 52.43 0.49 -0.88
N ILE R 295 52.44 0.07 0.37
CA ILE R 295 51.75 -1.13 0.77
C ILE R 295 50.53 -0.96 1.64
N SER R 296 49.96 0.21 1.73
CA SER R 296 48.81 0.43 2.53
C SER R 296 47.69 -0.37 2.05
N MET R 297 47.61 -0.66 0.81
CA MET R 297 46.48 -1.43 0.34
C MET R 297 46.55 -2.87 0.88
N ILE R 298 47.76 -3.45 0.94
CA ILE R 298 47.96 -4.78 1.54
C ILE R 298 47.55 -4.80 3.02
N LEU R 299 47.96 -3.78 3.78
CA LEU R 299 47.65 -3.77 5.21
C LEU R 299 46.17 -3.54 5.47
N ALA R 300 45.57 -2.55 4.78
CA ALA R 300 44.14 -2.31 4.92
C ALA R 300 43.35 -3.59 4.63
N GLU R 301 43.77 -4.36 3.63
CA GLU R 301 43.03 -5.58 3.34
C GLU R 301 43.21 -6.61 4.44
N ALA R 302 44.40 -6.66 5.05
CA ALA R 302 44.55 -7.54 6.23
C ALA R 302 43.70 -7.07 7.40
N ILE R 303 43.49 -5.77 7.55
CA ILE R 303 42.67 -5.29 8.64
C ILE R 303 41.21 -5.64 8.38
N ARG R 304 40.71 -5.29 7.19
CA ARG R 304 39.40 -5.73 6.71
C ARG R 304 39.16 -7.17 7.04
N ARG R 305 40.06 -8.04 6.61
CA ARG R 305 39.82 -9.47 6.76
C ARG R 305 39.78 -9.87 8.22
N THR R 306 40.51 -9.18 9.01
CA THR R 306 40.55 -9.46 10.40
C THR R 306 39.29 -9.13 11.05
N HIS R 307 38.80 -7.96 10.75
CA HIS R 307 37.58 -7.44 11.31
C HIS R 307 36.42 -8.27 11.01
N ASN R 308 36.48 -8.93 9.88
CA ASN R 308 35.54 -9.87 9.38
C ASN R 308 34.21 -9.30 9.18
N GLY R 309 34.17 -8.09 8.70
CA GLY R 309 32.96 -7.37 8.48
C GLY R 309 32.04 -7.75 7.40
N GLU R 310 32.62 -8.14 6.30
CA GLU R 310 31.84 -8.45 5.17
C GLU R 310 31.51 -9.84 4.89
N SER R 311 32.42 -10.77 4.94
CA SER R 311 31.96 -12.10 4.69
C SER R 311 32.97 -13.07 5.18
N VAL R 312 32.57 -14.28 5.52
CA VAL R 312 33.50 -15.27 6.04
C VAL R 312 34.39 -15.91 5.05
N SER R 313 34.04 -15.75 3.79
CA SER R 313 34.71 -16.32 2.67
C SER R 313 35.54 -15.32 1.92
N TYR R 314 35.72 -14.15 2.49
CA TYR R 314 36.51 -13.14 1.88
C TYR R 314 37.86 -13.73 1.76
N LEU R 315 38.48 -13.61 0.60
CA LEU R 315 39.78 -14.14 0.43
C LEU R 315 40.69 -13.01 0.23
N PHE R 316 41.72 -12.94 1.04
CA PHE R 316 42.71 -11.88 0.97
C PHE R 316 43.42 -11.88 -0.38
N SER R 317 43.55 -13.04 -1.01
CA SER R 317 44.29 -13.20 -2.26
C SER R 317 43.58 -12.59 -3.46
N HIS R 318 42.24 -12.51 -3.44
CA HIS R 318 41.47 -12.12 -4.62
C HIS R 318 41.50 -10.61 -4.88
N VAL R 319 41.66 -9.80 -3.85
CA VAL R 319 41.63 -8.34 -4.00
C VAL R 319 42.83 -7.89 -4.83
N PRO R 320 42.61 -7.27 -5.99
CA PRO R 320 43.74 -6.75 -6.76
C PRO R 320 44.27 -5.44 -6.18
N LEU R 321 45.54 -5.17 -6.46
CA LEU R 321 46.24 -3.99 -5.91
C LEU R 321 45.90 -2.70 -6.67
C1 HSX S . 17.70 31.00 -5.54
O4 HSX S . 18.79 31.85 -5.14
C2 HSX S . 17.06 31.68 -6.76
O2 HSX S . 17.18 30.91 -7.98
C3 HSX S . 17.80 33.01 -6.88
O3 HSX S . 18.08 33.45 -8.20
C4 HSX S . 19.11 32.72 -6.22
C5 HSX S . 19.70 34.03 -5.78
O5 HSX S . 21.08 33.96 -5.90
P' HSX S . 21.75 33.72 -4.52
O1X HSX S . 21.21 32.35 -4.31
O2X HSX S . 21.18 34.79 -3.66
O3X HSX S . 23.22 33.82 -4.74
O1 HSX S . 18.19 29.67 -5.83
C1 HSX T . 4.58 -28.53 -22.65
O4 HSX T . 5.82 -29.14 -22.12
C2 HSX T . 4.44 -29.36 -23.95
O2 HSX T . 3.06 -29.36 -24.47
C3 HSX T . 4.92 -30.80 -23.58
O3 HSX T . 3.87 -31.88 -23.85
C4 HSX T . 5.41 -30.57 -22.09
C5 HSX T . 6.50 -31.59 -21.59
O5 HSX T . 7.42 -32.02 -22.63
P' HSX T . 9.06 -31.88 -22.51
O1X HSX T . 9.70 -32.62 -23.64
O2X HSX T . 9.28 -30.31 -22.82
O3X HSX T . 9.47 -32.15 -21.12
O1 HSX T . 3.39 -28.68 -21.79
C1 HSX U . 25.95 -38.65 56.15
O4 HSX U . 24.72 -37.95 55.99
C2 HSX U . 26.47 -38.85 54.74
O2 HSX U . 27.21 -37.73 54.27
C3 HSX U . 25.19 -38.94 53.95
O3 HSX U . 25.34 -38.64 52.56
C4 HSX U . 24.32 -37.92 54.64
C5 HSX U . 22.88 -38.36 54.48
O5 HSX U . 21.98 -37.27 54.55
P' HSX U . 21.17 -37.02 55.88
O1X HSX U . 19.89 -37.75 55.70
O2X HSX U . 22.09 -37.58 56.92
O3X HSX U . 20.91 -35.54 56.01
O1 HSX U . 26.84 -37.89 56.93
#